data_6OGY
#
_entry.id   6OGY
#
_cell.length_a   1
_cell.length_b   1
_cell.length_c   1
_cell.angle_alpha   90.00
_cell.angle_beta   90.00
_cell.angle_gamma   90.00
#
_symmetry.space_group_name_H-M   'P 1'
#
loop_
_entity.id
_entity.type
_entity.pdbx_description
1 polymer 'RNA-dependent RNA polymerase of rotavirus A'
2 polymer 'Inner capsid protein VP2'
3 polymer "DNA/RNA (5'-D(*(GTG))-R(P*GP*C)-3')"
4 polymer "RNA (5'-R(P*AP*GP*CP*C)-3')"
#
loop_
_entity_poly.entity_id
_entity_poly.type
_entity_poly.pdbx_seq_one_letter_code
_entity_poly.pdbx_strand_id
1 'polypeptide(L)'
;MGKYNLILSEYLSFIYNSQSAVQIPIYYSSNSELENRCIEFHSKCLENSKNGLSLKKLFVEYSDVIENATLLSILSYSYD
KYNAVERKLVKYAKGKPLEADLTVNELDYENNKITSELFPTAEEYTDLLMDPAILTSLSSNLNAVMFWLEKHENDVAEKL
KIYKRRLDLFTIVASTVNKYGVPRHNAKYRYEYEVMKDKPYYLVTWANSSIEMLMSVFSHEDYLIARELIVLSYSNRSTL
AKLVSSPMSILVALVDINGTFITNEELELEFSNKYVRAIVPDQTFDELKQMLDNMRKAGLTDIPKMIQDWLVDCSIEKFP
LMAKIYSWSFHVGFRKQKMLDAALDQLKTEYTEDVDDEMYREYTMLIRDEVVKMLEEPVKHDDHLLQDSELAGLLSMSSA
SNGESRQLKFGRKTIFSTKKNMHVMDDMANGRYTPGIIPPVNVDKPIPLGRRDVPGRRTRIIFILPYEYFIAQHAVVEKM
LIYAKHTREYAEFYSQSNQLLSYGDVTRFLSNNSMVLYTDVSQWDSSQHNTQPFRKGIIMGLDMLANMTNDARVIQTLNL
YKQTQINLMDSYVQIPDGNVIKKIQYGAVASGEKQTKAANSIANLALIKTVLSRISNKYSFATKIIRVDGDDNYAVLQFN
TEVTKQMVQDVSNDVRETYARMNTKVKALVSTVGIEIAKRYIAGGKIFFRAGINLLNNEKKGQSTQWDQAAVLYSNYIVN
RLRGFETDREFILTKIMQMTSVAITGSLRLFPSERVLTTNSTFKVFDSEDFIIEYGTTDDEVYIQRAFMSLSSQKSGIAD
EIAASSTFKNYVSRLSEQLLFSKNNIVSRGIALTEKAKLNSYAPISLEKRRAQISALLTMLQKPVTFKSSKITINDILRD
IKPFFTVNEAHLPIQYQKFMPTLPDNVQYIIQCIGSRTYQIEDDGSKSAISRLISKYSVYKPSIEELYKVISLHENEIQL
YLISLGIPKIDADTYVGSKIYSQDKYRILESYVYNLLSINYGCYQLFDFNSPDLEKLIRIPFKGKIPAVTFILHLYAKLE
VINHAIKNGSWISLFCNYPKSEMIKLWKKMWNITSLRSPYTNANFFQD
;
A
2 'polypeptide(L)'
;MAYRKRGARRETNLKQDDRMQEKEENKNVNTNSENKNATKPQLSEKVLSQKEEVITDNQEEIKIADEVKKSNKEESKQLL
EVLKTKEEHQKEVQYEILQKTIPTFEPKESILKKLEDIKPEQVKKQTKLFRIFEPRQLPVYRANGEKELRNRWYWKLKRD
TLPDGDYDVREYFLNLYDQVLTEMPDYLLLKDMAVENKNSRDAGKVVDSETAAICDAIFQDEETEGVVRRFIAEMRQRVQ
ADRNVVNYPSILHPIDHAFNEYFLQHQLVEPLNNDIIFNYIPERIRNDVNYILNMDRNLPSTARYIRPNLLQDRLNLHDN
FESLWDTITTSNYILARSVVPDLKELVSTEAQIQKMSQDLQLEALTIQSETQFLTGINSQAANDCFKTLIAAMLSQRTMS
LDFVTTNYMSLISGMWLLTVVPNDMFIRESLVACQLAIINTIIYPAFGMQRMHYRNGDPQTPFQIAEQQIQNFQVANWLH
FVNNNQFRQVVIDGVLNQVLNDNIRNGHVVNQLMEALMQLSRQQFPTMPVDYKRSIQRGILLLSNRLGQLVDLTRLLAYN
YETLMACITMNMQHVQTLTTEKLQLTSVTSLCMLIGNATVIPSPQTLFHYYNVNVNFHSNYNERINDAVAIITAANRLNL
YQKKMKSIVEDFLKRLQIFDISRVPDDQMYRLRDRLRLLPVEIRRLDIFNLILMNMEQIERASDKIAQGVIIAYRDMQLE
RDEMYGYVNIARNLDGFQQINLEELMRTGDYAQITNMLLNNQPVALVGALPFITDSSVISLVAKLDATVFAQIVKLRKVD
TLKPILYKINSDSNDFYLVANYDWVPTSTTKVYKQIPQQFDFRASMHMLTSNLTFTVYSDLLAFVSADTVEPINAVAFDN
MRIMNEL
;
C,D,E,F,G,H,I,J,K,L
3 'polydeoxyribonucleotide/polyribonucleotide hybrid' (GTG)GC M
4 'polyribonucleotide' AGCC N
#
loop_
_chem_comp.id
_chem_comp.type
_chem_comp.name
_chem_comp.formula
A RNA linking ADENOSINE-5'-MONOPHOSPHATE 'C10 H14 N5 O7 P'
C RNA linking CYTIDINE-5'-MONOPHOSPHATE 'C9 H14 N3 O8 P'
G RNA linking GUANOSINE-5'-MONOPHOSPHATE 'C10 H14 N5 O8 P'
GTG non-polymer 7-METHYL-GUANOSINE-5'-TRIPHOSPHATE-5'-GUANOSINE 'C21 H30 N10 O18 P3 1'
#
# COMPACT_ATOMS: atom_id res chain seq x y z
N GLY A 2 21.19 -11.69 32.17
CA GLY A 2 21.41 -13.11 31.93
C GLY A 2 21.44 -13.93 33.20
N LYS A 3 20.44 -14.80 33.36
CA LYS A 3 20.35 -15.67 34.52
C LYS A 3 20.66 -17.13 34.22
N TYR A 4 20.41 -17.58 32.99
CA TYR A 4 20.71 -18.96 32.63
C TYR A 4 22.21 -19.19 32.52
N ASN A 5 22.98 -18.15 32.16
CA ASN A 5 24.43 -18.28 32.15
C ASN A 5 25.02 -18.35 33.55
N LEU A 6 24.31 -17.87 34.57
CA LEU A 6 24.80 -17.96 35.93
C LEU A 6 24.53 -19.33 36.53
N ILE A 7 23.39 -19.94 36.20
CA ILE A 7 23.14 -21.31 36.64
C ILE A 7 23.97 -22.31 35.84
N LEU A 8 24.38 -21.97 34.61
CA LEU A 8 25.18 -22.89 33.81
C LEU A 8 26.61 -22.98 34.35
N SER A 9 27.16 -21.86 34.81
CA SER A 9 28.50 -21.90 35.37
C SER A 9 28.51 -22.49 36.77
N GLU A 10 27.42 -22.34 37.51
CA GLU A 10 27.32 -22.92 38.85
C GLU A 10 27.01 -24.41 38.81
N TYR A 11 26.44 -24.91 37.72
CA TYR A 11 26.14 -26.33 37.62
C TYR A 11 27.40 -27.14 37.38
N LEU A 12 28.28 -26.67 36.49
CA LEU A 12 29.50 -27.39 36.17
C LEU A 12 30.52 -27.36 37.30
N SER A 13 30.39 -26.41 38.23
CA SER A 13 31.20 -26.41 39.44
C SER A 13 30.63 -27.29 40.53
N PHE A 14 29.54 -28.00 40.27
CA PHE A 14 28.94 -28.93 41.22
C PHE A 14 29.06 -30.38 40.78
N ILE A 15 28.71 -30.69 39.52
CA ILE A 15 28.75 -32.08 39.07
C ILE A 15 30.18 -32.55 38.81
N TYR A 16 31.15 -31.65 38.70
CA TYR A 16 32.56 -31.99 38.56
C TYR A 16 33.30 -31.43 39.77
N ASN A 17 33.30 -32.20 40.86
CA ASN A 17 33.92 -31.74 42.10
C ASN A 17 35.43 -31.89 42.09
N SER A 18 36.00 -32.56 41.09
CA SER A 18 37.43 -32.84 41.08
C SER A 18 38.22 -31.59 40.71
N GLN A 19 39.53 -31.65 40.94
CA GLN A 19 40.41 -30.54 40.62
C GLN A 19 40.80 -30.49 39.16
N SER A 20 40.62 -31.59 38.42
CA SER A 20 41.07 -31.68 37.04
C SER A 20 40.05 -31.11 36.06
N ALA A 21 38.91 -30.61 36.52
CA ALA A 21 37.88 -30.09 35.63
C ALA A 21 38.06 -28.60 35.42
N VAL A 22 38.16 -28.19 34.15
CA VAL A 22 38.30 -26.79 33.79
C VAL A 22 37.16 -26.41 32.85
N GLN A 23 36.81 -25.12 32.86
CA GLN A 23 35.75 -24.58 32.02
C GLN A 23 36.29 -23.41 31.22
N ILE A 24 36.18 -23.49 29.90
CA ILE A 24 36.66 -22.45 29.01
C ILE A 24 35.49 -21.76 28.31
N PRO A 25 35.10 -20.56 28.72
CA PRO A 25 34.02 -19.87 28.02
C PRO A 25 34.48 -19.34 26.68
N ILE A 26 33.62 -19.48 25.68
CA ILE A 26 33.88 -19.02 24.32
C ILE A 26 33.03 -17.79 24.08
N TYR A 27 33.67 -16.67 23.75
CA TYR A 27 32.97 -15.42 23.48
C TYR A 27 33.02 -15.10 22.00
N TYR A 28 32.18 -14.14 21.60
CA TYR A 28 32.22 -13.59 20.25
C TYR A 28 31.64 -12.19 20.30
N SER A 29 31.89 -11.43 19.23
CA SER A 29 31.43 -10.05 19.15
C SER A 29 30.92 -9.76 17.75
N SER A 30 30.13 -8.68 17.65
CA SER A 30 29.65 -8.24 16.34
C SER A 30 30.73 -7.51 15.56
N ASN A 31 31.62 -6.80 16.26
CA ASN A 31 32.73 -6.12 15.62
C ASN A 31 33.88 -7.09 15.41
N SER A 32 34.92 -6.62 14.70
CA SER A 32 36.13 -7.41 14.55
C SER A 32 36.91 -7.44 15.86
N GLU A 33 37.08 -6.28 16.49
CA GLU A 33 37.81 -6.18 17.75
C GLU A 33 36.87 -6.29 18.94
N ASN A 68 31.58 -6.38 26.81
CA ASN A 68 30.70 -5.97 25.72
C ASN A 68 30.47 -7.09 24.72
N ALA A 69 30.69 -8.32 25.15
CA ALA A 69 30.56 -9.49 24.29
C ALA A 69 29.71 -10.55 24.96
N THR A 70 28.90 -11.24 24.17
CA THR A 70 28.05 -12.31 24.64
C THR A 70 28.70 -13.66 24.31
N LEU A 71 28.52 -14.63 25.19
CA LEU A 71 29.26 -15.88 25.08
C LEU A 71 28.41 -16.95 24.42
N LEU A 72 29.06 -17.81 23.63
CA LEU A 72 28.40 -18.81 22.81
C LEU A 72 28.16 -20.12 23.54
N SER A 73 29.18 -20.63 24.22
CA SER A 73 29.08 -21.92 24.87
C SER A 73 30.11 -21.98 26.00
N ILE A 74 30.19 -23.14 26.65
CA ILE A 74 31.14 -23.38 27.73
C ILE A 74 31.74 -24.76 27.53
N LEU A 75 33.05 -24.82 27.29
CA LEU A 75 33.74 -26.10 27.23
C LEU A 75 33.90 -26.70 28.62
N SER A 76 34.08 -28.02 28.66
CA SER A 76 34.34 -28.69 29.93
C SER A 76 35.15 -29.94 29.67
N TYR A 77 36.39 -29.96 30.16
CA TYR A 77 37.21 -31.17 30.16
C TYR A 77 37.16 -31.76 31.55
N SER A 78 36.54 -32.92 31.69
CA SER A 78 36.57 -33.65 32.94
C SER A 78 36.86 -35.11 32.65
N TYR A 79 37.72 -35.71 33.46
CA TYR A 79 38.20 -37.07 33.22
C TYR A 79 37.71 -38.06 34.26
N ASP A 80 37.76 -37.72 35.53
CA ASP A 80 37.24 -38.59 36.59
C ASP A 80 35.72 -38.43 36.59
N LYS A 81 35.03 -39.40 35.98
CA LYS A 81 33.59 -39.34 35.83
C LYS A 81 32.87 -40.58 36.32
N TYR A 82 33.58 -41.60 36.79
CA TYR A 82 32.93 -42.80 37.30
C TYR A 82 32.34 -42.54 38.67
N ASN A 83 31.14 -43.11 38.91
CA ASN A 83 30.41 -43.05 40.17
C ASN A 83 30.13 -41.61 40.61
N ALA A 84 29.52 -40.84 39.70
CA ALA A 84 29.28 -39.43 40.00
C ALA A 84 28.03 -39.24 40.85
N VAL A 85 26.96 -39.98 40.55
CA VAL A 85 25.70 -39.77 41.25
C VAL A 85 25.58 -40.66 42.50
N GLU A 86 26.20 -41.84 42.49
CA GLU A 86 26.05 -42.79 43.59
C GLU A 86 26.81 -42.37 44.84
N ARG A 87 27.69 -41.37 44.77
CA ARG A 87 28.44 -40.93 45.93
C ARG A 87 27.76 -39.80 46.69
N LYS A 88 27.05 -38.91 45.98
CA LYS A 88 26.35 -37.82 46.63
C LYS A 88 24.96 -38.20 47.13
N LEU A 89 24.46 -39.38 46.74
CA LEU A 89 23.13 -39.79 47.16
C LEU A 89 23.10 -40.26 48.61
N VAL A 90 24.24 -40.65 49.17
CA VAL A 90 24.26 -41.28 50.48
C VAL A 90 24.01 -40.25 51.59
N LYS A 91 24.37 -38.99 51.35
CA LYS A 91 24.13 -37.97 52.36
C LYS A 91 22.66 -37.55 52.45
N TYR A 92 21.83 -37.95 51.50
CA TYR A 92 20.39 -37.70 51.55
C TYR A 92 19.59 -38.96 51.82
N ALA A 93 20.26 -40.08 52.13
CA ALA A 93 19.58 -41.35 52.36
C ALA A 93 19.51 -41.61 53.86
N LYS A 94 18.51 -41.02 54.49
CA LYS A 94 18.21 -41.23 55.89
C LYS A 94 16.82 -41.83 56.02
N GLY A 95 16.43 -42.14 57.25
CA GLY A 95 15.11 -42.71 57.48
C GLY A 95 15.00 -44.15 57.01
N LYS A 96 13.75 -44.59 56.92
CA LYS A 96 13.52 -45.99 56.54
C LYS A 96 13.06 -46.08 55.10
N PRO A 97 13.46 -47.12 54.38
CA PRO A 97 13.02 -47.27 52.99
C PRO A 97 11.57 -47.73 52.91
N LEU A 98 10.98 -47.55 51.73
CA LEU A 98 9.60 -47.94 51.52
C LEU A 98 9.50 -49.44 51.26
N GLU A 99 8.70 -50.12 52.06
CA GLU A 99 8.42 -51.54 51.85
C GLU A 99 7.17 -51.66 50.97
N ALA A 100 7.31 -52.37 49.85
CA ALA A 100 6.21 -52.47 48.90
C ALA A 100 5.12 -53.40 49.43
N ASP A 101 3.88 -52.99 49.24
CA ASP A 101 2.73 -53.83 49.53
C ASP A 101 2.44 -54.65 48.27
N LEU A 102 2.20 -55.94 48.44
CA LEU A 102 2.10 -56.86 47.31
C LEU A 102 0.71 -57.47 47.16
N THR A 103 -0.31 -56.90 47.79
CA THR A 103 -1.67 -57.44 47.71
C THR A 103 -2.68 -56.31 47.54
N VAL A 104 -2.35 -55.34 46.69
CA VAL A 104 -3.24 -54.23 46.40
C VAL A 104 -3.65 -54.16 44.94
N ASN A 105 -3.08 -54.99 44.08
CA ASN A 105 -3.46 -55.03 42.67
C ASN A 105 -4.09 -56.38 42.35
N GLU A 106 -5.00 -56.38 41.37
CA GLU A 106 -5.69 -57.60 41.01
C GLU A 106 -4.80 -58.53 40.18
N LEU A 107 -4.00 -57.96 39.28
CA LEU A 107 -3.11 -58.75 38.45
C LEU A 107 -1.85 -59.11 39.23
N ASP A 108 -1.08 -60.04 38.67
CA ASP A 108 0.16 -60.47 39.32
C ASP A 108 1.40 -59.75 38.81
N TYR A 109 1.32 -59.07 37.67
CA TYR A 109 2.47 -58.35 37.12
C TYR A 109 2.30 -56.84 37.21
N GLU A 110 1.36 -56.36 38.02
CA GLU A 110 1.27 -54.95 38.33
C GLU A 110 1.78 -54.61 39.72
N ASN A 111 2.09 -55.60 40.55
CA ASN A 111 2.69 -55.35 41.84
C ASN A 111 4.15 -54.92 41.67
N ASN A 112 4.67 -54.24 42.70
CA ASN A 112 6.10 -53.90 42.74
C ASN A 112 6.86 -55.03 43.41
N LYS A 113 7.05 -56.10 42.64
CA LYS A 113 7.88 -57.22 43.05
C LYS A 113 9.25 -57.11 42.43
N ILE A 114 10.18 -57.94 42.90
CA ILE A 114 11.51 -58.01 42.31
C ILE A 114 11.39 -58.64 40.92
N THR A 115 12.17 -58.12 39.96
CA THR A 115 12.09 -58.56 38.58
C THR A 115 12.51 -60.02 38.42
N SER A 116 13.45 -60.48 39.26
CA SER A 116 13.81 -61.90 39.25
C SER A 116 12.68 -62.78 39.76
N GLU A 117 11.85 -62.25 40.67
CA GLU A 117 10.66 -62.99 41.10
C GLU A 117 9.54 -62.94 40.08
N LEU A 118 9.57 -61.99 39.15
CA LEU A 118 8.54 -61.83 38.14
C LEU A 118 8.97 -62.44 36.81
N PHE A 119 10.10 -61.98 36.26
CA PHE A 119 10.65 -62.53 35.03
C PHE A 119 11.80 -63.45 35.39
N PRO A 120 11.65 -64.77 35.25
CA PRO A 120 12.69 -65.69 35.75
C PRO A 120 13.93 -65.77 34.87
N THR A 121 13.75 -65.71 33.55
CA THR A 121 14.88 -65.81 32.62
C THR A 121 15.00 -64.54 31.80
N ALA A 122 16.20 -64.31 31.28
CA ALA A 122 16.48 -63.13 30.48
C ALA A 122 15.84 -63.18 29.09
N GLU A 123 15.37 -64.35 28.66
CA GLU A 123 14.76 -64.45 27.34
C GLU A 123 13.34 -63.89 27.32
N GLU A 124 12.63 -64.00 28.44
CA GLU A 124 11.31 -63.39 28.59
C GLU A 124 11.42 -62.21 29.58
N TYR A 125 11.74 -61.04 29.03
CA TYR A 125 11.83 -59.81 29.81
C TYR A 125 11.27 -58.69 28.95
N THR A 126 10.08 -58.23 29.28
CA THR A 126 9.41 -57.19 28.53
C THR A 126 9.68 -55.84 29.18
N ASP A 127 10.39 -54.97 28.46
CA ASP A 127 10.66 -53.63 28.94
C ASP A 127 9.46 -52.71 28.82
N LEU A 128 8.46 -53.09 28.01
CA LEU A 128 7.38 -52.19 27.62
C LEU A 128 6.31 -52.03 28.69
N LEU A 129 6.54 -52.45 29.93
CA LEU A 129 5.59 -52.23 31.01
C LEU A 129 6.04 -51.17 32.00
N MET A 130 7.31 -50.76 31.97
CA MET A 130 7.80 -49.73 32.87
C MET A 130 8.64 -48.68 32.17
N ASP A 131 8.67 -48.69 30.84
CA ASP A 131 9.58 -47.84 30.09
C ASP A 131 9.17 -46.38 30.18
N PRO A 132 10.02 -45.49 30.70
CA PRO A 132 9.65 -44.07 30.74
C PRO A 132 9.57 -43.41 29.37
N ALA A 133 10.27 -43.95 28.36
CA ALA A 133 10.21 -43.52 26.96
C ALA A 133 10.60 -42.06 26.78
N ILE A 134 11.51 -41.57 27.62
CA ILE A 134 12.08 -40.24 27.48
C ILE A 134 13.60 -40.41 27.45
N LEU A 135 14.27 -39.58 26.66
CA LEU A 135 15.73 -39.67 26.55
C LEU A 135 16.41 -38.85 27.66
N THR A 136 16.18 -39.33 28.89
CA THR A 136 16.79 -38.77 30.10
C THR A 136 16.65 -39.83 31.19
N SER A 137 17.77 -40.26 31.74
CA SER A 137 17.76 -41.40 32.64
C SER A 137 17.50 -40.96 34.08
N LEU A 138 17.40 -41.95 34.98
CA LEU A 138 17.15 -41.65 36.38
C LEU A 138 18.38 -41.03 37.04
N SER A 139 19.59 -41.42 36.62
CA SER A 139 20.80 -40.83 37.17
C SER A 139 21.02 -39.39 36.73
N SER A 140 20.27 -38.92 35.73
CA SER A 140 20.26 -37.50 35.41
C SER A 140 19.23 -36.72 36.21
N ASN A 141 18.12 -37.36 36.58
CA ASN A 141 17.07 -36.69 37.34
C ASN A 141 17.41 -36.57 38.81
N LEU A 142 18.31 -37.39 39.33
CA LEU A 142 18.71 -37.26 40.72
C LEU A 142 19.74 -36.16 40.92
N ASN A 143 20.56 -35.87 39.90
CA ASN A 143 21.49 -34.76 40.01
C ASN A 143 20.80 -33.42 39.85
N ALA A 144 19.67 -33.37 39.14
CA ALA A 144 18.96 -32.12 38.98
C ALA A 144 18.22 -31.70 40.25
N VAL A 145 18.00 -32.63 41.18
CA VAL A 145 17.42 -32.29 42.48
C VAL A 145 18.51 -32.01 43.50
N MET A 146 19.58 -32.82 43.52
CA MET A 146 20.68 -32.61 44.45
C MET A 146 21.49 -31.36 44.12
N PHE A 147 21.36 -30.82 42.91
CA PHE A 147 21.93 -29.51 42.62
C PHE A 147 21.04 -28.40 43.16
N TRP A 148 19.72 -28.59 43.12
CA TRP A 148 18.82 -27.57 43.65
C TRP A 148 18.91 -27.51 45.17
N LEU A 149 19.05 -28.66 45.83
CA LEU A 149 19.07 -28.69 47.28
C LEU A 149 20.33 -28.12 47.89
N GLU A 150 21.37 -27.87 47.08
CA GLU A 150 22.58 -27.22 47.56
C GLU A 150 22.54 -25.71 47.39
N LYS A 151 21.84 -25.22 46.37
CA LYS A 151 21.74 -23.77 46.17
C LYS A 151 20.84 -23.12 47.21
N HIS A 152 19.87 -23.86 47.74
CA HIS A 152 18.89 -23.30 48.66
C HIS A 152 18.98 -23.97 50.02
N GLU A 153 20.19 -24.13 50.53
CA GLU A 153 20.40 -24.82 51.80
C GLU A 153 20.33 -23.91 53.00
N ASN A 154 20.51 -22.60 52.82
CA ASN A 154 20.59 -21.66 53.95
C ASN A 154 19.83 -20.38 53.63
N ASP A 155 18.59 -20.50 53.14
CA ASP A 155 17.82 -19.33 52.77
C ASP A 155 17.11 -18.72 53.97
N VAL A 156 16.43 -17.60 53.71
CA VAL A 156 15.70 -16.83 54.71
C VAL A 156 14.41 -17.55 55.07
N ALA A 157 13.72 -17.06 56.11
CA ALA A 157 12.65 -17.81 56.77
C ALA A 157 11.38 -17.99 55.93
N GLU A 158 11.29 -17.37 54.75
CA GLU A 158 10.15 -17.63 53.89
C GLU A 158 10.45 -18.75 52.89
N LYS A 159 11.58 -18.66 52.20
CA LYS A 159 12.02 -19.71 51.30
C LYS A 159 12.67 -20.88 52.03
N LEU A 160 12.76 -20.84 53.35
CA LEU A 160 13.26 -21.99 54.10
C LEU A 160 12.18 -23.07 54.22
N LYS A 161 10.93 -22.66 54.38
CA LYS A 161 9.84 -23.62 54.53
C LYS A 161 9.56 -24.38 53.24
N ILE A 162 9.92 -23.82 52.08
CA ILE A 162 9.86 -24.59 50.85
C ILE A 162 10.97 -25.63 50.82
N TYR A 163 12.15 -25.27 51.32
CA TYR A 163 13.27 -26.20 51.34
C TYR A 163 13.05 -27.33 52.35
N LYS A 164 12.41 -27.04 53.48
CA LYS A 164 12.13 -28.08 54.45
C LYS A 164 10.98 -28.98 54.02
N ARG A 165 10.20 -28.59 53.02
CA ARG A 165 9.14 -29.45 52.50
C ARG A 165 9.60 -30.28 51.31
N ARG A 166 10.59 -29.81 50.56
CA ARG A 166 11.15 -30.60 49.47
C ARG A 166 12.29 -31.49 49.92
N LEU A 167 12.73 -31.38 51.16
CA LEU A 167 13.73 -32.28 51.71
C LEU A 167 13.09 -33.46 52.44
N ASP A 168 11.93 -33.25 53.05
CA ASP A 168 11.22 -34.34 53.71
C ASP A 168 10.67 -35.33 52.68
N LEU A 169 10.39 -34.88 51.47
CA LEU A 169 9.95 -35.79 50.42
C LEU A 169 11.11 -36.49 49.75
N PHE A 170 12.26 -35.83 49.60
CA PHE A 170 13.41 -36.44 48.94
C PHE A 170 14.10 -37.48 49.82
N THR A 171 13.86 -37.45 51.14
CA THR A 171 14.33 -38.51 52.01
C THR A 171 13.65 -39.84 51.68
N ILE A 172 12.37 -39.78 51.31
CA ILE A 172 11.63 -40.98 50.92
C ILE A 172 12.13 -41.52 49.59
N VAL A 173 12.45 -40.63 48.65
CA VAL A 173 12.88 -41.05 47.33
C VAL A 173 14.31 -41.57 47.34
N ALA A 174 15.19 -40.94 48.13
CA ALA A 174 16.59 -41.35 48.13
C ALA A 174 16.81 -42.65 48.88
N SER A 175 16.15 -42.81 50.03
CA SER A 175 16.37 -44.00 50.86
C SER A 175 15.78 -45.27 50.24
N THR A 176 14.87 -45.14 49.27
CA THR A 176 14.32 -46.28 48.55
C THR A 176 15.20 -46.67 47.37
N VAL A 177 15.74 -45.68 46.66
CA VAL A 177 16.64 -45.95 45.55
C VAL A 177 17.98 -46.48 46.05
N ASN A 178 18.49 -45.93 47.16
CA ASN A 178 19.81 -46.29 47.66
C ASN A 178 19.87 -47.70 48.24
N LYS A 179 18.72 -48.30 48.57
CA LYS A 179 18.73 -49.68 49.03
C LYS A 179 19.06 -50.64 47.90
N TYR A 180 18.44 -50.44 46.73
CA TYR A 180 18.67 -51.29 45.57
C TYR A 180 19.65 -50.68 44.58
N GLY A 181 20.22 -49.52 44.89
CA GLY A 181 21.17 -48.88 43.98
C GLY A 181 20.48 -48.13 42.86
N VAL A 182 21.30 -47.47 42.05
CA VAL A 182 20.82 -46.67 40.93
C VAL A 182 21.03 -47.48 39.65
N PRO A 183 19.99 -47.71 38.84
CA PRO A 183 20.17 -48.47 37.60
C PRO A 183 20.84 -47.63 36.53
N ARG A 184 21.95 -48.14 36.00
CA ARG A 184 22.66 -47.44 34.93
C ARG A 184 21.98 -47.75 33.60
N HIS A 185 21.73 -46.70 32.81
CA HIS A 185 20.91 -46.82 31.62
C HIS A 185 21.71 -47.40 30.46
N ASN A 186 21.04 -47.55 29.33
CA ASN A 186 21.64 -48.03 28.10
C ASN A 186 22.21 -46.85 27.32
N ALA A 187 22.75 -47.11 26.13
CA ALA A 187 23.21 -46.04 25.25
C ALA A 187 22.08 -45.29 24.58
N LYS A 188 20.89 -45.91 24.50
CA LYS A 188 19.69 -45.25 23.98
C LYS A 188 18.64 -45.12 25.08
N TYR A 189 19.09 -45.06 26.33
CA TYR A 189 18.29 -44.68 27.50
C TYR A 189 17.17 -45.66 27.81
N ARG A 190 17.40 -46.94 27.54
CA ARG A 190 16.54 -48.00 28.04
C ARG A 190 17.23 -48.67 29.22
N TYR A 191 16.60 -49.73 29.75
CA TYR A 191 17.12 -50.42 30.92
C TYR A 191 17.15 -51.91 30.64
N GLU A 192 18.36 -52.48 30.65
CA GLU A 192 18.56 -53.88 30.30
C GLU A 192 18.14 -54.80 31.44
N TYR A 193 18.28 -56.10 31.22
CA TYR A 193 17.87 -57.07 32.24
C TYR A 193 18.91 -57.16 33.35
N GLU A 194 20.19 -57.05 33.01
CA GLU A 194 21.25 -57.27 33.99
C GLU A 194 21.44 -56.10 34.94
N VAL A 195 20.86 -54.94 34.64
CA VAL A 195 20.91 -53.81 35.58
C VAL A 195 19.63 -53.68 36.38
N MET A 196 18.57 -54.42 36.03
CA MET A 196 17.30 -54.37 36.76
C MET A 196 16.94 -55.72 37.38
N LYS A 197 17.94 -56.54 37.69
CA LYS A 197 17.66 -57.91 38.10
C LYS A 197 17.28 -58.01 39.57
N ASP A 198 17.99 -57.30 40.44
CA ASP A 198 17.75 -57.39 41.88
C ASP A 198 16.92 -56.23 42.42
N LYS A 199 16.45 -55.34 41.56
CA LYS A 199 15.63 -54.20 41.93
C LYS A 199 14.16 -54.50 41.70
N PRO A 200 13.25 -53.75 42.34
CA PRO A 200 11.84 -53.84 41.96
C PRO A 200 11.61 -53.38 40.54
N TYR A 201 10.48 -53.83 39.97
CA TYR A 201 10.28 -53.69 38.54
C TYR A 201 9.98 -52.25 38.15
N TYR A 202 9.14 -51.56 38.93
CA TYR A 202 8.80 -50.17 38.66
C TYR A 202 9.62 -49.20 39.51
N LEU A 203 10.89 -49.46 39.75
CA LEU A 203 11.69 -48.51 40.52
C LEU A 203 12.06 -47.29 39.70
N VAL A 204 12.27 -47.46 38.40
CA VAL A 204 12.66 -46.33 37.56
C VAL A 204 11.47 -45.43 37.27
N THR A 205 10.35 -46.02 36.85
CA THR A 205 9.19 -45.22 36.47
C THR A 205 8.38 -44.71 37.66
N TRP A 206 8.75 -45.06 38.88
CA TRP A 206 8.21 -44.42 40.07
C TRP A 206 9.08 -43.29 40.58
N ALA A 207 10.40 -43.47 40.52
CA ALA A 207 11.31 -42.41 40.93
C ALA A 207 11.35 -41.26 39.93
N ASN A 208 10.88 -41.49 38.71
CA ASN A 208 10.79 -40.40 37.74
C ASN A 208 9.58 -39.52 38.00
N SER A 209 8.43 -40.13 38.28
CA SER A 209 7.21 -39.36 38.51
C SER A 209 7.19 -38.73 39.89
N SER A 210 7.89 -39.31 40.85
CA SER A 210 7.91 -38.73 42.18
C SER A 210 8.85 -37.54 42.29
N ILE A 211 9.89 -37.51 41.45
CA ILE A 211 10.73 -36.31 41.36
C ILE A 211 9.97 -35.19 40.68
N GLU A 212 9.11 -35.54 39.72
CA GLU A 212 8.25 -34.56 39.05
C GLU A 212 7.24 -33.95 40.01
N MET A 213 6.86 -34.67 41.06
CA MET A 213 5.86 -34.18 42.00
C MET A 213 6.46 -33.38 43.14
N LEU A 214 7.62 -33.78 43.67
CA LEU A 214 8.21 -33.05 44.79
C LEU A 214 8.84 -31.74 44.34
N MET A 215 9.09 -31.56 43.05
CA MET A 215 9.54 -30.27 42.53
C MET A 215 8.38 -29.38 42.13
N SER A 216 7.19 -29.61 42.67
CA SER A 216 6.04 -28.75 42.46
C SER A 216 5.34 -28.43 43.78
N VAL A 217 6.05 -28.60 44.90
CA VAL A 217 5.50 -28.31 46.22
C VAL A 217 5.84 -26.87 46.56
N PHE A 218 4.82 -26.07 46.87
CA PHE A 218 5.03 -24.67 47.20
C PHE A 218 4.34 -24.29 48.50
N SER A 219 3.23 -24.93 48.80
CA SER A 219 2.43 -24.60 49.97
C SER A 219 2.26 -25.83 50.84
N HIS A 220 1.67 -25.62 52.02
CA HIS A 220 1.42 -26.75 52.92
C HIS A 220 0.32 -27.65 52.40
N GLU A 221 -0.59 -27.10 51.60
CA GLU A 221 -1.62 -27.93 50.98
C GLU A 221 -1.02 -28.82 49.90
N ASP A 222 0.02 -28.34 49.22
CA ASP A 222 0.70 -29.14 48.20
C ASP A 222 1.62 -30.18 48.80
N TYR A 223 1.99 -30.04 50.07
CA TYR A 223 2.84 -31.04 50.71
C TYR A 223 2.03 -32.22 51.22
N LEU A 224 0.79 -31.99 51.65
CA LEU A 224 -0.04 -33.08 52.13
C LEU A 224 -0.57 -33.94 50.98
N ILE A 225 -0.69 -33.37 49.78
CA ILE A 225 -1.11 -34.17 48.63
C ILE A 225 0.06 -34.97 48.10
N ALA A 226 1.26 -34.39 48.08
CA ALA A 226 2.42 -35.06 47.52
C ALA A 226 2.91 -36.21 48.38
N ARG A 227 2.61 -36.20 49.69
CA ARG A 227 3.05 -37.30 50.54
C ARG A 227 2.19 -38.55 50.37
N GLU A 228 0.91 -38.39 50.02
CA GLU A 228 0.06 -39.54 49.79
C GLU A 228 0.19 -40.10 48.38
N LEU A 229 0.66 -39.30 47.43
CA LEU A 229 0.82 -39.74 46.05
C LEU A 229 2.23 -40.22 45.77
N ILE A 230 3.10 -40.23 46.77
CA ILE A 230 4.45 -40.79 46.64
C ILE A 230 4.56 -42.11 47.40
N VAL A 231 3.98 -42.18 48.60
CA VAL A 231 4.03 -43.41 49.39
C VAL A 231 3.11 -44.47 48.78
N LEU A 232 1.86 -44.09 48.48
CA LEU A 232 0.90 -45.07 47.97
C LEU A 232 1.17 -45.45 46.52
N SER A 233 1.91 -44.65 45.77
CA SER A 233 2.19 -44.96 44.38
C SER A 233 3.30 -46.00 44.21
N TYR A 234 3.93 -46.44 45.30
CA TYR A 234 4.95 -47.47 45.22
C TYR A 234 4.36 -48.86 45.14
N SER A 235 3.08 -49.04 45.47
CA SER A 235 2.49 -50.37 45.48
C SER A 235 1.23 -50.42 44.63
N ASN A 236 0.49 -49.31 44.59
CA ASN A 236 -0.83 -49.25 43.95
C ASN A 236 -0.66 -48.65 42.56
N ARG A 237 -0.27 -49.49 41.61
CA ARG A 237 -0.03 -49.05 40.24
C ARG A 237 -1.25 -49.19 39.34
N SER A 238 -2.41 -49.52 39.89
CA SER A 238 -3.60 -49.74 39.07
C SER A 238 -4.71 -48.73 39.32
N THR A 239 -5.18 -48.58 40.56
CA THR A 239 -6.35 -47.76 40.82
C THR A 239 -6.07 -46.59 41.75
N LEU A 240 -5.01 -45.82 41.49
CA LEU A 240 -4.79 -44.61 42.26
C LEU A 240 -5.20 -43.35 41.52
N ALA A 241 -4.93 -43.27 40.22
CA ALA A 241 -5.32 -42.10 39.45
C ALA A 241 -6.81 -42.04 39.16
N LYS A 242 -7.55 -43.10 39.44
CA LYS A 242 -8.99 -43.15 39.23
C LYS A 242 -9.77 -42.72 40.47
N LEU A 243 -9.30 -43.08 41.65
CA LEU A 243 -10.03 -42.76 42.88
C LEU A 243 -9.91 -41.28 43.22
N VAL A 244 -8.76 -40.67 42.95
CA VAL A 244 -8.57 -39.27 43.29
C VAL A 244 -9.27 -38.37 42.29
N SER A 245 -9.25 -38.73 41.01
CA SER A 245 -9.86 -37.91 39.97
C SER A 245 -11.32 -38.25 39.72
N SER A 246 -11.94 -39.00 40.61
CA SER A 246 -13.35 -39.37 40.47
C SER A 246 -14.36 -38.28 40.82
N PRO A 247 -14.33 -37.60 41.97
CA PRO A 247 -15.45 -36.72 42.32
C PRO A 247 -15.45 -35.36 41.62
N MET A 248 -14.65 -35.15 40.59
CA MET A 248 -14.62 -33.86 39.93
C MET A 248 -15.80 -33.65 39.00
N SER A 249 -16.44 -34.72 38.53
CA SER A 249 -17.64 -34.56 37.72
C SER A 249 -18.85 -34.20 38.58
N ILE A 250 -18.79 -34.43 39.88
CA ILE A 250 -19.90 -34.12 40.77
C ILE A 250 -19.74 -32.74 41.38
N LEU A 251 -18.51 -32.36 41.78
CA LEU A 251 -18.27 -31.12 42.50
C LEU A 251 -18.42 -29.86 41.65
N VAL A 252 -18.66 -29.98 40.34
CA VAL A 252 -18.85 -28.82 39.49
C VAL A 252 -20.34 -28.51 39.37
N ALA A 253 -21.17 -29.25 40.09
CA ALA A 253 -22.61 -29.05 40.08
C ALA A 253 -23.13 -28.48 41.39
N LEU A 254 -22.26 -28.14 42.33
CA LEU A 254 -22.67 -27.63 43.63
C LEU A 254 -22.35 -26.15 43.82
N VAL A 255 -21.54 -25.57 42.96
CA VAL A 255 -21.04 -24.21 43.15
C VAL A 255 -21.99 -23.23 42.48
N ASP A 256 -22.48 -22.26 43.24
CA ASP A 256 -23.43 -21.27 42.75
C ASP A 256 -22.82 -20.39 41.68
N ILE A 257 -23.66 -19.86 40.81
CA ILE A 257 -23.25 -18.93 39.76
C ILE A 257 -23.65 -17.52 40.18
N ASN A 258 -22.68 -16.61 40.21
CA ASN A 258 -22.92 -15.19 40.44
C ASN A 258 -22.12 -14.44 39.38
N GLY A 259 -22.74 -14.20 38.23
CA GLY A 259 -22.03 -13.55 37.14
C GLY A 259 -21.32 -14.54 36.26
N THR A 260 -21.56 -14.49 34.95
CA THR A 260 -21.04 -15.49 34.04
C THR A 260 -20.56 -14.82 32.77
N PHE A 261 -19.72 -15.52 32.02
CA PHE A 261 -19.47 -15.18 30.64
C PHE A 261 -20.43 -15.98 29.77
N ILE A 262 -21.05 -15.31 28.81
CA ILE A 262 -21.88 -16.01 27.84
C ILE A 262 -21.35 -15.71 26.45
N THR A 263 -21.97 -16.29 25.42
CA THR A 263 -21.56 -16.08 24.06
C THR A 263 -22.82 -15.81 23.24
N ASN A 264 -22.68 -15.06 22.14
CA ASN A 264 -23.82 -14.76 21.28
C ASN A 264 -24.13 -15.96 20.39
N GLU A 265 -25.00 -15.76 19.41
CA GLU A 265 -25.30 -16.86 18.48
C GLU A 265 -24.15 -17.07 17.52
N GLU A 266 -23.69 -16.01 16.87
CA GLU A 266 -22.33 -16.01 16.36
C GLU A 266 -21.38 -15.94 17.54
N LEU A 267 -20.23 -16.60 17.42
CA LEU A 267 -19.39 -16.82 18.59
C LEU A 267 -18.63 -15.55 18.94
N GLU A 268 -19.24 -14.73 19.78
CA GLU A 268 -18.63 -13.51 20.29
C GLU A 268 -18.98 -13.38 21.77
N LEU A 269 -18.03 -12.89 22.56
CA LEU A 269 -18.15 -12.97 24.01
C LEU A 269 -19.04 -11.86 24.55
N GLU A 270 -19.76 -12.17 25.62
CA GLU A 270 -20.56 -11.23 26.37
C GLU A 270 -20.45 -11.55 27.84
N PHE A 271 -20.63 -10.53 28.68
CA PHE A 271 -20.59 -10.70 30.13
C PHE A 271 -21.97 -10.42 30.68
N SER A 272 -22.53 -11.40 31.38
CA SER A 272 -23.89 -11.32 31.91
C SER A 272 -23.87 -11.71 33.37
N ASN A 273 -24.51 -10.91 34.21
CA ASN A 273 -24.35 -11.08 35.65
C ASN A 273 -25.62 -11.53 36.33
N LYS A 274 -26.25 -12.56 35.78
CA LYS A 274 -27.39 -13.23 36.41
C LYS A 274 -26.96 -13.98 37.66
N TYR A 275 -27.94 -14.48 38.40
CA TYR A 275 -27.71 -15.24 39.62
C TYR A 275 -28.51 -16.53 39.53
N VAL A 276 -27.82 -17.67 39.46
CA VAL A 276 -28.45 -18.97 39.27
C VAL A 276 -28.06 -19.85 40.44
N ARG A 277 -29.06 -20.37 41.15
CA ARG A 277 -28.83 -21.16 42.34
C ARG A 277 -28.65 -22.63 41.96
N ALA A 278 -27.74 -23.30 42.65
CA ALA A 278 -27.41 -24.69 42.35
C ALA A 278 -28.31 -25.63 43.12
N ILE A 279 -28.97 -26.52 42.40
CA ILE A 279 -29.95 -27.44 42.96
C ILE A 279 -29.41 -28.85 42.83
N VAL A 280 -29.36 -29.57 43.95
CA VAL A 280 -28.75 -30.89 43.99
C VAL A 280 -29.65 -31.84 44.79
N PRO A 281 -29.93 -33.03 44.26
CA PRO A 281 -30.81 -33.97 44.98
C PRO A 281 -30.06 -34.66 46.11
N ASP A 282 -30.81 -35.43 46.90
CA ASP A 282 -30.24 -36.09 48.06
C ASP A 282 -29.51 -37.39 47.72
N GLN A 283 -29.57 -37.83 46.47
CA GLN A 283 -28.85 -39.03 46.07
C GLN A 283 -27.47 -38.72 45.51
N THR A 284 -27.17 -37.46 45.20
CA THR A 284 -25.81 -37.11 44.82
C THR A 284 -24.90 -37.10 46.05
N PHE A 285 -25.37 -36.53 47.16
CA PHE A 285 -24.61 -36.56 48.40
C PHE A 285 -24.53 -37.96 49.00
N ASP A 286 -25.43 -38.87 48.64
CA ASP A 286 -25.30 -40.27 49.01
C ASP A 286 -24.40 -41.04 48.05
N GLU A 287 -24.00 -40.40 46.95
CA GLU A 287 -23.01 -40.94 46.02
C GLU A 287 -21.64 -40.31 46.22
N LEU A 288 -21.60 -39.03 46.57
CA LEU A 288 -20.35 -38.37 46.92
C LEU A 288 -19.80 -38.89 48.24
N LYS A 289 -20.66 -39.36 49.13
CA LYS A 289 -20.17 -40.02 50.35
C LYS A 289 -19.59 -41.39 50.03
N GLN A 290 -20.09 -42.05 48.99
CA GLN A 290 -19.53 -43.33 48.60
C GLN A 290 -18.17 -43.16 47.93
N MET A 291 -17.95 -42.05 47.24
CA MET A 291 -16.66 -41.81 46.62
C MET A 291 -15.59 -41.42 47.62
N LEU A 292 -15.96 -40.90 48.78
CA LEU A 292 -15.02 -40.56 49.82
C LEU A 292 -14.73 -41.71 50.77
N ASP A 293 -15.53 -42.78 50.74
CA ASP A 293 -15.23 -43.97 51.50
C ASP A 293 -14.49 -45.01 50.69
N ASN A 294 -14.45 -44.87 49.36
CA ASN A 294 -13.56 -45.68 48.55
C ASN A 294 -12.14 -45.15 48.59
N MET A 295 -11.97 -43.86 48.84
CA MET A 295 -10.65 -43.27 48.97
C MET A 295 -10.03 -43.48 50.34
N ARG A 296 -10.79 -44.01 51.30
CA ARG A 296 -10.24 -44.34 52.60
C ARG A 296 -9.94 -45.81 52.76
N LYS A 297 -10.45 -46.66 51.87
CA LYS A 297 -9.99 -48.05 51.82
C LYS A 297 -8.60 -48.14 51.20
N ALA A 298 -8.30 -47.26 50.25
CA ALA A 298 -7.00 -47.31 49.59
C ALA A 298 -5.88 -46.74 50.45
N GLY A 299 -6.20 -45.99 51.50
CA GLY A 299 -5.22 -45.47 52.42
C GLY A 299 -5.08 -43.96 52.40
N LEU A 300 -5.69 -43.27 51.44
CA LEU A 300 -5.65 -41.82 51.40
C LEU A 300 -6.45 -41.26 52.57
N THR A 301 -5.79 -40.60 53.50
CA THR A 301 -6.45 -40.10 54.69
C THR A 301 -6.37 -38.58 54.83
N ASP A 302 -5.69 -37.88 53.93
CA ASP A 302 -5.59 -36.43 54.01
C ASP A 302 -6.03 -35.72 52.74
N ILE A 303 -6.20 -36.43 51.63
CA ILE A 303 -6.92 -35.92 50.47
C ILE A 303 -8.44 -35.99 50.71
N PRO A 304 -9.04 -37.08 51.32
CA PRO A 304 -10.46 -36.96 51.68
C PRO A 304 -10.77 -36.11 52.91
N LYS A 305 -9.82 -35.33 53.40
CA LYS A 305 -10.11 -34.33 54.41
C LYS A 305 -10.23 -32.93 53.83
N MET A 306 -9.72 -32.71 52.61
CA MET A 306 -9.89 -31.42 51.96
C MET A 306 -11.24 -31.32 51.26
N ILE A 307 -11.68 -32.41 50.60
CA ILE A 307 -13.02 -32.46 50.05
C ILE A 307 -14.05 -32.47 51.16
N GLN A 308 -13.71 -33.04 52.32
CA GLN A 308 -14.62 -33.08 53.46
C GLN A 308 -14.83 -31.69 54.04
N ASP A 309 -13.78 -30.88 54.08
CA ASP A 309 -13.86 -29.55 54.67
C ASP A 309 -14.25 -28.47 53.67
N TRP A 310 -14.34 -28.80 52.38
CA TRP A 310 -14.83 -27.87 51.38
C TRP A 310 -16.34 -27.96 51.22
N LEU A 311 -16.94 -29.13 51.48
CA LEU A 311 -18.36 -29.34 51.28
C LEU A 311 -19.23 -28.62 52.30
N VAL A 312 -18.65 -28.08 53.36
CA VAL A 312 -19.43 -27.32 54.34
C VAL A 312 -19.81 -25.96 53.78
N ASP A 313 -18.99 -25.41 52.89
CA ASP A 313 -19.23 -24.09 52.33
C ASP A 313 -19.82 -24.11 50.93
N CYS A 314 -19.29 -24.97 50.06
CA CYS A 314 -19.60 -25.04 48.63
C CYS A 314 -19.43 -23.67 47.96
N SER A 315 -18.19 -23.17 48.00
CA SER A 315 -17.88 -21.82 47.56
C SER A 315 -16.90 -21.84 46.40
N ILE A 316 -17.00 -20.81 45.55
CA ILE A 316 -16.08 -20.69 44.43
C ILE A 316 -14.73 -20.14 44.85
N GLU A 317 -14.65 -19.46 46.00
CA GLU A 317 -13.39 -18.88 46.44
C GLU A 317 -12.43 -19.91 47.01
N LYS A 318 -12.87 -21.15 47.25
CA LYS A 318 -12.00 -22.23 47.68
C LYS A 318 -11.97 -23.38 46.67
N PHE A 319 -12.56 -23.21 45.51
CA PHE A 319 -12.58 -24.22 44.45
C PHE A 319 -11.24 -24.52 43.76
N PRO A 320 -10.27 -23.61 43.63
CA PRO A 320 -8.95 -24.04 43.13
C PRO A 320 -8.22 -25.05 44.01
N LEU A 321 -8.64 -25.25 45.26
CA LEU A 321 -8.13 -26.39 46.02
C LEU A 321 -8.71 -27.69 45.49
N MET A 322 -9.96 -27.68 45.04
CA MET A 322 -10.58 -28.90 44.51
C MET A 322 -10.12 -29.24 43.11
N ALA A 323 -9.64 -28.27 42.34
CA ALA A 323 -9.03 -28.57 41.06
C ALA A 323 -7.53 -28.81 41.18
N LYS A 324 -6.95 -28.50 42.33
CA LYS A 324 -5.56 -28.88 42.58
C LYS A 324 -5.43 -30.39 42.74
N ILE A 325 -6.39 -31.00 43.45
CA ILE A 325 -6.35 -32.43 43.70
C ILE A 325 -6.66 -33.20 42.42
N TYR A 326 -7.50 -32.65 41.55
CA TYR A 326 -7.80 -33.29 40.28
C TYR A 326 -6.64 -33.19 39.30
N SER A 327 -5.86 -32.12 39.38
CA SER A 327 -4.71 -31.97 38.50
C SER A 327 -3.51 -32.78 38.98
N TRP A 328 -3.33 -32.89 40.30
CA TRP A 328 -2.20 -33.64 40.84
C TRP A 328 -2.34 -35.14 40.67
N SER A 329 -3.56 -35.63 40.43
CA SER A 329 -3.78 -37.07 40.36
C SER A 329 -3.28 -37.68 39.07
N PHE A 330 -3.05 -36.88 38.03
CA PHE A 330 -2.60 -37.40 36.76
C PHE A 330 -1.10 -37.60 36.71
N HIS A 331 -0.36 -37.12 37.72
CA HIS A 331 1.08 -37.27 37.78
C HIS A 331 1.51 -38.53 38.49
N VAL A 332 0.60 -39.48 38.69
CA VAL A 332 0.98 -40.77 39.26
C VAL A 332 1.76 -41.59 38.24
N GLY A 333 1.27 -41.66 37.01
CA GLY A 333 1.95 -42.37 35.96
C GLY A 333 1.01 -43.08 35.03
N PHE A 334 1.54 -43.65 33.94
CA PHE A 334 0.72 -44.34 32.96
C PHE A 334 0.48 -45.78 33.36
N ARG A 335 -0.64 -46.33 32.90
CA ARG A 335 -1.00 -47.72 33.17
C ARG A 335 -0.72 -48.54 31.92
N LYS A 336 0.55 -48.92 31.74
CA LYS A 336 0.96 -49.74 30.62
C LYS A 336 0.73 -51.21 30.97
N GLN A 337 -0.06 -51.90 30.16
CA GLN A 337 -0.42 -53.28 30.42
C GLN A 337 -0.20 -54.11 29.15
N LYS A 338 -0.48 -55.40 29.26
CA LYS A 338 -0.50 -56.24 28.09
C LYS A 338 -1.72 -55.91 27.24
N MET A 339 -1.62 -56.19 25.93
CA MET A 339 -2.67 -55.77 25.01
C MET A 339 -3.94 -56.60 25.19
N LEU A 340 -3.81 -57.88 25.52
CA LEU A 340 -5.00 -58.68 25.79
C LEU A 340 -5.64 -58.29 27.11
N ASP A 341 -4.82 -57.95 28.10
CA ASP A 341 -5.32 -57.67 29.44
C ASP A 341 -5.99 -56.31 29.55
N ALA A 342 -5.74 -55.41 28.61
CA ALA A 342 -6.38 -54.10 28.60
C ALA A 342 -7.49 -53.99 27.56
N ALA A 343 -7.63 -54.97 26.69
CA ALA A 343 -8.71 -54.99 25.71
C ALA A 343 -9.61 -56.21 25.93
N LEU A 344 -9.82 -56.58 27.18
CA LEU A 344 -10.70 -57.68 27.53
C LEU A 344 -12.07 -57.22 27.99
N ASP A 345 -12.13 -56.16 28.80
CA ASP A 345 -13.42 -55.59 29.18
C ASP A 345 -14.04 -54.80 28.05
N GLN A 346 -13.26 -54.39 27.05
CA GLN A 346 -13.79 -53.64 25.92
C GLN A 346 -14.38 -54.57 24.86
N LEU A 347 -13.74 -55.69 24.59
CA LEU A 347 -14.14 -56.57 23.49
C LEU A 347 -15.06 -57.70 23.93
N LYS A 348 -15.48 -57.74 25.19
CA LYS A 348 -16.38 -58.77 25.69
C LYS A 348 -17.64 -58.09 26.22
N THR A 349 -18.67 -58.04 25.38
CA THR A 349 -19.93 -57.41 25.73
C THR A 349 -21.09 -58.39 25.57
N GLU A 350 -22.22 -58.03 26.14
CA GLU A 350 -23.42 -58.86 26.13
C GLU A 350 -24.45 -58.20 25.22
N TYR A 351 -24.58 -58.72 24.00
CA TYR A 351 -25.59 -58.24 23.06
C TYR A 351 -26.85 -59.09 23.22
N THR A 352 -27.99 -58.43 23.38
CA THR A 352 -29.26 -59.13 23.56
C THR A 352 -30.25 -58.69 22.49
N GLU A 353 -31.32 -59.47 22.37
CA GLU A 353 -32.44 -59.14 21.49
C GLU A 353 -33.66 -58.68 22.28
N ASP A 354 -33.50 -58.40 23.58
CA ASP A 354 -34.57 -57.90 24.42
C ASP A 354 -34.57 -56.38 24.51
N VAL A 355 -34.06 -55.70 23.48
CA VAL A 355 -34.22 -54.26 23.33
C VAL A 355 -35.59 -54.02 22.71
N ASP A 356 -36.04 -52.77 22.69
CA ASP A 356 -37.26 -52.44 21.98
C ASP A 356 -36.90 -52.06 20.55
N ASP A 357 -37.49 -52.75 19.59
CA ASP A 357 -37.18 -52.49 18.19
C ASP A 357 -37.90 -51.26 17.66
N GLU A 358 -38.88 -50.74 18.39
CA GLU A 358 -39.55 -49.52 18.01
C GLU A 358 -38.66 -48.29 18.18
N MET A 359 -37.65 -48.38 19.03
CA MET A 359 -36.71 -47.28 19.25
C MET A 359 -35.54 -47.31 18.28
N TYR A 360 -35.25 -48.45 17.67
CA TYR A 360 -34.15 -48.56 16.72
C TYR A 360 -34.53 -48.16 15.30
N ARG A 361 -35.83 -48.13 14.98
CA ARG A 361 -36.24 -47.65 13.67
C ARG A 361 -36.09 -46.14 13.56
N GLU A 362 -36.37 -45.41 14.64
CA GLU A 362 -36.15 -43.97 14.61
C GLU A 362 -34.68 -43.62 14.69
N TYR A 363 -33.87 -44.49 15.28
CA TYR A 363 -32.45 -44.21 15.40
C TYR A 363 -31.74 -44.41 14.06
N THR A 364 -32.13 -45.44 13.31
CA THR A 364 -31.54 -45.66 12.00
C THR A 364 -32.04 -44.63 10.99
N MET A 365 -33.29 -44.19 11.13
CA MET A 365 -33.85 -43.20 10.21
C MET A 365 -33.24 -41.82 10.44
N LEU A 366 -32.87 -41.49 11.68
CA LEU A 366 -32.27 -40.19 11.94
C LEU A 366 -30.80 -40.14 11.53
N ILE A 367 -30.13 -41.28 11.42
CA ILE A 367 -28.80 -41.30 10.83
C ILE A 367 -28.89 -41.20 9.31
N ARG A 368 -29.91 -41.84 8.73
CA ARG A 368 -30.14 -41.77 7.29
C ARG A 368 -30.48 -40.36 6.84
N ASP A 369 -31.20 -39.61 7.66
CA ASP A 369 -31.61 -38.27 7.28
C ASP A 369 -30.47 -37.27 7.36
N GLU A 370 -29.39 -37.59 8.09
CA GLU A 370 -28.26 -36.67 8.18
C GLU A 370 -27.35 -36.79 6.97
N VAL A 371 -27.06 -38.02 6.53
CA VAL A 371 -26.15 -38.24 5.42
C VAL A 371 -26.74 -37.71 4.12
N VAL A 372 -28.06 -37.76 3.97
CA VAL A 372 -28.70 -37.09 2.83
C VAL A 372 -28.62 -35.58 3.00
N LYS A 373 -28.72 -35.08 4.24
CA LYS A 373 -28.69 -33.65 4.49
C LYS A 373 -27.29 -33.06 4.35
N MET A 374 -26.25 -33.87 4.48
CA MET A 374 -24.88 -33.37 4.38
C MET A 374 -24.37 -33.36 2.95
N LEU A 375 -24.68 -34.39 2.18
CA LEU A 375 -24.22 -34.52 0.81
C LEU A 375 -25.34 -34.28 -0.20
N GLU A 376 -26.23 -33.35 0.10
CA GLU A 376 -27.27 -33.01 -0.88
C GLU A 376 -26.75 -31.98 -1.87
N GLU A 377 -26.08 -30.94 -1.38
CA GLU A 377 -25.50 -29.92 -2.23
C GLU A 377 -24.21 -30.31 -2.97
N PRO A 378 -23.28 -31.13 -2.44
CA PRO A 378 -22.15 -31.53 -3.30
C PRO A 378 -22.43 -32.69 -4.25
N VAL A 379 -23.64 -33.25 -4.27
CA VAL A 379 -23.98 -34.32 -5.19
C VAL A 379 -24.88 -33.81 -6.31
N LYS A 380 -25.87 -32.98 -5.97
CA LYS A 380 -26.71 -32.35 -6.99
C LYS A 380 -25.89 -31.44 -7.89
N HIS A 381 -25.30 -30.40 -7.33
CA HIS A 381 -24.23 -29.67 -8.01
C HIS A 381 -22.96 -30.49 -7.86
N ASP A 382 -22.52 -31.12 -8.96
CA ASP A 382 -21.45 -32.10 -8.91
C ASP A 382 -20.11 -31.41 -8.66
N ASP A 383 -19.63 -31.48 -7.43
CA ASP A 383 -18.37 -30.83 -7.08
C ASP A 383 -17.19 -31.60 -7.65
N HIS A 384 -16.11 -30.86 -7.90
CA HIS A 384 -14.90 -31.46 -8.45
C HIS A 384 -14.14 -32.29 -7.43
N LEU A 385 -14.40 -32.09 -6.13
CA LEU A 385 -13.68 -32.87 -5.13
C LEU A 385 -14.21 -34.30 -5.05
N LEU A 386 -15.51 -34.49 -5.27
CA LEU A 386 -16.07 -35.84 -5.28
C LEU A 386 -15.84 -36.57 -6.59
N GLN A 387 -15.61 -35.85 -7.69
CA GLN A 387 -15.53 -36.52 -8.99
C GLN A 387 -14.26 -37.34 -9.14
N ASP A 388 -13.19 -36.97 -8.43
CA ASP A 388 -11.98 -37.80 -8.38
C ASP A 388 -11.62 -38.04 -6.91
N SER A 389 -12.27 -39.04 -6.31
CA SER A 389 -11.94 -39.45 -4.96
C SER A 389 -10.66 -40.28 -4.91
N GLU A 390 -10.26 -40.88 -6.03
CA GLU A 390 -9.00 -41.61 -6.07
C GLU A 390 -7.82 -40.65 -6.00
N LEU A 391 -7.91 -39.51 -6.68
CA LEU A 391 -6.83 -38.53 -6.64
C LEU A 391 -6.91 -37.68 -5.38
N ALA A 392 -8.09 -37.54 -4.78
CA ALA A 392 -8.22 -36.73 -3.58
C ALA A 392 -7.61 -37.40 -2.37
N GLY A 393 -7.51 -38.71 -2.35
CA GLY A 393 -6.89 -39.41 -1.24
C GLY A 393 -5.41 -39.62 -1.46
N LEU A 394 -4.99 -39.60 -2.72
CA LEU A 394 -3.59 -39.87 -3.05
C LEU A 394 -2.68 -38.69 -2.71
N LEU A 395 -3.13 -37.47 -2.99
CA LEU A 395 -2.32 -36.29 -2.73
C LEU A 395 -2.41 -35.79 -1.30
N SER A 396 -3.18 -36.46 -0.44
CA SER A 396 -3.31 -36.04 0.95
C SER A 396 -3.17 -37.21 1.91
N MET A 397 -2.35 -38.20 1.55
CA MET A 397 -2.15 -39.37 2.41
C MET A 397 -1.09 -39.14 3.47
N SER A 398 -0.55 -37.92 3.58
CA SER A 398 0.33 -37.60 4.70
C SER A 398 -0.44 -37.27 5.98
N SER A 399 -1.77 -37.19 5.90
CA SER A 399 -2.61 -36.94 7.07
C SER A 399 -3.16 -38.23 7.67
N ALA A 400 -2.90 -39.38 7.05
CA ALA A 400 -3.42 -40.64 7.56
C ALA A 400 -2.56 -41.15 8.71
N SER A 401 -3.13 -42.07 9.48
CA SER A 401 -2.38 -42.70 10.55
C SER A 401 -1.39 -43.72 9.96
N ASN A 402 -0.44 -44.15 10.79
CA ASN A 402 0.54 -45.12 10.33
C ASN A 402 -0.07 -46.50 10.21
N GLY A 403 0.21 -47.17 9.10
CA GLY A 403 -0.33 -48.48 8.82
C GLY A 403 0.51 -49.59 9.41
N GLU A 404 0.53 -50.72 8.71
CA GLU A 404 1.29 -51.87 9.18
C GLU A 404 2.77 -51.72 8.81
N SER A 405 3.61 -52.46 9.51
CA SER A 405 5.03 -52.50 9.20
C SER A 405 5.28 -53.51 8.09
N ARG A 406 5.73 -53.04 6.94
CA ARG A 406 5.84 -53.87 5.74
C ARG A 406 7.19 -53.66 5.09
N GLN A 407 7.74 -54.74 4.53
CA GLN A 407 9.03 -54.68 3.86
C GLN A 407 8.87 -54.11 2.45
N LEU A 408 9.66 -53.07 2.14
CA LEU A 408 9.63 -52.45 0.83
C LEU A 408 11.02 -52.51 0.19
N LYS A 409 11.06 -52.28 -1.12
CA LYS A 409 12.30 -52.27 -1.88
C LYS A 409 12.32 -51.05 -2.77
N PHE A 410 13.28 -50.16 -2.53
CA PHE A 410 13.42 -48.91 -3.28
C PHE A 410 14.77 -48.94 -3.99
N GLY A 411 14.81 -49.53 -5.18
CA GLY A 411 16.06 -49.69 -5.89
C GLY A 411 16.85 -50.86 -5.36
N ARG A 412 17.98 -50.59 -4.73
CA ARG A 412 18.76 -51.62 -4.07
C ARG A 412 18.49 -51.69 -2.57
N LYS A 413 17.90 -50.65 -2.00
CA LYS A 413 17.68 -50.57 -0.56
C LYS A 413 16.44 -51.37 -0.16
N THR A 414 16.45 -51.85 1.07
CA THR A 414 15.30 -52.53 1.66
C THR A 414 15.02 -51.86 3.00
N ILE A 415 13.85 -51.23 3.10
CA ILE A 415 13.47 -50.47 4.30
C ILE A 415 12.15 -51.02 4.83
N PHE A 416 11.95 -50.84 6.13
CA PHE A 416 10.68 -51.17 6.79
C PHE A 416 10.02 -49.87 7.22
N SER A 417 8.79 -49.66 6.77
CA SER A 417 8.09 -48.41 7.06
C SER A 417 6.62 -48.69 7.36
N THR A 418 6.03 -47.82 8.16
CA THR A 418 4.61 -47.92 8.49
C THR A 418 3.80 -46.78 7.91
N LYS A 419 4.42 -45.82 7.23
CA LYS A 419 3.68 -44.76 6.59
C LYS A 419 2.93 -45.31 5.38
N LYS A 420 1.74 -44.77 5.13
CA LYS A 420 0.88 -45.36 4.12
C LYS A 420 1.25 -44.94 2.72
N ASN A 421 1.79 -43.74 2.53
CA ASN A 421 2.17 -43.31 1.19
C ASN A 421 3.45 -43.96 0.69
N MET A 422 4.20 -44.64 1.56
CA MET A 422 5.27 -45.51 1.09
C MET A 422 4.74 -46.86 0.64
N HIS A 423 3.59 -47.29 1.18
CA HIS A 423 2.98 -48.53 0.73
C HIS A 423 2.40 -48.39 -0.67
N VAL A 424 2.01 -47.18 -1.07
CA VAL A 424 1.45 -46.98 -2.40
C VAL A 424 2.54 -47.04 -3.46
N MET A 425 3.73 -46.51 -3.14
CA MET A 425 4.82 -46.48 -4.12
C MET A 425 5.37 -47.87 -4.39
N ASP A 426 5.24 -48.79 -3.43
CA ASP A 426 5.63 -50.17 -3.65
C ASP A 426 4.51 -50.96 -4.33
N ASP A 427 3.25 -50.58 -4.10
CA ASP A 427 2.14 -51.29 -4.72
C ASP A 427 1.83 -50.78 -6.13
N MET A 428 2.21 -49.56 -6.47
CA MET A 428 1.99 -49.05 -7.81
C MET A 428 3.05 -49.52 -8.79
N ALA A 429 4.15 -50.10 -8.30
CA ALA A 429 5.20 -50.59 -9.18
C ALA A 429 5.02 -52.07 -9.52
N ASN A 430 4.64 -52.89 -8.56
CA ASN A 430 4.58 -54.33 -8.76
C ASN A 430 3.28 -54.81 -9.39
N GLY A 431 2.44 -53.89 -9.86
CA GLY A 431 1.18 -54.26 -10.47
C GLY A 431 0.17 -54.79 -9.48
N ARG A 432 -0.02 -54.08 -8.37
CA ARG A 432 -0.97 -54.50 -7.35
C ARG A 432 -1.85 -53.37 -6.85
N TYR A 433 -1.69 -52.15 -7.37
CA TYR A 433 -2.47 -51.00 -6.91
C TYR A 433 -3.85 -51.07 -7.53
N THR A 434 -4.81 -51.60 -6.78
CA THR A 434 -6.22 -51.64 -7.18
C THR A 434 -7.05 -50.92 -6.13
N PRO A 435 -7.40 -49.65 -6.34
CA PRO A 435 -8.21 -48.93 -5.35
C PRO A 435 -9.69 -49.26 -5.42
N GLY A 436 -10.15 -49.92 -6.48
CA GLY A 436 -11.53 -50.31 -6.58
C GLY A 436 -11.85 -51.49 -5.69
N ILE A 437 -10.98 -52.49 -5.70
CA ILE A 437 -11.17 -53.68 -4.87
C ILE A 437 -10.77 -53.34 -3.45
N ILE A 438 -11.73 -53.41 -2.54
CA ILE A 438 -11.52 -53.08 -1.13
C ILE A 438 -11.40 -54.39 -0.35
N PRO A 439 -10.33 -54.61 0.40
CA PRO A 439 -10.05 -55.95 0.93
C PRO A 439 -10.95 -56.27 2.12
N PRO A 440 -11.31 -57.53 2.29
CA PRO A 440 -12.15 -57.90 3.42
C PRO A 440 -11.37 -57.92 4.72
N VAL A 441 -12.08 -57.70 5.82
CA VAL A 441 -11.47 -57.71 7.15
C VAL A 441 -12.15 -58.76 8.02
N ASN A 442 -12.58 -59.86 7.40
CA ASN A 442 -13.17 -60.97 8.14
C ASN A 442 -12.10 -61.86 8.76
N VAL A 443 -12.48 -63.09 9.15
CA VAL A 443 -11.62 -64.01 9.90
C VAL A 443 -10.35 -64.39 9.14
N ASP A 444 -10.35 -64.28 7.80
CA ASP A 444 -9.16 -64.62 7.03
C ASP A 444 -8.06 -63.58 7.20
N LYS A 445 -8.40 -62.29 7.08
CA LYS A 445 -7.44 -61.20 7.21
C LYS A 445 -7.93 -60.24 8.27
N PRO A 446 -7.59 -60.48 9.55
CA PRO A 446 -8.11 -59.62 10.63
C PRO A 446 -7.45 -58.25 10.68
N ILE A 447 -7.94 -57.39 11.57
CA ILE A 447 -7.46 -56.02 11.70
C ILE A 447 -6.48 -55.97 12.87
N PRO A 448 -5.24 -55.54 12.67
CA PRO A 448 -4.32 -55.35 13.81
C PRO A 448 -4.77 -54.19 14.67
N LEU A 449 -4.30 -54.18 15.91
CA LEU A 449 -4.84 -53.30 16.93
C LEU A 449 -3.72 -52.53 17.64
N GLY A 450 -3.91 -51.22 17.74
CA GLY A 450 -2.98 -50.35 18.47
C GLY A 450 -3.70 -49.60 19.57
N ARG A 451 -2.96 -49.12 20.57
CA ARG A 451 -3.56 -48.56 21.77
C ARG A 451 -3.22 -47.08 21.93
N ARG A 452 -4.05 -46.40 22.72
CA ARG A 452 -3.84 -45.00 23.08
C ARG A 452 -4.48 -44.78 24.44
N ASP A 453 -3.68 -44.45 25.44
CA ASP A 453 -4.13 -44.45 26.83
C ASP A 453 -3.85 -43.10 27.48
N VAL A 454 -4.61 -42.83 28.55
CA VAL A 454 -4.53 -41.62 29.35
C VAL A 454 -4.60 -42.05 30.81
N PRO A 455 -3.78 -41.50 31.71
CA PRO A 455 -3.84 -41.92 33.12
C PRO A 455 -5.14 -41.51 33.78
N GLY A 456 -5.67 -42.40 34.62
CA GLY A 456 -6.94 -42.16 35.27
C GLY A 456 -8.16 -42.50 34.45
N ARG A 457 -7.99 -43.00 33.22
CA ARG A 457 -9.08 -43.42 32.36
C ARG A 457 -8.82 -44.85 31.91
N ARG A 458 -9.75 -45.38 31.12
CA ARG A 458 -9.55 -46.66 30.46
C ARG A 458 -8.86 -46.44 29.12
N THR A 459 -8.37 -47.53 28.53
CA THR A 459 -7.66 -47.43 27.27
C THR A 459 -8.63 -47.51 26.09
N ARG A 460 -8.18 -46.99 24.96
CA ARG A 460 -8.94 -47.01 23.73
C ARG A 460 -8.13 -47.70 22.64
N ILE A 461 -8.81 -48.49 21.83
CA ILE A 461 -8.15 -49.27 20.78
C ILE A 461 -8.22 -48.49 19.48
N ILE A 462 -7.23 -48.70 18.62
CA ILE A 462 -7.11 -48.00 17.36
C ILE A 462 -6.93 -49.03 16.25
N PHE A 463 -7.82 -49.00 15.26
CA PHE A 463 -7.69 -49.88 14.10
C PHE A 463 -6.47 -49.52 13.27
N ILE A 464 -5.86 -50.53 12.66
CA ILE A 464 -4.78 -50.35 11.70
C ILE A 464 -5.30 -50.90 10.38
N LEU A 465 -5.90 -50.05 9.59
CA LEU A 465 -6.60 -50.43 8.38
C LEU A 465 -5.66 -50.40 7.19
N PRO A 466 -6.00 -51.08 6.09
CA PRO A 466 -5.20 -50.94 4.86
C PRO A 466 -5.29 -49.56 4.25
N TYR A 467 -4.47 -49.34 3.23
CA TYR A 467 -4.36 -48.03 2.61
C TYR A 467 -5.48 -47.72 1.64
N GLU A 468 -6.39 -48.67 1.38
CA GLU A 468 -7.52 -48.40 0.49
C GLU A 468 -8.79 -48.10 1.25
N TYR A 469 -8.77 -48.11 2.57
CA TYR A 469 -9.86 -47.57 3.37
C TYR A 469 -9.69 -46.08 3.64
N PHE A 470 -8.54 -45.50 3.28
CA PHE A 470 -8.34 -44.06 3.37
C PHE A 470 -8.67 -43.36 2.07
N ILE A 471 -8.44 -44.02 0.93
CA ILE A 471 -8.71 -43.39 -0.36
C ILE A 471 -10.21 -43.28 -0.60
N ALA A 472 -10.96 -44.32 -0.22
CA ALA A 472 -12.41 -44.31 -0.42
C ALA A 472 -13.11 -43.34 0.51
N GLN A 473 -12.61 -43.17 1.74
CA GLN A 473 -13.31 -42.42 2.78
C GLN A 473 -12.73 -41.03 3.00
N HIS A 474 -12.10 -40.42 2.01
CA HIS A 474 -11.52 -39.10 2.23
C HIS A 474 -12.28 -37.98 1.54
N ALA A 475 -12.66 -38.15 0.27
CA ALA A 475 -13.37 -37.08 -0.41
C ALA A 475 -14.82 -36.96 0.04
N VAL A 476 -15.38 -37.99 0.67
CA VAL A 476 -16.75 -37.93 1.16
C VAL A 476 -16.80 -37.43 2.61
N VAL A 477 -15.81 -37.80 3.43
CA VAL A 477 -15.77 -37.31 4.80
C VAL A 477 -15.42 -35.82 4.84
N GLU A 478 -14.59 -35.36 3.89
CA GLU A 478 -14.27 -33.95 3.80
C GLU A 478 -15.47 -33.09 3.40
N LYS A 479 -16.48 -33.69 2.76
CA LYS A 479 -17.73 -32.98 2.51
C LYS A 479 -18.68 -33.05 3.69
N MET A 480 -18.44 -33.95 4.65
CA MET A 480 -19.21 -33.98 5.88
C MET A 480 -18.71 -32.97 6.90
N LEU A 481 -17.45 -32.55 6.80
CA LEU A 481 -16.85 -31.65 7.78
C LEU A 481 -16.89 -30.20 7.33
N ILE A 482 -17.60 -29.89 6.26
CA ILE A 482 -17.84 -28.51 5.86
C ILE A 482 -19.26 -28.17 6.25
N TYR A 483 -20.14 -29.18 6.25
CA TYR A 483 -21.46 -28.99 6.83
C TYR A 483 -21.38 -28.86 8.34
N ALA A 484 -20.43 -29.54 8.98
CA ALA A 484 -20.31 -29.44 10.43
C ALA A 484 -19.72 -28.12 10.87
N LYS A 485 -19.06 -27.39 9.97
CA LYS A 485 -18.52 -26.07 10.30
C LYS A 485 -19.53 -24.95 10.08
N HIS A 486 -20.79 -25.29 9.78
CA HIS A 486 -21.84 -24.30 9.62
C HIS A 486 -23.11 -24.69 10.35
N THR A 487 -23.09 -25.77 11.12
CA THR A 487 -24.26 -26.26 11.83
C THR A 487 -24.06 -26.03 13.33
N ARG A 488 -25.14 -25.67 14.02
CA ARG A 488 -25.05 -25.24 15.41
C ARG A 488 -24.81 -26.41 16.36
N GLU A 489 -25.23 -27.62 16.01
CA GLU A 489 -25.22 -28.72 16.96
C GLU A 489 -23.96 -29.56 16.93
N TYR A 490 -22.96 -29.21 16.13
CA TYR A 490 -21.75 -30.02 16.05
C TYR A 490 -20.59 -29.31 16.72
N ALA A 491 -19.47 -30.01 16.84
CA ALA A 491 -18.32 -29.51 17.57
C ALA A 491 -17.32 -28.77 16.69
N GLU A 492 -17.39 -28.95 15.38
CA GLU A 492 -16.48 -28.23 14.50
C GLU A 492 -16.88 -26.78 14.31
N PHE A 493 -18.10 -26.40 14.71
CA PHE A 493 -18.49 -24.99 14.69
C PHE A 493 -17.71 -24.20 15.75
N TYR A 494 -17.75 -24.67 17.00
CA TYR A 494 -17.07 -23.98 18.09
C TYR A 494 -15.64 -24.50 18.24
N SER A 495 -14.84 -24.29 17.20
CA SER A 495 -13.45 -24.76 17.19
C SER A 495 -12.55 -23.60 16.79
N GLN A 496 -12.07 -22.85 17.78
CA GLN A 496 -11.18 -21.73 17.55
C GLN A 496 -9.91 -21.90 18.37
N SER A 497 -9.10 -20.84 18.44
CA SER A 497 -7.90 -20.88 19.26
C SER A 497 -8.18 -20.53 20.71
N ASN A 498 -9.15 -19.65 20.95
CA ASN A 498 -9.50 -19.24 22.31
C ASN A 498 -10.27 -20.34 23.02
N GLN A 499 -10.46 -20.18 24.33
CA GLN A 499 -11.17 -21.16 25.13
C GLN A 499 -12.38 -20.58 25.86
N LEU A 500 -12.59 -19.27 25.82
CA LEU A 500 -13.81 -18.68 26.35
C LEU A 500 -14.87 -18.48 25.29
N LEU A 501 -14.48 -18.51 24.01
CA LEU A 501 -15.42 -18.40 22.91
C LEU A 501 -15.90 -19.76 22.43
N SER A 502 -15.07 -20.79 22.61
CA SER A 502 -15.46 -22.14 22.20
C SER A 502 -16.46 -22.74 23.18
N TYR A 503 -16.07 -22.87 24.44
CA TYR A 503 -16.89 -23.50 25.48
C TYR A 503 -17.67 -22.46 26.27
N GLY A 504 -18.11 -21.40 25.62
CA GLY A 504 -18.84 -20.35 26.29
C GLY A 504 -20.33 -20.39 26.01
N ASP A 505 -20.76 -21.30 25.15
CA ASP A 505 -22.17 -21.49 24.88
C ASP A 505 -22.85 -22.42 25.87
N VAL A 506 -22.10 -22.93 26.85
CA VAL A 506 -22.67 -23.76 27.89
C VAL A 506 -23.59 -22.93 28.78
N THR A 507 -23.16 -21.72 29.13
CA THR A 507 -23.83 -20.91 30.13
C THR A 507 -24.63 -19.76 29.54
N ARG A 508 -25.01 -19.82 28.26
CA ARG A 508 -25.81 -18.75 27.72
C ARG A 508 -27.30 -19.00 27.84
N PHE A 509 -27.70 -20.26 28.08
CA PHE A 509 -29.11 -20.60 28.28
C PHE A 509 -29.41 -20.92 29.73
N LEU A 510 -28.51 -20.60 30.64
CA LEU A 510 -28.66 -20.98 32.04
C LEU A 510 -29.55 -19.99 32.76
N SER A 511 -30.52 -20.52 33.49
CA SER A 511 -31.41 -19.71 34.31
C SER A 511 -31.93 -20.60 35.43
N ASN A 512 -32.96 -20.12 36.14
CA ASN A 512 -33.52 -20.86 37.26
C ASN A 512 -34.65 -21.78 36.86
N ASN A 513 -35.03 -21.82 35.58
CA ASN A 513 -36.05 -22.75 35.11
C ASN A 513 -35.51 -23.79 34.14
N SER A 514 -34.19 -23.90 34.00
CA SER A 514 -33.58 -24.81 33.04
C SER A 514 -32.56 -25.69 33.74
N MET A 515 -32.14 -26.74 33.04
CA MET A 515 -31.15 -27.67 33.55
C MET A 515 -30.33 -28.21 32.40
N VAL A 516 -29.09 -28.57 32.67
CA VAL A 516 -28.18 -29.11 31.68
C VAL A 516 -28.00 -30.59 31.96
N LEU A 517 -27.86 -31.38 30.90
CA LEU A 517 -27.93 -32.83 30.99
C LEU A 517 -26.71 -33.42 30.28
N TYR A 518 -25.61 -33.57 31.00
CA TYR A 518 -24.38 -34.15 30.46
C TYR A 518 -24.28 -35.59 30.94
N THR A 519 -24.19 -36.52 30.00
CA THR A 519 -24.16 -37.94 30.32
C THR A 519 -22.85 -38.55 29.87
N ASP A 520 -22.34 -39.49 30.65
CA ASP A 520 -21.04 -40.12 30.42
C ASP A 520 -21.30 -41.57 30.02
N VAL A 521 -21.38 -41.83 28.72
CA VAL A 521 -21.50 -43.20 28.23
C VAL A 521 -20.19 -43.92 28.47
N SER A 522 -20.27 -45.09 29.12
CA SER A 522 -19.06 -45.73 29.62
C SER A 522 -18.23 -46.33 28.49
N GLN A 523 -18.80 -47.30 27.77
CA GLN A 523 -18.13 -47.92 26.63
C GLN A 523 -18.86 -47.51 25.37
N TRP A 524 -18.42 -46.40 24.77
CA TRP A 524 -19.07 -45.91 23.56
C TRP A 524 -18.69 -46.75 22.35
N ASP A 525 -17.51 -47.36 22.37
CA ASP A 525 -16.98 -47.98 21.16
C ASP A 525 -17.71 -49.27 20.82
N SER A 526 -18.10 -50.05 21.82
CA SER A 526 -18.62 -51.39 21.58
C SER A 526 -20.05 -51.57 22.13
N SER A 527 -20.84 -50.51 22.16
CA SER A 527 -22.22 -50.65 22.60
C SER A 527 -23.07 -51.25 21.49
N GLN A 528 -24.27 -51.71 21.86
CA GLN A 528 -25.12 -52.40 20.88
C GLN A 528 -25.75 -51.45 19.89
N HIS A 529 -25.87 -50.17 20.21
CA HIS A 529 -26.43 -49.19 19.29
C HIS A 529 -25.46 -48.74 18.22
N ASN A 530 -24.32 -49.41 18.06
CA ASN A 530 -23.27 -48.98 17.16
C ASN A 530 -22.91 -50.03 16.11
N THR A 531 -23.30 -51.29 16.29
CA THR A 531 -22.85 -52.33 15.38
C THR A 531 -23.70 -52.44 14.11
N GLN A 532 -24.95 -52.89 14.22
CA GLN A 532 -25.85 -53.00 13.06
C GLN A 532 -26.61 -51.73 12.69
N PRO A 533 -27.28 -51.00 13.60
CA PRO A 533 -28.09 -49.87 13.12
C PRO A 533 -27.28 -48.65 12.71
N PHE A 534 -26.00 -48.57 13.06
CA PHE A 534 -25.19 -47.44 12.66
C PHE A 534 -24.59 -47.63 11.28
N ARG A 535 -24.17 -48.85 10.94
CA ARG A 535 -23.64 -49.10 9.61
C ARG A 535 -24.72 -49.23 8.56
N LYS A 536 -25.94 -49.59 8.95
CA LYS A 536 -27.06 -49.68 8.02
C LYS A 536 -27.84 -48.39 7.91
N GLY A 537 -27.48 -47.37 8.69
CA GLY A 537 -28.10 -46.07 8.55
C GLY A 537 -27.30 -45.21 7.62
N ILE A 538 -26.03 -45.54 7.46
CA ILE A 538 -25.18 -44.84 6.50
C ILE A 538 -25.36 -45.42 5.10
N ILE A 539 -25.45 -46.76 5.01
CA ILE A 539 -25.67 -47.45 3.74
C ILE A 539 -27.00 -47.06 3.13
N MET A 540 -28.04 -46.93 3.96
CA MET A 540 -29.34 -46.48 3.48
C MET A 540 -29.34 -45.01 3.08
N GLY A 541 -28.36 -44.23 3.52
CA GLY A 541 -28.30 -42.82 3.17
C GLY A 541 -27.51 -42.58 1.91
N LEU A 542 -26.71 -43.56 1.50
CA LEU A 542 -25.96 -43.48 0.26
C LEU A 542 -26.72 -44.10 -0.92
N ASP A 543 -27.90 -44.64 -0.68
CA ASP A 543 -28.76 -45.13 -1.75
C ASP A 543 -29.81 -44.12 -2.15
N MET A 544 -30.10 -43.15 -1.29
CA MET A 544 -30.89 -41.99 -1.69
C MET A 544 -30.05 -40.91 -2.34
N LEU A 545 -28.74 -41.07 -2.37
CA LEU A 545 -27.85 -40.16 -3.09
C LEU A 545 -27.33 -40.75 -4.39
N ALA A 546 -27.68 -41.98 -4.69
CA ALA A 546 -27.39 -42.56 -6.00
C ALA A 546 -28.52 -42.33 -6.98
N ASN A 547 -29.59 -41.67 -6.56
CA ASN A 547 -30.69 -41.29 -7.43
C ASN A 547 -30.80 -39.79 -7.59
N MET A 548 -29.91 -39.01 -6.98
CA MET A 548 -29.96 -37.57 -7.04
C MET A 548 -28.98 -36.99 -8.05
N THR A 549 -28.11 -37.80 -8.64
CA THR A 549 -27.07 -37.31 -9.52
C THR A 549 -27.18 -37.95 -10.90
N ASN A 550 -26.34 -37.47 -11.82
CA ASN A 550 -26.36 -37.94 -13.19
C ASN A 550 -24.97 -38.25 -13.76
N ASP A 551 -23.90 -37.94 -13.04
CA ASP A 551 -22.58 -38.32 -13.51
C ASP A 551 -22.32 -39.79 -13.23
N ALA A 552 -21.37 -40.35 -13.98
CA ALA A 552 -20.94 -41.73 -13.77
C ALA A 552 -19.82 -41.84 -12.74
N ARG A 553 -19.22 -40.71 -12.34
CA ARG A 553 -18.16 -40.71 -11.34
C ARG A 553 -18.72 -40.57 -9.92
N VAL A 554 -19.75 -39.74 -9.75
CA VAL A 554 -20.29 -39.49 -8.42
C VAL A 554 -21.10 -40.68 -7.92
N ILE A 555 -21.61 -41.51 -8.82
CA ILE A 555 -22.20 -42.78 -8.40
C ILE A 555 -21.11 -43.74 -7.96
N GLN A 556 -19.91 -43.63 -8.55
CA GLN A 556 -18.84 -44.58 -8.22
C GLN A 556 -18.20 -44.26 -6.87
N THR A 557 -17.94 -42.99 -6.57
CA THR A 557 -17.34 -42.65 -5.28
C THR A 557 -18.34 -42.74 -4.13
N LEU A 558 -19.63 -42.80 -4.42
CA LEU A 558 -20.63 -43.08 -3.40
C LEU A 558 -20.91 -44.56 -3.26
N ASN A 559 -20.44 -45.37 -4.20
CA ASN A 559 -20.53 -46.82 -4.09
C ASN A 559 -19.32 -47.41 -3.37
N LEU A 560 -18.15 -46.78 -3.51
CA LEU A 560 -16.98 -47.26 -2.80
C LEU A 560 -17.01 -46.89 -1.33
N TYR A 561 -17.56 -45.72 -0.98
CA TYR A 561 -17.74 -45.39 0.43
C TYR A 561 -18.80 -46.27 1.07
N LYS A 562 -19.75 -46.79 0.27
CA LYS A 562 -20.69 -47.77 0.76
C LYS A 562 -20.02 -49.12 0.96
N GLN A 563 -19.01 -49.43 0.16
CA GLN A 563 -18.34 -50.73 0.25
C GLN A 563 -17.47 -50.86 1.48
N THR A 564 -17.01 -49.76 2.08
CA THR A 564 -16.25 -49.86 3.32
C THR A 564 -17.13 -50.10 4.53
N GLN A 565 -18.45 -49.95 4.40
CA GLN A 565 -19.35 -50.19 5.51
C GLN A 565 -19.87 -51.62 5.54
N ILE A 566 -20.02 -52.27 4.39
CA ILE A 566 -20.45 -53.67 4.40
C ILE A 566 -19.31 -54.56 4.85
N ASN A 567 -18.07 -54.19 4.57
CA ASN A 567 -16.94 -55.02 4.98
C ASN A 567 -16.64 -54.86 6.46
N LEU A 568 -16.86 -53.69 7.03
CA LEU A 568 -16.71 -53.47 8.46
C LEU A 568 -17.94 -53.89 9.25
N MET A 569 -18.96 -54.44 8.61
CA MET A 569 -20.13 -54.94 9.32
C MET A 569 -19.79 -56.18 10.12
N ASP A 570 -18.90 -57.02 9.59
CA ASP A 570 -18.43 -58.24 10.25
C ASP A 570 -16.90 -58.24 10.20
N SER A 571 -16.29 -57.58 11.17
CA SER A 571 -14.84 -57.39 11.20
C SER A 571 -14.24 -58.20 12.33
N TYR A 572 -13.14 -58.88 12.04
CA TYR A 572 -12.38 -59.60 13.05
C TYR A 572 -11.16 -58.78 13.43
N VAL A 573 -10.76 -58.89 14.69
CA VAL A 573 -9.63 -58.15 15.20
C VAL A 573 -8.55 -59.16 15.60
N GLN A 574 -7.30 -58.71 15.60
CA GLN A 574 -6.15 -59.58 15.83
C GLN A 574 -5.36 -59.05 17.02
N ILE A 575 -5.29 -59.81 18.09
CA ILE A 575 -4.60 -59.42 19.31
C ILE A 575 -3.59 -60.51 19.65
N PRO A 576 -2.29 -60.19 19.74
CA PRO A 576 -1.30 -61.21 20.07
C PRO A 576 -1.07 -61.33 21.58
N ASP A 577 -0.93 -62.57 22.04
CA ASP A 577 -0.64 -62.82 23.44
C ASP A 577 0.12 -64.13 23.57
N GLY A 578 1.34 -64.05 24.10
CA GLY A 578 2.15 -65.25 24.30
C GLY A 578 2.61 -65.82 22.98
N ASN A 579 2.33 -67.10 22.78
CA ASN A 579 2.64 -67.77 21.52
C ASN A 579 1.48 -67.61 20.54
N VAL A 580 0.25 -67.73 21.03
CA VAL A 580 -0.92 -67.75 20.15
C VAL A 580 -1.26 -66.34 19.69
N ILE A 581 -2.06 -66.27 18.63
CA ILE A 581 -2.62 -65.02 18.12
C ILE A 581 -4.13 -65.20 18.09
N LYS A 582 -4.85 -64.36 18.81
CA LYS A 582 -6.29 -64.52 18.96
C LYS A 582 -7.03 -63.70 17.91
N LYS A 583 -8.08 -64.28 17.34
CA LYS A 583 -8.94 -63.61 16.38
C LYS A 583 -10.32 -63.47 17.02
N ILE A 584 -10.69 -62.25 17.37
CA ILE A 584 -11.93 -61.96 18.08
C ILE A 584 -12.87 -61.23 17.14
N GLN A 585 -14.13 -61.67 17.09
CA GLN A 585 -15.14 -60.97 16.30
C GLN A 585 -15.48 -59.64 16.95
N TYR A 586 -15.55 -58.59 16.14
CA TYR A 586 -15.76 -57.23 16.65
C TYR A 586 -16.44 -56.42 15.55
N GLY A 587 -17.77 -56.36 15.62
CA GLY A 587 -18.52 -55.65 14.61
C GLY A 587 -18.82 -54.21 14.92
N ALA A 588 -18.16 -53.64 15.93
CA ALA A 588 -18.47 -52.33 16.46
C ALA A 588 -17.57 -51.26 15.82
N VAL A 589 -17.58 -50.07 16.41
CA VAL A 589 -16.88 -48.90 15.90
C VAL A 589 -15.72 -48.58 16.83
N ALA A 590 -14.51 -48.59 16.28
CA ALA A 590 -13.34 -48.11 17.01
C ALA A 590 -12.79 -46.87 16.32
N SER A 591 -11.79 -46.26 16.97
CA SER A 591 -11.13 -45.10 16.39
C SER A 591 -10.09 -45.55 15.37
N GLY A 592 -9.31 -44.62 14.86
CA GLY A 592 -8.31 -44.96 13.86
C GLY A 592 -8.84 -45.09 12.45
N GLU A 593 -10.14 -44.95 12.24
CA GLU A 593 -10.72 -44.85 10.92
C GLU A 593 -10.67 -43.39 10.46
N LYS A 594 -11.15 -43.13 9.25
CA LYS A 594 -11.19 -41.75 8.77
C LYS A 594 -12.49 -41.07 9.12
N GLN A 595 -13.60 -41.78 9.08
CA GLN A 595 -14.91 -41.19 9.36
C GLN A 595 -15.22 -41.12 10.85
N THR A 596 -14.34 -41.59 11.73
CA THR A 596 -14.68 -41.75 13.13
C THR A 596 -14.78 -40.44 13.90
N LYS A 597 -14.43 -39.31 13.30
CA LYS A 597 -14.64 -38.02 13.92
C LYS A 597 -15.91 -37.33 13.45
N ALA A 598 -16.43 -37.69 12.28
CA ALA A 598 -17.60 -37.06 11.71
C ALA A 598 -18.81 -37.99 11.62
N ALA A 599 -18.61 -39.30 11.76
CA ALA A 599 -19.74 -40.23 11.81
C ALA A 599 -20.08 -40.66 13.22
N ASN A 600 -19.17 -40.48 14.18
CA ASN A 600 -19.54 -40.66 15.58
C ASN A 600 -20.37 -39.49 16.07
N SER A 601 -20.21 -38.31 15.47
CA SER A 601 -21.01 -37.16 15.84
C SER A 601 -22.42 -37.21 15.29
N ILE A 602 -22.66 -38.06 14.29
CA ILE A 602 -24.01 -38.24 13.77
C ILE A 602 -24.76 -39.24 14.63
N ALA A 603 -24.07 -40.28 15.11
CA ALA A 603 -24.71 -41.30 15.93
C ALA A 603 -25.06 -40.79 17.32
N ASN A 604 -24.45 -39.71 17.78
CA ASN A 604 -24.86 -39.09 19.04
C ASN A 604 -26.08 -38.21 18.87
N LEU A 605 -26.11 -37.38 17.83
CA LEU A 605 -27.23 -36.51 17.58
C LEU A 605 -28.48 -37.26 17.15
N ALA A 606 -28.37 -38.53 16.78
CA ALA A 606 -29.53 -39.35 16.51
C ALA A 606 -29.94 -40.18 17.71
N LEU A 607 -29.04 -40.40 18.66
CA LEU A 607 -29.36 -41.17 19.85
C LEU A 607 -29.87 -40.30 20.99
N ILE A 608 -29.31 -39.09 21.14
CA ILE A 608 -29.81 -38.18 22.16
C ILE A 608 -31.06 -37.44 21.70
N LYS A 609 -31.41 -37.51 20.42
CA LYS A 609 -32.71 -37.04 19.96
C LYS A 609 -33.81 -38.05 20.21
N THR A 610 -33.47 -39.33 20.31
CA THR A 610 -34.47 -40.36 20.59
C THR A 610 -34.75 -40.48 22.08
N VAL A 611 -33.75 -40.21 22.92
CA VAL A 611 -33.94 -40.28 24.37
C VAL A 611 -34.72 -39.08 24.86
N LEU A 612 -34.47 -37.89 24.32
CA LEU A 612 -35.22 -36.70 24.70
C LEU A 612 -36.65 -36.71 24.18
N SER A 613 -37.02 -37.65 23.30
CA SER A 613 -38.40 -37.81 22.90
C SER A 613 -39.14 -38.84 23.74
N ARG A 614 -38.42 -39.71 24.44
CA ARG A 614 -39.05 -40.65 25.36
C ARG A 614 -39.20 -40.07 26.76
N ILE A 615 -38.40 -39.07 27.12
CA ILE A 615 -38.50 -38.43 28.43
C ILE A 615 -39.59 -37.37 28.44
N SER A 616 -40.10 -36.98 27.27
CA SER A 616 -41.12 -35.95 27.18
C SER A 616 -42.52 -36.50 27.36
N ASN A 617 -42.66 -37.75 27.77
CA ASN A 617 -43.95 -38.28 28.18
C ASN A 617 -44.22 -38.06 29.65
N LYS A 618 -43.20 -37.70 30.42
CA LYS A 618 -43.34 -37.39 31.84
C LYS A 618 -43.20 -35.91 32.15
N TYR A 619 -42.50 -35.16 31.30
CA TYR A 619 -42.31 -33.73 31.51
C TYR A 619 -42.59 -32.99 30.20
N SER A 620 -42.62 -31.67 30.29
CA SER A 620 -42.91 -30.80 29.17
C SER A 620 -41.86 -29.70 29.12
N PHE A 621 -41.00 -29.74 28.12
CA PHE A 621 -39.88 -28.81 28.07
C PHE A 621 -39.71 -28.31 26.65
N ALA A 622 -38.58 -27.65 26.40
CA ALA A 622 -38.23 -27.15 25.07
C ALA A 622 -36.72 -27.16 24.98
N THR A 623 -36.17 -28.03 24.14
CA THR A 623 -34.73 -28.24 24.09
C THR A 623 -34.04 -27.04 23.47
N LYS A 624 -33.20 -26.36 24.26
CA LYS A 624 -32.56 -25.14 23.77
C LYS A 624 -31.38 -25.45 22.86
N ILE A 625 -30.41 -26.23 23.34
CA ILE A 625 -29.27 -26.59 22.51
C ILE A 625 -28.91 -28.04 22.77
N ILE A 626 -28.42 -28.70 21.72
CA ILE A 626 -27.72 -29.98 21.81
C ILE A 626 -26.37 -29.79 21.13
N ARG A 627 -25.31 -30.27 21.75
CA ARG A 627 -23.98 -30.10 21.18
C ARG A 627 -23.18 -31.37 21.43
N VAL A 628 -22.69 -31.99 20.37
CA VAL A 628 -22.00 -33.27 20.46
C VAL A 628 -20.56 -33.11 20.01
N ASP A 629 -19.65 -33.77 20.73
CA ASP A 629 -18.22 -33.78 20.41
C ASP A 629 -17.76 -35.22 20.64
N GLY A 630 -17.80 -36.04 19.60
CA GLY A 630 -17.45 -37.43 19.75
C GLY A 630 -18.47 -38.19 20.58
N ASP A 631 -18.12 -38.50 21.82
CA ASP A 631 -19.02 -39.19 22.73
C ASP A 631 -19.21 -38.46 24.05
N ASP A 632 -18.92 -37.17 24.11
CA ASP A 632 -19.23 -36.35 25.27
C ASP A 632 -20.03 -35.14 24.82
N ASN A 633 -21.21 -34.96 25.41
CA ASN A 633 -22.21 -34.02 24.92
C ASN A 633 -22.94 -33.38 26.09
N TYR A 634 -23.85 -32.46 25.77
CA TYR A 634 -24.76 -31.91 26.75
C TYR A 634 -26.02 -31.43 26.04
N ALA A 635 -27.07 -31.18 26.81
CA ALA A 635 -28.33 -30.70 26.27
C ALA A 635 -29.03 -29.87 27.33
N VAL A 636 -29.50 -28.69 26.95
CA VAL A 636 -30.08 -27.73 27.89
C VAL A 636 -31.59 -27.72 27.70
N LEU A 637 -32.32 -28.23 28.68
CA LEU A 637 -33.77 -28.32 28.63
C LEU A 637 -34.37 -27.17 29.43
N GLN A 638 -35.34 -26.47 28.85
CA GLN A 638 -35.99 -25.34 29.51
C GLN A 638 -37.42 -25.74 29.89
N PHE A 639 -37.74 -25.62 31.17
CA PHE A 639 -39.01 -26.10 31.71
C PHE A 639 -40.00 -24.96 31.86
N ASN A 640 -41.24 -25.33 32.18
CA ASN A 640 -42.30 -24.34 32.37
C ASN A 640 -42.24 -23.73 33.76
N THR A 641 -42.45 -24.56 34.78
CA THR A 641 -42.32 -24.08 36.15
C THR A 641 -40.85 -24.05 36.55
N GLU A 642 -40.59 -23.56 37.75
CA GLU A 642 -39.22 -23.46 38.24
C GLU A 642 -38.68 -24.84 38.55
N VAL A 643 -37.37 -25.01 38.35
CA VAL A 643 -36.73 -26.29 38.61
C VAL A 643 -36.61 -26.49 40.12
N THR A 644 -37.07 -27.64 40.59
CA THR A 644 -37.00 -27.99 42.00
C THR A 644 -36.02 -29.15 42.20
N LYS A 645 -35.97 -29.65 43.44
CA LYS A 645 -35.13 -30.79 43.76
C LYS A 645 -35.75 -32.12 43.35
N GLN A 646 -37.04 -32.14 43.06
CA GLN A 646 -37.71 -33.35 42.62
C GLN A 646 -37.68 -33.54 41.12
N MET A 647 -37.63 -32.45 40.36
CA MET A 647 -37.52 -32.53 38.91
C MET A 647 -36.09 -32.79 38.44
N VAL A 648 -35.12 -32.77 39.35
CA VAL A 648 -33.75 -33.11 39.01
C VAL A 648 -33.47 -34.58 39.33
N GLN A 649 -34.04 -35.10 40.40
CA GLN A 649 -33.85 -36.51 40.73
C GLN A 649 -34.67 -37.42 39.84
N ASP A 650 -35.80 -36.95 39.30
CA ASP A 650 -36.66 -37.79 38.48
C ASP A 650 -36.44 -37.63 36.99
N VAL A 651 -35.65 -36.65 36.56
CA VAL A 651 -35.20 -36.63 35.17
C VAL A 651 -33.97 -37.51 35.01
N SER A 652 -33.08 -37.50 36.02
CA SER A 652 -31.90 -38.34 36.00
C SER A 652 -32.24 -39.82 36.10
N ASN A 653 -33.38 -40.17 36.68
CA ASN A 653 -33.82 -41.55 36.70
C ASN A 653 -34.61 -41.93 35.46
N ASP A 654 -34.85 -40.99 34.55
CA ASP A 654 -35.49 -41.27 33.28
C ASP A 654 -34.54 -41.11 32.10
N VAL A 655 -33.28 -40.80 32.35
CA VAL A 655 -32.24 -40.83 31.33
C VAL A 655 -31.46 -42.13 31.38
N ARG A 656 -31.10 -42.59 32.57
CA ARG A 656 -30.39 -43.86 32.72
C ARG A 656 -31.35 -45.05 32.77
N GLU A 657 -32.63 -44.84 32.53
CA GLU A 657 -33.58 -45.93 32.33
C GLU A 657 -34.16 -45.97 30.94
N THR A 658 -34.06 -44.90 30.17
CA THR A 658 -34.40 -44.86 28.76
C THR A 658 -33.21 -45.30 27.89
N TYR A 659 -32.00 -44.88 28.28
CA TYR A 659 -30.78 -45.37 27.64
C TYR A 659 -30.63 -46.86 27.85
N ALA A 660 -30.96 -47.36 29.03
CA ALA A 660 -30.81 -48.77 29.34
C ALA A 660 -31.85 -49.65 28.66
N ARG A 661 -32.92 -49.06 28.11
CA ARG A 661 -33.84 -49.82 27.27
C ARG A 661 -33.25 -50.07 25.89
N MET A 662 -32.25 -49.30 25.50
CA MET A 662 -31.57 -49.44 24.22
C MET A 662 -30.22 -50.14 24.37
N ASN A 663 -29.96 -50.72 25.55
CA ASN A 663 -28.72 -51.42 25.91
C ASN A 663 -27.49 -50.53 25.76
N THR A 664 -27.57 -49.32 26.31
CA THR A 664 -26.44 -48.40 26.41
C THR A 664 -26.42 -47.89 27.85
N LYS A 665 -25.71 -48.60 28.73
CA LYS A 665 -25.70 -48.17 30.13
C LYS A 665 -24.86 -46.91 30.31
N VAL A 666 -25.40 -45.96 31.06
CA VAL A 666 -24.83 -44.62 31.19
C VAL A 666 -24.81 -44.23 32.66
N LYS A 667 -24.03 -43.20 32.96
CA LYS A 667 -24.08 -42.53 34.26
C LYS A 667 -24.77 -41.19 34.01
N ALA A 668 -26.08 -41.17 34.25
CA ALA A 668 -26.86 -39.97 33.97
C ALA A 668 -26.60 -38.91 35.03
N LEU A 669 -26.17 -37.73 34.61
CA LEU A 669 -25.89 -36.62 35.49
C LEU A 669 -26.66 -35.42 34.98
N VAL A 670 -27.40 -34.76 35.87
CA VAL A 670 -28.08 -33.52 35.54
C VAL A 670 -27.66 -32.46 36.54
N SER A 671 -27.54 -31.22 36.07
CA SER A 671 -27.06 -30.13 36.91
C SER A 671 -27.75 -28.85 36.47
N THR A 672 -27.62 -27.82 37.30
CA THR A 672 -28.28 -26.56 37.03
C THR A 672 -27.28 -25.42 36.83
N VAL A 673 -26.02 -25.57 37.23
CA VAL A 673 -25.04 -24.50 37.15
C VAL A 673 -23.83 -24.86 36.28
N GLY A 674 -23.30 -26.07 36.39
CA GLY A 674 -22.03 -26.37 35.77
C GLY A 674 -22.00 -27.79 35.24
N ILE A 675 -21.17 -28.00 34.21
CA ILE A 675 -21.06 -29.27 33.54
C ILE A 675 -19.58 -29.64 33.43
N GLU A 676 -19.33 -30.79 32.80
CA GLU A 676 -18.02 -31.17 32.31
C GLU A 676 -18.19 -31.37 30.80
N ILE A 677 -17.83 -30.34 30.04
CA ILE A 677 -17.63 -30.47 28.60
C ILE A 677 -16.21 -31.00 28.45
N ALA A 678 -15.80 -31.37 27.24
CA ALA A 678 -14.67 -32.28 27.02
C ALA A 678 -13.35 -31.75 27.58
N LYS A 679 -12.94 -32.34 28.71
CA LYS A 679 -11.75 -32.01 29.51
C LYS A 679 -11.72 -30.57 30.03
N ARG A 680 -12.85 -29.86 30.04
CA ARG A 680 -12.95 -28.52 30.59
C ARG A 680 -14.06 -28.48 31.63
N TYR A 681 -13.82 -27.79 32.73
CA TYR A 681 -14.73 -27.84 33.87
C TYR A 681 -15.24 -26.42 34.16
N ILE A 682 -16.48 -26.14 33.79
CA ILE A 682 -17.07 -24.82 33.92
C ILE A 682 -17.85 -24.82 35.23
N ALA A 683 -17.24 -24.31 36.30
CA ALA A 683 -17.80 -24.39 37.63
C ALA A 683 -18.03 -22.99 38.19
N GLY A 684 -19.28 -22.58 38.31
CA GLY A 684 -19.61 -21.35 38.98
C GLY A 684 -19.28 -20.09 38.22
N GLY A 685 -19.30 -20.13 36.90
CA GLY A 685 -18.97 -18.99 36.08
C GLY A 685 -17.54 -18.94 35.61
N LYS A 686 -16.63 -19.63 36.27
CA LYS A 686 -15.24 -19.72 35.87
C LYS A 686 -14.99 -21.05 35.19
N ILE A 687 -13.94 -21.10 34.38
CA ILE A 687 -13.59 -22.27 33.60
C ILE A 687 -12.26 -22.83 34.08
N PHE A 688 -12.25 -24.12 34.42
CA PHE A 688 -11.08 -24.78 34.99
C PHE A 688 -10.64 -25.91 34.09
N PHE A 689 -9.34 -25.96 33.79
CA PHE A 689 -8.76 -27.00 32.95
C PHE A 689 -8.09 -28.06 33.82
N ARG A 690 -7.69 -29.15 33.18
CA ARG A 690 -6.83 -30.12 33.82
C ARG A 690 -5.37 -29.79 33.52
N ALA A 691 -4.50 -30.10 34.46
CA ALA A 691 -3.08 -29.79 34.34
C ALA A 691 -2.24 -31.04 34.38
N GLY A 692 -2.77 -32.15 33.89
CA GLY A 692 -2.01 -33.38 33.88
C GLY A 692 -1.32 -33.60 32.57
N ILE A 693 -0.06 -33.18 32.51
CA ILE A 693 0.84 -33.49 31.41
C ILE A 693 2.12 -34.02 32.03
N ASN A 694 2.45 -35.27 31.74
CA ASN A 694 3.62 -35.89 32.36
C ASN A 694 4.89 -35.35 31.71
N LEU A 695 5.72 -34.69 32.52
CA LEU A 695 6.95 -34.10 31.99
C LEU A 695 8.03 -35.15 31.80
N LEU A 696 8.38 -35.87 32.86
CA LEU A 696 9.51 -36.78 32.86
C LEU A 696 9.14 -38.20 32.46
N ASN A 697 7.94 -38.40 31.92
CA ASN A 697 7.55 -39.69 31.37
C ASN A 697 6.86 -39.47 30.04
N ASN A 698 6.75 -40.54 29.25
CA ASN A 698 6.02 -40.49 28.01
C ASN A 698 5.33 -41.83 27.80
N GLU A 699 4.29 -41.82 26.97
CA GLU A 699 3.50 -43.02 26.76
C GLU A 699 3.95 -43.82 25.55
N LYS A 700 4.56 -43.18 24.56
CA LYS A 700 5.15 -43.88 23.42
C LYS A 700 6.59 -43.42 23.26
N LYS A 701 7.43 -44.33 22.77
CA LYS A 701 8.82 -44.00 22.47
C LYS A 701 8.86 -43.11 21.25
N GLY A 702 9.09 -41.82 21.48
CA GLY A 702 9.10 -40.87 20.39
C GLY A 702 10.31 -40.99 19.50
N GLN A 703 10.17 -40.49 18.28
CA GLN A 703 11.24 -40.54 17.28
C GLN A 703 11.99 -39.22 17.16
N SER A 704 12.20 -38.54 18.28
CA SER A 704 12.90 -37.27 18.29
C SER A 704 14.32 -37.46 18.81
N THR A 705 15.09 -36.38 18.80
CA THR A 705 16.43 -36.37 19.39
C THR A 705 16.35 -35.87 20.82
N GLN A 706 17.50 -35.54 21.42
CA GLN A 706 17.46 -34.87 22.72
C GLN A 706 17.22 -33.38 22.59
N TRP A 707 17.66 -32.77 21.50
CA TRP A 707 17.48 -31.33 21.32
C TRP A 707 16.03 -30.99 21.10
N ASP A 708 15.28 -31.86 20.42
CA ASP A 708 13.86 -31.61 20.21
C ASP A 708 13.04 -31.95 21.44
N GLN A 709 13.46 -32.93 22.22
CA GLN A 709 12.75 -33.28 23.45
C GLN A 709 13.13 -32.38 24.62
N ALA A 710 14.04 -31.44 24.43
CA ALA A 710 14.29 -30.40 25.42
C ALA A 710 13.42 -29.18 25.18
N ALA A 711 12.72 -29.12 24.06
CA ALA A 711 11.70 -28.11 23.81
C ALA A 711 10.29 -28.62 24.05
N VAL A 712 10.09 -29.94 23.97
CA VAL A 712 8.84 -30.54 24.39
C VAL A 712 8.73 -30.50 25.91
N LEU A 713 9.86 -30.70 26.60
CA LEU A 713 9.88 -30.63 28.06
C LEU A 713 9.64 -29.21 28.57
N TYR A 714 10.11 -28.20 27.83
CA TYR A 714 9.82 -26.84 28.25
C TYR A 714 8.38 -26.46 27.92
N SER A 715 7.88 -26.84 26.75
CA SER A 715 6.53 -26.48 26.37
C SER A 715 5.45 -27.27 27.10
N ASN A 716 5.82 -28.36 27.78
CA ASN A 716 4.91 -29.00 28.72
C ASN A 716 4.99 -28.37 30.10
N TYR A 717 5.92 -27.46 30.32
CA TYR A 717 5.98 -26.72 31.58
C TYR A 717 5.18 -25.42 31.50
N ILE A 718 5.15 -24.78 30.32
CA ILE A 718 4.34 -23.58 30.15
C ILE A 718 2.86 -23.92 30.16
N VAL A 719 2.50 -25.09 29.61
CA VAL A 719 1.10 -25.52 29.59
C VAL A 719 0.63 -25.85 31.00
N ASN A 720 1.44 -26.55 31.79
CA ASN A 720 1.06 -26.86 33.15
C ASN A 720 1.12 -25.66 34.08
N ARG A 721 1.89 -24.63 33.73
CA ARG A 721 1.94 -23.44 34.58
C ARG A 721 0.71 -22.57 34.39
N LEU A 722 0.14 -22.54 33.20
CA LEU A 722 -1.07 -21.77 32.94
C LEU A 722 -2.33 -22.43 33.46
N ARG A 723 -2.25 -23.67 33.94
CA ARG A 723 -3.42 -24.41 34.38
C ARG A 723 -3.37 -24.80 35.84
N GLY A 724 -2.36 -24.37 36.59
CA GLY A 724 -2.36 -24.52 38.03
C GLY A 724 -1.40 -25.52 38.62
N PHE A 725 -0.52 -26.12 37.83
CA PHE A 725 0.49 -27.05 38.33
C PHE A 725 1.85 -26.42 38.10
N GLU A 726 2.34 -25.66 39.07
CA GLU A 726 3.55 -24.86 38.92
C GLU A 726 4.76 -25.68 39.34
N THR A 727 5.53 -26.15 38.37
CA THR A 727 6.83 -26.75 38.63
C THR A 727 7.87 -25.63 38.73
N ASP A 728 8.97 -25.91 39.42
CA ASP A 728 10.05 -24.93 39.55
C ASP A 728 10.68 -24.66 38.19
N ARG A 729 11.08 -23.40 37.98
CA ARG A 729 11.78 -23.08 36.75
C ARG A 729 13.20 -23.58 36.77
N GLU A 730 13.86 -23.49 37.93
CA GLU A 730 15.27 -23.87 38.02
C GLU A 730 15.49 -25.37 37.94
N PHE A 731 14.45 -26.18 38.20
CA PHE A 731 14.55 -27.60 37.87
C PHE A 731 14.40 -27.83 36.38
N ILE A 732 13.60 -27.00 35.70
CA ILE A 732 13.43 -27.15 34.26
C ILE A 732 14.67 -26.68 33.53
N LEU A 733 15.23 -25.53 33.93
CA LEU A 733 16.46 -25.02 33.33
C LEU A 733 17.66 -25.91 33.60
N THR A 734 17.63 -26.69 34.68
CA THR A 734 18.66 -27.71 34.87
C THR A 734 18.44 -28.88 33.91
N LYS A 735 17.18 -29.21 33.60
CA LYS A 735 16.91 -30.30 32.68
C LYS A 735 17.18 -29.94 31.23
N ILE A 736 17.18 -28.64 30.90
CA ILE A 736 17.56 -28.24 29.56
C ILE A 736 19.08 -28.22 29.43
N MET A 737 19.79 -28.04 30.54
CA MET A 737 21.25 -28.12 30.54
C MET A 737 21.73 -29.54 30.27
N GLN A 738 21.07 -30.53 30.86
CA GLN A 738 21.48 -31.91 30.73
C GLN A 738 20.97 -32.59 29.46
N MET A 739 20.18 -31.90 28.65
CA MET A 739 19.64 -32.48 27.43
C MET A 739 20.12 -31.81 26.17
N THR A 740 20.46 -30.53 26.22
CA THR A 740 20.94 -29.84 25.03
C THR A 740 22.44 -30.00 24.81
N SER A 741 23.18 -30.44 25.82
CA SER A 741 24.63 -30.62 25.67
C SER A 741 24.93 -31.87 24.85
N VAL A 742 26.01 -31.79 24.06
CA VAL A 742 26.39 -32.86 23.15
C VAL A 742 27.92 -32.96 23.12
N ALA A 743 28.44 -34.17 23.28
CA ALA A 743 29.88 -34.41 23.35
C ALA A 743 30.38 -35.07 22.08
N ILE A 744 31.61 -34.74 21.69
CA ILE A 744 32.28 -35.43 20.60
C ILE A 744 33.31 -36.43 21.08
N THR A 745 33.80 -36.28 22.31
CA THR A 745 34.76 -37.21 22.90
C THR A 745 34.29 -37.52 24.33
N GLY A 746 34.80 -38.60 24.89
CA GLY A 746 34.44 -39.00 26.24
C GLY A 746 34.95 -38.10 27.33
N SER A 747 35.89 -37.20 27.03
CA SER A 747 36.41 -36.28 28.03
C SER A 747 35.96 -34.85 27.82
N LEU A 748 35.53 -34.48 26.62
CA LEU A 748 35.12 -33.13 26.30
C LEU A 748 33.60 -33.03 26.30
N ARG A 749 33.07 -31.89 26.76
CA ARG A 749 31.63 -31.62 26.74
C ARG A 749 31.42 -30.20 26.25
N LEU A 750 30.32 -29.98 25.54
CA LEU A 750 29.95 -28.65 25.09
C LEU A 750 28.56 -28.31 25.61
N PHE A 751 28.46 -27.22 26.34
CA PHE A 751 27.18 -26.74 26.88
C PHE A 751 26.84 -25.41 26.24
N PRO A 752 25.80 -25.33 25.42
CA PRO A 752 25.46 -24.06 24.77
C PRO A 752 24.89 -23.07 25.77
N SER A 753 25.05 -21.79 25.44
CA SER A 753 24.69 -20.72 26.37
C SER A 753 23.24 -20.30 26.17
N GLU A 754 22.88 -19.16 26.77
CA GLU A 754 21.51 -18.67 26.67
C GLU A 754 21.20 -18.13 25.28
N ARG A 755 22.16 -17.43 24.67
CA ARG A 755 21.90 -16.78 23.39
C ARG A 755 21.82 -17.76 22.23
N VAL A 756 22.24 -19.00 22.40
CA VAL A 756 22.04 -20.01 21.37
C VAL A 756 20.62 -20.57 21.44
N LEU A 757 20.14 -20.81 22.65
CA LEU A 757 18.85 -21.48 22.83
C LEU A 757 17.66 -20.53 22.76
N THR A 758 17.84 -19.27 23.13
CA THR A 758 16.73 -18.34 23.25
C THR A 758 16.47 -17.54 21.97
N THR A 759 17.44 -17.44 21.07
CA THR A 759 17.29 -16.59 19.90
C THR A 759 16.28 -17.18 18.92
N ASN A 760 15.68 -16.31 18.12
CA ASN A 760 14.57 -16.66 17.23
C ASN A 760 15.15 -17.31 15.97
N SER A 761 15.30 -18.63 16.01
CA SER A 761 15.90 -19.34 14.90
C SER A 761 15.29 -20.74 14.84
N THR A 762 15.97 -21.64 14.12
CA THR A 762 15.54 -23.03 14.08
C THR A 762 15.80 -23.72 15.41
N PHE A 763 16.83 -23.28 16.13
CA PHE A 763 17.33 -23.96 17.33
C PHE A 763 16.74 -23.40 18.61
N LYS A 764 15.53 -22.81 18.56
CA LYS A 764 14.95 -22.24 19.77
C LYS A 764 14.44 -23.35 20.67
N VAL A 765 14.70 -23.20 21.97
CA VAL A 765 14.28 -24.17 22.98
C VAL A 765 13.35 -23.54 24.01
N PHE A 766 13.78 -22.42 24.61
CA PHE A 766 12.98 -21.74 25.62
C PHE A 766 13.12 -20.24 25.44
N ASP A 767 12.32 -19.49 26.20
CA ASP A 767 12.35 -18.04 26.18
C ASP A 767 12.84 -17.50 27.51
N SER A 768 13.28 -16.24 27.49
CA SER A 768 13.86 -15.63 28.69
C SER A 768 12.81 -15.39 29.76
N GLU A 769 11.81 -14.56 29.46
CA GLU A 769 10.59 -14.53 30.24
C GLU A 769 9.63 -15.55 29.65
N ASP A 770 8.70 -16.02 30.48
CA ASP A 770 8.00 -17.27 30.18
C ASP A 770 6.99 -17.11 29.06
N PHE A 771 6.00 -16.24 29.24
CA PHE A 771 4.89 -16.13 28.31
C PHE A 771 5.11 -15.07 27.24
N ILE A 772 6.34 -14.59 27.08
CA ILE A 772 6.67 -13.51 26.17
C ILE A 772 7.58 -14.04 25.09
N ILE A 773 7.19 -13.83 23.83
CA ILE A 773 8.01 -14.15 22.68
C ILE A 773 8.69 -12.86 22.25
N GLU A 774 10.01 -12.79 22.46
CA GLU A 774 10.77 -11.57 22.25
C GLU A 774 11.59 -11.68 20.97
N TYR A 775 11.61 -10.59 20.20
CA TYR A 775 12.44 -10.46 19.01
C TYR A 775 13.55 -9.48 19.33
N GLY A 776 14.78 -9.99 19.43
CA GLY A 776 15.88 -9.17 19.89
C GLY A 776 16.40 -8.22 18.82
N THR A 777 16.82 -7.04 19.27
CA THR A 777 17.34 -6.00 18.38
C THR A 777 18.66 -5.48 18.95
N THR A 778 19.75 -6.17 18.60
CA THR A 778 21.08 -5.77 18.96
C THR A 778 21.99 -6.14 17.80
N ASP A 779 23.12 -5.44 17.67
CA ASP A 779 23.98 -5.63 16.51
C ASP A 779 24.70 -6.97 16.53
N ASP A 780 24.79 -7.62 17.68
CA ASP A 780 25.33 -8.98 17.75
C ASP A 780 24.24 -10.04 17.87
N GLU A 781 22.98 -9.65 18.00
CA GLU A 781 21.88 -10.60 18.08
C GLU A 781 21.27 -10.90 16.72
N VAL A 782 21.33 -9.93 15.80
CA VAL A 782 20.98 -10.21 14.42
C VAL A 782 22.16 -10.85 13.69
N TYR A 783 23.36 -10.67 14.22
CA TYR A 783 24.55 -11.28 13.63
C TYR A 783 24.56 -12.79 13.80
N ILE A 784 24.00 -13.29 14.90
CA ILE A 784 23.95 -14.73 15.13
C ILE A 784 22.71 -15.36 14.48
N GLN A 785 21.60 -14.63 14.39
CA GLN A 785 20.40 -15.17 13.74
C GLN A 785 20.62 -15.35 12.24
N ARG A 786 21.42 -14.49 11.62
CA ARG A 786 21.83 -14.74 10.24
C ARG A 786 22.88 -15.85 10.16
N ALA A 787 23.61 -16.10 11.24
CA ALA A 787 24.59 -17.18 11.24
C ALA A 787 23.95 -18.56 11.34
N PHE A 788 22.69 -18.64 11.78
CA PHE A 788 21.96 -19.90 11.78
C PHE A 788 21.15 -20.11 10.51
N MET A 789 21.32 -19.23 9.52
CA MET A 789 20.60 -19.35 8.26
C MET A 789 21.31 -20.23 7.24
N SER A 790 22.61 -20.50 7.44
CA SER A 790 23.32 -21.37 6.50
C SER A 790 22.91 -22.81 6.68
N LEU A 791 22.96 -23.32 7.90
CA LEU A 791 22.67 -24.72 8.19
C LEU A 791 21.23 -24.95 8.63
N SER A 792 20.30 -24.11 8.18
CA SER A 792 18.90 -24.38 8.40
C SER A 792 18.36 -25.44 7.45
N SER A 793 19.02 -25.63 6.30
CA SER A 793 18.62 -26.64 5.32
C SER A 793 19.79 -27.57 5.07
N GLN A 794 19.64 -28.82 5.46
CA GLN A 794 20.63 -29.86 5.22
C GLN A 794 20.02 -30.93 4.31
N LYS A 795 20.88 -31.78 3.76
CA LYS A 795 20.45 -32.85 2.88
C LYS A 795 20.55 -34.19 3.62
N SER A 796 19.73 -35.14 3.18
CA SER A 796 19.66 -36.46 3.78
C SER A 796 20.04 -37.50 2.75
N GLY A 797 20.91 -38.44 3.13
CA GLY A 797 21.37 -39.46 2.22
C GLY A 797 20.37 -40.56 1.92
N ILE A 798 19.30 -40.66 2.70
CA ILE A 798 18.30 -41.69 2.42
C ILE A 798 17.29 -41.19 1.38
N ALA A 799 16.83 -39.95 1.53
CA ALA A 799 15.79 -39.43 0.64
C ALA A 799 16.31 -39.13 -0.76
N ASP A 800 17.62 -38.93 -0.92
CA ASP A 800 18.18 -38.69 -2.25
C ASP A 800 18.45 -39.99 -3.00
N GLU A 801 18.48 -41.12 -2.30
CA GLU A 801 18.58 -42.42 -2.96
C GLU A 801 17.22 -43.01 -3.29
N ILE A 802 16.19 -42.66 -2.51
CA ILE A 802 14.83 -43.07 -2.85
C ILE A 802 14.32 -42.28 -4.04
N ALA A 803 14.61 -40.98 -4.09
CA ALA A 803 14.12 -40.11 -5.16
C ALA A 803 14.79 -40.37 -6.50
N ALA A 804 15.89 -41.12 -6.54
CA ALA A 804 16.50 -41.52 -7.79
C ALA A 804 16.14 -42.94 -8.21
N SER A 805 15.40 -43.67 -7.38
CA SER A 805 15.05 -45.04 -7.68
C SER A 805 13.98 -45.10 -8.76
N SER A 806 13.73 -46.30 -9.26
CA SER A 806 12.79 -46.47 -10.35
C SER A 806 11.34 -46.43 -9.88
N THR A 807 11.07 -46.91 -8.67
CA THR A 807 9.70 -46.96 -8.18
C THR A 807 9.21 -45.63 -7.63
N PHE A 808 10.09 -44.66 -7.43
CA PHE A 808 9.63 -43.31 -7.11
C PHE A 808 9.26 -42.54 -8.38
N LYS A 809 10.02 -42.76 -9.46
CA LYS A 809 9.68 -42.12 -10.73
C LYS A 809 8.43 -42.72 -11.33
N ASN A 810 8.12 -43.98 -11.02
CA ASN A 810 6.88 -44.58 -11.48
C ASN A 810 5.68 -44.05 -10.72
N TYR A 811 5.89 -43.62 -9.47
CA TYR A 811 4.81 -43.04 -8.68
C TYR A 811 4.54 -41.59 -9.07
N VAL A 812 5.58 -40.85 -9.43
CA VAL A 812 5.39 -39.46 -9.88
C VAL A 812 4.75 -39.43 -11.26
N SER A 813 5.10 -40.39 -12.13
CA SER A 813 4.59 -40.40 -13.50
C SER A 813 3.10 -40.74 -13.53
N ARG A 814 2.64 -41.63 -12.65
CA ARG A 814 1.23 -41.98 -12.65
C ARG A 814 0.37 -41.03 -11.84
N LEU A 815 0.97 -40.04 -11.16
CA LEU A 815 0.19 -38.96 -10.59
C LEU A 815 -0.02 -37.82 -11.58
N SER A 816 0.94 -37.61 -12.49
CA SER A 816 0.77 -36.58 -13.52
C SER A 816 -0.22 -36.99 -14.58
N GLU A 817 -0.51 -38.30 -14.72
CA GLU A 817 -1.52 -38.74 -15.67
C GLU A 817 -2.92 -38.38 -15.18
N GLN A 818 -3.21 -38.61 -13.90
CA GLN A 818 -4.52 -38.34 -13.36
C GLN A 818 -4.74 -36.87 -13.04
N LEU A 819 -3.67 -36.11 -12.79
CA LEU A 819 -3.83 -34.72 -12.39
C LEU A 819 -4.21 -33.84 -13.58
N LEU A 820 -3.71 -34.16 -14.77
CA LEU A 820 -4.06 -33.41 -15.97
C LEU A 820 -3.87 -34.32 -17.18
N PHE A 821 -4.69 -34.09 -18.20
CA PHE A 821 -4.65 -34.96 -19.38
C PHE A 821 -3.46 -34.66 -20.27
N SER A 822 -2.93 -33.44 -20.22
CA SER A 822 -1.78 -33.07 -21.03
C SER A 822 -0.49 -33.47 -20.30
N LYS A 823 0.64 -33.23 -20.97
CA LYS A 823 1.95 -33.39 -20.36
C LYS A 823 2.72 -32.08 -20.49
N ASN A 824 3.17 -31.54 -19.37
CA ASN A 824 4.03 -30.36 -19.35
C ASN A 824 5.25 -30.66 -18.50
N ASN A 825 6.40 -30.11 -18.91
CA ASN A 825 7.60 -30.31 -18.13
C ASN A 825 7.62 -29.47 -16.87
N ILE A 826 6.83 -28.40 -16.81
CA ILE A 826 6.82 -27.52 -15.64
C ILE A 826 6.08 -28.18 -14.49
N VAL A 827 4.93 -28.81 -14.78
CA VAL A 827 4.12 -29.40 -13.71
C VAL A 827 4.77 -30.68 -13.18
N SER A 828 5.51 -31.42 -14.01
CA SER A 828 6.05 -32.71 -13.58
C SER A 828 7.24 -32.55 -12.66
N ARG A 829 8.11 -31.54 -12.88
CA ARG A 829 9.10 -31.21 -11.87
C ARG A 829 8.47 -30.54 -10.66
N GLY A 830 7.33 -29.87 -10.86
CA GLY A 830 6.58 -29.32 -9.75
C GLY A 830 5.89 -30.37 -8.91
N ILE A 831 5.64 -31.55 -9.47
CA ILE A 831 5.11 -32.67 -8.71
C ILE A 831 6.22 -33.47 -8.06
N ALA A 832 7.28 -33.77 -8.83
CA ALA A 832 8.37 -34.63 -8.36
C ALA A 832 9.16 -34.03 -7.19
N LEU A 833 9.14 -32.71 -7.06
CA LEU A 833 9.76 -32.04 -5.92
C LEU A 833 8.76 -31.67 -4.84
N THR A 834 7.51 -32.10 -4.98
CA THR A 834 6.53 -31.96 -3.91
C THR A 834 6.48 -33.20 -3.02
N GLU A 835 6.63 -34.41 -3.59
CA GLU A 835 6.75 -35.60 -2.77
C GLU A 835 8.12 -35.77 -2.12
N LYS A 836 9.07 -34.87 -2.39
CA LYS A 836 10.30 -34.86 -1.62
C LYS A 836 10.04 -34.40 -0.20
N ALA A 837 9.21 -33.37 -0.03
CA ALA A 837 8.87 -32.88 1.30
C ALA A 837 7.92 -33.83 2.03
N LYS A 838 7.19 -34.67 1.29
CA LYS A 838 6.32 -35.65 1.93
C LYS A 838 7.12 -36.77 2.59
N LEU A 839 8.34 -37.01 2.15
CA LEU A 839 9.21 -37.99 2.79
C LEU A 839 9.86 -37.48 4.06
N ASN A 840 9.67 -36.21 4.41
CA ASN A 840 10.09 -35.70 5.71
C ASN A 840 9.20 -36.15 6.85
N SER A 841 8.03 -36.72 6.54
CA SER A 841 7.22 -37.36 7.57
C SER A 841 7.76 -38.72 7.97
N TYR A 842 8.61 -39.31 7.13
CA TYR A 842 9.27 -40.57 7.47
C TYR A 842 10.26 -40.34 8.59
N ALA A 843 10.29 -41.25 9.55
CA ALA A 843 11.04 -41.03 10.78
C ALA A 843 12.57 -41.12 10.64
N PRO A 844 13.16 -42.08 9.89
CA PRO A 844 14.62 -41.99 9.70
C PRO A 844 15.07 -40.86 8.81
N ILE A 845 14.26 -40.44 7.82
CA ILE A 845 14.66 -39.32 6.96
C ILE A 845 14.64 -38.01 7.74
N SER A 846 13.64 -37.83 8.60
CA SER A 846 13.59 -36.64 9.45
C SER A 846 14.57 -36.68 10.62
N LEU A 847 15.29 -37.78 10.80
CA LEU A 847 16.39 -37.82 11.76
C LEU A 847 17.76 -37.61 11.14
N GLU A 848 17.93 -37.88 9.83
CA GLU A 848 19.20 -37.55 9.21
C GLU A 848 19.36 -36.05 8.98
N LYS A 849 18.26 -35.32 8.92
CA LYS A 849 18.35 -33.86 8.87
C LYS A 849 18.73 -33.29 10.23
N ARG A 850 18.00 -33.67 11.28
CA ARG A 850 18.19 -33.08 12.60
C ARG A 850 19.50 -33.53 13.24
N ARG A 851 19.97 -34.74 12.97
CA ARG A 851 21.30 -35.12 13.43
C ARG A 851 22.39 -34.37 12.69
N ALA A 852 22.11 -33.86 11.50
CA ALA A 852 23.05 -33.02 10.78
C ALA A 852 22.91 -31.53 11.13
N GLN A 853 21.79 -31.14 11.74
CA GLN A 853 21.68 -29.77 12.25
C GLN A 853 22.60 -29.56 13.43
N ILE A 854 22.56 -30.48 14.40
CA ILE A 854 23.34 -30.32 15.63
C ILE A 854 24.82 -30.60 15.38
N SER A 855 25.14 -31.52 14.47
CA SER A 855 26.53 -31.82 14.17
C SER A 855 27.19 -30.73 13.32
N ALA A 856 26.40 -29.90 12.65
CA ALA A 856 26.96 -28.73 11.97
C ALA A 856 26.97 -27.50 12.86
N LEU A 857 26.20 -27.50 13.94
CA LEU A 857 26.25 -26.39 14.89
C LEU A 857 27.52 -26.44 15.73
N LEU A 858 28.09 -27.63 15.91
CA LEU A 858 29.25 -27.80 16.78
C LEU A 858 30.51 -27.21 16.18
N THR A 859 30.56 -27.04 14.86
CA THR A 859 31.67 -26.36 14.23
C THR A 859 31.54 -24.85 14.29
N MET A 860 30.39 -24.32 14.71
CA MET A 860 30.22 -22.90 14.92
C MET A 860 30.34 -22.49 16.38
N LEU A 861 29.98 -23.35 17.32
CA LEU A 861 30.14 -23.01 18.73
C LEU A 861 31.58 -23.13 19.20
N GLN A 862 32.44 -23.80 18.43
CA GLN A 862 33.85 -23.89 18.77
C GLN A 862 34.68 -22.82 18.06
N LYS A 863 34.35 -22.50 16.81
CA LYS A 863 35.03 -21.46 16.08
C LYS A 863 34.17 -20.19 16.12
N PRO A 864 34.57 -19.16 16.87
CA PRO A 864 33.65 -18.03 17.12
C PRO A 864 33.38 -17.14 15.91
N VAL A 865 34.21 -17.19 14.88
CA VAL A 865 33.96 -16.38 13.69
C VAL A 865 32.95 -17.11 12.81
N THR A 866 32.02 -16.34 12.22
CA THR A 866 30.94 -16.86 11.40
C THR A 866 31.01 -16.20 10.03
N PHE A 867 29.97 -16.41 9.23
CA PHE A 867 29.95 -15.94 7.85
C PHE A 867 29.09 -14.68 7.72
N LYS A 868 29.19 -14.05 6.55
CA LYS A 868 28.53 -12.79 6.26
C LYS A 868 27.49 -13.01 5.16
N SER A 869 26.25 -12.61 5.42
CA SER A 869 25.19 -12.67 4.43
C SER A 869 24.11 -11.67 4.80
N SER A 870 23.21 -11.43 3.84
CA SER A 870 22.10 -10.50 4.03
C SER A 870 20.82 -11.17 3.55
N LYS A 871 19.86 -11.32 4.46
CA LYS A 871 18.54 -11.86 4.13
C LYS A 871 17.56 -11.31 5.14
N ILE A 872 16.43 -10.80 4.66
CA ILE A 872 15.50 -10.06 5.51
C ILE A 872 14.73 -11.04 6.39
N THR A 873 14.84 -10.86 7.69
CA THR A 873 14.06 -11.59 8.69
C THR A 873 13.07 -10.64 9.34
N ILE A 874 12.34 -11.14 10.34
CA ILE A 874 11.44 -10.27 11.09
C ILE A 874 12.23 -9.34 12.00
N ASN A 875 13.42 -9.75 12.43
CA ASN A 875 14.26 -8.89 13.26
C ASN A 875 14.90 -7.76 12.47
N ASP A 876 15.09 -7.92 11.16
CA ASP A 876 15.64 -6.85 10.35
C ASP A 876 14.62 -5.73 10.16
N ILE A 877 13.34 -6.08 10.10
CA ILE A 877 12.29 -5.07 10.02
C ILE A 877 12.17 -4.31 11.32
N LEU A 878 12.23 -5.02 12.45
CA LEU A 878 12.11 -4.37 13.75
C LEU A 878 13.36 -3.58 14.16
N ARG A 879 14.46 -3.72 13.42
CA ARG A 879 15.61 -2.86 13.65
C ARG A 879 15.33 -1.43 13.21
N ASP A 880 14.45 -1.25 12.22
CA ASP A 880 14.18 0.06 11.65
C ASP A 880 13.02 0.78 12.33
N ILE A 881 12.21 0.06 13.09
CA ILE A 881 11.04 0.64 13.72
C ILE A 881 11.32 1.07 15.16
N LYS A 882 12.15 0.30 15.86
CA LYS A 882 12.39 0.54 17.29
C LYS A 882 13.06 1.86 17.67
N PRO A 883 14.02 2.44 16.92
CA PRO A 883 14.56 3.74 17.36
C PRO A 883 13.62 4.94 17.18
N PHE A 884 12.41 4.75 16.68
CA PHE A 884 11.48 5.87 16.50
C PHE A 884 10.33 5.86 17.48
N PHE A 885 10.36 4.98 18.48
CA PHE A 885 9.32 4.93 19.50
C PHE A 885 9.79 5.63 20.76
N THR A 886 8.94 6.49 21.32
CA THR A 886 9.22 7.19 22.57
C THR A 886 8.22 6.74 23.62
N VAL A 887 8.72 6.35 24.79
CA VAL A 887 7.86 5.79 25.83
C VAL A 887 7.69 6.81 26.95
N ASN A 888 6.54 6.73 27.61
CA ASN A 888 6.23 7.53 28.79
C ASN A 888 5.44 6.66 29.76
N GLU A 889 5.34 7.09 31.00
CA GLU A 889 4.58 6.34 31.99
C GLU A 889 3.10 6.64 31.87
N ALA A 890 2.28 5.63 32.16
CA ALA A 890 0.83 5.76 32.08
C ALA A 890 0.20 4.75 33.02
N HIS A 891 -1.08 4.97 33.30
CA HIS A 891 -1.85 4.11 34.20
C HIS A 891 -3.17 3.75 33.55
N LEU A 892 -3.74 2.63 33.99
CA LEU A 892 -5.02 2.15 33.50
C LEU A 892 -5.77 1.51 34.67
N PRO A 893 -6.99 1.96 34.96
CA PRO A 893 -7.75 1.35 36.04
C PRO A 893 -8.41 0.06 35.59
N ILE A 894 -8.66 -0.83 36.55
CA ILE A 894 -9.26 -2.11 36.22
C ILE A 894 -10.74 -1.92 35.93
N GLN A 895 -11.20 -2.55 34.84
CA GLN A 895 -12.57 -2.42 34.40
C GLN A 895 -13.25 -3.72 34.06
N TYR A 896 -12.51 -4.77 33.71
CA TYR A 896 -13.04 -6.06 33.35
C TYR A 896 -12.66 -7.07 34.40
N GLN A 897 -13.38 -8.19 34.45
CA GLN A 897 -13.11 -9.17 35.49
C GLN A 897 -12.51 -10.43 34.87
N LYS A 898 -12.16 -11.37 35.74
CA LYS A 898 -11.39 -12.54 35.36
C LYS A 898 -12.29 -13.77 35.27
N PHE A 899 -12.21 -14.48 34.15
CA PHE A 899 -12.96 -15.70 33.94
C PHE A 899 -12.10 -16.95 34.04
N MET A 900 -10.78 -16.81 34.15
CA MET A 900 -9.87 -17.95 34.29
C MET A 900 -9.02 -17.69 35.52
N PRO A 901 -9.39 -18.22 36.69
CA PRO A 901 -8.71 -17.87 37.93
C PRO A 901 -7.46 -18.67 38.25
N THR A 902 -7.01 -19.57 37.38
CA THR A 902 -5.77 -20.30 37.62
C THR A 902 -4.58 -19.73 36.86
N LEU A 903 -4.77 -18.63 36.14
CA LEU A 903 -3.68 -18.01 35.41
C LEU A 903 -2.72 -17.33 36.39
N PRO A 904 -1.45 -17.15 36.01
CA PRO A 904 -0.49 -16.48 36.90
C PRO A 904 -0.82 -15.00 37.08
N ASP A 905 -0.12 -14.39 38.05
CA ASP A 905 -0.50 -13.07 38.52
C ASP A 905 -0.16 -11.97 37.54
N ASN A 906 0.94 -12.10 36.78
CA ASN A 906 1.29 -11.05 35.83
C ASN A 906 0.46 -11.10 34.57
N VAL A 907 -0.20 -12.22 34.27
CA VAL A 907 -1.10 -12.27 33.13
C VAL A 907 -2.50 -11.80 33.52
N GLN A 908 -2.90 -11.99 34.78
CA GLN A 908 -4.19 -11.51 35.26
C GLN A 908 -4.24 -10.00 35.42
N TYR A 909 -3.10 -9.32 35.43
CA TYR A 909 -3.12 -7.87 35.40
C TYR A 909 -3.38 -7.32 34.02
N ILE A 910 -3.07 -8.08 32.97
CA ILE A 910 -3.32 -7.62 31.61
C ILE A 910 -4.80 -7.76 31.28
N ILE A 911 -5.40 -8.89 31.68
CA ILE A 911 -6.78 -9.20 31.31
C ILE A 911 -7.75 -8.26 32.01
N GLN A 912 -7.48 -7.94 33.28
CA GLN A 912 -8.35 -7.04 34.02
C GLN A 912 -8.20 -5.58 33.59
N CYS A 913 -7.22 -5.23 32.76
CA CYS A 913 -7.00 -3.85 32.38
C CYS A 913 -7.36 -3.55 30.93
N ILE A 914 -7.21 -4.50 30.01
CA ILE A 914 -7.60 -4.30 28.62
C ILE A 914 -8.69 -5.24 28.14
N GLY A 915 -8.98 -6.32 28.86
CA GLY A 915 -10.15 -7.09 28.55
C GLY A 915 -9.83 -8.40 27.83
N SER A 916 -10.71 -9.38 28.03
CA SER A 916 -10.59 -10.64 27.33
C SER A 916 -11.03 -10.48 25.87
N ARG A 917 -10.71 -11.49 25.06
CA ARG A 917 -10.96 -11.41 23.63
C ARG A 917 -12.45 -11.56 23.35
N THR A 918 -12.97 -10.70 22.47
CA THR A 918 -14.38 -10.74 22.12
C THR A 918 -14.65 -11.59 20.89
N TYR A 919 -13.98 -11.30 19.77
CA TYR A 919 -14.20 -12.03 18.54
C TYR A 919 -12.87 -12.41 17.92
N GLN A 920 -12.85 -13.58 17.28
CA GLN A 920 -11.61 -14.15 16.76
C GLN A 920 -11.41 -13.74 15.31
N ILE A 921 -10.26 -13.17 15.02
CA ILE A 921 -9.88 -12.81 13.66
C ILE A 921 -9.23 -14.02 13.03
N GLU A 922 -9.64 -14.35 11.80
CA GLU A 922 -9.16 -15.54 11.13
C GLU A 922 -7.85 -15.25 10.40
N ASP A 923 -6.97 -16.25 10.39
CA ASP A 923 -5.71 -16.18 9.64
C ASP A 923 -5.56 -17.37 8.69
N ASP A 924 -6.66 -18.07 8.40
CA ASP A 924 -6.62 -19.18 7.46
C ASP A 924 -6.47 -18.72 6.02
N GLY A 925 -6.87 -17.49 5.70
CA GLY A 925 -6.72 -16.96 4.36
C GLY A 925 -7.80 -17.38 3.39
N SER A 926 -8.79 -18.18 3.81
CA SER A 926 -9.81 -18.66 2.90
C SER A 926 -10.85 -17.60 2.54
N LYS A 927 -10.81 -16.42 3.16
CA LYS A 927 -11.64 -15.32 2.72
C LYS A 927 -11.10 -14.63 1.47
N SER A 928 -9.85 -14.91 1.10
CA SER A 928 -9.27 -14.32 -0.09
C SER A 928 -9.85 -14.97 -1.35
N ALA A 929 -9.55 -14.38 -2.50
CA ALA A 929 -10.09 -14.88 -3.76
C ALA A 929 -9.17 -15.89 -4.45
N ILE A 930 -7.93 -16.04 -3.98
CA ILE A 930 -7.06 -17.07 -4.53
C ILE A 930 -7.21 -18.38 -3.75
N SER A 931 -7.45 -18.31 -2.45
CA SER A 931 -7.70 -19.52 -1.66
C SER A 931 -9.14 -20.00 -1.76
N ARG A 932 -10.01 -19.26 -2.44
CA ARG A 932 -11.32 -19.77 -2.84
C ARG A 932 -11.30 -20.37 -4.23
N LEU A 933 -10.20 -20.19 -4.97
CA LEU A 933 -9.99 -20.76 -6.29
C LEU A 933 -9.16 -22.03 -6.24
N ILE A 934 -8.19 -22.10 -5.34
CA ILE A 934 -7.36 -23.29 -5.20
C ILE A 934 -8.16 -24.43 -4.60
N SER A 935 -8.96 -24.13 -3.57
CA SER A 935 -9.69 -25.18 -2.86
C SER A 935 -10.82 -25.76 -3.72
N LYS A 936 -11.41 -24.96 -4.60
CA LYS A 936 -12.50 -25.45 -5.43
C LYS A 936 -11.99 -26.30 -6.59
N TYR A 937 -11.02 -25.79 -7.33
CA TYR A 937 -10.59 -26.39 -8.60
C TYR A 937 -9.45 -27.38 -8.45
N SER A 938 -8.92 -27.56 -7.24
CA SER A 938 -7.84 -28.52 -7.04
C SER A 938 -7.96 -29.11 -5.65
N VAL A 939 -7.18 -30.17 -5.41
CA VAL A 939 -7.22 -30.87 -4.13
C VAL A 939 -6.01 -30.51 -3.25
N TYR A 940 -5.05 -29.76 -3.78
CA TYR A 940 -3.91 -29.34 -2.98
C TYR A 940 -4.30 -28.29 -1.95
N LYS A 941 -3.44 -28.14 -0.94
CA LYS A 941 -3.58 -27.10 0.07
C LYS A 941 -2.21 -26.46 0.27
N PRO A 942 -1.99 -25.24 -0.23
CA PRO A 942 -0.68 -24.60 -0.08
C PRO A 942 -0.57 -23.83 1.23
N SER A 943 0.64 -23.83 1.78
CA SER A 943 0.91 -23.14 3.03
C SER A 943 0.83 -21.63 2.83
N ILE A 944 0.56 -20.92 3.93
CA ILE A 944 0.52 -19.46 3.88
C ILE A 944 1.90 -18.87 3.66
N GLU A 945 2.96 -19.62 3.93
CA GLU A 945 4.30 -19.19 3.54
C GLU A 945 4.58 -19.42 2.07
N GLU A 946 3.75 -20.19 1.38
CA GLU A 946 3.88 -20.37 -0.06
C GLU A 946 3.03 -19.38 -0.85
N LEU A 947 1.83 -19.08 -0.35
CA LEU A 947 0.99 -18.08 -1.00
C LEU A 947 1.53 -16.67 -0.83
N TYR A 948 2.34 -16.44 0.20
CA TYR A 948 2.88 -15.10 0.44
C TYR A 948 3.98 -14.77 -0.56
N LYS A 949 4.81 -15.74 -0.90
CA LYS A 949 5.95 -15.48 -1.78
C LYS A 949 5.50 -15.28 -3.22
N VAL A 950 4.39 -15.89 -3.63
CA VAL A 950 3.99 -15.85 -5.03
C VAL A 950 3.00 -14.74 -5.33
N ILE A 951 2.41 -14.11 -4.32
CA ILE A 951 1.41 -13.07 -4.56
C ILE A 951 2.02 -11.72 -4.88
N SER A 952 3.32 -11.54 -4.67
CA SER A 952 3.99 -10.27 -4.89
C SER A 952 4.81 -10.24 -6.17
N LEU A 953 4.65 -11.21 -7.05
CA LEU A 953 5.41 -11.27 -8.28
C LEU A 953 4.60 -10.63 -9.42
N HIS A 954 5.05 -10.82 -10.66
CA HIS A 954 4.39 -10.23 -11.82
C HIS A 954 3.14 -11.02 -12.18
N GLU A 955 2.55 -10.71 -13.34
CA GLU A 955 1.37 -11.45 -13.78
C GLU A 955 1.75 -12.84 -14.28
N ASN A 956 2.82 -12.94 -15.06
CA ASN A 956 3.21 -14.20 -15.68
C ASN A 956 4.01 -15.11 -14.75
N GLU A 957 4.20 -14.71 -13.49
CA GLU A 957 4.78 -15.60 -12.50
C GLU A 957 3.73 -16.26 -11.62
N ILE A 958 2.55 -15.67 -11.50
CA ILE A 958 1.42 -16.34 -10.86
C ILE A 958 0.83 -17.39 -11.78
N GLN A 959 0.97 -17.21 -13.10
CA GLN A 959 0.50 -18.20 -14.06
C GLN A 959 1.33 -19.48 -13.99
N LEU A 960 2.65 -19.34 -13.92
CA LEU A 960 3.54 -20.50 -13.89
C LEU A 960 3.41 -21.30 -12.60
N TYR A 961 2.93 -20.68 -11.53
CA TYR A 961 2.73 -21.36 -10.26
C TYR A 961 1.37 -22.01 -10.15
N LEU A 962 0.33 -21.38 -10.71
CA LEU A 962 -1.03 -21.90 -10.54
C LEU A 962 -1.28 -23.12 -11.41
N ILE A 963 -0.53 -23.28 -12.50
CA ILE A 963 -0.68 -24.47 -13.33
C ILE A 963 -0.07 -25.68 -12.61
N SER A 964 1.00 -25.48 -11.86
CA SER A 964 1.63 -26.55 -11.09
C SER A 964 0.78 -27.04 -9.92
N LEU A 965 -0.27 -26.30 -9.55
CA LEU A 965 -1.19 -26.74 -8.50
C LEU A 965 -2.27 -27.67 -9.03
N GLY A 966 -2.47 -27.73 -10.35
CA GLY A 966 -3.55 -28.50 -10.93
C GLY A 966 -4.69 -27.67 -11.48
N ILE A 967 -4.63 -26.35 -11.32
CA ILE A 967 -5.64 -25.46 -11.91
C ILE A 967 -5.50 -25.47 -13.42
N PRO A 968 -6.59 -25.50 -14.18
CA PRO A 968 -6.46 -25.45 -15.65
C PRO A 968 -5.92 -24.12 -16.15
N LYS A 969 -5.51 -24.13 -17.42
CA LYS A 969 -4.94 -22.94 -18.03
C LYS A 969 -6.00 -21.86 -18.22
N ILE A 970 -7.24 -22.24 -18.50
CA ILE A 970 -8.30 -21.26 -18.76
C ILE A 970 -8.75 -20.59 -17.46
N ASP A 971 -8.63 -21.28 -16.33
CA ASP A 971 -8.99 -20.67 -15.05
C ASP A 971 -7.85 -19.79 -14.52
N ALA A 972 -6.61 -20.24 -14.65
CA ALA A 972 -5.48 -19.45 -14.20
C ALA A 972 -5.21 -18.25 -15.10
N ASP A 973 -5.72 -18.27 -16.34
CA ASP A 973 -5.70 -17.07 -17.17
C ASP A 973 -6.80 -16.08 -16.78
N THR A 974 -7.83 -16.56 -16.09
CA THR A 974 -8.92 -15.67 -15.65
C THR A 974 -8.50 -14.88 -14.42
N TYR A 975 -7.94 -15.56 -13.42
CA TYR A 975 -7.58 -14.90 -12.16
C TYR A 975 -6.43 -13.92 -12.34
N VAL A 976 -5.48 -14.24 -13.21
CA VAL A 976 -4.39 -13.32 -13.48
C VAL A 976 -4.86 -12.15 -14.33
N GLY A 977 -5.67 -12.43 -15.35
CA GLY A 977 -6.17 -11.40 -16.23
C GLY A 977 -7.26 -10.52 -15.66
N SER A 978 -7.76 -10.83 -14.46
CA SER A 978 -8.79 -10.02 -13.82
C SER A 978 -8.23 -8.92 -12.94
N LYS A 979 -6.93 -8.96 -12.63
CA LYS A 979 -6.23 -8.02 -11.75
C LYS A 979 -6.84 -7.93 -10.37
N ILE A 980 -7.41 -9.05 -9.88
CA ILE A 980 -7.89 -9.12 -8.50
C ILE A 980 -6.80 -9.62 -7.58
N TYR A 981 -5.64 -10.00 -8.12
CA TYR A 981 -4.48 -10.30 -7.30
C TYR A 981 -3.91 -9.06 -6.64
N SER A 982 -4.15 -7.88 -7.20
CA SER A 982 -3.67 -6.64 -6.61
C SER A 982 -4.41 -6.31 -5.33
N GLN A 983 -5.69 -6.65 -5.24
CA GLN A 983 -6.46 -6.48 -4.03
C GLN A 983 -6.39 -7.69 -3.11
N ASP A 984 -5.71 -8.75 -3.53
CA ASP A 984 -5.47 -9.92 -2.71
C ASP A 984 -4.11 -9.91 -2.04
N LYS A 985 -3.30 -8.89 -2.31
CA LYS A 985 -1.99 -8.79 -1.67
C LYS A 985 -2.14 -8.48 -0.18
N TYR A 986 -3.18 -7.74 0.20
CA TYR A 986 -3.35 -7.32 1.58
C TYR A 986 -4.19 -8.29 2.40
N ARG A 987 -4.80 -9.28 1.77
CA ARG A 987 -5.48 -10.33 2.52
C ARG A 987 -4.56 -11.50 2.85
N ILE A 988 -3.44 -11.63 2.15
CA ILE A 988 -2.44 -12.63 2.48
C ILE A 988 -1.42 -12.10 3.47
N LEU A 989 -1.05 -10.83 3.36
CA LEU A 989 -0.10 -10.25 4.30
C LEU A 989 -0.72 -10.04 5.67
N GLU A 990 -2.04 -9.88 5.75
CA GLU A 990 -2.69 -9.77 7.05
C GLU A 990 -2.66 -11.09 7.80
N SER A 991 -2.82 -12.20 7.08
CA SER A 991 -2.84 -13.52 7.68
C SER A 991 -1.45 -14.14 7.80
N TYR A 992 -0.44 -13.54 7.18
CA TYR A 992 0.92 -14.05 7.30
C TYR A 992 1.66 -13.40 8.46
N VAL A 993 1.41 -12.12 8.72
CA VAL A 993 2.06 -11.44 9.84
C VAL A 993 1.47 -11.92 11.16
N TYR A 994 0.17 -12.26 11.18
CA TYR A 994 -0.43 -12.88 12.35
C TYR A 994 0.12 -14.28 12.62
N ASN A 995 0.72 -14.91 11.63
CA ASN A 995 1.39 -16.19 11.81
C ASN A 995 2.84 -16.03 12.23
N LEU A 996 3.48 -14.92 11.85
CA LEU A 996 4.86 -14.70 12.24
C LEU A 996 4.96 -14.28 13.70
N LEU A 997 4.17 -13.28 14.10
CA LEU A 997 4.23 -12.77 15.46
C LEU A 997 3.49 -13.66 16.46
N SER A 998 2.80 -14.70 15.98
CA SER A 998 2.04 -15.68 16.77
C SER A 998 1.04 -14.99 17.69
N ILE A 999 0.10 -14.30 17.06
CA ILE A 999 -0.93 -13.57 17.80
C ILE A 999 -2.13 -14.46 18.08
N ASN A 1000 -2.55 -15.26 17.09
CA ASN A 1000 -3.68 -16.18 17.30
C ASN A 1000 -3.31 -17.35 18.19
N TYR A 1001 -2.04 -17.66 18.35
CA TYR A 1001 -1.60 -18.77 19.18
C TYR A 1001 -0.71 -18.25 20.30
N GLY A 1002 -0.17 -19.16 21.09
CA GLY A 1002 0.65 -18.79 22.22
C GLY A 1002 -0.18 -18.35 23.41
N CYS A 1003 0.28 -17.31 24.11
CA CYS A 1003 -0.47 -16.75 25.22
C CYS A 1003 -1.01 -15.37 24.88
N TYR A 1004 -0.91 -14.96 23.61
CA TYR A 1004 -1.51 -13.73 23.13
C TYR A 1004 -2.95 -13.92 22.67
N GLN A 1005 -3.48 -15.14 22.77
CA GLN A 1005 -4.84 -15.45 22.35
C GLN A 1005 -5.85 -15.29 23.48
N LEU A 1006 -5.55 -14.41 24.44
CA LEU A 1006 -6.48 -14.06 25.50
C LEU A 1006 -6.79 -12.58 25.56
N PHE A 1007 -5.89 -11.72 25.08
CA PHE A 1007 -6.05 -10.29 25.24
C PHE A 1007 -6.75 -9.72 24.03
N ASP A 1008 -7.65 -8.77 24.24
CA ASP A 1008 -8.33 -8.12 23.14
C ASP A 1008 -7.40 -7.08 22.52
N PHE A 1009 -7.17 -7.20 21.20
CA PHE A 1009 -6.28 -6.29 20.51
C PHE A 1009 -6.99 -5.09 19.92
N ASN A 1010 -8.30 -5.18 19.69
CA ASN A 1010 -9.11 -4.05 19.26
C ASN A 1010 -9.80 -3.37 20.43
N SER A 1011 -9.20 -3.44 21.61
CA SER A 1011 -9.82 -2.89 22.80
C SER A 1011 -9.71 -1.36 22.79
N PRO A 1012 -10.69 -0.65 23.35
CA PRO A 1012 -10.59 0.81 23.46
C PRO A 1012 -9.69 1.28 24.60
N ASP A 1013 -9.02 0.37 25.32
CA ASP A 1013 -8.09 0.75 26.36
C ASP A 1013 -6.63 0.58 25.97
N LEU A 1014 -6.35 -0.04 24.83
CA LEU A 1014 -5.01 -0.02 24.26
C LEU A 1014 -4.82 1.11 23.27
N GLU A 1015 -5.89 1.73 22.78
CA GLU A 1015 -5.74 2.82 21.84
C GLU A 1015 -5.45 4.14 22.54
N LYS A 1016 -5.72 4.24 23.83
CA LYS A 1016 -5.33 5.43 24.59
C LYS A 1016 -3.85 5.43 24.91
N LEU A 1017 -3.18 4.28 24.82
CA LEU A 1017 -1.75 4.22 25.04
C LEU A 1017 -0.96 4.31 23.74
N ILE A 1018 -1.52 3.86 22.63
CA ILE A 1018 -0.86 3.91 21.34
C ILE A 1018 -1.30 5.18 20.64
N ARG A 1019 -0.37 6.12 20.47
CA ARG A 1019 -0.65 7.40 19.84
C ARG A 1019 0.27 7.56 18.64
N ILE A 1020 -0.15 7.06 17.49
CA ILE A 1020 0.62 7.11 16.26
C ILE A 1020 -0.14 7.94 15.26
N PRO A 1021 0.43 9.03 14.74
CA PRO A 1021 -0.27 9.81 13.72
C PRO A 1021 -0.35 9.06 12.40
N PHE A 1022 -1.44 9.32 11.67
CA PHE A 1022 -1.75 8.52 10.49
C PHE A 1022 -1.19 9.18 9.24
N LYS A 1023 -0.54 8.37 8.41
CA LYS A 1023 -0.03 8.80 7.11
C LYS A 1023 -0.52 7.80 6.06
N GLY A 1024 -1.33 8.29 5.13
CA GLY A 1024 -2.06 7.43 4.22
C GLY A 1024 -1.22 6.86 3.09
N LYS A 1025 -1.92 6.16 2.18
CA LYS A 1025 -1.45 5.65 0.89
C LYS A 1025 -0.42 4.52 0.97
N ILE A 1026 0.09 4.22 2.16
CA ILE A 1026 0.97 3.06 2.34
C ILE A 1026 0.34 2.19 3.43
N PRO A 1027 -0.51 1.23 3.09
CA PRO A 1027 -1.15 0.41 4.12
C PRO A 1027 -0.26 -0.66 4.69
N ALA A 1028 0.78 -1.08 3.97
CA ALA A 1028 1.61 -2.18 4.44
C ALA A 1028 2.48 -1.77 5.63
N VAL A 1029 2.94 -0.52 5.66
CA VAL A 1029 3.78 -0.06 6.75
C VAL A 1029 2.94 0.40 7.94
N THR A 1030 1.79 1.02 7.67
CA THR A 1030 0.92 1.50 8.76
C THR A 1030 0.31 0.34 9.54
N PHE A 1031 0.12 -0.81 8.89
CA PHE A 1031 -0.38 -2.00 9.59
C PHE A 1031 0.65 -2.55 10.56
N ILE A 1032 1.93 -2.54 10.18
CA ILE A 1032 2.96 -3.10 11.06
C ILE A 1032 3.40 -2.12 12.13
N LEU A 1033 3.07 -0.83 12.00
CA LEU A 1033 3.36 0.10 13.09
C LEU A 1033 2.38 -0.07 14.24
N HIS A 1034 1.14 -0.47 13.94
CA HIS A 1034 0.13 -0.66 14.97
C HIS A 1034 0.12 -2.06 15.55
N LEU A 1035 0.66 -3.04 14.84
CA LEU A 1035 0.75 -4.38 15.37
C LEU A 1035 2.01 -4.59 16.19
N TYR A 1036 3.04 -3.81 15.97
CA TYR A 1036 4.24 -3.89 16.79
C TYR A 1036 4.14 -3.01 18.02
N ALA A 1037 3.42 -1.89 17.93
CA ALA A 1037 3.22 -1.06 19.12
C ALA A 1037 2.25 -1.71 20.08
N LYS A 1038 1.32 -2.52 19.59
CA LYS A 1038 0.42 -3.24 20.48
C LYS A 1038 1.11 -4.37 21.22
N LEU A 1039 2.23 -4.88 20.69
CA LEU A 1039 2.96 -5.94 21.36
C LEU A 1039 4.00 -5.42 22.34
N GLU A 1040 4.58 -4.25 22.09
CA GLU A 1040 5.57 -3.72 23.00
C GLU A 1040 4.94 -3.18 24.29
N VAL A 1041 3.68 -2.78 24.25
CA VAL A 1041 3.00 -2.35 25.46
C VAL A 1041 2.60 -3.57 26.30
N ILE A 1042 2.19 -4.65 25.65
CA ILE A 1042 1.80 -5.86 26.37
C ILE A 1042 3.03 -6.57 26.94
N ASN A 1043 4.12 -6.64 26.16
CA ASN A 1043 5.35 -7.27 26.64
C ASN A 1043 6.07 -6.43 27.68
N HIS A 1044 5.74 -5.15 27.83
CA HIS A 1044 6.30 -4.34 28.90
C HIS A 1044 5.52 -4.49 30.20
N ALA A 1045 4.24 -4.85 30.11
CA ALA A 1045 3.40 -4.97 31.28
C ALA A 1045 3.30 -6.39 31.82
N ILE A 1046 3.98 -7.34 31.18
CA ILE A 1046 4.16 -8.66 31.77
C ILE A 1046 5.51 -8.73 32.51
N LYS A 1047 6.53 -8.06 31.97
CA LYS A 1047 7.85 -8.07 32.60
C LYS A 1047 7.86 -7.29 33.91
N ASN A 1048 7.25 -6.12 33.93
CA ASN A 1048 7.36 -5.22 35.07
C ASN A 1048 6.06 -4.97 35.81
N GLY A 1049 4.91 -5.15 35.16
CA GLY A 1049 3.64 -4.88 35.80
C GLY A 1049 3.21 -3.43 35.77
N SER A 1050 3.73 -2.64 34.84
CA SER A 1050 3.34 -1.24 34.72
C SER A 1050 3.17 -0.91 33.24
N TRP A 1051 2.21 -0.02 32.96
CA TRP A 1051 1.86 0.30 31.59
C TRP A 1051 2.66 1.49 31.08
N ILE A 1052 2.93 1.49 29.78
CA ILE A 1052 3.59 2.62 29.12
C ILE A 1052 2.77 3.03 27.91
N SER A 1053 3.02 4.26 27.46
CA SER A 1053 2.35 4.82 26.30
C SER A 1053 3.38 5.16 25.23
N LEU A 1054 3.02 4.93 23.97
CA LEU A 1054 3.95 5.06 22.87
C LEU A 1054 3.55 6.23 21.96
N PHE A 1055 4.54 6.73 21.24
CA PHE A 1055 4.33 7.81 20.28
C PHE A 1055 5.38 7.67 19.20
N CYS A 1056 4.94 7.58 17.94
CA CYS A 1056 5.85 7.31 16.82
C CYS A 1056 5.53 8.29 15.70
N ASN A 1057 6.21 9.43 15.71
CA ASN A 1057 6.14 10.36 14.58
C ASN A 1057 7.11 9.84 13.52
N TYR A 1058 6.64 8.87 12.77
CA TYR A 1058 7.46 8.24 11.76
C TYR A 1058 7.54 9.13 10.52
N PRO A 1059 8.71 9.34 9.96
CA PRO A 1059 8.83 10.27 8.83
C PRO A 1059 8.31 9.64 7.56
N LYS A 1060 8.01 10.50 6.58
CA LYS A 1060 7.60 10.00 5.28
C LYS A 1060 8.75 9.38 4.51
N SER A 1061 9.98 9.76 4.82
CA SER A 1061 11.14 9.24 4.10
C SER A 1061 11.60 7.89 4.63
N GLU A 1062 11.11 7.45 5.79
CA GLU A 1062 11.40 6.14 6.31
C GLU A 1062 10.27 5.14 6.08
N MET A 1063 9.08 5.62 5.71
CA MET A 1063 7.99 4.72 5.37
C MET A 1063 8.21 4.08 4.01
N ILE A 1064 8.75 4.85 3.06
CA ILE A 1064 8.97 4.32 1.72
C ILE A 1064 10.16 3.38 1.70
N LYS A 1065 11.14 3.57 2.59
CA LYS A 1065 12.25 2.63 2.65
C LYS A 1065 11.84 1.31 3.29
N LEU A 1066 10.89 1.34 4.23
CA LEU A 1066 10.40 0.11 4.84
C LEU A 1066 9.33 -0.56 3.99
N TRP A 1067 8.77 0.15 3.01
CA TRP A 1067 7.73 -0.41 2.16
C TRP A 1067 8.29 -1.48 1.23
N LYS A 1068 9.52 -1.34 0.79
CA LYS A 1068 10.13 -2.30 -0.13
C LYS A 1068 10.70 -3.51 0.59
N LYS A 1069 10.66 -3.56 1.91
CA LYS A 1069 11.12 -4.71 2.67
C LYS A 1069 9.98 -5.47 3.32
N MET A 1070 8.73 -5.08 3.07
CA MET A 1070 7.60 -5.79 3.65
C MET A 1070 7.19 -7.02 2.85
N TRP A 1071 7.72 -7.18 1.65
CA TRP A 1071 7.35 -8.32 0.82
C TRP A 1071 8.44 -9.38 0.72
N ASN A 1072 9.70 -9.03 1.03
CA ASN A 1072 10.80 -9.97 0.96
C ASN A 1072 11.15 -10.53 2.33
N ILE A 1073 10.19 -10.59 3.24
CA ILE A 1073 10.44 -11.07 4.59
C ILE A 1073 10.34 -12.58 4.62
N THR A 1074 11.30 -13.23 5.29
CA THR A 1074 11.40 -14.69 5.31
C THR A 1074 11.25 -15.18 6.74
N SER A 1075 10.55 -16.30 6.90
CA SER A 1075 10.29 -16.89 8.20
C SER A 1075 11.19 -18.08 8.47
N LEU A 1076 11.34 -18.40 9.74
CA LEU A 1076 12.19 -19.49 10.21
C LEU A 1076 11.29 -20.59 10.76
N ARG A 1077 11.00 -21.58 9.92
CA ARG A 1077 10.06 -22.63 10.28
C ARG A 1077 10.81 -23.87 10.76
N SER A 1078 10.31 -24.46 11.84
CA SER A 1078 10.85 -25.66 12.44
C SER A 1078 9.73 -26.68 12.65
N PRO A 1079 10.02 -27.97 12.53
CA PRO A 1079 8.95 -28.96 12.68
C PRO A 1079 8.48 -29.13 14.11
N TYR A 1080 9.36 -29.01 15.09
CA TYR A 1080 8.97 -29.16 16.50
C TYR A 1080 8.34 -27.90 17.08
N THR A 1081 8.34 -26.80 16.34
CA THR A 1081 7.71 -25.57 16.80
C THR A 1081 6.27 -25.45 16.36
N ASN A 1082 5.84 -26.22 15.36
CA ASN A 1082 4.44 -26.18 14.91
C ASN A 1082 3.50 -26.80 15.93
N ALA A 1083 4.00 -27.65 16.83
CA ALA A 1083 3.20 -28.18 17.91
C ALA A 1083 3.12 -27.22 19.10
N ASN A 1084 3.92 -26.15 19.08
CA ASN A 1084 3.91 -25.15 20.15
C ASN A 1084 2.82 -24.11 19.96
N PHE A 1085 2.03 -24.19 18.89
CA PHE A 1085 0.95 -23.24 18.68
C PHE A 1085 -0.37 -23.70 19.28
N PHE A 1086 -0.61 -25.00 19.37
CA PHE A 1086 -1.83 -25.52 19.96
C PHE A 1086 -1.54 -26.21 21.30
N GLN A 1087 -2.57 -26.27 22.14
CA GLN A 1087 -2.45 -26.84 23.47
C GLN A 1087 -2.83 -28.31 23.54
N ASP A 1088 -3.71 -28.78 22.66
CA ASP A 1088 -4.14 -30.17 22.67
C ASP A 1088 -4.59 -30.64 21.29
N GLN B 94 0.14 -70.21 15.60
CA GLN B 94 -1.17 -70.86 15.68
C GLN B 94 -2.23 -69.87 16.15
N TYR B 95 -3.47 -70.08 15.71
CA TYR B 95 -4.55 -69.14 15.91
C TYR B 95 -5.67 -69.79 16.72
N GLU B 96 -6.30 -69.00 17.58
CA GLU B 96 -7.47 -69.43 18.33
C GLU B 96 -8.62 -68.49 18.04
N ILE B 97 -9.70 -69.03 17.47
CA ILE B 97 -10.86 -68.25 17.07
C ILE B 97 -11.77 -68.06 18.28
N LEU B 98 -12.16 -66.82 18.54
CA LEU B 98 -13.06 -66.50 19.65
C LEU B 98 -14.16 -65.62 19.08
N GLN B 99 -15.31 -66.21 18.78
CA GLN B 99 -16.41 -65.50 18.15
C GLN B 99 -17.60 -65.37 19.10
N LYS B 100 -18.43 -64.38 18.84
CA LYS B 100 -19.58 -64.08 19.68
C LYS B 100 -20.81 -63.82 18.81
N THR B 101 -21.96 -63.72 19.46
CA THR B 101 -23.19 -63.43 18.74
C THR B 101 -23.37 -61.94 18.53
N ILE B 102 -24.05 -61.60 17.44
CA ILE B 102 -24.42 -60.22 17.13
C ILE B 102 -25.87 -60.27 16.65
N PRO B 103 -26.77 -59.50 17.23
CA PRO B 103 -28.19 -59.59 16.84
C PRO B 103 -28.42 -58.89 15.51
N THR B 104 -29.21 -59.55 14.65
CA THR B 104 -29.47 -59.00 13.34
C THR B 104 -30.45 -57.83 13.43
N PHE B 105 -30.49 -57.04 12.36
CA PHE B 105 -31.36 -55.86 12.31
C PHE B 105 -31.65 -55.59 10.84
N GLU B 106 -32.85 -55.96 10.40
CA GLU B 106 -33.26 -55.75 9.02
C GLU B 106 -34.15 -54.51 8.95
N PRO B 107 -33.67 -53.39 8.44
CA PRO B 107 -34.54 -52.21 8.31
C PRO B 107 -35.47 -52.36 7.12
N LYS B 108 -36.65 -51.77 7.25
CA LYS B 108 -37.65 -51.83 6.20
C LYS B 108 -37.26 -50.85 5.10
N GLU B 109 -36.75 -51.38 3.99
CA GLU B 109 -36.31 -50.55 2.87
C GLU B 109 -36.80 -51.17 1.57
N SER B 110 -36.89 -50.32 0.54
CA SER B 110 -37.29 -50.74 -0.79
C SER B 110 -36.21 -50.29 -1.79
N ILE B 111 -36.40 -50.66 -3.05
CA ILE B 111 -35.45 -50.32 -4.11
C ILE B 111 -36.09 -49.24 -4.97
N LEU B 112 -35.50 -48.06 -4.96
CA LEU B 112 -35.98 -46.91 -5.72
C LEU B 112 -35.18 -46.79 -7.01
N LYS B 113 -35.85 -46.42 -8.09
CA LYS B 113 -35.21 -46.23 -9.37
C LYS B 113 -35.47 -44.81 -9.86
N LYS B 114 -34.57 -44.31 -10.69
CA LYS B 114 -34.80 -43.04 -11.35
C LYS B 114 -35.81 -43.22 -12.48
N LEU B 115 -36.23 -42.10 -13.07
CA LEU B 115 -37.11 -42.18 -14.22
C LEU B 115 -36.39 -42.58 -15.49
N GLU B 116 -35.06 -42.52 -15.51
CA GLU B 116 -34.31 -42.83 -16.72
C GLU B 116 -34.30 -44.33 -17.01
N ASP B 117 -34.44 -45.17 -15.99
CA ASP B 117 -34.47 -46.62 -16.19
C ASP B 117 -35.67 -47.25 -15.46
N ILE B 118 -36.83 -47.17 -16.12
CA ILE B 118 -38.00 -47.96 -15.78
C ILE B 118 -38.36 -48.70 -17.05
N LYS B 119 -38.11 -50.00 -17.07
CA LYS B 119 -38.34 -50.77 -18.28
C LYS B 119 -39.83 -50.99 -18.49
N PRO B 120 -40.31 -50.97 -19.73
CA PRO B 120 -41.70 -51.31 -19.98
C PRO B 120 -41.95 -52.79 -19.73
N GLU B 121 -43.20 -53.11 -19.42
CA GLU B 121 -43.53 -54.47 -19.03
C GLU B 121 -43.55 -55.38 -20.26
N GLN B 122 -43.42 -56.68 -20.00
CA GLN B 122 -43.40 -57.66 -21.08
C GLN B 122 -44.79 -57.83 -21.68
N VAL B 123 -44.82 -58.07 -22.98
CA VAL B 123 -46.08 -58.26 -23.69
C VAL B 123 -46.64 -59.63 -23.33
N LYS B 124 -47.84 -59.66 -22.76
CA LYS B 124 -48.44 -60.92 -22.33
C LYS B 124 -49.05 -61.64 -23.52
N LYS B 125 -48.60 -62.88 -23.74
CA LYS B 125 -49.23 -63.78 -24.70
C LYS B 125 -49.42 -65.13 -24.02
N GLN B 126 -50.39 -65.89 -24.50
CA GLN B 126 -50.72 -67.16 -23.87
C GLN B 126 -50.31 -68.32 -24.77
N THR B 127 -50.04 -69.46 -24.15
CA THR B 127 -49.58 -70.66 -24.85
C THR B 127 -50.54 -71.83 -24.75
N LYS B 128 -51.55 -71.76 -23.89
CA LYS B 128 -52.59 -72.78 -23.84
C LYS B 128 -53.92 -72.12 -23.53
N LEU B 129 -54.99 -72.83 -23.82
CA LEU B 129 -56.33 -72.29 -23.59
C LEU B 129 -56.62 -72.25 -22.09
N PHE B 130 -57.52 -71.35 -21.70
CA PHE B 130 -57.89 -71.22 -20.29
C PHE B 130 -58.93 -72.28 -19.99
N ARG B 131 -58.52 -73.34 -19.31
CA ARG B 131 -59.40 -74.45 -18.98
C ARG B 131 -59.71 -74.46 -17.49
N ILE B 132 -60.98 -74.67 -17.15
CA ILE B 132 -61.40 -74.73 -15.76
C ILE B 132 -62.26 -75.96 -15.55
N PHE B 133 -62.62 -76.64 -16.64
CA PHE B 133 -63.41 -77.86 -16.60
C PHE B 133 -62.75 -78.91 -17.48
N GLU B 134 -62.80 -80.17 -17.06
CA GLU B 134 -62.30 -81.28 -17.86
C GLU B 134 -63.31 -82.41 -17.83
N PRO B 135 -63.35 -83.26 -18.85
CA PRO B 135 -64.23 -84.43 -18.80
C PRO B 135 -63.65 -85.53 -17.94
N ARG B 136 -64.52 -86.47 -17.59
CA ARG B 136 -64.15 -87.58 -16.72
C ARG B 136 -65.12 -88.72 -16.98
N GLN B 137 -64.62 -89.96 -16.92
CA GLN B 137 -65.42 -91.13 -17.20
C GLN B 137 -65.94 -91.71 -15.89
N LEU B 138 -67.25 -91.65 -15.69
CA LEU B 138 -67.92 -92.17 -14.52
C LEU B 138 -68.83 -93.33 -14.90
N PRO B 139 -69.00 -94.33 -14.03
CA PRO B 139 -69.95 -95.39 -14.32
C PRO B 139 -71.38 -94.90 -14.17
N VAL B 140 -72.31 -95.67 -14.75
CA VAL B 140 -73.71 -95.27 -14.79
C VAL B 140 -74.55 -96.41 -14.24
N TYR B 141 -75.65 -96.05 -13.57
CA TYR B 141 -76.54 -97.02 -12.94
C TYR B 141 -77.95 -96.82 -13.46
N ARG B 142 -78.69 -97.91 -13.58
CA ARG B 142 -80.03 -97.84 -14.16
C ARG B 142 -81.04 -97.53 -13.06
N ALA B 143 -82.33 -97.65 -13.38
CA ALA B 143 -83.37 -97.15 -12.48
C ALA B 143 -83.58 -98.04 -11.27
N ASN B 144 -83.28 -99.33 -11.38
CA ASN B 144 -83.46 -100.23 -10.24
C ASN B 144 -82.39 -99.99 -9.18
N GLY B 145 -81.18 -99.64 -9.58
CA GLY B 145 -80.07 -99.50 -8.66
C GLY B 145 -78.89 -100.32 -9.12
N GLU B 146 -79.11 -101.16 -10.12
CA GLU B 146 -78.06 -102.02 -10.64
C GLU B 146 -77.08 -101.21 -11.49
N LYS B 147 -76.01 -101.87 -11.91
CA LYS B 147 -74.97 -101.25 -12.72
C LYS B 147 -75.09 -101.72 -14.16
N GLU B 148 -75.13 -100.76 -15.10
CA GLU B 148 -75.20 -101.07 -16.51
C GLU B 148 -73.82 -101.38 -17.07
N LEU B 149 -73.80 -101.87 -18.30
CA LEU B 149 -72.55 -102.33 -18.90
C LEU B 149 -71.70 -101.20 -19.44
N ARG B 150 -72.32 -100.08 -19.83
CA ARG B 150 -71.60 -98.98 -20.45
C ARG B 150 -71.13 -97.98 -19.40
N ASN B 151 -70.49 -96.92 -19.87
CA ASN B 151 -70.06 -95.80 -19.05
C ASN B 151 -70.65 -94.52 -19.63
N ARG B 152 -70.26 -93.39 -19.05
CA ARG B 152 -70.70 -92.09 -19.54
C ARG B 152 -69.70 -91.04 -19.08
N TRP B 153 -69.52 -90.02 -19.92
CA TRP B 153 -68.59 -88.94 -19.61
C TRP B 153 -69.34 -87.79 -18.94
N TYR B 154 -68.65 -87.12 -18.02
CA TYR B 154 -69.22 -86.01 -17.29
C TYR B 154 -68.16 -84.92 -17.13
N TRP B 155 -68.62 -83.68 -16.97
CA TRP B 155 -67.72 -82.57 -16.70
C TRP B 155 -67.40 -82.52 -15.21
N LYS B 156 -66.12 -82.41 -14.87
CA LYS B 156 -65.67 -82.21 -13.50
C LYS B 156 -64.64 -81.10 -13.49
N LEU B 157 -64.44 -80.49 -12.32
CA LEU B 157 -63.45 -79.43 -12.21
C LEU B 157 -62.04 -79.98 -12.22
N LYS B 158 -61.14 -79.25 -12.86
CA LYS B 158 -59.72 -79.47 -12.68
C LYS B 158 -59.29 -78.79 -11.39
N ARG B 159 -58.60 -79.55 -10.53
CA ARG B 159 -58.13 -79.20 -9.18
C ARG B 159 -59.19 -78.47 -8.35
N ASP B 160 -60.26 -79.16 -7.97
CA ASP B 160 -61.34 -78.57 -7.18
C ASP B 160 -60.86 -78.35 -5.75
N THR B 161 -60.09 -77.28 -5.55
CA THR B 161 -59.67 -76.87 -4.22
C THR B 161 -60.58 -75.73 -3.77
N LEU B 162 -61.80 -76.11 -3.39
CA LEU B 162 -62.78 -75.17 -2.89
C LEU B 162 -62.85 -75.32 -1.37
N PRO B 163 -62.67 -74.25 -0.61
CA PRO B 163 -62.64 -74.39 0.85
C PRO B 163 -64.05 -74.37 1.44
N ASP B 164 -64.13 -74.88 2.66
CA ASP B 164 -65.37 -74.86 3.40
C ASP B 164 -65.61 -73.47 3.99
N GLY B 165 -66.84 -73.23 4.44
CA GLY B 165 -67.22 -71.93 4.95
C GLY B 165 -67.68 -71.02 3.84
N ASP B 166 -68.69 -70.19 4.12
CA ASP B 166 -69.26 -69.37 3.05
C ASP B 166 -68.42 -68.15 2.74
N TYR B 167 -67.65 -67.66 3.71
CA TYR B 167 -66.83 -66.49 3.45
C TYR B 167 -65.59 -66.85 2.65
N ASP B 168 -65.08 -68.07 2.78
CA ASP B 168 -63.87 -68.45 2.07
C ASP B 168 -64.14 -68.84 0.62
N VAL B 169 -65.39 -68.94 0.21
CA VAL B 169 -65.69 -69.16 -1.20
C VAL B 169 -65.69 -67.84 -1.95
N ARG B 170 -66.23 -66.78 -1.34
CA ARG B 170 -66.13 -65.46 -1.95
C ARG B 170 -64.69 -64.94 -1.93
N GLU B 171 -63.88 -65.39 -0.97
CA GLU B 171 -62.46 -65.07 -1.00
C GLU B 171 -61.75 -65.84 -2.10
N TYR B 172 -62.25 -67.02 -2.46
CA TYR B 172 -61.62 -67.82 -3.50
C TYR B 172 -61.88 -67.25 -4.88
N PHE B 173 -63.07 -66.67 -5.09
CA PHE B 173 -63.39 -66.10 -6.39
C PHE B 173 -62.80 -64.72 -6.60
N LEU B 174 -62.34 -64.05 -5.54
CA LEU B 174 -61.51 -62.88 -5.75
C LEU B 174 -60.12 -63.29 -6.18
N ASN B 175 -59.64 -64.44 -5.70
CA ASN B 175 -58.33 -64.94 -6.11
C ASN B 175 -58.37 -65.53 -7.51
N LEU B 176 -59.51 -66.08 -7.94
CA LEU B 176 -59.63 -66.57 -9.31
C LEU B 176 -59.67 -65.42 -10.30
N TYR B 177 -60.30 -64.30 -9.91
CA TYR B 177 -60.34 -63.13 -10.76
C TYR B 177 -58.98 -62.48 -10.91
N ASP B 178 -58.10 -62.68 -9.94
CA ASP B 178 -56.73 -62.18 -10.06
C ASP B 178 -55.91 -63.05 -11.01
N GLN B 179 -56.26 -64.33 -11.11
CA GLN B 179 -55.50 -65.25 -11.96
C GLN B 179 -55.84 -65.04 -13.43
N VAL B 180 -57.10 -64.71 -13.75
CA VAL B 180 -57.49 -64.46 -15.13
C VAL B 180 -56.90 -63.15 -15.64
N LEU B 181 -56.75 -62.16 -14.77
CA LEU B 181 -56.22 -60.86 -15.19
C LEU B 181 -54.74 -60.90 -15.52
N THR B 182 -54.00 -61.90 -15.07
CA THR B 182 -52.63 -62.09 -15.52
C THR B 182 -52.51 -63.07 -16.66
N GLU B 183 -53.45 -63.99 -16.79
CA GLU B 183 -53.44 -64.98 -17.85
C GLU B 183 -53.92 -64.40 -19.18
N MET B 184 -54.63 -63.26 -19.17
CA MET B 184 -55.20 -62.72 -20.40
C MET B 184 -54.10 -62.13 -21.28
N PRO B 185 -54.10 -62.43 -22.57
CA PRO B 185 -53.01 -61.99 -23.43
C PRO B 185 -53.31 -60.66 -24.12
N ASP B 186 -52.23 -60.01 -24.54
CA ASP B 186 -52.38 -58.80 -25.36
C ASP B 186 -52.76 -59.19 -26.79
N TYR B 187 -51.95 -60.03 -27.43
CA TYR B 187 -52.28 -60.59 -28.72
C TYR B 187 -52.21 -62.11 -28.65
N LEU B 188 -53.02 -62.77 -29.45
CA LEU B 188 -53.15 -64.22 -29.42
C LEU B 188 -53.06 -64.72 -30.85
N LEU B 189 -51.88 -65.20 -31.25
CA LEU B 189 -51.72 -65.88 -32.52
C LEU B 189 -52.11 -67.34 -32.32
N LEU B 190 -53.06 -67.81 -33.12
CA LEU B 190 -53.69 -69.10 -32.84
C LEU B 190 -52.93 -70.26 -33.46
N LYS B 191 -52.09 -70.01 -34.46
CA LYS B 191 -51.35 -71.07 -35.13
C LYS B 191 -50.18 -71.60 -34.31
N ASP B 192 -49.84 -70.95 -33.20
CA ASP B 192 -48.75 -71.45 -32.36
C ASP B 192 -49.20 -72.65 -31.53
N MET B 193 -50.45 -72.64 -31.07
CA MET B 193 -51.05 -73.79 -30.41
C MET B 193 -51.82 -74.60 -31.45
N ALA B 194 -51.18 -75.63 -32.00
CA ALA B 194 -51.81 -76.43 -33.05
C ALA B 194 -51.16 -77.81 -33.03
N VAL B 195 -51.88 -78.80 -32.55
CA VAL B 195 -51.41 -80.18 -32.49
C VAL B 195 -52.16 -80.98 -33.54
N GLU B 196 -51.46 -81.89 -34.19
CA GLU B 196 -52.04 -82.67 -35.28
C GLU B 196 -53.07 -83.65 -34.76
N ASN B 197 -54.19 -83.76 -35.48
CA ASN B 197 -55.24 -84.70 -35.13
C ASN B 197 -54.89 -86.07 -35.73
N LYS B 198 -54.78 -87.08 -34.86
CA LYS B 198 -54.30 -88.39 -35.32
C LYS B 198 -55.38 -89.12 -36.12
N ASN B 199 -56.65 -88.93 -35.79
CA ASN B 199 -57.75 -89.57 -36.50
C ASN B 199 -58.54 -88.49 -37.22
N SER B 200 -58.44 -88.45 -38.55
CA SER B 200 -59.20 -87.51 -39.35
C SER B 200 -59.36 -88.08 -40.76
N ARG B 201 -60.25 -87.44 -41.51
CA ARG B 201 -60.38 -87.75 -42.94
C ARG B 201 -59.12 -87.35 -43.68
N ASP B 202 -58.71 -86.10 -43.54
CA ASP B 202 -57.38 -85.64 -43.94
C ASP B 202 -56.72 -85.03 -42.73
N ALA B 203 -55.40 -85.20 -42.62
CA ALA B 203 -54.70 -84.92 -41.37
C ALA B 203 -54.62 -83.43 -41.10
N GLY B 204 -55.59 -82.92 -40.35
CA GLY B 204 -55.68 -81.53 -40.00
C GLY B 204 -55.08 -81.25 -38.63
N LYS B 205 -55.49 -80.13 -38.06
CA LYS B 205 -54.96 -79.67 -36.79
C LYS B 205 -56.11 -79.22 -35.89
N VAL B 206 -55.94 -79.42 -34.58
CA VAL B 206 -56.86 -78.91 -33.58
C VAL B 206 -56.11 -77.86 -32.78
N VAL B 207 -56.78 -77.25 -31.79
CA VAL B 207 -56.26 -76.00 -31.24
C VAL B 207 -55.36 -76.21 -30.01
N ASP B 208 -55.40 -77.37 -29.37
CA ASP B 208 -54.66 -77.49 -28.13
C ASP B 208 -54.25 -78.94 -27.92
N SER B 209 -53.24 -79.13 -27.06
CA SER B 209 -52.81 -80.47 -26.70
C SER B 209 -53.86 -81.17 -25.85
N GLU B 210 -54.55 -80.42 -24.98
CA GLU B 210 -55.65 -80.98 -24.23
C GLU B 210 -56.84 -81.28 -25.12
N THR B 211 -57.01 -80.53 -26.21
CA THR B 211 -58.08 -80.79 -27.17
C THR B 211 -57.88 -82.11 -27.89
N ALA B 212 -56.65 -82.40 -28.31
CA ALA B 212 -56.37 -83.65 -28.99
C ALA B 212 -56.29 -84.85 -28.05
N ALA B 213 -56.18 -84.61 -26.74
CA ALA B 213 -56.21 -85.72 -25.80
C ALA B 213 -57.64 -86.22 -25.58
N ILE B 214 -58.61 -85.31 -25.56
CA ILE B 214 -60.01 -85.72 -25.42
C ILE B 214 -60.49 -86.40 -26.68
N CYS B 215 -60.05 -85.93 -27.85
CA CYS B 215 -60.45 -86.54 -29.11
C CYS B 215 -59.88 -87.95 -29.26
N ASP B 216 -58.70 -88.20 -28.69
CA ASP B 216 -58.08 -89.51 -28.82
C ASP B 216 -58.73 -90.54 -27.91
N ALA B 217 -59.11 -90.15 -26.70
CA ALA B 217 -59.65 -91.10 -25.74
C ALA B 217 -61.06 -91.53 -26.11
N ILE B 218 -61.85 -90.62 -26.68
CA ILE B 218 -63.21 -90.96 -27.08
C ILE B 218 -63.21 -91.81 -28.34
N PHE B 219 -62.27 -91.55 -29.26
CA PHE B 219 -62.18 -92.32 -30.49
C PHE B 219 -61.76 -93.76 -30.22
N GLN B 220 -60.80 -93.96 -29.31
CA GLN B 220 -60.29 -95.29 -29.00
C GLN B 220 -61.11 -96.00 -27.94
N ASP B 221 -62.18 -95.39 -27.44
CA ASP B 221 -63.00 -96.00 -26.39
C ASP B 221 -63.77 -97.20 -26.94
N GLU B 222 -63.97 -98.19 -26.07
CA GLU B 222 -64.68 -99.39 -26.49
C GLU B 222 -66.17 -99.13 -26.68
N GLU B 223 -66.78 -98.39 -25.75
CA GLU B 223 -68.23 -98.22 -25.71
C GLU B 223 -68.70 -96.97 -26.42
N THR B 224 -67.85 -96.30 -27.19
CA THR B 224 -68.27 -95.08 -27.87
C THR B 224 -69.19 -95.43 -29.05
N GLU B 225 -70.09 -94.52 -29.36
CA GLU B 225 -71.07 -94.77 -30.41
C GLU B 225 -70.48 -94.43 -31.78
N GLY B 226 -71.16 -94.90 -32.83
CA GLY B 226 -70.68 -94.69 -34.17
C GLY B 226 -70.86 -93.28 -34.69
N VAL B 227 -71.71 -92.48 -34.04
CA VAL B 227 -71.95 -91.13 -34.53
C VAL B 227 -70.87 -90.18 -34.05
N VAL B 228 -70.49 -90.27 -32.78
CA VAL B 228 -69.43 -89.41 -32.25
C VAL B 228 -68.07 -89.83 -32.81
N ARG B 229 -67.87 -91.11 -33.08
CA ARG B 229 -66.62 -91.58 -33.66
C ARG B 229 -66.48 -91.14 -35.11
N ARG B 230 -67.60 -91.03 -35.83
CA ARG B 230 -67.60 -90.51 -37.19
C ARG B 230 -67.46 -88.99 -37.23
N PHE B 231 -67.71 -88.31 -36.11
CA PHE B 231 -67.64 -86.86 -36.06
C PHE B 231 -66.22 -86.37 -35.87
N ILE B 232 -65.35 -87.18 -35.28
CA ILE B 232 -63.97 -86.79 -35.05
C ILE B 232 -63.16 -86.86 -36.34
N ALA B 233 -63.60 -87.66 -37.32
CA ALA B 233 -62.93 -87.72 -38.61
C ALA B 233 -63.09 -86.42 -39.39
N GLU B 234 -64.30 -85.86 -39.39
CA GLU B 234 -64.55 -84.60 -40.09
C GLU B 234 -64.35 -83.41 -39.15
N MET B 235 -63.10 -83.24 -38.71
CA MET B 235 -62.74 -82.18 -37.77
C MET B 235 -61.36 -81.66 -38.17
N ARG B 236 -61.35 -80.63 -39.01
CA ARG B 236 -60.12 -80.05 -39.53
C ARG B 236 -60.24 -78.54 -39.55
N GLN B 237 -59.15 -77.87 -39.92
CA GLN B 237 -59.09 -76.42 -39.99
C GLN B 237 -59.36 -75.94 -41.40
N ARG B 238 -59.80 -74.68 -41.50
CA ARG B 238 -60.08 -74.05 -42.78
C ARG B 238 -59.30 -72.75 -42.86
N VAL B 239 -58.39 -72.66 -43.82
CA VAL B 239 -57.49 -71.52 -43.95
C VAL B 239 -57.97 -70.64 -45.10
N GLN B 240 -58.17 -69.36 -44.82
CA GLN B 240 -58.43 -68.36 -45.85
C GLN B 240 -57.22 -67.44 -45.93
N ALA B 241 -56.73 -67.22 -47.16
CA ALA B 241 -55.49 -66.50 -47.35
C ALA B 241 -55.67 -65.09 -47.87
N ASP B 242 -56.84 -64.75 -48.40
CA ASP B 242 -57.10 -63.38 -48.82
C ASP B 242 -57.20 -62.47 -47.61
N ARG B 243 -58.19 -62.72 -46.75
CA ARG B 243 -58.20 -62.21 -45.39
C ARG B 243 -57.55 -63.26 -44.50
N ASN B 244 -56.43 -62.91 -43.86
CA ASN B 244 -55.62 -63.91 -43.16
C ASN B 244 -56.30 -64.34 -41.87
N VAL B 245 -57.24 -65.28 -42.01
CA VAL B 245 -57.92 -65.88 -40.86
C VAL B 245 -57.82 -67.39 -40.97
N VAL B 246 -57.93 -68.06 -39.81
CA VAL B 246 -57.97 -69.51 -39.71
C VAL B 246 -59.09 -69.88 -38.74
N ASN B 247 -59.59 -71.11 -38.88
CA ASN B 247 -60.66 -71.61 -38.03
C ASN B 247 -60.25 -72.96 -37.46
N TYR B 248 -59.56 -72.94 -36.31
CA TYR B 248 -59.21 -74.23 -35.75
C TYR B 248 -60.34 -74.76 -34.88
N PRO B 249 -60.65 -76.05 -34.94
CA PRO B 249 -61.69 -76.60 -34.06
C PRO B 249 -61.20 -76.71 -32.63
N SER B 250 -62.14 -77.00 -31.73
CA SER B 250 -61.86 -77.00 -30.31
C SER B 250 -62.79 -77.97 -29.62
N ILE B 251 -62.55 -78.17 -28.32
CA ILE B 251 -63.55 -78.78 -27.45
C ILE B 251 -63.44 -78.17 -26.06
N LEU B 252 -64.47 -77.42 -25.67
CA LEU B 252 -64.42 -76.60 -24.47
C LEU B 252 -65.76 -76.63 -23.77
N HIS B 253 -65.73 -76.43 -22.46
CA HIS B 253 -66.94 -76.22 -21.69
C HIS B 253 -67.58 -74.88 -22.09
N PRO B 254 -68.90 -74.74 -21.96
CA PRO B 254 -69.52 -73.43 -22.23
C PRO B 254 -69.10 -72.32 -21.28
N ILE B 255 -68.56 -72.63 -20.10
CA ILE B 255 -67.92 -71.59 -19.31
C ILE B 255 -66.50 -71.35 -19.81
N ASP B 256 -65.83 -72.40 -20.29
CA ASP B 256 -64.51 -72.25 -20.90
C ASP B 256 -64.59 -71.48 -22.21
N HIS B 257 -65.67 -71.66 -22.97
CA HIS B 257 -65.78 -70.98 -24.25
C HIS B 257 -66.05 -69.51 -24.09
N ALA B 258 -66.73 -69.12 -23.00
CA ALA B 258 -66.99 -67.70 -22.76
C ALA B 258 -65.75 -66.94 -22.31
N PHE B 259 -64.70 -67.64 -21.89
CA PHE B 259 -63.46 -66.98 -21.49
C PHE B 259 -62.46 -66.87 -22.61
N ASN B 260 -62.41 -67.86 -23.50
CA ASN B 260 -61.45 -67.85 -24.60
C ASN B 260 -61.98 -67.12 -25.83
N GLU B 261 -63.29 -67.05 -26.01
CA GLU B 261 -63.84 -66.23 -27.08
C GLU B 261 -63.66 -64.75 -26.77
N TYR B 262 -63.71 -64.38 -25.49
CA TYR B 262 -63.46 -62.99 -25.12
C TYR B 262 -62.00 -62.60 -25.33
N PHE B 263 -61.08 -63.55 -25.22
CA PHE B 263 -59.67 -63.22 -25.41
C PHE B 263 -59.32 -63.02 -26.88
N LEU B 264 -60.16 -63.51 -27.81
CA LEU B 264 -59.89 -63.38 -29.23
C LEU B 264 -60.56 -62.16 -29.84
N GLN B 265 -61.70 -61.74 -29.30
CA GLN B 265 -62.39 -60.59 -29.88
C GLN B 265 -61.81 -59.27 -29.42
N HIS B 266 -61.24 -59.22 -28.23
CA HIS B 266 -60.77 -57.98 -27.62
C HIS B 266 -59.26 -58.07 -27.41
N GLN B 267 -58.50 -57.71 -28.45
CA GLN B 267 -57.04 -57.74 -28.40
C GLN B 267 -56.50 -56.33 -28.46
N LEU B 268 -55.31 -56.14 -27.88
CA LEU B 268 -54.67 -54.84 -27.84
C LEU B 268 -53.63 -54.70 -28.97
N VAL B 269 -54.07 -54.89 -30.21
CA VAL B 269 -53.21 -54.67 -31.37
C VAL B 269 -53.94 -53.83 -32.39
N GLU B 270 -53.22 -52.92 -33.03
CA GLU B 270 -53.69 -52.04 -34.08
C GLU B 270 -52.76 -52.16 -35.27
N PRO B 271 -53.24 -51.91 -36.49
CA PRO B 271 -52.34 -51.97 -37.65
C PRO B 271 -51.32 -50.83 -37.64
N LEU B 272 -50.24 -51.04 -38.38
CA LEU B 272 -49.11 -50.11 -38.36
C LEU B 272 -48.63 -49.84 -39.78
N ASN B 273 -48.51 -48.56 -40.11
CA ASN B 273 -47.98 -48.13 -41.40
C ASN B 273 -46.84 -47.14 -41.18
N ASN B 274 -46.38 -46.49 -42.23
CA ASN B 274 -45.39 -45.43 -42.11
C ASN B 274 -46.00 -44.07 -41.83
N ASP B 275 -47.32 -43.99 -41.74
CA ASP B 275 -47.97 -42.75 -41.33
C ASP B 275 -48.27 -42.73 -39.84
N ILE B 276 -48.35 -43.90 -39.21
CA ILE B 276 -48.56 -43.97 -37.76
C ILE B 276 -47.25 -43.84 -37.01
N ILE B 277 -46.12 -44.11 -37.66
CA ILE B 277 -44.82 -43.81 -37.06
C ILE B 277 -44.60 -42.30 -37.01
N PHE B 278 -44.91 -41.61 -38.11
CA PHE B 278 -44.69 -40.17 -38.18
C PHE B 278 -45.70 -39.36 -37.38
N ASN B 279 -46.78 -39.99 -36.89
CA ASN B 279 -47.70 -39.31 -35.99
C ASN B 279 -47.42 -39.63 -34.52
N TYR B 280 -46.55 -40.61 -34.25
CA TYR B 280 -46.13 -40.89 -32.88
C TYR B 280 -45.25 -39.77 -32.34
N ILE B 281 -44.46 -39.15 -33.21
CA ILE B 281 -43.67 -37.96 -32.87
C ILE B 281 -44.61 -36.81 -32.56
N PRO B 282 -44.35 -36.00 -31.54
CA PRO B 282 -45.26 -34.89 -31.22
C PRO B 282 -45.31 -33.83 -32.30
N GLU B 283 -46.37 -33.02 -32.25
CA GLU B 283 -46.71 -32.16 -33.37
C GLU B 283 -45.78 -30.96 -33.48
N ARG B 284 -45.21 -30.49 -32.38
CA ARG B 284 -44.32 -29.34 -32.43
C ARG B 284 -42.94 -29.67 -33.00
N ILE B 285 -42.58 -30.94 -33.13
CA ILE B 285 -41.23 -31.33 -33.52
C ILE B 285 -41.16 -31.70 -34.99
N ARG B 286 -42.14 -32.46 -35.49
CA ARG B 286 -42.19 -32.74 -36.92
C ARG B 286 -42.58 -31.52 -37.74
N ASN B 287 -43.23 -30.53 -37.13
CA ASN B 287 -43.51 -29.26 -37.79
C ASN B 287 -42.49 -28.18 -37.43
N ASP B 288 -41.32 -28.58 -36.95
CA ASP B 288 -40.24 -27.64 -36.68
C ASP B 288 -39.36 -27.49 -37.90
N VAL B 289 -38.83 -26.29 -38.09
CA VAL B 289 -37.98 -26.02 -39.25
C VAL B 289 -36.61 -26.64 -39.06
N ASN B 290 -36.10 -26.63 -37.83
CA ASN B 290 -34.71 -26.98 -37.56
C ASN B 290 -34.42 -28.48 -37.66
N TYR B 291 -35.44 -29.33 -37.63
CA TYR B 291 -35.25 -30.78 -37.60
C TYR B 291 -35.74 -31.39 -38.89
N ILE B 292 -34.87 -32.15 -39.56
CA ILE B 292 -35.22 -32.89 -40.76
C ILE B 292 -35.35 -34.36 -40.37
N LEU B 293 -36.49 -34.96 -40.67
CA LEU B 293 -36.82 -36.29 -40.19
C LEU B 293 -36.86 -37.27 -41.35
N ASN B 294 -36.21 -38.41 -41.18
CA ASN B 294 -35.92 -39.34 -42.27
C ASN B 294 -36.08 -40.77 -41.77
N MET B 295 -36.55 -41.65 -42.66
CA MET B 295 -36.71 -43.05 -42.32
C MET B 295 -36.34 -43.92 -43.51
N ASP B 296 -36.04 -45.18 -43.23
CA ASP B 296 -35.41 -46.08 -44.20
C ASP B 296 -36.37 -47.12 -44.76
N ARG B 297 -36.99 -47.94 -43.91
CA ARG B 297 -37.77 -49.08 -44.37
C ARG B 297 -39.25 -48.81 -44.21
N ASN B 298 -40.04 -49.24 -45.19
CA ASN B 298 -41.48 -49.16 -45.12
C ASN B 298 -42.07 -50.51 -44.71
N LEU B 299 -42.82 -50.51 -43.62
CA LEU B 299 -43.32 -51.70 -42.95
C LEU B 299 -44.46 -52.33 -43.75
N PRO B 300 -44.65 -53.65 -43.63
CA PRO B 300 -45.74 -54.30 -44.36
C PRO B 300 -47.10 -53.99 -43.75
N SER B 301 -48.14 -54.46 -44.43
CA SER B 301 -49.50 -54.34 -43.92
C SER B 301 -49.80 -55.35 -42.83
N THR B 302 -48.93 -56.34 -42.63
CA THR B 302 -49.09 -57.32 -41.56
C THR B 302 -48.74 -56.73 -40.20
N ALA B 303 -47.81 -55.78 -40.17
CA ALA B 303 -47.20 -55.29 -38.93
C ALA B 303 -48.18 -54.62 -37.99
N ARG B 304 -48.13 -55.00 -36.72
CA ARG B 304 -49.00 -54.46 -35.68
C ARG B 304 -48.17 -53.85 -34.55
N TYR B 305 -48.86 -53.11 -33.68
CA TYR B 305 -48.21 -52.48 -32.54
C TYR B 305 -49.23 -52.24 -31.44
N ILE B 306 -48.76 -52.20 -30.21
CA ILE B 306 -49.62 -51.98 -29.04
C ILE B 306 -49.58 -50.49 -28.69
N ARG B 307 -50.74 -49.88 -28.60
CA ARG B 307 -50.79 -48.44 -28.32
C ARG B 307 -50.88 -48.21 -26.82
N PRO B 308 -50.05 -47.34 -26.26
CA PRO B 308 -50.17 -47.02 -24.83
C PRO B 308 -51.36 -46.12 -24.56
N ASN B 309 -51.78 -46.08 -23.30
CA ASN B 309 -52.86 -45.21 -22.87
C ASN B 309 -52.30 -43.98 -22.16
N LEU B 310 -52.28 -42.86 -22.87
CA LEU B 310 -51.85 -41.58 -22.32
C LEU B 310 -53.10 -40.74 -22.11
N LEU B 311 -53.76 -40.95 -20.99
CA LEU B 311 -54.85 -40.10 -20.56
C LEU B 311 -54.52 -39.60 -19.16
N GLN B 312 -54.90 -38.35 -18.88
CA GLN B 312 -54.35 -37.61 -17.75
C GLN B 312 -54.79 -38.22 -16.42
N ASP B 313 -54.07 -37.85 -15.36
CA ASP B 313 -54.17 -38.56 -14.10
C ASP B 313 -55.52 -38.31 -13.43
N ARG B 314 -56.12 -39.38 -12.94
CA ARG B 314 -57.47 -39.37 -12.41
C ARG B 314 -57.49 -39.39 -10.89
N LEU B 315 -56.32 -39.31 -10.26
CA LEU B 315 -56.23 -39.24 -8.81
C LEU B 315 -56.10 -37.82 -8.29
N ASN B 316 -55.61 -36.89 -9.12
CA ASN B 316 -55.30 -35.51 -8.75
C ASN B 316 -54.33 -35.47 -7.57
N LEU B 317 -53.12 -35.98 -7.83
CA LEU B 317 -52.11 -36.08 -6.79
C LEU B 317 -51.46 -34.74 -6.43
N HIS B 318 -51.82 -33.66 -7.11
CA HIS B 318 -51.41 -32.33 -6.67
C HIS B 318 -52.44 -31.68 -5.76
N ASP B 319 -53.53 -32.38 -5.45
CA ASP B 319 -54.62 -31.87 -4.62
C ASP B 319 -54.56 -32.57 -3.28
N ASN B 320 -54.01 -31.88 -2.28
CA ASN B 320 -53.93 -32.32 -0.88
C ASN B 320 -53.14 -33.63 -0.71
N PHE B 321 -52.18 -33.87 -1.60
CA PHE B 321 -51.17 -34.91 -1.40
C PHE B 321 -49.82 -34.20 -1.56
N GLU B 322 -49.36 -33.57 -0.50
CA GLU B 322 -48.19 -32.71 -0.62
C GLU B 322 -46.89 -33.42 -0.29
N SER B 323 -46.95 -34.73 -0.03
CA SER B 323 -45.74 -35.53 0.12
C SER B 323 -45.56 -36.54 -0.99
N LEU B 324 -46.63 -36.98 -1.65
CA LEU B 324 -46.52 -37.79 -2.86
C LEU B 324 -46.33 -36.94 -4.10
N TRP B 325 -46.66 -35.64 -4.03
CA TRP B 325 -46.35 -34.76 -5.15
C TRP B 325 -44.92 -34.28 -5.10
N ASP B 326 -44.34 -34.16 -3.90
CA ASP B 326 -42.98 -33.64 -3.78
C ASP B 326 -41.94 -34.63 -4.28
N THR B 327 -42.22 -35.93 -4.19
CA THR B 327 -41.30 -36.93 -4.71
C THR B 327 -41.73 -37.49 -6.06
N ILE B 328 -42.75 -36.90 -6.68
CA ILE B 328 -43.07 -37.16 -8.08
C ILE B 328 -42.69 -36.01 -8.97
N THR B 329 -42.36 -34.84 -8.40
CA THR B 329 -41.83 -33.72 -9.16
C THR B 329 -40.36 -33.45 -8.85
N THR B 330 -39.78 -34.11 -7.86
CA THR B 330 -38.33 -34.14 -7.75
C THR B 330 -37.74 -35.13 -8.74
N SER B 331 -38.34 -36.31 -8.82
CA SER B 331 -37.91 -37.32 -9.79
C SER B 331 -38.18 -36.91 -11.22
N ASN B 332 -39.10 -35.98 -11.46
CA ASN B 332 -39.26 -35.37 -12.77
C ASN B 332 -38.26 -34.26 -13.03
N TYR B 333 -37.51 -33.83 -12.01
CA TYR B 333 -36.56 -32.75 -12.16
C TYR B 333 -35.13 -33.24 -12.37
N ILE B 334 -34.76 -34.38 -11.79
CA ILE B 334 -33.45 -34.95 -12.07
C ILE B 334 -33.42 -35.56 -13.46
N LEU B 335 -34.57 -35.90 -14.03
CA LEU B 335 -34.61 -36.32 -15.43
C LEU B 335 -34.44 -35.13 -16.37
N ALA B 336 -35.18 -34.06 -16.13
CA ALA B 336 -35.12 -32.89 -16.99
C ALA B 336 -33.84 -32.09 -16.81
N ARG B 337 -33.07 -32.37 -15.76
CA ARG B 337 -31.76 -31.75 -15.60
C ARG B 337 -30.73 -32.35 -16.54
N SER B 338 -30.87 -33.64 -16.86
CA SER B 338 -29.90 -34.34 -17.68
C SER B 338 -30.20 -34.27 -19.17
N VAL B 339 -31.27 -33.58 -19.57
CA VAL B 339 -31.70 -33.52 -20.95
C VAL B 339 -31.42 -32.16 -21.58
N VAL B 340 -31.61 -31.08 -20.82
CA VAL B 340 -31.35 -29.72 -21.29
C VAL B 340 -29.86 -29.56 -21.61
N PRO B 341 -29.49 -29.03 -22.77
CA PRO B 341 -28.10 -29.10 -23.21
C PRO B 341 -27.22 -28.05 -22.56
N ASP B 342 -25.91 -28.30 -22.62
CA ASP B 342 -24.90 -27.41 -22.10
C ASP B 342 -24.40 -26.48 -23.20
N LEU B 343 -23.84 -25.35 -22.77
CA LEU B 343 -23.48 -24.29 -23.69
C LEU B 343 -22.13 -24.58 -24.34
N LYS B 344 -22.07 -24.38 -25.65
CA LYS B 344 -20.83 -24.46 -26.41
C LYS B 344 -20.42 -23.07 -26.87
N GLU B 345 -19.11 -22.84 -26.89
CA GLU B 345 -18.47 -21.61 -27.36
C GLU B 345 -18.97 -20.40 -26.56
N LEU B 346 -18.59 -20.40 -25.29
CA LEU B 346 -18.77 -19.21 -24.48
C LEU B 346 -17.73 -18.17 -24.86
N VAL B 347 -17.95 -16.94 -24.39
CA VAL B 347 -16.92 -15.92 -24.53
C VAL B 347 -15.73 -16.30 -23.67
N SER B 348 -14.53 -16.19 -24.23
CA SER B 348 -13.31 -16.63 -23.55
C SER B 348 -13.08 -15.80 -22.29
N THR B 349 -12.94 -16.51 -21.17
CA THR B 349 -13.06 -15.90 -19.84
C THR B 349 -11.91 -14.95 -19.55
N GLU B 350 -10.72 -15.21 -20.08
CA GLU B 350 -9.61 -14.28 -19.88
C GLU B 350 -9.70 -13.08 -20.80
N ALA B 351 -10.53 -13.13 -21.84
CA ALA B 351 -10.74 -12.00 -22.72
C ALA B 351 -11.98 -11.20 -22.38
N GLN B 352 -12.85 -11.73 -21.52
CA GLN B 352 -14.03 -11.01 -21.04
C GLN B 352 -13.82 -10.37 -19.69
N ILE B 353 -13.17 -11.07 -18.76
CA ILE B 353 -12.95 -10.51 -17.43
C ILE B 353 -11.85 -9.45 -17.44
N GLN B 354 -11.05 -9.38 -18.52
CA GLN B 354 -10.06 -8.31 -18.65
C GLN B 354 -10.69 -7.04 -19.20
N LYS B 355 -11.67 -7.17 -20.08
CA LYS B 355 -12.46 -6.02 -20.52
C LYS B 355 -13.35 -5.53 -19.39
N MET B 356 -13.82 -6.44 -18.56
CA MET B 356 -14.72 -6.08 -17.46
C MET B 356 -13.98 -5.35 -16.35
N SER B 357 -12.73 -5.74 -16.09
CA SER B 357 -11.98 -5.15 -14.98
C SER B 357 -11.39 -3.79 -15.31
N GLN B 358 -11.45 -3.34 -16.56
CA GLN B 358 -11.08 -1.97 -16.90
C GLN B 358 -12.27 -1.02 -16.82
N ASP B 359 -13.47 -1.50 -17.14
CA ASP B 359 -14.65 -0.64 -17.06
C ASP B 359 -15.06 -0.38 -15.62
N LEU B 360 -14.72 -1.28 -14.70
CA LEU B 360 -14.95 -1.02 -13.29
C LEU B 360 -13.90 -0.09 -12.71
N GLN B 361 -12.67 -0.13 -13.26
CA GLN B 361 -11.53 0.68 -12.83
C GLN B 361 -11.25 0.49 -11.33
N LEU B 362 -11.01 -0.76 -10.97
CA LEU B 362 -10.85 -1.11 -9.56
C LEU B 362 -9.47 -0.71 -9.07
N GLU B 363 -9.44 0.09 -8.01
CA GLU B 363 -8.21 0.60 -7.42
C GLU B 363 -7.63 -0.43 -6.47
N ALA B 364 -6.30 -0.55 -6.48
CA ALA B 364 -5.60 -1.59 -5.74
C ALA B 364 -5.37 -1.22 -4.29
N LEU B 365 -6.01 -0.20 -3.77
CA LEU B 365 -5.65 0.26 -2.44
C LEU B 365 -6.83 0.38 -1.48
N THR B 366 -8.00 0.79 -1.97
CA THR B 366 -9.13 1.08 -1.11
C THR B 366 -10.14 -0.06 -1.12
N ILE B 367 -10.86 -0.19 -0.01
CA ILE B 367 -11.93 -1.16 0.11
C ILE B 367 -13.20 -0.53 -0.48
N GLN B 368 -13.58 -0.98 -1.68
CA GLN B 368 -14.74 -0.44 -2.37
C GLN B 368 -15.70 -1.57 -2.70
N SER B 369 -16.90 -1.18 -3.14
CA SER B 369 -17.96 -2.12 -3.46
C SER B 369 -17.93 -2.56 -4.92
N GLU B 370 -16.82 -2.32 -5.61
CA GLU B 370 -16.65 -2.75 -6.99
C GLU B 370 -15.65 -3.89 -7.14
N THR B 371 -14.96 -4.29 -6.08
CA THR B 371 -14.14 -5.48 -6.15
C THR B 371 -14.98 -6.75 -6.01
N GLN B 372 -16.22 -6.63 -5.56
CA GLN B 372 -17.10 -7.78 -5.42
C GLN B 372 -17.95 -8.02 -6.66
N PHE B 373 -17.75 -7.24 -7.72
CA PHE B 373 -18.50 -7.43 -8.95
C PHE B 373 -18.00 -8.61 -9.77
N LEU B 374 -16.85 -9.18 -9.40
CA LEU B 374 -16.21 -10.22 -10.19
C LEU B 374 -16.12 -11.55 -9.47
N THR B 375 -16.77 -11.70 -8.32
CA THR B 375 -16.70 -12.95 -7.57
C THR B 375 -17.62 -13.97 -8.19
N GLY B 376 -17.07 -15.12 -8.55
CA GLY B 376 -17.88 -16.25 -8.95
C GLY B 376 -18.41 -16.21 -10.37
N ILE B 377 -17.65 -15.70 -11.32
CA ILE B 377 -18.03 -15.78 -12.73
C ILE B 377 -17.01 -16.65 -13.45
N ASN B 378 -17.47 -17.79 -13.97
CA ASN B 378 -16.64 -18.72 -14.71
C ASN B 378 -17.53 -19.55 -15.61
N SER B 379 -16.92 -20.50 -16.33
CA SER B 379 -17.65 -21.28 -17.32
C SER B 379 -18.59 -22.29 -16.68
N GLN B 380 -18.25 -22.79 -15.48
CA GLN B 380 -19.07 -23.83 -14.88
C GLN B 380 -20.35 -23.28 -14.26
N ALA B 381 -20.31 -22.06 -13.72
CA ALA B 381 -21.51 -21.50 -13.11
C ALA B 381 -22.53 -21.06 -14.13
N ALA B 382 -22.16 -20.91 -15.40
CA ALA B 382 -23.13 -20.61 -16.43
C ALA B 382 -23.86 -21.86 -16.90
N ASN B 383 -23.15 -23.00 -16.94
CA ASN B 383 -23.75 -24.25 -17.38
C ASN B 383 -24.61 -24.91 -16.31
N ASP B 384 -24.56 -24.42 -15.06
CA ASP B 384 -25.39 -24.93 -14.00
C ASP B 384 -26.52 -23.98 -13.62
N CYS B 385 -26.52 -22.76 -14.14
CA CYS B 385 -27.65 -21.85 -14.00
C CYS B 385 -28.57 -21.92 -15.20
N PHE B 386 -28.02 -22.21 -16.38
CA PHE B 386 -28.84 -22.44 -17.56
C PHE B 386 -29.62 -23.74 -17.45
N LYS B 387 -29.09 -24.74 -16.75
CA LYS B 387 -29.82 -25.99 -16.57
C LYS B 387 -30.90 -25.85 -15.52
N THR B 388 -30.58 -25.25 -14.37
CA THR B 388 -31.55 -25.18 -13.29
C THR B 388 -32.64 -24.13 -13.51
N LEU B 389 -32.56 -23.35 -14.58
CA LEU B 389 -33.68 -22.51 -14.99
C LEU B 389 -34.63 -23.26 -15.92
N ILE B 390 -34.08 -23.98 -16.90
CA ILE B 390 -34.92 -24.73 -17.83
C ILE B 390 -35.52 -25.96 -17.16
N ALA B 391 -34.71 -26.69 -16.37
CA ALA B 391 -35.19 -27.94 -15.79
C ALA B 391 -36.17 -27.72 -14.65
N ALA B 392 -36.13 -26.56 -13.99
CA ALA B 392 -37.15 -26.29 -12.98
C ALA B 392 -38.47 -25.89 -13.62
N MET B 393 -38.43 -25.22 -14.77
CA MET B 393 -39.66 -24.82 -15.44
C MET B 393 -40.41 -26.01 -16.04
N LEU B 394 -39.69 -27.03 -16.49
CA LEU B 394 -40.31 -28.22 -17.05
C LEU B 394 -40.83 -29.17 -15.98
N SER B 395 -40.49 -28.94 -14.72
CA SER B 395 -40.94 -29.79 -13.62
C SER B 395 -41.78 -29.07 -12.61
N GLN B 396 -41.88 -27.73 -12.68
CA GLN B 396 -42.59 -26.86 -11.75
C GLN B 396 -42.09 -27.04 -10.32
N ARG B 397 -40.78 -27.15 -10.16
CA ARG B 397 -40.18 -26.99 -8.84
C ARG B 397 -40.21 -25.53 -8.45
N THR B 398 -40.48 -25.27 -7.18
CA THR B 398 -40.36 -23.92 -6.66
C THR B 398 -38.88 -23.62 -6.43
N MET B 399 -38.37 -22.58 -7.07
CA MET B 399 -36.98 -22.22 -6.87
C MET B 399 -36.83 -21.38 -5.61
N SER B 400 -35.59 -21.00 -5.33
CA SER B 400 -35.29 -20.18 -4.15
C SER B 400 -34.01 -19.43 -4.44
N LEU B 401 -34.08 -18.10 -4.46
CA LEU B 401 -32.92 -17.29 -4.75
C LEU B 401 -31.95 -17.30 -3.58
N ASP B 402 -30.69 -16.99 -3.87
CA ASP B 402 -29.64 -16.98 -2.86
C ASP B 402 -28.59 -15.97 -3.28
N PHE B 403 -28.34 -14.99 -2.43
CA PHE B 403 -27.50 -13.85 -2.79
C PHE B 403 -26.93 -13.24 -1.52
N VAL B 404 -26.12 -12.21 -1.70
CA VAL B 404 -25.56 -11.44 -0.60
C VAL B 404 -25.77 -9.96 -0.92
N THR B 405 -26.16 -9.20 0.10
CA THR B 405 -26.66 -7.83 -0.13
C THR B 405 -25.54 -6.87 -0.50
N THR B 406 -24.31 -7.16 -0.08
CA THR B 406 -23.19 -6.26 -0.37
C THR B 406 -22.60 -6.44 -1.77
N ASN B 407 -23.21 -7.25 -2.62
CA ASN B 407 -22.76 -7.48 -3.99
C ASN B 407 -23.79 -6.84 -4.92
N TYR B 408 -23.49 -5.65 -5.41
CA TYR B 408 -24.47 -4.91 -6.20
C TYR B 408 -24.64 -5.47 -7.60
N MET B 409 -23.64 -6.17 -8.14
CA MET B 409 -23.79 -6.75 -9.47
C MET B 409 -24.73 -7.95 -9.46
N SER B 410 -24.83 -8.64 -8.32
CA SER B 410 -25.81 -9.69 -8.18
C SER B 410 -27.23 -9.18 -8.02
N LEU B 411 -27.41 -7.87 -7.81
CA LEU B 411 -28.72 -7.25 -7.72
C LEU B 411 -29.18 -6.66 -9.04
N ILE B 412 -28.26 -6.37 -9.96
CA ILE B 412 -28.66 -5.95 -11.30
C ILE B 412 -28.92 -7.18 -12.17
N SER B 413 -28.20 -8.29 -11.94
CA SER B 413 -28.56 -9.55 -12.57
C SER B 413 -29.84 -10.13 -11.97
N GLY B 414 -30.20 -9.72 -10.75
CA GLY B 414 -31.50 -10.07 -10.20
C GLY B 414 -32.64 -9.30 -10.81
N MET B 415 -32.34 -8.18 -11.48
CA MET B 415 -33.34 -7.45 -12.26
C MET B 415 -33.64 -8.12 -13.58
N TRP B 416 -32.85 -9.11 -13.98
CA TRP B 416 -33.09 -9.80 -15.25
C TRP B 416 -33.88 -11.08 -15.08
N LEU B 417 -33.80 -11.76 -13.93
CA LEU B 417 -34.62 -12.94 -13.70
C LEU B 417 -36.09 -12.58 -13.54
N LEU B 418 -36.38 -11.53 -12.77
CA LEU B 418 -37.77 -11.20 -12.46
C LEU B 418 -38.53 -10.65 -13.66
N THR B 419 -37.82 -10.19 -14.70
CA THR B 419 -38.47 -9.73 -15.92
C THR B 419 -38.51 -10.79 -17.00
N VAL B 420 -38.03 -12.01 -16.72
CA VAL B 420 -38.07 -13.12 -17.66
C VAL B 420 -38.76 -14.34 -17.06
N VAL B 421 -38.29 -14.78 -15.89
CA VAL B 421 -38.95 -15.86 -15.17
C VAL B 421 -40.17 -15.30 -14.44
N PRO B 422 -41.33 -15.95 -14.53
CA PRO B 422 -42.51 -15.47 -13.80
C PRO B 422 -42.33 -15.55 -12.29
N ASN B 423 -42.79 -14.51 -11.60
CA ASN B 423 -42.60 -14.40 -10.15
C ASN B 423 -43.44 -15.36 -9.34
N ASP B 424 -44.34 -16.12 -9.97
CA ASP B 424 -45.11 -17.14 -9.28
C ASP B 424 -44.36 -18.45 -9.13
N MET B 425 -43.04 -18.41 -9.31
CA MET B 425 -42.18 -19.59 -9.26
C MET B 425 -41.19 -19.55 -8.13
N PHE B 426 -40.61 -18.39 -7.82
CA PHE B 426 -39.77 -18.28 -6.64
C PHE B 426 -40.64 -18.28 -5.39
N ILE B 427 -40.06 -18.76 -4.30
CA ILE B 427 -40.78 -18.84 -3.04
C ILE B 427 -40.88 -17.45 -2.44
N ARG B 428 -41.99 -17.19 -1.72
CA ARG B 428 -42.34 -15.81 -1.40
C ARG B 428 -41.47 -15.22 -0.30
N GLU B 429 -40.95 -16.04 0.62
CA GLU B 429 -40.05 -15.51 1.63
C GLU B 429 -38.65 -15.22 1.08
N SER B 430 -38.36 -15.64 -0.16
CA SER B 430 -37.09 -15.34 -0.80
C SER B 430 -37.24 -14.57 -2.11
N LEU B 431 -38.46 -14.40 -2.63
CA LEU B 431 -38.66 -13.48 -3.74
C LEU B 431 -38.79 -12.05 -3.24
N VAL B 432 -39.42 -11.88 -2.07
CA VAL B 432 -39.64 -10.55 -1.51
C VAL B 432 -38.33 -9.96 -1.00
N ALA B 433 -37.48 -10.78 -0.37
CA ALA B 433 -36.20 -10.29 0.12
C ALA B 433 -35.20 -9.98 -0.98
N CYS B 434 -35.44 -10.41 -2.21
CA CYS B 434 -34.64 -9.98 -3.35
C CYS B 434 -35.22 -8.76 -4.04
N GLN B 435 -36.55 -8.62 -4.07
CA GLN B 435 -37.17 -7.42 -4.60
C GLN B 435 -36.95 -6.23 -3.69
N LEU B 436 -36.78 -6.46 -2.39
CA LEU B 436 -36.54 -5.37 -1.45
C LEU B 436 -35.13 -4.83 -1.57
N ALA B 437 -34.16 -5.69 -1.91
CA ALA B 437 -32.79 -5.22 -2.04
C ALA B 437 -32.58 -4.42 -3.31
N ILE B 438 -33.36 -4.68 -4.36
CA ILE B 438 -33.30 -3.87 -5.56
C ILE B 438 -33.85 -2.48 -5.30
N ILE B 439 -34.90 -2.41 -4.48
CA ILE B 439 -35.59 -1.14 -4.25
C ILE B 439 -34.76 -0.22 -3.36
N ASN B 440 -34.24 -0.76 -2.26
CA ASN B 440 -33.50 0.07 -1.29
C ASN B 440 -32.08 0.40 -1.73
N THR B 441 -31.60 -0.15 -2.85
CA THR B 441 -30.24 0.12 -3.29
C THR B 441 -30.19 0.75 -4.68
N ILE B 442 -30.89 0.17 -5.65
CA ILE B 442 -30.77 0.61 -7.04
C ILE B 442 -31.78 1.69 -7.40
N ILE B 443 -33.01 1.61 -6.89
CA ILE B 443 -34.08 2.47 -7.40
C ILE B 443 -34.34 3.66 -6.48
N TYR B 444 -34.73 3.40 -5.22
CA TYR B 444 -35.10 4.48 -4.32
C TYR B 444 -33.95 5.41 -3.89
N PRO B 445 -32.69 4.96 -3.77
CA PRO B 445 -31.62 5.95 -3.67
C PRO B 445 -31.41 6.76 -4.94
N ALA B 446 -31.71 6.19 -6.11
CA ALA B 446 -31.44 6.89 -7.36
C ALA B 446 -32.46 7.96 -7.69
N PHE B 447 -33.58 8.02 -6.99
CA PHE B 447 -34.61 9.01 -7.22
C PHE B 447 -34.69 10.05 -6.12
N GLY B 448 -33.92 9.89 -5.04
CA GLY B 448 -33.83 10.88 -3.99
C GLY B 448 -34.86 10.74 -2.88
N MET B 449 -35.71 9.72 -2.94
CA MET B 449 -36.75 9.57 -1.94
C MET B 449 -36.29 8.64 -0.81
N GLN B 450 -37.04 8.68 0.29
CA GLN B 450 -36.73 7.87 1.45
C GLN B 450 -36.97 6.39 1.15
N ARG B 451 -36.03 5.54 1.59
CA ARG B 451 -36.15 4.11 1.35
C ARG B 451 -37.33 3.53 2.13
N MET B 452 -37.97 2.53 1.53
CA MET B 452 -39.23 2.04 2.05
C MET B 452 -39.01 1.16 3.27
N HIS B 453 -39.98 1.22 4.19
CA HIS B 453 -39.95 0.44 5.42
C HIS B 453 -40.95 -0.70 5.24
N TYR B 454 -40.44 -1.88 4.91
CA TYR B 454 -41.26 -3.02 4.58
C TYR B 454 -41.36 -3.95 5.78
N ARG B 455 -42.58 -4.15 6.28
CA ARG B 455 -42.81 -5.06 7.39
C ARG B 455 -42.98 -6.49 6.88
N ASN B 456 -42.80 -7.45 7.78
CA ASN B 456 -42.89 -8.85 7.42
C ASN B 456 -44.32 -9.25 7.10
N GLY B 457 -44.49 -10.05 6.05
CA GLY B 457 -45.77 -10.65 5.75
C GLY B 457 -46.81 -9.71 5.20
N ASP B 458 -46.42 -8.58 4.62
CA ASP B 458 -47.36 -7.72 3.95
C ASP B 458 -47.91 -8.40 2.70
N PRO B 459 -49.19 -8.15 2.36
CA PRO B 459 -49.77 -8.83 1.19
C PRO B 459 -49.28 -8.31 -0.14
N GLN B 460 -48.54 -7.21 -0.17
CA GLN B 460 -48.02 -6.62 -1.40
C GLN B 460 -46.51 -6.79 -1.45
N THR B 461 -46.01 -7.27 -2.58
CA THR B 461 -44.57 -7.32 -2.81
C THR B 461 -44.02 -5.90 -2.96
N PRO B 462 -42.73 -5.69 -2.66
CA PRO B 462 -42.18 -4.32 -2.76
C PRO B 462 -42.11 -3.76 -4.16
N PHE B 463 -42.16 -4.58 -5.22
CA PHE B 463 -42.38 -4.01 -6.54
C PHE B 463 -43.82 -3.58 -6.74
N GLN B 464 -44.75 -4.20 -6.02
CA GLN B 464 -46.16 -3.87 -6.19
C GLN B 464 -46.54 -2.62 -5.42
N ILE B 465 -45.72 -2.22 -4.44
CA ILE B 465 -45.90 -0.93 -3.78
C ILE B 465 -45.23 0.18 -4.57
N ALA B 466 -44.02 -0.07 -5.04
CA ALA B 466 -43.19 0.95 -5.66
C ALA B 466 -43.59 1.31 -7.08
N GLU B 467 -44.67 0.75 -7.64
CA GLU B 467 -45.18 1.30 -8.88
C GLU B 467 -46.23 2.39 -8.63
N GLN B 468 -46.74 2.48 -7.41
CA GLN B 468 -47.62 3.58 -7.03
C GLN B 468 -46.83 4.78 -6.55
N GLN B 469 -45.80 4.55 -5.74
CA GLN B 469 -45.05 5.63 -5.12
C GLN B 469 -44.11 6.31 -6.12
N ILE B 470 -43.65 5.59 -7.13
CA ILE B 470 -42.72 6.17 -8.09
C ILE B 470 -43.49 7.03 -9.10
N GLN B 471 -42.78 7.94 -9.75
CA GLN B 471 -43.43 8.90 -10.64
C GLN B 471 -42.82 8.98 -12.03
N ASN B 472 -41.75 8.24 -12.30
CA ASN B 472 -41.19 8.19 -13.64
C ASN B 472 -42.10 7.35 -14.55
N PHE B 473 -41.78 7.35 -15.84
CA PHE B 473 -42.55 6.56 -16.80
C PHE B 473 -41.80 5.37 -17.37
N GLN B 474 -40.52 5.52 -17.68
CA GLN B 474 -39.77 4.42 -18.27
C GLN B 474 -39.42 3.35 -17.24
N VAL B 475 -39.30 3.71 -15.97
CA VAL B 475 -38.98 2.75 -14.92
C VAL B 475 -40.25 2.29 -14.19
N ALA B 476 -41.39 2.92 -14.44
CA ALA B 476 -42.66 2.40 -13.97
C ALA B 476 -43.38 1.57 -15.02
N ASN B 477 -42.85 1.52 -16.23
CA ASN B 477 -43.37 0.63 -17.26
C ASN B 477 -42.70 -0.74 -17.22
N TRP B 478 -41.40 -0.78 -16.88
CA TRP B 478 -40.76 -2.07 -16.62
C TRP B 478 -41.31 -2.68 -15.34
N LEU B 479 -41.55 -1.85 -14.32
CA LEU B 479 -42.01 -2.31 -13.02
C LEU B 479 -43.45 -2.80 -13.04
N HIS B 480 -44.19 -2.54 -14.11
CA HIS B 480 -45.52 -3.10 -14.28
C HIS B 480 -45.51 -4.44 -15.00
N PHE B 481 -44.48 -4.72 -15.79
CA PHE B 481 -44.40 -6.04 -16.42
C PHE B 481 -43.99 -7.11 -15.43
N VAL B 482 -43.18 -6.74 -14.43
CA VAL B 482 -42.72 -7.70 -13.44
C VAL B 482 -43.88 -8.12 -12.53
N ASN B 483 -44.81 -7.22 -12.25
CA ASN B 483 -45.96 -7.57 -11.42
C ASN B 483 -46.97 -8.41 -12.16
N ASN B 484 -47.03 -8.31 -13.49
CA ASN B 484 -48.02 -9.03 -14.29
C ASN B 484 -47.37 -10.02 -15.23
N ASN B 485 -46.29 -10.66 -14.79
CA ASN B 485 -45.63 -11.71 -15.55
C ASN B 485 -46.14 -13.05 -15.02
N GLN B 486 -46.91 -13.76 -15.84
CA GLN B 486 -47.52 -15.00 -15.41
C GLN B 486 -47.51 -16.02 -16.54
N PHE B 487 -47.49 -17.29 -16.15
CA PHE B 487 -47.64 -18.37 -17.11
C PHE B 487 -49.05 -18.39 -17.66
N ARG B 488 -49.17 -18.85 -18.90
CA ARG B 488 -50.45 -18.88 -19.60
C ARG B 488 -50.84 -20.35 -19.80
N GLN B 489 -51.83 -20.81 -19.05
CA GLN B 489 -52.20 -22.22 -19.04
C GLN B 489 -53.11 -22.51 -20.24
N VAL B 490 -52.52 -23.00 -21.33
CA VAL B 490 -53.28 -23.41 -22.50
C VAL B 490 -53.09 -24.91 -22.70
N VAL B 491 -54.01 -25.51 -23.45
CA VAL B 491 -54.04 -26.95 -23.66
C VAL B 491 -53.69 -27.22 -25.10
N ILE B 492 -52.50 -27.78 -25.34
CA ILE B 492 -52.02 -28.08 -26.68
C ILE B 492 -51.85 -29.58 -26.81
N ASP B 493 -52.53 -30.17 -27.80
CA ASP B 493 -52.48 -31.60 -28.13
C ASP B 493 -52.90 -32.51 -26.98
N GLY B 494 -53.81 -32.01 -26.12
CA GLY B 494 -54.34 -32.79 -25.02
C GLY B 494 -53.64 -32.57 -23.70
N VAL B 495 -52.44 -31.98 -23.70
CA VAL B 495 -51.64 -31.79 -22.50
C VAL B 495 -51.64 -30.32 -22.13
N LEU B 496 -52.23 -30.00 -20.98
CA LEU B 496 -52.20 -28.62 -20.48
C LEU B 496 -50.78 -28.27 -20.06
N ASN B 497 -50.12 -27.43 -20.83
CA ASN B 497 -48.78 -26.98 -20.48
C ASN B 497 -48.75 -25.45 -20.42
N GLN B 498 -47.81 -24.94 -19.64
CA GLN B 498 -47.83 -23.55 -19.24
C GLN B 498 -46.84 -22.75 -20.09
N VAL B 499 -47.37 -21.78 -20.83
CA VAL B 499 -46.66 -21.11 -21.90
C VAL B 499 -46.22 -19.74 -21.42
N LEU B 500 -44.98 -19.35 -21.75
CA LEU B 500 -44.47 -18.02 -21.45
C LEU B 500 -45.19 -16.96 -22.28
N ASN B 501 -44.97 -15.71 -21.91
CA ASN B 501 -45.58 -14.59 -22.63
C ASN B 501 -44.94 -14.42 -24.00
N ASP B 502 -45.63 -13.69 -24.87
CA ASP B 502 -45.13 -13.49 -26.22
C ASP B 502 -44.04 -12.43 -26.31
N ASN B 503 -43.82 -11.65 -25.25
CA ASN B 503 -42.73 -10.68 -25.24
C ASN B 503 -41.43 -11.29 -24.76
N ILE B 504 -41.49 -12.23 -23.82
CA ILE B 504 -40.29 -12.94 -23.38
C ILE B 504 -39.82 -13.89 -24.48
N ARG B 505 -40.75 -14.45 -25.24
CA ARG B 505 -40.38 -15.39 -26.28
C ARG B 505 -39.77 -14.68 -27.49
N ASN B 506 -40.09 -13.39 -27.66
CA ASN B 506 -39.48 -12.57 -28.71
C ASN B 506 -38.10 -12.07 -28.32
N GLY B 507 -37.95 -11.62 -27.08
CA GLY B 507 -36.80 -10.82 -26.68
C GLY B 507 -37.09 -9.36 -26.54
N HIS B 508 -38.33 -8.92 -26.80
CA HIS B 508 -38.70 -7.52 -26.68
C HIS B 508 -38.81 -7.05 -25.24
N VAL B 509 -38.76 -7.95 -24.26
CA VAL B 509 -38.87 -7.52 -22.87
C VAL B 509 -37.57 -6.88 -22.40
N VAL B 510 -36.45 -7.18 -23.05
CA VAL B 510 -35.19 -6.56 -22.67
C VAL B 510 -35.13 -5.11 -23.17
N ASN B 511 -35.80 -4.80 -24.27
CA ASN B 511 -35.92 -3.41 -24.71
C ASN B 511 -36.82 -2.58 -23.82
N GLN B 512 -37.58 -3.21 -22.92
CA GLN B 512 -38.25 -2.49 -21.83
C GLN B 512 -37.37 -2.37 -20.60
N LEU B 513 -36.41 -3.26 -20.43
CA LEU B 513 -35.54 -3.22 -19.26
C LEU B 513 -34.37 -2.25 -19.49
N MET B 514 -33.70 -2.38 -20.63
CA MET B 514 -32.52 -1.56 -20.89
C MET B 514 -32.86 -0.16 -21.39
N GLU B 515 -34.14 0.21 -21.37
CA GLU B 515 -34.54 1.61 -21.40
C GLU B 515 -35.01 2.10 -20.05
N ALA B 516 -35.18 1.19 -19.07
CA ALA B 516 -35.52 1.56 -17.71
C ALA B 516 -34.28 1.76 -16.85
N LEU B 517 -33.29 0.89 -16.96
CA LEU B 517 -32.04 1.07 -16.25
C LEU B 517 -31.00 1.82 -17.08
N MET B 518 -31.41 2.41 -18.20
CA MET B 518 -30.59 3.41 -18.88
C MET B 518 -31.00 4.82 -18.55
N GLN B 519 -32.24 5.01 -18.08
CA GLN B 519 -32.65 6.29 -17.51
C GLN B 519 -32.30 6.38 -16.04
N LEU B 520 -32.29 5.25 -15.34
CA LEU B 520 -31.88 5.21 -13.95
C LEU B 520 -30.40 5.47 -13.78
N SER B 521 -29.60 5.30 -14.83
CA SER B 521 -28.19 5.67 -14.81
C SER B 521 -27.96 7.14 -15.09
N ARG B 522 -28.92 7.81 -15.73
CA ARG B 522 -28.79 9.24 -16.01
C ARG B 522 -29.27 10.12 -14.87
N GLN B 523 -30.12 9.59 -13.99
CA GLN B 523 -30.65 10.36 -12.87
C GLN B 523 -29.56 10.56 -11.83
N GLN B 524 -29.00 11.75 -11.74
CA GLN B 524 -28.15 12.07 -10.61
C GLN B 524 -29.01 12.19 -9.36
N PHE B 525 -28.47 11.76 -8.22
CA PHE B 525 -29.26 11.66 -7.02
C PHE B 525 -28.54 12.23 -5.81
N PRO B 526 -29.21 13.07 -5.00
CA PRO B 526 -28.49 13.95 -4.07
C PRO B 526 -28.15 13.37 -2.71
N THR B 527 -28.95 12.42 -2.22
CA THR B 527 -28.82 12.01 -0.83
C THR B 527 -27.65 11.05 -0.59
N MET B 528 -26.98 10.61 -1.63
CA MET B 528 -25.88 9.66 -1.52
C MET B 528 -24.56 10.31 -1.88
N PRO B 529 -23.45 9.86 -1.31
CA PRO B 529 -22.13 10.39 -1.70
C PRO B 529 -21.78 10.01 -3.14
N VAL B 530 -20.77 10.71 -3.67
CA VAL B 530 -20.45 10.60 -5.08
C VAL B 530 -19.81 9.24 -5.39
N ASP B 531 -19.12 8.65 -4.43
CA ASP B 531 -18.55 7.32 -4.63
C ASP B 531 -19.59 6.22 -4.60
N TYR B 532 -20.81 6.51 -4.16
CA TYR B 532 -21.91 5.57 -4.29
C TYR B 532 -22.62 5.69 -5.62
N LYS B 533 -22.63 6.90 -6.19
CA LYS B 533 -23.19 7.07 -7.53
C LYS B 533 -22.31 6.41 -8.58
N ARG B 534 -21.00 6.37 -8.35
CA ARG B 534 -20.09 5.76 -9.30
C ARG B 534 -20.23 4.24 -9.31
N SER B 535 -20.45 3.64 -8.14
CA SER B 535 -20.49 2.18 -8.06
C SER B 535 -21.78 1.59 -8.60
N ILE B 536 -22.85 2.36 -8.66
CA ILE B 536 -24.08 1.87 -9.30
C ILE B 536 -24.03 2.12 -10.80
N GLN B 537 -23.52 3.29 -11.20
CA GLN B 537 -23.42 3.64 -12.62
C GLN B 537 -22.40 2.79 -13.37
N ARG B 538 -21.43 2.21 -12.67
CA ARG B 538 -20.45 1.35 -13.34
C ARG B 538 -21.00 -0.05 -13.53
N GLY B 539 -21.66 -0.61 -12.52
CA GLY B 539 -22.22 -1.95 -12.65
C GLY B 539 -23.46 -2.01 -13.51
N ILE B 540 -24.11 -0.87 -13.74
CA ILE B 540 -25.25 -0.82 -14.65
C ILE B 540 -24.80 -0.66 -16.09
N LEU B 541 -23.52 -0.35 -16.30
CA LEU B 541 -22.93 -0.21 -17.62
C LEU B 541 -22.43 -1.53 -18.18
N LEU B 542 -21.99 -2.44 -17.31
CA LEU B 542 -21.54 -3.74 -17.77
C LEU B 542 -22.69 -4.60 -18.26
N LEU B 543 -23.91 -4.34 -17.82
CA LEU B 543 -25.08 -5.03 -18.33
C LEU B 543 -25.69 -4.33 -19.52
N SER B 544 -25.61 -3.01 -19.58
CA SER B 544 -26.14 -2.25 -20.70
C SER B 544 -25.18 -2.16 -21.87
N ASN B 545 -23.97 -2.70 -21.74
CA ASN B 545 -23.09 -2.91 -22.88
C ASN B 545 -23.35 -4.23 -23.57
N ARG B 546 -23.96 -5.19 -22.88
CA ARG B 546 -24.22 -6.52 -23.40
C ARG B 546 -25.63 -6.66 -23.96
N LEU B 547 -26.30 -5.54 -24.24
CA LEU B 547 -27.72 -5.56 -24.61
C LEU B 547 -27.95 -6.27 -25.94
N GLY B 548 -26.96 -6.25 -26.83
CA GLY B 548 -27.08 -7.05 -28.05
C GLY B 548 -26.99 -8.54 -27.77
N GLN B 549 -26.11 -8.94 -26.87
CA GLN B 549 -25.89 -10.34 -26.54
C GLN B 549 -26.74 -10.82 -25.39
N LEU B 550 -27.77 -10.08 -25.01
CA LEU B 550 -28.65 -10.44 -23.91
C LEU B 550 -30.11 -10.50 -24.31
N VAL B 551 -30.50 -9.81 -25.38
CA VAL B 551 -31.76 -10.15 -26.06
C VAL B 551 -31.65 -11.53 -26.67
N ASP B 552 -30.46 -11.88 -27.16
CA ASP B 552 -30.21 -13.18 -27.76
C ASP B 552 -30.16 -14.30 -26.74
N LEU B 553 -29.99 -13.98 -25.46
CA LEU B 553 -30.03 -14.99 -24.42
C LEU B 553 -31.45 -15.33 -24.03
N THR B 554 -32.35 -14.34 -24.03
CA THR B 554 -33.75 -14.58 -23.68
C THR B 554 -34.44 -15.41 -24.75
N ARG B 555 -34.01 -15.28 -26.01
CA ARG B 555 -34.55 -16.12 -27.07
C ARG B 555 -34.00 -17.53 -27.04
N LEU B 556 -32.95 -17.80 -26.27
CA LEU B 556 -32.44 -19.16 -26.15
C LEU B 556 -33.08 -19.91 -25.00
N LEU B 557 -33.40 -19.22 -23.90
CA LEU B 557 -34.16 -19.85 -22.83
C LEU B 557 -35.57 -20.18 -23.28
N ALA B 558 -36.21 -19.27 -24.01
CA ALA B 558 -37.58 -19.50 -24.44
C ALA B 558 -37.69 -20.48 -25.61
N TYR B 559 -36.57 -20.90 -26.20
CA TYR B 559 -36.59 -21.90 -27.26
C TYR B 559 -36.12 -23.27 -26.82
N ASN B 560 -35.16 -23.35 -25.91
CA ASN B 560 -34.78 -24.64 -25.34
C ASN B 560 -35.75 -25.12 -24.27
N TYR B 561 -36.72 -24.30 -23.89
CA TYR B 561 -37.78 -24.71 -22.99
C TYR B 561 -39.07 -25.06 -23.72
N GLU B 562 -39.34 -24.40 -24.84
CA GLU B 562 -40.53 -24.70 -25.63
C GLU B 562 -40.36 -25.92 -26.52
N THR B 563 -39.13 -26.36 -26.77
CA THR B 563 -38.91 -27.60 -27.50
C THR B 563 -38.99 -28.79 -26.56
N LEU B 564 -38.36 -28.70 -25.39
CA LEU B 564 -38.45 -29.77 -24.40
C LEU B 564 -39.82 -29.86 -23.76
N MET B 565 -40.65 -28.82 -23.87
CA MET B 565 -42.04 -28.92 -23.43
C MET B 565 -42.82 -29.87 -24.32
N ALA B 566 -42.46 -29.97 -25.60
CA ALA B 566 -43.18 -30.80 -26.54
C ALA B 566 -42.97 -32.29 -26.30
N CYS B 567 -41.97 -32.67 -25.52
CA CYS B 567 -41.64 -34.07 -25.29
C CYS B 567 -42.26 -34.64 -24.03
N ILE B 568 -43.03 -33.87 -23.29
CA ILE B 568 -43.70 -34.43 -22.12
C ILE B 568 -45.10 -34.84 -22.52
N THR B 569 -45.65 -35.81 -21.79
CA THR B 569 -47.02 -36.26 -21.99
C THR B 569 -47.89 -36.05 -20.77
N MET B 570 -47.35 -36.14 -19.56
CA MET B 570 -48.15 -35.97 -18.36
C MET B 570 -48.47 -34.49 -18.16
N ASN B 571 -49.62 -34.25 -17.54
CA ASN B 571 -50.14 -32.90 -17.36
C ASN B 571 -49.32 -32.13 -16.34
N MET B 572 -48.69 -31.04 -16.76
CA MET B 572 -47.95 -30.22 -15.80
C MET B 572 -48.90 -29.27 -15.08
N GLN B 573 -48.94 -29.37 -13.76
CA GLN B 573 -49.74 -28.49 -12.93
C GLN B 573 -48.82 -27.57 -12.14
N HIS B 574 -49.40 -26.47 -11.66
CA HIS B 574 -48.64 -25.36 -11.08
C HIS B 574 -49.07 -25.15 -9.64
N VAL B 575 -48.36 -25.80 -8.70
CA VAL B 575 -48.56 -25.59 -7.28
C VAL B 575 -47.21 -25.39 -6.62
N GLN B 576 -47.22 -24.82 -5.42
CA GLN B 576 -46.01 -24.62 -4.65
C GLN B 576 -45.64 -25.94 -3.97
N THR B 577 -44.44 -26.42 -4.26
CA THR B 577 -43.97 -27.69 -3.69
C THR B 577 -43.39 -27.47 -2.31
N LEU B 578 -43.13 -28.57 -1.61
CA LEU B 578 -42.59 -28.47 -0.26
C LEU B 578 -41.13 -28.04 -0.27
N THR B 579 -40.26 -28.88 -0.81
CA THR B 579 -38.84 -28.60 -0.84
C THR B 579 -38.48 -27.82 -2.10
N THR B 580 -37.51 -26.93 -1.98
CA THR B 580 -37.17 -26.02 -3.05
C THR B 580 -35.78 -26.33 -3.60
N GLU B 581 -35.61 -26.10 -4.90
CA GLU B 581 -34.33 -26.30 -5.58
C GLU B 581 -33.64 -24.96 -5.71
N LYS B 582 -32.54 -24.79 -4.97
CA LYS B 582 -31.94 -23.47 -4.76
C LYS B 582 -31.16 -23.00 -5.97
N LEU B 583 -31.51 -21.80 -6.45
CA LEU B 583 -30.74 -21.10 -7.48
C LEU B 583 -29.87 -20.05 -6.81
N GLN B 584 -28.65 -19.88 -7.32
CA GLN B 584 -27.69 -18.96 -6.75
C GLN B 584 -27.56 -17.75 -7.66
N LEU B 585 -27.77 -16.56 -7.11
CA LEU B 585 -27.84 -15.34 -7.91
C LEU B 585 -26.48 -14.87 -8.41
N THR B 586 -25.38 -15.39 -7.85
CA THR B 586 -24.05 -15.12 -8.39
C THR B 586 -23.88 -15.76 -9.75
N SER B 587 -24.41 -16.97 -9.92
CA SER B 587 -24.33 -17.70 -11.18
C SER B 587 -25.29 -17.20 -12.24
N VAL B 588 -26.14 -16.21 -11.94
CA VAL B 588 -26.89 -15.55 -13.00
C VAL B 588 -26.07 -14.44 -13.62
N THR B 589 -25.18 -13.81 -12.84
CA THR B 589 -24.21 -12.87 -13.40
C THR B 589 -23.22 -13.57 -14.31
N SER B 590 -22.89 -14.83 -14.02
CA SER B 590 -21.98 -15.58 -14.87
C SER B 590 -22.63 -16.08 -16.15
N LEU B 591 -23.92 -15.84 -16.36
CA LEU B 591 -24.60 -16.22 -17.59
C LEU B 591 -24.89 -15.02 -18.48
N CYS B 592 -25.24 -13.87 -17.90
CA CYS B 592 -25.61 -12.71 -18.69
C CYS B 592 -24.42 -12.10 -19.41
N MET B 593 -23.21 -12.29 -18.90
CA MET B 593 -22.03 -11.68 -19.49
C MET B 593 -20.90 -12.70 -19.65
N LEU B 594 -21.25 -13.90 -20.07
CA LEU B 594 -20.24 -14.86 -20.53
C LEU B 594 -20.73 -15.61 -21.77
N ILE B 595 -21.85 -15.19 -22.35
CA ILE B 595 -22.46 -15.87 -23.47
C ILE B 595 -22.19 -15.05 -24.73
N GLY B 596 -22.27 -15.70 -25.89
CA GLY B 596 -22.24 -14.95 -27.12
C GLY B 596 -22.12 -15.74 -28.41
N ASN B 597 -22.96 -15.37 -29.39
CA ASN B 597 -22.81 -15.69 -30.81
C ASN B 597 -22.87 -17.17 -31.18
N ALA B 598 -23.19 -18.06 -30.25
CA ALA B 598 -23.19 -19.49 -30.50
C ALA B 598 -24.48 -20.12 -29.99
N THR B 599 -25.28 -20.64 -30.90
CA THR B 599 -26.55 -21.26 -30.54
C THR B 599 -26.32 -22.71 -30.13
N VAL B 600 -26.99 -23.12 -29.06
CA VAL B 600 -27.06 -24.52 -28.68
C VAL B 600 -28.52 -24.96 -28.79
N ILE B 601 -28.76 -26.06 -29.50
CA ILE B 601 -30.11 -26.52 -29.81
C ILE B 601 -30.13 -28.00 -29.43
N PRO B 602 -31.22 -28.51 -28.83
CA PRO B 602 -31.20 -29.91 -28.37
C PRO B 602 -31.30 -30.87 -29.54
N SER B 603 -30.36 -31.82 -29.59
CA SER B 603 -30.29 -32.78 -30.68
C SER B 603 -31.47 -33.74 -30.59
N PRO B 604 -31.95 -34.25 -31.74
CA PRO B 604 -33.12 -35.12 -31.72
C PRO B 604 -32.88 -36.49 -31.12
N GLN B 605 -31.63 -36.90 -30.89
CA GLN B 605 -31.40 -38.13 -30.15
C GLN B 605 -31.65 -37.96 -28.66
N THR B 606 -31.70 -36.72 -28.18
CA THR B 606 -32.06 -36.41 -26.81
C THR B 606 -33.56 -36.22 -26.66
N LEU B 607 -34.20 -35.63 -27.67
CA LEU B 607 -35.64 -35.46 -27.68
C LEU B 607 -36.39 -36.78 -27.79
N PHE B 608 -35.83 -37.74 -28.52
CA PHE B 608 -36.47 -39.05 -28.65
C PHE B 608 -36.17 -39.95 -27.46
N HIS B 609 -35.31 -39.54 -26.55
CA HIS B 609 -35.09 -40.25 -25.30
C HIS B 609 -35.86 -39.64 -24.13
N TYR B 610 -36.00 -38.31 -24.11
CA TYR B 610 -36.86 -37.66 -23.13
C TYR B 610 -38.32 -37.99 -23.38
N TYR B 611 -38.70 -38.24 -24.63
CA TYR B 611 -40.08 -38.57 -24.93
C TYR B 611 -40.40 -40.03 -24.65
N ASN B 612 -39.40 -40.90 -24.71
CA ASN B 612 -39.61 -42.33 -24.50
C ASN B 612 -39.49 -42.75 -23.05
N VAL B 613 -39.15 -41.83 -22.14
CA VAL B 613 -39.23 -42.11 -20.71
C VAL B 613 -40.35 -41.35 -20.03
N ASN B 614 -41.01 -40.43 -20.73
CA ASN B 614 -42.28 -39.88 -20.25
C ASN B 614 -43.46 -40.74 -20.65
N VAL B 615 -43.33 -41.49 -21.75
CA VAL B 615 -44.39 -42.41 -22.13
C VAL B 615 -44.33 -43.68 -21.27
N ASN B 616 -43.13 -44.18 -21.02
CA ASN B 616 -42.97 -45.39 -20.22
C ASN B 616 -43.34 -45.20 -18.76
N PHE B 617 -43.38 -43.96 -18.26
CA PHE B 617 -43.84 -43.71 -16.91
C PHE B 617 -45.32 -43.36 -16.86
N HIS B 618 -45.82 -42.62 -17.84
CA HIS B 618 -47.24 -42.26 -17.84
C HIS B 618 -48.12 -43.43 -18.25
N SER B 619 -47.61 -44.38 -19.03
CA SER B 619 -48.37 -45.57 -19.30
C SER B 619 -48.33 -46.53 -18.13
N ASN B 620 -47.19 -46.62 -17.44
CA ASN B 620 -47.07 -47.46 -16.26
C ASN B 620 -47.87 -46.90 -15.09
N TYR B 621 -48.05 -45.58 -15.05
CA TYR B 621 -48.89 -44.96 -14.04
C TYR B 621 -50.35 -45.32 -14.24
N ASN B 622 -50.76 -45.61 -15.48
CA ASN B 622 -52.15 -45.84 -15.80
C ASN B 622 -52.52 -47.31 -15.94
N GLU B 623 -51.54 -48.21 -15.98
CA GLU B 623 -51.84 -49.63 -15.87
C GLU B 623 -51.72 -50.14 -14.45
N ARG B 624 -51.33 -49.29 -13.51
CA ARG B 624 -51.38 -49.63 -12.10
C ARG B 624 -52.58 -49.03 -11.40
N ILE B 625 -53.20 -47.99 -11.99
CA ILE B 625 -54.51 -47.57 -11.53
C ILE B 625 -55.55 -48.63 -11.86
N ASN B 626 -55.61 -49.04 -13.13
CA ASN B 626 -56.63 -49.98 -13.58
C ASN B 626 -56.46 -51.37 -13.00
N ASP B 627 -55.26 -51.77 -12.61
CA ASP B 627 -55.09 -53.02 -11.88
C ASP B 627 -55.44 -52.89 -10.41
N ALA B 628 -55.61 -51.67 -9.90
CA ALA B 628 -55.95 -51.47 -8.50
C ALA B 628 -57.36 -50.97 -8.26
N VAL B 629 -57.99 -50.32 -9.25
CA VAL B 629 -59.41 -50.04 -9.13
C VAL B 629 -60.22 -51.32 -9.33
N ALA B 630 -59.71 -52.23 -10.16
CA ALA B 630 -60.42 -53.46 -10.47
C ALA B 630 -60.44 -54.46 -9.32
N ILE B 631 -59.66 -54.26 -8.27
CA ILE B 631 -59.67 -55.15 -7.11
C ILE B 631 -60.39 -54.46 -5.95
N ILE B 632 -60.29 -53.13 -5.90
CA ILE B 632 -61.03 -52.38 -4.89
C ILE B 632 -62.53 -52.45 -5.15
N THR B 633 -62.94 -52.35 -6.41
CA THR B 633 -64.35 -52.46 -6.74
C THR B 633 -64.84 -53.90 -6.64
N ALA B 634 -64.03 -54.87 -7.05
CA ALA B 634 -64.46 -56.26 -7.02
C ALA B 634 -64.44 -56.87 -5.62
N ALA B 635 -63.86 -56.19 -4.63
CA ALA B 635 -63.95 -56.64 -3.25
C ALA B 635 -65.12 -56.02 -2.51
N ASN B 636 -65.75 -54.99 -3.06
CA ASN B 636 -66.95 -54.43 -2.49
C ASN B 636 -68.22 -54.99 -3.13
N ARG B 637 -68.09 -55.64 -4.28
CA ARG B 637 -69.23 -56.30 -4.90
C ARG B 637 -69.42 -57.71 -4.34
N LEU B 638 -68.32 -58.40 -4.03
CA LEU B 638 -68.36 -59.75 -3.50
C LEU B 638 -68.62 -59.80 -2.01
N ASN B 639 -68.78 -58.64 -1.36
CA ASN B 639 -69.11 -58.49 0.06
C ASN B 639 -68.05 -59.15 0.95
N LEU B 640 -66.86 -58.58 0.90
CA LEU B 640 -65.77 -58.97 1.79
C LEU B 640 -65.67 -57.90 2.87
N TYR B 641 -66.40 -58.11 3.96
CA TYR B 641 -66.48 -57.18 5.07
C TYR B 641 -65.38 -57.39 6.08
N GLN B 642 -64.44 -58.30 5.81
CA GLN B 642 -63.37 -58.62 6.74
C GLN B 642 -61.99 -58.38 6.15
N LYS B 643 -61.92 -57.80 4.96
CA LYS B 643 -60.67 -57.52 4.27
C LYS B 643 -60.39 -56.03 4.32
N LYS B 644 -59.13 -55.67 4.57
CA LYS B 644 -58.72 -54.28 4.61
C LYS B 644 -57.81 -53.98 3.42
N MET B 645 -58.05 -52.83 2.78
CA MET B 645 -57.40 -52.47 1.53
C MET B 645 -56.11 -51.68 1.75
N LYS B 646 -55.43 -51.86 2.88
CA LYS B 646 -54.11 -51.27 3.03
C LYS B 646 -53.09 -52.02 2.19
N SER B 647 -53.28 -53.32 2.00
CA SER B 647 -52.29 -54.12 1.29
C SER B 647 -52.32 -53.90 -0.22
N ILE B 648 -53.49 -53.62 -0.79
CA ILE B 648 -53.59 -53.48 -2.24
C ILE B 648 -53.42 -52.05 -2.72
N VAL B 649 -53.35 -51.08 -1.81
CA VAL B 649 -52.86 -49.75 -2.15
C VAL B 649 -51.35 -49.70 -1.93
N GLU B 650 -50.84 -50.52 -1.00
CA GLU B 650 -49.41 -50.71 -0.83
C GLU B 650 -48.77 -51.33 -2.07
N ASP B 651 -49.49 -52.23 -2.75
CA ASP B 651 -48.98 -52.82 -3.98
C ASP B 651 -49.03 -51.83 -5.13
N PHE B 652 -49.95 -50.86 -5.08
CA PHE B 652 -50.02 -49.86 -6.15
C PHE B 652 -48.88 -48.87 -6.06
N LEU B 653 -48.43 -48.53 -4.85
CA LEU B 653 -47.25 -47.67 -4.71
C LEU B 653 -45.96 -48.41 -5.01
N LYS B 654 -45.97 -49.73 -4.94
CA LYS B 654 -44.73 -50.50 -5.12
C LYS B 654 -44.35 -50.60 -6.59
N ARG B 655 -45.32 -50.74 -7.48
CA ARG B 655 -45.00 -50.91 -8.90
C ARG B 655 -44.57 -49.61 -9.54
N LEU B 656 -45.08 -48.47 -9.07
CA LEU B 656 -44.47 -47.19 -9.42
C LEU B 656 -43.12 -47.11 -8.72
N GLN B 657 -42.05 -47.05 -9.50
CA GLN B 657 -40.73 -47.35 -8.99
C GLN B 657 -40.12 -46.22 -8.17
N ILE B 658 -40.78 -45.07 -8.01
CA ILE B 658 -40.12 -43.92 -7.39
C ILE B 658 -40.52 -43.67 -5.94
N PHE B 659 -41.67 -44.15 -5.49
CA PHE B 659 -42.11 -43.92 -4.13
C PHE B 659 -41.57 -44.99 -3.20
N ASP B 660 -41.07 -44.56 -2.03
CA ASP B 660 -40.69 -45.49 -0.98
C ASP B 660 -41.90 -45.74 -0.09
N ILE B 661 -42.20 -47.01 0.16
CA ILE B 661 -43.44 -47.37 0.80
C ILE B 661 -43.39 -47.11 2.30
N SER B 662 -42.31 -47.56 2.96
CA SER B 662 -42.28 -47.71 4.41
C SER B 662 -42.26 -46.40 5.17
N ARG B 663 -42.11 -45.26 4.49
CA ARG B 663 -42.25 -43.96 5.12
C ARG B 663 -43.56 -43.26 4.77
N VAL B 664 -44.43 -43.92 4.01
CA VAL B 664 -45.77 -43.43 3.75
C VAL B 664 -46.72 -44.06 4.78
N PRO B 665 -47.41 -43.29 5.60
CA PRO B 665 -48.17 -43.86 6.70
C PRO B 665 -49.50 -44.46 6.23
N ASP B 666 -50.26 -44.98 7.18
CA ASP B 666 -51.58 -45.52 6.89
C ASP B 666 -52.65 -44.43 6.78
N ASP B 667 -52.29 -43.17 6.98
CA ASP B 667 -53.23 -42.08 6.79
C ASP B 667 -53.29 -41.68 5.33
N GLN B 668 -52.15 -41.73 4.65
CA GLN B 668 -52.02 -41.30 3.28
C GLN B 668 -52.22 -42.45 2.31
N MET B 669 -52.48 -43.65 2.82
CA MET B 669 -52.77 -44.81 1.99
C MET B 669 -54.21 -45.28 2.08
N TYR B 670 -54.93 -44.90 3.13
CA TYR B 670 -56.37 -45.10 3.18
C TYR B 670 -57.16 -43.93 2.62
N ARG B 671 -56.54 -42.75 2.53
CA ARG B 671 -57.15 -41.64 1.81
C ARG B 671 -56.99 -41.80 0.31
N LEU B 672 -56.08 -42.66 -0.13
CA LEU B 672 -55.88 -42.86 -1.56
C LEU B 672 -56.92 -43.80 -2.14
N ARG B 673 -57.36 -44.81 -1.39
CA ARG B 673 -58.41 -45.69 -1.89
C ARG B 673 -59.80 -45.08 -1.75
N ASP B 674 -59.92 -43.88 -1.18
CA ASP B 674 -61.15 -43.13 -1.30
C ASP B 674 -61.21 -42.33 -2.60
N ARG B 675 -60.10 -42.28 -3.34
CA ARG B 675 -60.11 -41.76 -4.70
C ARG B 675 -60.03 -42.84 -5.75
N LEU B 676 -59.43 -43.99 -5.44
CA LEU B 676 -59.44 -45.12 -6.36
C LEU B 676 -60.77 -45.84 -6.42
N ARG B 677 -61.73 -45.49 -5.55
CA ARG B 677 -63.01 -46.17 -5.55
C ARG B 677 -64.00 -45.54 -6.53
N LEU B 678 -64.01 -44.21 -6.64
CA LEU B 678 -64.98 -43.51 -7.47
C LEU B 678 -64.70 -43.60 -8.96
N LEU B 679 -63.55 -44.12 -9.36
CA LEU B 679 -63.19 -44.21 -10.77
C LEU B 679 -63.95 -45.35 -11.45
N PRO B 680 -64.34 -45.18 -12.72
CA PRO B 680 -64.92 -46.29 -13.46
C PRO B 680 -63.84 -47.19 -14.03
N VAL B 681 -64.06 -48.49 -13.90
CA VAL B 681 -63.03 -49.46 -14.27
C VAL B 681 -63.01 -49.64 -15.79
N GLU B 682 -61.85 -50.08 -16.31
CA GLU B 682 -61.65 -50.25 -17.74
C GLU B 682 -62.54 -51.36 -18.28
N ILE B 683 -62.90 -51.24 -19.56
CA ILE B 683 -63.91 -52.12 -20.16
C ILE B 683 -63.42 -53.55 -20.35
N ARG B 684 -62.11 -53.81 -20.23
CA ARG B 684 -61.64 -55.18 -20.28
C ARG B 684 -61.65 -55.85 -18.92
N ARG B 685 -61.40 -55.11 -17.84
CA ARG B 685 -61.51 -55.67 -16.50
C ARG B 685 -62.94 -55.83 -16.04
N LEU B 686 -63.88 -55.07 -16.62
CA LEU B 686 -65.27 -55.16 -16.21
C LEU B 686 -65.96 -56.36 -16.84
N ASP B 687 -65.74 -56.57 -18.14
CA ASP B 687 -66.37 -57.69 -18.82
C ASP B 687 -65.76 -59.03 -18.44
N ILE B 688 -64.51 -59.04 -17.98
CA ILE B 688 -63.91 -60.28 -17.48
C ILE B 688 -64.31 -60.55 -16.04
N PHE B 689 -64.93 -59.58 -15.36
CA PHE B 689 -65.48 -59.78 -14.04
C PHE B 689 -66.96 -60.13 -14.05
N ASN B 690 -67.72 -59.56 -14.99
CA ASN B 690 -69.11 -59.96 -15.12
C ASN B 690 -69.26 -61.37 -15.68
N LEU B 691 -68.22 -61.90 -16.32
CA LEU B 691 -68.22 -63.30 -16.72
C LEU B 691 -67.96 -64.23 -15.55
N ILE B 692 -67.34 -63.74 -14.48
CA ILE B 692 -67.13 -64.53 -13.28
C ILE B 692 -68.31 -64.43 -12.32
N LEU B 693 -68.80 -63.19 -12.12
CA LEU B 693 -69.91 -62.94 -11.21
C LEU B 693 -71.22 -63.54 -11.69
N MET B 694 -71.37 -63.78 -12.99
CA MET B 694 -72.61 -64.36 -13.49
C MET B 694 -72.68 -65.86 -13.19
N ASN B 695 -71.59 -66.57 -13.38
CA ASN B 695 -71.59 -68.01 -13.11
C ASN B 695 -70.55 -68.37 -12.06
N MET B 696 -70.47 -67.61 -10.98
CA MET B 696 -69.72 -68.04 -9.81
C MET B 696 -70.50 -69.03 -8.96
N GLU B 697 -71.78 -69.22 -9.24
CA GLU B 697 -72.58 -70.22 -8.55
C GLU B 697 -72.66 -71.53 -9.30
N GLN B 698 -72.16 -71.58 -10.54
CA GLN B 698 -72.09 -72.83 -11.27
C GLN B 698 -70.74 -73.52 -11.11
N ILE B 699 -69.67 -72.74 -10.97
CA ILE B 699 -68.36 -73.32 -10.67
C ILE B 699 -68.34 -73.88 -9.26
N GLU B 700 -69.04 -73.24 -8.33
CA GLU B 700 -69.07 -73.71 -6.95
C GLU B 700 -69.95 -74.95 -6.79
N ARG B 701 -71.12 -74.98 -7.45
CA ARG B 701 -72.07 -76.04 -7.21
C ARG B 701 -71.65 -77.36 -7.82
N ALA B 702 -70.96 -77.34 -8.96
CA ALA B 702 -70.65 -78.57 -9.68
C ALA B 702 -69.29 -79.15 -9.28
N SER B 703 -69.03 -79.23 -7.98
CA SER B 703 -67.77 -79.76 -7.49
C SER B 703 -68.02 -80.68 -6.32
N ASP B 704 -67.05 -81.55 -6.05
CA ASP B 704 -67.08 -82.37 -4.86
C ASP B 704 -66.39 -81.60 -3.74
N LYS B 705 -66.18 -82.27 -2.60
CA LYS B 705 -65.54 -81.75 -1.39
C LYS B 705 -66.27 -80.56 -0.78
N ILE B 706 -67.54 -80.35 -1.14
CA ILE B 706 -68.32 -79.23 -0.62
C ILE B 706 -69.79 -79.57 -0.82
N ALA B 707 -70.65 -78.94 -0.04
CA ALA B 707 -72.09 -79.09 -0.19
C ALA B 707 -72.74 -77.84 0.39
N GLN B 708 -73.91 -77.49 -0.14
CA GLN B 708 -74.57 -76.25 0.25
C GLN B 708 -75.57 -76.46 1.38
N GLY B 709 -75.14 -77.08 2.46
CA GLY B 709 -75.95 -77.17 3.65
C GLY B 709 -76.92 -78.35 3.64
N VAL B 710 -77.33 -78.74 4.83
CA VAL B 710 -78.18 -79.91 5.03
C VAL B 710 -79.59 -79.42 5.29
N ILE B 711 -80.57 -80.22 4.90
CA ILE B 711 -81.94 -80.03 5.34
C ILE B 711 -82.28 -81.18 6.28
N ILE B 712 -83.02 -80.88 7.34
CA ILE B 712 -83.40 -81.86 8.36
C ILE B 712 -84.92 -81.88 8.44
N ALA B 713 -85.51 -83.06 8.36
CA ALA B 713 -86.94 -83.17 8.20
C ALA B 713 -87.66 -83.78 9.39
N TYR B 714 -87.06 -84.78 10.03
CA TYR B 714 -87.72 -85.67 11.00
C TYR B 714 -89.02 -86.25 10.43
N ARG B 715 -88.95 -86.64 9.17
CA ARG B 715 -90.10 -87.16 8.44
C ARG B 715 -89.55 -88.11 7.38
N ASP B 716 -90.14 -89.29 7.28
CA ASP B 716 -89.57 -90.36 6.48
C ASP B 716 -89.83 -90.06 5.00
N MET B 717 -88.80 -89.66 4.28
CA MET B 717 -88.92 -89.22 2.90
C MET B 717 -88.09 -90.11 1.99
N GLN B 718 -88.67 -90.44 0.83
CA GLN B 718 -87.99 -91.25 -0.16
C GLN B 718 -86.85 -90.46 -0.81
N LEU B 719 -85.68 -91.09 -0.92
CA LEU B 719 -84.54 -90.45 -1.54
C LEU B 719 -84.52 -90.74 -3.03
N GLU B 720 -84.10 -89.75 -3.83
CA GLU B 720 -84.29 -89.79 -5.27
C GLU B 720 -83.28 -90.73 -5.92
N ARG B 721 -83.60 -91.13 -7.15
CA ARG B 721 -82.73 -91.99 -7.93
C ARG B 721 -82.08 -91.19 -9.04
N ASP B 722 -80.80 -91.43 -9.26
CA ASP B 722 -80.04 -90.78 -10.32
C ASP B 722 -79.22 -91.82 -11.06
N GLU B 723 -78.77 -91.44 -12.27
CA GLU B 723 -78.08 -92.40 -13.12
C GLU B 723 -76.61 -92.55 -12.74
N MET B 724 -75.99 -91.52 -12.15
CA MET B 724 -74.59 -91.58 -11.80
C MET B 724 -74.35 -91.96 -10.34
N TYR B 725 -75.35 -91.81 -9.48
CA TYR B 725 -75.22 -92.11 -8.07
C TYR B 725 -76.03 -93.32 -7.63
N GLY B 726 -76.87 -93.87 -8.49
CA GLY B 726 -77.73 -94.96 -8.07
C GLY B 726 -78.91 -94.46 -7.27
N TYR B 727 -78.85 -94.64 -5.95
CA TYR B 727 -79.79 -94.09 -5.01
C TYR B 727 -79.04 -93.11 -4.11
N VAL B 728 -79.54 -91.89 -3.99
CA VAL B 728 -78.82 -90.85 -3.25
C VAL B 728 -79.84 -89.90 -2.63
N ASN B 729 -79.54 -89.41 -1.41
CA ASN B 729 -80.42 -88.43 -0.78
C ASN B 729 -79.88 -87.04 -1.13
N ILE B 730 -80.41 -86.48 -2.21
CA ILE B 730 -80.04 -85.15 -2.67
C ILE B 730 -81.32 -84.35 -2.87
N ALA B 731 -81.36 -83.17 -2.25
CA ALA B 731 -82.45 -82.22 -2.45
C ALA B 731 -81.94 -81.14 -3.40
N ARG B 732 -82.52 -81.08 -4.60
CA ARG B 732 -82.00 -80.16 -5.61
C ARG B 732 -82.43 -78.73 -5.35
N ASN B 733 -83.60 -78.50 -4.75
CA ASN B 733 -84.04 -77.16 -4.40
C ASN B 733 -84.47 -77.14 -2.95
N LEU B 734 -84.15 -76.05 -2.27
CA LEU B 734 -84.38 -75.90 -0.83
C LEU B 734 -85.60 -75.00 -0.66
N ASP B 735 -86.79 -75.62 -0.64
CA ASP B 735 -88.02 -74.86 -0.44
C ASP B 735 -88.95 -75.64 0.47
N GLY B 736 -89.79 -74.91 1.19
CA GLY B 736 -90.65 -75.49 2.20
C GLY B 736 -90.02 -75.64 3.56
N PHE B 737 -88.85 -75.04 3.78
CA PHE B 737 -88.12 -75.19 5.04
C PHE B 737 -87.58 -73.85 5.49
N GLN B 738 -87.49 -73.68 6.81
CA GLN B 738 -86.81 -72.53 7.40
C GLN B 738 -85.33 -72.58 7.11
N GLN B 739 -84.69 -71.42 7.10
CA GLN B 739 -83.27 -71.31 6.78
C GLN B 739 -82.53 -70.65 7.92
N ILE B 740 -81.46 -71.29 8.38
CA ILE B 740 -80.54 -70.72 9.35
C ILE B 740 -79.16 -70.74 8.71
N ASN B 741 -78.75 -69.65 8.09
CA ASN B 741 -77.47 -69.65 7.41
C ASN B 741 -76.33 -69.59 8.42
N LEU B 742 -75.22 -70.24 8.07
CA LEU B 742 -74.15 -70.49 9.02
C LEU B 742 -73.14 -69.36 9.09
N GLU B 743 -73.07 -68.50 8.07
CA GLU B 743 -72.16 -67.37 8.12
C GLU B 743 -72.61 -66.34 9.14
N GLU B 744 -73.93 -66.13 9.25
CA GLU B 744 -74.46 -65.27 10.29
C GLU B 744 -74.40 -65.92 11.67
N LEU B 745 -74.29 -67.24 11.72
CA LEU B 745 -74.15 -67.96 12.98
C LEU B 745 -72.71 -68.07 13.44
N MET B 746 -71.75 -67.93 12.53
CA MET B 746 -70.33 -67.96 12.87
C MET B 746 -69.75 -66.57 13.07
N ARG B 747 -70.50 -65.52 12.77
CA ARG B 747 -70.03 -64.15 12.99
C ARG B 747 -70.54 -63.60 14.32
N THR B 748 -71.84 -63.74 14.59
CA THR B 748 -72.40 -63.22 15.84
C THR B 748 -72.20 -64.18 16.99
N GLY B 749 -72.09 -65.48 16.73
CA GLY B 749 -71.93 -66.45 17.78
C GLY B 749 -73.16 -66.69 18.61
N ASP B 750 -74.34 -66.32 18.11
CA ASP B 750 -75.58 -66.44 18.87
C ASP B 750 -76.23 -67.77 18.53
N TYR B 751 -75.97 -68.78 19.37
CA TYR B 751 -76.49 -70.13 19.16
C TYR B 751 -77.75 -70.38 19.97
N ALA B 752 -78.57 -69.35 20.17
CA ALA B 752 -79.80 -69.53 20.93
C ALA B 752 -80.93 -70.12 20.10
N GLN B 753 -80.89 -69.94 18.77
CA GLN B 753 -81.95 -70.44 17.92
C GLN B 753 -81.68 -71.86 17.43
N ILE B 754 -80.46 -72.15 16.99
CA ILE B 754 -80.16 -73.48 16.48
C ILE B 754 -80.03 -74.51 17.59
N THR B 755 -79.90 -74.09 18.84
CA THR B 755 -79.97 -75.03 19.95
C THR B 755 -81.42 -75.36 20.28
N ASN B 756 -82.28 -74.36 20.34
CA ASN B 756 -83.68 -74.58 20.66
C ASN B 756 -84.45 -75.21 19.49
N MET B 757 -83.88 -75.23 18.29
CA MET B 757 -84.49 -75.90 17.16
C MET B 757 -84.02 -77.34 17.01
N LEU B 758 -82.91 -77.70 17.64
CA LEU B 758 -82.47 -79.09 17.66
C LEU B 758 -83.13 -79.88 18.78
N LEU B 759 -83.45 -79.24 19.90
CA LEU B 759 -84.00 -79.95 21.04
C LEU B 759 -85.48 -80.26 20.85
N ASN B 760 -86.23 -79.34 20.24
CA ASN B 760 -87.67 -79.48 20.09
C ASN B 760 -88.07 -80.28 18.86
N ASN B 761 -87.09 -80.73 18.05
CA ASN B 761 -87.28 -81.53 16.84
C ASN B 761 -88.18 -80.81 15.83
N GLN B 762 -87.70 -79.68 15.34
CA GLN B 762 -88.40 -78.94 14.31
C GLN B 762 -87.66 -79.05 12.99
N PRO B 763 -88.37 -79.11 11.86
CA PRO B 763 -87.70 -79.17 10.55
C PRO B 763 -86.98 -77.85 10.26
N VAL B 764 -85.73 -77.97 9.82
CA VAL B 764 -84.87 -76.83 9.57
C VAL B 764 -83.96 -77.17 8.41
N ALA B 765 -83.43 -76.16 7.74
CA ALA B 765 -82.52 -76.34 6.62
C ALA B 765 -81.33 -75.41 6.80
N LEU B 766 -80.23 -75.96 7.27
CA LEU B 766 -78.99 -75.21 7.39
C LEU B 766 -78.45 -74.91 5.99
N VAL B 767 -77.88 -73.71 5.82
CA VAL B 767 -77.44 -73.25 4.50
C VAL B 767 -76.03 -72.71 4.64
N GLY B 768 -75.12 -73.24 3.84
CA GLY B 768 -73.74 -72.76 3.82
C GLY B 768 -72.84 -73.76 3.15
N ALA B 769 -71.66 -73.30 2.78
CA ALA B 769 -70.65 -74.18 2.20
C ALA B 769 -70.16 -75.15 3.26
N LEU B 770 -70.37 -76.43 3.04
CA LEU B 770 -70.30 -77.36 4.16
C LEU B 770 -69.75 -78.72 3.70
N PRO B 771 -68.60 -79.15 4.21
CA PRO B 771 -67.98 -80.39 3.70
C PRO B 771 -68.68 -81.62 4.24
N PHE B 772 -68.81 -82.62 3.38
CA PHE B 772 -69.56 -83.84 3.70
C PHE B 772 -68.68 -85.06 3.48
N ILE B 773 -69.15 -86.19 4.02
CA ILE B 773 -68.51 -87.48 3.81
C ILE B 773 -69.48 -88.40 3.07
N THR B 774 -68.96 -89.52 2.60
CA THR B 774 -69.70 -90.42 1.73
C THR B 774 -69.59 -91.84 2.27
N ASP B 775 -70.71 -92.55 2.29
CA ASP B 775 -70.70 -93.98 2.57
C ASP B 775 -71.52 -94.72 1.52
N SER B 776 -71.59 -96.04 1.64
CA SER B 776 -72.24 -96.83 0.62
C SER B 776 -73.08 -97.99 1.16
N SER B 777 -73.12 -98.21 2.47
CA SER B 777 -73.76 -99.39 3.02
C SER B 777 -75.23 -99.15 3.31
N VAL B 778 -76.05 -100.18 3.08
CA VAL B 778 -77.47 -100.10 3.38
C VAL B 778 -77.69 -100.16 4.89
N ILE B 779 -76.78 -100.82 5.62
CA ILE B 779 -76.91 -100.93 7.07
C ILE B 779 -76.64 -99.58 7.75
N SER B 780 -75.83 -98.72 7.13
CA SER B 780 -75.70 -97.37 7.64
C SER B 780 -76.89 -96.49 7.28
N LEU B 781 -77.85 -96.98 6.50
CA LEU B 781 -79.10 -96.30 6.23
C LEU B 781 -80.25 -96.82 7.09
N VAL B 782 -80.34 -98.15 7.24
CA VAL B 782 -81.40 -98.76 8.05
C VAL B 782 -81.21 -98.41 9.52
N ALA B 783 -79.97 -98.38 9.99
CA ALA B 783 -79.68 -98.03 11.37
C ALA B 783 -79.69 -96.53 11.63
N LYS B 784 -79.94 -95.72 10.59
CA LYS B 784 -80.15 -94.27 10.69
C LYS B 784 -78.94 -93.55 11.27
N LEU B 785 -77.81 -93.67 10.58
CA LEU B 785 -76.58 -93.00 10.98
C LEU B 785 -76.41 -91.62 10.35
N ASP B 786 -77.51 -91.01 9.90
CA ASP B 786 -77.46 -89.67 9.32
C ASP B 786 -78.10 -88.60 10.20
N ALA B 787 -78.96 -88.99 11.15
CA ALA B 787 -79.55 -88.06 12.10
C ALA B 787 -78.75 -87.99 13.40
N THR B 788 -77.54 -88.54 13.43
CA THR B 788 -76.74 -88.60 14.63
C THR B 788 -75.75 -87.45 14.73
N VAL B 789 -75.22 -86.97 13.60
CA VAL B 789 -74.10 -86.04 13.58
C VAL B 789 -74.49 -84.61 13.94
N PHE B 790 -75.77 -84.37 14.22
CA PHE B 790 -76.24 -83.02 14.51
C PHE B 790 -76.26 -82.69 15.99
N ALA B 791 -75.99 -83.65 16.86
CA ALA B 791 -76.06 -83.43 18.30
C ALA B 791 -74.78 -82.86 18.88
N GLN B 792 -73.86 -82.38 18.05
CA GLN B 792 -72.64 -81.75 18.53
C GLN B 792 -72.77 -80.24 18.66
N ILE B 793 -73.78 -79.65 18.02
CA ILE B 793 -74.00 -78.22 18.15
C ILE B 793 -74.59 -77.87 19.52
N VAL B 794 -75.21 -78.83 20.19
CA VAL B 794 -75.85 -78.57 21.47
C VAL B 794 -74.87 -78.72 22.62
N LYS B 795 -74.06 -79.77 22.63
CA LYS B 795 -73.13 -80.00 23.74
C LYS B 795 -71.99 -78.99 23.71
N LEU B 796 -71.31 -78.89 22.57
CA LEU B 796 -70.35 -77.82 22.35
C LEU B 796 -71.09 -76.59 21.84
N ARG B 797 -70.36 -75.62 21.31
CA ARG B 797 -70.99 -74.49 20.66
C ARG B 797 -70.58 -74.34 19.20
N LYS B 798 -69.57 -75.05 18.74
CA LYS B 798 -69.05 -74.83 17.41
C LYS B 798 -69.88 -75.53 16.34
N VAL B 799 -69.89 -74.93 15.15
CA VAL B 799 -70.58 -75.47 13.98
C VAL B 799 -69.62 -75.76 12.85
N ASP B 800 -68.32 -75.52 13.05
CA ASP B 800 -67.33 -75.73 11.99
C ASP B 800 -67.10 -77.21 11.71
N THR B 801 -67.22 -78.06 12.72
CA THR B 801 -66.98 -79.48 12.55
C THR B 801 -68.28 -80.25 12.23
N LEU B 802 -69.01 -79.74 11.24
CA LEU B 802 -70.25 -80.37 10.79
C LEU B 802 -69.96 -81.16 9.52
N LYS B 803 -70.30 -82.46 9.55
CA LYS B 803 -70.01 -83.37 8.44
C LYS B 803 -71.23 -84.25 8.19
N PRO B 804 -72.12 -83.84 7.29
CA PRO B 804 -73.30 -84.67 6.99
C PRO B 804 -72.94 -85.91 6.19
N ILE B 805 -73.96 -86.75 5.97
CA ILE B 805 -73.81 -88.02 5.28
C ILE B 805 -74.55 -87.95 3.96
N LEU B 806 -73.92 -88.40 2.88
CA LEU B 806 -74.53 -88.50 1.57
C LEU B 806 -74.47 -89.96 1.14
N TYR B 807 -75.61 -90.63 1.19
CA TYR B 807 -75.66 -92.05 0.87
C TYR B 807 -75.47 -92.28 -0.62
N LYS B 808 -75.10 -93.52 -0.96
CA LYS B 808 -74.87 -93.90 -2.35
C LYS B 808 -75.03 -95.42 -2.42
N ILE B 809 -76.20 -95.87 -2.87
CA ILE B 809 -76.58 -97.28 -2.82
C ILE B 809 -76.63 -97.83 -4.24
N ASN B 810 -75.66 -98.68 -4.59
CA ASN B 810 -75.53 -99.20 -5.93
C ASN B 810 -75.48 -100.72 -5.95
N SER B 811 -75.15 -101.29 -7.10
CA SER B 811 -74.97 -102.73 -7.21
C SER B 811 -73.63 -103.18 -6.68
N ASP B 812 -72.59 -102.35 -6.79
CA ASP B 812 -71.29 -102.71 -6.25
C ASP B 812 -71.15 -102.36 -4.78
N SER B 813 -72.19 -101.82 -4.16
CA SER B 813 -72.23 -101.65 -2.73
C SER B 813 -72.52 -102.99 -2.06
N ASN B 814 -72.07 -103.12 -0.82
CA ASN B 814 -72.39 -104.31 -0.04
C ASN B 814 -73.84 -104.26 0.40
N ASP B 815 -74.40 -105.46 0.64
CA ASP B 815 -75.78 -105.65 1.11
C ASP B 815 -76.80 -105.03 0.15
N PHE B 816 -76.54 -105.15 -1.15
CA PHE B 816 -77.50 -104.64 -2.13
C PHE B 816 -78.72 -105.55 -2.25
N TYR B 817 -78.59 -106.83 -1.90
CA TYR B 817 -79.66 -107.80 -2.07
C TYR B 817 -80.87 -107.53 -1.18
N LEU B 818 -80.74 -106.67 -0.16
CA LEU B 818 -81.90 -106.21 0.58
C LEU B 818 -82.79 -105.32 -0.28
N VAL B 819 -82.19 -104.52 -1.16
CA VAL B 819 -82.96 -103.62 -2.01
C VAL B 819 -83.65 -104.40 -3.14
N ALA B 820 -82.95 -105.37 -3.73
CA ALA B 820 -83.50 -106.07 -4.89
C ALA B 820 -84.58 -107.08 -4.51
N ASN B 821 -84.41 -107.76 -3.37
CA ASN B 821 -85.36 -108.81 -3.00
C ASN B 821 -86.67 -108.22 -2.49
N TYR B 822 -86.60 -107.44 -1.43
CA TYR B 822 -87.81 -106.85 -0.84
C TYR B 822 -88.22 -105.62 -1.63
N ASP B 823 -89.52 -105.44 -1.80
CA ASP B 823 -90.07 -104.32 -2.57
C ASP B 823 -90.09 -103.06 -1.72
N TRP B 824 -88.96 -102.35 -1.69
CA TRP B 824 -88.90 -101.06 -1.01
C TRP B 824 -87.92 -100.15 -1.74
N VAL B 825 -88.30 -98.89 -1.88
CA VAL B 825 -87.36 -97.84 -2.27
C VAL B 825 -86.68 -97.40 -0.98
N PRO B 826 -85.38 -97.05 -1.01
CA PRO B 826 -84.72 -96.61 0.22
C PRO B 826 -85.24 -95.26 0.67
N THR B 827 -85.60 -95.17 1.94
CA THR B 827 -86.21 -93.97 2.51
C THR B 827 -85.33 -93.43 3.62
N SER B 828 -84.97 -92.15 3.52
CA SER B 828 -84.13 -91.48 4.49
C SER B 828 -84.92 -90.44 5.27
N THR B 829 -84.22 -89.70 6.12
CA THR B 829 -84.80 -88.61 6.89
C THR B 829 -84.24 -87.26 6.49
N THR B 830 -82.92 -87.11 6.48
CA THR B 830 -82.27 -85.87 6.11
C THR B 830 -81.58 -86.04 4.76
N LYS B 831 -81.57 -84.98 3.96
CA LYS B 831 -80.85 -85.00 2.69
C LYS B 831 -79.99 -83.77 2.54
N VAL B 832 -79.13 -83.80 1.54
CA VAL B 832 -78.10 -82.79 1.32
C VAL B 832 -78.52 -81.92 0.14
N TYR B 833 -78.34 -80.61 0.29
CA TYR B 833 -78.53 -79.69 -0.83
C TYR B 833 -77.29 -79.77 -1.72
N LYS B 834 -77.48 -80.22 -2.95
CA LYS B 834 -76.38 -80.63 -3.82
C LYS B 834 -76.90 -80.68 -5.24
N GLN B 835 -76.02 -80.41 -6.20
CA GLN B 835 -76.38 -80.43 -7.61
C GLN B 835 -75.71 -81.60 -8.32
N ILE B 836 -76.19 -81.87 -9.52
CA ILE B 836 -75.76 -83.00 -10.34
C ILE B 836 -74.93 -82.45 -11.49
N PRO B 837 -73.74 -82.99 -11.77
CA PRO B 837 -72.90 -82.43 -12.83
C PRO B 837 -73.46 -82.72 -14.21
N GLN B 838 -73.19 -81.80 -15.12
CA GLN B 838 -73.78 -81.85 -16.45
C GLN B 838 -73.17 -82.97 -17.28
N GLN B 839 -74.00 -83.62 -18.09
CA GLN B 839 -73.52 -84.63 -19.01
C GLN B 839 -72.67 -84.00 -20.10
N PHE B 840 -71.73 -84.77 -20.63
CA PHE B 840 -70.80 -84.31 -21.65
C PHE B 840 -71.25 -84.87 -22.99
N ASP B 841 -71.61 -83.98 -23.91
CA ASP B 841 -71.98 -84.34 -25.27
C ASP B 841 -70.96 -83.77 -26.22
N PHE B 842 -70.40 -84.62 -27.08
CA PHE B 842 -69.25 -84.22 -27.90
C PHE B 842 -69.67 -83.26 -29.00
N ARG B 843 -70.80 -83.52 -29.65
CA ARG B 843 -71.19 -82.74 -30.82
C ARG B 843 -71.69 -81.35 -30.46
N ALA B 844 -72.08 -81.14 -29.20
CA ALA B 844 -72.59 -79.85 -28.76
C ALA B 844 -71.56 -79.02 -27.99
N SER B 845 -70.43 -79.60 -27.64
CA SER B 845 -69.43 -78.90 -26.86
C SER B 845 -68.23 -78.41 -27.67
N MET B 846 -68.14 -78.79 -28.93
CA MET B 846 -67.04 -78.29 -29.75
C MET B 846 -67.31 -76.85 -30.15
N HIS B 847 -66.25 -76.18 -30.63
CA HIS B 847 -66.35 -74.81 -31.08
C HIS B 847 -65.40 -74.62 -32.25
N MET B 848 -65.38 -73.42 -32.81
CA MET B 848 -64.53 -73.12 -33.97
C MET B 848 -63.86 -71.78 -33.70
N LEU B 849 -62.68 -71.83 -33.10
CA LEU B 849 -61.96 -70.62 -32.70
C LEU B 849 -61.31 -69.96 -33.90
N THR B 850 -61.61 -68.68 -34.11
CA THR B 850 -61.15 -67.94 -35.27
C THR B 850 -60.18 -66.84 -34.82
N SER B 851 -59.03 -66.78 -35.50
CA SER B 851 -58.04 -65.73 -35.24
C SER B 851 -57.22 -65.54 -36.51
N ASN B 852 -56.14 -64.77 -36.40
CA ASN B 852 -55.37 -64.39 -37.57
C ASN B 852 -54.23 -65.38 -37.82
N LEU B 853 -53.63 -65.27 -39.00
CA LEU B 853 -52.51 -66.13 -39.37
C LEU B 853 -51.19 -65.59 -38.81
N THR B 854 -50.78 -64.40 -39.24
CA THR B 854 -49.49 -63.85 -38.87
C THR B 854 -49.61 -62.38 -38.51
N PHE B 855 -48.97 -62.00 -37.40
CA PHE B 855 -48.64 -60.63 -37.08
C PHE B 855 -47.13 -60.44 -37.16
N THR B 856 -46.70 -59.23 -36.83
CA THR B 856 -45.32 -58.94 -36.47
C THR B 856 -45.38 -57.73 -35.56
N VAL B 857 -45.33 -57.96 -34.26
CA VAL B 857 -45.57 -56.90 -33.28
C VAL B 857 -44.26 -56.18 -32.98
N TYR B 858 -44.23 -54.87 -33.25
CA TYR B 858 -43.08 -54.04 -32.99
C TYR B 858 -43.31 -53.23 -31.74
N SER B 859 -42.31 -53.18 -30.86
CA SER B 859 -42.45 -52.48 -29.59
C SER B 859 -41.96 -51.04 -29.69
N ASP B 860 -40.69 -50.85 -30.06
CA ASP B 860 -40.12 -49.52 -30.17
C ASP B 860 -40.41 -48.96 -31.56
N LEU B 861 -41.16 -47.85 -31.61
CA LEU B 861 -41.51 -47.25 -32.88
C LEU B 861 -40.46 -46.26 -33.37
N LEU B 862 -39.87 -45.48 -32.46
CA LEU B 862 -38.94 -44.43 -32.85
C LEU B 862 -37.52 -44.94 -33.11
N ALA B 863 -37.34 -46.25 -33.25
CA ALA B 863 -36.09 -46.79 -33.74
C ALA B 863 -36.03 -46.84 -35.25
N PHE B 864 -37.06 -46.37 -35.94
CA PHE B 864 -37.08 -46.32 -37.39
C PHE B 864 -36.71 -44.94 -37.94
N VAL B 865 -37.23 -43.87 -37.33
CA VAL B 865 -36.90 -42.53 -37.78
C VAL B 865 -35.51 -42.16 -37.29
N SER B 866 -34.79 -41.39 -38.10
CA SER B 866 -33.41 -40.98 -37.77
C SER B 866 -33.27 -39.52 -38.14
N ALA B 867 -33.57 -38.64 -37.19
CA ALA B 867 -33.63 -37.22 -37.45
C ALA B 867 -32.25 -36.59 -37.35
N ASP B 868 -32.15 -35.37 -37.85
CA ASP B 868 -30.90 -34.61 -37.86
C ASP B 868 -31.27 -33.15 -37.75
N THR B 869 -30.37 -32.36 -37.17
CA THR B 869 -30.62 -30.95 -36.93
C THR B 869 -29.92 -30.07 -37.96
N VAL B 870 -30.62 -29.03 -38.41
CA VAL B 870 -30.02 -28.03 -39.27
C VAL B 870 -28.98 -27.26 -38.47
N GLU B 871 -27.83 -26.94 -39.11
CA GLU B 871 -26.66 -26.23 -38.62
C GLU B 871 -27.03 -25.06 -37.71
N PRO B 872 -26.56 -25.05 -36.46
CA PRO B 872 -27.15 -24.18 -35.44
C PRO B 872 -26.89 -22.69 -35.63
N ILE B 873 -26.04 -22.28 -36.58
CA ILE B 873 -25.93 -20.86 -36.86
C ILE B 873 -27.15 -20.36 -37.63
N ASN B 874 -27.90 -21.25 -38.27
CA ASN B 874 -29.19 -20.95 -38.89
C ASN B 874 -30.25 -21.75 -38.14
N ALA B 875 -30.73 -21.20 -37.03
CA ALA B 875 -31.75 -21.84 -36.22
C ALA B 875 -32.91 -20.88 -36.08
N VAL B 876 -34.07 -21.26 -36.58
CA VAL B 876 -35.20 -20.36 -36.74
C VAL B 876 -36.15 -20.52 -35.56
N ALA B 877 -36.47 -19.40 -34.90
CA ALA B 877 -37.39 -19.38 -33.77
C ALA B 877 -38.84 -19.40 -34.22
N PHE B 878 -39.77 -19.05 -33.33
CA PHE B 878 -41.18 -19.12 -33.69
C PHE B 878 -41.55 -18.03 -34.68
N ASP B 879 -40.90 -16.87 -34.61
CA ASP B 879 -40.86 -15.93 -35.72
C ASP B 879 -39.66 -16.31 -36.58
N ASN B 880 -39.73 -15.99 -37.86
CA ASN B 880 -38.77 -16.57 -38.78
C ASN B 880 -37.41 -15.89 -38.75
N MET B 881 -37.20 -14.89 -37.91
CA MET B 881 -35.86 -14.39 -37.64
C MET B 881 -35.14 -15.33 -36.69
N ARG B 882 -33.85 -15.56 -36.96
CA ARG B 882 -33.12 -16.58 -36.24
C ARG B 882 -32.75 -16.12 -34.84
N ILE B 883 -32.35 -17.08 -34.02
CA ILE B 883 -31.87 -16.81 -32.67
C ILE B 883 -30.36 -16.69 -32.73
N MET B 884 -29.82 -15.87 -31.82
CA MET B 884 -28.39 -15.60 -31.69
C MET B 884 -27.79 -15.06 -32.99
N ASN B 885 -28.24 -13.86 -33.38
CA ASN B 885 -27.79 -13.25 -34.62
C ASN B 885 -26.93 -12.01 -34.42
N GLU B 886 -27.16 -11.24 -33.36
CA GLU B 886 -26.55 -9.93 -33.23
C GLU B 886 -25.07 -10.02 -32.88
N LEU B 887 -24.28 -9.13 -33.47
CA LEU B 887 -22.85 -9.03 -33.20
C LEU B 887 -22.61 -8.45 -31.81
N LYS C 73 -18.47 -44.12 61.15
CA LYS C 73 -18.35 -43.30 62.35
C LYS C 73 -19.47 -42.28 62.42
N GLU C 74 -19.63 -41.67 63.60
CA GLU C 74 -20.67 -40.67 63.78
C GLU C 74 -20.31 -39.33 63.15
N GLU C 75 -19.03 -39.08 62.88
CA GLU C 75 -18.61 -37.82 62.29
C GLU C 75 -18.95 -37.75 60.80
N SER C 76 -18.79 -38.87 60.09
CA SER C 76 -19.08 -38.87 58.66
C SER C 76 -20.58 -38.94 58.37
N LYS C 77 -21.36 -39.62 59.22
CA LYS C 77 -22.79 -39.66 59.03
C LYS C 77 -23.46 -38.35 59.39
N GLN C 78 -22.83 -37.53 60.24
CA GLN C 78 -23.41 -36.24 60.60
C GLN C 78 -23.26 -35.21 59.51
N LEU C 79 -22.37 -35.42 58.54
CA LEU C 79 -22.32 -34.56 57.37
C LEU C 79 -23.59 -34.68 56.54
N LEU C 80 -24.05 -35.91 56.33
CA LEU C 80 -25.25 -36.14 55.53
C LEU C 80 -26.53 -35.71 56.24
N GLU C 81 -26.46 -35.43 57.54
CA GLU C 81 -27.59 -34.82 58.24
C GLU C 81 -27.53 -33.30 58.27
N VAL C 82 -26.35 -32.71 58.06
CA VAL C 82 -26.21 -31.26 57.98
C VAL C 82 -26.39 -30.76 56.55
N LEU C 83 -25.88 -31.53 55.57
CA LEU C 83 -25.87 -31.11 54.18
C LEU C 83 -27.27 -31.00 53.58
N LYS C 84 -28.26 -31.70 54.13
CA LYS C 84 -29.64 -31.54 53.70
C LYS C 84 -30.43 -30.58 54.59
N THR C 85 -29.89 -30.23 55.75
CA THR C 85 -30.59 -29.36 56.69
C THR C 85 -30.46 -27.89 56.28
N LYS C 86 -29.31 -27.52 55.72
CA LYS C 86 -29.01 -26.13 55.38
C LYS C 86 -29.93 -25.62 54.27
N GLU C 87 -30.16 -24.31 54.28
CA GLU C 87 -31.23 -23.69 53.50
C GLU C 87 -30.79 -23.24 52.11
N GLU C 88 -29.50 -23.31 51.77
CA GLU C 88 -29.08 -22.85 50.45
C GLU C 88 -29.29 -23.89 49.36
N HIS C 89 -29.69 -25.11 49.71
CA HIS C 89 -30.06 -26.12 48.74
C HIS C 89 -31.53 -26.52 48.79
N GLN C 90 -32.25 -26.15 49.84
CA GLN C 90 -33.63 -26.59 50.03
C GLN C 90 -34.60 -25.71 49.26
N LYS C 91 -35.50 -26.34 48.50
CA LYS C 91 -36.43 -25.62 47.63
C LYS C 91 -37.73 -26.40 47.49
N GLU C 92 -38.84 -25.67 47.45
CA GLU C 92 -40.19 -26.17 47.12
C GLU C 92 -40.70 -27.21 48.13
N VAL C 93 -40.77 -26.77 49.39
CA VAL C 93 -41.36 -27.61 50.44
C VAL C 93 -42.88 -27.53 50.45
N GLN C 94 -43.49 -26.69 49.60
CA GLN C 94 -44.89 -26.36 49.74
C GLN C 94 -45.83 -27.20 48.88
N TYR C 95 -45.31 -28.07 48.04
CA TYR C 95 -46.17 -29.14 47.54
C TYR C 95 -46.30 -30.28 48.52
N GLU C 96 -45.50 -30.27 49.59
CA GLU C 96 -45.56 -31.29 50.63
C GLU C 96 -46.22 -30.80 51.91
N ILE C 97 -46.55 -29.51 52.00
CA ILE C 97 -47.43 -29.07 53.08
C ILE C 97 -48.87 -29.43 52.74
N LEU C 98 -49.19 -29.50 51.45
CA LEU C 98 -50.51 -29.92 51.03
C LEU C 98 -50.66 -31.43 51.03
N GLN C 99 -49.58 -32.16 50.78
CA GLN C 99 -49.65 -33.62 50.72
C GLN C 99 -49.72 -34.27 52.08
N LYS C 100 -49.30 -33.58 53.14
CA LYS C 100 -49.35 -34.15 54.47
C LYS C 100 -50.73 -34.06 55.11
N THR C 101 -51.72 -33.49 54.41
CA THR C 101 -53.09 -33.48 54.88
C THR C 101 -54.00 -34.27 53.97
N ILE C 102 -53.45 -35.05 53.03
CA ILE C 102 -54.22 -35.91 52.14
C ILE C 102 -53.81 -37.34 52.43
N PRO C 103 -54.68 -38.18 52.97
CA PRO C 103 -54.28 -39.56 53.26
C PRO C 103 -54.20 -40.41 52.01
N THR C 104 -52.99 -40.64 51.52
CA THR C 104 -52.74 -41.48 50.36
C THR C 104 -51.38 -42.13 50.56
N PHE C 105 -51.25 -43.38 50.14
CA PHE C 105 -49.98 -44.08 50.30
C PHE C 105 -48.95 -43.53 49.31
N GLU C 106 -47.70 -43.46 49.78
CA GLU C 106 -46.63 -42.74 49.09
C GLU C 106 -46.21 -43.37 47.75
N PRO C 107 -46.17 -44.71 47.58
CA PRO C 107 -46.19 -45.23 46.20
C PRO C 107 -47.63 -45.36 45.73
N LYS C 108 -48.00 -44.56 44.73
CA LYS C 108 -49.38 -44.56 44.26
C LYS C 108 -49.75 -45.83 43.52
N GLU C 109 -48.78 -46.50 42.89
CA GLU C 109 -49.07 -47.75 42.21
C GLU C 109 -49.12 -48.94 43.16
N SER C 110 -48.94 -48.71 44.46
CA SER C 110 -49.08 -49.74 45.48
C SER C 110 -50.47 -49.83 46.05
N ILE C 111 -51.40 -48.97 45.61
CA ILE C 111 -52.77 -49.01 46.10
C ILE C 111 -53.54 -50.15 45.45
N LEU C 112 -53.12 -50.59 44.26
CA LEU C 112 -53.83 -51.62 43.51
C LEU C 112 -53.80 -52.97 44.21
N LYS C 113 -52.76 -53.24 44.99
CA LYS C 113 -52.70 -54.49 45.75
C LYS C 113 -53.70 -54.50 46.89
N LYS C 114 -54.02 -53.33 47.45
CA LYS C 114 -54.89 -53.28 48.63
C LYS C 114 -56.35 -53.45 48.29
N LEU C 115 -56.80 -52.96 47.12
CA LEU C 115 -58.19 -53.13 46.73
C LEU C 115 -58.50 -54.57 46.37
N GLU C 116 -57.55 -55.26 45.74
CA GLU C 116 -57.79 -56.63 45.30
C GLU C 116 -57.56 -57.67 46.39
N ASP C 117 -57.23 -57.25 47.61
CA ASP C 117 -57.10 -58.16 48.73
C ASP C 117 -58.30 -58.08 49.69
N ILE C 118 -59.35 -57.37 49.31
CA ILE C 118 -60.54 -57.24 50.14
C ILE C 118 -61.37 -58.51 49.96
N LYS C 119 -61.43 -59.33 50.99
CA LYS C 119 -62.18 -60.58 50.92
C LYS C 119 -63.68 -60.30 50.99
N PRO C 120 -64.49 -61.03 50.21
CA PRO C 120 -65.93 -60.74 50.15
C PRO C 120 -66.70 -60.96 51.44
N GLU C 121 -66.66 -62.18 51.97
CA GLU C 121 -67.52 -62.57 53.08
C GLU C 121 -66.75 -63.45 54.05
N GLN C 122 -67.30 -63.58 55.25
CA GLN C 122 -66.85 -64.58 56.21
C GLN C 122 -68.08 -65.22 56.83
N VAL C 123 -68.20 -66.53 56.68
CA VAL C 123 -69.34 -67.27 57.23
C VAL C 123 -68.87 -68.06 58.44
N LYS C 124 -69.83 -68.36 59.33
CA LYS C 124 -69.53 -69.05 60.59
C LYS C 124 -70.61 -70.10 60.85
N LYS C 125 -70.41 -71.30 60.34
CA LYS C 125 -71.25 -72.43 60.71
C LYS C 125 -70.79 -72.92 62.07
N GLN C 126 -71.49 -72.52 63.14
CA GLN C 126 -70.95 -72.77 64.46
C GLN C 126 -71.17 -74.22 64.88
N THR C 127 -70.37 -74.66 65.84
CA THR C 127 -70.37 -76.04 66.30
C THR C 127 -70.66 -76.17 67.79
N LYS C 128 -70.88 -75.07 68.49
CA LYS C 128 -71.21 -75.09 69.90
C LYS C 128 -72.46 -74.26 70.13
N LEU C 129 -73.41 -74.82 70.87
CA LEU C 129 -74.61 -74.07 71.21
C LEU C 129 -74.29 -73.02 72.26
N PHE C 130 -74.76 -71.80 72.05
CA PHE C 130 -74.38 -70.65 72.88
C PHE C 130 -75.02 -70.78 74.25
N ARG C 131 -74.19 -70.94 75.27
CA ARG C 131 -74.66 -71.05 76.66
C ARG C 131 -73.93 -70.04 77.52
N ILE C 132 -74.66 -69.47 78.48
CA ILE C 132 -74.09 -68.61 79.50
C ILE C 132 -74.20 -69.24 80.89
N PHE C 133 -75.29 -69.94 81.16
CA PHE C 133 -75.55 -70.54 82.46
C PHE C 133 -75.48 -72.06 82.35
N GLU C 134 -75.09 -72.70 83.45
CA GLU C 134 -75.04 -74.15 83.55
C GLU C 134 -75.51 -74.56 84.94
N PRO C 135 -76.26 -75.66 85.07
CA PRO C 135 -76.73 -76.08 86.38
C PRO C 135 -75.61 -76.66 87.22
N ARG C 136 -75.80 -76.58 88.53
CA ARG C 136 -74.79 -77.02 89.48
C ARG C 136 -75.49 -77.40 90.78
N GLN C 137 -74.87 -78.34 91.51
CA GLN C 137 -75.44 -78.82 92.76
C GLN C 137 -74.89 -78.01 93.92
N LEU C 138 -75.80 -77.43 94.72
CA LEU C 138 -75.45 -76.64 95.89
C LEU C 138 -76.10 -77.25 97.13
N PRO C 139 -75.42 -77.23 98.27
CA PRO C 139 -76.05 -77.70 99.51
C PRO C 139 -77.09 -76.71 100.01
N VAL C 140 -78.08 -77.24 100.74
CA VAL C 140 -79.15 -76.45 101.30
C VAL C 140 -79.11 -76.55 102.81
N TYR C 141 -79.89 -75.69 103.46
CA TYR C 141 -80.05 -75.68 104.90
C TYR C 141 -81.50 -75.35 105.23
N ARG C 142 -81.89 -75.62 106.47
CA ARG C 142 -83.21 -75.27 106.95
C ARG C 142 -83.09 -74.18 108.02
N ALA C 143 -84.22 -73.85 108.65
CA ALA C 143 -84.17 -73.13 109.91
C ALA C 143 -83.56 -74.04 110.96
N ASN C 144 -82.80 -73.43 111.89
CA ASN C 144 -81.82 -74.13 112.74
C ASN C 144 -80.88 -74.94 111.84
N GLY C 145 -80.05 -74.17 111.10
CA GLY C 145 -79.32 -74.62 109.94
C GLY C 145 -78.45 -75.85 110.04
N GLU C 146 -78.89 -76.94 109.41
CA GLU C 146 -78.12 -78.16 109.26
C GLU C 146 -78.15 -78.58 107.80
N LYS C 147 -77.27 -79.50 107.43
CA LYS C 147 -77.32 -80.10 106.11
C LYS C 147 -78.51 -81.03 106.00
N GLU C 148 -79.23 -80.95 104.88
CA GLU C 148 -80.45 -81.71 104.68
C GLU C 148 -80.23 -83.05 103.97
N LEU C 149 -79.00 -83.58 104.05
CA LEU C 149 -78.59 -84.88 103.49
C LEU C 149 -78.81 -84.97 101.98
N ARG C 150 -78.85 -83.85 101.28
CA ARG C 150 -79.22 -83.84 99.87
C ARG C 150 -78.63 -82.58 99.23
N ASN C 151 -78.87 -82.43 97.93
CA ASN C 151 -78.45 -81.25 97.20
C ASN C 151 -79.58 -80.81 96.29
N ARG C 152 -79.60 -79.52 95.98
CA ARG C 152 -80.58 -78.95 95.06
C ARG C 152 -79.86 -78.37 93.85
N TRP C 153 -80.51 -78.45 92.70
CA TRP C 153 -79.93 -77.94 91.45
C TRP C 153 -80.25 -76.46 91.31
N TYR C 154 -79.24 -75.67 90.96
CA TYR C 154 -79.39 -74.23 90.79
C TYR C 154 -78.67 -73.80 89.53
N TRP C 155 -79.23 -72.81 88.85
CA TRP C 155 -78.54 -72.22 87.71
C TRP C 155 -77.41 -71.34 88.22
N LYS C 156 -76.28 -71.38 87.52
CA LYS C 156 -75.12 -70.60 87.94
C LYS C 156 -74.29 -70.26 86.71
N LEU C 157 -73.62 -69.12 86.76
CA LEU C 157 -72.75 -68.71 85.66
C LEU C 157 -71.54 -69.61 85.55
N LYS C 158 -71.16 -69.92 84.32
CA LYS C 158 -69.84 -70.46 84.02
C LYS C 158 -68.96 -69.32 83.56
N ARG C 159 -67.74 -69.25 84.11
CA ARG C 159 -66.78 -68.15 83.90
C ARG C 159 -67.40 -66.81 84.32
N ASP C 160 -67.65 -66.71 85.62
CA ASP C 160 -68.25 -65.51 86.21
C ASP C 160 -67.17 -64.50 86.62
N THR C 161 -66.56 -63.90 85.60
CA THR C 161 -65.52 -62.90 85.81
C THR C 161 -66.14 -61.52 85.66
N LEU C 162 -66.84 -61.09 86.72
CA LEU C 162 -67.37 -59.73 86.67
C LEU C 162 -66.51 -58.78 87.50
N PRO C 163 -66.31 -57.55 87.07
CA PRO C 163 -65.43 -56.64 87.81
C PRO C 163 -66.12 -56.01 89.01
N ASP C 164 -65.44 -55.05 89.64
CA ASP C 164 -65.98 -54.31 90.77
C ASP C 164 -66.23 -52.86 90.37
N GLY C 165 -67.18 -52.23 91.03
CA GLY C 165 -67.56 -50.89 90.63
C GLY C 165 -68.61 -50.90 89.55
N ASP C 166 -69.48 -49.88 89.58
CA ASP C 166 -70.62 -49.87 88.68
C ASP C 166 -70.26 -49.44 87.27
N TYR C 167 -69.17 -48.69 87.09
CA TYR C 167 -68.76 -48.34 85.74
C TYR C 167 -68.14 -49.51 85.01
N ASP C 168 -67.43 -50.39 85.73
CA ASP C 168 -66.79 -51.53 85.09
C ASP C 168 -67.74 -52.68 84.86
N VAL C 169 -68.88 -52.71 85.54
CA VAL C 169 -69.91 -53.70 85.23
C VAL C 169 -70.59 -53.33 83.91
N ARG C 170 -70.85 -52.04 83.70
CA ARG C 170 -71.45 -51.58 82.45
C ARG C 170 -70.48 -51.60 81.29
N GLU C 171 -69.18 -51.73 81.54
CA GLU C 171 -68.21 -51.88 80.46
C GLU C 171 -67.92 -53.35 80.15
N TYR C 172 -68.21 -54.26 81.09
CA TYR C 172 -68.12 -55.68 80.78
C TYR C 172 -69.24 -56.11 79.84
N PHE C 173 -70.42 -55.52 79.96
CA PHE C 173 -71.54 -55.87 79.10
C PHE C 173 -71.46 -55.24 77.72
N LEU C 174 -70.50 -54.34 77.50
CA LEU C 174 -70.21 -53.90 76.14
C LEU C 174 -69.23 -54.84 75.45
N ASN C 175 -68.30 -55.44 76.21
CA ASN C 175 -67.40 -56.42 75.62
C ASN C 175 -68.11 -57.73 75.31
N LEU C 176 -69.19 -58.03 76.03
CA LEU C 176 -70.00 -59.19 75.68
C LEU C 176 -70.80 -58.94 74.42
N TYR C 177 -71.16 -57.68 74.17
CA TYR C 177 -71.85 -57.33 72.94
C TYR C 177 -70.90 -57.30 71.76
N ASP C 178 -69.63 -56.98 71.98
CA ASP C 178 -68.64 -57.05 70.92
C ASP C 178 -68.08 -58.46 70.74
N GLN C 179 -68.45 -59.39 71.60
CA GLN C 179 -68.07 -60.79 71.47
C GLN C 179 -69.18 -61.64 70.85
N VAL C 180 -70.44 -61.29 71.10
CA VAL C 180 -71.54 -61.99 70.46
C VAL C 180 -71.57 -61.68 68.97
N LEU C 181 -71.35 -60.41 68.60
CA LEU C 181 -71.42 -59.98 67.20
C LEU C 181 -70.32 -60.60 66.34
N THR C 182 -69.18 -60.94 66.93
CA THR C 182 -68.14 -61.63 66.18
C THR C 182 -68.43 -63.12 66.11
N GLU C 183 -68.99 -63.69 67.18
CA GLU C 183 -69.36 -65.09 67.24
C GLU C 183 -70.78 -65.36 66.74
N MET C 184 -71.37 -64.44 65.99
CA MET C 184 -72.70 -64.70 65.43
C MET C 184 -72.60 -65.68 64.28
N PRO C 185 -73.43 -66.72 64.25
CA PRO C 185 -73.45 -67.59 63.07
C PRO C 185 -74.36 -67.05 61.98
N ASP C 186 -74.04 -67.42 60.75
CA ASP C 186 -74.87 -67.04 59.62
C ASP C 186 -75.85 -68.13 59.23
N TYR C 187 -75.55 -69.38 59.53
CA TYR C 187 -76.48 -70.48 59.24
C TYR C 187 -76.22 -71.61 60.21
N LEU C 188 -77.30 -72.32 60.56
CA LEU C 188 -77.24 -73.43 61.51
C LEU C 188 -77.78 -74.69 60.85
N LEU C 189 -76.89 -75.57 60.43
CA LEU C 189 -77.27 -76.96 60.18
C LEU C 189 -77.20 -77.69 61.51
N LEU C 190 -78.33 -78.24 61.94
CA LEU C 190 -78.41 -78.77 63.29
C LEU C 190 -78.07 -80.25 63.39
N LYS C 191 -78.06 -80.98 62.27
CA LYS C 191 -77.74 -82.40 62.32
C LYS C 191 -76.25 -82.66 62.53
N ASP C 192 -75.40 -81.67 62.29
CA ASP C 192 -73.97 -81.79 62.54
C ASP C 192 -73.60 -81.49 63.98
N MET C 193 -74.59 -81.20 64.82
CA MET C 193 -74.40 -80.97 66.25
C MET C 193 -75.45 -81.82 66.95
N ALA C 194 -75.13 -83.08 67.18
CA ALA C 194 -76.07 -84.03 67.77
C ALA C 194 -75.28 -85.24 68.27
N VAL C 195 -75.52 -85.62 69.51
CA VAL C 195 -74.91 -86.82 70.07
C VAL C 195 -76.02 -87.76 70.50
N GLU C 196 -75.64 -89.01 70.75
CA GLU C 196 -76.61 -90.02 71.14
C GLU C 196 -77.06 -89.79 72.58
N ASN C 197 -78.34 -90.09 72.84
CA ASN C 197 -78.88 -90.09 74.19
C ASN C 197 -78.63 -91.46 74.79
N LYS C 198 -77.88 -91.50 75.90
CA LYS C 198 -77.39 -92.76 76.45
C LYS C 198 -78.52 -93.59 77.05
N ASN C 199 -79.50 -92.93 77.66
CA ASN C 199 -80.50 -93.60 78.48
C ASN C 199 -81.88 -93.69 77.84
N SER C 200 -81.98 -93.47 76.53
CA SER C 200 -83.27 -93.54 75.85
C SER C 200 -83.54 -94.98 75.40
N ARG C 201 -84.76 -95.46 75.65
CA ARG C 201 -85.09 -96.86 75.36
C ARG C 201 -85.23 -97.12 73.86
N ASP C 202 -85.49 -96.09 73.06
CA ASP C 202 -85.38 -96.15 71.62
C ASP C 202 -84.31 -95.17 71.17
N ALA C 203 -84.02 -95.19 69.87
CA ALA C 203 -82.89 -94.42 69.34
C ALA C 203 -83.21 -92.94 69.31
N GLY C 204 -82.99 -92.25 70.42
CA GLY C 204 -83.21 -90.81 70.50
C GLY C 204 -81.89 -90.04 70.42
N LYS C 205 -82.03 -88.74 70.19
CA LYS C 205 -80.86 -87.87 70.06
C LYS C 205 -81.15 -86.55 70.76
N VAL C 206 -80.09 -85.79 71.03
CA VAL C 206 -80.16 -84.47 71.61
C VAL C 206 -79.35 -83.52 70.75
N VAL C 207 -79.25 -82.26 71.17
CA VAL C 207 -78.74 -81.21 70.30
C VAL C 207 -77.32 -80.78 70.66
N ASP C 208 -76.82 -81.13 71.85
CA ASP C 208 -75.47 -80.73 72.18
C ASP C 208 -74.90 -81.73 73.18
N SER C 209 -73.57 -81.76 73.27
CA SER C 209 -72.91 -82.65 74.21
C SER C 209 -73.19 -82.25 75.65
N GLU C 210 -73.39 -80.95 75.91
CA GLU C 210 -73.74 -80.51 77.25
C GLU C 210 -75.18 -80.86 77.59
N THR C 211 -76.05 -80.99 76.59
CA THR C 211 -77.44 -81.36 76.84
C THR C 211 -77.54 -82.82 77.27
N ALA C 212 -76.70 -83.69 76.72
CA ALA C 212 -76.72 -85.09 77.09
C ALA C 212 -76.11 -85.34 78.46
N ALA C 213 -75.37 -84.38 79.00
CA ALA C 213 -74.80 -84.51 80.34
C ALA C 213 -75.80 -84.07 81.41
N ILE C 214 -76.60 -83.05 81.15
CA ILE C 214 -77.66 -82.69 82.09
C ILE C 214 -78.79 -83.70 82.03
N CYS C 215 -79.05 -84.27 80.85
CA CYS C 215 -80.08 -85.29 80.72
C CYS C 215 -79.69 -86.58 81.45
N ASP C 216 -78.40 -86.92 81.47
CA ASP C 216 -77.94 -88.10 82.17
C ASP C 216 -77.97 -87.90 83.68
N ALA C 217 -77.64 -86.69 84.14
CA ALA C 217 -77.47 -86.45 85.57
C ALA C 217 -78.80 -86.43 86.32
N ILE C 218 -79.85 -85.88 85.69
CA ILE C 218 -81.16 -85.85 86.32
C ILE C 218 -81.76 -87.26 86.38
N PHE C 219 -81.45 -88.09 85.39
CA PHE C 219 -81.99 -89.45 85.34
C PHE C 219 -81.42 -90.32 86.45
N GLN C 220 -80.13 -90.17 86.77
CA GLN C 220 -79.52 -90.97 87.82
C GLN C 220 -79.90 -90.49 89.21
N ASP C 221 -80.33 -89.23 89.33
CA ASP C 221 -80.66 -88.64 90.62
C ASP C 221 -81.89 -89.29 91.23
N GLU C 222 -81.82 -89.58 92.53
CA GLU C 222 -82.94 -90.21 93.22
C GLU C 222 -84.05 -89.21 93.54
N GLU C 223 -83.70 -87.94 93.72
CA GLU C 223 -84.66 -86.94 94.18
C GLU C 223 -85.69 -86.54 93.12
N THR C 224 -85.39 -86.77 91.83
CA THR C 224 -86.28 -86.32 90.77
C THR C 224 -87.58 -87.13 90.76
N GLU C 225 -88.65 -86.48 90.31
CA GLU C 225 -89.96 -87.12 90.30
C GLU C 225 -90.07 -88.10 89.14
N GLY C 226 -91.07 -88.99 89.23
CA GLY C 226 -91.17 -90.10 88.31
C GLY C 226 -91.59 -89.72 86.91
N VAL C 227 -92.36 -88.64 86.77
CA VAL C 227 -92.86 -88.27 85.45
C VAL C 227 -91.75 -87.66 84.60
N VAL C 228 -90.70 -87.11 85.23
CA VAL C 228 -89.55 -86.64 84.48
C VAL C 228 -88.69 -87.81 84.02
N ARG C 229 -88.57 -88.85 84.84
CA ARG C 229 -87.77 -90.01 84.47
C ARG C 229 -88.44 -90.80 83.34
N ARG C 230 -89.76 -90.83 83.29
CA ARG C 230 -90.46 -91.51 82.21
C ARG C 230 -90.52 -90.69 80.94
N PHE C 231 -90.01 -89.47 80.93
CA PHE C 231 -90.09 -88.61 79.75
C PHE C 231 -88.76 -88.47 79.02
N ILE C 232 -87.64 -88.35 79.74
CA ILE C 232 -86.34 -88.23 79.07
C ILE C 232 -85.83 -89.56 78.54
N ALA C 233 -86.53 -90.66 78.82
CA ALA C 233 -86.29 -91.91 78.14
C ALA C 233 -87.11 -92.06 76.86
N GLU C 234 -88.13 -91.22 76.66
CA GLU C 234 -89.00 -91.33 75.50
C GLU C 234 -89.09 -90.05 74.69
N MET C 235 -88.30 -89.03 75.02
CA MET C 235 -88.21 -87.86 74.15
C MET C 235 -87.49 -88.25 72.85
N ARG C 236 -87.91 -87.66 71.75
CA ARG C 236 -87.45 -88.08 70.44
C ARG C 236 -87.20 -86.88 69.54
N GLN C 237 -86.32 -87.07 68.57
CA GLN C 237 -86.14 -86.10 67.50
C GLN C 237 -87.17 -86.34 66.41
N ARG C 238 -87.20 -85.47 65.40
CA ARG C 238 -88.06 -85.66 64.25
C ARG C 238 -87.31 -85.19 63.02
N VAL C 239 -86.77 -86.14 62.26
CA VAL C 239 -86.00 -85.86 61.05
C VAL C 239 -86.92 -86.02 59.86
N GLN C 240 -86.86 -85.07 58.93
CA GLN C 240 -87.71 -85.09 57.74
C GLN C 240 -86.86 -84.72 56.53
N ALA C 241 -86.62 -85.69 55.65
CA ALA C 241 -85.83 -85.42 54.44
C ALA C 241 -86.66 -84.83 53.32
N ASP C 242 -87.99 -84.98 53.35
CA ASP C 242 -88.83 -84.41 52.30
C ASP C 242 -88.95 -82.90 52.46
N ARG C 243 -89.45 -82.45 53.61
CA ARG C 243 -89.66 -81.03 53.85
C ARG C 243 -88.39 -80.30 54.26
N ASN C 244 -87.26 -81.01 54.35
CA ASN C 244 -85.93 -80.46 54.63
C ASN C 244 -85.84 -79.76 55.99
N VAL C 245 -86.59 -80.25 56.98
CA VAL C 245 -86.54 -79.69 58.32
C VAL C 245 -86.17 -80.77 59.31
N VAL C 246 -85.65 -80.34 60.46
CA VAL C 246 -85.21 -81.25 61.51
C VAL C 246 -85.30 -80.49 62.82
N ASN C 247 -85.47 -81.23 63.92
CA ASN C 247 -85.49 -80.62 65.25
C ASN C 247 -85.05 -81.63 66.29
N TYR C 248 -84.42 -81.12 67.35
CA TYR C 248 -83.82 -81.90 68.41
C TYR C 248 -84.14 -81.22 69.75
N PRO C 249 -84.31 -81.99 70.82
CA PRO C 249 -84.58 -81.39 72.13
C PRO C 249 -83.34 -80.71 72.71
N SER C 250 -83.57 -79.90 73.73
CA SER C 250 -82.50 -79.13 74.34
C SER C 250 -82.77 -78.99 75.84
N ILE C 251 -81.77 -78.50 76.56
CA ILE C 251 -81.90 -78.04 77.95
C ILE C 251 -81.15 -76.71 77.99
N LEU C 252 -81.88 -75.60 77.93
CA LEU C 252 -81.27 -74.28 77.85
C LEU C 252 -81.87 -73.37 78.91
N HIS C 253 -81.08 -72.38 79.32
CA HIS C 253 -81.56 -71.35 80.23
C HIS C 253 -82.58 -70.46 79.52
N PRO C 254 -83.50 -69.83 80.26
CA PRO C 254 -84.41 -68.86 79.65
C PRO C 254 -83.73 -67.65 79.02
N ILE C 255 -82.49 -67.32 79.40
CA ILE C 255 -81.73 -66.33 78.65
C ILE C 255 -81.14 -66.97 77.39
N ASP C 256 -80.53 -68.15 77.54
CA ASP C 256 -79.85 -68.81 76.44
C ASP C 256 -80.82 -69.34 75.40
N HIS C 257 -82.10 -69.51 75.73
CA HIS C 257 -83.08 -69.89 74.73
C HIS C 257 -83.40 -68.72 73.81
N ALA C 258 -83.32 -67.50 74.33
CA ALA C 258 -83.57 -66.33 73.49
C ALA C 258 -82.37 -66.02 72.61
N PHE C 259 -81.16 -66.26 73.12
CA PHE C 259 -79.97 -65.98 72.32
C PHE C 259 -79.80 -66.98 71.20
N ASN C 260 -80.15 -68.25 71.45
CA ASN C 260 -79.97 -69.28 70.43
C ASN C 260 -81.08 -69.30 69.40
N GLU C 261 -82.27 -68.84 69.77
CA GLU C 261 -83.35 -68.80 68.80
C GLU C 261 -83.29 -67.57 67.91
N TYR C 262 -82.52 -66.54 68.28
CA TYR C 262 -82.32 -65.45 67.34
C TYR C 262 -81.38 -65.87 66.21
N PHE C 263 -80.49 -66.82 66.48
CA PHE C 263 -79.52 -67.22 65.47
C PHE C 263 -80.10 -68.17 64.43
N LEU C 264 -81.19 -68.87 64.75
CA LEU C 264 -81.76 -69.84 63.83
C LEU C 264 -83.13 -69.47 63.30
N GLN C 265 -83.73 -68.38 63.77
CA GLN C 265 -84.93 -67.86 63.12
C GLN C 265 -84.59 -66.79 62.10
N HIS C 266 -83.65 -65.91 62.43
CA HIS C 266 -83.23 -64.82 61.54
C HIS C 266 -81.95 -65.24 60.83
N GLN C 267 -82.11 -66.12 59.85
CA GLN C 267 -81.01 -66.57 59.00
C GLN C 267 -80.58 -65.45 58.06
N LEU C 268 -79.41 -65.64 57.43
CA LEU C 268 -78.93 -64.71 56.42
C LEU C 268 -78.83 -65.31 55.03
N VAL C 269 -79.07 -66.60 54.88
CA VAL C 269 -78.94 -67.26 53.58
C VAL C 269 -80.26 -67.14 52.83
N GLU C 270 -80.16 -66.86 51.54
CA GLU C 270 -81.29 -66.73 50.63
C GLU C 270 -81.23 -67.84 49.58
N PRO C 271 -82.36 -68.28 49.05
CA PRO C 271 -82.34 -69.32 48.01
C PRO C 271 -81.70 -68.82 46.72
N LEU C 272 -81.13 -69.76 45.97
CA LEU C 272 -80.39 -69.45 44.75
C LEU C 272 -80.84 -70.36 43.62
N ASN C 273 -81.03 -69.77 42.45
CA ASN C 273 -81.36 -70.50 41.23
C ASN C 273 -80.81 -69.72 40.04
N ASN C 274 -81.19 -70.12 38.83
CA ASN C 274 -80.61 -69.52 37.64
C ASN C 274 -81.24 -68.19 37.26
N ASP C 275 -82.19 -67.68 38.05
CA ASP C 275 -82.75 -66.36 37.81
C ASP C 275 -81.98 -65.26 38.53
N ILE C 276 -81.31 -65.60 39.63
CA ILE C 276 -80.57 -64.59 40.40
C ILE C 276 -79.12 -64.51 39.97
N ILE C 277 -78.56 -65.59 39.41
CA ILE C 277 -77.24 -65.48 38.77
C ILE C 277 -77.35 -64.67 37.48
N PHE C 278 -78.47 -64.82 36.77
CA PHE C 278 -78.68 -64.06 35.55
C PHE C 278 -79.05 -62.61 35.81
N ASN C 279 -79.55 -62.29 37.01
CA ASN C 279 -79.84 -60.91 37.37
C ASN C 279 -78.72 -60.24 38.14
N TYR C 280 -77.72 -61.01 38.58
CA TYR C 280 -76.55 -60.42 39.25
C TYR C 280 -75.68 -59.68 38.26
N ILE C 281 -75.71 -60.05 37.00
CA ILE C 281 -74.86 -59.49 35.94
C ILE C 281 -75.41 -58.09 35.66
N PRO C 282 -74.59 -57.14 35.21
CA PRO C 282 -75.14 -55.82 34.83
C PRO C 282 -76.03 -55.90 33.59
N GLU C 283 -76.72 -54.79 33.35
CA GLU C 283 -77.70 -54.76 32.26
C GLU C 283 -77.08 -54.39 30.92
N ARG C 284 -76.08 -53.52 30.91
CA ARG C 284 -75.54 -53.05 29.63
C ARG C 284 -74.68 -54.09 28.94
N ILE C 285 -74.16 -55.08 29.67
CA ILE C 285 -73.39 -56.15 29.04
C ILE C 285 -74.19 -57.43 28.90
N ARG C 286 -75.42 -57.46 29.40
CA ARG C 286 -76.33 -58.56 29.14
C ARG C 286 -77.11 -58.35 27.85
N ASN C 287 -77.49 -57.11 27.56
CA ASN C 287 -78.15 -56.75 26.31
C ASN C 287 -77.17 -56.37 25.22
N ASP C 288 -75.86 -56.40 25.50
CA ASP C 288 -74.87 -56.09 24.49
C ASP C 288 -74.69 -57.30 23.60
N VAL C 289 -74.66 -57.07 22.28
CA VAL C 289 -74.74 -58.19 21.34
C VAL C 289 -73.38 -58.78 21.00
N ASN C 290 -72.28 -58.06 21.26
CA ASN C 290 -70.96 -58.65 21.10
C ASN C 290 -70.41 -59.22 22.40
N TYR C 291 -71.27 -59.65 23.31
CA TYR C 291 -70.90 -60.43 24.48
C TYR C 291 -71.87 -61.59 24.57
N ILE C 292 -71.34 -62.81 24.50
CA ILE C 292 -72.16 -64.01 24.47
C ILE C 292 -72.12 -64.62 25.86
N LEU C 293 -73.27 -64.60 26.54
CA LEU C 293 -73.39 -65.11 27.91
C LEU C 293 -74.16 -66.42 27.89
N ASN C 294 -73.64 -67.42 28.58
CA ASN C 294 -74.25 -68.73 28.64
C ASN C 294 -74.11 -69.29 30.06
N MET C 295 -75.20 -69.85 30.58
CA MET C 295 -75.20 -70.50 31.88
C MET C 295 -75.19 -72.01 31.65
N ASP C 296 -74.07 -72.65 31.94
CA ASP C 296 -73.87 -74.05 31.60
C ASP C 296 -74.04 -74.99 32.78
N ARG C 297 -73.93 -74.50 34.01
CA ARG C 297 -73.92 -75.36 35.19
C ARG C 297 -75.31 -75.46 35.80
N ASN C 298 -75.51 -76.54 36.55
CA ASN C 298 -76.78 -76.80 37.22
C ASN C 298 -76.71 -76.29 38.66
N LEU C 299 -77.83 -75.73 39.13
CA LEU C 299 -77.95 -75.26 40.51
C LEU C 299 -79.12 -75.98 41.16
N PRO C 300 -78.88 -76.83 42.17
CA PRO C 300 -79.99 -77.60 42.76
C PRO C 300 -80.91 -76.76 43.63
N SER C 301 -81.92 -77.38 44.21
CA SER C 301 -82.87 -76.66 45.06
C SER C 301 -82.32 -76.34 46.44
N THR C 302 -81.22 -76.97 46.84
CA THR C 302 -80.61 -76.76 48.15
C THR C 302 -79.35 -75.91 48.05
N ALA C 303 -79.37 -74.89 47.19
CA ALA C 303 -78.26 -73.98 47.03
C ALA C 303 -78.64 -72.63 47.62
N ARG C 304 -77.75 -72.09 48.46
CA ARG C 304 -77.99 -70.81 49.13
C ARG C 304 -76.86 -69.84 48.83
N TYR C 305 -77.17 -68.56 48.94
CA TYR C 305 -76.17 -67.51 48.79
C TYR C 305 -76.50 -66.39 49.76
N ILE C 306 -75.55 -65.46 49.92
CA ILE C 306 -75.67 -64.37 50.87
C ILE C 306 -75.60 -63.05 50.09
N ARG C 307 -76.63 -62.22 50.24
CA ARG C 307 -76.71 -60.99 49.46
C ARG C 307 -75.71 -59.97 49.97
N PRO C 308 -75.07 -59.22 49.08
CA PRO C 308 -74.21 -58.13 49.52
C PRO C 308 -75.00 -56.87 49.79
N ASN C 309 -74.51 -56.08 50.75
CA ASN C 309 -75.22 -54.88 51.22
C ASN C 309 -74.85 -53.69 50.34
N LEU C 310 -75.50 -53.62 49.19
CA LEU C 310 -75.24 -52.58 48.19
C LEU C 310 -76.29 -51.49 48.30
N LEU C 311 -75.96 -50.42 49.02
CA LEU C 311 -76.75 -49.20 48.98
C LEU C 311 -75.79 -48.04 49.11
N GLN C 312 -76.18 -46.89 48.57
CA GLN C 312 -75.26 -45.77 48.41
C GLN C 312 -74.91 -45.15 49.76
N ASP C 313 -73.88 -44.32 49.77
CA ASP C 313 -73.21 -43.94 51.01
C ASP C 313 -74.07 -43.03 51.87
N ARG C 314 -74.32 -43.46 53.10
CA ARG C 314 -75.12 -42.69 54.04
C ARG C 314 -74.32 -41.60 54.72
N LEU C 315 -73.00 -41.66 54.64
CA LEU C 315 -72.14 -40.51 54.87
C LEU C 315 -71.92 -39.83 53.53
N ASN C 316 -72.38 -38.59 53.39
CA ASN C 316 -72.19 -37.84 52.15
C ASN C 316 -70.73 -37.42 52.09
N LEU C 317 -69.89 -38.31 51.59
CA LEU C 317 -68.44 -38.12 51.61
C LEU C 317 -67.93 -37.28 50.46
N HIS C 318 -68.79 -36.53 49.76
CA HIS C 318 -68.35 -35.81 48.58
C HIS C 318 -68.56 -34.31 48.65
N ASP C 319 -69.13 -33.77 49.72
CA ASP C 319 -69.39 -32.34 49.79
C ASP C 319 -68.46 -31.59 50.73
N ASN C 320 -68.30 -32.06 51.97
CA ASN C 320 -67.54 -31.32 52.97
C ASN C 320 -66.27 -32.03 53.40
N PHE C 321 -65.99 -33.21 52.86
CA PHE C 321 -64.72 -33.91 53.10
C PHE C 321 -63.89 -33.71 51.84
N GLU C 322 -63.06 -32.68 51.83
CA GLU C 322 -62.27 -32.42 50.64
C GLU C 322 -60.97 -33.22 50.59
N SER C 323 -60.44 -33.63 51.74
CA SER C 323 -59.22 -34.42 51.75
C SER C 323 -59.48 -35.91 51.93
N LEU C 324 -60.66 -36.28 52.40
CA LEU C 324 -61.02 -37.68 52.55
C LEU C 324 -61.65 -38.26 51.30
N TRP C 325 -62.12 -37.40 50.40
CA TRP C 325 -62.63 -37.81 49.09
C TRP C 325 -61.52 -37.92 48.05
N ASP C 326 -60.39 -37.25 48.26
CA ASP C 326 -59.28 -37.33 47.32
C ASP C 326 -58.58 -38.68 47.33
N THR C 327 -58.83 -39.52 48.33
CA THR C 327 -58.33 -40.89 48.31
C THR C 327 -59.31 -41.84 47.62
N ILE C 328 -60.61 -41.66 47.85
CA ILE C 328 -61.61 -42.47 47.18
C ILE C 328 -61.64 -42.15 45.70
N THR C 329 -61.27 -40.94 45.31
CA THR C 329 -61.13 -40.62 43.90
C THR C 329 -59.86 -41.23 43.33
N THR C 330 -58.75 -41.18 44.08
CA THR C 330 -57.47 -41.70 43.58
C THR C 330 -57.48 -43.23 43.52
N SER C 331 -57.92 -43.87 44.60
CA SER C 331 -57.87 -45.33 44.63
C SER C 331 -58.90 -45.99 43.72
N ASN C 332 -59.91 -45.24 43.25
CA ASN C 332 -60.80 -45.73 42.21
C ASN C 332 -60.29 -45.42 40.81
N TYR C 333 -59.21 -44.65 40.69
CA TYR C 333 -58.63 -44.29 39.41
C TYR C 333 -57.52 -45.25 39.01
N ILE C 334 -56.74 -45.71 39.99
CA ILE C 334 -55.67 -46.67 39.71
C ILE C 334 -56.24 -48.07 39.55
N LEU C 335 -57.42 -48.33 40.11
CA LEU C 335 -58.12 -49.56 39.81
C LEU C 335 -58.60 -49.59 38.36
N ALA C 336 -59.17 -48.50 37.88
CA ALA C 336 -59.71 -48.45 36.52
C ALA C 336 -58.65 -48.21 35.46
N ARG C 337 -57.41 -47.93 35.86
CA ARG C 337 -56.34 -47.74 34.88
C ARG C 337 -55.71 -49.06 34.49
N SER C 338 -55.78 -50.08 35.35
CA SER C 338 -55.26 -51.40 35.04
C SER C 338 -56.31 -52.32 34.45
N VAL C 339 -57.41 -51.77 33.94
CA VAL C 339 -58.50 -52.54 33.39
C VAL C 339 -58.73 -52.22 31.92
N VAL C 340 -58.57 -50.95 31.52
CA VAL C 340 -58.75 -50.51 30.13
C VAL C 340 -57.74 -51.20 29.23
N PRO C 341 -58.10 -51.61 28.03
CA PRO C 341 -57.18 -52.37 27.18
C PRO C 341 -56.13 -51.48 26.54
N ASP C 342 -55.01 -52.11 26.19
CA ASP C 342 -53.94 -51.42 25.49
C ASP C 342 -54.09 -51.61 23.98
N LEU C 343 -53.75 -50.58 23.23
CA LEU C 343 -53.99 -50.57 21.80
C LEU C 343 -53.03 -51.50 21.07
N LYS C 344 -53.41 -51.88 19.86
CA LYS C 344 -52.57 -52.70 19.01
C LYS C 344 -52.71 -52.26 17.57
N GLU C 345 -51.73 -52.67 16.76
CA GLU C 345 -51.65 -52.40 15.31
C GLU C 345 -51.65 -50.89 15.03
N LEU C 346 -50.81 -50.16 15.75
CA LEU C 346 -50.61 -48.76 15.49
C LEU C 346 -49.77 -48.58 14.23
N VAL C 347 -49.75 -47.35 13.70
CA VAL C 347 -48.87 -47.08 12.57
C VAL C 347 -47.42 -47.03 13.06
N SER C 348 -46.50 -47.15 12.11
CA SER C 348 -45.09 -47.17 12.45
C SER C 348 -44.63 -45.79 12.86
N THR C 349 -43.80 -45.73 13.90
CA THR C 349 -43.31 -44.46 14.40
C THR C 349 -42.34 -43.82 13.41
N GLU C 350 -41.59 -44.63 12.66
CA GLU C 350 -40.69 -44.12 11.64
C GLU C 350 -41.42 -43.52 10.46
N ALA C 351 -42.68 -43.91 10.23
CA ALA C 351 -43.46 -43.39 9.12
C ALA C 351 -44.20 -42.11 9.48
N GLN C 352 -44.78 -42.05 10.67
CA GLN C 352 -45.50 -40.87 11.09
C GLN C 352 -44.58 -39.72 11.46
N ILE C 353 -43.31 -39.99 11.73
CA ILE C 353 -42.37 -38.91 12.03
C ILE C 353 -41.84 -38.29 10.74
N GLN C 354 -41.53 -39.12 9.74
CA GLN C 354 -40.97 -38.57 8.50
C GLN C 354 -42.04 -37.86 7.67
N LYS C 355 -43.31 -38.22 7.82
CA LYS C 355 -44.35 -37.42 7.20
C LYS C 355 -44.54 -36.10 7.93
N MET C 356 -44.55 -36.12 9.26
CA MET C 356 -44.87 -34.94 10.03
C MET C 356 -43.71 -33.96 10.11
N SER C 357 -42.48 -34.43 10.03
CA SER C 357 -41.34 -33.53 10.15
C SER C 357 -40.89 -32.98 8.81
N GLN C 358 -41.51 -33.39 7.71
CA GLN C 358 -41.24 -32.79 6.42
C GLN C 358 -42.39 -31.95 5.89
N ASP C 359 -43.56 -32.02 6.51
CA ASP C 359 -44.62 -31.05 6.25
C ASP C 359 -44.47 -29.81 7.11
N LEU C 360 -44.23 -29.99 8.41
CA LEU C 360 -44.09 -28.84 9.30
C LEU C 360 -42.82 -28.06 9.03
N GLN C 361 -41.71 -28.77 8.79
CA GLN C 361 -40.40 -28.22 8.43
C GLN C 361 -39.89 -27.25 9.50
N LEU C 362 -39.65 -27.79 10.70
CA LEU C 362 -39.22 -26.94 11.81
C LEU C 362 -37.75 -26.55 11.73
N GLU C 363 -36.99 -27.14 10.81
CA GLU C 363 -35.56 -26.87 10.72
C GLU C 363 -35.23 -25.69 9.83
N ALA C 364 -36.22 -25.09 9.16
CA ALA C 364 -35.95 -24.04 8.19
C ALA C 364 -36.80 -22.80 8.45
N LEU C 365 -37.18 -22.56 9.70
CA LEU C 365 -37.88 -21.33 10.03
C LEU C 365 -36.88 -20.21 10.31
N THR C 366 -37.40 -19.01 10.53
CA THR C 366 -36.56 -17.85 10.76
C THR C 366 -36.21 -17.64 12.23
N ILE C 367 -36.69 -18.50 13.12
CA ILE C 367 -36.32 -18.46 14.53
C ILE C 367 -35.27 -19.55 14.77
N GLN C 368 -34.04 -19.11 15.03
CA GLN C 368 -32.89 -20.00 15.20
C GLN C 368 -32.28 -19.82 16.58
N SER C 369 -33.12 -19.76 17.61
CA SER C 369 -32.67 -19.68 18.99
C SER C 369 -32.76 -21.00 19.72
N GLU C 370 -33.24 -22.06 19.06
CA GLU C 370 -33.30 -23.38 19.66
C GLU C 370 -33.29 -24.43 18.57
N THR C 371 -32.90 -25.64 18.93
CA THR C 371 -32.90 -26.76 17.99
C THR C 371 -34.29 -27.35 17.95
N GLN C 372 -35.06 -27.00 16.94
CA GLN C 372 -36.41 -27.52 16.80
C GLN C 372 -36.37 -28.92 16.21
N PHE C 373 -37.00 -29.86 16.90
CA PHE C 373 -37.24 -31.19 16.35
C PHE C 373 -38.56 -31.69 16.92
N LEU C 374 -38.93 -32.92 16.55
CA LEU C 374 -40.26 -33.45 16.81
C LEU C 374 -40.22 -34.36 18.03
N THR C 375 -40.91 -33.97 19.09
CA THR C 375 -40.86 -34.65 20.38
C THR C 375 -42.19 -35.35 20.69
N GLY C 376 -42.11 -36.39 21.50
CA GLY C 376 -43.26 -36.95 22.16
C GLY C 376 -44.22 -37.73 21.29
N ILE C 377 -43.75 -38.26 20.16
CA ILE C 377 -44.62 -38.99 19.24
C ILE C 377 -44.13 -40.44 19.22
N ASN C 378 -43.75 -40.95 20.39
CA ASN C 378 -43.47 -42.36 20.53
C ASN C 378 -44.77 -43.17 20.63
N SER C 379 -44.64 -44.47 20.87
CA SER C 379 -45.78 -45.36 20.95
C SER C 379 -46.11 -45.81 22.36
N GLN C 380 -45.36 -45.35 23.37
CA GLN C 380 -45.76 -45.54 24.76
C GLN C 380 -46.63 -44.42 25.28
N ALA C 381 -46.68 -43.29 24.58
CA ALA C 381 -47.58 -42.21 24.94
C ALA C 381 -48.96 -42.36 24.32
N ALA C 382 -49.08 -43.14 23.24
CA ALA C 382 -50.39 -43.41 22.68
C ALA C 382 -51.20 -44.30 23.60
N ASN C 383 -50.56 -45.23 24.31
CA ASN C 383 -51.25 -46.03 25.30
C ASN C 383 -51.43 -45.28 26.60
N ASP C 384 -50.49 -44.42 26.96
CA ASP C 384 -50.57 -43.69 28.22
C ASP C 384 -51.61 -42.58 28.19
N CYS C 385 -51.83 -41.98 27.02
CA CYS C 385 -52.90 -40.99 26.89
C CYS C 385 -54.26 -41.67 26.74
N PHE C 386 -54.30 -42.90 26.23
CA PHE C 386 -55.57 -43.62 26.14
C PHE C 386 -56.04 -44.10 27.49
N LYS C 387 -55.12 -44.50 28.36
CA LYS C 387 -55.52 -45.02 29.67
C LYS C 387 -55.86 -43.88 30.63
N THR C 388 -55.13 -42.77 30.57
CA THR C 388 -55.39 -41.64 31.45
C THR C 388 -56.71 -40.98 31.14
N LEU C 389 -57.16 -41.05 29.89
CA LEU C 389 -58.34 -40.33 29.48
C LEU C 389 -59.62 -41.09 29.79
N ILE C 390 -59.55 -42.40 29.97
CA ILE C 390 -60.69 -43.20 30.40
C ILE C 390 -60.73 -43.34 31.92
N ALA C 391 -59.57 -43.56 32.55
CA ALA C 391 -59.56 -43.86 33.97
C ALA C 391 -59.86 -42.63 34.82
N ALA C 392 -59.52 -41.44 34.34
CA ALA C 392 -59.91 -40.20 34.98
C ALA C 392 -61.29 -39.74 34.53
N MET C 393 -62.06 -40.61 33.89
CA MET C 393 -63.42 -40.36 33.49
C MET C 393 -64.40 -41.35 34.08
N LEU C 394 -63.92 -42.53 34.49
CA LEU C 394 -64.73 -43.50 35.22
C LEU C 394 -64.71 -43.27 36.72
N SER C 395 -63.75 -42.50 37.22
CA SER C 395 -63.61 -42.23 38.63
C SER C 395 -63.87 -40.78 38.99
N GLN C 396 -64.12 -39.93 37.99
CA GLN C 396 -64.36 -38.49 38.14
C GLN C 396 -63.19 -37.80 38.84
N ARG C 397 -61.99 -38.04 38.34
CA ARG C 397 -60.78 -37.38 38.82
C ARG C 397 -60.44 -36.24 37.88
N THR C 398 -60.21 -35.06 38.44
CA THR C 398 -59.92 -33.89 37.62
C THR C 398 -58.52 -33.97 37.04
N MET C 399 -58.33 -33.36 35.88
CA MET C 399 -57.09 -33.46 35.14
C MET C 399 -56.54 -32.06 34.87
N SER C 400 -55.22 -31.93 34.94
CA SER C 400 -54.55 -30.72 34.51
C SER C 400 -53.90 -30.95 33.16
N LEU C 401 -53.56 -29.85 32.49
CA LEU C 401 -52.93 -29.89 31.17
C LEU C 401 -51.58 -29.20 31.24
N ASP C 402 -50.54 -29.91 30.85
CA ASP C 402 -49.19 -29.35 30.80
C ASP C 402 -48.72 -29.35 29.35
N PHE C 403 -48.30 -28.19 28.87
CA PHE C 403 -47.91 -28.04 27.48
C PHE C 403 -46.91 -26.90 27.39
N VAL C 404 -46.46 -26.63 26.17
CA VAL C 404 -45.57 -25.51 25.90
C VAL C 404 -46.15 -24.73 24.72
N THR C 405 -46.15 -23.40 24.85
CA THR C 405 -46.84 -22.54 23.89
C THR C 405 -46.08 -22.45 22.57
N THR C 406 -44.77 -22.72 22.58
CA THR C 406 -43.98 -22.70 21.35
C THR C 406 -44.40 -23.79 20.39
N ASN C 407 -44.67 -24.98 20.90
CA ASN C 407 -45.05 -26.12 20.07
C ASN C 407 -46.52 -26.00 19.70
N TYR C 408 -46.81 -25.68 18.45
CA TYR C 408 -48.20 -25.55 18.02
C TYR C 408 -48.81 -26.87 17.59
N MET C 409 -48.01 -27.88 17.27
CA MET C 409 -48.57 -29.20 16.95
C MET C 409 -49.17 -29.85 18.18
N SER C 410 -48.58 -29.62 19.35
CA SER C 410 -49.17 -30.06 20.61
C SER C 410 -50.26 -29.11 21.10
N LEU C 411 -50.58 -28.07 20.34
CA LEU C 411 -51.65 -27.14 20.64
C LEU C 411 -52.79 -27.21 19.65
N ILE C 412 -52.49 -27.53 18.38
CA ILE C 412 -53.53 -27.80 17.40
C ILE C 412 -54.26 -29.10 17.75
N SER C 413 -53.51 -30.13 18.14
CA SER C 413 -54.11 -31.39 18.56
C SER C 413 -54.70 -31.34 19.95
N GLY C 414 -54.61 -30.21 20.64
CA GLY C 414 -55.42 -29.98 21.82
C GLY C 414 -56.83 -29.53 21.54
N MET C 415 -57.14 -29.22 20.28
CA MET C 415 -58.52 -28.92 19.91
C MET C 415 -59.37 -30.17 19.91
N TRP C 416 -58.77 -31.32 19.59
CA TRP C 416 -59.49 -32.58 19.65
C TRP C 416 -59.78 -33.01 21.07
N LEU C 417 -58.97 -32.56 22.03
CA LEU C 417 -59.21 -32.94 23.42
C LEU C 417 -60.43 -32.24 24.00
N LEU C 418 -60.60 -30.96 23.68
CA LEU C 418 -61.70 -30.19 24.26
C LEU C 418 -63.04 -30.47 23.61
N THR C 419 -63.07 -31.09 22.44
CA THR C 419 -64.32 -31.38 21.75
C THR C 419 -64.82 -32.79 22.00
N VAL C 420 -64.12 -33.59 22.81
CA VAL C 420 -64.56 -34.94 23.11
C VAL C 420 -64.68 -35.11 24.62
N VAL C 421 -63.60 -34.86 25.33
CA VAL C 421 -63.65 -34.89 26.80
C VAL C 421 -64.38 -33.65 27.30
N PRO C 422 -65.39 -33.80 28.16
CA PRO C 422 -66.15 -32.63 28.62
C PRO C 422 -65.30 -31.70 29.47
N ASN C 423 -65.46 -30.40 29.24
CA ASN C 423 -64.65 -29.39 29.90
C ASN C 423 -65.01 -29.19 31.37
N ASP C 424 -66.00 -29.94 31.89
CA ASP C 424 -66.25 -30.01 33.32
C ASP C 424 -65.17 -30.82 34.05
N MET C 425 -64.34 -31.55 33.31
CA MET C 425 -63.35 -32.44 33.91
C MET C 425 -62.10 -31.69 34.34
N PHE C 426 -61.60 -30.78 33.51
CA PHE C 426 -60.34 -30.13 33.78
C PHE C 426 -60.49 -29.08 34.88
N ILE C 427 -59.39 -28.87 35.61
CA ILE C 427 -59.33 -27.77 36.57
C ILE C 427 -59.39 -26.46 35.79
N ARG C 428 -60.15 -25.49 36.32
CA ARG C 428 -60.56 -24.34 35.52
C ARG C 428 -59.41 -23.41 35.20
N GLU C 429 -58.42 -23.29 36.08
CA GLU C 429 -57.28 -22.45 35.79
C GLU C 429 -56.37 -23.04 34.73
N SER C 430 -56.50 -24.33 34.43
CA SER C 430 -55.77 -24.98 33.35
C SER C 430 -56.60 -25.17 32.09
N LEU C 431 -57.93 -25.25 32.22
CA LEU C 431 -58.77 -25.27 31.04
C LEU C 431 -58.80 -23.91 30.35
N VAL C 432 -58.79 -22.84 31.15
CA VAL C 432 -58.78 -21.48 30.60
C VAL C 432 -57.45 -21.21 29.90
N ALA C 433 -56.34 -21.58 30.53
CA ALA C 433 -55.02 -21.32 29.95
C ALA C 433 -54.70 -22.22 28.77
N CYS C 434 -55.46 -23.28 28.53
CA CYS C 434 -55.27 -24.09 27.35
C CYS C 434 -56.04 -23.54 26.15
N GLN C 435 -57.22 -23.00 26.38
CA GLN C 435 -58.01 -22.42 25.31
C GLN C 435 -57.87 -20.91 25.22
N LEU C 436 -56.95 -20.32 25.97
CA LEU C 436 -56.53 -18.95 25.69
C LEU C 436 -55.32 -18.93 24.78
N ALA C 437 -54.42 -19.89 24.91
CA ALA C 437 -53.30 -20.00 24.01
C ALA C 437 -53.69 -20.49 22.63
N ILE C 438 -54.88 -21.08 22.48
CA ILE C 438 -55.36 -21.45 21.15
C ILE C 438 -55.83 -20.23 20.38
N ILE C 439 -56.65 -19.38 21.01
CA ILE C 439 -57.20 -18.25 20.29
C ILE C 439 -56.15 -17.17 20.08
N ASN C 440 -55.29 -16.94 21.08
CA ASN C 440 -54.31 -15.86 20.97
C ASN C 440 -53.20 -16.15 19.98
N THR C 441 -52.98 -17.41 19.60
CA THR C 441 -51.90 -17.75 18.68
C THR C 441 -52.34 -18.39 17.37
N ILE C 442 -53.55 -18.93 17.28
CA ILE C 442 -54.00 -19.65 16.08
C ILE C 442 -55.28 -19.06 15.51
N ILE C 443 -56.33 -18.96 16.32
CA ILE C 443 -57.65 -18.63 15.78
C ILE C 443 -57.77 -17.12 15.51
N TYR C 444 -57.50 -16.29 16.52
CA TYR C 444 -57.62 -14.84 16.32
C TYR C 444 -56.56 -14.22 15.41
N PRO C 445 -55.30 -14.70 15.32
CA PRO C 445 -54.45 -14.23 14.22
C PRO C 445 -54.83 -14.77 12.85
N ALA C 446 -55.70 -15.77 12.76
CA ALA C 446 -56.10 -16.25 11.44
C ALA C 446 -57.10 -15.31 10.78
N PHE C 447 -58.10 -14.87 11.51
CA PHE C 447 -59.13 -14.02 10.94
C PHE C 447 -58.72 -12.56 10.85
N GLY C 448 -57.66 -12.17 11.54
CA GLY C 448 -57.12 -10.83 11.42
C GLY C 448 -57.42 -9.92 12.60
N MET C 449 -58.31 -10.31 13.49
CA MET C 449 -58.66 -9.44 14.60
C MET C 449 -57.56 -9.44 15.65
N GLN C 450 -57.60 -8.45 16.52
CA GLN C 450 -56.55 -8.26 17.51
C GLN C 450 -56.64 -9.34 18.59
N ARG C 451 -55.54 -9.50 19.33
CA ARG C 451 -55.46 -10.52 20.36
C ARG C 451 -56.41 -10.21 21.51
N MET C 452 -56.65 -11.22 22.33
CA MET C 452 -57.72 -11.18 23.32
C MET C 452 -57.15 -10.81 24.68
N HIS C 453 -57.52 -9.62 25.17
CA HIS C 453 -57.26 -9.24 26.56
C HIS C 453 -58.28 -9.94 27.45
N TYR C 454 -57.80 -10.78 28.36
CA TYR C 454 -58.66 -11.63 29.17
C TYR C 454 -58.38 -11.38 30.64
N ARG C 455 -59.39 -10.92 31.37
CA ARG C 455 -59.27 -10.70 32.80
C ARG C 455 -59.48 -12.03 33.53
N ASN C 456 -58.62 -12.34 34.49
CA ASN C 456 -58.63 -13.67 35.11
C ASN C 456 -59.84 -13.88 36.00
N GLY C 457 -60.34 -12.82 36.64
CA GLY C 457 -61.53 -12.94 37.44
C GLY C 457 -62.79 -12.73 36.63
N ASP C 458 -63.09 -13.70 35.76
CA ASP C 458 -64.20 -13.59 34.81
C ASP C 458 -65.01 -14.87 34.87
N PRO C 459 -66.34 -14.80 34.96
CA PRO C 459 -67.17 -16.01 34.85
C PRO C 459 -67.38 -16.53 33.45
N GLN C 460 -66.62 -16.08 32.46
CA GLN C 460 -66.76 -16.54 31.08
C GLN C 460 -65.42 -17.04 30.57
N THR C 461 -65.38 -18.30 30.16
CA THR C 461 -64.18 -18.89 29.58
C THR C 461 -63.88 -18.25 28.23
N PRO C 462 -62.61 -18.23 27.79
CA PRO C 462 -62.28 -17.51 26.55
C PRO C 462 -62.75 -18.13 25.25
N PHE C 463 -63.55 -19.19 25.29
CA PHE C 463 -64.26 -19.61 24.08
C PHE C 463 -65.66 -19.02 23.99
N GLN C 464 -66.39 -18.93 25.10
CA GLN C 464 -67.71 -18.35 25.04
C GLN C 464 -67.69 -16.83 25.01
N ILE C 465 -66.52 -16.20 25.08
CA ILE C 465 -66.38 -14.81 24.68
C ILE C 465 -66.08 -14.70 23.19
N ALA C 466 -65.18 -15.55 22.70
CA ALA C 466 -64.81 -15.58 21.29
C ALA C 466 -65.79 -16.34 20.43
N GLU C 467 -66.91 -16.82 20.97
CA GLU C 467 -67.97 -17.36 20.13
C GLU C 467 -68.85 -16.24 19.59
N GLN C 468 -69.10 -15.21 20.40
CA GLN C 468 -69.90 -14.08 19.94
C GLN C 468 -69.09 -13.15 19.05
N GLN C 469 -67.79 -12.99 19.33
CA GLN C 469 -66.99 -12.01 18.60
C GLN C 469 -66.58 -12.50 17.22
N ILE C 470 -66.43 -13.80 17.03
CA ILE C 470 -65.94 -14.32 15.77
C ILE C 470 -67.09 -14.33 14.77
N GLN C 471 -66.77 -14.22 13.48
CA GLN C 471 -67.79 -14.01 12.47
C GLN C 471 -67.98 -15.16 11.51
N ASN C 472 -67.00 -16.04 11.37
CA ASN C 472 -67.15 -17.22 10.52
C ASN C 472 -68.18 -18.16 11.13
N PHE C 473 -68.98 -18.79 10.28
CA PHE C 473 -70.04 -19.63 10.81
C PHE C 473 -69.51 -20.98 11.27
N GLN C 474 -68.61 -21.60 10.50
CA GLN C 474 -68.17 -22.95 10.82
C GLN C 474 -67.26 -22.98 12.03
N VAL C 475 -66.56 -21.89 12.32
CA VAL C 475 -65.73 -21.85 13.52
C VAL C 475 -66.58 -21.47 14.74
N ALA C 476 -67.59 -20.61 14.57
CA ALA C 476 -68.49 -20.30 15.67
C ALA C 476 -69.47 -21.42 15.98
N ASN C 477 -69.63 -22.38 15.08
CA ASN C 477 -70.47 -23.54 15.36
C ASN C 477 -69.69 -24.67 16.02
N TRP C 478 -68.36 -24.66 15.92
CA TRP C 478 -67.58 -25.61 16.69
C TRP C 478 -67.40 -25.14 18.12
N LEU C 479 -67.21 -23.83 18.32
CA LEU C 479 -67.11 -23.26 19.65
C LEU C 479 -68.43 -23.26 20.41
N HIS C 480 -69.54 -23.60 19.76
CA HIS C 480 -70.79 -23.84 20.47
C HIS C 480 -70.88 -25.25 21.01
N PHE C 481 -70.12 -26.20 20.45
CA PHE C 481 -70.09 -27.52 21.04
C PHE C 481 -69.04 -27.65 22.13
N VAL C 482 -67.93 -26.92 22.03
CA VAL C 482 -66.91 -26.97 23.08
C VAL C 482 -67.45 -26.33 24.35
N ASN C 483 -68.23 -25.27 24.21
CA ASN C 483 -68.80 -24.59 25.37
C ASN C 483 -69.95 -25.35 26.01
N ASN C 484 -70.51 -26.36 25.34
CA ASN C 484 -71.74 -26.98 25.82
C ASN C 484 -71.70 -28.49 25.69
N ASN C 485 -70.59 -29.13 26.06
CA ASN C 485 -70.58 -30.56 26.30
C ASN C 485 -70.26 -30.80 27.77
N GLN C 486 -71.21 -31.40 28.48
CA GLN C 486 -71.04 -31.71 29.89
C GLN C 486 -71.65 -33.07 30.16
N PHE C 487 -71.33 -33.62 31.32
CA PHE C 487 -71.87 -34.90 31.73
C PHE C 487 -73.31 -34.71 32.18
N ARG C 488 -74.26 -35.09 31.33
CA ARG C 488 -75.64 -35.14 31.77
C ARG C 488 -75.84 -36.37 32.66
N GLN C 489 -76.60 -36.20 33.74
CA GLN C 489 -76.74 -37.24 34.75
C GLN C 489 -78.05 -37.98 34.59
N VAL C 490 -78.00 -39.29 34.77
CA VAL C 490 -79.19 -40.14 34.72
C VAL C 490 -78.93 -41.37 35.58
N VAL C 491 -79.88 -41.71 36.44
CA VAL C 491 -79.72 -42.92 37.25
C VAL C 491 -80.23 -44.11 36.46
N ILE C 492 -79.45 -45.19 36.48
CA ILE C 492 -79.77 -46.43 35.77
C ILE C 492 -79.46 -47.59 36.71
N ASP C 493 -80.47 -48.42 36.96
CA ASP C 493 -80.41 -49.58 37.86
C ASP C 493 -79.99 -49.17 39.28
N GLY C 494 -80.50 -48.03 39.74
CA GLY C 494 -80.32 -47.61 41.10
C GLY C 494 -79.05 -46.83 41.39
N VAL C 495 -78.11 -46.78 40.45
CA VAL C 495 -76.83 -46.12 40.66
C VAL C 495 -76.70 -44.96 39.67
N LEU C 496 -76.38 -43.77 40.19
CA LEU C 496 -76.16 -42.62 39.35
C LEU C 496 -74.86 -42.77 38.57
N ASN C 497 -74.88 -42.44 37.28
CA ASN C 497 -73.66 -42.42 36.51
C ASN C 497 -73.72 -41.32 35.46
N GLN C 498 -72.59 -40.63 35.30
CA GLN C 498 -72.49 -39.49 34.40
C GLN C 498 -72.30 -40.00 32.97
N VAL C 499 -73.33 -39.90 32.15
CA VAL C 499 -73.26 -40.39 30.79
C VAL C 499 -72.81 -39.26 29.87
N LEU C 500 -72.33 -39.65 28.70
CA LEU C 500 -71.77 -38.76 27.70
C LEU C 500 -72.84 -38.46 26.66
N ASN C 501 -72.78 -37.30 26.03
CA ASN C 501 -73.87 -36.92 25.15
C ASN C 501 -73.78 -37.69 23.83
N ASP C 502 -74.89 -37.71 23.10
CA ASP C 502 -75.09 -38.66 22.02
C ASP C 502 -74.38 -38.25 20.73
N ASN C 503 -73.85 -37.04 20.66
CA ASN C 503 -73.15 -36.61 19.46
C ASN C 503 -71.67 -36.96 19.50
N ILE C 504 -71.23 -37.63 20.55
CA ILE C 504 -69.84 -38.07 20.70
C ILE C 504 -69.74 -39.59 20.55
N ARG C 505 -70.72 -40.32 21.09
CA ARG C 505 -70.69 -41.78 21.12
C ARG C 505 -70.79 -42.41 19.74
N ASN C 506 -71.25 -41.68 18.73
CA ASN C 506 -71.16 -42.13 17.35
C ASN C 506 -70.07 -41.42 16.58
N GLY C 507 -69.40 -40.46 17.18
CA GLY C 507 -68.27 -39.81 16.55
C GLY C 507 -68.61 -38.85 15.45
N HIS C 508 -69.83 -38.34 15.42
CA HIS C 508 -70.22 -37.43 14.34
C HIS C 508 -69.69 -36.02 14.54
N VAL C 509 -69.28 -35.66 15.75
CA VAL C 509 -68.93 -34.27 16.01
C VAL C 509 -67.52 -33.92 15.54
N VAL C 510 -66.72 -34.92 15.17
CA VAL C 510 -65.44 -34.63 14.54
C VAL C 510 -65.66 -34.06 13.14
N ASN C 511 -66.77 -34.40 12.49
CA ASN C 511 -67.09 -33.81 11.21
C ASN C 511 -67.45 -32.34 11.34
N GLN C 512 -68.02 -31.91 12.47
CA GLN C 512 -68.23 -30.49 12.70
C GLN C 512 -66.98 -29.81 13.25
N LEU C 513 -65.92 -30.57 13.49
CA LEU C 513 -64.60 -30.02 13.78
C LEU C 513 -63.74 -29.90 12.53
N MET C 514 -63.89 -30.82 11.58
CA MET C 514 -63.11 -30.80 10.35
C MET C 514 -63.43 -29.57 9.50
N GLU C 515 -64.71 -29.17 9.45
CA GLU C 515 -65.08 -27.97 8.71
C GLU C 515 -64.58 -26.71 9.40
N ALA C 516 -64.40 -26.75 10.72
CA ALA C 516 -63.82 -25.64 11.45
C ALA C 516 -62.31 -25.66 11.44
N LEU C 517 -61.71 -26.67 10.81
CA LEU C 517 -60.27 -26.78 10.69
C LEU C 517 -59.80 -26.72 9.24
N MET C 518 -60.61 -27.18 8.31
CA MET C 518 -60.32 -27.01 6.89
C MET C 518 -60.57 -25.60 6.42
N GLN C 519 -61.44 -24.85 7.10
CA GLN C 519 -61.67 -23.45 6.76
C GLN C 519 -60.64 -22.55 7.42
N LEU C 520 -60.15 -22.93 8.60
CA LEU C 520 -59.17 -22.14 9.33
C LEU C 520 -57.78 -22.25 8.73
N SER C 521 -57.57 -23.18 7.81
CA SER C 521 -56.29 -23.32 7.11
C SER C 521 -56.24 -22.55 5.80
N ARG C 522 -57.38 -22.12 5.28
CA ARG C 522 -57.40 -21.27 4.09
C ARG C 522 -57.22 -19.80 4.42
N GLN C 523 -57.24 -19.43 5.70
CA GLN C 523 -57.22 -18.04 6.09
C GLN C 523 -55.88 -17.40 5.79
N GLN C 524 -55.93 -16.24 5.14
CA GLN C 524 -54.74 -15.42 4.96
C GLN C 524 -54.40 -14.79 6.29
N PHE C 525 -53.41 -15.35 6.98
CA PHE C 525 -52.90 -14.77 8.23
C PHE C 525 -52.28 -13.43 7.88
N PRO C 526 -52.89 -12.31 8.24
CA PRO C 526 -52.62 -11.05 7.54
C PRO C 526 -51.28 -10.39 7.84
N THR C 527 -50.70 -10.64 9.02
CA THR C 527 -49.43 -10.03 9.37
C THR C 527 -48.39 -11.05 9.82
N MET C 528 -48.68 -12.34 9.72
CA MET C 528 -47.72 -13.36 10.11
C MET C 528 -46.60 -13.43 9.06
N PRO C 529 -45.36 -13.69 9.48
CA PRO C 529 -44.31 -13.98 8.49
C PRO C 529 -44.60 -15.26 7.73
N VAL C 530 -44.14 -15.30 6.49
CA VAL C 530 -44.63 -16.31 5.55
C VAL C 530 -44.07 -17.69 5.87
N ASP C 531 -42.83 -17.78 6.34
CA ASP C 531 -42.27 -19.08 6.67
C ASP C 531 -42.87 -19.67 7.94
N TYR C 532 -43.45 -18.83 8.79
CA TYR C 532 -44.16 -19.30 9.98
C TYR C 532 -45.65 -19.46 9.75
N LYS C 533 -46.21 -18.75 8.76
CA LYS C 533 -47.60 -18.96 8.38
C LYS C 533 -47.77 -20.27 7.65
N ARG C 534 -46.87 -20.59 6.72
CA ARG C 534 -46.98 -21.77 5.90
C ARG C 534 -46.62 -23.04 6.66
N SER C 535 -46.00 -22.92 7.83
CA SER C 535 -45.75 -24.05 8.70
C SER C 535 -46.85 -24.26 9.74
N ILE C 536 -47.82 -23.35 9.81
CA ILE C 536 -48.97 -23.52 10.69
C ILE C 536 -50.23 -23.83 9.91
N GLN C 537 -50.22 -23.64 8.59
CA GLN C 537 -51.29 -24.11 7.72
C GLN C 537 -51.04 -25.52 7.22
N ARG C 538 -49.82 -26.02 7.31
CA ARG C 538 -49.51 -27.41 7.01
C ARG C 538 -49.63 -28.30 8.23
N GLY C 539 -49.49 -27.75 9.43
CA GLY C 539 -49.71 -28.52 10.63
C GLY C 539 -51.17 -28.71 10.98
N ILE C 540 -52.05 -27.92 10.38
CA ILE C 540 -53.49 -28.11 10.58
C ILE C 540 -54.00 -29.19 9.64
N LEU C 541 -53.46 -29.24 8.41
CA LEU C 541 -53.82 -30.29 7.46
C LEU C 541 -53.33 -31.67 7.86
N LEU C 542 -52.41 -31.78 8.80
CA LEU C 542 -52.01 -33.10 9.29
C LEU C 542 -53.06 -33.71 10.20
N LEU C 543 -53.90 -32.88 10.82
CA LEU C 543 -55.01 -33.36 11.62
C LEU C 543 -56.33 -33.36 10.88
N SER C 544 -56.51 -32.43 9.94
CA SER C 544 -57.75 -32.38 9.17
C SER C 544 -57.84 -33.52 8.15
N ASN C 545 -56.71 -34.08 7.74
CA ASN C 545 -56.75 -35.19 6.79
C ASN C 545 -57.03 -36.51 7.48
N ARG C 546 -56.65 -36.65 8.76
CA ARG C 546 -57.05 -37.79 9.55
C ARG C 546 -58.49 -37.57 9.98
N LEU C 547 -59.42 -38.03 9.17
CA LEU C 547 -60.84 -37.95 9.53
C LEU C 547 -61.47 -39.32 9.70
N GLY C 548 -61.19 -40.26 8.80
CA GLY C 548 -61.67 -41.61 8.98
C GLY C 548 -60.99 -42.35 10.11
N GLN C 549 -59.82 -41.87 10.55
CA GLN C 549 -59.10 -42.47 11.66
C GLN C 549 -59.15 -41.61 12.92
N LEU C 550 -59.91 -40.52 12.92
CA LEU C 550 -60.16 -39.71 14.10
C LEU C 550 -61.58 -39.81 14.59
N VAL C 551 -62.53 -40.09 13.70
CA VAL C 551 -63.85 -40.54 14.12
C VAL C 551 -63.75 -41.93 14.73
N ASP C 552 -62.79 -42.72 14.29
CA ASP C 552 -62.60 -44.07 14.79
C ASP C 552 -62.07 -44.10 16.22
N LEU C 553 -61.39 -43.05 16.67
CA LEU C 553 -61.04 -42.95 18.08
C LEU C 553 -62.27 -42.76 18.94
N THR C 554 -63.05 -41.72 18.66
CA THR C 554 -64.14 -41.33 19.54
C THR C 554 -65.31 -42.29 19.50
N ARG C 555 -65.40 -43.15 18.47
CA ARG C 555 -66.34 -44.25 18.53
C ARG C 555 -65.86 -45.37 19.44
N LEU C 556 -64.54 -45.48 19.62
CA LEU C 556 -63.93 -46.47 20.51
C LEU C 556 -63.62 -45.90 21.88
N LEU C 557 -63.17 -44.64 21.95
CA LEU C 557 -62.87 -43.99 23.22
C LEU C 557 -64.12 -43.80 24.06
N ALA C 558 -65.28 -43.66 23.43
CA ALA C 558 -66.54 -43.53 24.14
C ALA C 558 -67.34 -44.83 24.15
N TYR C 559 -66.73 -45.94 23.79
CA TYR C 559 -67.33 -47.26 23.95
C TYR C 559 -66.68 -48.08 25.05
N ASN C 560 -65.37 -47.96 25.22
CA ASN C 560 -64.72 -48.56 26.38
C ASN C 560 -65.14 -47.85 27.66
N TYR C 561 -65.37 -46.54 27.59
CA TYR C 561 -65.91 -45.83 28.74
C TYR C 561 -67.35 -46.21 29.00
N GLU C 562 -68.10 -46.52 27.95
CA GLU C 562 -69.52 -46.82 28.11
C GLU C 562 -69.76 -48.23 28.61
N THR C 563 -68.93 -49.20 28.21
CA THR C 563 -69.14 -50.58 28.63
C THR C 563 -68.40 -50.93 29.91
N LEU C 564 -67.50 -50.08 30.39
CA LEU C 564 -66.90 -50.27 31.71
C LEU C 564 -67.68 -49.56 32.80
N MET C 565 -68.51 -48.59 32.43
CA MET C 565 -69.32 -47.88 33.41
C MET C 565 -70.48 -48.74 33.91
N ALA C 566 -70.83 -49.82 33.21
CA ALA C 566 -71.84 -50.72 33.71
C ALA C 566 -71.37 -51.51 34.91
N CYS C 567 -70.06 -51.68 35.08
CA CYS C 567 -69.50 -52.31 36.27
C CYS C 567 -69.06 -51.27 37.29
N ILE C 568 -70.01 -50.42 37.67
CA ILE C 568 -69.78 -49.37 38.66
C ILE C 568 -70.95 -49.44 39.63
N THR C 569 -70.64 -49.60 40.92
CA THR C 569 -71.67 -49.76 41.93
C THR C 569 -71.89 -48.50 42.77
N MET C 570 -70.82 -47.79 43.11
CA MET C 570 -70.98 -46.55 43.85
C MET C 570 -71.51 -45.45 42.94
N ASN C 571 -72.07 -44.42 43.56
CA ASN C 571 -72.54 -43.26 42.82
C ASN C 571 -71.36 -42.53 42.19
N MET C 572 -71.54 -42.07 40.96
CA MET C 572 -70.49 -41.34 40.26
C MET C 572 -70.69 -39.83 40.47
N GLN C 573 -70.45 -39.40 41.70
CA GLN C 573 -70.51 -37.99 42.01
C GLN C 573 -69.31 -37.26 41.40
N HIS C 574 -69.51 -35.99 41.09
CA HIS C 574 -68.50 -35.19 40.40
C HIS C 574 -68.29 -33.88 41.15
N VAL C 575 -67.20 -33.81 41.92
CA VAL C 575 -66.75 -32.57 42.54
C VAL C 575 -65.30 -32.36 42.16
N GLN C 576 -64.80 -31.15 42.42
CA GLN C 576 -63.44 -30.79 42.08
C GLN C 576 -62.50 -31.27 43.19
N THR C 577 -61.63 -32.21 42.86
CA THR C 577 -60.68 -32.77 43.80
C THR C 577 -59.52 -31.80 44.01
N LEU C 578 -58.68 -32.11 45.00
CA LEU C 578 -57.51 -31.27 45.29
C LEU C 578 -56.37 -31.54 44.32
N THR C 579 -55.82 -32.75 44.36
CA THR C 579 -54.73 -33.11 43.47
C THR C 579 -55.29 -33.62 42.15
N THR C 580 -54.67 -33.20 41.06
CA THR C 580 -55.09 -33.56 39.72
C THR C 580 -54.09 -34.52 39.11
N GLU C 581 -54.46 -35.09 37.96
CA GLU C 581 -53.59 -36.00 37.23
C GLU C 581 -53.15 -35.35 35.93
N LYS C 582 -51.84 -35.30 35.73
CA LYS C 582 -51.24 -34.46 34.70
C LYS C 582 -51.40 -35.11 33.33
N LEU C 583 -52.01 -34.40 32.40
CA LEU C 583 -51.99 -34.78 30.99
C LEU C 583 -51.03 -33.88 30.23
N GLN C 584 -50.05 -34.48 29.57
CA GLN C 584 -49.24 -33.73 28.63
C GLN C 584 -49.96 -33.70 27.29
N LEU C 585 -50.11 -32.50 26.72
CA LEU C 585 -50.70 -32.37 25.39
C LEU C 585 -49.79 -32.89 24.29
N THR C 586 -48.51 -33.13 24.58
CA THR C 586 -47.65 -33.81 23.63
C THR C 586 -48.01 -35.28 23.47
N SER C 587 -48.63 -35.89 24.48
CA SER C 587 -49.08 -37.27 24.37
C SER C 587 -50.47 -37.38 23.77
N VAL C 588 -51.23 -36.28 23.68
CA VAL C 588 -52.48 -36.32 22.93
C VAL C 588 -52.19 -36.27 21.44
N THR C 589 -51.11 -35.59 21.03
CA THR C 589 -50.67 -35.63 19.64
C THR C 589 -50.23 -37.03 19.25
N SER C 590 -49.61 -37.75 20.18
CA SER C 590 -49.17 -39.11 19.88
C SER C 590 -50.29 -40.12 19.84
N LEU C 591 -51.50 -39.77 20.26
CA LEU C 591 -52.64 -40.66 20.13
C LEU C 591 -53.40 -40.43 18.84
N CYS C 592 -53.57 -39.17 18.45
CA CYS C 592 -54.28 -38.86 17.22
C CYS C 592 -53.47 -39.22 15.99
N MET C 593 -52.14 -39.22 16.10
CA MET C 593 -51.28 -39.49 14.96
C MET C 593 -50.83 -40.94 14.85
N LEU C 594 -50.85 -41.70 15.94
CA LEU C 594 -50.37 -43.09 15.92
C LEU C 594 -51.49 -44.06 16.26
N ILE C 595 -52.68 -43.84 15.69
CA ILE C 595 -53.81 -44.73 15.91
C ILE C 595 -54.08 -45.50 14.62
N GLY C 596 -54.54 -46.74 14.77
CA GLY C 596 -54.77 -47.62 13.66
C GLY C 596 -56.24 -47.87 13.40
N ASN C 597 -56.52 -49.00 12.76
CA ASN C 597 -57.89 -49.39 12.47
C ASN C 597 -58.22 -50.76 13.05
N ALA C 598 -57.53 -51.15 14.11
CA ALA C 598 -57.81 -52.38 14.85
C ALA C 598 -58.34 -52.00 16.22
N THR C 599 -59.54 -52.47 16.54
CA THR C 599 -60.21 -52.10 17.77
C THR C 599 -59.92 -53.07 18.89
N VAL C 600 -60.11 -52.59 20.12
CA VAL C 600 -59.88 -53.36 21.33
C VAL C 600 -61.13 -53.29 22.20
N ILE C 601 -61.55 -54.44 22.70
CA ILE C 601 -62.77 -54.58 23.50
C ILE C 601 -62.34 -55.16 24.84
N PRO C 602 -62.93 -54.71 25.96
CA PRO C 602 -62.64 -55.36 27.24
C PRO C 602 -63.13 -56.80 27.24
N SER C 603 -62.21 -57.72 27.55
CA SER C 603 -62.53 -59.13 27.62
C SER C 603 -63.51 -59.38 28.77
N PRO C 604 -64.38 -60.38 28.65
CA PRO C 604 -65.37 -60.63 29.71
C PRO C 604 -64.77 -61.15 31.01
N GLN C 605 -63.55 -61.67 30.99
CA GLN C 605 -62.89 -62.02 32.25
C GLN C 605 -62.26 -60.80 32.90
N THR C 606 -61.92 -59.78 32.11
CA THR C 606 -61.54 -58.48 32.67
C THR C 606 -62.77 -57.75 33.18
N LEU C 607 -63.89 -57.93 32.50
CA LEU C 607 -65.12 -57.24 32.88
C LEU C 607 -65.74 -57.83 34.13
N PHE C 608 -65.58 -59.13 34.35
CA PHE C 608 -66.11 -59.79 35.54
C PHE C 608 -65.15 -59.72 36.72
N HIS C 609 -63.96 -59.15 36.53
CA HIS C 609 -63.03 -58.91 37.63
C HIS C 609 -63.09 -57.48 38.13
N TYR C 610 -63.30 -56.52 37.22
CA TYR C 610 -63.55 -55.14 37.64
C TYR C 610 -64.90 -55.00 38.32
N TYR C 611 -65.84 -55.91 38.07
CA TYR C 611 -67.11 -55.87 38.77
C TYR C 611 -67.03 -56.52 40.14
N ASN C 612 -66.32 -57.65 40.24
CA ASN C 612 -66.19 -58.32 41.53
C ASN C 612 -65.27 -57.58 42.49
N VAL C 613 -64.36 -56.76 41.98
CA VAL C 613 -63.55 -55.93 42.87
C VAL C 613 -64.38 -54.76 43.39
N ASN C 614 -65.16 -54.13 42.51
CA ASN C 614 -65.90 -52.94 42.87
C ASN C 614 -67.16 -53.23 43.67
N VAL C 615 -67.62 -54.47 43.73
CA VAL C 615 -68.70 -54.86 44.62
C VAL C 615 -68.16 -55.20 46.00
N ASN C 616 -67.00 -55.86 46.06
CA ASN C 616 -66.38 -56.23 47.32
C ASN C 616 -65.88 -55.03 48.11
N PHE C 617 -65.63 -53.91 47.46
CA PHE C 617 -65.27 -52.69 48.20
C PHE C 617 -66.51 -51.96 48.68
N HIS C 618 -67.56 -51.94 47.89
CA HIS C 618 -68.79 -51.28 48.30
C HIS C 618 -69.55 -52.08 49.35
N SER C 619 -69.36 -53.40 49.38
CA SER C 619 -69.95 -54.21 50.44
C SER C 619 -69.09 -54.23 51.69
N ASN C 620 -67.80 -53.88 51.58
CA ASN C 620 -66.97 -53.71 52.75
C ASN C 620 -67.14 -52.33 53.36
N TYR C 621 -67.41 -51.33 52.54
CA TYR C 621 -67.61 -49.98 53.04
C TYR C 621 -68.92 -49.85 53.79
N ASN C 622 -69.92 -50.67 53.44
CA ASN C 622 -71.21 -50.62 54.11
C ASN C 622 -71.31 -51.54 55.32
N GLU C 623 -70.33 -52.41 55.53
CA GLU C 623 -70.27 -53.23 56.73
C GLU C 623 -69.29 -52.67 57.75
N ARG C 624 -68.75 -51.48 57.50
CA ARG C 624 -67.93 -50.78 58.47
C ARG C 624 -68.59 -49.51 58.99
N ILE C 625 -69.50 -48.90 58.22
CA ILE C 625 -70.37 -47.87 58.79
C ILE C 625 -71.54 -48.48 59.52
N ASN C 626 -71.78 -49.78 59.38
CA ASN C 626 -72.78 -50.48 60.16
C ASN C 626 -72.23 -51.09 61.43
N ASP C 627 -70.91 -51.16 61.58
CA ASP C 627 -70.29 -51.61 62.81
C ASP C 627 -69.73 -50.47 63.65
N ALA C 628 -69.33 -49.36 63.02
CA ALA C 628 -68.91 -48.20 63.79
C ALA C 628 -70.10 -47.45 64.38
N VAL C 629 -71.28 -47.60 63.79
CA VAL C 629 -72.48 -46.99 64.35
C VAL C 629 -73.01 -47.82 65.51
N ALA C 630 -72.95 -49.15 65.39
CA ALA C 630 -73.50 -50.04 66.40
C ALA C 630 -72.71 -50.08 67.69
N ILE C 631 -71.52 -49.48 67.74
CA ILE C 631 -70.79 -49.31 68.99
C ILE C 631 -70.85 -47.87 69.49
N ILE C 632 -70.90 -46.88 68.59
CA ILE C 632 -71.15 -45.50 68.98
C ILE C 632 -72.52 -45.37 69.63
N THR C 633 -73.51 -46.08 69.10
CA THR C 633 -74.85 -46.07 69.67
C THR C 633 -74.88 -46.87 70.98
N ALA C 634 -74.25 -48.04 71.01
CA ALA C 634 -74.29 -48.89 72.20
C ALA C 634 -73.46 -48.35 73.34
N ALA C 635 -72.52 -47.45 73.09
CA ALA C 635 -71.82 -46.79 74.18
C ALA C 635 -72.61 -45.64 74.77
N ASN C 636 -73.61 -45.13 74.06
CA ASN C 636 -74.44 -44.05 74.57
C ASN C 636 -75.66 -44.53 75.33
N ARG C 637 -76.25 -45.66 74.92
CA ARG C 637 -77.35 -46.23 75.70
C ARG C 637 -76.89 -46.84 77.01
N LEU C 638 -75.62 -47.17 77.14
CA LEU C 638 -75.11 -47.76 78.37
C LEU C 638 -74.67 -46.71 79.39
N ASN C 639 -74.80 -45.42 79.05
CA ASN C 639 -74.33 -44.28 79.84
C ASN C 639 -72.85 -44.46 80.18
N LEU C 640 -72.07 -44.62 79.12
CA LEU C 640 -70.68 -45.03 79.24
C LEU C 640 -69.81 -43.90 78.68
N TYR C 641 -69.49 -42.95 79.55
CA TYR C 641 -68.54 -41.89 79.27
C TYR C 641 -67.12 -42.45 79.37
N GLN C 642 -66.12 -41.58 79.17
CA GLN C 642 -64.69 -41.88 79.10
C GLN C 642 -64.31 -42.83 77.97
N LYS C 643 -65.20 -43.11 77.03
CA LYS C 643 -64.89 -43.92 75.87
C LYS C 643 -64.77 -42.97 74.70
N LYS C 644 -63.54 -42.82 74.21
CA LYS C 644 -63.27 -41.85 73.15
C LYS C 644 -63.86 -42.33 71.84
N MET C 645 -64.85 -41.58 71.32
CA MET C 645 -65.45 -41.92 70.03
C MET C 645 -64.49 -41.74 68.88
N LYS C 646 -63.41 -40.98 69.07
CA LYS C 646 -62.38 -40.87 68.04
C LYS C 646 -61.66 -42.21 67.85
N SER C 647 -61.58 -43.04 68.88
CA SER C 647 -60.91 -44.33 68.74
C SER C 647 -61.72 -45.33 67.92
N ILE C 648 -63.03 -45.14 67.82
CA ILE C 648 -63.84 -46.02 66.98
C ILE C 648 -63.88 -45.53 65.54
N VAL C 649 -63.84 -44.21 65.33
CA VAL C 649 -63.71 -43.66 63.98
C VAL C 649 -62.32 -43.94 63.43
N GLU C 650 -61.31 -44.07 64.30
CA GLU C 650 -59.97 -44.42 63.85
C GLU C 650 -59.91 -45.87 63.37
N ASP C 651 -60.63 -46.77 64.05
CA ASP C 651 -60.71 -48.15 63.58
C ASP C 651 -61.59 -48.29 62.36
N PHE C 652 -62.47 -47.33 62.10
CA PHE C 652 -63.30 -47.39 60.89
C PHE C 652 -62.47 -47.05 59.66
N LEU C 653 -61.60 -46.06 59.76
CA LEU C 653 -60.74 -45.70 58.64
C LEU C 653 -59.59 -46.68 58.44
N LYS C 654 -59.20 -47.41 59.49
CA LYS C 654 -58.17 -48.43 59.35
C LYS C 654 -58.69 -49.62 58.55
N ARG C 655 -59.92 -50.04 58.81
CA ARG C 655 -60.45 -51.26 58.20
C ARG C 655 -60.79 -51.07 56.74
N LEU C 656 -61.18 -49.86 56.35
CA LEU C 656 -61.21 -49.49 54.94
C LEU C 656 -59.78 -49.45 54.45
N GLN C 657 -59.45 -50.29 53.47
CA GLN C 657 -58.05 -50.59 53.18
C GLN C 657 -57.32 -49.47 52.45
N ILE C 658 -58.01 -48.44 51.95
CA ILE C 658 -57.36 -47.45 51.10
C ILE C 658 -56.80 -46.26 51.88
N PHE C 659 -57.13 -46.10 53.14
CA PHE C 659 -56.70 -44.95 53.93
C PHE C 659 -55.50 -45.31 54.80
N ASP C 660 -54.65 -44.32 55.02
CA ASP C 660 -53.71 -44.34 56.13
C ASP C 660 -54.09 -43.23 57.10
N ILE C 661 -54.06 -43.54 58.39
CA ILE C 661 -54.67 -42.67 59.38
C ILE C 661 -53.76 -41.55 59.85
N SER C 662 -52.49 -41.55 59.46
CA SER C 662 -51.54 -40.60 60.01
C SER C 662 -51.65 -39.21 59.40
N ARG C 663 -52.25 -39.10 58.22
CA ARG C 663 -52.31 -37.84 57.50
C ARG C 663 -53.70 -37.24 57.44
N VAL C 664 -54.69 -37.85 58.07
CA VAL C 664 -56.05 -37.29 58.08
C VAL C 664 -56.08 -36.07 58.99
N PRO C 665 -56.63 -34.94 58.55
CA PRO C 665 -56.72 -33.78 59.44
C PRO C 665 -57.75 -34.02 60.53
N ASP C 666 -57.53 -33.36 61.67
CA ASP C 666 -58.44 -33.49 62.80
C ASP C 666 -59.72 -32.68 62.61
N ASP C 667 -59.81 -31.88 61.56
CA ASP C 667 -61.05 -31.19 61.24
C ASP C 667 -62.10 -32.16 60.71
N GLN C 668 -61.67 -33.18 59.96
CA GLN C 668 -62.57 -34.12 59.32
C GLN C 668 -62.65 -35.45 60.04
N MET C 669 -62.10 -35.55 61.24
CA MET C 669 -62.35 -36.71 62.09
C MET C 669 -63.38 -36.42 63.17
N TYR C 670 -63.65 -35.15 63.44
CA TYR C 670 -64.76 -34.76 64.28
C TYR C 670 -66.02 -34.50 63.47
N ARG C 671 -65.88 -34.18 62.19
CA ARG C 671 -67.04 -34.15 61.30
C ARG C 671 -67.48 -35.55 60.90
N LEU C 672 -66.59 -36.53 60.97
CA LEU C 672 -66.97 -37.90 60.66
C LEU C 672 -67.68 -38.57 61.81
N ARG C 673 -67.45 -38.11 63.04
CA ARG C 673 -68.16 -38.67 64.19
C ARG C 673 -69.48 -37.98 64.45
N ASP C 674 -69.72 -36.81 63.86
CA ASP C 674 -71.00 -36.14 63.97
C ASP C 674 -71.95 -36.52 62.86
N ARG C 675 -71.51 -37.34 61.91
CA ARG C 675 -72.38 -37.96 60.92
C ARG C 675 -72.63 -39.43 61.18
N LEU C 676 -71.79 -40.08 61.99
CA LEU C 676 -72.04 -41.44 62.43
C LEU C 676 -72.96 -41.50 63.64
N ARG C 677 -73.24 -40.37 64.28
CA ARG C 677 -74.15 -40.34 65.42
C ARG C 677 -75.59 -40.10 65.01
N LEU C 678 -75.83 -39.64 63.77
CA LEU C 678 -77.18 -39.37 63.30
C LEU C 678 -77.76 -40.52 62.46
N LEU C 679 -76.97 -41.56 62.21
CA LEU C 679 -77.44 -42.68 61.41
C LEU C 679 -78.27 -43.64 62.26
N PRO C 680 -79.17 -44.39 61.65
CA PRO C 680 -79.85 -45.47 62.36
C PRO C 680 -78.98 -46.73 62.41
N VAL C 681 -79.51 -47.75 63.05
CA VAL C 681 -78.79 -49.00 63.30
C VAL C 681 -79.40 -50.09 62.44
N GLU C 682 -78.56 -50.99 61.93
CA GLU C 682 -79.02 -52.19 61.23
C GLU C 682 -79.91 -53.02 62.15
N ILE C 683 -80.93 -53.66 61.55
CA ILE C 683 -81.98 -54.33 62.30
C ILE C 683 -81.42 -55.51 63.10
N ARG C 684 -80.49 -56.26 62.52
CA ARG C 684 -79.97 -57.44 63.21
C ARG C 684 -78.97 -57.07 64.30
N ARG C 685 -78.19 -56.01 64.11
CA ARG C 685 -77.25 -55.59 65.15
C ARG C 685 -77.93 -54.84 66.28
N LEU C 686 -79.17 -54.42 66.11
CA LEU C 686 -79.93 -53.77 67.18
C LEU C 686 -80.70 -54.77 68.03
N ASP C 687 -81.27 -55.79 67.38
CA ASP C 687 -82.10 -56.76 68.09
C ASP C 687 -81.28 -57.68 68.98
N ILE C 688 -79.98 -57.80 68.76
CA ILE C 688 -79.12 -58.54 69.68
C ILE C 688 -78.59 -57.65 70.80
N PHE C 689 -78.70 -56.33 70.67
CA PHE C 689 -78.34 -55.43 71.75
C PHE C 689 -79.49 -55.24 72.73
N ASN C 690 -80.73 -55.19 72.24
CA ASN C 690 -81.89 -55.13 73.11
C ASN C 690 -82.15 -56.44 73.84
N LEU C 691 -81.50 -57.53 73.42
CA LEU C 691 -81.56 -58.80 74.12
C LEU C 691 -80.49 -58.91 75.19
N ILE C 692 -79.48 -58.03 75.14
CA ILE C 692 -78.48 -57.91 76.21
C ILE C 692 -78.93 -56.90 77.26
N LEU C 693 -79.44 -55.75 76.81
CA LEU C 693 -79.86 -54.67 77.70
C LEU C 693 -81.07 -55.07 78.53
N MET C 694 -81.91 -55.98 78.02
CA MET C 694 -83.03 -56.47 78.82
C MET C 694 -82.56 -57.44 79.89
N ASN C 695 -81.64 -58.35 79.53
CA ASN C 695 -81.09 -59.32 80.47
C ASN C 695 -79.77 -58.87 81.07
N MET C 696 -79.54 -57.56 81.14
CA MET C 696 -78.32 -57.05 81.77
C MET C 696 -78.38 -57.22 83.28
N GLU C 697 -79.57 -57.20 83.86
CA GLU C 697 -79.68 -57.30 85.31
C GLU C 697 -79.60 -58.75 85.77
N GLN C 698 -80.19 -59.69 85.02
CA GLN C 698 -80.25 -61.07 85.47
C GLN C 698 -78.90 -61.77 85.41
N ILE C 699 -77.92 -61.22 84.70
CA ILE C 699 -76.57 -61.75 84.73
C ILE C 699 -75.77 -61.17 85.90
N GLU C 700 -75.95 -59.88 86.17
CA GLU C 700 -75.23 -59.26 87.29
C GLU C 700 -75.75 -59.73 88.64
N ARG C 701 -77.07 -59.94 88.75
CA ARG C 701 -77.63 -60.36 90.03
C ARG C 701 -77.30 -61.82 90.33
N ALA C 702 -77.10 -62.63 89.31
CA ALA C 702 -76.84 -64.05 89.49
C ALA C 702 -75.35 -64.37 89.66
N SER C 703 -74.48 -63.41 89.42
CA SER C 703 -73.05 -63.64 89.61
C SER C 703 -72.71 -63.64 91.08
N ASP C 704 -71.83 -64.56 91.47
CA ASP C 704 -71.30 -64.56 92.83
C ASP C 704 -70.12 -63.58 92.86
N LYS C 705 -69.49 -63.44 94.04
CA LYS C 705 -68.32 -62.62 94.35
C LYS C 705 -68.53 -61.12 94.20
N ILE C 706 -69.75 -60.67 93.89
CA ILE C 706 -70.06 -59.25 93.78
C ILE C 706 -71.47 -59.02 94.33
N ALA C 707 -71.59 -58.04 95.22
CA ALA C 707 -72.86 -57.71 95.86
C ALA C 707 -73.25 -56.29 95.50
N GLN C 708 -74.56 -56.03 95.51
CA GLN C 708 -75.09 -54.76 95.01
C GLN C 708 -75.29 -53.73 96.11
N GLY C 709 -74.28 -53.47 96.92
CA GLY C 709 -74.36 -52.41 97.90
C GLY C 709 -74.71 -52.90 99.29
N VAL C 710 -74.41 -52.08 100.28
CA VAL C 710 -74.53 -52.43 101.69
C VAL C 710 -75.49 -51.44 102.36
N ILE C 711 -76.19 -51.90 103.39
CA ILE C 711 -77.18 -51.10 104.10
C ILE C 711 -76.72 -50.94 105.55
N ILE C 712 -76.57 -49.70 105.98
CA ILE C 712 -76.13 -49.37 107.34
C ILE C 712 -77.32 -48.79 108.09
N ALA C 713 -77.61 -49.32 109.28
CA ALA C 713 -78.77 -48.85 110.02
C ALA C 713 -78.54 -48.57 111.49
N TYR C 714 -77.42 -49.02 112.07
CA TYR C 714 -77.01 -48.71 113.46
C TYR C 714 -78.04 -49.18 114.49
N ARG C 715 -78.77 -50.24 114.18
CA ARG C 715 -79.72 -50.83 115.12
C ARG C 715 -79.69 -52.33 114.94
N ASP C 716 -80.12 -53.05 115.98
CA ASP C 716 -80.08 -54.51 115.97
C ASP C 716 -81.29 -55.03 115.20
N MET C 717 -81.10 -55.36 113.94
CA MET C 717 -82.09 -56.08 113.15
C MET C 717 -81.57 -57.49 112.87
N GLN C 718 -82.46 -58.47 113.02
CA GLN C 718 -82.04 -59.85 113.17
C GLN C 718 -81.57 -60.46 111.85
N LEU C 719 -80.91 -61.59 111.96
CA LEU C 719 -80.43 -62.33 110.80
C LEU C 719 -81.58 -63.09 110.16
N GLU C 720 -81.79 -62.88 108.87
CA GLU C 720 -82.87 -63.53 108.17
C GLU C 720 -82.49 -64.96 107.82
N ARG C 721 -83.35 -65.91 108.17
CA ARG C 721 -83.08 -67.32 107.94
C ARG C 721 -83.31 -67.65 106.48
N ASP C 722 -82.33 -68.31 105.87
CA ASP C 722 -82.36 -68.63 104.46
C ASP C 722 -82.34 -70.15 104.28
N GLU C 723 -82.56 -70.59 103.05
CA GLU C 723 -82.44 -72.00 102.69
C GLU C 723 -81.03 -72.33 102.22
N MET C 724 -80.38 -71.43 101.50
CA MET C 724 -79.08 -71.71 100.91
C MET C 724 -77.91 -71.34 101.80
N TYR C 725 -78.14 -70.55 102.85
CA TYR C 725 -77.06 -70.06 103.71
C TYR C 725 -77.24 -70.37 105.18
N GLY C 726 -78.44 -70.64 105.65
CA GLY C 726 -78.70 -70.77 107.08
C GLY C 726 -79.08 -69.42 107.69
N TYR C 727 -78.19 -68.85 108.49
CA TYR C 727 -78.33 -67.48 108.99
C TYR C 727 -77.46 -66.57 108.14
N VAL C 728 -78.06 -65.51 107.60
CA VAL C 728 -77.35 -64.63 106.69
C VAL C 728 -78.02 -63.26 106.73
N ASN C 729 -77.22 -62.19 106.62
CA ASN C 729 -77.75 -60.83 106.57
C ASN C 729 -77.78 -60.37 105.12
N ILE C 730 -78.81 -60.79 104.41
CA ILE C 730 -79.11 -60.24 103.09
C ILE C 730 -80.38 -59.44 103.19
N ALA C 731 -80.49 -58.42 102.35
CA ALA C 731 -81.70 -57.63 102.24
C ALA C 731 -82.18 -57.68 100.80
N ARG C 732 -83.48 -57.79 100.62
CA ARG C 732 -84.06 -57.98 99.30
C ARG C 732 -84.37 -56.67 98.59
N ASN C 733 -84.50 -55.57 99.32
CA ASN C 733 -84.89 -54.30 98.74
C ASN C 733 -84.37 -53.15 99.60
N LEU C 734 -84.41 -51.95 99.03
CA LEU C 734 -83.96 -50.73 99.70
C LEU C 734 -85.19 -49.92 100.09
N ASP C 735 -85.75 -50.24 101.26
CA ASP C 735 -86.98 -49.60 101.74
C ASP C 735 -86.65 -48.70 102.92
N GLY C 736 -86.82 -47.40 102.74
CA GLY C 736 -86.69 -46.46 103.84
C GLY C 736 -85.27 -46.09 104.19
N PHE C 737 -84.35 -46.18 103.24
CA PHE C 737 -82.97 -45.76 103.45
C PHE C 737 -82.55 -44.85 102.32
N GLN C 738 -81.85 -43.78 102.65
CA GLN C 738 -81.38 -42.83 101.65
C GLN C 738 -80.21 -43.45 100.89
N GLN C 739 -80.34 -43.51 99.56
CA GLN C 739 -79.34 -44.16 98.72
C GLN C 739 -78.26 -43.16 98.31
N ILE C 740 -77.01 -43.60 98.36
CA ILE C 740 -75.88 -42.82 97.86
C ILE C 740 -75.23 -43.62 96.74
N ASN C 741 -75.18 -43.04 95.55
CA ASN C 741 -74.58 -43.70 94.39
C ASN C 741 -73.07 -43.64 94.52
N LEU C 742 -72.42 -44.80 94.56
CA LEU C 742 -70.98 -44.84 94.74
C LEU C 742 -70.21 -44.57 93.45
N GLU C 743 -70.84 -44.76 92.29
CA GLU C 743 -70.20 -44.37 91.04
C GLU C 743 -70.14 -42.86 90.90
N GLU C 744 -71.20 -42.17 91.33
CA GLU C 744 -71.21 -40.71 91.31
C GLU C 744 -70.24 -40.13 92.34
N LEU C 745 -70.16 -40.77 93.51
CA LEU C 745 -69.29 -40.30 94.58
C LEU C 745 -67.80 -40.43 94.23
N MET C 746 -67.45 -41.34 93.34
CA MET C 746 -66.06 -41.52 92.97
C MET C 746 -65.59 -40.44 91.99
N ARG C 747 -66.46 -40.03 91.06
CA ARG C 747 -66.06 -39.06 90.04
C ARG C 747 -65.95 -37.66 90.62
N THR C 748 -66.97 -37.22 91.36
CA THR C 748 -67.01 -35.85 91.84
C THR C 748 -66.03 -35.62 92.98
N GLY C 749 -65.87 -36.60 93.86
CA GLY C 749 -64.96 -36.46 94.97
C GLY C 749 -65.46 -35.59 96.10
N ASP C 750 -66.74 -35.20 96.10
CA ASP C 750 -67.31 -34.41 97.18
C ASP C 750 -67.78 -35.36 98.27
N TYR C 751 -66.95 -35.53 99.30
CA TYR C 751 -67.26 -36.41 100.42
C TYR C 751 -67.80 -35.64 101.60
N ALA C 752 -68.54 -34.57 101.36
CA ALA C 752 -69.10 -33.78 102.47
C ALA C 752 -70.30 -34.45 103.09
N GLN C 753 -71.08 -35.21 102.32
CA GLN C 753 -72.29 -35.81 102.86
C GLN C 753 -72.03 -37.16 103.52
N ILE C 754 -71.26 -38.03 102.86
CA ILE C 754 -71.05 -39.37 103.41
C ILE C 754 -70.08 -39.34 104.58
N THR C 755 -69.35 -38.24 104.79
CA THR C 755 -68.62 -38.08 106.04
C THR C 755 -69.55 -37.71 107.17
N ASN C 756 -70.51 -36.82 106.90
CA ASN C 756 -71.41 -36.38 107.96
C ASN C 756 -72.46 -37.43 108.28
N MET C 757 -72.84 -38.27 107.31
CA MET C 757 -73.78 -39.34 107.60
C MET C 757 -73.12 -40.47 108.39
N LEU C 758 -71.80 -40.54 108.41
CA LEU C 758 -71.03 -41.59 109.05
C LEU C 758 -70.43 -41.17 110.37
N LEU C 759 -70.06 -39.89 110.49
CA LEU C 759 -69.58 -39.36 111.77
C LEU C 759 -70.69 -39.31 112.80
N ASN C 760 -71.88 -38.87 112.39
CA ASN C 760 -72.99 -38.61 113.30
C ASN C 760 -73.86 -39.83 113.59
N ASN C 761 -73.49 -41.00 113.05
CA ASN C 761 -74.23 -42.26 113.18
C ASN C 761 -75.66 -42.12 112.66
N GLN C 762 -75.78 -41.88 111.35
CA GLN C 762 -77.08 -41.80 110.71
C GLN C 762 -77.23 -42.92 109.68
N PRO C 763 -78.43 -43.48 109.52
CA PRO C 763 -78.59 -44.60 108.58
C PRO C 763 -78.49 -44.17 107.14
N VAL C 764 -77.92 -45.05 106.32
CA VAL C 764 -77.68 -44.78 104.91
C VAL C 764 -77.55 -46.12 104.22
N ALA C 765 -77.74 -46.15 102.90
CA ALA C 765 -77.60 -47.37 102.10
C ALA C 765 -76.71 -47.06 100.90
N LEU C 766 -75.45 -47.45 100.99
CA LEU C 766 -74.53 -47.26 99.88
C LEU C 766 -74.89 -48.21 98.74
N VAL C 767 -74.97 -47.68 97.53
CA VAL C 767 -75.41 -48.45 96.37
C VAL C 767 -74.28 -48.48 95.35
N GLY C 768 -73.87 -49.68 94.95
CA GLY C 768 -72.81 -49.82 93.98
C GLY C 768 -72.58 -51.29 93.69
N ALA C 769 -71.44 -51.58 93.10
CA ALA C 769 -71.02 -52.95 92.83
C ALA C 769 -69.85 -53.26 93.74
N LEU C 770 -70.15 -53.76 94.93
CA LEU C 770 -69.12 -53.93 95.96
C LEU C 770 -68.72 -55.39 96.09
N PRO C 771 -67.43 -55.71 95.99
CA PRO C 771 -66.98 -57.10 96.20
C PRO C 771 -66.95 -57.44 97.68
N PHE C 772 -67.75 -58.42 98.08
CA PHE C 772 -67.88 -58.76 99.49
C PHE C 772 -66.93 -59.90 99.87
N ILE C 773 -66.79 -60.10 101.17
CA ILE C 773 -66.07 -61.24 101.72
C ILE C 773 -67.03 -62.00 102.62
N THR C 774 -66.76 -63.29 102.79
CA THR C 774 -67.65 -64.19 103.51
C THR C 774 -66.95 -64.65 104.79
N ASP C 775 -67.33 -64.06 105.91
CA ASP C 775 -66.80 -64.43 107.22
C ASP C 775 -67.83 -65.30 107.93
N SER C 776 -67.40 -66.47 108.41
CA SER C 776 -68.32 -67.53 108.77
C SER C 776 -68.16 -68.02 110.21
N SER C 777 -67.70 -67.17 111.12
CA SER C 777 -67.56 -67.55 112.52
C SER C 777 -68.57 -66.79 113.37
N VAL C 778 -69.11 -67.47 114.37
CA VAL C 778 -70.12 -66.85 115.24
C VAL C 778 -69.47 -65.89 116.22
N ILE C 779 -68.19 -66.11 116.57
CA ILE C 779 -67.50 -65.20 117.47
C ILE C 779 -67.16 -63.87 116.82
N SER C 780 -67.27 -63.77 115.50
CA SER C 780 -67.16 -62.50 114.80
C SER C 780 -68.49 -61.80 114.64
N LEU C 781 -69.61 -62.50 114.81
CA LEU C 781 -70.91 -61.84 114.83
C LEU C 781 -71.14 -61.12 116.14
N VAL C 782 -70.69 -61.72 117.25
CA VAL C 782 -70.82 -61.10 118.56
C VAL C 782 -69.86 -59.91 118.67
N ALA C 783 -68.67 -60.02 118.09
CA ALA C 783 -67.69 -58.96 118.15
C ALA C 783 -68.00 -57.78 117.24
N LYS C 784 -69.03 -57.90 116.39
CA LYS C 784 -69.55 -56.83 115.52
C LYS C 784 -68.47 -56.32 114.57
N LEU C 785 -67.94 -57.23 113.76
CA LEU C 785 -66.88 -56.88 112.82
C LEU C 785 -67.39 -56.29 111.52
N ASP C 786 -68.70 -56.17 111.34
CA ASP C 786 -69.22 -55.63 110.09
C ASP C 786 -69.15 -54.10 110.06
N ALA C 787 -69.35 -53.45 111.21
CA ALA C 787 -69.40 -52.00 111.27
C ALA C 787 -68.03 -51.35 111.16
N THR C 788 -66.95 -52.11 111.40
CA THR C 788 -65.62 -51.52 111.42
C THR C 788 -65.05 -51.23 110.03
N VAL C 789 -65.69 -51.73 108.97
CA VAL C 789 -65.09 -51.61 107.65
C VAL C 789 -65.41 -50.26 106.99
N PHE C 790 -66.45 -49.56 107.43
CA PHE C 790 -66.88 -48.34 106.74
C PHE C 790 -66.09 -47.11 107.16
N ALA C 791 -65.32 -47.17 108.23
CA ALA C 791 -64.68 -45.97 108.77
C ALA C 791 -63.53 -45.48 107.90
N GLN C 792 -63.02 -46.30 106.99
CA GLN C 792 -61.86 -45.92 106.20
C GLN C 792 -62.19 -44.89 105.10
N ILE C 793 -63.46 -44.70 104.78
CA ILE C 793 -63.84 -43.74 103.75
C ILE C 793 -63.60 -42.31 104.21
N VAL C 794 -63.62 -42.07 105.53
CA VAL C 794 -63.35 -40.73 106.05
C VAL C 794 -61.89 -40.38 105.87
N LYS C 795 -60.98 -41.27 106.32
CA LYS C 795 -59.55 -40.99 106.21
C LYS C 795 -59.06 -41.12 104.77
N LEU C 796 -59.38 -42.22 104.13
CA LEU C 796 -59.00 -42.46 102.74
C LEU C 796 -60.17 -42.06 101.86
N ARG C 797 -59.95 -41.09 100.97
CA ARG C 797 -61.02 -40.67 100.07
C ARG C 797 -61.31 -41.69 98.98
N LYS C 798 -60.46 -42.69 98.80
CA LYS C 798 -60.77 -43.76 97.86
C LYS C 798 -61.92 -44.61 98.39
N VAL C 799 -62.88 -44.88 97.52
CA VAL C 799 -64.06 -45.67 97.89
C VAL C 799 -63.98 -47.09 97.37
N ASP C 800 -63.02 -47.40 96.49
CA ASP C 800 -62.93 -48.72 95.88
C ASP C 800 -62.47 -49.80 96.86
N THR C 801 -61.72 -49.43 97.90
CA THR C 801 -61.29 -50.39 98.92
C THR C 801 -62.35 -50.48 100.01
N LEU C 802 -63.50 -51.05 99.64
CA LEU C 802 -64.61 -51.26 100.54
C LEU C 802 -65.07 -52.70 100.37
N LYS C 803 -65.10 -53.46 101.46
CA LYS C 803 -65.49 -54.86 101.43
C LYS C 803 -66.43 -55.13 102.59
N PRO C 804 -67.72 -55.28 102.35
CA PRO C 804 -68.65 -55.65 103.42
C PRO C 804 -68.44 -57.09 103.84
N ILE C 805 -68.94 -57.41 105.04
CA ILE C 805 -68.85 -58.75 105.60
C ILE C 805 -70.22 -59.40 105.48
N LEU C 806 -70.26 -60.55 104.83
CA LEU C 806 -71.49 -61.34 104.69
C LEU C 806 -71.41 -62.52 105.64
N TYR C 807 -72.29 -62.54 106.64
CA TYR C 807 -72.27 -63.60 107.63
C TYR C 807 -72.95 -64.84 107.09
N LYS C 808 -72.33 -66.00 107.30
CA LYS C 808 -72.86 -67.28 106.84
C LYS C 808 -72.73 -68.26 108.02
N ILE C 809 -73.77 -68.32 108.85
CA ILE C 809 -73.78 -69.15 110.04
C ILE C 809 -74.58 -70.40 109.76
N ASN C 810 -73.92 -71.57 109.85
CA ASN C 810 -74.55 -72.84 109.55
C ASN C 810 -73.78 -73.94 110.28
N SER C 811 -74.21 -75.19 110.06
CA SER C 811 -73.65 -76.30 110.80
C SER C 811 -72.25 -76.68 110.35
N ASP C 812 -71.86 -76.32 109.12
CA ASP C 812 -70.50 -76.61 108.68
C ASP C 812 -69.48 -75.69 109.33
N SER C 813 -69.93 -74.51 109.77
CA SER C 813 -69.04 -73.57 110.42
C SER C 813 -68.68 -74.03 111.83
N ASN C 814 -67.58 -73.49 112.33
CA ASN C 814 -67.22 -73.70 113.72
C ASN C 814 -68.06 -72.80 114.61
N ASP C 815 -68.02 -73.10 115.92
CA ASP C 815 -68.73 -72.37 116.97
C ASP C 815 -70.24 -72.34 116.77
N PHE C 816 -70.80 -73.34 116.09
CA PHE C 816 -72.25 -73.39 115.93
C PHE C 816 -72.94 -73.87 117.20
N TYR C 817 -72.20 -74.46 118.14
CA TYR C 817 -72.73 -74.78 119.46
C TYR C 817 -73.14 -73.54 120.24
N LEU C 818 -72.58 -72.38 119.91
CA LEU C 818 -72.88 -71.14 120.59
C LEU C 818 -74.27 -70.62 120.26
N VAL C 819 -74.85 -71.04 119.14
CA VAL C 819 -76.18 -70.61 118.75
C VAL C 819 -77.25 -71.54 119.30
N ALA C 820 -77.05 -72.85 119.18
CA ALA C 820 -78.10 -73.81 119.49
C ALA C 820 -78.28 -74.00 121.00
N ASN C 821 -77.20 -73.95 121.77
CA ASN C 821 -77.28 -74.32 123.18
C ASN C 821 -77.88 -73.22 124.05
N TYR C 822 -77.48 -71.97 123.81
CA TYR C 822 -77.91 -70.86 124.66
C TYR C 822 -79.26 -70.32 124.17
N ASP C 823 -79.64 -69.15 124.69
CA ASP C 823 -80.94 -68.54 124.38
C ASP C 823 -80.68 -67.09 123.96
N TRP C 824 -80.58 -66.86 122.66
CA TRP C 824 -80.29 -65.53 122.13
C TRP C 824 -80.69 -65.46 120.67
N VAL C 825 -81.00 -64.25 120.23
CA VAL C 825 -81.40 -63.97 118.85
C VAL C 825 -80.23 -63.31 118.14
N PRO C 826 -79.68 -63.91 117.07
CA PRO C 826 -78.52 -63.30 116.40
C PRO C 826 -78.88 -62.06 115.60
N THR C 827 -78.44 -60.90 116.07
CA THR C 827 -78.74 -59.62 115.45
C THR C 827 -77.46 -58.99 114.91
N SER C 828 -77.54 -58.45 113.70
CA SER C 828 -76.43 -57.75 113.08
C SER C 828 -76.80 -56.31 112.80
N THR C 829 -75.79 -55.44 112.82
CA THR C 829 -76.04 -54.02 112.61
C THR C 829 -76.35 -53.72 111.15
N THR C 830 -75.52 -54.23 110.24
CA THR C 830 -75.67 -53.97 108.81
C THR C 830 -76.14 -55.23 108.09
N LYS C 831 -76.47 -55.04 106.81
CA LYS C 831 -76.75 -56.16 105.91
C LYS C 831 -76.39 -55.74 104.50
N VAL C 832 -76.41 -56.71 103.59
CA VAL C 832 -75.94 -56.49 102.23
C VAL C 832 -77.10 -56.71 101.28
N TYR C 833 -77.00 -56.13 100.09
CA TYR C 833 -78.02 -56.26 99.04
C TYR C 833 -77.53 -57.36 98.10
N LYS C 834 -78.08 -58.56 98.25
CA LYS C 834 -77.66 -59.72 97.49
C LYS C 834 -78.89 -60.51 97.07
N GLN C 835 -78.81 -61.16 95.92
CA GLN C 835 -79.92 -61.93 95.37
C GLN C 835 -79.64 -63.42 95.48
N ILE C 836 -80.71 -64.20 95.60
CA ILE C 836 -80.64 -65.65 95.67
C ILE C 836 -80.70 -66.19 94.24
N PRO C 837 -79.86 -67.15 93.87
CA PRO C 837 -79.84 -67.64 92.49
C PRO C 837 -81.09 -68.43 92.14
N GLN C 838 -81.38 -68.47 90.83
CA GLN C 838 -82.63 -69.02 90.34
C GLN C 838 -82.62 -70.54 90.41
N GLN C 839 -83.71 -71.11 90.92
CA GLN C 839 -83.79 -72.56 91.10
C GLN C 839 -84.06 -73.25 89.77
N PHE C 840 -83.52 -74.46 89.64
CA PHE C 840 -83.65 -75.24 88.42
C PHE C 840 -85.03 -75.87 88.36
N ASP C 841 -85.74 -75.64 87.25
CA ASP C 841 -87.04 -76.24 87.01
C ASP C 841 -87.01 -76.87 85.61
N PHE C 842 -87.44 -78.13 85.52
CA PHE C 842 -87.28 -78.88 84.28
C PHE C 842 -88.28 -78.48 83.22
N ARG C 843 -89.51 -78.14 83.60
CA ARG C 843 -90.57 -77.93 82.62
C ARG C 843 -90.36 -76.65 81.83
N ALA C 844 -89.80 -75.61 82.46
CA ALA C 844 -89.55 -74.34 81.79
C ALA C 844 -88.16 -74.25 81.20
N SER C 845 -87.47 -75.38 81.04
CA SER C 845 -86.09 -75.37 80.60
C SER C 845 -85.85 -76.12 79.30
N MET C 846 -86.65 -77.13 78.97
CA MET C 846 -86.42 -77.89 77.75
C MET C 846 -87.15 -77.24 76.57
N HIS C 847 -86.56 -77.35 75.39
CA HIS C 847 -87.07 -76.71 74.19
C HIS C 847 -86.72 -77.57 72.99
N MET C 848 -87.48 -77.41 71.91
CA MET C 848 -87.28 -78.16 70.67
C MET C 848 -86.77 -77.20 69.60
N LEU C 849 -85.45 -77.11 69.48
CA LEU C 849 -84.83 -76.23 68.49
C LEU C 849 -84.94 -76.83 67.10
N THR C 850 -85.53 -76.10 66.17
CA THR C 850 -85.73 -76.57 64.80
C THR C 850 -84.90 -75.75 63.82
N SER C 851 -84.52 -76.39 62.71
CA SER C 851 -83.74 -75.76 61.65
C SER C 851 -83.89 -76.60 60.39
N ASN C 852 -83.08 -76.28 59.38
CA ASN C 852 -83.08 -77.03 58.14
C ASN C 852 -82.09 -78.19 58.26
N LEU C 853 -81.83 -78.87 57.15
CA LEU C 853 -81.01 -80.08 57.18
C LEU C 853 -79.72 -79.97 56.36
N THR C 854 -79.77 -79.43 55.14
CA THR C 854 -78.58 -79.33 54.32
C THR C 854 -78.63 -78.09 53.44
N PHE C 855 -77.57 -77.29 53.49
CA PHE C 855 -77.34 -76.20 52.56
C PHE C 855 -76.08 -76.49 51.74
N THR C 856 -75.83 -75.61 50.77
CA THR C 856 -74.53 -75.56 50.08
C THR C 856 -74.32 -74.09 49.70
N VAL C 857 -73.63 -73.36 50.58
CA VAL C 857 -73.50 -71.92 50.42
C VAL C 857 -72.46 -71.62 49.35
N TYR C 858 -72.88 -70.92 48.30
CA TYR C 858 -71.98 -70.49 47.23
C TYR C 858 -71.66 -69.02 47.41
N SER C 859 -70.40 -68.67 47.21
CA SER C 859 -69.94 -67.29 47.41
C SER C 859 -69.69 -66.55 46.10
N ASP C 860 -69.09 -67.21 45.11
CA ASP C 860 -68.82 -66.58 43.82
C ASP C 860 -69.98 -66.87 42.88
N LEU C 861 -70.64 -65.81 42.41
CA LEU C 861 -71.79 -65.96 41.52
C LEU C 861 -71.44 -65.81 40.05
N LEU C 862 -70.45 -64.99 39.72
CA LEU C 862 -70.06 -64.79 38.33
C LEU C 862 -69.02 -65.78 37.85
N ALA C 863 -68.89 -66.91 38.53
CA ALA C 863 -68.12 -68.05 38.03
C ALA C 863 -69.02 -69.14 37.47
N PHE C 864 -70.34 -68.92 37.45
CA PHE C 864 -71.28 -69.85 36.86
C PHE C 864 -71.62 -69.51 35.41
N VAL C 865 -71.51 -68.25 35.02
CA VAL C 865 -71.73 -67.87 33.63
C VAL C 865 -70.48 -68.23 32.84
N SER C 866 -70.69 -68.61 31.57
CA SER C 866 -69.60 -68.98 30.68
C SER C 866 -69.59 -67.97 29.55
N ALA C 867 -68.75 -66.95 29.69
CA ALA C 867 -68.79 -65.78 28.83
C ALA C 867 -67.73 -65.86 27.74
N ASP C 868 -68.14 -65.57 26.51
CA ASP C 868 -67.25 -65.52 25.36
C ASP C 868 -67.51 -64.24 24.60
N THR C 869 -66.54 -63.84 23.79
CA THR C 869 -66.66 -62.63 22.99
C THR C 869 -66.52 -62.95 21.51
N VAL C 870 -67.05 -62.05 20.68
CA VAL C 870 -66.93 -62.19 19.23
C VAL C 870 -65.55 -61.72 18.82
N GLU C 871 -65.17 -61.98 17.57
CA GLU C 871 -63.92 -61.44 17.05
C GLU C 871 -64.01 -59.93 16.96
N PRO C 872 -62.92 -59.21 17.24
CA PRO C 872 -63.04 -57.75 17.39
C PRO C 872 -63.33 -57.00 16.10
N ILE C 873 -63.06 -57.57 14.92
CA ILE C 873 -63.38 -56.87 13.68
C ILE C 873 -64.89 -56.75 13.52
N ASN C 874 -65.66 -57.71 14.03
CA ASN C 874 -67.11 -57.65 13.98
C ASN C 874 -67.67 -57.19 15.34
N ALA C 875 -67.30 -55.99 15.75
CA ALA C 875 -67.75 -55.42 17.01
C ALA C 875 -68.53 -54.15 16.72
N VAL C 876 -69.71 -54.03 17.31
CA VAL C 876 -70.64 -52.96 16.98
C VAL C 876 -70.84 -52.04 18.17
N ALA C 877 -71.21 -50.80 17.87
CA ALA C 877 -71.35 -49.72 18.84
C ALA C 877 -72.75 -49.76 19.45
N PHE C 878 -73.18 -48.65 20.06
CA PHE C 878 -74.54 -48.56 20.59
C PHE C 878 -75.59 -48.61 19.49
N ASP C 879 -75.28 -48.11 18.30
CA ASP C 879 -76.09 -48.40 17.14
C ASP C 879 -75.62 -49.71 16.52
N ASN C 880 -76.37 -50.22 15.55
CA ASN C 880 -76.05 -51.53 15.01
C ASN C 880 -74.90 -51.52 14.02
N MET C 881 -74.35 -50.35 13.68
CA MET C 881 -73.15 -50.30 12.87
C MET C 881 -71.92 -50.53 13.75
N ARG C 882 -70.76 -50.69 13.12
CA ARG C 882 -69.57 -51.13 13.83
C ARG C 882 -68.67 -49.97 14.22
N ILE C 883 -67.86 -50.20 15.25
CA ILE C 883 -66.77 -49.29 15.57
C ILE C 883 -65.58 -49.60 14.70
N MET C 884 -64.71 -48.60 14.53
CA MET C 884 -63.53 -48.64 13.67
C MET C 884 -63.90 -49.03 12.24
N ASN C 885 -64.71 -48.18 11.61
CA ASN C 885 -65.23 -48.47 10.27
C ASN C 885 -64.35 -47.87 9.18
N GLU C 886 -63.05 -48.15 9.22
CA GLU C 886 -62.12 -47.75 8.17
C GLU C 886 -61.29 -48.96 7.81
N LEU C 887 -61.82 -49.78 6.90
CA LEU C 887 -61.13 -50.98 6.47
C LEU C 887 -60.97 -50.96 4.96
N PRO D 107 -16.62 -4.78 45.05
CA PRO D 107 -17.24 -6.11 45.07
C PRO D 107 -18.74 -6.06 44.76
N LYS D 108 -19.08 -5.86 43.49
CA LYS D 108 -20.48 -5.79 43.07
C LYS D 108 -21.15 -7.15 42.98
N GLU D 109 -20.44 -8.23 43.23
CA GLU D 109 -21.04 -9.55 43.34
C GLU D 109 -21.40 -9.92 44.77
N SER D 110 -21.13 -9.04 45.72
CA SER D 110 -21.49 -9.28 47.12
C SER D 110 -22.63 -8.40 47.60
N ILE D 111 -22.93 -7.31 46.92
CA ILE D 111 -24.13 -6.55 47.23
C ILE D 111 -25.34 -7.30 46.69
N LEU D 112 -25.17 -8.05 45.60
CA LEU D 112 -26.28 -8.82 45.04
C LEU D 112 -26.57 -10.04 45.90
N LYS D 113 -25.56 -10.63 46.53
CA LYS D 113 -25.77 -11.79 47.39
C LYS D 113 -26.40 -11.42 48.72
N LYS D 114 -26.36 -10.14 49.10
CA LYS D 114 -27.09 -9.67 50.28
C LYS D 114 -28.56 -9.45 50.01
N LEU D 115 -29.01 -9.56 48.76
CA LEU D 115 -30.39 -9.32 48.38
C LEU D 115 -31.18 -10.61 48.20
N GLU D 116 -30.56 -11.66 47.66
CA GLU D 116 -31.18 -12.97 47.61
C GLU D 116 -31.03 -13.75 48.91
N ASP D 117 -30.34 -13.19 49.91
CA ASP D 117 -30.24 -13.79 51.22
C ASP D 117 -31.12 -13.10 52.25
N ILE D 118 -32.11 -12.34 51.81
CA ILE D 118 -33.11 -11.75 52.70
C ILE D 118 -34.35 -12.64 52.63
N LYS D 119 -34.59 -13.37 53.69
CA LYS D 119 -35.74 -14.24 53.82
C LYS D 119 -36.92 -13.47 54.38
N PRO D 120 -38.15 -13.95 54.18
CA PRO D 120 -39.30 -13.31 54.85
C PRO D 120 -39.26 -13.49 56.35
N GLU D 121 -40.19 -12.80 57.02
CA GLU D 121 -40.16 -12.69 58.47
C GLU D 121 -40.44 -14.03 59.14
N GLN D 122 -39.69 -14.30 60.20
CA GLN D 122 -39.76 -15.59 60.89
C GLN D 122 -41.10 -15.69 61.63
N VAL D 123 -42.01 -16.49 61.08
CA VAL D 123 -43.32 -16.67 61.69
C VAL D 123 -43.18 -17.47 62.99
N LYS D 124 -43.76 -16.94 64.06
CA LYS D 124 -43.68 -17.55 65.37
C LYS D 124 -45.05 -18.07 65.77
N LYS D 125 -45.08 -19.30 66.26
CA LYS D 125 -46.26 -19.85 66.92
C LYS D 125 -45.85 -20.19 68.34
N GLN D 126 -46.67 -19.79 69.31
CA GLN D 126 -46.29 -20.02 70.69
C GLN D 126 -46.70 -21.42 71.12
N THR D 127 -45.91 -21.99 72.03
CA THR D 127 -46.09 -23.36 72.48
C THR D 127 -46.58 -23.48 73.91
N LYS D 128 -46.28 -22.51 74.76
CA LYS D 128 -46.85 -22.45 76.09
C LYS D 128 -47.57 -21.12 76.27
N LEU D 129 -48.45 -21.08 77.27
CA LEU D 129 -49.18 -19.85 77.56
C LEU D 129 -48.26 -18.84 78.22
N PHE D 130 -48.50 -17.56 77.93
CA PHE D 130 -47.75 -16.48 78.57
C PHE D 130 -48.23 -16.33 80.00
N ARG D 131 -47.34 -16.54 80.96
CA ARG D 131 -47.68 -16.50 82.38
C ARG D 131 -46.71 -15.58 83.11
N ILE D 132 -47.26 -14.77 84.03
CA ILE D 132 -46.42 -13.91 84.85
C ILE D 132 -46.70 -14.07 86.33
N PHE D 133 -47.82 -14.66 86.75
CA PHE D 133 -48.11 -14.98 88.13
C PHE D 133 -48.30 -16.48 88.27
N GLU D 134 -48.15 -16.98 89.50
CA GLU D 134 -48.39 -18.39 89.79
C GLU D 134 -48.99 -18.49 91.18
N PRO D 135 -49.83 -19.48 91.44
CA PRO D 135 -50.35 -19.65 92.79
C PRO D 135 -49.33 -20.29 93.71
N ARG D 136 -49.47 -19.99 95.00
CA ARG D 136 -48.51 -20.45 96.01
C ARG D 136 -49.25 -20.64 97.32
N GLN D 137 -48.85 -21.67 98.07
CA GLN D 137 -49.47 -21.97 99.35
C GLN D 137 -48.75 -21.22 100.45
N LEU D 138 -49.51 -20.60 101.35
CA LEU D 138 -48.96 -19.88 102.48
C LEU D 138 -49.79 -20.22 103.71
N PRO D 139 -49.17 -20.29 104.89
CA PRO D 139 -49.95 -20.53 106.11
C PRO D 139 -50.70 -19.28 106.52
N VAL D 140 -51.83 -19.48 107.20
CA VAL D 140 -52.66 -18.37 107.63
C VAL D 140 -52.72 -18.34 109.15
N TYR D 141 -52.93 -17.13 109.69
CA TYR D 141 -53.04 -16.89 111.12
C TYR D 141 -54.33 -16.13 111.37
N ARG D 142 -54.95 -16.39 112.51
CA ARG D 142 -56.25 -15.78 112.80
C ARG D 142 -56.06 -14.35 113.31
N ALA D 143 -57.14 -13.75 113.82
CA ALA D 143 -57.10 -12.36 114.23
C ALA D 143 -56.33 -12.15 115.53
N ASN D 144 -56.14 -13.19 116.32
CA ASN D 144 -55.38 -13.10 117.56
C ASN D 144 -53.89 -13.25 117.33
N GLY D 145 -53.48 -13.84 116.21
CA GLY D 145 -52.09 -14.15 115.94
C GLY D 145 -51.79 -15.62 115.90
N GLU D 146 -52.67 -16.45 116.47
CA GLU D 146 -52.45 -17.88 116.53
C GLU D 146 -52.61 -18.50 115.15
N LYS D 147 -51.86 -19.58 114.91
CA LYS D 147 -51.81 -20.21 113.60
C LYS D 147 -53.00 -21.14 113.40
N GLU D 148 -53.76 -20.92 112.34
CA GLU D 148 -54.84 -21.82 111.96
C GLU D 148 -54.25 -23.13 111.44
N LEU D 149 -55.03 -24.20 111.60
CA LEU D 149 -54.65 -25.50 111.06
C LEU D 149 -55.17 -25.71 109.63
N ARG D 150 -54.95 -24.70 108.80
CA ARG D 150 -55.34 -24.70 107.40
C ARG D 150 -54.35 -23.83 106.64
N ASN D 151 -54.35 -23.97 105.32
CA ASN D 151 -53.55 -23.12 104.45
C ASN D 151 -54.48 -22.45 103.43
N ARG D 152 -53.94 -21.47 102.72
CA ARG D 152 -54.68 -20.80 101.67
C ARG D 152 -53.73 -20.46 100.53
N TRP D 153 -54.28 -20.45 99.32
CA TRP D 153 -53.50 -20.23 98.12
C TRP D 153 -53.52 -18.75 97.75
N TYR D 154 -52.34 -18.19 97.49
CA TYR D 154 -52.19 -16.79 97.14
C TYR D 154 -51.45 -16.68 95.82
N TRP D 155 -51.82 -15.70 95.00
CA TRP D 155 -51.05 -15.42 93.80
C TRP D 155 -49.71 -14.80 94.17
N LYS D 156 -48.67 -15.22 93.49
CA LYS D 156 -47.33 -14.67 93.72
C LYS D 156 -46.65 -14.47 92.37
N LEU D 157 -45.60 -13.65 92.39
CA LEU D 157 -44.86 -13.40 91.16
C LEU D 157 -43.97 -14.58 90.80
N LYS D 158 -43.84 -14.80 89.49
CA LYS D 158 -42.93 -15.80 88.95
C LYS D 158 -41.63 -15.09 88.58
N ARG D 159 -40.51 -15.62 89.09
CA ARG D 159 -39.16 -15.06 89.03
C ARG D 159 -39.14 -13.54 89.30
N ASP D 160 -39.51 -13.16 90.52
CA ASP D 160 -39.57 -11.76 90.90
C ASP D 160 -38.16 -11.20 91.06
N THR D 161 -37.66 -10.57 90.00
CA THR D 161 -36.38 -9.88 90.03
C THR D 161 -36.64 -8.40 89.77
N LEU D 162 -36.96 -7.67 90.84
CA LEU D 162 -37.19 -6.25 90.73
C LEU D 162 -35.98 -5.51 91.28
N PRO D 163 -35.32 -4.68 90.48
CA PRO D 163 -34.19 -3.91 91.00
C PRO D 163 -34.68 -2.75 91.87
N ASP D 164 -33.73 -2.18 92.61
CA ASP D 164 -34.02 -1.13 93.57
C ASP D 164 -33.94 0.25 92.91
N GLY D 165 -34.55 1.22 93.56
CA GLY D 165 -34.58 2.57 93.02
C GLY D 165 -35.76 2.77 92.09
N ASP D 166 -36.32 3.97 92.09
CA ASP D 166 -37.52 4.24 91.30
C ASP D 166 -37.22 4.34 89.81
N TYR D 167 -35.96 4.49 89.42
CA TYR D 167 -35.62 4.55 88.01
C TYR D 167 -35.40 3.18 87.40
N ASP D 168 -34.86 2.24 88.17
CA ASP D 168 -34.63 0.91 87.65
C ASP D 168 -35.90 0.08 87.51
N VAL D 169 -37.01 0.52 88.10
CA VAL D 169 -38.28 -0.15 87.89
C VAL D 169 -38.91 0.30 86.57
N ARG D 170 -38.71 1.56 86.18
CA ARG D 170 -39.08 1.95 84.81
C ARG D 170 -38.20 1.28 83.78
N GLU D 171 -36.93 1.02 84.12
CA GLU D 171 -36.05 0.31 83.20
C GLU D 171 -36.43 -1.16 83.08
N TYR D 172 -37.08 -1.72 84.09
CA TYR D 172 -37.46 -3.13 84.05
C TYR D 172 -38.64 -3.38 83.13
N PHE D 173 -39.59 -2.43 83.07
CA PHE D 173 -40.78 -2.63 82.25
C PHE D 173 -40.54 -2.36 80.78
N LEU D 174 -39.51 -1.60 80.43
CA LEU D 174 -39.09 -1.55 79.03
C LEU D 174 -38.46 -2.87 78.62
N ASN D 175 -37.80 -3.57 79.54
CA ASN D 175 -37.26 -4.88 79.25
C ASN D 175 -38.34 -5.95 79.23
N LEU D 176 -39.41 -5.78 80.01
CA LEU D 176 -40.54 -6.69 79.93
C LEU D 176 -41.32 -6.47 78.64
N TYR D 177 -41.42 -5.23 78.18
CA TYR D 177 -42.11 -4.93 76.94
C TYR D 177 -41.38 -5.49 75.73
N ASP D 178 -40.05 -5.62 75.81
CA ASP D 178 -39.31 -6.30 74.78
C ASP D 178 -39.56 -7.79 74.82
N GLN D 179 -39.82 -8.34 76.01
CA GLN D 179 -40.00 -9.78 76.15
C GLN D 179 -41.36 -10.24 75.63
N VAL D 180 -42.40 -9.44 75.88
CA VAL D 180 -43.74 -9.78 75.35
C VAL D 180 -43.79 -9.60 73.85
N LEU D 181 -43.07 -8.61 73.31
CA LEU D 181 -43.09 -8.36 71.87
C LEU D 181 -42.38 -9.45 71.08
N THR D 182 -41.41 -10.13 71.69
CA THR D 182 -40.73 -11.24 71.04
C THR D 182 -41.36 -12.58 71.38
N GLU D 183 -42.54 -12.56 72.00
CA GLU D 183 -43.22 -13.78 72.40
C GLU D 183 -44.60 -13.91 71.77
N MET D 184 -45.16 -12.85 71.21
CA MET D 184 -46.49 -12.93 70.63
C MET D 184 -46.47 -13.75 69.34
N PRO D 185 -47.39 -14.68 69.16
CA PRO D 185 -47.38 -15.51 67.96
C PRO D 185 -48.09 -14.84 66.80
N ASP D 186 -47.78 -15.33 65.60
CA ASP D 186 -48.50 -14.91 64.41
C ASP D 186 -49.72 -15.77 64.14
N TYR D 187 -49.69 -17.04 64.55
CA TYR D 187 -50.88 -17.88 64.53
C TYR D 187 -50.78 -18.87 65.68
N LEU D 188 -51.93 -19.23 66.24
CA LEU D 188 -51.98 -20.03 67.45
C LEU D 188 -53.05 -21.10 67.30
N LEU D 189 -52.64 -22.35 67.52
CA LEU D 189 -53.56 -23.49 67.50
C LEU D 189 -53.54 -24.13 68.89
N LEU D 190 -54.71 -24.23 69.51
CA LEU D 190 -54.76 -24.77 70.85
C LEU D 190 -54.78 -26.29 70.90
N LYS D 191 -54.83 -26.97 69.76
CA LYS D 191 -54.66 -28.41 69.78
C LYS D 191 -53.23 -28.84 70.02
N ASP D 192 -52.26 -27.93 69.84
CA ASP D 192 -50.87 -28.25 70.08
C ASP D 192 -50.56 -28.26 71.57
N MET D 193 -50.84 -27.14 72.25
CA MET D 193 -50.74 -27.09 73.71
C MET D 193 -52.01 -27.70 74.29
N ALA D 194 -51.93 -28.97 74.67
CA ALA D 194 -53.06 -29.67 75.28
C ALA D 194 -52.52 -30.88 76.02
N VAL D 195 -52.83 -30.97 77.30
CA VAL D 195 -52.43 -32.13 78.09
C VAL D 195 -53.68 -32.76 78.66
N GLU D 196 -53.58 -34.06 78.93
CA GLU D 196 -54.73 -34.80 79.45
C GLU D 196 -54.98 -34.41 80.90
N ASN D 197 -56.21 -34.01 81.21
CA ASN D 197 -56.60 -33.78 82.58
C ASN D 197 -56.64 -35.11 83.33
N LYS D 198 -56.05 -35.14 84.52
CA LYS D 198 -55.83 -36.42 85.20
C LYS D 198 -57.11 -36.96 85.81
N ASN D 199 -57.92 -36.10 86.42
CA ASN D 199 -59.05 -36.55 87.24
C ASN D 199 -60.26 -35.68 86.93
N SER D 200 -61.07 -36.14 85.98
CA SER D 200 -62.26 -35.43 85.56
C SER D 200 -63.43 -36.40 85.50
N ARG D 201 -64.60 -35.89 85.11
CA ARG D 201 -65.77 -36.73 84.94
C ARG D 201 -65.61 -37.64 83.74
N ASP D 202 -65.09 -37.11 82.63
CA ASP D 202 -64.68 -37.94 81.51
C ASP D 202 -63.28 -37.52 81.07
N ALA D 203 -62.80 -38.05 79.94
CA ALA D 203 -61.46 -37.73 79.49
C ALA D 203 -61.46 -36.34 78.87
N GLY D 204 -60.93 -35.35 79.59
CA GLY D 204 -60.87 -33.99 79.13
C GLY D 204 -59.44 -33.50 79.01
N LYS D 205 -59.29 -32.34 78.39
CA LYS D 205 -57.97 -31.76 78.14
C LYS D 205 -57.98 -30.28 78.50
N VAL D 206 -57.14 -29.90 79.46
CA VAL D 206 -56.87 -28.50 79.74
C VAL D 206 -55.81 -28.02 78.77
N VAL D 207 -55.58 -26.70 78.71
CA VAL D 207 -54.85 -26.14 77.57
C VAL D 207 -53.36 -26.01 77.81
N ASP D 208 -52.88 -26.18 79.03
CA ASP D 208 -51.44 -26.06 79.24
C ASP D 208 -50.99 -27.05 80.30
N SER D 209 -49.70 -27.40 80.23
CA SER D 209 -49.12 -28.30 81.22
C SER D 209 -49.06 -27.67 82.61
N GLU D 210 -48.86 -26.36 82.67
CA GLU D 210 -48.91 -25.66 83.95
C GLU D 210 -50.34 -25.58 84.49
N THR D 211 -51.33 -25.57 83.59
CA THR D 211 -52.73 -25.57 84.00
C THR D 211 -53.11 -26.91 84.62
N ALA D 212 -52.55 -28.01 84.11
CA ALA D 212 -52.83 -29.31 84.68
C ALA D 212 -52.06 -29.57 85.97
N ALA D 213 -51.00 -28.82 86.22
CA ALA D 213 -50.25 -29.01 87.46
C ALA D 213 -51.00 -28.44 88.65
N ILE D 214 -51.69 -27.30 88.47
CA ILE D 214 -52.40 -26.68 89.57
C ILE D 214 -53.87 -27.08 89.57
N CYS D 215 -54.24 -28.03 88.72
CA CYS D 215 -55.49 -28.76 88.93
C CYS D 215 -55.25 -30.00 89.77
N ASP D 216 -54.15 -30.70 89.53
CA ASP D 216 -53.82 -31.90 90.29
C ASP D 216 -53.37 -31.55 91.71
N ALA D 217 -52.81 -30.37 91.90
CA ALA D 217 -52.31 -29.98 93.22
C ALA D 217 -53.42 -29.55 94.18
N ILE D 218 -54.63 -29.34 93.69
CA ILE D 218 -55.75 -28.94 94.54
C ILE D 218 -56.66 -30.14 94.76
N PHE D 219 -56.69 -31.06 93.80
CA PHE D 219 -57.51 -32.26 93.94
C PHE D 219 -56.95 -33.21 94.99
N GLN D 220 -55.63 -33.45 94.97
CA GLN D 220 -55.00 -34.36 95.92
C GLN D 220 -54.65 -33.70 97.24
N ASP D 221 -55.12 -32.48 97.48
CA ASP D 221 -54.86 -31.83 98.77
C ASP D 221 -55.80 -32.39 99.83
N GLU D 222 -55.46 -32.11 101.09
CA GLU D 222 -56.18 -32.67 102.22
C GLU D 222 -57.22 -31.73 102.81
N GLU D 223 -56.95 -30.43 102.86
CA GLU D 223 -57.86 -29.47 103.46
C GLU D 223 -58.72 -28.75 102.43
N THR D 224 -58.62 -29.12 101.15
CA THR D 224 -59.43 -28.48 100.11
C THR D 224 -60.87 -28.93 100.23
N GLU D 225 -61.79 -27.95 100.30
CA GLU D 225 -63.21 -28.24 100.39
C GLU D 225 -63.71 -28.86 99.10
N GLY D 226 -64.87 -29.52 99.21
CA GLY D 226 -65.34 -30.35 98.11
C GLY D 226 -65.86 -29.56 96.91
N VAL D 227 -66.30 -28.32 97.13
CA VAL D 227 -66.87 -27.54 96.04
C VAL D 227 -65.81 -27.06 95.06
N VAL D 228 -64.55 -27.02 95.47
CA VAL D 228 -63.45 -26.79 94.55
C VAL D 228 -63.03 -28.09 93.88
N ARG D 229 -63.02 -29.18 94.65
CA ARG D 229 -62.66 -30.49 94.11
C ARG D 229 -63.69 -31.01 93.14
N ARG D 230 -64.96 -30.65 93.32
CA ARG D 230 -65.99 -31.03 92.36
C ARG D 230 -65.89 -30.20 91.08
N PHE D 231 -65.31 -29.00 91.17
CA PHE D 231 -65.20 -28.12 90.02
C PHE D 231 -64.15 -28.58 89.04
N ILE D 232 -63.18 -29.39 89.48
CA ILE D 232 -62.17 -29.92 88.56
C ILE D 232 -62.70 -31.10 87.77
N ALA D 233 -63.70 -31.81 88.29
CA ALA D 233 -64.25 -32.96 87.59
C ALA D 233 -65.02 -32.54 86.34
N GLU D 234 -65.72 -31.40 86.41
CA GLU D 234 -66.47 -30.88 85.27
C GLU D 234 -65.66 -29.80 84.54
N MET D 235 -64.47 -30.20 84.08
CA MET D 235 -63.53 -29.28 83.41
C MET D 235 -62.99 -30.02 82.20
N ARG D 236 -63.62 -29.81 81.05
CA ARG D 236 -63.27 -30.52 79.82
C ARG D 236 -63.43 -29.57 78.65
N GLN D 237 -63.18 -30.08 77.44
CA GLN D 237 -63.24 -29.28 76.24
C GLN D 237 -64.54 -29.53 75.47
N ARG D 238 -64.87 -28.60 74.59
CA ARG D 238 -66.02 -28.70 73.71
C ARG D 238 -65.56 -28.38 72.29
N VAL D 239 -65.76 -29.31 71.37
CA VAL D 239 -65.27 -29.19 70.00
C VAL D 239 -66.46 -29.06 69.07
N GLN D 240 -66.55 -27.92 68.38
CA GLN D 240 -67.53 -27.75 67.33
C GLN D 240 -66.87 -28.10 65.99
N ALA D 241 -67.60 -28.85 65.17
CA ALA D 241 -67.05 -29.37 63.93
C ALA D 241 -67.50 -28.63 62.69
N ASP D 242 -68.75 -28.14 62.68
CA ASP D 242 -69.25 -27.39 61.52
C ASP D 242 -68.55 -26.04 61.39
N ARG D 243 -68.40 -25.32 62.50
CA ARG D 243 -67.43 -24.24 62.60
C ARG D 243 -66.26 -24.78 63.40
N ASN D 244 -65.08 -24.84 62.79
CA ASN D 244 -63.93 -25.49 63.42
C ASN D 244 -63.39 -24.59 64.52
N VAL D 245 -64.04 -24.64 65.69
CA VAL D 245 -63.56 -23.99 66.89
C VAL D 245 -63.53 -25.01 68.02
N VAL D 246 -62.70 -24.72 69.03
CA VAL D 246 -62.62 -25.51 70.25
C VAL D 246 -62.67 -24.58 71.44
N ASN D 247 -63.04 -25.12 72.59
CA ASN D 247 -63.13 -24.37 73.84
C ASN D 247 -62.29 -25.10 74.88
N TYR D 248 -61.08 -24.64 75.13
CA TYR D 248 -60.22 -25.30 76.11
C TYR D 248 -60.16 -24.49 77.39
N PRO D 249 -60.44 -25.08 78.55
CA PRO D 249 -60.40 -24.31 79.79
C PRO D 249 -58.97 -24.01 80.24
N SER D 250 -58.86 -23.05 81.16
CA SER D 250 -57.57 -22.55 81.62
C SER D 250 -57.66 -22.25 83.12
N ILE D 251 -56.52 -21.93 83.71
CA ILE D 251 -56.42 -21.22 84.97
C ILE D 251 -55.35 -20.17 84.83
N LEU D 252 -55.74 -18.90 84.91
CA LEU D 252 -54.84 -17.78 84.66
C LEU D 252 -55.13 -16.66 85.63
N HIS D 253 -54.12 -15.82 85.85
CA HIS D 253 -54.34 -14.55 86.51
C HIS D 253 -55.13 -13.63 85.59
N PRO D 254 -55.93 -12.71 86.13
CA PRO D 254 -56.62 -11.73 85.27
C PRO D 254 -55.69 -10.77 84.53
N ILE D 255 -54.44 -10.60 84.96
CA ILE D 255 -53.47 -9.93 84.10
C ILE D 255 -52.99 -10.87 82.99
N ASP D 256 -52.78 -12.14 83.32
CA ASP D 256 -52.41 -13.13 82.31
C ASP D 256 -53.56 -13.42 81.36
N HIS D 257 -54.80 -13.23 81.80
CA HIS D 257 -55.94 -13.44 80.93
C HIS D 257 -56.03 -12.35 79.88
N ALA D 258 -55.52 -11.15 80.18
CA ALA D 258 -55.53 -10.07 79.20
C ALA D 258 -54.43 -10.23 78.17
N PHE D 259 -53.27 -10.75 78.57
CA PHE D 259 -52.17 -10.96 77.64
C PHE D 259 -52.42 -12.15 76.73
N ASN D 260 -53.09 -13.20 77.23
CA ASN D 260 -53.30 -14.40 76.45
C ASN D 260 -54.56 -14.36 75.61
N GLU D 261 -55.48 -13.44 75.90
CA GLU D 261 -56.62 -13.26 75.01
C GLU D 261 -56.28 -12.34 73.85
N TYR D 262 -55.35 -11.40 74.04
CA TYR D 262 -54.95 -10.55 72.94
C TYR D 262 -54.14 -11.30 71.89
N PHE D 263 -53.48 -12.39 72.27
CA PHE D 263 -52.76 -13.19 71.29
C PHE D 263 -53.69 -14.05 70.44
N LEU D 264 -54.95 -14.20 70.85
CA LEU D 264 -55.92 -15.03 70.17
C LEU D 264 -56.82 -14.24 69.22
N GLN D 265 -57.33 -13.09 69.68
CA GLN D 265 -58.25 -12.32 68.86
C GLN D 265 -57.56 -11.61 67.71
N HIS D 266 -56.25 -11.42 67.77
CA HIS D 266 -55.51 -10.66 66.78
C HIS D 266 -54.39 -11.53 66.21
N GLN D 267 -54.72 -12.34 65.21
CA GLN D 267 -53.76 -13.18 64.52
C GLN D 267 -53.53 -12.61 63.12
N LEU D 268 -52.34 -12.86 62.59
CA LEU D 268 -52.00 -12.41 61.24
C LEU D 268 -52.24 -13.50 60.19
N VAL D 269 -53.43 -14.08 60.14
CA VAL D 269 -53.74 -15.10 59.13
C VAL D 269 -55.03 -14.72 58.42
N GLU D 270 -55.04 -14.88 57.11
CA GLU D 270 -56.15 -14.63 56.21
C GLU D 270 -56.35 -15.86 55.33
N PRO D 271 -57.57 -16.15 54.89
CA PRO D 271 -57.80 -17.35 54.09
C PRO D 271 -57.18 -17.27 52.71
N LEU D 272 -57.08 -18.43 52.06
CA LEU D 272 -56.37 -18.59 50.79
C LEU D 272 -57.23 -19.37 49.82
N ASN D 273 -57.31 -18.90 48.58
CA ASN D 273 -58.07 -19.54 47.52
C ASN D 273 -57.23 -19.60 46.25
N ASN D 274 -57.84 -19.93 45.12
CA ASN D 274 -57.15 -19.81 43.84
C ASN D 274 -57.39 -18.47 43.17
N ASP D 275 -58.48 -17.78 43.52
CA ASP D 275 -58.73 -16.44 43.01
C ASP D 275 -57.97 -15.38 43.77
N ILE D 276 -57.23 -15.75 44.82
CA ILE D 276 -56.41 -14.82 45.57
C ILE D 276 -54.92 -15.07 45.36
N ILE D 277 -54.54 -16.19 44.76
CA ILE D 277 -53.17 -16.36 44.30
C ILE D 277 -52.93 -15.57 43.01
N PHE D 278 -53.92 -15.55 42.12
CA PHE D 278 -53.79 -14.78 40.90
C PHE D 278 -53.83 -13.28 41.13
N ASN D 279 -54.35 -12.82 42.25
CA ASN D 279 -54.27 -11.41 42.59
C ASN D 279 -52.96 -11.02 43.25
N TYR D 280 -52.10 -11.99 43.55
CA TYR D 280 -50.78 -11.69 44.09
C TYR D 280 -49.85 -11.20 42.98
N ILE D 281 -49.99 -11.76 41.78
CA ILE D 281 -49.23 -11.34 40.59
C ILE D 281 -49.60 -9.91 40.25
N PRO D 282 -48.67 -9.06 39.79
CA PRO D 282 -49.03 -7.69 39.41
C PRO D 282 -49.97 -7.64 38.22
N GLU D 283 -50.68 -6.52 38.11
CA GLU D 283 -51.76 -6.41 37.14
C GLU D 283 -51.26 -6.16 35.73
N ARG D 284 -50.09 -5.53 35.57
CA ARG D 284 -49.55 -5.31 34.24
C ARG D 284 -48.96 -6.57 33.63
N ILE D 285 -48.72 -7.60 34.43
CA ILE D 285 -48.13 -8.85 33.96
C ILE D 285 -49.18 -9.93 33.78
N ARG D 286 -50.16 -9.98 34.67
CA ARG D 286 -51.24 -10.94 34.57
C ARG D 286 -52.12 -10.66 33.35
N ASN D 287 -52.39 -9.38 33.08
CA ASN D 287 -53.19 -8.99 31.92
C ASN D 287 -52.37 -8.84 30.65
N ASP D 288 -51.12 -9.26 30.65
CA ASP D 288 -50.30 -9.19 29.45
C ASP D 288 -50.68 -10.32 28.50
N VAL D 289 -50.47 -10.07 27.20
CA VAL D 289 -50.87 -11.04 26.20
C VAL D 289 -49.80 -12.10 26.01
N ASN D 290 -48.52 -11.73 26.16
CA ASN D 290 -47.42 -12.63 25.85
C ASN D 290 -47.22 -13.74 26.88
N TYR D 291 -47.79 -13.62 28.07
CA TYR D 291 -47.56 -14.56 29.15
C TYR D 291 -48.81 -15.38 29.39
N ILE D 292 -48.69 -16.70 29.32
CA ILE D 292 -49.77 -17.63 29.61
C ILE D 292 -49.55 -18.18 31.02
N LEU D 293 -50.58 -18.11 31.85
CA LEU D 293 -50.47 -18.42 33.27
C LEU D 293 -51.31 -19.65 33.58
N ASN D 294 -50.70 -20.67 34.15
CA ASN D 294 -51.35 -21.94 34.44
C ASN D 294 -51.30 -22.20 35.94
N MET D 295 -52.15 -23.12 36.41
CA MET D 295 -52.16 -23.57 37.79
C MET D 295 -52.48 -25.05 37.82
N ASP D 296 -52.13 -25.69 38.92
CA ASP D 296 -52.21 -27.15 38.99
C ASP D 296 -53.17 -27.65 40.06
N ARG D 297 -53.08 -27.12 41.28
CA ARG D 297 -53.90 -27.61 42.38
C ARG D 297 -54.82 -26.50 42.88
N ASN D 298 -55.94 -26.91 43.47
CA ASN D 298 -56.85 -25.98 44.11
C ASN D 298 -56.84 -26.25 45.61
N LEU D 299 -56.53 -25.23 46.38
CA LEU D 299 -56.28 -25.37 47.81
C LEU D 299 -57.59 -25.54 48.57
N PRO D 300 -57.56 -26.16 49.77
CA PRO D 300 -58.81 -26.33 50.52
C PRO D 300 -59.31 -25.05 51.16
N SER D 301 -60.40 -25.16 51.92
CA SER D 301 -60.97 -24.02 52.62
C SER D 301 -60.23 -23.68 53.90
N THR D 302 -59.37 -24.57 54.39
CA THR D 302 -58.61 -24.35 55.61
C THR D 302 -57.20 -23.86 55.35
N ALA D 303 -56.91 -23.41 54.13
CA ALA D 303 -55.59 -22.88 53.82
C ALA D 303 -55.51 -21.41 54.20
N ARG D 304 -54.47 -21.04 54.93
CA ARG D 304 -54.28 -19.67 55.36
C ARG D 304 -52.93 -19.15 54.90
N TYR D 305 -52.78 -17.83 54.91
CA TYR D 305 -51.53 -17.20 54.50
C TYR D 305 -51.39 -15.86 55.20
N ILE D 306 -50.15 -15.39 55.28
CA ILE D 306 -49.82 -14.15 55.98
C ILE D 306 -49.45 -13.10 54.94
N ARG D 307 -50.10 -11.94 55.01
CA ARG D 307 -49.91 -10.91 53.99
C ARG D 307 -48.87 -9.91 54.45
N PRO D 308 -47.92 -9.54 53.61
CA PRO D 308 -46.92 -8.54 54.01
C PRO D 308 -47.52 -7.14 54.01
N ASN D 309 -46.89 -6.25 54.76
CA ASN D 309 -47.32 -4.85 54.81
C ASN D 309 -46.50 -4.03 53.82
N LEU D 310 -47.05 -3.81 52.64
CA LEU D 310 -46.40 -3.01 51.61
C LEU D 310 -47.05 -1.64 51.62
N LEU D 311 -46.57 -0.78 52.52
CA LEU D 311 -46.90 0.63 52.52
C LEU D 311 -45.61 1.42 52.40
N GLN D 312 -45.70 2.55 51.70
CA GLN D 312 -44.52 3.28 51.24
C GLN D 312 -43.75 3.88 52.43
N ASP D 313 -42.52 4.30 52.15
CA ASP D 313 -41.59 4.68 53.21
C ASP D 313 -42.01 5.99 53.87
N ARG D 314 -42.07 5.96 55.20
CA ARG D 314 -42.48 7.11 56.00
C ARG D 314 -41.30 7.91 56.50
N LEU D 315 -40.07 7.48 56.24
CA LEU D 315 -38.91 8.23 56.70
C LEU D 315 -38.49 9.31 55.73
N ASN D 316 -38.87 9.19 54.46
CA ASN D 316 -38.42 10.04 53.36
C ASN D 316 -36.89 10.10 53.31
N LEU D 317 -36.31 8.94 53.00
CA LEU D 317 -34.86 8.81 52.97
C LEU D 317 -34.22 9.49 51.76
N HIS D 318 -35.01 9.96 50.79
CA HIS D 318 -34.45 10.75 49.71
C HIS D 318 -34.39 12.23 50.02
N ASP D 319 -34.93 12.65 51.17
CA ASP D 319 -34.96 14.05 51.56
C ASP D 319 -33.91 14.27 52.65
N ASN D 320 -32.80 14.92 52.27
CA ASN D 320 -31.65 15.33 53.07
C ASN D 320 -30.81 14.19 53.60
N PHE D 321 -31.17 12.93 53.34
CA PHE D 321 -30.33 11.78 53.67
C PHE D 321 -29.68 11.31 52.38
N GLU D 322 -28.60 11.98 52.00
CA GLU D 322 -28.00 11.72 50.71
C GLU D 322 -26.90 10.67 50.74
N SER D 323 -26.36 10.34 51.91
CA SER D 323 -25.41 9.24 52.00
C SER D 323 -26.09 7.91 52.33
N LEU D 324 -27.35 7.95 52.78
CA LEU D 324 -28.14 6.74 52.96
C LEU D 324 -29.00 6.43 51.75
N TRP D 325 -29.27 7.42 50.91
CA TRP D 325 -30.02 7.16 49.68
C TRP D 325 -29.11 6.67 48.58
N ASP D 326 -27.82 7.02 48.62
CA ASP D 326 -26.90 6.57 47.58
C ASP D 326 -26.56 5.09 47.72
N THR D 327 -26.57 4.56 48.94
CA THR D 327 -26.30 3.15 49.14
C THR D 327 -27.57 2.31 49.21
N ILE D 328 -28.75 2.93 49.07
CA ILE D 328 -30.00 2.20 48.97
C ILE D 328 -30.53 2.19 47.55
N THR D 329 -29.96 2.99 46.65
CA THR D 329 -30.28 2.93 45.24
C THR D 329 -29.14 2.36 44.40
N THR D 330 -27.97 2.10 45.00
CA THR D 330 -27.02 1.19 44.40
C THR D 330 -27.47 -0.25 44.57
N SER D 331 -28.15 -0.53 45.68
CA SER D 331 -28.68 -1.87 45.91
C SER D 331 -29.78 -2.23 44.92
N ASN D 332 -30.62 -1.28 44.56
CA ASN D 332 -31.66 -1.52 43.56
C ASN D 332 -31.14 -1.40 42.14
N TYR D 333 -29.90 -0.98 41.95
CA TYR D 333 -29.30 -0.92 40.63
C TYR D 333 -28.60 -2.22 40.26
N ILE D 334 -27.97 -2.88 41.22
CA ILE D 334 -27.32 -4.16 40.94
C ILE D 334 -28.36 -5.27 40.82
N LEU D 335 -29.43 -5.19 41.62
CA LEU D 335 -30.49 -6.19 41.53
C LEU D 335 -31.27 -6.06 40.24
N ALA D 336 -31.47 -4.85 39.74
CA ALA D 336 -32.14 -4.67 38.47
C ALA D 336 -31.24 -4.98 37.28
N ARG D 337 -29.93 -5.11 37.48
CA ARG D 337 -29.01 -5.47 36.42
C ARG D 337 -28.93 -6.98 36.21
N SER D 338 -29.32 -7.77 37.21
CA SER D 338 -29.32 -9.22 37.11
C SER D 338 -30.67 -9.77 36.68
N VAL D 339 -31.55 -8.91 36.15
CA VAL D 339 -32.90 -9.30 35.76
C VAL D 339 -33.17 -9.01 34.30
N VAL D 340 -32.75 -7.84 33.81
CA VAL D 340 -32.94 -7.41 32.42
C VAL D 340 -32.22 -8.39 31.48
N PRO D 341 -32.88 -8.91 30.44
CA PRO D 341 -32.28 -9.98 29.66
C PRO D 341 -31.18 -9.48 28.74
N ASP D 342 -30.23 -10.37 28.49
CA ASP D 342 -29.07 -10.06 27.66
C ASP D 342 -29.36 -10.42 26.21
N LEU D 343 -28.67 -9.74 25.30
CA LEU D 343 -28.95 -9.87 23.89
C LEU D 343 -28.27 -11.10 23.34
N LYS D 344 -29.05 -12.01 22.77
CA LYS D 344 -28.56 -13.02 21.86
C LYS D 344 -29.07 -12.69 20.47
N GLU D 345 -28.45 -13.32 19.47
CA GLU D 345 -28.67 -13.06 18.05
C GLU D 345 -28.44 -11.58 17.71
N LEU D 346 -27.24 -11.13 18.04
CA LEU D 346 -26.71 -9.89 17.49
C LEU D 346 -26.03 -10.17 16.16
N VAL D 347 -25.96 -9.14 15.32
CA VAL D 347 -25.19 -9.24 14.08
C VAL D 347 -23.72 -9.32 14.43
N SER D 348 -22.98 -10.19 13.73
CA SER D 348 -21.57 -10.39 14.02
C SER D 348 -20.75 -9.14 13.70
N THR D 349 -19.63 -8.99 14.40
CA THR D 349 -18.85 -7.77 14.29
C THR D 349 -18.05 -7.72 12.99
N GLU D 350 -17.48 -8.84 12.55
CA GLU D 350 -16.66 -8.82 11.34
C GLU D 350 -17.51 -8.73 10.09
N ALA D 351 -18.75 -9.20 10.13
CA ALA D 351 -19.67 -9.03 9.01
C ALA D 351 -20.39 -7.69 9.04
N GLN D 352 -20.10 -6.86 10.04
CA GLN D 352 -20.67 -5.51 10.15
C GLN D 352 -19.65 -4.42 9.87
N ILE D 353 -18.41 -4.60 10.31
CA ILE D 353 -17.39 -3.59 10.01
C ILE D 353 -17.00 -3.65 8.53
N GLN D 354 -16.99 -4.86 7.94
CA GLN D 354 -16.69 -4.98 6.52
C GLN D 354 -17.81 -4.41 5.66
N LYS D 355 -19.05 -4.46 6.14
CA LYS D 355 -20.13 -3.74 5.45
C LYS D 355 -20.03 -2.24 5.71
N MET D 356 -19.54 -1.85 6.89
CA MET D 356 -19.40 -0.44 7.22
C MET D 356 -18.18 0.20 6.58
N SER D 357 -17.19 -0.60 6.17
CA SER D 357 -15.99 -0.07 5.56
C SER D 357 -16.11 0.10 4.05
N GLN D 358 -17.24 -0.29 3.45
CA GLN D 358 -17.49 0.01 2.05
C GLN D 358 -18.19 1.33 1.85
N ASP D 359 -18.98 1.76 2.84
CA ASP D 359 -19.67 3.05 2.73
C ASP D 359 -18.75 4.22 3.01
N LEU D 360 -17.78 4.05 3.91
CA LEU D 360 -16.84 5.11 4.24
C LEU D 360 -15.65 5.14 3.29
N GLN D 361 -15.48 4.11 2.46
CA GLN D 361 -14.37 3.99 1.49
C GLN D 361 -13.01 4.07 2.16
N LEU D 362 -12.82 3.25 3.20
CA LEU D 362 -11.56 3.24 3.92
C LEU D 362 -10.47 2.57 3.10
N GLU D 363 -9.23 2.70 3.58
CA GLU D 363 -8.12 2.01 2.97
C GLU D 363 -8.09 0.56 3.44
N ALA D 364 -7.27 -0.24 2.77
CA ALA D 364 -7.08 -1.62 3.18
C ALA D 364 -6.18 -1.67 4.40
N LEU D 365 -6.45 -2.66 5.27
CA LEU D 365 -5.66 -3.05 6.45
C LEU D 365 -5.64 -2.03 7.58
N THR D 366 -6.18 -0.83 7.39
CA THR D 366 -6.10 0.24 8.38
C THR D 366 -7.47 0.83 8.62
N ILE D 367 -8.46 -0.03 8.84
CA ILE D 367 -9.82 0.43 9.13
C ILE D 367 -9.93 1.04 10.52
N GLN D 368 -8.98 0.74 11.42
CA GLN D 368 -9.03 1.24 12.78
C GLN D 368 -8.22 2.52 12.98
N SER D 369 -7.26 2.79 12.11
CA SER D 369 -6.39 3.94 12.24
C SER D 369 -6.74 5.09 11.30
N GLU D 370 -7.35 4.79 10.15
CA GLU D 370 -7.65 5.84 9.17
C GLU D 370 -8.77 6.74 9.68
N THR D 371 -9.91 6.14 10.03
CA THR D 371 -10.98 6.82 10.72
C THR D 371 -11.10 6.28 12.14
N GLN D 372 -11.44 7.16 13.07
CA GLN D 372 -11.79 6.76 14.42
C GLN D 372 -13.28 6.47 14.57
N PHE D 373 -13.97 6.24 13.45
CA PHE D 373 -15.38 5.90 13.48
C PHE D 373 -15.59 4.52 14.10
N LEU D 374 -14.72 3.57 13.76
CA LEU D 374 -14.88 2.18 14.14
C LEU D 374 -13.97 1.86 15.32
N THR D 375 -14.34 2.36 16.50
CA THR D 375 -13.60 2.05 17.70
C THR D 375 -14.57 1.59 18.78
N GLY D 376 -14.16 0.58 19.54
CA GLY D 376 -14.96 0.06 20.63
C GLY D 376 -16.27 -0.58 20.22
N ILE D 377 -16.36 -1.08 18.99
CA ILE D 377 -17.55 -1.77 18.52
C ILE D 377 -17.35 -3.26 18.79
N ASN D 378 -17.89 -3.75 19.89
CA ASN D 378 -17.85 -5.15 20.28
C ASN D 378 -19.27 -5.65 20.47
N SER D 379 -19.40 -6.93 20.81
CA SER D 379 -20.65 -7.45 21.32
C SER D 379 -20.71 -7.42 22.84
N GLN D 380 -19.56 -7.32 23.50
CA GLN D 380 -19.53 -7.17 24.95
C GLN D 380 -20.08 -5.82 25.37
N ALA D 381 -19.84 -4.78 24.57
CA ALA D 381 -20.31 -3.44 24.89
C ALA D 381 -21.69 -3.15 24.33
N ALA D 382 -22.24 -4.03 23.49
CA ALA D 382 -23.64 -3.90 23.10
C ALA D 382 -24.55 -4.37 24.22
N ASN D 383 -24.23 -5.51 24.82
CA ASN D 383 -25.00 -6.04 25.93
C ASN D 383 -24.83 -5.18 27.17
N ASP D 384 -23.67 -4.54 27.33
CA ASP D 384 -23.41 -3.73 28.51
C ASP D 384 -24.24 -2.45 28.49
N CYS D 385 -24.48 -1.88 27.30
CA CYS D 385 -25.22 -0.63 27.21
C CYS D 385 -26.72 -0.85 27.32
N PHE D 386 -27.23 -1.98 26.82
CA PHE D 386 -28.65 -2.27 26.97
C PHE D 386 -29.00 -2.58 28.42
N LYS D 387 -28.08 -3.18 29.17
CA LYS D 387 -28.33 -3.44 30.57
C LYS D 387 -28.28 -2.16 31.39
N THR D 388 -27.34 -1.28 31.10
CA THR D 388 -27.13 -0.09 31.92
C THR D 388 -28.03 1.07 31.53
N LEU D 389 -28.87 0.92 30.51
CA LEU D 389 -29.92 1.88 30.25
C LEU D 389 -31.26 1.46 30.85
N ILE D 390 -31.53 0.16 30.88
CA ILE D 390 -32.75 -0.33 31.53
C ILE D 390 -32.60 -0.28 33.04
N ALA D 391 -31.44 -0.68 33.57
CA ALA D 391 -31.26 -0.73 35.01
C ALA D 391 -31.00 0.63 35.64
N ALA D 392 -30.64 1.64 34.85
CA ALA D 392 -30.48 2.96 35.42
C ALA D 392 -31.81 3.69 35.56
N MET D 393 -32.80 3.34 34.72
CA MET D 393 -34.12 3.96 34.84
C MET D 393 -34.97 3.29 35.91
N LEU D 394 -34.78 1.99 36.14
CA LEU D 394 -35.56 1.29 37.14
C LEU D 394 -35.12 1.57 38.56
N SER D 395 -33.91 2.11 38.75
CA SER D 395 -33.39 2.40 40.07
C SER D 395 -33.02 3.86 40.24
N GLN D 396 -33.21 4.68 39.21
CA GLN D 396 -33.01 6.14 39.23
C GLN D 396 -31.57 6.54 39.57
N ARG D 397 -30.60 5.68 39.24
CA ARG D 397 -29.21 6.11 39.26
C ARG D 397 -28.96 7.09 38.13
N THR D 398 -28.36 8.23 38.46
CA THR D 398 -28.03 9.20 37.43
C THR D 398 -26.83 8.70 36.64
N MET D 399 -26.93 8.77 35.32
CA MET D 399 -25.85 8.30 34.45
C MET D 399 -24.89 9.43 34.16
N SER D 400 -23.82 9.12 33.43
CA SER D 400 -22.80 10.09 33.07
C SER D 400 -22.12 9.62 31.79
N LEU D 401 -21.96 10.53 30.84
CA LEU D 401 -21.46 10.19 29.52
C LEU D 401 -19.98 10.50 29.40
N ASP D 402 -19.22 9.56 28.82
CA ASP D 402 -17.85 9.79 28.43
C ASP D 402 -17.69 9.53 26.95
N PHE D 403 -16.94 10.41 26.28
CA PHE D 403 -16.77 10.37 24.83
C PHE D 403 -15.58 11.22 24.46
N VAL D 404 -15.08 11.02 23.25
CA VAL D 404 -13.98 11.78 22.70
C VAL D 404 -14.53 12.67 21.60
N THR D 405 -14.18 13.96 21.64
CA THR D 405 -14.73 14.93 20.70
C THR D 405 -14.22 14.72 19.28
N THR D 406 -13.09 14.03 19.11
CA THR D 406 -12.55 13.73 17.80
C THR D 406 -13.28 12.58 17.11
N ASN D 407 -14.33 12.04 17.72
CA ASN D 407 -15.10 10.94 17.17
C ASN D 407 -16.40 11.50 16.60
N TYR D 408 -16.56 11.45 15.28
CA TYR D 408 -17.78 11.93 14.67
C TYR D 408 -18.89 10.89 14.65
N MET D 409 -18.60 9.65 15.00
CA MET D 409 -19.62 8.62 15.07
C MET D 409 -20.20 8.47 16.46
N SER D 410 -19.43 8.83 17.50
CA SER D 410 -19.94 8.82 18.86
C SER D 410 -20.82 10.02 19.16
N LEU D 411 -20.90 10.99 18.26
CA LEU D 411 -21.77 12.14 18.40
C LEU D 411 -23.10 11.97 17.68
N ILE D 412 -23.12 11.26 16.55
CA ILE D 412 -24.37 11.00 15.85
C ILE D 412 -25.20 9.98 16.61
N SER D 413 -24.55 8.96 17.16
CA SER D 413 -25.23 7.99 18.01
C SER D 413 -25.44 8.51 19.42
N GLY D 414 -24.90 9.68 19.75
CA GLY D 414 -25.24 10.39 20.96
C GLY D 414 -26.37 11.36 20.78
N MET D 415 -26.89 11.51 19.56
CA MET D 415 -28.15 12.19 19.34
C MET D 415 -29.34 11.28 19.54
N TRP D 416 -29.11 9.97 19.64
CA TRP D 416 -30.18 9.02 19.84
C TRP D 416 -30.49 8.78 21.32
N LEU D 417 -29.52 8.95 22.21
CA LEU D 417 -29.82 8.87 23.64
C LEU D 417 -30.67 10.04 24.09
N LEU D 418 -30.27 11.26 23.72
CA LEU D 418 -30.95 12.45 24.21
C LEU D 418 -32.36 12.61 23.66
N THR D 419 -32.69 11.91 22.57
CA THR D 419 -34.03 11.94 22.03
C THR D 419 -34.90 10.79 22.53
N VAL D 420 -34.33 9.83 23.26
CA VAL D 420 -35.08 8.68 23.75
C VAL D 420 -35.07 8.69 25.29
N VAL D 421 -33.88 8.71 25.88
CA VAL D 421 -33.78 8.75 27.34
C VAL D 421 -34.01 10.19 27.79
N PRO D 422 -34.84 10.41 28.81
CA PRO D 422 -35.09 11.78 29.28
C PRO D 422 -33.85 12.44 29.87
N ASN D 423 -33.76 13.76 29.67
CA ASN D 423 -32.56 14.51 29.97
C ASN D 423 -32.33 14.76 31.45
N ASP D 424 -33.29 14.46 32.32
CA ASP D 424 -33.10 14.69 33.75
C ASP D 424 -32.41 13.52 34.44
N MET D 425 -31.91 12.55 33.67
CA MET D 425 -31.14 11.45 34.24
C MET D 425 -29.64 11.64 34.08
N PHE D 426 -29.19 12.27 33.01
CA PHE D 426 -27.77 12.55 32.84
C PHE D 426 -27.38 13.74 33.71
N ILE D 427 -26.18 13.68 34.27
CA ILE D 427 -25.70 14.76 35.12
C ILE D 427 -25.37 15.97 34.26
N ARG D 428 -25.48 17.17 34.85
CA ARG D 428 -25.49 18.38 34.05
C ARG D 428 -24.11 18.77 33.53
N GLU D 429 -23.04 18.43 34.24
CA GLU D 429 -21.71 18.75 33.74
C GLU D 429 -21.27 17.86 32.59
N SER D 430 -22.01 16.78 32.31
CA SER D 430 -21.73 15.93 31.16
C SER D 430 -22.83 15.90 30.13
N LEU D 431 -24.06 16.31 30.49
CA LEU D 431 -25.10 16.48 29.49
C LEU D 431 -24.84 17.73 28.66
N VAL D 432 -24.32 18.78 29.29
CA VAL D 432 -24.00 20.01 28.59
C VAL D 432 -22.81 19.81 27.67
N ALA D 433 -21.76 19.12 28.14
CA ALA D 433 -20.58 18.90 27.33
C ALA D 433 -20.83 17.93 26.17
N CYS D 434 -21.89 17.14 26.24
CA CYS D 434 -22.30 16.31 25.12
C CYS D 434 -23.27 17.03 24.20
N GLN D 435 -24.10 17.93 24.74
CA GLN D 435 -24.99 18.73 23.90
C GLN D 435 -24.24 19.83 23.17
N LEU D 436 -23.15 20.33 23.74
CA LEU D 436 -22.40 21.40 23.10
C LEU D 436 -21.55 20.86 21.96
N ALA D 437 -20.99 19.65 22.11
CA ALA D 437 -20.13 19.10 21.07
C ALA D 437 -20.91 18.66 19.84
N ILE D 438 -22.20 18.38 19.97
CA ILE D 438 -23.03 18.12 18.79
C ILE D 438 -23.27 19.40 18.02
N ILE D 439 -23.45 20.51 18.73
CA ILE D 439 -23.75 21.79 18.09
C ILE D 439 -22.55 22.31 17.31
N ASN D 440 -21.37 22.31 17.95
CA ASN D 440 -20.18 22.86 17.32
C ASN D 440 -19.59 21.98 16.22
N THR D 441 -20.10 20.76 16.04
CA THR D 441 -19.57 19.86 15.03
C THR D 441 -20.59 19.47 13.98
N ILE D 442 -21.78 19.06 14.39
CA ILE D 442 -22.77 18.49 13.48
C ILE D 442 -23.75 19.53 12.97
N ILE D 443 -24.25 20.41 13.84
CA ILE D 443 -25.40 21.23 13.51
C ILE D 443 -25.01 22.63 13.05
N TYR D 444 -24.30 23.38 13.88
CA TYR D 444 -23.94 24.76 13.53
C TYR D 444 -22.95 24.88 12.37
N PRO D 445 -21.97 23.98 12.16
CA PRO D 445 -21.25 24.01 10.88
C PRO D 445 -22.02 23.44 9.71
N ALA D 446 -23.24 22.92 9.89
CA ALA D 446 -23.99 22.43 8.74
C ALA D 446 -24.75 23.56 8.05
N PHE D 447 -25.27 24.51 8.82
CA PHE D 447 -25.97 25.64 8.24
C PHE D 447 -25.04 26.81 7.95
N GLY D 448 -23.82 26.80 8.49
CA GLY D 448 -22.84 27.81 8.17
C GLY D 448 -22.80 29.00 9.11
N MET D 449 -23.48 28.93 10.25
CA MET D 449 -23.45 30.05 11.18
C MET D 449 -22.20 30.00 12.05
N GLN D 450 -22.04 31.01 12.89
CA GLN D 450 -20.89 31.09 13.77
C GLN D 450 -21.00 30.05 14.88
N ARG D 451 -19.85 29.56 15.34
CA ARG D 451 -19.83 28.54 16.37
C ARG D 451 -20.25 29.12 17.72
N MET D 452 -20.61 28.23 18.63
CA MET D 452 -21.25 28.63 19.88
C MET D 452 -20.22 29.16 20.86
N HIS D 453 -20.48 30.34 21.41
CA HIS D 453 -19.68 30.91 22.49
C HIS D 453 -20.39 30.62 23.81
N TYR D 454 -20.22 29.39 24.27
CA TYR D 454 -20.88 28.92 25.48
C TYR D 454 -19.89 28.97 26.64
N ARG D 455 -20.24 29.72 27.68
CA ARG D 455 -19.44 29.81 28.88
C ARG D 455 -20.05 28.94 29.98
N ASN D 456 -19.22 28.58 30.96
CA ASN D 456 -19.64 27.69 32.03
C ASN D 456 -20.68 28.35 32.93
N GLY D 457 -21.56 27.53 33.49
CA GLY D 457 -22.54 27.99 34.44
C GLY D 457 -23.73 28.72 33.84
N ASP D 458 -23.90 28.68 32.53
CA ASP D 458 -25.04 29.32 31.91
C ASP D 458 -26.32 28.57 32.28
N PRO D 459 -27.43 29.27 32.51
CA PRO D 459 -28.64 28.58 32.96
C PRO D 459 -29.37 27.82 31.86
N GLN D 460 -28.98 27.98 30.60
CA GLN D 460 -29.63 27.33 29.48
C GLN D 460 -28.70 26.34 28.82
N THR D 461 -29.20 25.14 28.55
CA THR D 461 -28.43 24.11 27.88
C THR D 461 -28.23 24.47 26.40
N PRO D 462 -27.17 23.95 25.76
CA PRO D 462 -26.94 24.30 24.35
C PRO D 462 -27.97 23.76 23.37
N PHE D 463 -28.82 22.81 23.75
CA PHE D 463 -29.96 22.44 22.92
C PHE D 463 -31.18 23.30 23.21
N GLN D 464 -31.05 24.31 24.06
CA GLN D 464 -32.14 25.21 24.38
C GLN D 464 -31.88 26.64 23.91
N ILE D 465 -30.62 27.02 23.77
CA ILE D 465 -30.28 28.26 23.07
C ILE D 465 -30.39 28.06 21.57
N ALA D 466 -29.94 26.90 21.07
CA ALA D 466 -29.84 26.68 19.63
C ALA D 466 -31.18 26.33 18.98
N GLU D 467 -32.29 26.27 19.70
CA GLU D 467 -33.57 26.21 19.02
C GLU D 467 -34.16 27.59 18.79
N GLN D 468 -33.52 28.64 19.31
CA GLN D 468 -33.93 30.00 19.06
C GLN D 468 -33.16 30.62 17.91
N GLN D 469 -31.87 30.30 17.80
CA GLN D 469 -31.03 30.85 16.75
C GLN D 469 -31.06 30.02 15.47
N ILE D 470 -31.87 28.98 15.40
CA ILE D 470 -31.94 28.14 14.22
C ILE D 470 -33.29 28.40 13.53
N GLN D 471 -33.31 28.23 12.22
CA GLN D 471 -34.46 28.62 11.42
C GLN D 471 -35.07 27.49 10.62
N ASN D 472 -34.40 26.36 10.48
CA ASN D 472 -34.96 25.24 9.74
C ASN D 472 -36.08 24.61 10.54
N PHE D 473 -37.12 24.15 9.84
CA PHE D 473 -38.30 23.64 10.53
C PHE D 473 -38.16 22.19 10.94
N GLN D 474 -37.51 21.37 10.10
CA GLN D 474 -37.43 19.94 10.40
C GLN D 474 -36.44 19.65 11.51
N VAL D 475 -35.45 20.53 11.72
CA VAL D 475 -34.42 20.30 12.73
C VAL D 475 -34.73 21.05 14.03
N ALA D 476 -35.70 21.95 14.03
CA ALA D 476 -36.14 22.59 15.26
C ALA D 476 -37.31 21.86 15.91
N ASN D 477 -37.88 20.84 15.26
CA ASN D 477 -38.85 19.99 15.92
C ASN D 477 -38.20 18.87 16.71
N TRP D 478 -37.12 18.29 16.18
CA TRP D 478 -36.36 17.33 16.96
C TRP D 478 -35.67 18.01 18.13
N LEU D 479 -35.14 19.20 17.90
CA LEU D 479 -34.43 19.94 18.93
C LEU D 479 -35.37 20.51 19.98
N HIS D 480 -36.68 20.47 19.74
CA HIS D 480 -37.69 20.83 20.72
C HIS D 480 -38.16 19.63 21.53
N PHE D 481 -38.18 18.44 20.93
CA PHE D 481 -38.60 17.26 21.67
C PHE D 481 -37.52 16.83 22.67
N VAL D 482 -36.26 17.18 22.42
CA VAL D 482 -35.19 16.83 23.34
C VAL D 482 -35.32 17.63 24.63
N ASN D 483 -35.69 18.90 24.52
CA ASN D 483 -35.80 19.76 25.70
C ASN D 483 -37.00 19.41 26.55
N ASN D 484 -38.10 18.97 25.94
CA ASN D 484 -39.35 18.70 26.64
C ASN D 484 -39.61 17.20 26.76
N ASN D 485 -38.56 16.44 26.99
CA ASN D 485 -38.67 15.00 27.22
C ASN D 485 -38.50 14.76 28.71
N GLN D 486 -39.57 14.34 29.38
CA GLN D 486 -39.55 14.19 30.83
C GLN D 486 -40.37 12.98 31.24
N PHE D 487 -39.97 12.39 32.37
CA PHE D 487 -40.73 11.31 32.96
C PHE D 487 -42.07 11.83 33.48
N ARG D 488 -43.13 11.10 33.22
CA ARG D 488 -44.47 11.49 33.64
C ARG D 488 -44.83 10.67 34.87
N GLN D 489 -44.85 11.33 36.02
CA GLN D 489 -45.12 10.65 37.29
C GLN D 489 -46.60 10.29 37.38
N VAL D 490 -46.90 9.00 37.43
CA VAL D 490 -48.26 8.51 37.56
C VAL D 490 -48.27 7.46 38.68
N VAL D 491 -49.41 7.34 39.35
CA VAL D 491 -49.57 6.40 40.45
C VAL D 491 -50.36 5.21 39.91
N ILE D 492 -49.72 4.05 39.86
CA ILE D 492 -50.35 2.82 39.37
C ILE D 492 -50.23 1.76 40.45
N ASP D 493 -51.38 1.23 40.89
CA ASP D 493 -51.49 0.21 41.94
C ASP D 493 -50.85 0.70 43.25
N GLY D 494 -51.07 1.97 43.58
CA GLY D 494 -50.54 2.54 44.80
C GLY D 494 -49.05 2.80 44.82
N VAL D 495 -48.37 2.66 43.68
CA VAL D 495 -46.92 2.82 43.58
C VAL D 495 -46.65 3.90 42.54
N LEU D 496 -46.09 5.03 42.97
CA LEU D 496 -45.72 6.08 42.03
C LEU D 496 -44.53 5.64 41.21
N ASN D 497 -44.76 5.30 39.95
CA ASN D 497 -43.67 4.94 39.07
C ASN D 497 -43.72 5.78 37.80
N GLN D 498 -42.54 6.14 37.32
CA GLN D 498 -42.40 7.17 36.30
C GLN D 498 -42.30 6.52 34.93
N VAL D 499 -43.27 6.83 34.07
CA VAL D 499 -43.39 6.20 32.77
C VAL D 499 -42.75 7.08 31.72
N LEU D 500 -42.52 6.50 30.54
CA LEU D 500 -41.99 7.24 29.41
C LEU D 500 -43.11 7.96 28.67
N ASN D 501 -42.72 8.77 27.70
CA ASN D 501 -43.67 9.42 26.82
C ASN D 501 -44.33 8.39 25.91
N ASP D 502 -45.49 8.76 25.36
CA ASP D 502 -46.21 7.86 24.49
C ASP D 502 -45.62 7.79 23.08
N ASN D 503 -44.72 8.72 22.73
CA ASN D 503 -44.05 8.70 21.44
C ASN D 503 -42.67 8.08 21.52
N ILE D 504 -42.32 7.49 22.67
CA ILE D 504 -41.12 6.68 22.78
C ILE D 504 -41.44 5.19 22.92
N ARG D 505 -42.61 4.85 23.46
CA ARG D 505 -43.06 3.46 23.42
C ARG D 505 -43.39 3.02 22.00
N ASN D 506 -43.83 3.96 21.16
CA ASN D 506 -44.21 3.62 19.79
C ASN D 506 -43.01 3.54 18.87
N GLY D 507 -41.94 4.25 19.17
CA GLY D 507 -40.89 4.43 18.22
C GLY D 507 -41.14 5.52 17.21
N HIS D 508 -42.14 6.37 17.44
CA HIS D 508 -42.43 7.47 16.53
C HIS D 508 -41.38 8.57 16.59
N VAL D 509 -40.58 8.62 17.67
CA VAL D 509 -39.63 9.70 17.83
C VAL D 509 -38.46 9.55 16.86
N VAL D 510 -38.13 8.32 16.46
CA VAL D 510 -37.05 8.10 15.51
C VAL D 510 -37.45 8.61 14.12
N ASN D 511 -38.73 8.60 13.80
CA ASN D 511 -39.21 9.23 12.57
C ASN D 511 -39.12 10.75 12.62
N GLN D 512 -38.95 11.35 13.79
CA GLN D 512 -38.63 12.76 13.92
C GLN D 512 -37.13 13.01 13.91
N LEU D 513 -36.34 12.04 14.37
CA LEU D 513 -34.89 12.19 14.34
C LEU D 513 -34.36 12.06 12.93
N MET D 514 -34.75 11.01 12.21
CA MET D 514 -34.24 10.74 10.88
C MET D 514 -35.03 11.44 9.80
N GLU D 515 -35.85 12.43 10.17
CA GLU D 515 -36.27 13.50 9.29
C GLU D 515 -35.47 14.77 9.50
N ALA D 516 -34.79 14.88 10.65
CA ALA D 516 -33.93 16.02 10.95
C ALA D 516 -32.53 15.84 10.40
N LEU D 517 -31.93 14.68 10.61
CA LEU D 517 -30.61 14.41 10.05
C LEU D 517 -30.66 13.86 8.63
N MET D 518 -31.85 13.79 8.04
CA MET D 518 -31.94 13.57 6.60
C MET D 518 -31.87 14.88 5.82
N GLN D 519 -32.23 15.99 6.44
CA GLN D 519 -32.07 17.29 5.81
C GLN D 519 -30.74 17.92 6.18
N LEU D 520 -30.17 17.56 7.32
CA LEU D 520 -28.87 18.09 7.71
C LEU D 520 -27.75 17.48 6.86
N SER D 521 -27.99 16.32 6.26
CA SER D 521 -27.09 15.76 5.27
C SER D 521 -27.24 16.42 3.90
N ARG D 522 -28.30 17.19 3.69
CA ARG D 522 -28.58 17.82 2.41
C ARG D 522 -27.95 19.20 2.28
N GLN D 523 -27.57 19.83 3.38
CA GLN D 523 -27.10 21.21 3.35
C GLN D 523 -25.69 21.28 2.80
N GLN D 524 -25.41 22.35 2.07
CA GLN D 524 -24.07 22.68 1.60
C GLN D 524 -23.55 23.82 2.46
N PHE D 525 -22.40 23.63 3.09
CA PHE D 525 -21.89 24.61 4.02
C PHE D 525 -20.53 25.12 3.56
N PRO D 526 -20.32 26.44 3.54
CA PRO D 526 -19.12 26.98 2.89
C PRO D 526 -17.93 27.19 3.82
N THR D 527 -18.15 27.15 5.14
CA THR D 527 -17.05 27.46 6.06
C THR D 527 -16.05 26.32 6.17
N MET D 528 -16.50 25.11 5.99
CA MET D 528 -15.76 23.87 6.14
C MET D 528 -15.26 23.37 4.78
N PRO D 529 -14.11 22.69 4.74
CA PRO D 529 -13.60 22.19 3.45
C PRO D 529 -14.40 21.00 2.95
N VAL D 530 -14.03 20.55 1.74
CA VAL D 530 -14.77 19.47 1.11
C VAL D 530 -14.44 18.11 1.73
N ASP D 531 -13.38 18.03 2.53
CA ASP D 531 -13.07 16.80 3.25
C ASP D 531 -13.76 16.71 4.60
N TYR D 532 -14.11 17.85 5.19
CA TYR D 532 -14.92 17.84 6.42
C TYR D 532 -16.39 17.56 6.10
N LYS D 533 -16.84 17.93 4.90
CA LYS D 533 -18.20 17.62 4.50
C LYS D 533 -18.39 16.14 4.25
N ARG D 534 -17.41 15.50 3.61
CA ARG D 534 -17.54 14.11 3.22
C ARG D 534 -17.40 13.14 4.38
N SER D 535 -16.77 13.55 5.48
CA SER D 535 -16.64 12.66 6.61
C SER D 535 -17.89 12.67 7.50
N ILE D 536 -18.61 13.80 7.55
CA ILE D 536 -19.84 13.85 8.32
C ILE D 536 -21.01 13.27 7.52
N GLN D 537 -21.07 13.57 6.23
CA GLN D 537 -22.14 13.08 5.36
C GLN D 537 -22.11 11.57 5.19
N ARG D 538 -20.96 10.93 5.37
CA ARG D 538 -20.87 9.48 5.37
C ARG D 538 -21.09 8.87 6.74
N GLY D 539 -20.84 9.63 7.80
CA GLY D 539 -21.13 9.15 9.14
C GLY D 539 -22.62 9.22 9.43
N ILE D 540 -23.25 10.30 8.96
CA ILE D 540 -24.68 10.50 9.18
C ILE D 540 -25.54 9.62 8.31
N LEU D 541 -24.95 8.95 7.32
CA LEU D 541 -25.66 8.03 6.44
C LEU D 541 -25.81 6.65 7.05
N LEU D 542 -24.87 6.23 7.91
CA LEU D 542 -24.96 4.93 8.55
C LEU D 542 -26.08 4.84 9.56
N LEU D 543 -26.60 5.97 10.03
CA LEU D 543 -27.81 5.94 10.85
C LEU D 543 -29.07 5.95 10.00
N SER D 544 -29.07 6.69 8.89
CA SER D 544 -30.23 6.74 8.01
C SER D 544 -30.44 5.43 7.25
N ASN D 545 -29.39 4.60 7.13
CA ASN D 545 -29.57 3.25 6.63
C ASN D 545 -30.11 2.30 7.68
N ARG D 546 -30.21 2.74 8.93
CA ARG D 546 -30.77 1.97 10.03
C ARG D 546 -32.04 2.61 10.57
N LEU D 547 -32.87 3.16 9.69
CA LEU D 547 -34.13 3.76 10.15
C LEU D 547 -35.11 2.68 10.58
N GLY D 548 -35.06 1.52 9.94
CA GLY D 548 -35.97 0.45 10.31
C GLY D 548 -35.57 -0.22 11.62
N GLN D 549 -34.26 -0.38 11.84
CA GLN D 549 -33.77 -1.12 12.99
C GLN D 549 -33.44 -0.24 14.17
N LEU D 550 -33.92 1.01 14.17
CA LEU D 550 -33.94 1.84 15.36
C LEU D 550 -35.34 2.24 15.81
N VAL D 551 -36.35 2.02 14.97
CA VAL D 551 -37.71 2.01 15.50
C VAL D 551 -37.97 0.69 16.21
N ASP D 552 -37.34 -0.39 15.76
CA ASP D 552 -37.42 -1.66 16.45
C ASP D 552 -36.50 -1.76 17.66
N LEU D 553 -35.65 -0.77 17.88
CA LEU D 553 -34.80 -0.77 19.07
C LEU D 553 -35.35 0.15 20.15
N THR D 554 -36.06 1.21 19.76
CA THR D 554 -36.72 2.07 20.72
C THR D 554 -37.93 1.36 21.33
N ARG D 555 -38.59 0.50 20.56
CA ARG D 555 -39.72 -0.27 21.06
C ARG D 555 -39.30 -1.41 21.96
N LEU D 556 -38.03 -1.81 21.92
CA LEU D 556 -37.56 -2.92 22.75
C LEU D 556 -37.05 -2.46 24.11
N LEU D 557 -36.42 -1.29 24.18
CA LEU D 557 -36.11 -0.72 25.50
C LEU D 557 -37.38 -0.32 26.24
N ALA D 558 -38.38 0.18 25.53
CA ALA D 558 -39.60 0.62 26.19
C ALA D 558 -40.54 -0.53 26.51
N TYR D 559 -40.23 -1.76 26.09
CA TYR D 559 -41.00 -2.91 26.54
C TYR D 559 -40.29 -3.71 27.64
N ASN D 560 -38.97 -3.75 27.64
CA ASN D 560 -38.24 -4.35 28.75
C ASN D 560 -38.10 -3.41 29.93
N TYR D 561 -38.62 -2.19 29.83
CA TYR D 561 -38.72 -1.27 30.95
C TYR D 561 -40.15 -1.09 31.44
N GLU D 562 -41.14 -1.27 30.56
CA GLU D 562 -42.54 -1.31 31.01
C GLU D 562 -42.81 -2.56 31.83
N THR D 563 -42.17 -3.67 31.49
CA THR D 563 -42.48 -4.94 32.13
C THR D 563 -41.77 -5.09 33.47
N LEU D 564 -40.48 -4.73 33.53
CA LEU D 564 -39.75 -4.83 34.78
C LEU D 564 -40.15 -3.76 35.78
N MET D 565 -40.81 -2.69 35.33
CA MET D 565 -41.34 -1.70 36.27
C MET D 565 -42.55 -2.23 37.00
N ALA D 566 -43.25 -3.20 36.45
CA ALA D 566 -44.41 -3.79 37.10
C ALA D 566 -44.04 -4.72 38.24
N CYS D 567 -42.78 -5.10 38.36
CA CYS D 567 -42.35 -6.01 39.41
C CYS D 567 -41.85 -5.30 40.66
N ILE D 568 -41.70 -4.00 40.64
CA ILE D 568 -41.20 -3.30 41.81
C ILE D 568 -42.37 -2.88 42.67
N THR D 569 -42.12 -2.74 43.98
CA THR D 569 -43.13 -2.31 44.93
C THR D 569 -42.78 -1.01 45.64
N MET D 570 -41.49 -0.70 45.81
CA MET D 570 -41.12 0.50 46.52
C MET D 570 -41.35 1.72 45.64
N ASN D 571 -41.58 2.86 46.30
CA ASN D 571 -41.93 4.10 45.61
C ASN D 571 -40.68 4.66 44.95
N MET D 572 -40.59 4.60 43.62
CA MET D 572 -39.42 5.12 42.94
C MET D 572 -39.52 6.64 42.79
N GLN D 573 -38.57 7.35 43.39
CA GLN D 573 -38.52 8.80 43.38
C GLN D 573 -37.31 9.27 42.60
N HIS D 574 -37.45 10.40 41.92
CA HIS D 574 -36.43 10.89 41.00
C HIS D 574 -35.66 12.03 41.67
N VAL D 575 -34.53 11.70 42.28
CA VAL D 575 -33.64 12.67 42.91
C VAL D 575 -32.23 12.39 42.40
N GLN D 576 -31.50 13.46 42.05
CA GLN D 576 -30.11 13.33 41.65
C GLN D 576 -29.26 12.77 42.79
N THR D 577 -28.46 11.76 42.48
CA THR D 577 -27.65 11.05 43.47
C THR D 577 -26.23 11.56 43.45
N LEU D 578 -25.46 11.18 44.48
CA LEU D 578 -24.05 11.55 44.59
C LEU D 578 -23.20 10.92 43.50
N THR D 579 -23.08 9.61 43.51
CA THR D 579 -22.20 8.88 42.61
C THR D 579 -22.99 8.43 41.40
N THR D 580 -22.42 8.66 40.22
CA THR D 580 -23.09 8.37 38.97
C THR D 580 -22.54 7.08 38.38
N GLU D 581 -23.44 6.26 37.83
CA GLU D 581 -23.04 5.02 37.18
C GLU D 581 -22.74 5.29 35.72
N LYS D 582 -21.53 4.94 35.31
CA LYS D 582 -20.92 5.47 34.10
C LYS D 582 -21.44 4.79 32.84
N LEU D 583 -21.73 5.59 31.82
CA LEU D 583 -22.16 5.11 30.52
C LEU D 583 -21.21 5.64 29.46
N GLN D 584 -20.51 4.75 28.79
CA GLN D 584 -19.60 5.17 27.73
C GLN D 584 -20.38 5.37 26.44
N LEU D 585 -20.21 6.53 25.82
CA LEU D 585 -20.91 6.85 24.58
C LEU D 585 -20.41 6.05 23.40
N THR D 586 -19.24 5.41 23.52
CA THR D 586 -18.79 4.48 22.49
C THR D 586 -19.69 3.26 22.42
N SER D 587 -20.14 2.76 23.57
CA SER D 587 -20.96 1.56 23.63
C SER D 587 -22.42 1.78 23.26
N VAL D 588 -22.84 3.02 23.00
CA VAL D 588 -24.16 3.22 22.40
C VAL D 588 -24.07 3.08 20.90
N THR D 589 -22.93 3.40 20.30
CA THR D 589 -22.70 3.17 18.88
C THR D 589 -22.69 1.68 18.56
N SER D 590 -22.14 0.87 19.46
CA SER D 590 -22.10 -0.57 19.25
C SER D 590 -23.42 -1.25 19.54
N LEU D 591 -24.46 -0.52 19.90
CA LEU D 591 -25.81 -1.05 20.01
C LEU D 591 -26.71 -0.62 18.87
N CYS D 592 -26.48 0.57 18.30
CA CYS D 592 -27.32 1.07 17.24
C CYS D 592 -27.06 0.34 15.93
N MET D 593 -25.81 0.04 15.62
CA MET D 593 -25.44 -0.60 14.37
C MET D 593 -24.88 -2.00 14.58
N LEU D 594 -25.42 -2.72 15.55
CA LEU D 594 -25.10 -4.12 15.70
C LEU D 594 -26.31 -4.99 15.98
N ILE D 595 -27.49 -4.41 16.23
CA ILE D 595 -28.64 -5.20 16.64
C ILE D 595 -29.27 -5.87 15.42
N GLY D 596 -29.99 -6.96 15.67
CA GLY D 596 -30.67 -7.68 14.62
C GLY D 596 -32.17 -7.67 14.84
N ASN D 597 -32.91 -8.44 14.06
CA ASN D 597 -34.37 -8.50 14.20
C ASN D 597 -34.78 -9.71 15.04
N ALA D 598 -34.28 -9.77 16.27
CA ALA D 598 -34.60 -10.84 17.19
C ALA D 598 -35.03 -10.26 18.52
N THR D 599 -36.21 -10.66 18.99
CA THR D 599 -36.85 -10.07 20.15
C THR D 599 -36.52 -10.88 21.41
N VAL D 600 -36.00 -10.21 22.42
CA VAL D 600 -35.82 -10.79 23.75
C VAL D 600 -36.79 -10.12 24.71
N ILE D 601 -37.58 -10.94 25.40
CA ILE D 601 -38.48 -10.46 26.45
C ILE D 601 -38.19 -11.32 27.69
N PRO D 602 -38.30 -10.77 28.89
CA PRO D 602 -37.87 -11.52 30.07
C PRO D 602 -38.84 -12.63 30.43
N SER D 603 -38.30 -13.82 30.69
CA SER D 603 -39.09 -14.99 30.99
C SER D 603 -39.77 -14.83 32.35
N PRO D 604 -40.97 -15.39 32.53
CA PRO D 604 -41.74 -15.08 33.75
C PRO D 604 -41.20 -15.73 35.01
N GLN D 605 -40.25 -16.64 34.92
CA GLN D 605 -39.59 -17.11 36.13
C GLN D 605 -38.54 -16.14 36.64
N THR D 606 -38.26 -15.07 35.88
CA THR D 606 -37.44 -13.96 36.35
C THR D 606 -38.31 -12.84 36.90
N LEU D 607 -39.48 -12.62 36.29
CA LEU D 607 -40.43 -11.63 36.81
C LEU D 607 -41.03 -12.06 38.14
N PHE D 608 -41.16 -13.36 38.38
CA PHE D 608 -41.66 -13.82 39.66
C PHE D 608 -40.58 -13.85 40.72
N HIS D 609 -39.32 -13.72 40.32
CA HIS D 609 -38.21 -13.64 41.26
C HIS D 609 -37.75 -12.22 41.50
N TYR D 610 -37.84 -11.35 40.50
CA TYR D 610 -37.59 -9.93 40.73
C TYR D 610 -38.70 -9.31 41.57
N TYR D 611 -39.90 -9.88 41.52
CA TYR D 611 -40.99 -9.40 42.37
C TYR D 611 -40.84 -9.90 43.79
N ASN D 612 -40.35 -11.13 43.96
CA ASN D 612 -40.26 -11.71 45.30
C ASN D 612 -39.03 -11.27 46.06
N VAL D 613 -38.08 -10.62 45.42
CA VAL D 613 -37.00 -9.97 46.17
C VAL D 613 -37.45 -8.58 46.61
N ASN D 614 -38.21 -7.89 45.76
CA ASN D 614 -38.71 -6.56 46.11
C ASN D 614 -39.80 -6.59 47.16
N VAL D 615 -40.42 -7.74 47.40
CA VAL D 615 -41.39 -7.87 48.49
C VAL D 615 -40.69 -8.20 49.80
N ASN D 616 -39.67 -9.06 49.74
CA ASN D 616 -38.93 -9.43 50.94
C ASN D 616 -38.04 -8.31 51.46
N PHE D 617 -37.66 -7.36 50.63
CA PHE D 617 -36.93 -6.19 51.10
C PHE D 617 -37.84 -5.07 51.56
N HIS D 618 -39.00 -4.90 50.92
CA HIS D 618 -39.93 -3.88 51.34
C HIS D 618 -40.69 -4.25 52.60
N SER D 619 -40.75 -5.53 52.95
CA SER D 619 -41.34 -5.92 54.22
C SER D 619 -40.31 -5.97 55.34
N ASN D 620 -39.05 -6.30 55.02
CA ASN D 620 -37.98 -6.21 56.00
C ASN D 620 -37.67 -4.75 56.34
N TYR D 621 -37.89 -3.84 55.39
CA TYR D 621 -37.75 -2.42 55.68
C TYR D 621 -38.84 -1.94 56.63
N ASN D 622 -40.09 -2.35 56.40
CA ASN D 622 -41.20 -1.86 57.19
C ASN D 622 -41.29 -2.52 58.56
N GLU D 623 -40.87 -3.77 58.68
CA GLU D 623 -40.90 -4.42 59.99
C GLU D 623 -39.71 -4.07 60.86
N ARG D 624 -38.82 -3.19 60.39
CA ARG D 624 -37.77 -2.63 61.22
C ARG D 624 -38.04 -1.17 61.60
N ILE D 625 -38.91 -0.48 60.88
CA ILE D 625 -39.41 0.81 61.36
C ILE D 625 -40.28 0.60 62.58
N ASN D 626 -41.20 -0.37 62.52
CA ASN D 626 -42.16 -0.58 63.59
C ASN D 626 -41.53 -1.18 64.84
N ASP D 627 -40.36 -1.79 64.73
CA ASP D 627 -39.65 -2.28 65.90
C ASP D 627 -38.75 -1.22 66.53
N ALA D 628 -38.57 -0.08 65.87
CA ALA D 628 -37.79 1.02 66.43
C ALA D 628 -38.65 2.20 66.84
N VAL D 629 -39.81 2.39 66.22
CA VAL D 629 -40.77 3.38 66.71
C VAL D 629 -41.36 2.92 68.03
N ALA D 630 -41.55 1.61 68.20
CA ALA D 630 -42.19 1.07 69.39
C ALA D 630 -41.29 1.09 70.62
N ILE D 631 -39.99 1.30 70.49
CA ILE D 631 -39.12 1.38 71.65
C ILE D 631 -38.82 2.85 71.94
N ILE D 632 -38.78 3.67 70.89
CA ILE D 632 -38.57 5.11 71.07
C ILE D 632 -39.77 5.75 71.75
N THR D 633 -40.98 5.37 71.36
CA THR D 633 -42.17 5.90 72.01
C THR D 633 -42.38 5.29 73.39
N ALA D 634 -41.91 4.07 73.61
CA ALA D 634 -42.06 3.45 74.94
C ALA D 634 -41.04 4.00 75.93
N ALA D 635 -39.86 4.42 75.47
CA ALA D 635 -38.87 4.98 76.35
C ALA D 635 -39.00 6.49 76.50
N ASN D 636 -40.10 7.08 76.03
CA ASN D 636 -40.47 8.43 76.38
C ASN D 636 -41.74 8.50 77.21
N ARG D 637 -42.66 7.55 77.02
CA ARG D 637 -43.83 7.46 77.88
C ARG D 637 -43.45 6.96 79.27
N LEU D 638 -42.43 6.12 79.36
CA LEU D 638 -41.97 5.60 80.63
C LEU D 638 -41.03 6.55 81.36
N ASN D 639 -40.69 7.69 80.75
CA ASN D 639 -39.86 8.75 81.32
C ASN D 639 -38.46 8.24 81.68
N LEU D 640 -37.72 7.86 80.66
CA LEU D 640 -36.33 7.44 80.79
C LEU D 640 -35.46 8.59 80.31
N TYR D 641 -35.17 9.52 81.22
CA TYR D 641 -34.45 10.74 80.87
C TYR D 641 -32.95 10.57 80.79
N GLN D 642 -32.44 9.38 81.11
CA GLN D 642 -31.00 9.15 81.17
C GLN D 642 -30.51 8.20 80.09
N LYS D 643 -31.41 7.55 79.37
CA LYS D 643 -31.06 6.62 78.30
C LYS D 643 -30.93 7.38 76.99
N LYS D 644 -29.85 7.10 76.26
CA LYS D 644 -29.61 7.73 74.97
C LYS D 644 -29.87 6.73 73.84
N MET D 645 -30.50 7.22 72.77
CA MET D 645 -31.08 6.35 71.75
C MET D 645 -30.14 6.11 70.58
N LYS D 646 -28.83 6.16 70.79
CA LYS D 646 -27.90 5.89 69.71
C LYS D 646 -27.73 4.40 69.45
N SER D 647 -28.06 3.55 70.42
CA SER D 647 -27.87 2.11 70.28
C SER D 647 -29.12 1.37 69.84
N ILE D 648 -30.23 2.07 69.58
CA ILE D 648 -31.42 1.47 69.01
C ILE D 648 -31.74 2.00 67.62
N VAL D 649 -30.93 2.91 67.09
CA VAL D 649 -30.90 3.19 65.68
C VAL D 649 -29.68 2.56 65.00
N GLU D 650 -28.58 2.38 65.74
CA GLU D 650 -27.44 1.61 65.25
C GLU D 650 -27.82 0.15 65.02
N ASP D 651 -28.75 -0.37 65.81
CA ASP D 651 -29.28 -1.70 65.56
C ASP D 651 -30.27 -1.70 64.41
N PHE D 652 -30.98 -0.59 64.21
CA PHE D 652 -31.98 -0.52 63.13
C PHE D 652 -31.32 -0.48 61.77
N LEU D 653 -30.17 0.19 61.65
CA LEU D 653 -29.43 0.19 60.39
C LEU D 653 -28.75 -1.14 60.11
N LYS D 654 -28.63 -2.01 61.11
CA LYS D 654 -27.91 -3.27 60.96
C LYS D 654 -28.82 -4.40 60.47
N ARG D 655 -30.09 -4.41 60.90
CA ARG D 655 -31.02 -5.44 60.46
C ARG D 655 -31.39 -5.27 59.00
N LEU D 656 -31.44 -4.03 58.52
CA LEU D 656 -31.38 -3.79 57.08
C LEU D 656 -30.02 -4.26 56.57
N GLN D 657 -30.03 -5.19 55.63
CA GLN D 657 -28.81 -5.93 55.33
C GLN D 657 -27.81 -5.15 54.49
N ILE D 658 -28.24 -4.08 53.82
CA ILE D 658 -27.37 -3.41 52.85
C ILE D 658 -26.54 -2.29 53.45
N PHE D 659 -26.78 -1.90 54.68
CA PHE D 659 -26.15 -0.71 55.23
C PHE D 659 -24.87 -1.05 55.99
N ASP D 660 -24.00 -0.06 56.11
CA ASP D 660 -22.77 -0.16 56.88
C ASP D 660 -22.89 0.74 58.10
N ILE D 661 -22.22 0.34 59.18
CA ILE D 661 -22.26 1.08 60.43
C ILE D 661 -21.02 1.96 60.60
N SER D 662 -19.86 1.47 60.15
CA SER D 662 -18.62 2.22 60.25
C SER D 662 -18.54 3.40 59.30
N ARG D 663 -19.50 3.56 58.39
CA ARG D 663 -19.52 4.71 57.50
C ARG D 663 -20.39 5.85 58.04
N VAL D 664 -21.50 5.53 58.69
CA VAL D 664 -22.44 6.57 59.13
C VAL D 664 -21.95 7.21 60.42
N PRO D 665 -22.07 8.53 60.55
CA PRO D 665 -21.56 9.21 61.73
C PRO D 665 -22.54 9.17 62.89
N ASP D 666 -22.21 9.88 63.96
CA ASP D 666 -23.12 10.00 65.10
C ASP D 666 -24.31 10.90 64.74
N ASP D 667 -24.06 11.97 63.99
CA ASP D 667 -25.10 12.95 63.71
C ASP D 667 -26.14 12.47 62.70
N GLN D 668 -25.80 11.51 61.85
CA GLN D 668 -26.77 10.92 60.94
C GLN D 668 -27.54 9.78 61.56
N MET D 669 -27.37 9.57 62.86
CA MET D 669 -28.12 8.59 63.63
C MET D 669 -29.09 9.24 64.60
N TYR D 670 -28.82 10.46 65.03
CA TYR D 670 -29.75 11.24 65.85
C TYR D 670 -30.68 12.11 65.02
N ARG D 671 -30.44 12.22 63.71
CA ARG D 671 -31.42 12.83 62.83
C ARG D 671 -32.45 11.82 62.35
N LEU D 672 -32.07 10.55 62.33
CA LEU D 672 -33.00 9.51 61.90
C LEU D 672 -33.99 9.17 63.00
N ARG D 673 -33.65 9.44 64.26
CA ARG D 673 -34.60 9.24 65.35
C ARG D 673 -35.40 10.49 65.67
N ASP D 674 -35.14 11.61 64.99
CA ASP D 674 -36.06 12.73 65.07
C ASP D 674 -37.21 12.59 64.10
N ARG D 675 -37.12 11.64 63.16
CA ARG D 675 -38.23 11.27 62.31
C ARG D 675 -38.93 10.00 62.78
N LEU D 676 -38.27 9.17 63.60
CA LEU D 676 -38.88 7.98 64.15
C LEU D 676 -39.85 8.28 65.29
N ARG D 677 -39.85 9.51 65.83
CA ARG D 677 -40.80 9.85 66.87
C ARG D 677 -42.15 10.26 66.30
N LEU D 678 -42.13 11.02 65.21
CA LEU D 678 -43.36 11.62 64.69
C LEU D 678 -44.30 10.61 64.04
N LEU D 679 -43.80 9.43 63.71
CA LEU D 679 -44.62 8.36 63.16
C LEU D 679 -45.50 7.75 64.24
N PRO D 680 -46.71 7.34 63.88
CA PRO D 680 -47.54 6.58 64.83
C PRO D 680 -47.09 5.13 64.88
N VAL D 681 -47.21 4.55 66.07
CA VAL D 681 -46.80 3.17 66.27
C VAL D 681 -47.90 2.23 65.77
N GLU D 682 -47.51 1.00 65.44
CA GLU D 682 -48.41 -0.01 64.89
C GLU D 682 -49.49 -0.38 65.91
N ILE D 683 -50.65 -0.81 65.41
CA ILE D 683 -51.79 -1.08 66.27
C ILE D 683 -51.56 -2.32 67.14
N ARG D 684 -50.80 -3.30 66.64
CA ARG D 684 -50.49 -4.46 67.48
C ARG D 684 -49.46 -4.15 68.54
N ARG D 685 -48.52 -3.25 68.25
CA ARG D 685 -47.51 -2.87 69.24
C ARG D 685 -48.03 -1.88 70.26
N LEU D 686 -49.08 -1.13 69.95
CA LEU D 686 -49.61 -0.17 70.90
C LEU D 686 -50.47 -0.86 71.96
N ASP D 687 -51.34 -1.77 71.54
CA ASP D 687 -52.26 -2.40 72.49
C ASP D 687 -51.58 -3.41 73.40
N ILE D 688 -50.38 -3.87 73.03
CA ILE D 688 -49.59 -4.69 73.95
C ILE D 688 -48.74 -3.82 74.86
N PHE D 689 -48.64 -2.52 74.59
CA PHE D 689 -47.97 -1.58 75.49
C PHE D 689 -48.94 -0.83 76.37
N ASN D 690 -50.15 -0.52 75.89
CA ASN D 690 -51.17 0.07 76.74
C ASN D 690 -51.70 -0.92 77.77
N LEU D 691 -51.48 -2.22 77.56
CA LEU D 691 -51.85 -3.22 78.53
C LEU D 691 -50.78 -3.43 79.59
N ILE D 692 -49.53 -3.04 79.30
CA ILE D 692 -48.49 -3.04 80.32
C ILE D 692 -48.59 -1.78 81.17
N LEU D 693 -48.78 -0.63 80.51
CA LEU D 693 -48.81 0.65 81.19
C LEU D 693 -50.05 0.83 82.07
N MET D 694 -51.11 0.09 81.80
CA MET D 694 -52.32 0.23 82.61
C MET D 694 -52.12 -0.43 83.98
N ASN D 695 -51.45 -1.57 84.02
CA ASN D 695 -51.22 -2.30 85.27
C ASN D 695 -49.74 -2.56 85.48
N MET D 696 -48.93 -1.54 85.30
CA MET D 696 -47.52 -1.64 85.66
C MET D 696 -47.27 -1.37 87.13
N GLU D 697 -48.31 -1.02 87.88
CA GLU D 697 -48.21 -0.87 89.32
C GLU D 697 -48.89 -2.00 90.06
N GLN D 698 -49.34 -3.03 89.36
CA GLN D 698 -49.81 -4.26 90.00
C GLN D 698 -48.79 -5.38 89.90
N ILE D 699 -47.89 -5.32 88.94
CA ILE D 699 -46.75 -6.24 88.92
C ILE D 699 -45.65 -5.74 89.85
N GLU D 700 -45.49 -4.42 89.97
CA GLU D 700 -44.46 -3.87 90.85
C GLU D 700 -44.86 -4.02 92.32
N ARG D 701 -46.14 -3.80 92.63
CA ARG D 701 -46.57 -3.82 94.03
C ARG D 701 -46.73 -5.21 94.60
N ALA D 702 -46.86 -6.23 93.75
CA ALA D 702 -47.02 -7.61 94.24
C ALA D 702 -45.68 -8.36 94.20
N SER D 703 -44.70 -7.81 94.91
CA SER D 703 -43.38 -8.41 94.97
C SER D 703 -42.86 -8.36 96.39
N ASP D 704 -41.89 -9.23 96.69
CA ASP D 704 -41.31 -9.32 98.02
C ASP D 704 -39.88 -8.82 98.10
N LYS D 705 -39.24 -8.53 96.96
CA LYS D 705 -37.90 -7.99 96.94
C LYS D 705 -37.88 -6.46 96.97
N ILE D 706 -38.98 -5.83 97.32
CA ILE D 706 -39.14 -4.39 97.15
C ILE D 706 -40.17 -3.89 98.15
N ALA D 707 -40.15 -2.59 98.42
CA ALA D 707 -41.14 -1.94 99.27
C ALA D 707 -41.23 -0.48 98.85
N GLN D 708 -42.43 0.08 98.94
CA GLN D 708 -42.68 1.40 98.37
C GLN D 708 -42.47 2.53 99.38
N GLY D 709 -41.33 2.55 100.05
CA GLY D 709 -41.00 3.67 100.90
C GLY D 709 -41.56 3.55 102.30
N VAL D 710 -40.96 4.30 103.22
CA VAL D 710 -41.24 4.22 104.64
C VAL D 710 -41.97 5.50 105.05
N ILE D 711 -42.91 5.38 105.99
CA ILE D 711 -43.47 6.53 106.66
C ILE D 711 -42.98 6.52 108.10
N ILE D 712 -42.67 7.70 108.63
CA ILE D 712 -42.14 7.88 109.98
C ILE D 712 -43.00 8.91 110.67
N ALA D 713 -43.40 8.65 111.91
CA ALA D 713 -44.24 9.64 112.56
C ALA D 713 -43.91 9.97 114.01
N TYR D 714 -43.01 9.22 114.67
CA TYR D 714 -42.59 9.45 116.06
C TYR D 714 -43.76 9.42 117.02
N ARG D 715 -44.71 8.53 116.75
CA ARG D 715 -45.92 8.39 117.55
C ARG D 715 -46.38 6.94 117.48
N ASP D 716 -46.73 6.37 118.62
CA ASP D 716 -47.04 4.95 118.69
C ASP D 716 -48.39 4.67 118.05
N MET D 717 -48.38 3.93 116.94
CA MET D 717 -49.60 3.55 116.25
C MET D 717 -49.70 2.03 116.15
N GLN D 718 -50.92 1.55 116.01
CA GLN D 718 -51.23 0.13 116.11
C GLN D 718 -50.80 -0.60 114.84
N LEU D 719 -50.32 -1.84 115.01
CA LEU D 719 -50.02 -2.70 113.87
C LEU D 719 -51.30 -3.25 113.25
N GLU D 720 -51.30 -3.36 111.93
CA GLU D 720 -52.47 -3.80 111.17
C GLU D 720 -52.47 -5.32 111.08
N ARG D 721 -53.55 -5.95 111.53
CA ARG D 721 -53.64 -7.41 111.56
C ARG D 721 -54.15 -7.94 110.23
N ASP D 722 -53.36 -8.82 109.62
CA ASP D 722 -53.76 -9.53 108.41
C ASP D 722 -53.87 -11.01 108.70
N GLU D 723 -54.52 -11.73 107.77
CA GLU D 723 -54.68 -13.16 107.93
C GLU D 723 -53.46 -13.95 107.46
N MET D 724 -52.49 -13.31 106.82
CA MET D 724 -51.30 -13.99 106.33
C MET D 724 -50.02 -13.60 107.03
N TYR D 725 -50.00 -12.48 107.75
CA TYR D 725 -48.80 -11.98 108.40
C TYR D 725 -48.90 -11.97 109.92
N GLY D 726 -50.06 -12.31 110.49
CA GLY D 726 -50.26 -12.10 111.91
C GLY D 726 -50.44 -10.64 112.24
N TYR D 727 -49.47 -10.03 112.90
CA TYR D 727 -49.40 -8.59 113.09
C TYR D 727 -48.25 -8.04 112.27
N VAL D 728 -48.50 -7.01 111.48
CA VAL D 728 -47.49 -6.43 110.61
C VAL D 728 -47.72 -4.93 110.53
N ASN D 729 -46.63 -4.16 110.50
CA ASN D 729 -46.75 -2.71 110.36
C ASN D 729 -46.76 -2.37 108.88
N ILE D 730 -47.96 -2.22 108.32
CA ILE D 730 -48.13 -1.89 106.90
C ILE D 730 -49.16 -0.78 106.79
N ALA D 731 -48.78 0.30 106.11
CA ALA D 731 -49.71 1.37 105.75
C ALA D 731 -50.07 1.17 104.28
N ARG D 732 -51.31 0.78 104.03
CA ARG D 732 -51.72 0.52 102.65
C ARG D 732 -51.93 1.80 101.86
N ASN D 733 -52.21 2.91 102.53
CA ASN D 733 -52.36 4.20 101.88
C ASN D 733 -51.49 5.22 102.60
N LEU D 734 -51.06 6.24 101.86
CA LEU D 734 -50.10 7.22 102.35
C LEU D 734 -50.80 8.58 102.33
N ASP D 735 -51.42 8.96 103.44
CA ASP D 735 -52.09 10.24 103.55
C ASP D 735 -51.69 10.95 104.84
N GLY D 736 -51.84 12.27 104.84
CA GLY D 736 -51.52 13.07 106.01
C GLY D 736 -50.05 13.23 106.32
N PHE D 737 -49.17 12.86 105.40
CA PHE D 737 -47.74 12.90 105.63
C PHE D 737 -47.05 13.62 104.49
N GLN D 738 -45.96 14.33 104.81
CA GLN D 738 -45.16 14.98 103.80
C GLN D 738 -44.35 13.96 103.02
N GLN D 739 -44.34 14.07 101.71
CA GLN D 739 -43.61 13.14 100.85
C GLN D 739 -42.26 13.73 100.48
N ILE D 740 -41.27 12.86 100.36
CA ILE D 740 -39.96 13.21 99.85
C ILE D 740 -39.60 12.15 98.80
N ASN D 741 -39.49 12.56 97.55
CA ASN D 741 -39.19 11.63 96.48
C ASN D 741 -37.71 11.27 96.51
N LEU D 742 -37.41 9.97 96.53
CA LEU D 742 -36.03 9.52 96.59
C LEU D 742 -35.34 9.62 95.24
N GLU D 743 -36.08 9.54 94.14
CA GLU D 743 -35.46 9.66 92.83
C GLU D 743 -34.99 11.08 92.56
N GLU D 744 -35.70 12.08 93.07
CA GLU D 744 -35.26 13.46 92.97
C GLU D 744 -34.27 13.85 94.06
N LEU D 745 -33.98 12.95 94.99
CA LEU D 745 -32.97 13.20 96.01
C LEU D 745 -31.62 12.63 95.63
N MET D 746 -31.59 11.54 94.85
CA MET D 746 -30.36 11.00 94.33
C MET D 746 -29.93 11.67 93.03
N ARG D 747 -30.87 12.28 92.31
CA ARG D 747 -30.53 12.93 91.05
C ARG D 747 -29.85 14.28 91.29
N THR D 748 -30.33 15.06 92.27
CA THR D 748 -29.74 16.36 92.57
C THR D 748 -28.72 16.30 93.71
N GLY D 749 -28.84 15.33 94.60
CA GLY D 749 -27.89 15.22 95.69
C GLY D 749 -28.05 16.26 96.77
N ASP D 750 -29.20 16.91 96.84
CA ASP D 750 -29.44 17.99 97.82
C ASP D 750 -30.10 17.39 99.04
N TYR D 751 -29.29 17.04 100.04
CA TYR D 751 -29.78 16.43 101.28
C TYR D 751 -29.96 17.45 102.39
N ALA D 752 -30.38 18.68 102.05
CA ALA D 752 -30.62 19.68 103.08
C ALA D 752 -32.02 19.57 103.67
N GLN D 753 -33.00 19.16 102.87
CA GLN D 753 -34.36 19.03 103.37
C GLN D 753 -34.53 17.80 104.26
N ILE D 754 -33.84 16.71 103.92
CA ILE D 754 -33.97 15.49 104.69
C ILE D 754 -33.04 15.45 105.90
N THR D 755 -32.03 16.32 105.97
CA THR D 755 -31.19 16.37 107.16
C THR D 755 -31.84 17.24 108.23
N ASN D 756 -32.46 18.35 107.83
CA ASN D 756 -33.16 19.21 108.77
C ASN D 756 -34.44 18.59 109.30
N MET D 757 -34.96 17.56 108.65
CA MET D 757 -36.18 16.91 109.08
C MET D 757 -35.93 15.64 109.88
N LEU D 758 -34.77 15.01 109.73
CA LEU D 758 -34.42 13.86 110.56
C LEU D 758 -33.88 14.28 111.92
N LEU D 759 -33.22 15.43 111.99
CA LEU D 759 -32.68 15.90 113.26
C LEU D 759 -33.78 16.49 114.14
N ASN D 760 -34.76 17.16 113.54
CA ASN D 760 -35.79 17.87 114.28
C ASN D 760 -36.93 16.97 114.74
N ASN D 761 -36.92 15.69 114.37
CA ASN D 761 -37.97 14.71 114.69
C ASN D 761 -39.34 15.17 114.20
N GLN D 762 -39.47 15.28 112.88
CA GLN D 762 -40.71 15.65 112.23
C GLN D 762 -41.22 14.49 111.38
N PRO D 763 -42.53 14.33 111.23
CA PRO D 763 -43.06 13.22 110.42
C PRO D 763 -42.80 13.41 108.93
N VAL D 764 -42.16 12.40 108.33
CA VAL D 764 -41.79 12.38 106.93
C VAL D 764 -42.41 11.10 106.36
N ALA D 765 -42.58 11.06 105.03
CA ALA D 765 -42.95 9.82 104.34
C ALA D 765 -42.06 9.70 103.11
N LEU D 766 -40.95 8.98 103.24
CA LEU D 766 -40.08 8.72 102.11
C LEU D 766 -40.78 7.81 101.11
N VAL D 767 -40.60 8.09 99.82
CA VAL D 767 -41.32 7.39 98.76
C VAL D 767 -40.33 6.96 97.70
N GLY D 768 -40.35 5.68 97.36
CA GLY D 768 -39.51 5.15 96.30
C GLY D 768 -39.43 3.65 96.38
N ALA D 769 -38.92 3.06 95.30
CA ALA D 769 -38.72 1.62 95.25
C ALA D 769 -37.53 1.26 96.14
N LEU D 770 -37.79 0.51 97.20
CA LEU D 770 -36.84 0.39 98.27
C LEU D 770 -36.78 -1.05 98.76
N PRO D 771 -35.58 -1.61 98.96
CA PRO D 771 -35.47 -2.94 99.54
C PRO D 771 -35.73 -2.89 101.04
N PHE D 772 -36.01 -4.05 101.61
CA PHE D 772 -36.34 -4.11 103.03
C PHE D 772 -35.96 -5.48 103.58
N ILE D 773 -35.80 -5.53 104.89
CA ILE D 773 -35.52 -6.76 105.61
C ILE D 773 -36.65 -7.00 106.61
N THR D 774 -36.84 -8.26 106.98
CA THR D 774 -37.91 -8.64 107.88
C THR D 774 -37.36 -9.45 109.04
N ASP D 775 -38.05 -9.34 110.18
CA ASP D 775 -37.73 -10.13 111.36
C ASP D 775 -39.03 -10.62 111.96
N SER D 776 -38.92 -11.39 113.04
CA SER D 776 -40.11 -11.95 113.65
C SER D 776 -40.09 -11.87 115.17
N SER D 777 -39.13 -11.20 115.78
CA SER D 777 -39.06 -11.21 117.23
C SER D 777 -40.03 -10.19 117.82
N VAL D 778 -40.36 -10.40 119.09
CA VAL D 778 -41.17 -9.48 119.85
C VAL D 778 -40.32 -8.51 120.65
N ILE D 779 -39.19 -8.98 121.19
CA ILE D 779 -38.25 -8.09 121.87
C ILE D 779 -37.52 -7.19 120.88
N SER D 780 -37.51 -7.54 119.59
CA SER D 780 -37.05 -6.61 118.58
C SER D 780 -38.02 -5.46 118.34
N LEU D 781 -39.26 -5.55 118.85
CA LEU D 781 -40.24 -4.48 118.77
C LEU D 781 -40.28 -3.63 120.02
N VAL D 782 -40.17 -4.25 121.20
CA VAL D 782 -40.16 -3.49 122.44
C VAL D 782 -38.88 -2.67 122.57
N ALA D 783 -37.77 -3.16 122.01
CA ALA D 783 -36.52 -2.42 122.04
C ALA D 783 -36.43 -1.34 120.97
N LYS D 784 -37.42 -1.26 120.07
CA LYS D 784 -37.57 -0.22 119.04
C LYS D 784 -36.35 -0.16 118.12
N LEU D 785 -36.17 -1.25 117.37
CA LEU D 785 -35.11 -1.34 116.38
C LEU D 785 -35.53 -0.82 115.02
N ASP D 786 -36.70 -0.19 114.91
CA ASP D 786 -37.16 0.34 113.64
C ASP D 786 -36.82 1.81 113.45
N ALA D 787 -36.64 2.55 114.53
CA ALA D 787 -36.35 3.98 114.44
C ALA D 787 -34.87 4.29 114.32
N THR D 788 -34.00 3.29 114.43
CA THR D 788 -32.56 3.51 114.42
C THR D 788 -31.94 3.31 113.04
N VAL D 789 -32.75 3.18 111.99
CA VAL D 789 -32.20 2.92 110.66
C VAL D 789 -31.81 4.22 109.98
N PHE D 790 -32.62 5.28 110.12
CA PHE D 790 -32.47 6.49 109.34
C PHE D 790 -31.45 7.46 109.91
N ALA D 791 -30.72 7.10 110.96
CA ALA D 791 -29.70 7.98 111.50
C ALA D 791 -28.48 8.06 110.59
N GLN D 792 -28.30 7.05 109.73
CA GLN D 792 -27.14 7.00 108.85
C GLN D 792 -27.18 8.07 107.77
N ILE D 793 -28.38 8.52 107.38
CA ILE D 793 -28.56 9.53 106.34
C ILE D 793 -27.96 10.87 106.76
N VAL D 794 -27.97 11.17 108.06
CA VAL D 794 -27.38 12.42 108.52
C VAL D 794 -25.86 12.35 108.49
N LYS D 795 -25.29 11.24 108.97
CA LYS D 795 -23.83 11.13 109.07
C LYS D 795 -23.18 10.97 107.70
N LEU D 796 -23.70 10.07 106.88
CA LEU D 796 -23.23 9.87 105.52
C LEU D 796 -24.35 10.27 104.57
N ARG D 797 -24.01 11.03 103.52
CA ARG D 797 -25.04 11.65 102.69
C ARG D 797 -25.82 10.62 101.85
N LYS D 798 -25.24 9.45 101.58
CA LYS D 798 -25.84 8.51 100.65
C LYS D 798 -27.10 7.86 101.24
N VAL D 799 -28.11 7.70 100.39
CA VAL D 799 -29.38 7.09 100.74
C VAL D 799 -29.56 5.73 100.07
N ASP D 800 -28.58 5.28 99.29
CA ASP D 800 -28.64 3.97 98.64
C ASP D 800 -28.58 2.82 99.65
N THR D 801 -28.11 3.06 100.87
CA THR D 801 -28.11 2.08 101.93
C THR D 801 -29.26 2.41 102.88
N LEU D 802 -30.44 1.87 102.57
CA LEU D 802 -31.62 2.05 103.42
C LEU D 802 -32.39 0.75 103.45
N LYS D 803 -32.55 0.17 104.64
CA LYS D 803 -33.23 -1.11 104.81
C LYS D 803 -34.15 -0.99 106.01
N PRO D 804 -35.42 -0.66 105.79
CA PRO D 804 -36.37 -0.61 106.90
C PRO D 804 -36.75 -1.99 107.40
N ILE D 805 -37.33 -2.01 108.59
CA ILE D 805 -37.71 -3.25 109.26
C ILE D 805 -39.21 -3.44 109.12
N LEU D 806 -39.63 -4.65 108.75
CA LEU D 806 -41.04 -5.01 108.66
C LEU D 806 -41.28 -6.13 109.68
N TYR D 807 -41.94 -5.79 110.79
CA TYR D 807 -42.16 -6.77 111.84
C TYR D 807 -43.25 -7.75 111.44
N LYS D 808 -43.19 -8.95 112.01
CA LYS D 808 -44.13 -10.01 111.66
C LYS D 808 -44.28 -10.89 112.91
N ILE D 809 -45.31 -10.59 113.71
CA ILE D 809 -45.50 -11.25 115.00
C ILE D 809 -46.54 -12.34 114.81
N ASN D 810 -46.06 -13.54 114.53
CA ASN D 810 -46.88 -14.71 114.25
C ASN D 810 -47.10 -15.51 115.53
N SER D 811 -47.63 -16.72 115.38
CA SER D 811 -47.66 -17.67 116.49
C SER D 811 -46.38 -18.47 116.58
N ASP D 812 -45.74 -18.77 115.46
CA ASP D 812 -44.47 -19.49 115.47
C ASP D 812 -43.29 -18.60 115.79
N SER D 813 -43.51 -17.30 116.00
CA SER D 813 -42.46 -16.42 116.47
C SER D 813 -42.11 -16.76 117.91
N ASN D 814 -40.82 -16.66 118.24
CA ASN D 814 -40.39 -16.92 119.59
C ASN D 814 -40.75 -15.76 120.50
N ASP D 815 -40.98 -16.08 121.78
CA ASP D 815 -41.48 -15.15 122.80
C ASP D 815 -42.81 -14.53 122.36
N PHE D 816 -43.72 -15.39 121.91
CA PHE D 816 -45.07 -14.97 121.58
C PHE D 816 -45.99 -14.97 122.81
N TYR D 817 -45.63 -15.72 123.86
CA TYR D 817 -46.40 -15.74 125.10
C TYR D 817 -46.39 -14.40 125.83
N LEU D 818 -45.49 -13.48 125.45
CA LEU D 818 -45.58 -12.10 125.90
C LEU D 818 -46.82 -11.42 125.37
N VAL D 819 -47.27 -11.79 124.17
CA VAL D 819 -48.43 -11.15 123.56
C VAL D 819 -49.72 -11.77 124.06
N ALA D 820 -49.77 -13.10 124.18
CA ALA D 820 -51.02 -13.77 124.51
C ALA D 820 -51.39 -13.65 125.98
N ASN D 821 -50.40 -13.58 126.88
CA ASN D 821 -50.70 -13.48 128.30
C ASN D 821 -51.18 -12.08 128.67
N TYR D 822 -50.34 -11.07 128.46
CA TYR D 822 -50.69 -9.71 128.82
C TYR D 822 -51.54 -9.08 127.73
N ASP D 823 -52.58 -8.36 128.14
CA ASP D 823 -53.52 -7.75 127.20
C ASP D 823 -52.89 -6.49 126.62
N TRP D 824 -52.37 -6.61 125.40
CA TRP D 824 -51.85 -5.47 124.66
C TRP D 824 -51.87 -5.81 123.18
N VAL D 825 -52.05 -4.78 122.35
CA VAL D 825 -51.85 -4.95 120.92
C VAL D 825 -50.48 -4.37 120.59
N PRO D 826 -49.75 -4.94 119.64
CA PRO D 826 -48.41 -4.42 119.34
C PRO D 826 -48.48 -3.09 118.62
N THR D 827 -47.63 -2.16 119.04
CA THR D 827 -47.59 -0.81 118.50
C THR D 827 -46.18 -0.49 118.04
N SER D 828 -46.07 0.17 116.90
CA SER D 828 -44.78 0.56 116.35
C SER D 828 -44.79 2.05 116.02
N THR D 829 -43.61 2.60 115.83
CA THR D 829 -43.46 4.01 115.46
C THR D 829 -43.56 4.19 113.95
N THR D 830 -42.77 3.45 113.19
CA THR D 830 -42.78 3.55 111.73
C THR D 830 -43.49 2.35 111.13
N LYS D 831 -43.83 2.46 109.85
CA LYS D 831 -44.43 1.37 109.11
C LYS D 831 -44.13 1.54 107.63
N VAL D 832 -44.28 0.45 106.88
CA VAL D 832 -43.84 0.34 105.50
C VAL D 832 -45.06 0.43 104.58
N TYR D 833 -44.92 1.18 103.50
CA TYR D 833 -45.95 1.28 102.46
C TYR D 833 -45.84 0.05 101.57
N LYS D 834 -46.71 -0.93 101.81
CA LYS D 834 -46.63 -2.23 101.15
C LYS D 834 -48.05 -2.70 100.84
N GLN D 835 -48.18 -3.54 99.83
CA GLN D 835 -49.47 -4.13 99.48
C GLN D 835 -49.54 -5.58 99.93
N ILE D 836 -50.72 -6.16 99.80
CA ILE D 836 -51.02 -7.51 100.25
C ILE D 836 -51.37 -8.34 99.03
N PRO D 837 -50.82 -9.55 98.88
CA PRO D 837 -51.09 -10.34 97.67
C PRO D 837 -52.52 -10.87 97.63
N GLN D 838 -53.02 -11.01 96.40
CA GLN D 838 -54.41 -11.38 96.20
C GLN D 838 -54.63 -12.86 96.53
N GLN D 839 -55.89 -13.21 96.71
CA GLN D 839 -56.28 -14.57 97.05
C GLN D 839 -56.62 -15.34 95.78
N PHE D 840 -56.32 -16.64 95.80
CA PHE D 840 -56.49 -17.51 94.63
C PHE D 840 -57.86 -18.16 94.72
N ASP D 841 -58.81 -17.64 93.98
CA ASP D 841 -60.14 -18.22 93.88
C ASP D 841 -60.18 -19.12 92.65
N PHE D 842 -60.40 -20.42 92.87
CA PHE D 842 -60.37 -21.37 91.77
C PHE D 842 -61.61 -21.27 90.90
N ARG D 843 -62.75 -20.91 91.47
CA ARG D 843 -63.99 -20.86 90.71
C ARG D 843 -64.16 -19.59 89.91
N ALA D 844 -63.32 -18.57 90.13
CA ALA D 844 -63.42 -17.31 89.44
C ALA D 844 -62.24 -17.04 88.53
N SER D 845 -61.28 -17.97 88.44
CA SER D 845 -60.10 -17.77 87.62
C SER D 845 -60.06 -18.68 86.40
N MET D 846 -61.05 -19.55 86.22
CA MET D 846 -61.09 -20.38 85.03
C MET D 846 -61.57 -19.58 83.83
N HIS D 847 -60.95 -19.81 82.68
CA HIS D 847 -61.28 -19.10 81.45
C HIS D 847 -61.26 -20.06 80.29
N MET D 848 -62.24 -19.95 79.41
CA MET D 848 -62.35 -20.81 78.23
C MET D 848 -61.67 -20.12 77.07
N LEU D 849 -60.50 -20.63 76.68
CA LEU D 849 -59.76 -20.09 75.55
C LEU D 849 -60.25 -20.70 74.24
N THR D 850 -60.62 -19.84 73.29
CA THR D 850 -61.20 -20.26 72.03
C THR D 850 -60.23 -20.00 70.89
N SER D 851 -60.09 -20.97 70.00
CA SER D 851 -59.27 -20.82 68.80
C SER D 851 -59.87 -21.70 67.72
N ASN D 852 -59.10 -21.99 66.69
CA ASN D 852 -59.54 -22.86 65.61
C ASN D 852 -59.04 -24.28 65.85
N LEU D 853 -59.43 -25.19 64.96
CA LEU D 853 -58.90 -26.54 64.96
C LEU D 853 -57.68 -26.67 64.05
N THR D 854 -57.85 -26.41 62.76
CA THR D 854 -56.83 -26.77 61.78
C THR D 854 -56.63 -25.65 60.76
N PHE D 855 -55.38 -25.21 60.62
CA PHE D 855 -54.94 -24.35 59.53
C PHE D 855 -54.04 -25.15 58.60
N THR D 856 -53.52 -24.45 57.60
CA THR D 856 -52.38 -24.92 56.81
C THR D 856 -51.75 -23.65 56.22
N VAL D 857 -50.64 -23.22 56.79
CA VAL D 857 -50.09 -21.90 56.48
C VAL D 857 -49.03 -22.03 55.38
N TYR D 858 -49.20 -21.25 54.32
CA TYR D 858 -48.27 -21.22 53.20
C TYR D 858 -47.52 -19.89 53.19
N SER D 859 -46.34 -19.88 52.57
CA SER D 859 -45.49 -18.70 52.57
C SER D 859 -45.18 -18.18 51.18
N ASP D 860 -44.77 -19.05 50.25
CA ASP D 860 -44.36 -18.66 48.91
C ASP D 860 -45.51 -18.92 47.96
N LEU D 861 -46.30 -17.87 47.67
CA LEU D 861 -47.54 -18.07 46.94
C LEU D 861 -47.32 -18.29 45.45
N LEU D 862 -46.26 -17.74 44.88
CA LEU D 862 -46.00 -17.88 43.45
C LEU D 862 -45.24 -19.15 43.10
N ALA D 863 -45.14 -20.08 44.04
CA ALA D 863 -44.61 -21.41 43.77
C ALA D 863 -45.69 -22.37 43.29
N PHE D 864 -46.92 -21.89 43.15
CA PHE D 864 -48.01 -22.70 42.64
C PHE D 864 -48.30 -22.45 41.17
N VAL D 865 -48.13 -21.22 40.68
CA VAL D 865 -48.39 -20.94 39.28
C VAL D 865 -47.24 -21.46 38.43
N SER D 866 -47.51 -21.64 37.15
CA SER D 866 -46.54 -22.19 36.21
C SER D 866 -46.70 -21.44 34.89
N ALA D 867 -45.92 -20.38 34.73
CA ALA D 867 -46.11 -19.47 33.61
C ALA D 867 -45.21 -19.84 32.43
N ASP D 868 -45.50 -19.26 31.28
CA ASP D 868 -44.81 -19.61 30.05
C ASP D 868 -44.96 -18.47 29.05
N THR D 869 -43.92 -18.25 28.27
CA THR D 869 -43.88 -17.18 27.28
C THR D 869 -44.44 -17.68 25.96
N VAL D 870 -45.03 -16.77 25.18
CA VAL D 870 -45.47 -17.04 23.82
C VAL D 870 -44.22 -17.01 22.95
N GLU D 871 -44.33 -17.46 21.70
CA GLU D 871 -43.23 -17.42 20.74
C GLU D 871 -42.73 -15.98 20.55
N PRO D 872 -41.43 -15.72 20.75
CA PRO D 872 -40.96 -14.33 20.83
C PRO D 872 -40.95 -13.58 19.51
N ILE D 873 -41.18 -14.23 18.38
CA ILE D 873 -41.33 -13.48 17.14
C ILE D 873 -42.73 -12.84 17.06
N ASN D 874 -43.71 -13.37 17.79
CA ASN D 874 -45.05 -12.77 17.88
C ASN D 874 -45.26 -12.31 19.32
N ALA D 875 -44.77 -11.11 19.62
CA ALA D 875 -44.93 -10.52 20.95
C ALA D 875 -45.35 -9.08 20.75
N VAL D 876 -46.50 -8.72 21.31
CA VAL D 876 -47.11 -7.44 20.99
C VAL D 876 -46.74 -6.40 22.04
N ALA D 877 -46.68 -5.15 21.60
CA ALA D 877 -46.37 -4.01 22.45
C ALA D 877 -47.65 -3.50 23.11
N PHE D 878 -47.63 -2.28 23.63
CA PHE D 878 -48.82 -1.70 24.26
C PHE D 878 -49.92 -1.42 23.23
N ASP D 879 -49.56 -1.21 21.98
CA ASP D 879 -50.54 -1.13 20.90
C ASP D 879 -50.77 -2.53 20.34
N ASN D 880 -51.42 -2.63 19.19
CA ASN D 880 -51.76 -3.93 18.65
C ASN D 880 -50.57 -4.62 18.00
N MET D 881 -49.67 -3.86 17.39
CA MET D 881 -48.62 -4.42 16.55
C MET D 881 -47.51 -5.03 17.41
N ARG D 882 -46.66 -5.81 16.76
CA ARG D 882 -45.60 -6.52 17.45
C ARG D 882 -44.31 -5.72 17.47
N ILE D 883 -43.49 -5.97 18.49
CA ILE D 883 -42.18 -5.34 18.57
C ILE D 883 -41.23 -6.06 17.64
N MET D 884 -40.31 -5.28 17.04
CA MET D 884 -39.31 -5.74 16.08
C MET D 884 -39.98 -6.44 14.88
N ASN D 885 -40.78 -5.67 14.15
CA ASN D 885 -41.50 -6.18 13.01
C ASN D 885 -40.87 -5.82 11.67
N GLU D 886 -40.16 -4.69 11.62
CA GLU D 886 -39.62 -4.18 10.36
C GLU D 886 -38.41 -5.01 9.94
N LEU D 887 -38.46 -5.56 8.74
CA LEU D 887 -37.37 -6.32 8.17
C LEU D 887 -36.18 -5.41 7.87
N LEU E 83 12.73 29.81 47.56
CA LEU E 83 12.72 31.05 48.34
C LEU E 83 12.21 30.80 49.76
N LYS E 84 11.92 29.53 50.06
CA LYS E 84 11.35 29.20 51.36
C LYS E 84 12.39 29.25 52.46
N THR E 85 13.61 28.82 52.16
CA THR E 85 14.69 28.90 53.15
C THR E 85 15.18 30.33 53.37
N LYS E 86 14.86 31.24 52.45
CA LYS E 86 15.22 32.64 52.60
C LYS E 86 14.11 33.49 53.20
N GLU E 87 12.85 33.12 52.97
CA GLU E 87 11.74 33.87 53.53
C GLU E 87 11.63 33.66 55.05
N GLU E 88 11.83 32.43 55.51
CA GLU E 88 11.72 32.14 56.93
C GLU E 88 12.86 32.72 57.74
N HIS E 89 14.02 32.96 57.12
CA HIS E 89 15.06 33.74 57.78
C HIS E 89 14.81 35.23 57.67
N GLN E 90 13.99 35.66 56.71
CA GLN E 90 13.61 37.07 56.62
C GLN E 90 12.46 37.39 57.57
N LYS E 91 11.54 36.45 57.78
CA LYS E 91 10.45 36.68 58.71
C LYS E 91 10.93 36.63 60.15
N GLU E 92 11.82 35.69 60.47
CA GLU E 92 12.21 35.48 61.86
C GLU E 92 13.17 36.54 62.37
N VAL E 93 13.82 37.31 61.50
CA VAL E 93 14.67 38.37 62.00
C VAL E 93 13.83 39.61 62.33
N GLN E 94 12.69 39.79 61.67
CA GLN E 94 11.82 40.91 62.00
C GLN E 94 10.89 40.60 63.17
N TYR E 95 10.53 39.32 63.36
CA TYR E 95 9.74 38.94 64.51
C TYR E 95 10.55 38.89 65.79
N GLU E 96 11.88 38.92 65.70
CA GLU E 96 12.74 38.84 66.87
C GLU E 96 13.05 40.21 67.48
N ILE E 97 13.04 41.28 66.68
CA ILE E 97 13.22 42.61 67.25
C ILE E 97 12.02 43.00 68.09
N LEU E 98 10.83 42.51 67.73
CA LEU E 98 9.65 42.75 68.56
C LEU E 98 9.67 41.88 69.81
N GLN E 99 10.23 40.68 69.73
CA GLN E 99 10.20 39.75 70.85
C GLN E 99 11.20 40.11 71.94
N LYS E 100 12.21 40.92 71.64
CA LYS E 100 13.12 41.41 72.66
C LYS E 100 12.58 42.61 73.41
N THR E 101 11.33 42.99 73.16
CA THR E 101 10.61 44.00 73.90
C THR E 101 9.65 43.37 74.93
N ILE E 102 9.02 42.26 74.58
CA ILE E 102 8.08 41.59 75.47
C ILE E 102 8.85 40.90 76.60
N PRO E 103 8.50 41.16 77.86
CA PRO E 103 9.27 40.55 78.97
C PRO E 103 8.83 39.14 79.35
N THR E 104 8.11 38.44 78.48
CA THR E 104 7.71 37.07 78.83
C THR E 104 8.88 36.11 78.63
N PHE E 105 8.74 34.91 79.20
CA PHE E 105 9.79 33.91 79.13
C PHE E 105 9.74 33.17 77.79
N GLU E 106 10.87 32.56 77.43
CA GLU E 106 11.03 32.04 76.07
C GLU E 106 10.26 30.75 75.81
N PRO E 107 10.19 29.77 76.72
CA PRO E 107 9.13 28.77 76.55
C PRO E 107 7.86 29.21 77.28
N LYS E 108 6.72 29.01 76.62
CA LYS E 108 5.46 29.44 77.20
C LYS E 108 5.04 28.53 78.33
N GLU E 109 5.34 27.24 78.23
CA GLU E 109 4.92 26.24 79.21
C GLU E 109 5.60 26.43 80.56
N SER E 110 6.73 27.15 80.62
CA SER E 110 7.44 27.34 81.88
C SER E 110 6.76 28.34 82.80
N ILE E 111 5.81 29.13 82.31
CA ILE E 111 5.15 30.10 83.17
C ILE E 111 4.13 29.42 84.08
N LEU E 112 3.56 28.30 83.62
CA LEU E 112 2.55 27.58 84.39
C LEU E 112 3.12 27.00 85.69
N LYS E 113 4.41 26.70 85.71
CA LYS E 113 5.06 26.31 86.96
C LYS E 113 5.28 27.51 87.87
N LYS E 114 5.36 28.73 87.32
CA LYS E 114 5.76 29.88 88.11
C LYS E 114 4.62 30.50 88.89
N LEU E 115 3.37 30.34 88.44
CA LEU E 115 2.25 30.92 89.19
C LEU E 115 1.84 30.01 90.34
N GLU E 116 1.87 28.70 90.14
CA GLU E 116 1.51 27.77 91.19
C GLU E 116 2.60 27.65 92.26
N ASP E 117 3.81 28.13 92.00
CA ASP E 117 4.88 28.15 92.98
C ASP E 117 4.95 29.48 93.74
N ILE E 118 3.84 30.20 93.84
CA ILE E 118 3.76 31.41 94.65
C ILE E 118 3.12 31.03 95.98
N LYS E 119 3.88 31.14 97.05
CA LYS E 119 3.32 30.94 98.38
C LYS E 119 2.40 32.11 98.71
N PRO E 120 1.31 31.86 99.48
CA PRO E 120 0.36 32.94 99.78
C PRO E 120 0.94 34.08 100.61
N GLU E 121 1.44 33.75 101.79
CA GLU E 121 2.08 34.67 102.72
C GLU E 121 2.88 33.81 103.71
N GLN E 122 3.33 34.43 104.78
CA GLN E 122 3.89 33.67 105.90
C GLN E 122 3.54 34.37 107.19
N VAL E 123 3.06 33.60 108.16
CA VAL E 123 2.86 34.14 109.50
C VAL E 123 4.21 34.24 110.19
N LYS E 124 4.39 35.30 110.96
CA LYS E 124 5.62 35.55 111.68
C LYS E 124 5.27 35.85 113.11
N LYS E 125 5.72 35.00 114.04
CA LYS E 125 5.60 35.27 115.46
C LYS E 125 7.00 35.34 116.04
N GLN E 126 7.23 36.32 116.90
CA GLN E 126 8.56 36.54 117.47
C GLN E 126 8.64 35.92 118.85
N THR E 127 9.80 35.32 119.14
CA THR E 127 10.06 34.72 120.44
C THR E 127 10.87 35.62 121.36
N LYS E 128 11.35 36.76 120.87
CA LYS E 128 12.06 37.71 121.70
C LYS E 128 11.49 39.10 121.47
N LEU E 129 11.63 39.94 122.48
CA LEU E 129 11.03 41.27 122.47
C LEU E 129 12.00 42.24 121.80
N PHE E 130 11.44 43.23 121.09
CA PHE E 130 12.26 44.16 120.31
C PHE E 130 13.00 45.12 121.23
N ARG E 131 14.34 45.06 121.19
CA ARG E 131 15.18 45.86 122.07
C ARG E 131 16.27 46.55 121.26
N ILE E 132 16.51 47.82 121.59
CA ILE E 132 17.62 48.60 121.04
C ILE E 132 18.59 49.03 122.13
N PHE E 133 18.06 49.59 123.22
CA PHE E 133 18.87 50.12 124.31
C PHE E 133 18.97 49.09 125.43
N GLU E 134 20.05 49.17 126.19
CA GLU E 134 20.29 48.31 127.34
C GLU E 134 20.93 49.15 128.43
N PRO E 135 20.82 48.74 129.69
CA PRO E 135 21.54 49.46 130.75
C PRO E 135 22.92 48.89 131.01
N ARG E 136 23.85 49.77 131.35
CA ARG E 136 25.21 49.39 131.69
C ARG E 136 25.63 50.15 132.94
N GLN E 137 26.54 49.58 133.71
CA GLN E 137 27.06 50.24 134.90
C GLN E 137 28.34 50.97 134.54
N LEU E 138 28.26 52.29 134.49
CA LEU E 138 29.38 53.16 134.15
C LEU E 138 29.93 53.82 135.41
N PRO E 139 31.23 54.06 135.46
CA PRO E 139 31.78 54.79 136.60
C PRO E 139 31.49 56.27 136.50
N VAL E 140 31.37 56.92 137.65
CA VAL E 140 31.12 58.35 137.70
C VAL E 140 32.25 59.03 138.48
N TYR E 141 32.50 60.29 138.14
CA TYR E 141 33.53 61.10 138.77
C TYR E 141 32.87 62.32 139.38
N ARG E 142 33.28 62.68 140.58
CA ARG E 142 32.66 63.79 141.29
C ARG E 142 33.26 65.11 140.81
N ALA E 143 32.99 66.18 141.55
CA ALA E 143 33.55 67.49 141.22
C ALA E 143 35.05 67.48 141.41
N ASN E 144 35.74 68.24 140.55
CA ASN E 144 37.20 68.32 140.45
C ASN E 144 37.85 66.98 140.15
N GLY E 145 37.12 66.11 139.45
CA GLY E 145 37.70 64.93 138.80
C GLY E 145 38.27 63.84 139.67
N GLU E 146 37.55 63.41 140.71
CA GLU E 146 37.96 62.27 141.53
C GLU E 146 36.97 61.14 141.34
N LYS E 147 37.50 59.92 141.20
CA LYS E 147 36.66 58.76 140.95
C LYS E 147 35.92 58.35 142.22
N GLU E 148 34.59 58.28 142.14
CA GLU E 148 33.77 57.97 143.30
C GLU E 148 33.58 56.46 143.38
N LEU E 149 33.38 55.95 144.60
CA LEU E 149 33.18 54.53 144.85
C LEU E 149 31.89 54.00 144.22
N ARG E 150 30.96 54.88 143.86
CA ARG E 150 29.62 54.49 143.43
C ARG E 150 29.54 54.37 141.91
N ASN E 151 28.82 53.35 141.45
CA ASN E 151 28.54 53.15 140.04
C ASN E 151 27.07 53.40 139.77
N ARG E 152 26.78 54.11 138.68
CA ARG E 152 25.40 54.42 138.29
C ARG E 152 25.12 53.89 136.89
N TRP E 153 23.83 53.71 136.61
CA TRP E 153 23.40 53.09 135.36
C TRP E 153 23.11 54.13 134.29
N TYR E 154 23.23 53.72 133.03
CA TYR E 154 22.94 54.57 131.88
C TYR E 154 22.42 53.71 130.75
N TRP E 155 21.46 54.25 129.98
CA TRP E 155 20.84 53.53 128.87
C TRP E 155 21.71 53.64 127.63
N LYS E 156 22.80 52.87 127.62
CA LYS E 156 23.71 52.88 126.48
C LYS E 156 23.34 51.76 125.52
N LEU E 157 23.18 52.10 124.25
CA LEU E 157 22.61 51.17 123.29
C LEU E 157 23.62 50.11 122.89
N LYS E 158 23.11 48.93 122.56
CA LYS E 158 23.94 47.85 122.07
C LYS E 158 23.96 47.85 120.54
N ARG E 159 25.05 47.32 119.98
CA ARG E 159 25.36 47.35 118.55
C ARG E 159 25.35 48.77 118.01
N ASP E 160 26.25 49.59 118.54
CA ASP E 160 26.40 50.98 118.09
C ASP E 160 27.32 51.03 116.87
N THR E 161 26.82 50.46 115.78
CA THR E 161 27.54 50.48 114.50
C THR E 161 27.11 51.64 113.61
N LEU E 162 27.12 52.84 114.17
CA LEU E 162 26.75 54.01 113.38
C LEU E 162 27.96 54.50 112.60
N PRO E 163 27.82 54.76 111.31
CA PRO E 163 28.99 55.12 110.49
C PRO E 163 29.44 56.56 110.69
N ASP E 164 30.39 56.98 109.86
CA ASP E 164 30.87 58.35 109.85
C ASP E 164 30.30 59.10 108.66
N GLY E 165 29.94 60.36 108.87
CA GLY E 165 29.41 61.19 107.81
C GLY E 165 27.92 61.35 107.96
N ASP E 166 27.39 62.54 107.65
CA ASP E 166 25.97 62.79 107.86
C ASP E 166 25.10 62.10 106.82
N TYR E 167 25.65 61.76 105.66
CA TYR E 167 24.86 61.03 104.68
C TYR E 167 24.81 59.54 105.01
N ASP E 168 25.86 59.01 105.64
CA ASP E 168 25.84 57.60 106.01
C ASP E 168 24.96 57.31 107.20
N VAL E 169 24.74 58.30 108.07
CA VAL E 169 23.80 58.11 109.18
C VAL E 169 22.37 58.08 108.66
N ARG E 170 22.06 58.93 107.69
CA ARG E 170 20.73 58.93 107.09
C ARG E 170 20.49 57.72 106.19
N GLU E 171 21.55 57.01 105.80
CA GLU E 171 21.39 55.77 105.05
C GLU E 171 21.31 54.57 105.98
N TYR E 172 21.85 54.68 107.20
CA TYR E 172 21.74 53.60 108.17
C TYR E 172 20.31 53.40 108.65
N PHE E 173 19.52 54.48 108.73
CA PHE E 173 18.15 54.35 109.17
C PHE E 173 17.20 53.90 108.06
N LEU E 174 17.67 53.86 106.81
CA LEU E 174 16.91 53.17 105.78
C LEU E 174 17.16 51.67 105.83
N ASN E 175 18.35 51.26 106.28
CA ASN E 175 18.61 49.85 106.50
C ASN E 175 18.11 49.36 107.85
N LEU E 176 17.68 50.27 108.72
CA LEU E 176 16.93 49.88 109.92
C LEU E 176 15.45 49.75 109.62
N TYR E 177 14.92 50.63 108.79
CA TYR E 177 13.50 50.59 108.44
C TYR E 177 13.18 49.41 107.53
N ASP E 178 14.10 49.02 106.66
CA ASP E 178 13.91 47.82 105.86
C ASP E 178 14.09 46.55 106.67
N GLN E 179 14.74 46.64 107.83
CA GLN E 179 14.91 45.49 108.70
C GLN E 179 13.67 45.23 109.54
N VAL E 180 13.02 46.29 110.04
CA VAL E 180 11.84 46.12 110.88
C VAL E 180 10.65 45.64 110.07
N LEU E 181 10.54 46.10 108.81
CA LEU E 181 9.44 45.70 107.94
C LEU E 181 9.47 44.24 107.53
N THR E 182 10.60 43.56 107.73
CA THR E 182 10.67 42.11 107.56
C THR E 182 10.64 41.37 108.88
N GLU E 183 11.03 42.02 109.97
CA GLU E 183 10.98 41.45 111.30
C GLU E 183 9.62 41.65 111.97
N MET E 184 8.76 42.50 111.42
CA MET E 184 7.48 42.86 112.01
C MET E 184 6.55 41.66 112.11
N PRO E 185 6.17 41.25 113.32
CA PRO E 185 5.32 40.05 113.46
C PRO E 185 3.87 40.34 113.14
N ASP E 186 3.20 39.35 112.54
CA ASP E 186 1.78 39.49 112.25
C ASP E 186 0.95 39.28 113.49
N TYR E 187 1.04 38.11 114.11
CA TYR E 187 0.39 37.86 115.39
C TYR E 187 1.45 37.63 116.46
N LEU E 188 1.00 37.58 117.71
CA LEU E 188 1.94 37.58 118.83
C LEU E 188 1.25 37.00 120.05
N LEU E 189 1.78 35.88 120.55
CA LEU E 189 1.36 35.29 121.81
C LEU E 189 2.40 35.61 122.86
N LEU E 190 1.94 35.98 124.06
CA LEU E 190 2.83 36.37 125.13
C LEU E 190 2.98 35.31 126.21
N LYS E 191 2.34 34.15 126.05
CA LYS E 191 2.42 33.12 127.07
C LYS E 191 3.75 32.40 127.05
N ASP E 192 4.25 32.06 125.86
CA ASP E 192 5.49 31.29 125.75
C ASP E 192 6.70 32.13 126.12
N MET E 193 6.65 33.42 125.86
CA MET E 193 7.75 34.34 126.18
C MET E 193 7.54 34.82 127.62
N ALA E 194 7.94 33.97 128.56
CA ALA E 194 7.76 34.25 129.98
C ALA E 194 8.74 33.42 130.77
N VAL E 195 9.55 34.05 131.60
CA VAL E 195 10.51 33.37 132.46
C VAL E 195 10.16 33.68 133.90
N GLU E 196 10.77 32.94 134.81
CA GLU E 196 10.44 33.06 136.22
C GLU E 196 11.19 34.22 136.86
N ASN E 197 10.46 35.07 137.59
CA ASN E 197 11.06 36.14 138.38
C ASN E 197 11.56 35.50 139.68
N LYS E 198 12.85 35.19 139.73
CA LYS E 198 13.38 34.30 140.75
C LYS E 198 13.59 34.98 142.11
N ASN E 199 13.20 36.24 142.28
CA ASN E 199 13.32 36.89 143.57
C ASN E 199 11.97 37.13 144.25
N SER E 200 10.86 36.84 143.58
CA SER E 200 9.54 37.21 144.06
C SER E 200 9.01 36.19 145.06
N ARG E 201 8.28 36.67 146.06
CA ARG E 201 7.63 35.78 147.03
C ARG E 201 6.47 35.05 146.36
N ASP E 202 5.48 35.81 145.89
CA ASP E 202 4.40 35.24 145.08
C ASP E 202 4.96 34.83 143.73
N ALA E 203 4.48 33.70 143.21
CA ALA E 203 5.05 33.08 142.02
C ALA E 203 4.72 33.93 140.80
N GLY E 204 5.67 34.77 140.40
CA GLY E 204 5.45 35.75 139.35
C GLY E 204 6.40 35.56 138.19
N LYS E 205 5.97 35.96 137.00
CA LYS E 205 6.73 35.76 135.77
C LYS E 205 6.82 37.07 135.02
N VAL E 206 8.04 37.54 134.78
CA VAL E 206 8.30 38.70 133.95
C VAL E 206 8.29 38.27 132.49
N VAL E 207 8.29 39.22 131.56
CA VAL E 207 8.09 38.89 130.15
C VAL E 207 9.32 38.24 129.53
N ASP E 208 10.42 38.98 129.43
CA ASP E 208 11.53 38.52 128.63
C ASP E 208 12.62 37.91 129.48
N SER E 209 13.54 37.22 128.83
CA SER E 209 14.71 36.68 129.51
C SER E 209 15.65 37.78 129.98
N GLU E 210 15.76 38.86 129.21
CA GLU E 210 16.63 39.96 129.61
C GLU E 210 15.97 40.87 130.63
N THR E 211 14.64 40.84 130.74
CA THR E 211 13.96 41.55 131.80
C THR E 211 14.29 40.94 133.16
N ALA E 212 14.40 39.61 133.22
CA ALA E 212 14.68 38.93 134.49
C ALA E 212 16.10 39.14 134.97
N ALA E 213 17.02 39.54 134.09
CA ALA E 213 18.39 39.83 134.50
C ALA E 213 18.56 41.29 134.90
N ILE E 214 17.78 42.20 134.31
CA ILE E 214 17.86 43.61 134.70
C ILE E 214 17.25 43.82 136.07
N CYS E 215 16.14 43.13 136.36
CA CYS E 215 15.52 43.24 137.68
C CYS E 215 16.36 42.56 138.75
N ASP E 216 17.14 41.55 138.38
CA ASP E 216 18.01 40.89 139.35
C ASP E 216 19.22 41.74 139.71
N ALA E 217 19.69 42.56 138.77
CA ALA E 217 20.82 43.44 139.07
C ALA E 217 20.41 44.56 140.00
N ILE E 218 19.16 45.02 139.88
CA ILE E 218 18.65 46.04 140.79
C ILE E 218 18.44 45.47 142.19
N PHE E 219 17.91 44.25 142.27
CA PHE E 219 17.51 43.65 143.55
C PHE E 219 18.72 43.37 144.43
N GLN E 220 19.80 42.86 143.85
CA GLN E 220 21.00 42.53 144.62
C GLN E 220 21.84 43.76 144.96
N ASP E 221 21.71 44.84 144.18
CA ASP E 221 22.49 46.03 144.42
C ASP E 221 22.07 46.73 145.71
N GLU E 222 23.06 47.24 146.45
CA GLU E 222 22.80 47.95 147.69
C GLU E 222 22.49 49.43 147.48
N GLU E 223 22.70 49.96 146.27
CA GLU E 223 22.48 51.37 146.01
C GLU E 223 21.00 51.73 145.98
N THR E 224 20.16 50.82 145.47
CA THR E 224 18.78 51.13 145.13
C THR E 224 17.92 51.39 146.36
N GLU E 225 16.81 52.09 146.13
CA GLU E 225 15.95 52.56 147.20
C GLU E 225 15.15 51.42 147.80
N GLY E 226 14.63 51.67 149.01
CA GLY E 226 13.88 50.65 149.72
C GLY E 226 12.53 50.33 149.11
N VAL E 227 11.93 51.32 148.43
CA VAL E 227 10.62 51.10 147.81
C VAL E 227 10.74 50.21 146.59
N VAL E 228 11.85 50.34 145.84
CA VAL E 228 12.01 49.57 144.62
C VAL E 228 12.42 48.13 144.92
N ARG E 229 13.15 47.90 146.03
CA ARG E 229 13.46 46.54 146.45
C ARG E 229 12.21 45.77 146.83
N ARG E 230 11.20 46.46 147.37
CA ARG E 230 9.93 45.81 147.69
C ARG E 230 9.19 45.40 146.44
N PHE E 231 9.22 46.24 145.41
CA PHE E 231 8.27 46.10 144.31
C PHE E 231 8.63 44.97 143.37
N ILE E 232 9.91 44.73 143.12
CA ILE E 232 10.31 43.64 142.21
C ILE E 232 10.19 42.28 142.86
N ALA E 233 9.78 42.19 144.12
CA ALA E 233 9.38 40.94 144.74
C ALA E 233 7.87 40.79 144.83
N GLU E 234 7.12 41.89 144.74
CA GLU E 234 5.67 41.86 144.88
C GLU E 234 4.92 42.01 143.57
N MET E 235 5.62 42.20 142.45
CA MET E 235 4.94 42.32 141.18
C MET E 235 4.39 40.98 140.71
N ARG E 236 3.30 41.04 139.97
CA ARG E 236 2.49 39.86 139.70
C ARG E 236 1.84 39.99 138.34
N GLN E 237 1.62 38.86 137.67
CA GLN E 237 0.89 38.83 136.43
C GLN E 237 -0.58 38.52 136.69
N ARG E 238 -1.39 38.53 135.63
CA ARG E 238 -2.79 38.12 135.75
C ARG E 238 -3.15 37.33 134.51
N VAL E 239 -3.55 36.08 134.69
CA VAL E 239 -3.96 35.19 133.61
C VAL E 239 -5.42 34.83 133.83
N GLN E 240 -6.27 35.18 132.87
CA GLN E 240 -7.69 34.85 132.90
C GLN E 240 -7.99 33.98 131.69
N ALA E 241 -8.22 32.69 131.92
CA ALA E 241 -8.46 31.78 130.81
C ALA E 241 -9.85 31.98 130.22
N ASP E 242 -10.81 32.43 131.02
CA ASP E 242 -12.15 32.68 130.51
C ASP E 242 -12.28 34.00 129.78
N ARG E 243 -11.37 34.94 130.02
CA ARG E 243 -11.33 36.20 129.27
C ARG E 243 -10.37 36.16 128.09
N ASN E 244 -9.48 35.16 128.04
CA ASN E 244 -8.47 34.98 127.00
C ASN E 244 -7.52 36.17 126.92
N VAL E 245 -7.22 36.79 128.07
CA VAL E 245 -6.35 37.96 128.16
C VAL E 245 -5.35 37.73 129.29
N VAL E 246 -4.06 37.86 128.98
CA VAL E 246 -2.99 37.81 129.97
C VAL E 246 -2.20 39.10 129.93
N ASN E 247 -1.44 39.35 130.99
CA ASN E 247 -0.50 40.47 131.01
C ASN E 247 0.62 40.20 132.00
N TYR E 248 1.85 40.55 131.61
CA TYR E 248 3.06 40.27 132.36
C TYR E 248 3.91 41.54 132.46
N PRO E 249 4.59 41.77 133.58
CA PRO E 249 5.39 42.99 133.72
C PRO E 249 6.73 42.91 133.01
N SER E 250 7.18 44.05 132.51
CA SER E 250 8.43 44.11 131.75
C SER E 250 9.21 45.36 132.13
N ILE E 251 10.45 45.43 131.61
CA ILE E 251 11.33 46.58 131.73
C ILE E 251 11.75 46.97 130.32
N LEU E 252 11.43 48.20 129.92
CA LEU E 252 11.70 48.61 128.56
C LEU E 252 12.08 50.08 128.52
N HIS E 253 12.79 50.46 127.46
CA HIS E 253 13.10 51.85 127.16
C HIS E 253 11.87 52.52 126.55
N PRO E 254 11.71 53.84 126.75
CA PRO E 254 10.59 54.55 126.10
C PRO E 254 10.65 54.61 124.57
N ILE E 255 11.79 54.26 123.95
CA ILE E 255 11.80 54.02 122.50
C ILE E 255 11.44 52.58 122.19
N ASP E 256 11.89 51.63 123.02
CA ASP E 256 11.52 50.24 122.84
C ASP E 256 10.06 49.97 123.21
N HIS E 257 9.48 50.78 124.08
CA HIS E 257 8.07 50.58 124.42
C HIS E 257 7.17 51.04 123.28
N ALA E 258 7.58 52.07 122.55
CA ALA E 258 6.79 52.51 121.40
C ALA E 258 6.90 51.52 120.25
N PHE E 259 8.05 50.86 120.11
CA PHE E 259 8.20 49.86 119.06
C PHE E 259 7.48 48.56 119.40
N ASN E 260 7.38 48.22 120.67
CA ASN E 260 6.77 46.96 121.08
C ASN E 260 5.27 47.07 121.25
N GLU E 261 4.74 48.27 121.51
CA GLU E 261 3.29 48.41 121.59
C GLU E 261 2.65 48.35 120.21
N TYR E 262 3.37 48.78 119.17
CA TYR E 262 2.78 48.79 117.84
C TYR E 262 2.69 47.40 117.25
N PHE E 263 3.58 46.49 117.64
CA PHE E 263 3.45 45.10 117.20
C PHE E 263 2.37 44.37 117.98
N LEU E 264 1.92 44.94 119.09
CA LEU E 264 1.02 44.29 120.04
C LEU E 264 -0.37 44.91 120.09
N GLN E 265 -0.50 46.22 119.88
CA GLN E 265 -1.82 46.84 119.81
C GLN E 265 -2.46 46.63 118.45
N HIS E 266 -1.67 46.61 117.39
CA HIS E 266 -2.19 46.51 116.03
C HIS E 266 -1.86 45.12 115.50
N GLN E 267 -2.72 44.16 115.83
CA GLN E 267 -2.57 42.82 115.30
C GLN E 267 -3.05 42.77 113.86
N LEU E 268 -2.73 41.67 113.18
CA LEU E 268 -3.19 41.47 111.82
C LEU E 268 -4.23 40.38 111.69
N VAL E 269 -4.49 39.62 112.75
CA VAL E 269 -5.38 38.47 112.69
C VAL E 269 -6.81 38.91 113.00
N GLU E 270 -7.75 38.30 112.29
CA GLU E 270 -9.19 38.50 112.44
C GLU E 270 -9.85 37.19 112.83
N PRO E 271 -10.94 37.21 113.58
CA PRO E 271 -11.61 35.96 113.98
C PRO E 271 -12.26 35.27 112.80
N LEU E 272 -12.49 33.96 112.96
CA LEU E 272 -12.99 33.11 111.90
C LEU E 272 -14.19 32.33 112.41
N ASN E 273 -15.24 32.27 111.58
CA ASN E 273 -16.45 31.53 111.90
C ASN E 273 -16.76 30.55 110.79
N ASN E 274 -17.96 29.96 110.82
CA ASN E 274 -18.43 29.16 109.69
C ASN E 274 -19.04 30.03 108.60
N ASP E 275 -19.28 31.31 108.86
CA ASP E 275 -19.87 32.20 107.87
C ASP E 275 -18.84 32.84 106.96
N ILE E 276 -17.62 33.09 107.46
CA ILE E 276 -16.60 33.71 106.63
C ILE E 276 -16.02 32.70 105.64
N ILE E 277 -16.06 31.42 105.98
CA ILE E 277 -15.69 30.39 105.01
C ILE E 277 -16.77 30.23 103.95
N PHE E 278 -18.03 30.43 104.34
CA PHE E 278 -19.12 30.30 103.38
C PHE E 278 -19.19 31.50 102.44
N ASN E 279 -18.81 32.68 102.91
CA ASN E 279 -18.77 33.86 102.05
C ASN E 279 -17.50 33.95 101.21
N TYR E 280 -16.51 33.08 101.47
CA TYR E 280 -15.29 33.09 100.69
C TYR E 280 -15.47 32.46 99.31
N ILE E 281 -16.39 31.51 99.20
CA ILE E 281 -16.74 30.92 97.90
C ILE E 281 -17.43 31.98 97.05
N PRO E 282 -17.15 32.07 95.76
CA PRO E 282 -17.83 33.07 94.92
C PRO E 282 -19.31 32.76 94.76
N GLU E 283 -20.08 33.81 94.49
CA GLU E 283 -21.54 33.72 94.57
C GLU E 283 -22.12 32.97 93.39
N ARG E 284 -21.46 32.98 92.23
CA ARG E 284 -21.95 32.26 91.07
C ARG E 284 -21.75 30.75 91.18
N ILE E 285 -20.95 30.29 92.12
CA ILE E 285 -20.78 28.87 92.37
C ILE E 285 -21.53 28.43 93.64
N ARG E 286 -21.67 29.31 94.62
CA ARG E 286 -22.46 28.99 95.81
C ARG E 286 -23.95 28.90 95.48
N ASN E 287 -24.44 29.73 94.56
CA ASN E 287 -25.83 29.71 94.12
C ASN E 287 -26.03 28.86 92.87
N ASP E 288 -25.19 27.85 92.66
CA ASP E 288 -25.31 26.93 91.54
C ASP E 288 -26.05 25.67 91.98
N VAL E 289 -26.56 24.94 90.99
CA VAL E 289 -27.32 23.73 91.24
C VAL E 289 -26.43 22.48 91.12
N ASN E 290 -25.47 22.50 90.20
CA ASN E 290 -24.60 21.35 89.99
C ASN E 290 -23.68 21.10 91.18
N TYR E 291 -22.87 22.10 91.54
CA TYR E 291 -21.94 21.93 92.64
C TYR E 291 -22.68 22.07 93.97
N ILE E 292 -22.68 21.01 94.76
CA ILE E 292 -23.29 21.00 96.09
C ILE E 292 -22.18 21.13 97.12
N LEU E 293 -22.34 22.09 98.03
CA LEU E 293 -21.29 22.46 98.97
C LEU E 293 -21.81 22.24 100.39
N ASN E 294 -21.15 21.35 101.13
CA ASN E 294 -21.48 21.10 102.52
C ASN E 294 -20.24 21.29 103.38
N MET E 295 -20.44 21.76 104.60
CA MET E 295 -19.35 22.02 105.54
C MET E 295 -19.43 21.01 106.68
N ASP E 296 -18.39 20.19 106.81
CA ASP E 296 -18.38 19.11 107.79
C ASP E 296 -17.51 19.38 109.00
N ARG E 297 -16.61 20.34 108.94
CA ARG E 297 -15.66 20.56 110.01
C ARG E 297 -16.12 21.68 110.93
N ASN E 298 -15.75 21.57 112.20
CA ASN E 298 -16.13 22.53 113.22
C ASN E 298 -15.00 23.51 113.48
N LEU E 299 -15.36 24.77 113.73
CA LEU E 299 -14.39 25.81 114.05
C LEU E 299 -14.53 26.20 115.51
N PRO E 300 -13.43 26.24 116.26
CA PRO E 300 -13.52 26.66 117.66
C PRO E 300 -13.81 28.13 117.83
N SER E 301 -13.99 28.58 119.07
CA SER E 301 -14.24 29.99 119.33
C SER E 301 -12.98 30.84 119.21
N THR E 302 -11.80 30.22 119.28
CA THR E 302 -10.54 30.94 119.25
C THR E 302 -9.72 30.57 118.02
N ALA E 303 -10.36 30.53 116.86
CA ALA E 303 -9.67 30.24 115.60
C ALA E 303 -9.62 31.51 114.77
N ARG E 304 -8.42 31.93 114.39
CA ARG E 304 -8.20 33.18 113.68
C ARG E 304 -7.66 32.92 112.28
N TYR E 305 -7.63 33.97 111.47
CA TYR E 305 -7.09 33.91 110.13
C TYR E 305 -6.66 35.30 109.71
N ILE E 306 -6.03 35.39 108.54
CA ILE E 306 -5.49 36.64 108.03
C ILE E 306 -6.12 36.89 106.66
N ARG E 307 -6.79 38.03 106.52
CA ARG E 307 -7.51 38.37 105.30
C ARG E 307 -6.51 38.78 104.21
N PRO E 308 -6.67 38.29 102.99
CA PRO E 308 -5.75 38.67 101.91
C PRO E 308 -6.13 40.01 101.30
N ASN E 309 -5.10 40.79 100.95
CA ASN E 309 -5.28 42.16 100.46
C ASN E 309 -5.73 42.13 99.01
N LEU E 310 -7.04 42.11 98.81
CA LEU E 310 -7.66 42.06 97.48
C LEU E 310 -8.32 43.41 97.18
N LEU E 311 -7.56 44.31 96.56
CA LEU E 311 -8.14 45.50 95.96
C LEU E 311 -7.50 45.66 94.59
N GLN E 312 -8.17 46.42 93.72
CA GLN E 312 -7.85 46.45 92.30
C GLN E 312 -6.53 47.17 92.06
N ASP E 313 -6.04 47.07 90.82
CA ASP E 313 -4.69 47.49 90.46
C ASP E 313 -4.57 49.01 90.55
N ARG E 314 -3.79 49.48 91.52
CA ARG E 314 -3.58 50.92 91.67
C ARG E 314 -2.69 51.46 90.57
N LEU E 315 -1.77 50.66 90.05
CA LEU E 315 -1.07 51.00 88.81
C LEU E 315 -1.93 50.56 87.65
N ASN E 316 -2.42 51.51 86.87
CA ASN E 316 -3.22 51.19 85.69
C ASN E 316 -2.26 50.67 84.63
N LEU E 317 -2.01 49.37 84.65
CA LEU E 317 -1.07 48.76 83.72
C LEU E 317 -1.68 48.46 82.36
N HIS E 318 -2.97 48.71 82.16
CA HIS E 318 -3.62 48.31 80.93
C HIS E 318 -3.75 49.43 79.91
N ASP E 319 -3.58 50.69 80.30
CA ASP E 319 -3.83 51.75 79.33
C ASP E 319 -2.59 52.08 78.49
N ASN E 320 -1.46 52.33 79.14
CA ASN E 320 -0.29 52.83 78.43
C ASN E 320 0.92 51.93 78.50
N PHE E 321 0.97 50.98 79.43
CA PHE E 321 2.02 49.97 79.44
C PHE E 321 1.66 48.92 78.40
N GLU E 322 2.17 49.10 77.19
CA GLU E 322 1.77 48.24 76.09
C GLU E 322 2.52 46.92 76.09
N SER E 323 3.78 46.93 76.50
CA SER E 323 4.58 45.71 76.55
C SER E 323 4.55 45.03 77.90
N LEU E 324 4.26 45.78 78.97
CA LEU E 324 4.21 45.21 80.30
C LEU E 324 2.88 44.51 80.58
N TRP E 325 1.84 44.82 79.79
CA TRP E 325 0.56 44.14 79.90
C TRP E 325 0.49 42.91 79.01
N ASP E 326 1.35 42.82 77.99
CA ASP E 326 1.38 41.63 77.15
C ASP E 326 1.90 40.40 77.88
N THR E 327 2.68 40.60 78.95
CA THR E 327 3.10 39.45 79.75
C THR E 327 2.00 39.01 80.71
N ILE E 328 1.30 39.96 81.33
CA ILE E 328 0.21 39.64 82.26
C ILE E 328 -0.96 39.01 81.51
N THR E 329 -1.13 39.36 80.24
CA THR E 329 -2.11 38.69 79.41
C THR E 329 -1.68 37.27 79.07
N THR E 330 -0.40 37.09 78.68
CA THR E 330 0.09 35.76 78.29
C THR E 330 0.22 34.84 79.50
N SER E 331 0.60 35.38 80.65
CA SER E 331 0.73 34.57 81.86
C SER E 331 -0.59 34.03 82.35
N ASN E 332 -1.68 34.76 82.14
CA ASN E 332 -2.98 34.26 82.55
C ASN E 332 -3.59 33.30 81.53
N TYR E 333 -3.18 33.40 80.27
CA TYR E 333 -3.71 32.51 79.23
C TYR E 333 -3.13 31.11 79.34
N ILE E 334 -1.88 30.98 79.77
CA ILE E 334 -1.27 29.66 79.93
C ILE E 334 -1.84 28.96 81.14
N LEU E 335 -2.16 29.70 82.20
CA LEU E 335 -2.76 29.09 83.39
C LEU E 335 -4.19 28.66 83.12
N ALA E 336 -4.96 29.45 82.38
CA ALA E 336 -6.35 29.12 82.10
C ALA E 336 -6.49 28.01 81.07
N ARG E 337 -5.42 27.65 80.36
CA ARG E 337 -5.44 26.51 79.46
C ARG E 337 -5.24 25.20 80.19
N SER E 338 -4.85 25.22 81.46
CA SER E 338 -4.64 24.00 82.21
C SER E 338 -5.80 23.65 83.12
N VAL E 339 -6.81 24.51 83.21
CA VAL E 339 -7.93 24.30 84.11
C VAL E 339 -9.20 23.92 83.35
N VAL E 340 -9.37 24.46 82.14
CA VAL E 340 -10.56 24.15 81.33
C VAL E 340 -10.53 22.69 80.91
N PRO E 341 -11.61 21.93 81.11
CA PRO E 341 -11.55 20.49 80.88
C PRO E 341 -11.61 20.13 79.41
N ASP E 342 -11.04 18.98 79.09
CA ASP E 342 -11.01 18.48 77.73
C ASP E 342 -12.21 17.58 77.45
N LEU E 343 -12.63 17.56 76.19
CA LEU E 343 -13.84 16.85 75.80
C LEU E 343 -13.65 15.34 75.87
N LYS E 344 -14.77 14.64 75.92
CA LYS E 344 -14.76 13.18 75.94
C LYS E 344 -15.92 12.65 75.12
N GLU E 345 -15.74 11.41 74.65
CA GLU E 345 -16.71 10.67 73.84
C GLU E 345 -17.08 11.43 72.56
N LEU E 346 -16.07 11.64 71.72
CA LEU E 346 -16.31 12.26 70.43
C LEU E 346 -16.72 11.20 69.41
N VAL E 347 -17.31 11.66 68.30
CA VAL E 347 -17.56 10.75 67.19
C VAL E 347 -16.22 10.41 66.55
N SER E 348 -16.06 9.16 66.14
CA SER E 348 -14.77 8.67 65.68
C SER E 348 -14.35 9.32 64.37
N THR E 349 -13.04 9.45 64.18
CA THR E 349 -12.51 10.25 63.09
C THR E 349 -12.63 9.55 61.75
N GLU E 350 -12.34 8.25 61.70
CA GLU E 350 -12.42 7.53 60.43
C GLU E 350 -13.84 7.27 59.96
N ALA E 351 -14.84 7.49 60.81
CA ALA E 351 -16.23 7.39 60.41
C ALA E 351 -16.86 8.73 60.07
N GLN E 352 -16.20 9.83 60.44
CA GLN E 352 -16.66 11.17 60.09
C GLN E 352 -15.99 11.69 58.83
N ILE E 353 -14.68 11.45 58.67
CA ILE E 353 -13.97 11.88 57.48
C ILE E 353 -14.46 11.12 56.25
N GLN E 354 -14.74 9.83 56.41
CA GLN E 354 -15.17 9.01 55.28
C GLN E 354 -16.59 9.34 54.84
N LYS E 355 -17.37 10.02 55.67
CA LYS E 355 -18.60 10.65 55.21
C LYS E 355 -18.35 12.06 54.68
N MET E 356 -17.38 12.76 55.27
CA MET E 356 -17.05 14.13 54.88
C MET E 356 -16.42 14.19 53.50
N SER E 357 -15.85 13.11 53.00
CA SER E 357 -15.20 13.10 51.71
C SER E 357 -16.03 12.46 50.62
N GLN E 358 -17.22 11.95 50.94
CA GLN E 358 -18.14 11.51 49.92
C GLN E 358 -19.05 12.63 49.45
N ASP E 359 -19.37 13.58 50.33
CA ASP E 359 -20.24 14.68 49.93
C ASP E 359 -19.47 15.75 49.17
N LEU E 360 -18.21 15.96 49.50
CA LEU E 360 -17.44 17.01 48.83
C LEU E 360 -17.00 16.59 47.44
N GLN E 361 -16.71 15.30 47.23
CA GLN E 361 -16.33 14.71 45.92
C GLN E 361 -15.09 15.40 45.34
N LEU E 362 -13.98 15.31 46.07
CA LEU E 362 -12.79 16.07 45.71
C LEU E 362 -11.97 15.43 44.60
N GLU E 363 -12.07 14.11 44.41
CA GLU E 363 -11.32 13.47 43.35
C GLU E 363 -11.92 13.75 41.97
N ALA E 364 -13.17 14.19 41.91
CA ALA E 364 -13.82 14.51 40.65
C ALA E 364 -13.55 15.94 40.18
N LEU E 365 -13.18 16.83 41.09
CA LEU E 365 -12.94 18.22 40.73
C LEU E 365 -11.58 18.38 40.07
N THR E 366 -11.43 19.47 39.32
CA THR E 366 -10.15 19.88 38.78
C THR E 366 -9.52 20.89 39.73
N ILE E 367 -9.11 20.39 40.88
CA ILE E 367 -8.63 21.22 41.98
C ILE E 367 -7.15 20.91 42.21
N GLN E 368 -6.45 21.89 42.77
CA GLN E 368 -5.00 21.74 42.96
C GLN E 368 -4.68 21.05 44.29
N SER E 369 -5.51 21.25 45.30
CA SER E 369 -5.31 20.64 46.62
C SER E 369 -6.44 19.64 46.84
N GLU E 370 -6.09 18.35 46.78
CA GLU E 370 -7.08 17.28 46.97
C GLU E 370 -7.03 16.73 48.40
N THR E 371 -5.86 16.27 48.84
CA THR E 371 -5.67 15.72 50.17
C THR E 371 -5.30 16.79 51.20
N GLN E 372 -5.50 18.06 50.88
CA GLN E 372 -5.28 19.16 51.81
C GLN E 372 -6.56 19.73 52.38
N PHE E 373 -7.73 19.22 51.97
CA PHE E 373 -8.97 19.67 52.59
C PHE E 373 -9.17 19.04 53.95
N LEU E 374 -8.79 17.78 54.11
CA LEU E 374 -9.04 17.00 55.32
C LEU E 374 -7.73 16.67 56.02
N THR E 375 -6.85 17.66 56.15
CA THR E 375 -5.53 17.46 56.70
C THR E 375 -5.45 17.73 58.20
N GLY E 376 -6.42 18.41 58.78
CA GLY E 376 -6.33 18.78 60.18
C GLY E 376 -7.49 18.29 61.02
N ILE E 377 -8.43 17.59 60.40
CA ILE E 377 -9.55 17.02 61.15
C ILE E 377 -9.03 15.85 61.97
N ASN E 378 -9.12 15.97 63.29
CA ASN E 378 -8.49 15.03 64.20
C ASN E 378 -9.27 14.99 65.51
N SER E 379 -9.07 13.94 66.27
CA SER E 379 -9.66 13.84 67.59
C SER E 379 -8.87 14.63 68.63
N GLN E 380 -7.68 15.10 68.28
CA GLN E 380 -6.80 15.84 69.19
C GLN E 380 -6.86 17.34 68.94
N ALA E 381 -7.05 17.78 67.70
CA ALA E 381 -7.18 19.19 67.42
C ALA E 381 -8.47 19.78 67.95
N ALA E 382 -9.51 18.96 68.17
CA ALA E 382 -10.71 19.44 68.81
C ALA E 382 -10.47 19.76 70.28
N ASN E 383 -9.57 19.02 70.93
CA ASN E 383 -9.20 19.35 72.30
C ASN E 383 -8.31 20.58 72.36
N ASP E 384 -7.67 20.94 71.25
CA ASP E 384 -6.84 22.14 71.22
C ASP E 384 -7.68 23.39 70.98
N CYS E 385 -8.75 23.27 70.20
CA CYS E 385 -9.58 24.43 69.92
C CYS E 385 -10.53 24.74 71.06
N PHE E 386 -10.97 23.72 71.80
CA PHE E 386 -11.89 23.94 72.92
C PHE E 386 -11.20 24.67 74.07
N LYS E 387 -9.90 24.46 74.26
CA LYS E 387 -9.17 25.13 75.32
C LYS E 387 -8.59 26.46 74.88
N THR E 388 -8.27 26.61 73.60
CA THR E 388 -7.81 27.91 73.11
C THR E 388 -8.95 28.92 73.11
N LEU E 389 -10.15 28.47 72.74
CA LEU E 389 -11.26 29.39 72.58
C LEU E 389 -11.82 29.86 73.91
N ILE E 390 -11.59 29.11 74.98
CA ILE E 390 -12.01 29.51 76.31
C ILE E 390 -10.93 30.32 77.03
N ALA E 391 -9.68 29.88 76.96
CA ALA E 391 -8.62 30.54 77.72
C ALA E 391 -8.18 31.86 77.09
N ALA E 392 -8.45 32.07 75.80
CA ALA E 392 -8.26 33.38 75.19
C ALA E 392 -9.49 34.27 75.37
N MET E 393 -10.43 33.86 76.22
CA MET E 393 -11.59 34.65 76.56
C MET E 393 -11.70 34.93 78.05
N LEU E 394 -11.11 34.10 78.89
CA LEU E 394 -11.03 34.38 80.32
C LEU E 394 -9.92 35.38 80.62
N SER E 395 -8.74 35.13 80.08
CA SER E 395 -7.71 36.15 79.97
C SER E 395 -7.88 36.85 78.63
N GLN E 396 -8.01 38.17 78.65
CA GLN E 396 -8.42 38.92 77.46
C GLN E 396 -7.25 39.01 76.48
N ARG E 397 -7.00 37.90 75.80
CA ARG E 397 -5.90 37.77 74.86
C ARG E 397 -6.44 37.81 73.44
N THR E 398 -5.90 38.73 72.63
CA THR E 398 -6.39 38.87 71.27
C THR E 398 -5.95 37.69 70.42
N MET E 399 -6.89 37.17 69.64
CA MET E 399 -6.75 35.89 68.98
C MET E 399 -6.67 36.11 67.48
N SER E 400 -5.54 35.74 66.87
CA SER E 400 -5.42 35.85 65.43
C SER E 400 -6.07 34.65 64.75
N LEU E 401 -6.13 34.72 63.42
CA LEU E 401 -6.65 33.63 62.60
C LEU E 401 -5.58 33.16 61.62
N ASP E 402 -5.73 31.92 61.18
CA ASP E 402 -4.77 31.31 60.27
C ASP E 402 -5.48 30.25 59.46
N PHE E 403 -5.57 30.47 58.14
CA PHE E 403 -6.40 29.64 57.30
C PHE E 403 -5.92 29.75 55.86
N VAL E 404 -6.46 28.88 55.01
CA VAL E 404 -6.19 28.90 53.58
C VAL E 404 -7.51 29.19 52.86
N THR E 405 -7.50 30.23 52.03
CA THR E 405 -8.72 30.68 51.36
C THR E 405 -9.17 29.75 50.24
N THR E 406 -8.37 28.76 49.87
CA THR E 406 -8.83 27.73 48.94
C THR E 406 -9.78 26.76 49.63
N ASN E 407 -9.45 26.35 50.84
CA ASN E 407 -10.21 25.39 51.63
C ASN E 407 -11.51 26.05 52.11
N TYR E 408 -12.60 25.85 51.36
CA TYR E 408 -13.87 26.44 51.75
C TYR E 408 -14.55 25.71 52.90
N MET E 409 -14.11 24.48 53.21
CA MET E 409 -14.70 23.77 54.33
C MET E 409 -14.25 24.36 55.66
N SER E 410 -13.04 24.91 55.71
CA SER E 410 -12.61 25.68 56.86
C SER E 410 -13.12 27.10 56.84
N LEU E 411 -13.87 27.47 55.81
CA LEU E 411 -14.46 28.80 55.68
C LEU E 411 -15.94 28.82 55.99
N ILE E 412 -16.63 27.70 55.76
CA ILE E 412 -18.01 27.56 56.24
C ILE E 412 -18.02 27.37 57.75
N SER E 413 -17.06 26.60 58.28
CA SER E 413 -16.94 26.44 59.72
C SER E 413 -16.35 27.65 60.41
N GLY E 414 -15.90 28.65 59.66
CA GLY E 414 -15.60 29.94 60.23
C GLY E 414 -16.80 30.83 60.44
N MET E 415 -17.95 30.47 59.86
CA MET E 415 -19.18 31.20 60.14
C MET E 415 -19.67 30.92 61.54
N TRP E 416 -19.43 29.71 62.05
CA TRP E 416 -19.80 29.41 63.43
C TRP E 416 -18.88 30.12 64.41
N LEU E 417 -17.63 30.32 64.05
CA LEU E 417 -16.69 30.98 64.95
C LEU E 417 -17.02 32.46 65.13
N LEU E 418 -17.50 33.10 64.06
CA LEU E 418 -17.81 34.52 64.14
C LEU E 418 -19.12 34.81 64.85
N THR E 419 -20.05 33.85 64.90
CA THR E 419 -21.35 34.10 65.50
C THR E 419 -21.39 33.76 66.99
N VAL E 420 -20.33 33.17 67.54
CA VAL E 420 -20.27 32.83 68.96
C VAL E 420 -19.22 33.67 69.68
N VAL E 421 -17.99 33.65 69.20
CA VAL E 421 -16.92 34.44 69.82
C VAL E 421 -17.06 35.89 69.38
N PRO E 422 -17.04 36.84 70.31
CA PRO E 422 -17.27 38.24 69.95
C PRO E 422 -16.19 38.83 69.06
N ASN E 423 -16.56 39.93 68.39
CA ASN E 423 -15.73 40.51 67.34
C ASN E 423 -14.52 41.23 67.89
N ASP E 424 -14.61 41.79 69.09
CA ASP E 424 -13.48 42.52 69.65
C ASP E 424 -12.40 41.61 70.20
N MET E 425 -12.59 40.29 70.15
CA MET E 425 -11.53 39.38 70.53
C MET E 425 -10.44 39.32 69.48
N PHE E 426 -10.82 39.19 68.22
CA PHE E 426 -9.84 39.03 67.15
C PHE E 426 -9.18 40.36 66.78
N ILE E 427 -7.93 40.28 66.31
CA ILE E 427 -7.26 41.45 65.75
C ILE E 427 -7.95 41.85 64.47
N ARG E 428 -8.06 43.17 64.23
CA ARG E 428 -8.91 43.67 63.16
C ARG E 428 -8.36 43.34 61.78
N GLU E 429 -7.04 43.35 61.60
CA GLU E 429 -6.47 43.08 60.28
C GLU E 429 -6.59 41.62 59.89
N SER E 430 -6.87 40.72 60.83
CA SER E 430 -7.13 39.32 60.52
C SER E 430 -8.59 38.95 60.64
N LEU E 431 -9.38 39.72 61.40
CA LEU E 431 -10.82 39.54 61.38
C LEU E 431 -11.42 39.97 60.05
N VAL E 432 -10.90 41.01 59.43
CA VAL E 432 -11.41 41.47 58.15
C VAL E 432 -11.05 40.50 57.03
N ALA E 433 -9.83 39.97 57.05
CA ALA E 433 -9.35 39.10 55.97
C ALA E 433 -10.06 37.76 55.91
N CYS E 434 -10.64 37.29 57.02
CA CYS E 434 -11.48 36.11 57.00
C CYS E 434 -12.92 36.45 56.67
N GLN E 435 -13.39 37.60 57.15
CA GLN E 435 -14.77 38.02 56.95
C GLN E 435 -15.00 38.52 55.53
N LEU E 436 -13.93 38.84 54.81
CA LEU E 436 -14.02 39.20 53.40
C LEU E 436 -14.00 37.97 52.52
N ALA E 437 -13.23 36.95 52.90
CA ALA E 437 -13.18 35.71 52.11
C ALA E 437 -14.45 34.89 52.24
N ILE E 438 -15.25 35.11 53.28
CA ILE E 438 -16.56 34.47 53.34
C ILE E 438 -17.52 35.12 52.35
N ILE E 439 -17.49 36.45 52.27
CA ILE E 439 -18.35 37.18 51.35
C ILE E 439 -17.93 36.93 49.92
N ASN E 440 -16.64 37.04 49.64
CA ASN E 440 -16.19 37.11 48.26
C ASN E 440 -16.06 35.76 47.60
N THR E 441 -16.43 34.68 48.28
CA THR E 441 -16.36 33.32 47.76
C THR E 441 -17.67 32.56 47.91
N ILE E 442 -18.41 32.78 49.00
CA ILE E 442 -19.60 32.00 49.31
C ILE E 442 -20.87 32.84 49.18
N ILE E 443 -20.93 34.00 49.84
CA ILE E 443 -22.19 34.70 49.99
C ILE E 443 -22.52 35.51 48.74
N TYR E 444 -21.62 36.39 48.31
CA TYR E 444 -21.89 37.18 47.09
C TYR E 444 -21.93 36.40 45.77
N PRO E 445 -21.16 35.32 45.56
CA PRO E 445 -21.46 34.49 44.38
C PRO E 445 -22.76 33.72 44.46
N ALA E 446 -23.37 33.58 45.64
CA ALA E 446 -24.62 32.83 45.72
C ALA E 446 -25.80 33.64 45.21
N PHE E 447 -25.83 34.94 45.48
CA PHE E 447 -26.93 35.79 45.06
C PHE E 447 -26.66 36.47 43.73
N GLY E 448 -25.55 36.16 43.07
CA GLY E 448 -25.24 36.74 41.79
C GLY E 448 -24.74 38.16 41.82
N MET E 449 -24.46 38.70 43.01
CA MET E 449 -23.98 40.07 43.11
C MET E 449 -22.52 40.16 42.66
N GLN E 450 -22.06 41.39 42.46
CA GLN E 450 -20.68 41.63 42.09
C GLN E 450 -19.77 41.37 43.29
N ARG E 451 -18.48 41.19 43.00
CA ARG E 451 -17.51 41.03 44.07
C ARG E 451 -17.30 42.36 44.77
N MET E 452 -16.93 42.28 46.05
CA MET E 452 -16.78 43.44 46.89
C MET E 452 -15.38 44.01 46.71
N HIS E 453 -15.28 45.21 46.15
CA HIS E 453 -14.02 45.95 46.13
C HIS E 453 -13.92 46.69 47.46
N TYR E 454 -13.01 46.24 48.32
CA TYR E 454 -12.92 46.71 49.69
C TYR E 454 -11.57 47.37 49.89
N ARG E 455 -11.57 48.67 50.19
CA ARG E 455 -10.33 49.35 50.56
C ARG E 455 -9.99 49.06 52.02
N ASN E 456 -8.69 49.04 52.31
CA ASN E 456 -8.25 48.58 53.62
C ASN E 456 -8.39 49.64 54.69
N GLY E 457 -8.34 50.92 54.32
CA GLY E 457 -8.53 51.98 55.28
C GLY E 457 -9.97 52.42 55.40
N ASP E 458 -10.85 51.47 55.74
CA ASP E 458 -12.27 51.71 55.84
C ASP E 458 -12.72 51.42 57.26
N PRO E 459 -13.42 52.35 57.92
CA PRO E 459 -13.93 52.06 59.28
C PRO E 459 -15.10 51.09 59.30
N GLN E 460 -15.62 50.66 58.15
CA GLN E 460 -16.73 49.72 58.09
C GLN E 460 -16.20 48.33 57.78
N THR E 461 -16.45 47.41 58.69
CA THR E 461 -16.18 45.99 58.49
C THR E 461 -17.00 45.48 57.31
N PRO E 462 -16.49 44.55 56.49
CA PRO E 462 -17.25 44.07 55.33
C PRO E 462 -18.57 43.38 55.66
N PHE E 463 -18.79 42.90 56.88
CA PHE E 463 -20.14 42.46 57.23
C PHE E 463 -21.05 43.62 57.59
N GLN E 464 -20.52 44.84 57.73
CA GLN E 464 -21.37 46.01 57.92
C GLN E 464 -21.75 46.66 56.60
N ILE E 465 -21.05 46.33 55.51
CA ILE E 465 -21.47 46.78 54.19
C ILE E 465 -22.48 45.83 53.57
N ALA E 466 -22.30 44.53 53.77
CA ALA E 466 -23.23 43.54 53.24
C ALA E 466 -24.44 43.32 54.15
N GLU E 467 -24.61 44.11 55.20
CA GLU E 467 -25.86 44.06 55.93
C GLU E 467 -26.91 44.91 55.25
N GLN E 468 -26.50 45.97 54.55
CA GLN E 468 -27.41 46.88 53.88
C GLN E 468 -27.56 46.61 52.40
N GLN E 469 -26.92 45.56 51.88
CA GLN E 469 -27.03 45.23 50.46
C GLN E 469 -27.53 43.82 50.19
N ILE E 470 -27.49 42.92 51.15
CA ILE E 470 -28.08 41.59 50.96
C ILE E 470 -29.59 41.74 51.03
N GLN E 471 -30.27 41.27 49.99
CA GLN E 471 -31.71 41.48 49.83
C GLN E 471 -32.54 40.30 50.31
N ASN E 472 -32.08 39.60 51.34
CA ASN E 472 -32.92 38.66 52.05
C ASN E 472 -33.30 39.21 53.42
N PHE E 473 -33.99 38.40 54.19
CA PHE E 473 -34.13 38.63 55.61
C PHE E 473 -33.50 37.54 56.45
N GLN E 474 -33.20 36.38 55.88
CA GLN E 474 -32.59 35.33 56.67
C GLN E 474 -31.07 35.46 56.68
N VAL E 475 -30.47 35.83 55.55
CA VAL E 475 -29.03 36.07 55.51
C VAL E 475 -28.72 37.46 56.08
N ALA E 476 -29.61 38.42 55.88
CA ALA E 476 -29.38 39.78 56.37
C ALA E 476 -29.74 39.95 57.83
N ASN E 477 -30.20 38.91 58.51
CA ASN E 477 -30.36 38.95 59.96
C ASN E 477 -29.26 38.20 60.70
N TRP E 478 -28.62 37.23 60.05
CA TRP E 478 -27.43 36.65 60.64
C TRP E 478 -26.27 37.63 60.57
N LEU E 479 -26.18 38.40 59.48
CA LEU E 479 -25.14 39.41 59.36
C LEU E 479 -25.36 40.58 60.28
N HIS E 480 -26.55 40.73 60.86
CA HIS E 480 -26.76 41.77 61.86
C HIS E 480 -26.30 41.32 63.24
N PHE E 481 -26.35 40.03 63.54
CA PHE E 481 -25.93 39.56 64.85
C PHE E 481 -24.42 39.59 64.99
N VAL E 482 -23.70 39.08 63.99
CA VAL E 482 -22.24 39.03 64.04
C VAL E 482 -21.64 40.44 63.98
N ASN E 483 -22.35 41.41 63.40
CA ASN E 483 -21.90 42.80 63.46
C ASN E 483 -22.03 43.39 64.85
N ASN E 484 -23.00 42.93 65.64
CA ASN E 484 -23.41 43.65 66.83
C ASN E 484 -23.30 42.82 68.11
N ASN E 485 -22.45 41.82 68.16
CA ASN E 485 -22.18 41.10 69.40
C ASN E 485 -20.80 41.49 69.90
N GLN E 486 -20.74 42.02 71.12
CA GLN E 486 -19.50 42.28 71.82
C GLN E 486 -19.69 41.83 73.26
N PHE E 487 -18.72 42.15 74.09
CA PHE E 487 -18.85 41.89 75.51
C PHE E 487 -19.57 43.04 76.18
N ARG E 488 -20.51 42.72 77.06
CA ARG E 488 -21.22 43.71 77.85
C ARG E 488 -20.54 43.80 79.20
N GLN E 489 -20.00 44.97 79.54
CA GLN E 489 -19.29 45.12 80.79
C GLN E 489 -20.27 45.19 81.96
N VAL E 490 -19.98 44.43 83.01
CA VAL E 490 -20.80 44.44 84.22
C VAL E 490 -19.88 44.17 85.40
N VAL E 491 -20.13 44.84 86.52
CA VAL E 491 -19.30 44.73 87.71
C VAL E 491 -20.09 43.95 88.75
N ILE E 492 -19.81 42.66 88.88
CA ILE E 492 -20.49 41.80 89.84
C ILE E 492 -19.51 41.41 90.95
N ASP E 493 -19.90 41.70 92.19
CA ASP E 493 -19.13 41.40 93.41
C ASP E 493 -17.75 42.07 93.40
N GLY E 494 -17.72 43.34 92.99
CA GLY E 494 -16.52 44.14 93.06
C GLY E 494 -15.62 44.07 91.84
N VAL E 495 -15.61 42.95 91.13
CA VAL E 495 -14.73 42.74 90.00
C VAL E 495 -15.51 42.89 88.71
N LEU E 496 -15.00 43.72 87.79
CA LEU E 496 -15.59 43.81 86.47
C LEU E 496 -15.26 42.56 85.67
N ASN E 497 -16.23 42.06 84.92
CA ASN E 497 -15.96 40.93 84.04
C ASN E 497 -16.79 41.00 82.77
N GLN E 498 -16.16 40.73 81.65
CA GLN E 498 -16.79 40.80 80.34
C GLN E 498 -17.73 39.60 80.18
N VAL E 499 -19.02 39.86 79.99
CA VAL E 499 -19.97 38.76 79.85
C VAL E 499 -20.55 38.77 78.44
N LEU E 500 -21.02 37.59 78.02
CA LEU E 500 -21.62 37.40 76.72
C LEU E 500 -23.06 37.88 76.72
N ASN E 501 -23.60 38.10 75.53
CA ASN E 501 -25.02 38.42 75.45
C ASN E 501 -25.85 37.15 75.68
N ASP E 502 -27.10 37.35 76.06
CA ASP E 502 -27.92 36.26 76.59
C ASP E 502 -28.33 35.28 75.50
N ASN E 503 -28.30 35.70 74.24
CA ASN E 503 -28.76 34.87 73.14
C ASN E 503 -27.73 33.83 72.71
N ILE E 504 -26.55 33.82 73.30
CA ILE E 504 -25.53 32.83 73.00
C ILE E 504 -25.47 31.75 74.08
N ARG E 505 -25.53 32.16 75.36
CA ARG E 505 -25.57 31.21 76.46
C ARG E 505 -26.82 30.36 76.44
N ASN E 506 -27.90 30.87 75.85
CA ASN E 506 -29.07 30.05 75.57
C ASN E 506 -28.81 29.05 74.46
N GLY E 507 -27.89 29.37 73.55
CA GLY E 507 -27.66 28.56 72.38
C GLY E 507 -28.61 28.80 71.23
N HIS E 508 -29.52 29.76 71.37
CA HIS E 508 -30.59 29.94 70.40
C HIS E 508 -30.13 30.62 69.11
N VAL E 509 -28.95 31.25 69.12
CA VAL E 509 -28.54 32.02 67.93
C VAL E 509 -28.04 31.11 66.82
N VAL E 510 -27.73 29.85 67.11
CA VAL E 510 -27.33 28.92 66.07
C VAL E 510 -28.53 28.53 65.21
N ASN E 511 -29.73 28.59 65.79
CA ASN E 511 -30.95 28.39 65.01
C ASN E 511 -31.14 29.46 63.95
N GLN E 512 -30.64 30.67 64.20
CA GLN E 512 -30.63 31.70 63.17
C GLN E 512 -29.57 31.43 62.10
N LEU E 513 -28.45 30.83 62.51
CA LEU E 513 -27.39 30.53 61.54
C LEU E 513 -27.80 29.42 60.60
N MET E 514 -28.54 28.42 61.11
CA MET E 514 -29.02 27.35 60.24
C MET E 514 -30.04 27.85 59.25
N GLU E 515 -30.89 28.80 59.65
CA GLU E 515 -31.87 29.36 58.72
C GLU E 515 -31.21 30.21 57.65
N ALA E 516 -30.05 30.80 57.97
CA ALA E 516 -29.28 31.55 56.97
C ALA E 516 -28.40 30.65 56.13
N LEU E 517 -28.09 29.44 56.61
CA LEU E 517 -27.25 28.51 55.88
C LEU E 517 -28.06 27.53 55.05
N MET E 518 -29.34 27.33 55.39
CA MET E 518 -30.19 26.46 54.61
C MET E 518 -30.74 27.15 53.37
N GLN E 519 -30.96 28.46 53.43
CA GLN E 519 -31.39 29.19 52.25
C GLN E 519 -30.26 29.32 51.25
N LEU E 520 -29.06 29.59 51.73
CA LEU E 520 -27.89 29.78 50.88
C LEU E 520 -27.43 28.48 50.23
N SER E 521 -27.95 27.33 50.69
CA SER E 521 -27.81 26.06 50.01
C SER E 521 -28.84 25.84 48.92
N ARG E 522 -29.91 26.64 48.89
CA ARG E 522 -30.93 26.54 47.85
C ARG E 522 -30.66 27.45 46.66
N GLN E 523 -29.74 28.39 46.79
CA GLN E 523 -29.50 29.36 45.73
C GLN E 523 -28.76 28.72 44.56
N GLN E 524 -29.07 29.17 43.37
CA GLN E 524 -28.29 28.81 42.20
C GLN E 524 -27.15 29.81 42.06
N PHE E 525 -25.94 29.30 41.95
CA PHE E 525 -24.77 30.14 41.76
C PHE E 525 -24.69 30.43 40.26
N PRO E 526 -25.06 31.63 39.80
CA PRO E 526 -25.40 31.82 38.40
C PRO E 526 -24.22 31.90 37.43
N THR E 527 -22.99 31.75 37.91
CA THR E 527 -21.82 31.76 37.04
C THR E 527 -20.84 30.64 37.38
N MET E 528 -20.90 30.10 38.60
CA MET E 528 -19.99 29.05 39.05
C MET E 528 -20.15 27.78 38.22
N PRO E 529 -19.07 27.06 37.94
CA PRO E 529 -19.19 25.76 37.26
C PRO E 529 -19.97 24.77 38.11
N VAL E 530 -20.66 23.86 37.43
CA VAL E 530 -21.62 23.00 38.11
C VAL E 530 -20.91 21.95 38.96
N ASP E 531 -19.69 21.56 38.58
CA ASP E 531 -18.96 20.61 39.41
C ASP E 531 -18.41 21.26 40.68
N TYR E 532 -18.19 22.58 40.64
CA TYR E 532 -17.71 23.30 41.81
C TYR E 532 -18.84 23.90 42.63
N LYS E 533 -19.99 24.16 42.01
CA LYS E 533 -21.14 24.66 42.74
C LYS E 533 -21.75 23.56 43.58
N ARG E 534 -21.79 22.34 43.07
CA ARG E 534 -22.42 21.23 43.78
C ARG E 534 -21.58 20.71 44.92
N SER E 535 -20.29 21.02 44.96
CA SER E 535 -19.46 20.67 46.10
C SER E 535 -19.55 21.71 47.20
N ILE E 536 -19.73 22.99 46.85
CA ILE E 536 -19.84 24.03 47.87
C ILE E 536 -21.24 24.07 48.46
N GLN E 537 -22.22 23.40 47.84
CA GLN E 537 -23.56 23.31 48.38
C GLN E 537 -23.78 22.07 49.23
N ARG E 538 -22.89 21.09 49.15
CA ARG E 538 -22.93 19.94 50.04
C ARG E 538 -22.03 20.11 51.24
N GLY E 539 -20.98 20.91 51.12
CA GLY E 539 -20.19 21.29 52.28
C GLY E 539 -20.92 22.22 53.21
N ILE E 540 -21.91 22.95 52.72
CA ILE E 540 -22.77 23.75 53.57
C ILE E 540 -23.75 22.86 54.33
N LEU E 541 -24.31 21.86 53.65
CA LEU E 541 -25.23 20.91 54.27
C LEU E 541 -24.56 19.92 55.20
N LEU E 542 -23.23 19.93 55.32
CA LEU E 542 -22.57 19.18 56.37
C LEU E 542 -22.61 19.90 57.70
N LEU E 543 -22.92 21.19 57.70
CA LEU E 543 -23.00 21.97 58.93
C LEU E 543 -24.42 22.35 59.30
N SER E 544 -25.30 22.57 58.33
CA SER E 544 -26.70 22.87 58.63
C SER E 544 -27.51 21.63 58.96
N ASN E 545 -26.93 20.44 58.79
CA ASN E 545 -27.55 19.21 59.25
C ASN E 545 -27.07 18.80 60.63
N ARG E 546 -26.33 19.66 61.31
CA ARG E 546 -25.84 19.38 62.65
C ARG E 546 -26.37 20.40 63.64
N LEU E 547 -27.66 20.74 63.55
CA LEU E 547 -28.23 21.74 64.44
C LEU E 547 -28.31 21.23 65.87
N GLY E 548 -28.66 19.96 66.06
CA GLY E 548 -28.85 19.44 67.40
C GLY E 548 -27.57 19.28 68.18
N GLN E 549 -26.42 19.26 67.51
CA GLN E 549 -25.13 19.10 68.15
C GLN E 549 -24.26 20.32 68.05
N LEU E 550 -24.75 21.40 67.44
CA LEU E 550 -24.04 22.66 67.41
C LEU E 550 -24.70 23.72 68.27
N VAL E 551 -25.97 23.55 68.62
CA VAL E 551 -26.59 24.29 69.71
C VAL E 551 -26.10 23.74 71.05
N ASP E 552 -25.95 22.42 71.14
CA ASP E 552 -25.48 21.76 72.36
C ASP E 552 -23.98 21.91 72.57
N LEU E 553 -23.25 22.48 71.62
CA LEU E 553 -21.86 22.84 71.84
C LEU E 553 -21.74 24.22 72.47
N THR E 554 -22.43 25.20 71.91
CA THR E 554 -22.34 26.56 72.42
C THR E 554 -23.10 26.75 73.72
N ARG E 555 -23.97 25.82 74.10
CA ARG E 555 -24.52 25.82 75.44
C ARG E 555 -23.52 25.31 76.47
N LEU E 556 -22.54 24.52 76.04
CA LEU E 556 -21.46 24.03 76.88
C LEU E 556 -20.26 24.95 76.85
N LEU E 557 -19.95 25.54 75.69
CA LEU E 557 -18.86 26.48 75.57
C LEU E 557 -19.11 27.76 76.36
N ALA E 558 -20.37 28.15 76.51
CA ALA E 558 -20.72 29.33 77.29
C ALA E 558 -21.09 29.01 78.72
N TYR E 559 -20.96 27.75 79.14
CA TYR E 559 -21.11 27.38 80.54
C TYR E 559 -19.77 27.13 81.22
N ASN E 560 -18.81 26.57 80.50
CA ASN E 560 -17.47 26.46 81.05
C ASN E 560 -16.79 27.81 81.15
N TYR E 561 -17.12 28.74 80.25
CA TYR E 561 -16.56 30.08 80.37
C TYR E 561 -17.22 30.85 81.50
N GLU E 562 -18.52 30.62 81.72
CA GLU E 562 -19.25 31.34 82.75
C GLU E 562 -18.89 30.83 84.14
N THR E 563 -18.62 29.54 84.28
CA THR E 563 -18.30 28.98 85.59
C THR E 563 -16.88 29.34 86.02
N LEU E 564 -15.92 29.27 85.09
CA LEU E 564 -14.54 29.63 85.41
C LEU E 564 -14.37 31.13 85.62
N MET E 565 -15.27 31.95 85.10
CA MET E 565 -15.18 33.40 85.29
C MET E 565 -15.58 33.83 86.69
N ALA E 566 -16.25 32.95 87.45
CA ALA E 566 -16.59 33.29 88.83
C ALA E 566 -15.36 33.35 89.71
N CYS E 567 -14.36 32.52 89.45
CA CYS E 567 -13.10 32.57 90.17
C CYS E 567 -12.05 33.37 89.39
N ILE E 568 -12.42 34.62 89.09
CA ILE E 568 -11.50 35.62 88.54
C ILE E 568 -11.52 36.79 89.51
N THR E 569 -10.36 37.11 90.05
CA THR E 569 -10.26 38.17 91.06
C THR E 569 -9.80 39.49 90.47
N MET E 570 -8.77 39.47 89.64
CA MET E 570 -8.26 40.71 89.05
C MET E 570 -9.23 41.26 88.02
N ASN E 571 -9.03 42.53 87.70
CA ASN E 571 -9.99 43.28 86.89
C ASN E 571 -9.86 42.86 85.43
N MET E 572 -10.98 42.46 84.82
CA MET E 572 -10.96 41.93 83.46
C MET E 572 -11.01 43.07 82.44
N GLN E 573 -9.90 43.78 82.34
CA GLN E 573 -9.78 44.84 81.35
C GLN E 573 -9.52 44.26 79.97
N HIS E 574 -9.73 45.09 78.95
CA HIS E 574 -9.72 44.62 77.56
C HIS E 574 -9.05 45.64 76.67
N VAL E 575 -7.83 45.36 76.25
CA VAL E 575 -7.11 46.14 75.25
C VAL E 575 -6.57 45.20 74.19
N GLN E 576 -5.88 45.76 73.21
CA GLN E 576 -5.28 44.98 72.13
C GLN E 576 -3.81 44.73 72.45
N THR E 577 -3.44 43.47 72.58
CA THR E 577 -2.10 43.07 72.96
C THR E 577 -1.19 42.99 71.75
N LEU E 578 0.12 42.98 72.00
CA LEU E 578 1.10 43.00 70.92
C LEU E 578 1.20 41.64 70.22
N THR E 579 1.61 40.61 70.96
CA THR E 579 1.69 39.27 70.40
C THR E 579 0.32 38.61 70.50
N THR E 580 -0.14 38.04 69.40
CA THR E 580 -1.48 37.48 69.30
C THR E 580 -1.41 35.96 69.24
N GLU E 581 -2.28 35.29 69.99
CA GLU E 581 -2.37 33.84 69.94
C GLU E 581 -3.06 33.40 68.66
N LYS E 582 -2.48 32.43 67.97
CA LYS E 582 -2.97 32.03 66.66
C LYS E 582 -3.98 30.89 66.78
N LEU E 583 -5.12 31.04 66.11
CA LEU E 583 -6.13 30.01 66.02
C LEU E 583 -6.29 29.59 64.58
N GLN E 584 -6.19 28.29 64.32
CA GLN E 584 -6.30 27.78 62.95
C GLN E 584 -7.74 27.36 62.67
N LEU E 585 -8.31 27.89 61.59
CA LEU E 585 -9.68 27.55 61.23
C LEU E 585 -9.82 26.14 60.70
N THR E 586 -8.72 25.44 60.42
CA THR E 586 -8.82 24.01 60.16
C THR E 586 -9.12 23.26 61.45
N SER E 587 -8.64 23.77 62.57
CA SER E 587 -8.90 23.17 63.88
C SER E 587 -10.24 23.57 64.48
N VAL E 588 -10.97 24.51 63.85
CA VAL E 588 -12.33 24.78 64.26
C VAL E 588 -13.31 23.85 63.53
N THR E 589 -13.00 23.48 62.28
CA THR E 589 -13.74 22.45 61.59
C THR E 589 -13.64 21.11 62.31
N SER E 590 -12.51 20.84 62.94
CA SER E 590 -12.34 19.63 63.73
C SER E 590 -13.12 19.64 65.03
N LEU E 591 -13.65 20.78 65.46
CA LEU E 591 -14.52 20.83 66.62
C LEU E 591 -16.00 20.84 66.26
N CYS E 592 -16.35 21.46 65.13
CA CYS E 592 -17.75 21.59 64.75
C CYS E 592 -18.38 20.26 64.37
N MET E 593 -17.58 19.31 63.88
CA MET E 593 -18.13 18.03 63.47
C MET E 593 -17.39 16.84 64.07
N LEU E 594 -16.72 17.03 65.20
CA LEU E 594 -16.27 15.94 66.05
C LEU E 594 -16.69 16.17 67.50
N ILE E 595 -17.91 16.65 67.70
CA ILE E 595 -18.46 16.79 69.04
C ILE E 595 -19.50 15.69 69.24
N GLY E 596 -19.78 15.38 70.50
CA GLY E 596 -20.73 14.34 70.83
C GLY E 596 -21.74 14.80 71.86
N ASN E 597 -22.56 13.88 72.34
CA ASN E 597 -23.55 14.17 73.37
C ASN E 597 -23.04 13.80 74.75
N ALA E 598 -21.85 14.28 75.12
CA ALA E 598 -21.26 13.97 76.42
C ALA E 598 -20.66 15.25 76.97
N THR E 599 -21.32 15.83 77.97
CA THR E 599 -20.91 17.12 78.53
C THR E 599 -19.92 16.95 79.66
N VAL E 600 -19.04 17.94 79.81
CA VAL E 600 -18.01 17.96 80.83
C VAL E 600 -18.05 19.31 81.54
N ILE E 601 -18.01 19.27 82.86
CA ILE E 601 -18.04 20.49 83.68
C ILE E 601 -16.78 20.49 84.52
N PRO E 602 -16.31 21.66 84.98
CA PRO E 602 -15.12 21.70 85.83
C PRO E 602 -15.39 21.06 87.18
N SER E 603 -14.50 20.14 87.56
CA SER E 603 -14.60 19.46 88.85
C SER E 603 -14.37 20.46 89.98
N PRO E 604 -15.09 20.30 91.10
CA PRO E 604 -14.99 21.30 92.18
C PRO E 604 -13.64 21.32 92.88
N GLN E 605 -12.85 20.26 92.81
CA GLN E 605 -11.50 20.32 93.35
C GLN E 605 -10.52 20.94 92.37
N THR E 606 -10.91 21.11 91.11
CA THR E 606 -10.18 21.92 90.14
C THR E 606 -10.60 23.38 90.21
N LEU E 607 -11.89 23.61 90.42
CA LEU E 607 -12.43 24.96 90.52
C LEU E 607 -12.02 25.67 91.80
N PHE E 608 -11.56 24.93 92.80
CA PHE E 608 -11.05 25.52 94.04
C PHE E 608 -9.54 25.72 93.99
N HIS E 609 -8.86 25.17 92.99
CA HIS E 609 -7.43 25.39 92.82
C HIS E 609 -7.15 26.54 91.86
N TYR E 610 -7.99 26.71 90.84
CA TYR E 610 -7.87 27.88 89.96
C TYR E 610 -8.24 29.16 90.69
N TYR E 611 -9.11 29.06 91.71
CA TYR E 611 -9.42 30.23 92.52
C TYR E 611 -8.25 30.61 93.41
N ASN E 612 -7.48 29.63 93.88
CA ASN E 612 -6.43 29.92 94.84
C ASN E 612 -5.15 30.42 94.20
N VAL E 613 -4.91 30.13 92.92
CA VAL E 613 -3.79 30.73 92.23
C VAL E 613 -4.14 32.07 91.60
N ASN E 614 -5.40 32.51 91.74
CA ASN E 614 -5.79 33.86 91.38
C ASN E 614 -5.89 34.78 92.57
N VAL E 615 -6.01 34.25 93.78
CA VAL E 615 -5.95 35.06 94.99
C VAL E 615 -4.50 35.21 95.45
N ASN E 616 -3.70 34.15 95.34
CA ASN E 616 -2.31 34.21 95.76
C ASN E 616 -1.47 35.06 94.82
N PHE E 617 -1.88 35.24 93.58
CA PHE E 617 -1.16 36.15 92.68
C PHE E 617 -1.61 37.58 92.86
N HIS E 618 -2.90 37.80 93.13
CA HIS E 618 -3.41 39.15 93.33
C HIS E 618 -2.94 39.71 94.66
N SER E 619 -2.85 38.88 95.70
CA SER E 619 -2.34 39.33 96.97
C SER E 619 -0.83 39.46 96.99
N ASN E 620 -0.12 38.76 96.12
CA ASN E 620 1.30 38.98 95.96
C ASN E 620 1.59 40.13 95.01
N TYR E 621 0.59 40.56 94.24
CA TYR E 621 0.75 41.78 93.46
C TYR E 621 0.59 43.01 94.33
N ASN E 622 -0.33 42.96 95.31
CA ASN E 622 -0.68 44.13 96.09
C ASN E 622 0.16 44.30 97.34
N GLU E 623 0.91 43.29 97.75
CA GLU E 623 1.85 43.43 98.85
C GLU E 623 3.28 43.58 98.37
N ARG E 624 3.48 43.71 97.05
CA ARG E 624 4.77 44.10 96.51
C ARG E 624 4.77 45.51 95.95
N ILE E 625 3.60 46.13 95.74
CA ILE E 625 3.58 47.58 95.50
C ILE E 625 3.51 48.34 96.81
N ASN E 626 3.16 47.69 97.92
CA ASN E 626 3.18 48.35 99.21
C ASN E 626 4.55 48.29 99.87
N ASP E 627 5.43 47.41 99.40
CA ASP E 627 6.81 47.40 99.83
C ASP E 627 7.72 48.20 98.90
N ALA E 628 7.24 48.56 97.72
CA ALA E 628 8.01 49.40 96.80
C ALA E 628 7.65 50.87 96.94
N VAL E 629 6.40 51.18 97.28
CA VAL E 629 6.03 52.57 97.56
C VAL E 629 6.64 53.02 98.87
N ALA E 630 6.59 52.17 99.91
CA ALA E 630 7.03 52.53 101.24
C ALA E 630 8.54 52.67 101.38
N ILE E 631 9.31 52.30 100.36
CA ILE E 631 10.74 52.59 100.33
C ILE E 631 11.05 53.79 99.44
N ILE E 632 10.33 53.90 98.31
CA ILE E 632 10.46 55.06 97.42
C ILE E 632 10.04 56.33 98.13
N THR E 633 8.98 56.25 98.93
CA THR E 633 8.56 57.40 99.73
C THR E 633 9.54 57.67 100.87
N ALA E 634 9.90 56.63 101.63
CA ALA E 634 10.75 56.83 102.80
C ALA E 634 12.21 57.10 102.45
N ALA E 635 12.62 56.95 101.20
CA ALA E 635 13.95 57.42 100.82
C ALA E 635 13.97 58.92 100.65
N ASN E 636 12.85 59.54 100.31
CA ASN E 636 12.82 60.97 100.04
C ASN E 636 12.53 61.81 101.28
N ARG E 637 11.93 61.23 102.32
CA ARG E 637 11.81 61.98 103.57
C ARG E 637 13.15 62.07 104.29
N LEU E 638 14.00 61.06 104.14
CA LEU E 638 15.30 61.05 104.78
C LEU E 638 16.37 61.79 103.99
N ASN E 639 15.99 62.40 102.86
CA ASN E 639 16.88 63.15 101.95
C ASN E 639 18.02 62.26 101.47
N LEU E 640 17.65 61.22 100.72
CA LEU E 640 18.60 60.26 100.17
C LEU E 640 18.66 60.48 98.66
N TYR E 641 19.54 61.37 98.23
CA TYR E 641 19.94 61.35 96.82
C TYR E 641 20.97 60.24 96.62
N GLN E 642 21.36 60.04 95.36
CA GLN E 642 22.20 58.97 94.82
C GLN E 642 21.57 57.58 94.91
N LYS E 643 20.38 57.45 95.47
CA LYS E 643 19.68 56.17 95.55
C LYS E 643 18.91 55.99 94.26
N LYS E 644 19.35 55.06 93.43
CA LYS E 644 18.72 54.85 92.13
C LYS E 644 17.38 54.18 92.31
N MET E 645 16.30 54.87 91.91
CA MET E 645 14.97 54.30 91.98
C MET E 645 14.74 53.22 90.93
N LYS E 646 15.63 53.08 89.95
CA LYS E 646 15.56 51.96 89.03
C LYS E 646 15.99 50.66 89.69
N SER E 647 16.69 50.72 90.81
CA SER E 647 17.02 49.51 91.53
C SER E 647 15.85 48.98 92.35
N ILE E 648 14.92 49.84 92.75
CA ILE E 648 13.75 49.39 93.49
C ILE E 648 12.63 48.95 92.55
N VAL E 649 12.52 49.57 91.39
CA VAL E 649 11.51 49.15 90.41
C VAL E 649 11.91 47.81 89.79
N GLU E 650 13.21 47.58 89.59
CA GLU E 650 13.68 46.27 89.14
C GLU E 650 13.44 45.18 90.19
N ASP E 651 13.51 45.53 91.47
CA ASP E 651 13.23 44.55 92.52
C ASP E 651 11.73 44.28 92.62
N PHE E 652 10.91 45.27 92.27
CA PHE E 652 9.46 45.06 92.29
C PHE E 652 9.02 44.16 91.14
N LEU E 653 9.62 44.32 89.97
CA LEU E 653 9.28 43.47 88.84
C LEU E 653 9.86 42.06 88.93
N LYS E 654 10.73 41.81 89.90
CA LYS E 654 11.34 40.49 90.05
C LYS E 654 10.62 39.62 91.07
N ARG E 655 9.96 40.24 92.07
CA ARG E 655 9.17 39.48 93.01
C ARG E 655 7.88 38.99 92.39
N LEU E 656 7.29 39.77 91.49
CA LEU E 656 6.26 39.29 90.59
C LEU E 656 6.91 38.25 89.69
N GLN E 657 6.54 36.98 89.85
CA GLN E 657 7.35 35.89 89.32
C GLN E 657 7.27 35.71 87.82
N ILE E 658 6.41 36.45 87.12
CA ILE E 658 6.13 36.14 85.71
C ILE E 658 6.89 37.03 84.75
N PHE E 659 7.74 37.93 85.25
CA PHE E 659 8.54 38.81 84.41
C PHE E 659 10.00 38.38 84.42
N ASP E 660 10.75 38.84 83.43
CA ASP E 660 12.20 38.87 83.52
C ASP E 660 12.66 40.24 83.05
N ILE E 661 13.58 40.83 83.81
CA ILE E 661 13.89 42.25 83.66
C ILE E 661 14.94 42.52 82.59
N SER E 662 15.41 41.49 81.89
CA SER E 662 16.40 41.70 80.84
C SER E 662 15.79 42.24 79.56
N ARG E 663 14.48 42.13 79.38
CA ARG E 663 13.83 42.51 78.14
C ARG E 663 12.82 43.63 78.29
N VAL E 664 12.64 44.18 79.49
CA VAL E 664 11.69 45.28 79.69
C VAL E 664 12.25 46.54 79.04
N PRO E 665 11.47 47.28 78.26
CA PRO E 665 11.99 48.48 77.60
C PRO E 665 12.35 49.56 78.60
N ASP E 666 13.31 50.41 78.20
CA ASP E 666 13.80 51.44 79.10
C ASP E 666 12.80 52.57 79.28
N ASP E 667 11.87 52.73 78.34
CA ASP E 667 10.85 53.75 78.48
C ASP E 667 9.82 53.38 79.53
N GLN E 668 9.41 52.11 79.56
CA GLN E 668 8.37 51.68 80.49
C GLN E 668 8.88 51.43 81.90
N MET E 669 10.19 51.47 82.11
CA MET E 669 10.72 51.43 83.47
C MET E 669 10.73 52.79 84.12
N TYR E 670 10.39 53.85 83.38
CA TYR E 670 10.29 55.19 83.94
C TYR E 670 8.86 55.65 84.14
N ARG E 671 7.91 55.18 83.33
CA ARG E 671 6.51 55.39 83.65
C ARG E 671 6.10 54.64 84.91
N LEU E 672 6.72 53.49 85.15
CA LEU E 672 6.49 52.73 86.37
C LEU E 672 7.22 53.32 87.56
N ARG E 673 8.10 54.30 87.35
CA ARG E 673 8.75 55.01 88.44
C ARG E 673 7.94 56.23 88.88
N ASP E 674 7.24 56.89 87.96
CA ASP E 674 6.41 58.03 88.34
C ASP E 674 5.09 57.60 88.94
N ARG E 675 4.53 56.47 88.47
CA ARG E 675 3.25 56.02 89.00
C ARG E 675 3.36 55.34 90.36
N LEU E 676 4.58 55.09 90.84
CA LEU E 676 4.77 54.58 92.18
C LEU E 676 5.05 55.69 93.19
N ARG E 677 5.35 56.90 92.73
CA ARG E 677 5.53 58.03 93.65
C ARG E 677 4.21 58.70 94.00
N LEU E 678 3.22 58.62 93.12
CA LEU E 678 1.93 59.26 93.31
C LEU E 678 0.93 58.39 94.06
N LEU E 679 1.39 57.38 94.75
CA LEU E 679 0.47 56.53 95.49
C LEU E 679 0.54 56.81 96.99
N PRO E 680 -0.55 56.61 97.71
CA PRO E 680 -0.48 56.71 99.18
C PRO E 680 0.12 55.46 99.80
N VAL E 681 0.95 55.67 100.80
CA VAL E 681 1.64 54.57 101.49
C VAL E 681 0.67 53.90 102.46
N GLU E 682 0.83 52.59 102.63
CA GLU E 682 -0.02 51.80 103.52
C GLU E 682 0.15 52.26 104.96
N ILE E 683 -0.91 52.11 105.76
CA ILE E 683 -0.96 52.76 107.06
C ILE E 683 -0.08 52.05 108.09
N ARG E 684 0.14 50.73 107.96
CA ARG E 684 1.00 50.07 108.93
C ARG E 684 2.47 50.21 108.58
N ARG E 685 2.80 50.44 107.32
CA ARG E 685 4.17 50.72 106.91
C ARG E 685 4.51 52.19 107.00
N LEU E 686 3.58 53.03 107.45
CA LEU E 686 3.82 54.45 107.63
C LEU E 686 4.07 54.81 109.09
N ASP E 687 3.35 54.20 110.04
CA ASP E 687 3.57 54.52 111.43
C ASP E 687 4.84 53.86 111.97
N ILE E 688 5.35 52.83 111.31
CA ILE E 688 6.69 52.35 111.60
C ILE E 688 7.72 53.39 111.15
N PHE E 689 7.49 54.00 109.97
CA PHE E 689 8.39 55.03 109.49
C PHE E 689 8.25 56.32 110.28
N ASN E 690 7.05 56.65 110.75
CA ASN E 690 6.86 57.83 111.58
C ASN E 690 7.27 57.62 113.03
N LEU E 691 7.77 56.43 113.36
CA LEU E 691 8.35 56.14 114.66
C LEU E 691 9.86 56.01 114.60
N ILE E 692 10.43 55.85 113.42
CA ILE E 692 11.87 55.91 113.22
C ILE E 692 12.32 57.35 112.97
N LEU E 693 11.56 58.09 112.17
CA LEU E 693 11.91 59.46 111.83
C LEU E 693 11.73 60.40 113.02
N MET E 694 10.84 60.06 113.95
CA MET E 694 10.67 60.87 115.15
C MET E 694 11.77 60.59 116.16
N ASN E 695 12.13 59.32 116.34
CA ASN E 695 13.20 58.91 117.26
C ASN E 695 14.56 58.86 116.59
N MET E 696 14.73 59.54 115.45
CA MET E 696 16.02 59.53 114.76
C MET E 696 17.06 60.37 115.47
N GLU E 697 16.65 61.38 116.24
CA GLU E 697 17.63 62.19 116.95
C GLU E 697 18.20 61.47 118.16
N GLN E 698 17.32 60.86 118.97
CA GLN E 698 17.73 60.28 120.25
C GLN E 698 18.58 59.03 120.09
N ILE E 699 18.57 58.39 118.92
CA ILE E 699 19.42 57.23 118.70
C ILE E 699 20.85 57.66 118.40
N GLU E 700 21.03 58.61 117.48
CA GLU E 700 22.38 59.01 117.08
C GLU E 700 23.07 59.88 118.13
N ARG E 701 22.31 60.59 118.96
CA ARG E 701 22.95 61.36 120.02
C ARG E 701 23.41 60.46 121.16
N ALA E 702 22.76 59.31 121.35
CA ALA E 702 23.15 58.38 122.39
C ALA E 702 24.20 57.38 121.94
N SER E 703 24.49 57.30 120.64
CA SER E 703 25.50 56.39 120.14
C SER E 703 26.89 56.92 120.40
N ASP E 704 27.81 56.01 120.69
CA ASP E 704 29.22 56.37 120.84
C ASP E 704 29.86 56.37 119.45
N LYS E 705 31.20 56.49 119.41
CA LYS E 705 32.07 56.55 118.22
C LYS E 705 31.57 57.53 117.15
N ILE E 706 30.92 58.61 117.59
CA ILE E 706 30.40 59.63 116.68
C ILE E 706 30.27 60.92 117.48
N ALA E 707 30.22 62.05 116.78
CA ALA E 707 30.02 63.34 117.40
C ALA E 707 29.30 64.25 116.40
N GLN E 708 28.57 65.22 116.92
CA GLN E 708 27.81 66.13 116.07
C GLN E 708 28.59 67.41 115.80
N GLY E 709 29.78 67.23 115.24
CA GLY E 709 30.58 68.36 114.81
C GLY E 709 31.38 68.99 115.94
N VAL E 710 32.40 69.75 115.55
CA VAL E 710 33.35 70.37 116.46
C VAL E 710 33.26 71.89 116.31
N ILE E 711 33.28 72.59 117.44
CA ILE E 711 33.22 74.05 117.46
C ILE E 711 34.62 74.59 117.76
N ILE E 712 35.13 75.44 116.87
CA ILE E 712 36.44 76.06 117.01
C ILE E 712 36.24 77.48 117.49
N ALA E 713 37.02 77.91 118.48
CA ALA E 713 36.75 79.18 119.14
C ALA E 713 37.85 80.21 119.00
N TYR E 714 39.11 79.78 118.85
CA TYR E 714 40.30 80.64 118.77
C TYR E 714 40.45 81.54 120.00
N ARG E 715 39.95 81.08 121.15
CA ARG E 715 40.12 81.76 122.42
C ARG E 715 40.08 80.71 123.53
N ASP E 716 40.61 81.08 124.69
CA ASP E 716 40.78 80.13 125.78
C ASP E 716 39.60 80.26 126.75
N MET E 717 38.67 79.32 126.66
CA MET E 717 37.56 79.22 127.59
C MET E 717 37.70 77.94 128.42
N GLN E 718 37.17 77.98 129.63
CA GLN E 718 37.45 76.96 130.64
C GLN E 718 36.79 75.64 130.29
N LEU E 719 37.40 74.56 130.78
CA LEU E 719 36.83 73.22 130.64
C LEU E 719 35.73 73.05 131.67
N GLU E 720 34.51 72.80 131.21
CA GLU E 720 33.38 72.62 132.11
C GLU E 720 33.36 71.17 132.58
N ARG E 721 33.45 70.98 133.90
CA ARG E 721 33.54 69.63 134.44
C ARG E 721 32.20 68.92 134.38
N ASP E 722 32.27 67.62 134.09
CA ASP E 722 31.09 66.80 133.93
C ASP E 722 31.15 65.66 134.93
N GLU E 723 29.98 65.14 135.28
CA GLU E 723 29.89 64.15 136.35
C GLU E 723 30.19 62.73 135.89
N MET E 724 30.45 62.51 134.61
CA MET E 724 30.86 61.20 134.14
C MET E 724 32.11 61.22 133.29
N TYR E 725 32.56 62.38 132.81
CA TYR E 725 33.80 62.49 132.06
C TYR E 725 34.93 63.12 132.84
N GLY E 726 34.64 63.80 133.94
CA GLY E 726 35.66 64.59 134.62
C GLY E 726 35.79 65.96 133.98
N TYR E 727 37.01 66.49 133.92
CA TYR E 727 37.26 67.73 133.20
C TYR E 727 37.25 67.44 131.71
N VAL E 728 36.32 68.05 130.99
CA VAL E 728 36.02 67.67 129.61
C VAL E 728 35.77 68.93 128.79
N ASN E 729 36.04 68.86 127.49
CA ASN E 729 35.72 69.94 126.56
C ASN E 729 34.51 69.50 125.75
N ILE E 730 33.33 69.80 126.27
CA ILE E 730 32.09 69.37 125.64
C ILE E 730 31.22 70.60 125.43
N ALA E 731 30.40 70.57 124.39
CA ALA E 731 29.58 71.72 123.99
C ALA E 731 28.11 71.39 124.20
N ARG E 732 27.41 72.29 124.89
CA ARG E 732 25.99 72.08 125.12
C ARG E 732 25.16 72.46 123.90
N ASN E 733 25.46 73.61 123.29
CA ASN E 733 24.78 74.04 122.07
C ASN E 733 25.71 74.91 121.26
N LEU E 734 25.35 75.11 119.99
CA LEU E 734 26.10 75.96 119.08
C LEU E 734 25.35 77.28 118.92
N ASP E 735 25.62 78.21 119.84
CA ASP E 735 24.97 79.52 119.84
C ASP E 735 26.02 80.60 119.66
N GLY E 736 25.74 81.53 118.74
CA GLY E 736 26.66 82.61 118.44
C GLY E 736 27.76 82.28 117.47
N PHE E 737 27.67 81.14 116.79
CA PHE E 737 28.73 80.65 115.92
C PHE E 737 28.15 80.34 114.55
N GLN E 738 28.90 80.67 113.51
CA GLN E 738 28.50 80.35 112.14
C GLN E 738 28.73 78.87 111.88
N GLN E 739 27.73 78.20 111.32
CA GLN E 739 27.78 76.77 111.09
C GLN E 739 28.05 76.48 109.62
N ILE E 740 29.10 75.69 109.36
CA ILE E 740 29.38 75.19 108.03
C ILE E 740 29.04 73.71 108.00
N ASN E 741 28.09 73.34 107.16
CA ASN E 741 27.70 71.94 107.03
C ASN E 741 28.78 71.17 106.29
N LEU E 742 29.23 70.06 106.88
CA LEU E 742 30.27 69.25 106.25
C LEU E 742 29.74 68.31 105.18
N GLU E 743 28.46 67.96 105.24
CA GLU E 743 27.89 67.10 104.21
C GLU E 743 27.78 67.83 102.88
N GLU E 744 27.36 69.10 102.92
CA GLU E 744 27.33 69.90 101.69
C GLU E 744 28.73 70.22 101.21
N LEU E 745 29.69 70.37 102.12
CA LEU E 745 31.06 70.69 101.74
C LEU E 745 31.74 69.52 101.05
N MET E 746 31.39 68.29 101.42
CA MET E 746 31.97 67.11 100.81
C MET E 746 31.40 66.85 99.42
N ARG E 747 30.10 67.10 99.24
CA ARG E 747 29.46 66.86 97.95
C ARG E 747 29.84 67.94 96.94
N THR E 748 29.97 69.19 97.39
CA THR E 748 30.23 70.30 96.48
C THR E 748 31.68 70.30 96.00
N GLY E 749 32.62 70.44 96.92
CA GLY E 749 34.02 70.61 96.59
C GLY E 749 34.54 72.02 96.72
N ASP E 750 33.68 72.99 96.97
CA ASP E 750 34.11 74.39 97.12
C ASP E 750 34.66 74.60 98.52
N TYR E 751 35.98 74.64 98.63
CA TYR E 751 36.65 74.84 99.91
C TYR E 751 37.20 76.25 100.03
N ALA E 752 36.59 77.22 99.35
CA ALA E 752 37.05 78.60 99.42
C ALA E 752 36.48 79.35 100.62
N GLN E 753 35.47 78.80 101.28
CA GLN E 753 34.89 79.44 102.46
C GLN E 753 35.55 78.96 103.75
N ILE E 754 35.77 77.64 103.88
CA ILE E 754 36.38 77.11 105.09
C ILE E 754 37.86 77.43 105.15
N THR E 755 38.53 77.61 103.99
CA THR E 755 39.94 77.93 103.99
C THR E 755 40.20 79.34 104.49
N ASN E 756 39.41 80.31 104.03
CA ASN E 756 39.53 81.67 104.51
C ASN E 756 39.08 81.80 105.96
N MET E 757 38.23 80.89 106.43
CA MET E 757 37.94 80.82 107.86
C MET E 757 39.09 80.20 108.64
N LEU E 758 39.89 79.36 108.00
CA LEU E 758 40.98 78.65 108.65
C LEU E 758 42.32 79.35 108.55
N LEU E 759 42.62 79.96 107.39
CA LEU E 759 43.86 80.71 107.26
C LEU E 759 43.84 81.95 108.14
N ASN E 760 42.73 82.67 108.14
CA ASN E 760 42.51 83.69 109.14
C ASN E 760 42.03 83.04 110.44
N ASN E 761 41.88 83.84 111.48
CA ASN E 761 41.45 83.35 112.78
C ASN E 761 40.03 83.85 113.02
N GLN E 762 39.04 83.07 112.57
CA GLN E 762 37.64 83.40 112.73
C GLN E 762 36.91 82.23 113.35
N PRO E 763 36.11 82.43 114.39
CA PRO E 763 35.46 81.32 115.08
C PRO E 763 34.33 80.72 114.24
N VAL E 764 34.43 79.42 113.99
CA VAL E 764 33.47 78.71 113.15
C VAL E 764 33.16 77.38 113.80
N ALA E 765 31.91 76.95 113.71
CA ALA E 765 31.45 75.70 114.31
C ALA E 765 31.08 74.73 113.20
N LEU E 766 32.00 73.83 112.87
CA LEU E 766 31.72 72.82 111.85
C LEU E 766 30.75 71.79 112.40
N VAL E 767 29.75 71.41 111.61
CA VAL E 767 28.75 70.45 112.03
C VAL E 767 28.79 69.24 111.11
N GLY E 768 28.17 68.16 111.58
CA GLY E 768 28.15 66.89 110.89
C GLY E 768 28.60 65.77 111.79
N ALA E 769 28.60 64.56 111.24
CA ALA E 769 29.03 63.38 111.98
C ALA E 769 30.53 63.20 111.81
N LEU E 770 31.24 63.05 112.94
CA LEU E 770 32.69 62.98 112.95
C LEU E 770 33.14 61.90 113.91
N PRO E 771 34.20 61.15 113.58
CA PRO E 771 34.75 60.22 114.56
C PRO E 771 35.80 60.90 115.44
N PHE E 772 35.57 60.89 116.74
CA PHE E 772 36.41 61.61 117.69
C PHE E 772 37.35 60.63 118.41
N ILE E 773 38.45 61.17 118.90
CA ILE E 773 39.42 60.39 119.68
C ILE E 773 39.47 60.97 121.09
N THR E 774 39.79 60.11 122.05
CA THR E 774 39.70 60.46 123.46
C THR E 774 41.10 60.44 124.08
N ASP E 775 41.70 61.60 124.21
CA ASP E 775 42.97 61.74 124.92
C ASP E 775 42.72 61.90 126.41
N SER E 776 43.63 61.36 127.21
CA SER E 776 43.48 61.31 128.66
C SER E 776 44.77 61.71 129.36
N SER E 777 45.34 62.84 128.95
CA SER E 777 46.55 63.35 129.59
C SER E 777 46.51 64.86 129.64
N VAL E 778 47.23 65.42 130.62
CA VAL E 778 47.33 66.87 130.75
C VAL E 778 48.48 67.42 129.90
N ILE E 779 49.51 66.62 129.65
CA ILE E 779 50.60 67.01 128.76
C ILE E 779 50.10 67.19 127.32
N SER E 780 49.09 66.42 126.93
CA SER E 780 48.43 66.65 125.65
C SER E 780 47.50 67.87 125.66
N LEU E 781 47.25 68.46 126.83
CA LEU E 781 46.40 69.65 126.94
C LEU E 781 47.20 70.94 126.99
N VAL E 782 48.31 70.96 127.74
CA VAL E 782 49.13 72.17 127.82
C VAL E 782 49.86 72.39 126.51
N ALA E 783 50.25 71.31 125.82
CA ALA E 783 50.88 71.42 124.51
C ALA E 783 49.91 71.78 123.40
N LYS E 784 48.59 71.80 123.68
CA LYS E 784 47.54 72.26 122.77
C LYS E 784 47.50 71.43 121.49
N LEU E 785 47.30 70.12 121.67
CA LEU E 785 47.26 69.21 120.53
C LEU E 785 45.95 69.36 119.76
N ASP E 786 44.87 69.75 120.42
CA ASP E 786 43.55 69.76 119.79
C ASP E 786 43.37 70.88 118.78
N ALA E 787 44.24 71.89 118.79
CA ALA E 787 44.17 72.98 117.83
C ALA E 787 44.97 72.69 116.57
N THR E 788 45.76 71.62 116.54
CA THR E 788 46.62 71.31 115.40
C THR E 788 45.97 70.35 114.41
N VAL E 789 44.74 69.89 114.66
CA VAL E 789 44.18 68.84 113.81
C VAL E 789 43.60 69.41 112.52
N PHE E 790 43.12 70.65 112.53
CA PHE E 790 42.36 71.19 111.41
C PHE E 790 43.22 71.81 110.32
N ALA E 791 44.53 71.56 110.33
CA ALA E 791 45.36 72.11 109.28
C ALA E 791 45.40 71.24 108.02
N GLN E 792 44.89 70.01 108.10
CA GLN E 792 44.94 69.10 106.95
C GLN E 792 43.85 69.38 105.93
N ILE E 793 42.86 70.21 106.27
CA ILE E 793 41.75 70.47 105.35
C ILE E 793 42.20 71.37 104.21
N VAL E 794 43.07 72.33 104.50
CA VAL E 794 43.47 73.29 103.49
C VAL E 794 44.52 72.73 102.53
N LYS E 795 45.19 71.64 102.90
CA LYS E 795 46.15 71.00 101.99
C LYS E 795 45.51 69.84 101.24
N LEU E 796 45.02 68.85 101.96
CA LEU E 796 44.26 67.75 101.37
C LEU E 796 42.79 68.11 101.40
N ARG E 797 42.18 68.22 100.23
CA ARG E 797 40.81 68.71 100.13
C ARG E 797 39.76 67.67 100.48
N LYS E 798 40.15 66.46 100.86
CA LYS E 798 39.18 65.49 101.36
C LYS E 798 38.97 65.71 102.85
N VAL E 799 37.70 65.81 103.25
CA VAL E 799 37.35 66.16 104.61
C VAL E 799 37.07 64.90 105.46
N ASP E 800 37.30 63.71 104.90
CA ASP E 800 37.02 62.48 105.62
C ASP E 800 38.00 62.24 106.77
N THR E 801 39.21 62.78 106.67
CA THR E 801 40.24 62.56 107.69
C THR E 801 40.23 63.63 108.76
N LEU E 802 39.06 63.87 109.35
CA LEU E 802 38.89 64.86 110.41
C LEU E 802 38.53 64.12 111.69
N LYS E 803 39.39 64.23 112.70
CA LYS E 803 39.19 63.57 113.99
C LYS E 803 39.48 64.57 115.10
N PRO E 804 38.46 65.22 115.66
CA PRO E 804 38.69 66.12 116.78
C PRO E 804 39.08 65.36 118.04
N ILE E 805 39.62 66.10 119.01
CA ILE E 805 40.13 65.53 120.24
C ILE E 805 39.18 65.89 121.38
N LEU E 806 38.66 64.87 122.07
CA LEU E 806 37.87 65.05 123.28
C LEU E 806 38.76 64.80 124.47
N TYR E 807 39.05 65.84 125.25
CA TYR E 807 39.86 65.68 126.44
C TYR E 807 39.04 65.00 127.53
N LYS E 808 39.74 64.24 128.38
CA LYS E 808 39.07 63.47 129.43
C LYS E 808 40.06 63.37 130.59
N ILE E 809 39.95 64.28 131.54
CA ILE E 809 40.84 64.34 132.69
C ILE E 809 40.12 63.73 133.88
N ASN E 810 40.51 62.50 134.23
CA ASN E 810 39.94 61.73 135.32
C ASN E 810 40.92 61.70 136.48
N SER E 811 40.62 60.87 137.48
CA SER E 811 41.56 60.62 138.55
C SER E 811 42.46 59.43 138.27
N ASP E 812 41.97 58.43 137.54
CA ASP E 812 42.78 57.26 137.22
C ASP E 812 43.62 57.46 135.97
N SER E 813 43.51 58.60 135.29
CA SER E 813 44.40 58.90 134.19
C SER E 813 45.79 59.20 134.73
N ASN E 814 46.80 58.78 133.98
CA ASN E 814 48.18 59.12 134.33
C ASN E 814 48.38 60.61 134.16
N ASP E 815 49.21 61.18 135.05
CA ASP E 815 49.48 62.61 135.15
C ASP E 815 48.18 63.40 135.38
N PHE E 816 47.54 63.12 136.52
CA PHE E 816 46.49 63.98 137.04
C PHE E 816 47.03 64.98 138.06
N TYR E 817 48.23 64.73 138.62
CA TYR E 817 48.82 65.54 139.66
C TYR E 817 49.14 66.96 139.24
N LEU E 818 49.14 67.26 137.94
CA LEU E 818 49.39 68.63 137.47
C LEU E 818 48.21 69.56 137.70
N VAL E 819 47.02 69.03 137.91
CA VAL E 819 45.83 69.87 138.04
C VAL E 819 45.62 70.30 139.49
N ALA E 820 45.75 69.37 140.44
CA ALA E 820 45.37 69.68 141.82
C ALA E 820 46.48 70.40 142.58
N ASN E 821 47.75 70.10 142.28
CA ASN E 821 48.85 70.66 143.06
C ASN E 821 49.24 72.07 142.66
N TYR E 822 48.70 72.60 141.57
CA TYR E 822 49.00 73.95 141.13
C TYR E 822 47.73 74.79 141.11
N ASP E 823 47.91 76.10 140.95
CA ASP E 823 46.80 77.06 140.93
C ASP E 823 46.58 77.49 139.48
N TRP E 824 45.79 76.70 138.75
CA TRP E 824 45.45 77.03 137.37
C TRP E 824 44.11 76.37 137.04
N VAL E 825 43.40 76.97 136.09
CA VAL E 825 42.16 76.42 135.57
C VAL E 825 42.44 75.77 134.22
N PRO E 826 42.01 74.53 134.00
CA PRO E 826 42.30 73.88 132.71
C PRO E 826 41.42 74.46 131.61
N THR E 827 42.05 74.80 130.49
CA THR E 827 41.36 75.43 129.39
C THR E 827 41.88 74.88 128.06
N SER E 828 41.02 74.95 127.05
CA SER E 828 41.39 74.51 125.71
C SER E 828 40.65 75.35 124.70
N THR E 829 41.21 75.41 123.48
CA THR E 829 40.68 76.30 122.46
C THR E 829 39.36 75.79 121.90
N THR E 830 39.33 74.54 121.45
CA THR E 830 38.14 73.98 120.82
C THR E 830 37.40 73.07 121.78
N LYS E 831 36.17 72.73 121.40
CA LYS E 831 35.39 71.71 122.09
C LYS E 831 34.52 71.00 121.06
N VAL E 832 33.93 69.89 121.47
CA VAL E 832 33.16 69.05 120.55
C VAL E 832 31.70 69.02 121.04
N TYR E 833 30.78 68.88 120.09
CA TYR E 833 29.34 68.91 120.38
C TYR E 833 28.88 67.48 120.62
N LYS E 834 28.75 67.12 121.89
CA LYS E 834 28.48 65.76 122.31
C LYS E 834 27.45 65.79 123.43
N GLN E 835 26.53 64.82 123.44
CA GLN E 835 25.49 64.76 124.45
C GLN E 835 25.83 63.75 125.54
N ILE E 836 25.12 63.85 126.64
CA ILE E 836 25.34 63.05 127.84
C ILE E 836 24.26 61.98 127.91
N PRO E 837 24.60 60.72 128.18
CA PRO E 837 23.57 59.66 128.20
C PRO E 837 22.63 59.81 129.37
N GLN E 838 21.43 59.24 129.20
CA GLN E 838 20.36 59.38 130.16
C GLN E 838 20.50 58.35 131.28
N GLN E 839 20.07 58.74 132.48
CA GLN E 839 20.14 57.85 133.64
C GLN E 839 19.05 56.79 133.56
N PHE E 840 19.00 55.94 134.59
CA PHE E 840 18.02 54.88 134.69
C PHE E 840 16.96 55.30 135.71
N ASP E 841 15.70 55.35 135.27
CA ASP E 841 14.57 55.64 136.14
C ASP E 841 13.64 54.43 136.12
N PHE E 842 13.38 53.86 137.29
CA PHE E 842 12.57 52.65 137.33
C PHE E 842 11.09 52.94 137.11
N ARG E 843 10.61 54.12 137.53
CA ARG E 843 9.20 54.44 137.39
C ARG E 843 8.83 54.85 135.97
N ALA E 844 9.79 55.08 135.10
CA ALA E 844 9.53 55.39 133.70
C ALA E 844 9.86 54.22 132.77
N SER E 845 10.28 53.08 133.32
CA SER E 845 10.62 51.92 132.51
C SER E 845 9.82 50.67 132.83
N MET E 846 9.19 50.59 134.00
CA MET E 846 8.37 49.45 134.36
C MET E 846 6.95 49.65 133.85
N HIS E 847 6.48 48.74 133.00
CA HIS E 847 5.11 48.76 132.54
C HIS E 847 4.72 47.37 132.04
N MET E 848 3.43 47.06 132.14
CA MET E 848 2.92 45.74 131.79
C MET E 848 2.43 45.71 130.36
N LEU E 849 2.34 44.50 129.81
CA LEU E 849 2.01 44.30 128.40
C LEU E 849 0.90 43.27 128.30
N THR E 850 -0.25 43.67 127.76
CA THR E 850 -1.41 42.78 127.62
C THR E 850 -1.38 42.09 126.27
N SER E 851 -1.90 40.86 126.23
CA SER E 851 -2.01 40.10 124.99
C SER E 851 -3.07 39.02 125.18
N ASN E 852 -3.13 38.10 124.21
CA ASN E 852 -4.05 36.98 124.27
C ASN E 852 -3.33 35.74 124.80
N LEU E 853 -4.12 34.75 125.21
CA LEU E 853 -3.55 33.53 125.73
C LEU E 853 -3.19 32.54 124.62
N THR E 854 -4.19 32.06 123.87
CA THR E 854 -3.98 31.08 122.81
C THR E 854 -4.68 31.50 121.52
N PHE E 855 -4.05 31.20 120.39
CA PHE E 855 -4.59 31.40 119.06
C PHE E 855 -4.61 30.07 118.32
N THR E 856 -5.16 30.11 117.10
CA THR E 856 -4.97 29.05 116.12
C THR E 856 -5.17 29.70 114.76
N VAL E 857 -4.10 29.83 113.98
CA VAL E 857 -4.13 30.57 112.72
C VAL E 857 -4.16 29.57 111.57
N TYR E 858 -5.13 29.73 110.66
CA TYR E 858 -5.31 28.82 109.54
C TYR E 858 -4.83 29.44 108.25
N SER E 859 -4.23 28.61 107.39
CA SER E 859 -3.58 29.10 106.17
C SER E 859 -4.55 29.18 105.00
N ASP E 860 -5.13 28.05 104.60
CA ASP E 860 -6.10 28.01 103.53
C ASP E 860 -7.50 27.76 104.08
N LEU E 861 -8.49 28.34 103.42
CA LEU E 861 -9.85 28.33 103.93
C LEU E 861 -10.79 27.41 103.17
N LEU E 862 -10.46 27.04 101.93
CA LEU E 862 -11.31 26.13 101.17
C LEU E 862 -10.98 24.67 101.43
N ALA E 863 -10.29 24.37 102.52
CA ALA E 863 -10.15 23.00 103.01
C ALA E 863 -11.22 22.66 104.04
N PHE E 864 -11.98 23.64 104.51
CA PHE E 864 -13.11 23.40 105.40
C PHE E 864 -14.40 23.12 104.66
N VAL E 865 -14.43 23.34 103.34
CA VAL E 865 -15.61 23.08 102.53
C VAL E 865 -15.37 21.80 101.76
N SER E 866 -16.23 20.81 101.95
CA SER E 866 -16.18 19.56 101.20
C SER E 866 -17.18 19.63 100.06
N ALA E 867 -16.71 19.42 98.85
CA ALA E 867 -17.49 19.68 97.65
C ALA E 867 -17.67 18.41 96.83
N ASP E 868 -18.87 18.25 96.28
CA ASP E 868 -19.16 17.20 95.32
C ASP E 868 -19.86 17.82 94.13
N THR E 869 -19.75 17.16 92.99
CA THR E 869 -20.47 17.57 91.79
C THR E 869 -21.66 16.66 91.56
N VAL E 870 -22.60 17.14 90.76
CA VAL E 870 -23.71 16.31 90.32
C VAL E 870 -23.21 15.38 89.24
N GLU E 871 -23.96 14.32 88.98
CA GLU E 871 -23.69 13.45 87.84
C GLU E 871 -23.80 14.28 86.56
N PRO E 872 -22.85 14.17 85.63
CA PRO E 872 -22.80 15.13 84.51
C PRO E 872 -23.93 15.00 83.51
N ILE E 873 -24.69 13.91 83.51
CA ILE E 873 -25.83 13.81 82.61
C ILE E 873 -26.93 14.76 83.05
N ASN E 874 -27.13 14.91 84.35
CA ASN E 874 -28.13 15.83 84.90
C ASN E 874 -27.48 17.15 85.31
N ALA E 875 -26.85 17.81 84.35
CA ALA E 875 -26.21 19.10 84.57
C ALA E 875 -26.98 20.19 83.82
N VAL E 876 -27.33 21.26 84.50
CA VAL E 876 -28.19 22.29 83.95
C VAL E 876 -27.39 23.57 83.72
N ALA E 877 -27.94 24.44 82.87
CA ALA E 877 -27.34 25.72 82.54
C ALA E 877 -27.89 26.79 83.48
N PHE E 878 -27.72 28.07 83.13
CA PHE E 878 -28.44 29.13 83.84
C PHE E 878 -29.94 29.01 83.59
N ASP E 879 -30.33 28.61 82.38
CA ASP E 879 -31.67 28.12 82.14
C ASP E 879 -31.79 26.75 82.79
N ASN E 880 -32.96 26.46 83.34
CA ASN E 880 -33.08 25.23 84.12
C ASN E 880 -33.18 23.97 83.26
N MET E 881 -33.20 24.08 81.94
CA MET E 881 -32.99 22.93 81.09
C MET E 881 -31.52 22.55 81.08
N ARG E 882 -31.24 21.33 80.64
CA ARG E 882 -29.89 20.78 80.72
C ARG E 882 -29.05 21.18 79.51
N ILE E 883 -27.75 21.26 79.73
CA ILE E 883 -26.80 21.39 78.63
C ILE E 883 -26.65 20.04 77.96
N MET E 884 -26.37 20.07 76.65
CA MET E 884 -26.28 18.90 75.79
C MET E 884 -27.57 18.06 75.85
N ASN E 885 -28.64 18.67 75.36
CA ASN E 885 -29.97 18.05 75.40
C ASN E 885 -30.28 17.36 74.08
N GLU E 886 -29.42 16.39 73.73
CA GLU E 886 -29.64 15.58 72.54
C GLU E 886 -29.60 14.09 72.82
N LEU E 887 -29.27 13.69 74.05
CA LEU E 887 -29.33 12.29 74.44
C LEU E 887 -30.78 11.79 74.44
N PRO F 107 25.92 35.32 31.17
CA PRO F 107 24.80 34.37 31.04
C PRO F 107 23.58 34.82 31.84
N LYS F 108 22.51 34.01 31.81
CA LYS F 108 21.28 34.38 32.50
C LYS F 108 21.43 34.25 34.02
N GLU F 109 22.15 33.22 34.47
CA GLU F 109 22.30 32.99 35.91
C GLU F 109 23.35 33.90 36.55
N SER F 110 24.06 34.72 35.77
CA SER F 110 25.04 35.64 36.33
C SER F 110 24.50 37.06 36.51
N ILE F 111 23.76 37.58 35.53
CA ILE F 111 23.19 38.91 35.66
C ILE F 111 22.04 38.89 36.67
N LEU F 112 21.36 37.76 36.79
CA LEU F 112 20.31 37.62 37.80
C LEU F 112 20.89 37.60 39.20
N LYS F 113 22.14 37.16 39.36
CA LYS F 113 22.76 37.17 40.67
C LYS F 113 23.16 38.57 41.12
N LYS F 114 23.29 39.51 40.18
CA LYS F 114 23.65 40.88 40.49
C LYS F 114 22.46 41.77 40.79
N LEU F 115 21.26 41.19 40.93
CA LEU F 115 20.05 41.94 41.28
C LEU F 115 19.47 41.54 42.62
N GLU F 116 19.43 40.24 42.90
CA GLU F 116 18.99 39.76 44.19
C GLU F 116 20.05 39.94 45.27
N ASP F 117 21.27 40.33 44.91
CA ASP F 117 22.34 40.59 45.86
C ASP F 117 22.52 42.08 46.13
N ILE F 118 21.75 42.95 45.48
CA ILE F 118 21.77 44.36 45.85
C ILE F 118 21.03 44.49 47.16
N LYS F 119 21.77 44.54 48.26
CA LYS F 119 21.18 44.65 49.58
C LYS F 119 20.62 46.05 49.79
N PRO F 120 19.66 46.21 50.70
CA PRO F 120 19.26 47.56 51.10
C PRO F 120 20.39 48.26 51.84
N GLU F 121 20.29 49.59 51.89
CA GLU F 121 21.35 50.40 52.48
C GLU F 121 21.41 50.17 53.98
N GLN F 122 22.59 49.82 54.48
CA GLN F 122 22.75 49.53 55.91
C GLN F 122 22.62 50.82 56.72
N VAL F 123 22.03 50.69 57.90
CA VAL F 123 21.82 51.84 58.75
C VAL F 123 23.13 52.19 59.42
N LYS F 124 23.28 53.46 59.80
CA LYS F 124 24.46 53.95 60.47
C LYS F 124 24.02 54.50 61.82
N LYS F 125 24.42 53.84 62.89
CA LYS F 125 24.17 54.31 64.24
C LYS F 125 25.51 54.67 64.85
N GLN F 126 25.68 55.94 65.21
CA GLN F 126 26.97 56.39 65.71
C GLN F 126 27.08 56.08 67.20
N THR F 127 28.32 55.92 67.66
CA THR F 127 28.59 55.50 69.03
C THR F 127 29.43 56.48 69.83
N LYS F 128 29.91 57.57 69.22
CA LYS F 128 30.57 58.62 69.97
C LYS F 128 30.32 59.95 69.28
N LEU F 129 30.48 61.03 70.05
CA LEU F 129 30.23 62.36 69.51
C LEU F 129 31.32 62.75 68.53
N PHE F 130 30.93 63.50 67.51
CA PHE F 130 31.88 63.99 66.51
C PHE F 130 32.72 65.09 67.13
N ARG F 131 34.01 64.84 67.30
CA ARG F 131 34.92 65.78 67.94
C ARG F 131 36.04 66.13 66.99
N ILE F 132 36.30 67.44 66.85
CA ILE F 132 37.44 67.93 66.09
C ILE F 132 38.34 68.82 66.94
N PHE F 133 37.86 69.34 68.07
CA PHE F 133 38.66 70.13 68.98
C PHE F 133 38.76 69.41 70.32
N GLU F 134 39.71 69.83 71.14
CA GLU F 134 39.88 69.25 72.47
C GLU F 134 40.56 70.28 73.36
N PRO F 135 40.36 70.22 74.68
CA PRO F 135 41.11 71.09 75.57
C PRO F 135 42.55 70.62 75.75
N ARG F 136 43.38 71.55 76.18
CA ARG F 136 44.79 71.28 76.39
C ARG F 136 45.35 72.29 77.38
N GLN F 137 46.14 71.81 78.32
CA GLN F 137 46.68 72.67 79.38
C GLN F 137 47.98 73.30 78.89
N LEU F 138 48.03 74.63 78.90
CA LEU F 138 49.21 75.37 78.49
C LEU F 138 49.63 76.30 79.63
N PRO F 139 50.93 76.55 79.78
CA PRO F 139 51.38 77.51 80.79
C PRO F 139 51.05 78.93 80.35
N VAL F 140 51.01 79.83 81.32
CA VAL F 140 50.55 81.20 81.10
C VAL F 140 51.56 82.15 81.72
N TYR F 141 52.07 83.07 80.90
CA TYR F 141 53.04 84.08 81.32
C TYR F 141 52.35 85.43 81.41
N ARG F 142 52.85 86.29 82.30
CA ARG F 142 52.22 87.58 82.52
C ARG F 142 52.72 88.60 81.50
N ALA F 143 52.38 89.87 81.71
CA ALA F 143 52.69 90.90 80.73
C ALA F 143 54.16 91.28 80.76
N ASN F 144 54.83 91.08 81.88
CA ASN F 144 56.26 91.35 81.96
C ASN F 144 57.07 90.34 81.16
N GLY F 145 56.60 89.10 81.11
CA GLY F 145 57.34 88.01 80.50
C GLY F 145 57.60 86.87 81.45
N GLU F 146 57.48 87.09 82.75
CA GLU F 146 57.74 86.06 83.74
C GLU F 146 56.64 85.01 83.73
N LYS F 147 56.93 83.87 84.35
CA LYS F 147 56.02 82.73 84.34
C LYS F 147 55.15 82.76 85.59
N GLU F 148 53.85 82.87 85.39
CA GLU F 148 52.91 82.78 86.50
C GLU F 148 52.75 81.33 86.93
N LEU F 149 52.39 81.14 88.19
CA LEU F 149 52.23 79.78 88.72
C LEU F 149 50.79 79.28 88.57
N ARG F 150 50.25 79.43 87.38
CA ARG F 150 48.91 78.96 87.03
C ARG F 150 48.99 78.23 85.71
N ASN F 151 47.87 77.64 85.32
CA ASN F 151 47.72 76.98 84.03
C ASN F 151 46.29 77.19 83.57
N ARG F 152 46.12 77.68 82.35
CA ARG F 152 44.79 77.98 81.82
C ARG F 152 44.55 77.11 80.59
N TRP F 153 43.37 76.50 80.55
CA TRP F 153 43.04 75.54 79.50
C TRP F 153 42.71 76.27 78.20
N TYR F 154 43.21 75.74 77.09
CA TYR F 154 42.96 76.31 75.77
C TYR F 154 42.46 75.22 74.85
N TRP F 155 41.78 75.64 73.78
CA TRP F 155 41.29 74.72 72.77
C TRP F 155 42.39 74.48 71.75
N LYS F 156 42.62 73.21 71.41
CA LYS F 156 43.57 72.83 70.37
C LYS F 156 42.95 71.73 69.54
N LEU F 157 43.46 71.56 68.32
CA LEU F 157 42.93 70.51 67.46
C LEU F 157 43.31 69.12 67.94
N LYS F 158 42.42 68.17 67.69
CA LYS F 158 42.73 66.76 67.79
C LYS F 158 43.18 66.28 66.42
N ARG F 159 44.42 65.79 66.34
CA ARG F 159 45.05 65.29 65.11
C ARG F 159 45.09 66.38 64.03
N ASP F 160 45.90 67.39 64.31
CA ASP F 160 46.09 68.51 63.38
C ASP F 160 47.10 68.10 62.32
N THR F 161 46.64 67.40 61.30
CA THR F 161 47.47 67.05 60.16
C THR F 161 47.11 67.96 58.98
N LEU F 162 47.69 69.15 59.00
CA LEU F 162 47.42 70.11 57.93
C LEU F 162 48.59 70.17 56.98
N PRO F 163 48.33 70.16 55.68
CA PRO F 163 49.42 70.24 54.70
C PRO F 163 49.91 71.66 54.49
N ASP F 164 50.77 71.82 53.49
CA ASP F 164 51.41 73.09 53.21
C ASP F 164 50.93 73.63 51.87
N GLY F 165 50.92 74.96 51.74
CA GLY F 165 50.47 75.58 50.51
C GLY F 165 48.97 75.76 50.48
N ASP F 166 48.51 76.84 49.85
CA ASP F 166 47.10 77.20 49.91
C ASP F 166 46.22 76.32 49.03
N TYR F 167 46.80 75.46 48.19
CA TYR F 167 45.98 74.54 47.42
C TYR F 167 45.73 73.24 48.16
N ASP F 168 46.72 72.75 48.91
CA ASP F 168 46.53 71.50 49.62
C ASP F 168 45.62 71.64 50.84
N VAL F 169 45.43 72.86 51.34
CA VAL F 169 44.46 73.07 52.41
C VAL F 169 43.04 72.99 51.84
N ARG F 170 42.84 73.45 50.62
CA ARG F 170 41.54 73.33 49.98
C ARG F 170 41.22 71.88 49.64
N GLU F 171 42.23 71.06 49.39
CA GLU F 171 42.02 69.64 49.15
C GLU F 171 41.90 68.84 50.44
N TYR F 172 42.25 69.42 51.58
CA TYR F 172 42.07 68.73 52.84
C TYR F 172 40.62 68.80 53.31
N PHE F 173 39.94 69.92 53.05
CA PHE F 173 38.55 70.07 53.46
C PHE F 173 37.59 69.37 52.51
N LEU F 174 38.07 68.79 51.41
CA LEU F 174 37.26 67.81 50.69
C LEU F 174 37.39 66.43 51.33
N ASN F 175 38.51 66.16 52.00
CA ASN F 175 38.63 64.94 52.77
C ASN F 175 37.91 65.03 54.10
N LEU F 176 37.79 66.24 54.65
CA LEU F 176 36.97 66.42 55.85
C LEU F 176 35.49 66.34 55.51
N TYR F 177 35.11 66.71 54.29
CA TYR F 177 33.73 66.65 53.88
C TYR F 177 33.30 65.23 53.54
N ASP F 178 34.22 64.41 53.04
CA ASP F 178 33.93 63.00 52.79
C ASP F 178 34.07 62.14 54.04
N GLN F 179 34.35 62.74 55.19
CA GLN F 179 34.46 62.04 56.45
C GLN F 179 33.28 62.29 57.37
N VAL F 180 32.68 63.48 57.31
CA VAL F 180 31.44 63.73 58.03
C VAL F 180 30.28 62.98 57.38
N LEU F 181 30.34 62.79 56.06
CA LEU F 181 29.27 62.08 55.35
C LEU F 181 29.24 60.59 55.66
N THR F 182 30.33 60.03 56.17
CA THR F 182 30.33 58.65 56.65
C THR F 182 30.21 58.55 58.16
N GLU F 183 30.36 59.67 58.87
CA GLU F 183 30.10 59.75 60.29
C GLU F 183 28.66 60.13 60.59
N MET F 184 27.94 60.65 59.60
CA MET F 184 26.57 61.11 59.78
C MET F 184 25.63 59.92 59.98
N PRO F 185 24.93 59.84 61.11
CA PRO F 185 24.10 58.67 61.38
C PRO F 185 22.68 58.83 60.87
N ASP F 186 21.98 57.69 60.80
CA ASP F 186 20.57 57.67 60.42
C ASP F 186 19.67 57.89 61.62
N TYR F 187 19.82 57.08 62.65
CA TYR F 187 19.10 57.27 63.91
C TYR F 187 20.10 57.26 65.05
N LEU F 188 19.70 57.86 66.17
CA LEU F 188 20.66 58.12 67.23
C LEU F 188 19.95 58.07 68.57
N LEU F 189 20.48 57.28 69.50
CA LEU F 189 19.94 57.16 70.85
C LEU F 189 21.05 57.48 71.84
N LEU F 190 20.85 58.50 72.65
CA LEU F 190 21.88 58.91 73.60
C LEU F 190 21.89 58.06 74.87
N LYS F 191 20.96 57.12 75.02
CA LYS F 191 21.00 56.22 76.17
C LYS F 191 22.07 55.14 76.02
N ASP F 192 22.68 55.00 74.85
CA ASP F 192 23.74 54.03 74.65
C ASP F 192 25.11 54.63 74.93
N MET F 193 25.38 55.82 74.42
CA MET F 193 26.57 56.57 74.82
C MET F 193 26.25 57.30 76.13
N ALA F 194 26.56 56.65 77.25
CA ALA F 194 26.24 57.20 78.56
C ALA F 194 27.17 56.58 79.59
N VAL F 195 28.12 57.36 80.08
CA VAL F 195 29.00 56.93 81.16
C VAL F 195 28.73 57.77 82.39
N GLU F 196 29.01 57.19 83.56
CA GLU F 196 28.67 57.83 84.82
C GLU F 196 29.62 58.99 85.11
N ASN F 197 29.04 60.08 85.62
CA ASN F 197 29.84 61.18 86.14
C ASN F 197 30.34 60.79 87.53
N LYS F 198 31.67 60.75 87.71
CA LYS F 198 32.25 60.15 88.90
C LYS F 198 32.07 61.02 90.15
N ASN F 199 31.72 62.30 89.98
CA ASN F 199 31.58 63.18 91.15
C ASN F 199 30.48 64.21 90.82
N SER F 200 29.26 63.90 91.24
CA SER F 200 28.13 64.81 91.08
C SER F 200 27.31 64.76 92.36
N ARG F 201 26.16 65.44 92.34
CA ARG F 201 25.26 65.42 93.49
C ARG F 201 24.66 64.04 93.68
N ASP F 202 23.90 63.56 92.70
CA ASP F 202 23.54 62.16 92.58
C ASP F 202 24.39 61.52 91.48
N ALA F 203 24.27 60.20 91.35
CA ALA F 203 25.07 59.47 90.37
C ALA F 203 24.51 59.75 88.97
N GLY F 204 24.92 60.88 88.41
CA GLY F 204 24.43 61.31 87.13
C GLY F 204 25.11 60.59 85.98
N LYS F 205 24.75 61.00 84.76
CA LYS F 205 25.32 60.42 83.56
C LYS F 205 25.55 61.51 82.54
N VAL F 206 26.82 61.74 82.18
CA VAL F 206 27.18 62.59 81.05
C VAL F 206 27.08 61.76 79.78
N VAL F 207 27.22 62.41 78.63
CA VAL F 207 26.82 61.78 77.37
C VAL F 207 27.96 61.08 76.64
N ASP F 208 29.21 61.27 77.05
CA ASP F 208 30.29 60.64 76.29
C ASP F 208 31.45 60.32 77.21
N SER F 209 32.26 59.35 76.77
CA SER F 209 33.46 59.00 77.52
C SER F 209 34.51 60.09 77.43
N GLU F 210 34.53 60.85 76.32
CA GLU F 210 35.42 62.00 76.23
C GLU F 210 34.94 63.13 77.14
N THR F 211 33.63 63.25 77.34
CA THR F 211 33.10 64.29 78.22
C THR F 211 33.42 63.99 79.68
N ALA F 212 33.29 62.73 80.10
CA ALA F 212 33.62 62.35 81.46
C ALA F 212 35.12 62.37 81.72
N ALA F 213 35.95 62.33 80.67
CA ALA F 213 37.38 62.40 80.86
C ALA F 213 37.83 63.83 81.20
N ILE F 214 37.18 64.83 80.62
CA ILE F 214 37.54 66.22 80.87
C ILE F 214 36.60 66.89 81.86
N CYS F 215 35.71 66.13 82.50
CA CYS F 215 35.10 66.58 83.74
C CYS F 215 35.90 66.16 84.96
N ASP F 216 36.51 64.98 84.88
CA ASP F 216 37.32 64.48 85.99
C ASP F 216 38.68 65.17 86.00
N ALA F 217 39.22 65.49 84.82
CA ALA F 217 40.54 66.10 84.74
C ALA F 217 40.57 67.56 85.17
N ILE F 218 39.43 68.19 85.42
CA ILE F 218 39.40 69.56 85.91
C ILE F 218 39.09 69.54 87.39
N PHE F 219 38.39 68.49 87.84
CA PHE F 219 38.05 68.39 89.25
C PHE F 219 39.26 68.06 90.11
N GLN F 220 40.22 67.30 89.57
CA GLN F 220 41.33 66.82 90.39
C GLN F 220 42.45 67.83 90.55
N ASP F 221 42.53 68.84 89.68
CA ASP F 221 43.65 69.76 89.72
C ASP F 221 43.57 70.71 90.91
N GLU F 222 44.72 71.29 91.24
CA GLU F 222 44.82 72.27 92.31
C GLU F 222 44.79 73.70 91.81
N GLU F 223 45.09 73.93 90.52
CA GLU F 223 45.05 75.26 89.94
C GLU F 223 43.63 75.70 89.59
N THR F 224 42.66 74.79 89.67
CA THR F 224 41.29 75.13 89.29
C THR F 224 40.62 75.94 90.39
N GLU F 225 39.59 76.69 90.00
CA GLU F 225 38.89 77.56 90.93
C GLU F 225 37.72 76.82 91.56
N GLY F 226 37.05 77.50 92.49
CA GLY F 226 35.96 76.88 93.21
C GLY F 226 34.60 77.02 92.56
N VAL F 227 34.45 78.02 91.69
CA VAL F 227 33.18 78.20 90.99
C VAL F 227 33.03 77.15 89.90
N VAL F 228 34.10 76.89 89.16
CA VAL F 228 34.07 75.86 88.12
C VAL F 228 34.00 74.46 88.73
N ARG F 229 34.57 74.27 89.91
CA ARG F 229 34.48 72.98 90.59
C ARG F 229 33.07 72.74 91.14
N ARG F 230 32.36 73.80 91.51
CA ARG F 230 30.98 73.69 91.95
C ARG F 230 30.02 73.38 90.81
N PHE F 231 30.39 73.71 89.58
CA PHE F 231 29.50 73.53 88.45
C PHE F 231 29.41 72.08 88.00
N ILE F 232 30.47 71.29 88.22
CA ILE F 232 30.46 69.90 87.79
C ILE F 232 29.60 69.04 88.71
N ALA F 233 29.37 69.47 89.95
CA ALA F 233 28.53 68.69 90.86
C ALA F 233 27.06 68.74 90.45
N GLU F 234 26.61 69.85 89.88
CA GLU F 234 25.22 69.99 89.43
C GLU F 234 25.12 69.68 87.93
N MET F 235 25.55 68.47 87.57
CA MET F 235 25.62 68.07 86.16
C MET F 235 25.04 66.66 86.05
N ARG F 236 23.73 66.58 85.80
CA ARG F 236 23.04 65.31 85.70
C ARG F 236 22.09 65.36 84.50
N GLN F 237 21.24 64.35 84.37
CA GLN F 237 20.31 64.24 83.26
C GLN F 237 18.88 64.29 83.77
N ARG F 238 17.96 64.63 82.87
CA ARG F 238 16.55 64.73 83.19
C ARG F 238 15.77 63.88 82.20
N VAL F 239 15.08 62.86 82.69
CA VAL F 239 14.38 61.90 81.86
C VAL F 239 12.88 62.11 82.04
N GLN F 240 12.20 62.45 80.95
CA GLN F 240 10.75 62.55 80.93
C GLN F 240 10.17 61.26 80.36
N ALA F 241 9.05 60.82 80.92
CA ALA F 241 8.49 59.52 80.58
C ALA F 241 7.20 59.59 79.78
N ASP F 242 6.43 60.68 79.88
CA ASP F 242 5.20 60.79 79.10
C ASP F 242 5.51 60.96 77.61
N ARG F 243 6.44 61.85 77.29
CA ARG F 243 7.10 61.86 75.99
C ARG F 243 8.52 61.34 76.21
N ASN F 244 8.95 60.40 75.39
CA ASN F 244 10.26 59.79 75.63
C ASN F 244 11.34 60.72 75.09
N VAL F 245 11.76 61.67 75.93
CA VAL F 245 12.90 62.52 75.65
C VAL F 245 13.79 62.56 76.88
N VAL F 246 15.09 62.73 76.65
CA VAL F 246 16.08 62.88 77.70
C VAL F 246 16.85 64.17 77.46
N ASN F 247 17.71 64.52 78.41
CA ASN F 247 18.55 65.71 78.33
C ASN F 247 19.89 65.39 78.98
N TYR F 248 20.88 65.02 78.17
CA TYR F 248 22.19 64.75 78.73
C TYR F 248 23.12 65.94 78.53
N PRO F 249 23.96 66.27 79.52
CA PRO F 249 24.92 67.37 79.34
C PRO F 249 26.09 66.93 78.45
N SER F 250 26.93 67.90 78.13
CA SER F 250 28.05 67.66 77.23
C SER F 250 29.17 68.62 77.56
N ILE F 251 30.31 68.44 76.89
CA ILE F 251 31.35 69.46 76.77
C ILE F 251 31.78 69.44 75.31
N LEU F 252 31.49 70.52 74.58
CA LEU F 252 31.71 70.54 73.15
C LEU F 252 32.19 71.92 72.72
N HIS F 253 33.02 71.94 71.68
CA HIS F 253 33.38 73.18 71.04
C HIS F 253 32.17 73.75 70.30
N PRO F 254 32.07 75.07 70.18
CA PRO F 254 30.95 75.66 69.41
C PRO F 254 30.93 75.29 67.93
N ILE F 255 32.07 74.93 67.33
CA ILE F 255 32.05 74.35 66.00
C ILE F 255 31.61 72.90 66.07
N ASP F 256 32.07 72.18 67.11
CA ASP F 256 31.65 70.80 67.34
C ASP F 256 30.18 70.70 67.69
N HIS F 257 29.63 71.73 68.34
CA HIS F 257 28.23 71.72 68.74
C HIS F 257 27.29 71.81 67.55
N ALA F 258 27.73 72.47 66.48
CA ALA F 258 26.89 72.62 65.29
C ALA F 258 26.87 71.37 64.43
N PHE F 259 27.90 70.54 64.50
CA PHE F 259 27.89 69.28 63.75
C PHE F 259 27.06 68.22 64.45
N ASN F 260 27.11 68.19 65.78
CA ASN F 260 26.40 67.15 66.53
C ASN F 260 24.92 67.46 66.64
N GLU F 261 24.55 68.74 66.80
CA GLU F 261 23.14 69.08 66.87
C GLU F 261 22.47 69.03 65.51
N TYR F 262 23.23 69.09 64.41
CA TYR F 262 22.61 68.82 63.13
C TYR F 262 22.32 67.34 62.96
N PHE F 263 23.10 66.47 63.62
CA PHE F 263 22.85 65.04 63.54
C PHE F 263 21.62 64.63 64.34
N LEU F 264 21.19 65.45 65.30
CA LEU F 264 20.04 65.15 66.15
C LEU F 264 18.73 65.73 65.64
N GLN F 265 18.76 66.90 65.02
CA GLN F 265 17.52 67.50 64.55
C GLN F 265 17.02 66.87 63.26
N HIS F 266 17.91 66.28 62.46
CA HIS F 266 17.57 65.75 61.15
C HIS F 266 17.91 64.27 61.11
N GLN F 267 16.94 63.43 61.43
CA GLN F 267 17.10 61.98 61.41
C GLN F 267 16.11 61.37 60.42
N LEU F 268 16.50 60.25 59.84
CA LEU F 268 15.66 59.57 58.85
C LEU F 268 14.89 58.41 59.49
N VAL F 269 14.06 58.73 60.48
CA VAL F 269 13.15 57.76 61.08
C VAL F 269 11.76 58.38 61.18
N GLU F 270 10.74 57.60 60.80
CA GLU F 270 9.35 57.99 60.86
C GLU F 270 8.57 56.96 61.68
N PRO F 271 7.50 57.36 62.35
CA PRO F 271 6.73 56.40 63.14
C PRO F 271 6.03 55.36 62.26
N LEU F 272 5.67 54.25 62.88
CA LEU F 272 5.18 53.08 62.17
C LEU F 272 3.96 52.50 62.86
N ASN F 273 2.95 52.15 62.06
CA ASN F 273 1.71 51.56 62.54
C ASN F 273 1.37 50.34 61.70
N ASN F 274 0.15 49.83 61.84
CA ASN F 274 -0.34 48.83 60.91
C ASN F 274 -0.88 49.44 59.63
N ASP F 275 -1.18 50.74 59.62
CA ASP F 275 -1.65 51.38 58.42
C ASP F 275 -0.52 51.76 57.48
N ILE F 276 0.72 51.81 57.97
CA ILE F 276 1.86 52.11 57.11
C ILE F 276 2.51 50.82 56.58
N ILE F 277 2.28 49.69 57.24
CA ILE F 277 2.73 48.41 56.69
C ILE F 277 1.91 48.07 55.45
N PHE F 278 0.61 48.28 55.50
CA PHE F 278 -0.25 47.91 54.38
C PHE F 278 -0.05 48.85 53.19
N ASN F 279 0.15 50.14 53.45
CA ASN F 279 0.35 51.10 52.36
C ASN F 279 1.72 51.01 51.72
N TYR F 280 2.62 50.16 52.23
CA TYR F 280 3.84 49.85 51.51
C TYR F 280 3.54 49.04 50.26
N ILE F 281 2.47 48.26 50.27
CA ILE F 281 2.06 47.44 49.12
C ILE F 281 1.50 48.38 48.04
N PRO F 282 1.76 48.14 46.76
CA PRO F 282 1.17 48.97 45.71
C PRO F 282 -0.34 48.85 45.66
N GLU F 283 -0.97 49.87 45.08
CA GLU F 283 -2.42 50.04 45.21
C GLU F 283 -3.18 49.07 44.32
N ARG F 284 -2.60 48.62 43.21
CA ARG F 284 -3.31 47.72 42.32
C ARG F 284 -3.45 46.30 42.88
N ILE F 285 -2.78 45.98 43.98
CA ILE F 285 -2.84 44.65 44.56
C ILE F 285 -3.71 44.69 45.81
N ARG F 286 -3.69 45.84 46.52
CA ARG F 286 -4.59 46.02 47.65
C ARG F 286 -6.03 46.15 47.19
N ASN F 287 -6.25 46.83 46.07
CA ASN F 287 -7.58 46.99 45.49
C ASN F 287 -8.03 45.78 44.69
N ASP F 288 -7.20 44.75 44.58
CA ASP F 288 -7.54 43.58 43.80
C ASP F 288 -8.55 42.71 44.55
N VAL F 289 -9.12 41.75 43.82
CA VAL F 289 -10.11 40.86 44.38
C VAL F 289 -9.56 39.46 44.62
N ASN F 290 -8.65 38.97 43.77
CA ASN F 290 -8.13 37.63 43.88
C ASN F 290 -7.13 37.43 45.01
N TYR F 291 -6.68 38.50 45.65
CA TYR F 291 -5.66 38.40 46.69
C TYR F 291 -6.25 38.84 48.02
N ILE F 292 -6.08 37.99 49.04
CA ILE F 292 -6.53 38.27 50.39
C ILE F 292 -5.30 38.56 51.24
N LEU F 293 -5.31 39.70 51.92
CA LEU F 293 -4.17 40.19 52.68
C LEU F 293 -4.45 40.07 54.17
N ASN F 294 -3.55 39.41 54.89
CA ASN F 294 -3.75 39.09 56.29
C ASN F 294 -2.44 39.33 57.03
N MET F 295 -2.53 39.92 58.22
CA MET F 295 -1.36 40.13 59.06
C MET F 295 -1.67 39.71 60.50
N ASP F 296 -0.61 39.47 61.27
CA ASP F 296 -0.71 38.81 62.56
C ASP F 296 -0.53 39.76 63.73
N ARG F 297 0.58 40.49 63.78
CA ARG F 297 0.93 41.29 64.94
C ARG F 297 0.69 42.77 64.69
N ASN F 298 0.41 43.51 65.75
CA ASN F 298 0.26 44.95 65.70
C ASN F 298 1.39 45.64 66.44
N LEU F 299 2.03 46.59 65.79
CA LEU F 299 3.25 47.23 66.26
C LEU F 299 2.93 48.34 67.27
N PRO F 300 3.83 48.63 68.21
CA PRO F 300 3.55 49.67 69.20
C PRO F 300 3.77 51.06 68.60
N SER F 301 3.64 52.08 69.46
CA SER F 301 3.91 53.44 69.06
C SER F 301 5.39 53.78 69.08
N THR F 302 6.21 52.93 69.69
CA THR F 302 7.65 53.17 69.73
C THR F 302 8.29 52.89 68.38
N ALA F 303 7.77 51.91 67.64
CA ALA F 303 8.43 51.36 66.46
C ALA F 303 8.56 52.37 65.33
N ARG F 304 9.74 52.42 64.73
CA ARG F 304 10.05 53.33 63.64
C ARG F 304 10.51 52.55 62.42
N TYR F 305 10.62 53.26 61.29
CA TYR F 305 11.11 52.65 60.06
C TYR F 305 11.78 53.72 59.21
N ILE F 306 12.60 53.27 58.27
CA ILE F 306 13.36 54.17 57.40
C ILE F 306 12.75 54.09 56.00
N ARG F 307 12.35 55.22 55.48
CA ARG F 307 11.68 55.25 54.19
C ARG F 307 12.69 55.42 53.07
N PRO F 308 12.61 54.61 52.02
CA PRO F 308 13.46 54.84 50.85
C PRO F 308 12.96 56.00 50.02
N ASN F 309 13.82 56.50 49.14
CA ASN F 309 13.46 57.58 48.23
C ASN F 309 13.24 57.02 46.82
N LEU F 310 11.98 56.75 46.50
CA LEU F 310 11.60 56.26 45.17
C LEU F 310 11.08 57.45 44.37
N LEU F 311 12.02 58.23 43.84
CA LEU F 311 11.71 59.30 42.91
C LEU F 311 12.48 59.05 41.63
N GLN F 312 11.85 59.36 40.49
CA GLN F 312 12.28 58.88 39.19
C GLN F 312 13.62 59.49 38.78
N ASP F 313 14.24 58.89 37.77
CA ASP F 313 15.65 59.14 37.47
C ASP F 313 15.86 60.56 36.94
N ARG F 314 16.90 61.21 37.46
CA ARG F 314 17.19 62.60 37.17
C ARG F 314 18.28 62.75 36.12
N LEU F 315 18.69 61.66 35.47
CA LEU F 315 19.71 61.71 34.45
C LEU F 315 19.21 61.52 33.03
N ASN F 316 18.02 60.92 32.87
CA ASN F 316 17.46 60.51 31.58
C ASN F 316 18.45 59.62 30.81
N LEU F 317 18.68 58.43 31.39
CA LEU F 317 19.62 57.49 30.79
C LEU F 317 19.11 56.89 29.49
N HIS F 318 17.81 56.98 29.21
CA HIS F 318 17.29 56.53 27.93
C HIS F 318 17.49 57.56 26.83
N ASP F 319 17.80 58.80 27.18
CA ASP F 319 17.95 59.88 26.21
C ASP F 319 19.43 60.04 25.90
N ASN F 320 19.84 59.45 24.78
CA ASN F 320 21.18 59.57 24.17
C ASN F 320 22.30 59.00 25.03
N PHE F 321 21.97 58.09 25.95
CA PHE F 321 22.96 57.20 26.58
C PHE F 321 22.55 55.80 26.16
N GLU F 322 23.00 55.39 24.98
CA GLU F 322 22.35 54.30 24.29
C GLU F 322 23.03 52.96 24.53
N SER F 323 24.22 52.94 25.14
CA SER F 323 24.84 51.69 25.54
C SER F 323 24.72 51.40 27.02
N LEU F 324 24.50 52.43 27.85
CA LEU F 324 24.19 52.21 29.26
C LEU F 324 22.73 51.85 29.45
N TRP F 325 21.85 52.28 28.53
CA TRP F 325 20.46 51.88 28.61
C TRP F 325 20.28 50.43 28.18
N ASP F 326 21.19 49.89 27.39
CA ASP F 326 21.05 48.50 26.95
C ASP F 326 21.31 47.53 28.09
N THR F 327 22.32 47.78 28.91
CA THR F 327 22.60 46.87 30.02
C THR F 327 21.73 47.15 31.24
N ILE F 328 20.94 48.22 31.22
CA ILE F 328 19.99 48.48 32.30
C ILE F 328 18.60 47.94 31.97
N THR F 329 18.35 47.58 30.71
CA THR F 329 17.10 46.95 30.33
C THR F 329 17.26 45.50 29.90
N THR F 330 18.50 45.02 29.73
CA THR F 330 18.75 43.58 29.69
C THR F 330 18.67 43.01 31.09
N SER F 331 19.08 43.81 32.08
CA SER F 331 18.97 43.43 33.49
C SER F 331 17.53 43.24 33.93
N ASN F 332 16.63 44.15 33.54
CA ASN F 332 15.24 44.03 33.92
C ASN F 332 14.52 42.93 33.16
N TYR F 333 15.03 42.54 31.99
CA TYR F 333 14.40 41.48 31.22
C TYR F 333 14.70 40.11 31.80
N ILE F 334 15.88 39.94 32.41
CA ILE F 334 16.22 38.66 33.01
C ILE F 334 15.49 38.47 34.34
N LEU F 335 15.35 39.55 35.11
CA LEU F 335 14.63 39.48 36.39
C LEU F 335 13.13 39.25 36.17
N ALA F 336 12.54 39.91 35.17
CA ALA F 336 11.12 39.71 34.90
C ALA F 336 10.83 38.38 34.22
N ARG F 337 11.86 37.73 33.66
CA ARG F 337 11.69 36.42 33.07
C ARG F 337 11.50 35.34 34.13
N SER F 338 12.13 35.49 35.29
CA SER F 338 12.10 34.49 36.34
C SER F 338 10.97 34.71 37.33
N VAL F 339 10.04 35.61 37.05
CA VAL F 339 8.95 35.91 37.95
C VAL F 339 7.60 35.53 37.34
N VAL F 340 7.44 35.74 36.03
CA VAL F 340 6.21 35.41 35.30
C VAL F 340 5.94 33.91 35.37
N PRO F 341 4.74 33.48 35.75
CA PRO F 341 4.52 32.07 36.08
C PRO F 341 4.41 31.19 34.85
N ASP F 342 4.95 29.99 34.96
CA ASP F 342 4.88 29.01 33.89
C ASP F 342 3.49 28.39 33.84
N LEU F 343 3.09 27.96 32.65
CA LEU F 343 1.76 27.41 32.47
C LEU F 343 1.68 26.01 33.05
N LYS F 344 0.53 25.68 33.60
CA LYS F 344 0.25 24.35 34.12
C LYS F 344 -1.00 23.81 33.45
N GLU F 345 -1.09 22.46 33.44
CA GLU F 345 -2.19 21.70 32.87
C GLU F 345 -2.39 22.01 31.38
N LEU F 346 -1.31 21.90 30.62
CA LEU F 346 -1.38 22.08 29.17
C LEU F 346 -1.97 20.83 28.52
N VAL F 347 -2.37 20.99 27.27
CA VAL F 347 -2.74 19.84 26.46
C VAL F 347 -1.49 19.08 26.09
N SER F 348 -1.58 17.75 26.04
CA SER F 348 -0.42 16.91 25.78
C SER F 348 0.08 17.11 24.35
N THR F 349 1.41 16.96 24.19
CA THR F 349 2.01 17.09 22.86
C THR F 349 1.58 15.95 21.95
N GLU F 350 1.60 14.72 22.46
CA GLU F 350 1.25 13.56 21.66
C GLU F 350 -0.24 13.48 21.41
N ALA F 351 -1.06 14.00 22.31
CA ALA F 351 -2.51 13.95 22.14
C ALA F 351 -3.04 15.09 21.29
N GLN F 352 -2.20 16.08 20.96
CA GLN F 352 -2.59 17.16 20.07
C GLN F 352 -2.02 17.01 18.67
N ILE F 353 -0.83 16.42 18.55
CA ILE F 353 -0.26 16.16 17.23
C ILE F 353 -1.06 15.10 16.50
N GLN F 354 -1.55 14.10 17.23
CA GLN F 354 -2.40 13.07 16.61
C GLN F 354 -3.75 13.64 16.19
N LYS F 355 -4.28 14.59 16.96
CA LYS F 355 -5.51 15.27 16.55
C LYS F 355 -5.27 16.18 15.37
N MET F 356 -4.10 16.81 15.31
CA MET F 356 -3.77 17.72 14.22
C MET F 356 -3.41 16.97 12.95
N SER F 357 -2.92 15.74 13.06
CA SER F 357 -2.49 14.98 11.89
C SER F 357 -3.63 14.25 11.20
N GLN F 358 -4.86 14.37 11.70
CA GLN F 358 -6.02 13.85 11.00
C GLN F 358 -6.90 14.92 10.39
N ASP F 359 -6.85 16.15 10.91
CA ASP F 359 -7.53 17.25 10.26
C ASP F 359 -6.80 17.69 9.00
N LEU F 360 -5.49 17.43 8.93
CA LEU F 360 -4.71 17.84 7.77
C LEU F 360 -4.77 16.81 6.65
N GLN F 361 -4.96 15.53 6.99
CA GLN F 361 -5.03 14.40 6.07
C GLN F 361 -3.80 14.33 5.16
N LEU F 362 -2.64 14.21 5.80
CA LEU F 362 -1.39 14.20 5.07
C LEU F 362 -1.04 12.78 4.66
N GLU F 363 -0.61 12.63 3.40
CA GLU F 363 -0.36 11.35 2.76
C GLU F 363 1.13 11.07 2.74
N ALA F 364 1.49 9.80 2.88
CA ALA F 364 2.88 9.41 3.05
C ALA F 364 3.61 9.20 1.75
N LEU F 365 3.03 9.59 0.62
CA LEU F 365 3.65 9.35 -0.66
C LEU F 365 3.97 10.65 -1.39
N THR F 366 3.00 11.54 -1.52
CA THR F 366 3.26 12.84 -2.12
C THR F 366 4.01 13.75 -1.15
N ILE F 367 4.61 14.80 -1.68
CA ILE F 367 5.32 15.81 -0.89
C ILE F 367 4.51 17.09 -0.92
N GLN F 368 4.13 17.57 0.26
CA GLN F 368 3.18 18.67 0.37
C GLN F 368 3.62 19.64 1.45
N SER F 369 2.95 20.78 1.50
CA SER F 369 3.26 21.83 2.46
C SER F 369 2.39 21.76 3.70
N GLU F 370 1.64 20.69 3.88
CA GLU F 370 0.84 20.47 5.08
C GLU F 370 1.48 19.46 6.02
N THR F 371 2.74 19.12 5.81
CA THR F 371 3.51 18.33 6.74
C THR F 371 4.52 19.16 7.52
N GLN F 372 4.61 20.45 7.23
CA GLN F 372 5.43 21.37 8.00
C GLN F 372 4.64 22.12 9.05
N PHE F 373 3.36 21.82 9.21
CA PHE F 373 2.58 22.45 10.26
C PHE F 373 2.88 21.87 11.64
N LEU F 374 3.61 20.76 11.68
CA LEU F 374 3.85 20.00 12.91
C LEU F 374 5.28 20.13 13.41
N THR F 375 6.05 21.08 12.91
CA THR F 375 7.46 21.18 13.26
C THR F 375 7.67 22.13 14.43
N GLY F 376 8.40 21.68 15.43
CA GLY F 376 8.75 22.53 16.55
C GLY F 376 7.62 22.89 17.47
N ILE F 377 6.58 22.07 17.52
CA ILE F 377 5.46 22.26 18.44
C ILE F 377 5.63 21.26 19.57
N ASN F 378 5.96 21.76 20.75
CA ASN F 378 6.11 20.92 21.94
C ASN F 378 5.75 21.75 23.16
N SER F 379 5.94 21.17 24.34
CA SER F 379 5.48 21.80 25.57
C SER F 379 6.50 22.71 26.21
N GLN F 380 7.75 22.69 25.75
CA GLN F 380 8.76 23.59 26.27
C GLN F 380 8.76 24.92 25.52
N ALA F 381 8.55 24.88 24.21
CA ALA F 381 8.44 26.12 23.44
C ALA F 381 7.12 26.84 23.69
N ALA F 382 6.09 26.12 24.15
CA ALA F 382 4.86 26.79 24.56
C ALA F 382 5.08 27.60 25.82
N ASN F 383 5.90 27.09 26.73
CA ASN F 383 6.22 27.76 27.97
C ASN F 383 7.24 28.88 27.79
N ASP F 384 7.90 28.94 26.64
CA ASP F 384 8.93 29.93 26.39
C ASP F 384 8.32 31.20 25.80
N CYS F 385 7.36 31.07 24.88
CA CYS F 385 6.74 32.24 24.27
C CYS F 385 5.87 33.00 25.26
N PHE F 386 5.26 32.28 26.22
CA PHE F 386 4.48 32.95 27.26
C PHE F 386 5.37 33.78 28.18
N LYS F 387 6.62 33.38 28.35
CA LYS F 387 7.51 34.11 29.24
C LYS F 387 8.15 35.30 28.53
N THR F 388 8.58 35.13 27.29
CA THR F 388 9.27 36.21 26.59
C THR F 388 8.32 37.18 25.90
N LEU F 389 7.02 37.03 26.09
CA LEU F 389 6.05 38.05 25.69
C LEU F 389 5.59 38.90 26.86
N ILE F 390 5.57 38.33 28.07
CA ILE F 390 5.30 39.12 29.26
C ILE F 390 6.55 39.88 29.69
N ALA F 391 7.70 39.20 29.73
CA ALA F 391 8.91 39.81 30.24
C ALA F 391 9.55 40.78 29.25
N ALA F 392 9.17 40.74 27.99
CA ALA F 392 9.63 41.77 27.08
C ALA F 392 8.87 43.07 27.27
N MET F 393 7.57 42.98 27.59
CA MET F 393 6.77 44.18 27.75
C MET F 393 7.06 44.91 29.05
N LEU F 394 7.48 44.19 30.09
CA LEU F 394 7.74 44.82 31.38
C LEU F 394 9.09 45.52 31.40
N SER F 395 10.04 45.07 30.60
CA SER F 395 11.36 45.69 30.55
C SER F 395 11.58 46.53 29.30
N GLN F 396 10.62 46.52 28.37
CA GLN F 396 10.64 47.29 27.13
C GLN F 396 11.85 46.95 26.26
N ARG F 397 12.16 45.66 26.15
CA ARG F 397 13.02 45.19 25.08
C ARG F 397 12.29 45.29 23.75
N THR F 398 13.03 45.18 22.67
CA THR F 398 12.46 45.01 21.34
C THR F 398 12.72 43.58 20.90
N MET F 399 11.70 42.95 20.31
CA MET F 399 11.83 41.57 19.90
C MET F 399 12.27 41.50 18.43
N SER F 400 12.39 40.28 17.93
CA SER F 400 12.80 40.07 16.54
C SER F 400 12.25 38.72 16.10
N LEU F 401 11.36 38.73 15.11
CA LEU F 401 10.71 37.50 14.69
C LEU F 401 11.67 36.66 13.85
N ASP F 402 11.79 35.39 14.20
CA ASP F 402 12.68 34.45 13.53
C ASP F 402 11.78 33.36 12.96
N PHE F 403 11.61 33.33 11.64
CA PHE F 403 10.65 32.43 11.04
C PHE F 403 11.12 32.00 9.65
N VAL F 404 10.35 31.10 9.06
CA VAL F 404 10.63 30.52 7.76
C VAL F 404 9.43 30.76 6.87
N THR F 405 9.67 31.15 5.61
CA THR F 405 8.60 31.58 4.72
C THR F 405 7.72 30.42 4.29
N THR F 406 8.30 29.25 4.07
CA THR F 406 7.57 28.11 3.51
C THR F 406 6.71 27.36 4.53
N ASN F 407 6.50 27.90 5.72
CA ASN F 407 5.68 27.28 6.75
C ASN F 407 4.42 28.11 6.90
N TYR F 408 3.30 27.61 6.39
CA TYR F 408 2.06 28.37 6.38
C TYR F 408 1.34 28.38 7.71
N MET F 409 1.86 27.73 8.74
CA MET F 409 1.28 27.80 10.07
C MET F 409 1.97 28.83 10.96
N SER F 410 3.23 29.17 10.69
CA SER F 410 3.84 30.30 11.35
C SER F 410 3.28 31.62 10.85
N LEU F 411 2.73 31.64 9.63
CA LEU F 411 2.16 32.86 9.09
C LEU F 411 0.75 33.11 9.59
N ILE F 412 -0.04 32.05 9.78
CA ILE F 412 -1.39 32.21 10.29
C ILE F 412 -1.37 32.48 11.79
N SER F 413 -0.50 31.79 12.52
CA SER F 413 -0.30 32.08 13.94
C SER F 413 0.59 33.28 14.17
N GLY F 414 1.07 33.93 13.12
CA GLY F 414 1.69 35.24 13.23
C GLY F 414 0.73 36.38 13.03
N MET F 415 -0.51 36.09 12.63
CA MET F 415 -1.57 37.08 12.64
C MET F 415 -2.09 37.35 14.03
N TRP F 416 -1.87 36.42 14.95
CA TRP F 416 -2.30 36.59 16.33
C TRP F 416 -1.31 37.42 17.15
N LEU F 417 -0.04 37.41 16.77
CA LEU F 417 0.95 38.24 17.45
C LEU F 417 0.75 39.72 17.13
N LEU F 418 0.57 40.05 15.86
CA LEU F 418 0.51 41.45 15.45
C LEU F 418 -0.76 42.15 15.89
N THR F 419 -1.79 41.40 16.29
CA THR F 419 -3.04 41.99 16.73
C THR F 419 -3.17 42.05 18.25
N VAL F 420 -2.20 41.54 19.00
CA VAL F 420 -2.24 41.57 20.45
C VAL F 420 -1.06 42.39 20.96
N VAL F 421 0.15 42.01 20.57
CA VAL F 421 1.34 42.81 20.90
C VAL F 421 1.35 44.04 19.98
N PRO F 422 1.58 45.24 20.53
CA PRO F 422 1.61 46.44 19.68
C PRO F 422 2.77 46.42 18.70
N ASN F 423 2.52 46.98 17.51
CA ASN F 423 3.49 46.95 16.42
C ASN F 423 4.65 47.91 16.63
N ASP F 424 4.60 48.78 17.63
CA ASP F 424 5.71 49.67 17.94
C ASP F 424 6.81 48.99 18.75
N MET F 425 6.80 47.67 18.83
CA MET F 425 7.67 46.92 19.72
C MET F 425 8.64 46.01 18.99
N PHE F 426 8.19 45.30 17.96
CA PHE F 426 9.12 44.53 17.14
C PHE F 426 10.00 45.47 16.34
N ILE F 427 11.22 45.02 16.06
CA ILE F 427 12.13 45.83 15.25
C ILE F 427 11.62 45.85 13.81
N ARG F 428 11.94 46.93 13.09
CA ARG F 428 11.22 47.21 11.86
C ARG F 428 11.68 46.36 10.69
N GLU F 429 12.95 45.95 10.65
CA GLU F 429 13.40 45.14 9.52
C GLU F 429 12.92 43.70 9.58
N SER F 430 12.29 43.28 10.68
CA SER F 430 11.66 41.97 10.78
C SER F 430 10.17 42.04 11.01
N LEU F 431 9.63 43.21 11.38
CA LEU F 431 8.19 43.40 11.35
C LEU F 431 7.69 43.50 9.92
N VAL F 432 8.45 44.19 9.07
CA VAL F 432 8.04 44.42 7.69
C VAL F 432 8.18 43.14 6.87
N ALA F 433 9.23 42.36 7.13
CA ALA F 433 9.42 41.10 6.43
C ALA F 433 8.44 40.02 6.89
N CYS F 434 7.75 40.21 8.01
CA CYS F 434 6.71 39.29 8.44
C CYS F 434 5.33 39.74 8.01
N GLN F 435 5.08 41.05 7.94
CA GLN F 435 3.81 41.53 7.42
C GLN F 435 3.72 41.34 5.91
N LEU F 436 4.86 41.29 5.22
CA LEU F 436 4.84 41.06 3.78
C LEU F 436 4.53 39.61 3.46
N ALA F 437 4.92 38.69 4.34
CA ALA F 437 4.66 37.28 4.08
C ALA F 437 3.18 36.94 4.27
N ILE F 438 2.50 37.61 5.19
CA ILE F 438 1.06 37.38 5.37
C ILE F 438 0.28 37.97 4.20
N ILE F 439 0.79 39.06 3.61
CA ILE F 439 0.09 39.70 2.51
C ILE F 439 0.22 38.88 1.23
N ASN F 440 1.46 38.52 0.85
CA ASN F 440 1.69 37.88 -0.43
C ASN F 440 1.35 36.40 -0.45
N THR F 441 1.01 35.81 0.69
CA THR F 441 0.66 34.39 0.73
C THR F 441 -0.78 34.15 1.16
N ILE F 442 -1.22 34.74 2.27
CA ILE F 442 -2.55 34.44 2.79
C ILE F 442 -3.60 35.38 2.23
N ILE F 443 -3.32 36.69 2.15
CA ILE F 443 -4.38 37.67 1.94
C ILE F 443 -4.55 38.07 0.48
N TYR F 444 -3.48 38.54 -0.16
CA TYR F 444 -3.61 38.94 -1.57
C TYR F 444 -3.85 37.79 -2.55
N PRO F 445 -3.32 36.57 -2.35
CA PRO F 445 -3.86 35.45 -3.13
C PRO F 445 -5.29 35.07 -2.81
N ALA F 446 -5.84 35.46 -1.65
CA ALA F 446 -7.20 35.06 -1.33
C ALA F 446 -8.25 35.84 -2.10
N PHE F 447 -7.92 37.02 -2.59
CA PHE F 447 -8.87 37.83 -3.34
C PHE F 447 -8.53 37.88 -4.83
N GLY F 448 -7.43 37.29 -5.24
CA GLY F 448 -7.09 37.20 -6.64
C GLY F 448 -6.36 38.39 -7.22
N MET F 449 -6.10 39.43 -6.42
CA MET F 449 -5.41 40.59 -6.96
C MET F 449 -3.91 40.34 -7.02
N GLN F 450 -3.22 41.22 -7.74
CA GLN F 450 -1.79 41.04 -7.97
C GLN F 450 -1.00 41.34 -6.71
N ARG F 451 0.01 40.51 -6.44
CA ARG F 451 0.81 40.66 -5.23
C ARG F 451 1.62 41.94 -5.28
N MET F 452 1.85 42.50 -4.10
CA MET F 452 2.29 43.88 -3.99
C MET F 452 3.76 44.04 -4.35
N HIS F 453 4.10 45.23 -4.83
CA HIS F 453 5.44 45.56 -5.30
C HIS F 453 6.11 46.38 -4.21
N TYR F 454 6.76 45.70 -3.27
CA TYR F 454 7.30 46.34 -2.08
C TYR F 454 8.83 46.41 -2.17
N ARG F 455 9.37 47.60 -1.96
CA ARG F 455 10.80 47.84 -1.89
C ARG F 455 11.16 48.30 -0.48
N ASN F 456 12.38 48.00 -0.06
CA ASN F 456 12.77 48.29 1.32
C ASN F 456 12.98 49.78 1.52
N GLY F 457 12.81 50.21 2.77
CA GLY F 457 12.98 51.60 3.12
C GLY F 457 11.77 52.48 2.91
N ASP F 458 10.65 51.90 2.49
CA ASP F 458 9.43 52.67 2.30
C ASP F 458 8.89 53.15 3.65
N PRO F 459 8.28 54.34 3.69
CA PRO F 459 7.78 54.85 4.98
C PRO F 459 6.52 54.17 5.49
N GLN F 460 5.89 53.31 4.70
CA GLN F 460 4.66 52.64 5.10
C GLN F 460 4.89 51.13 5.17
N THR F 461 4.41 50.52 6.25
CA THR F 461 4.41 49.07 6.37
C THR F 461 3.38 48.49 5.41
N PRO F 462 3.54 47.21 5.01
CA PRO F 462 2.56 46.62 4.08
C PRO F 462 1.15 46.45 4.64
N PHE F 463 0.94 46.58 5.95
CA PHE F 463 -0.43 46.61 6.46
C PHE F 463 -1.02 48.02 6.43
N GLN F 464 -0.20 49.05 6.33
CA GLN F 464 -0.68 50.41 6.13
C GLN F 464 -0.99 50.71 4.68
N ILE F 465 -0.60 49.82 3.77
CA ILE F 465 -0.79 50.02 2.34
C ILE F 465 -1.74 49.00 1.73
N ALA F 466 -2.10 47.96 2.47
CA ALA F 466 -3.08 46.98 2.00
C ALA F 466 -4.49 47.26 2.48
N GLU F 467 -4.68 48.15 3.46
CA GLU F 467 -6.04 48.53 3.81
C GLU F 467 -6.62 49.56 2.86
N GLN F 468 -5.80 50.13 1.97
CA GLN F 468 -6.29 50.99 0.91
C GLN F 468 -6.66 50.21 -0.35
N GLN F 469 -6.06 49.04 -0.56
CA GLN F 469 -6.32 48.24 -1.75
C GLN F 469 -7.48 47.29 -1.56
N ILE F 470 -7.61 46.68 -0.39
CA ILE F 470 -8.64 45.67 -0.16
C ILE F 470 -9.96 46.37 0.14
N GLN F 471 -10.99 46.05 -0.64
CA GLN F 471 -12.31 46.66 -0.49
C GLN F 471 -13.31 45.72 0.15
N ASN F 472 -12.84 44.64 0.77
CA ASN F 472 -13.69 43.87 1.66
C ASN F 472 -13.91 44.65 2.95
N PHE F 473 -14.96 44.30 3.69
CA PHE F 473 -15.28 45.07 4.88
C PHE F 473 -14.80 44.41 6.16
N GLN F 474 -14.98 43.10 6.31
CA GLN F 474 -14.62 42.45 7.58
C GLN F 474 -13.12 42.21 7.70
N VAL F 475 -12.36 42.28 6.61
CA VAL F 475 -10.91 42.11 6.68
C VAL F 475 -10.18 43.44 6.53
N ALA F 476 -10.86 44.52 6.18
CA ALA F 476 -10.26 45.84 6.27
C ALA F 476 -10.50 46.48 7.62
N ASN F 477 -11.40 45.94 8.44
CA ASN F 477 -11.50 46.37 9.82
C ASN F 477 -10.38 45.81 10.68
N TRP F 478 -9.88 44.62 10.35
CA TRP F 478 -8.81 44.04 11.16
C TRP F 478 -7.46 44.71 10.87
N LEU F 479 -7.20 45.05 9.60
CA LEU F 479 -5.97 45.77 9.28
C LEU F 479 -5.97 47.18 9.84
N HIS F 480 -7.14 47.78 10.04
CA HIS F 480 -7.16 49.10 10.66
C HIS F 480 -6.91 49.02 12.15
N PHE F 481 -7.22 47.89 12.78
CA PHE F 481 -6.92 47.77 14.20
C PHE F 481 -5.44 47.50 14.44
N VAL F 482 -4.81 46.74 13.56
CA VAL F 482 -3.39 46.39 13.73
C VAL F 482 -2.51 47.61 13.55
N ASN F 483 -2.83 48.47 12.58
CA ASN F 483 -2.03 49.67 12.33
C ASN F 483 -2.18 50.69 13.45
N ASN F 484 -3.29 50.69 14.18
CA ASN F 484 -3.52 51.61 15.28
C ASN F 484 -3.44 50.91 16.63
N ASN F 485 -2.62 49.87 16.73
CA ASN F 485 -2.36 49.17 17.99
C ASN F 485 -1.15 49.82 18.62
N GLN F 486 -1.37 50.63 19.66
CA GLN F 486 -0.29 51.32 20.33
C GLN F 486 -0.44 51.16 21.84
N PHE F 487 0.64 51.46 22.54
CA PHE F 487 0.59 51.57 23.99
C PHE F 487 0.04 52.94 24.37
N ARG F 488 -0.74 52.98 25.44
CA ARG F 488 -1.30 54.22 25.96
C ARG F 488 -0.56 54.57 27.24
N GLN F 489 0.11 55.73 27.24
CA GLN F 489 1.00 56.11 28.34
C GLN F 489 0.23 56.90 29.37
N VAL F 490 -0.03 56.29 30.53
CA VAL F 490 -0.62 57.00 31.65
C VAL F 490 0.36 56.98 32.79
N VAL F 491 0.17 57.89 33.74
CA VAL F 491 0.91 57.88 35.00
C VAL F 491 -0.03 57.42 36.11
N ILE F 492 0.45 56.49 36.92
CA ILE F 492 -0.35 55.91 38.01
C ILE F 492 0.56 55.80 39.22
N ASP F 493 0.16 56.46 40.31
CA ASP F 493 0.91 56.54 41.57
C ASP F 493 2.31 57.13 41.37
N GLY F 494 2.41 58.08 40.44
CA GLY F 494 3.67 58.71 40.11
C GLY F 494 4.50 57.98 39.08
N VAL F 495 4.17 56.73 38.76
CA VAL F 495 4.98 55.90 37.87
C VAL F 495 4.32 55.85 36.50
N LEU F 496 5.03 56.33 35.48
CA LEU F 496 4.51 56.25 34.11
C LEU F 496 4.69 54.82 33.63
N ASN F 497 3.57 54.10 33.49
CA ASN F 497 3.60 52.76 32.92
C ASN F 497 2.50 52.65 31.87
N GLN F 498 2.75 51.77 30.90
CA GLN F 498 2.01 51.76 29.65
C GLN F 498 0.94 50.67 29.65
N VAL F 499 -0.28 51.04 29.33
CA VAL F 499 -1.43 50.15 29.39
C VAL F 499 -1.79 49.72 27.98
N LEU F 500 -2.29 48.50 27.85
CA LEU F 500 -2.85 48.03 26.59
C LEU F 500 -4.22 48.66 26.36
N ASN F 501 -4.84 48.34 25.23
CA ASN F 501 -6.17 48.84 24.94
C ASN F 501 -7.21 48.13 25.81
N ASP F 502 -8.44 48.64 25.76
CA ASP F 502 -9.54 47.99 26.46
C ASP F 502 -10.10 46.81 25.69
N ASN F 503 -9.69 46.60 24.45
CA ASN F 503 -10.11 45.45 23.68
C ASN F 503 -9.13 44.28 23.76
N ILE F 504 -7.85 44.55 23.99
CA ILE F 504 -6.90 43.47 24.20
C ILE F 504 -7.08 42.88 25.59
N ARG F 505 -7.52 43.70 26.55
CA ARG F 505 -7.82 43.20 27.89
C ARG F 505 -9.07 42.32 27.89
N ASN F 506 -10.07 42.70 27.12
CA ASN F 506 -11.34 41.96 27.11
C ASN F 506 -11.20 40.63 26.38
N GLY F 507 -10.38 40.59 25.34
CA GLY F 507 -10.37 39.48 24.43
C GLY F 507 -11.27 39.67 23.22
N HIS F 508 -11.87 40.84 23.07
CA HIS F 508 -12.72 41.15 21.92
C HIS F 508 -11.93 41.43 20.65
N VAL F 509 -10.61 41.44 20.73
CA VAL F 509 -9.77 41.56 19.54
C VAL F 509 -9.91 40.32 18.66
N VAL F 510 -9.92 39.14 19.28
CA VAL F 510 -9.97 37.88 18.55
C VAL F 510 -11.32 37.71 17.86
N ASN F 511 -12.37 38.30 18.40
CA ASN F 511 -13.66 38.28 17.72
C ASN F 511 -13.69 39.20 16.51
N GLN F 512 -12.71 40.08 16.34
CA GLN F 512 -12.53 40.77 15.07
C GLN F 512 -11.59 40.04 14.13
N LEU F 513 -10.66 39.25 14.68
CA LEU F 513 -9.76 38.47 13.84
C LEU F 513 -10.46 37.25 13.28
N MET F 514 -11.21 36.52 14.11
CA MET F 514 -11.89 35.33 13.63
C MET F 514 -13.11 35.63 12.76
N GLU F 515 -13.55 36.89 12.72
CA GLU F 515 -14.48 37.31 11.67
C GLU F 515 -13.77 37.57 10.36
N ALA F 516 -12.45 37.78 10.39
CA ALA F 516 -11.69 38.02 9.18
C ALA F 516 -11.05 36.75 8.64
N LEU F 517 -10.76 35.77 9.49
CA LEU F 517 -10.25 34.50 8.99
C LEU F 517 -11.37 33.62 8.44
N MET F 518 -12.59 33.77 8.95
CA MET F 518 -13.70 32.96 8.48
C MET F 518 -14.14 33.37 7.08
N GLN F 519 -14.10 34.67 6.78
CA GLN F 519 -14.48 35.11 5.45
C GLN F 519 -13.37 34.86 4.44
N LEU F 520 -12.11 34.93 4.88
CA LEU F 520 -10.99 34.67 4.00
C LEU F 520 -10.82 33.19 3.70
N SER F 521 -11.42 32.32 4.51
CA SER F 521 -11.44 30.90 4.23
C SER F 521 -12.53 30.51 3.25
N ARG F 522 -13.49 31.39 3.01
CA ARG F 522 -14.59 31.13 2.07
C ARG F 522 -14.35 31.70 0.69
N GLN F 523 -13.42 32.63 0.53
CA GLN F 523 -13.16 33.25 -0.76
C GLN F 523 -12.43 32.27 -1.66
N GLN F 524 -13.05 31.92 -2.78
CA GLN F 524 -12.37 31.14 -3.80
C GLN F 524 -11.56 32.09 -4.69
N PHE F 525 -10.43 31.60 -5.20
CA PHE F 525 -9.54 32.47 -5.94
C PHE F 525 -8.96 31.78 -7.17
N PRO F 526 -8.97 32.47 -8.32
CA PRO F 526 -8.72 31.77 -9.59
C PRO F 526 -7.26 31.69 -10.03
N THR F 527 -6.41 32.59 -9.55
CA THR F 527 -5.04 32.64 -10.06
C THR F 527 -4.15 31.55 -9.48
N MET F 528 -4.58 30.88 -8.42
CA MET F 528 -3.83 29.83 -7.76
C MET F 528 -4.46 28.47 -8.05
N PRO F 529 -3.69 27.37 -8.00
CA PRO F 529 -4.28 26.05 -8.22
C PRO F 529 -5.15 25.62 -7.04
N VAL F 530 -5.80 24.48 -7.22
CA VAL F 530 -6.80 24.01 -6.27
C VAL F 530 -6.15 23.54 -4.97
N ASP F 531 -4.98 22.91 -5.06
CA ASP F 531 -4.37 22.38 -3.84
C ASP F 531 -3.71 23.46 -3.00
N TYR F 532 -3.27 24.57 -3.60
CA TYR F 532 -2.78 25.68 -2.80
C TYR F 532 -3.93 26.37 -2.06
N LYS F 533 -5.14 26.29 -2.62
CA LYS F 533 -6.31 26.77 -1.90
C LYS F 533 -6.63 25.87 -0.72
N ARG F 534 -6.48 24.55 -0.90
CA ARG F 534 -6.89 23.60 0.12
C ARG F 534 -5.89 23.51 1.27
N SER F 535 -4.65 23.96 1.07
CA SER F 535 -3.68 23.90 2.15
C SER F 535 -3.71 25.13 3.04
N ILE F 536 -4.09 26.29 2.51
CA ILE F 536 -4.34 27.46 3.35
C ILE F 536 -5.63 27.27 4.12
N GLN F 537 -6.64 26.67 3.49
CA GLN F 537 -7.94 26.48 4.11
C GLN F 537 -7.91 25.43 5.21
N ARG F 538 -6.88 24.60 5.27
CA ARG F 538 -6.74 23.61 6.34
C ARG F 538 -6.00 24.18 7.54
N GLY F 539 -4.94 24.97 7.30
CA GLY F 539 -4.22 25.59 8.39
C GLY F 539 -4.97 26.73 9.04
N ILE F 540 -5.99 27.27 8.36
CA ILE F 540 -6.84 28.30 8.95
C ILE F 540 -7.95 27.71 9.79
N LEU F 541 -8.17 26.40 9.69
CA LEU F 541 -9.16 25.71 10.51
C LEU F 541 -8.59 25.22 11.82
N LEU F 542 -7.27 25.01 11.89
CA LEU F 542 -6.64 24.69 13.17
C LEU F 542 -6.64 25.88 14.12
N LEU F 543 -6.81 27.10 13.60
CA LEU F 543 -6.94 28.28 14.43
C LEU F 543 -8.39 28.71 14.62
N SER F 544 -9.30 28.28 13.74
CA SER F 544 -10.72 28.57 13.90
C SER F 544 -11.45 27.55 14.76
N ASN F 545 -10.87 26.36 14.94
CA ASN F 545 -11.39 25.42 15.93
C ASN F 545 -10.99 25.80 17.35
N ARG F 546 -9.98 26.66 17.50
CA ARG F 546 -9.49 27.08 18.81
C ARG F 546 -9.94 28.48 19.18
N LEU F 547 -11.15 28.89 18.76
CA LEU F 547 -11.59 30.25 19.03
C LEU F 547 -11.92 30.44 20.50
N GLY F 548 -12.50 29.43 21.15
CA GLY F 548 -12.82 29.55 22.56
C GLY F 548 -11.60 29.53 23.46
N GLN F 549 -10.54 28.86 23.03
CA GLN F 549 -9.30 28.78 23.79
C GLN F 549 -8.34 29.90 23.46
N LEU F 550 -8.69 30.77 22.52
CA LEU F 550 -7.82 31.88 22.13
C LEU F 550 -8.27 33.22 22.71
N VAL F 551 -9.58 33.39 22.93
CA VAL F 551 -10.04 34.53 23.71
C VAL F 551 -9.60 34.39 25.16
N ASP F 552 -9.55 33.17 25.68
CA ASP F 552 -9.14 32.95 27.06
C ASP F 552 -7.65 33.13 27.25
N LEU F 553 -6.85 32.98 26.19
CA LEU F 553 -5.42 33.23 26.28
C LEU F 553 -5.12 34.72 26.27
N THR F 554 -5.86 35.50 25.48
CA THR F 554 -5.64 36.94 25.43
C THR F 554 -6.06 37.62 26.74
N ARG F 555 -7.04 37.06 27.44
CA ARG F 555 -7.37 37.56 28.77
C ARG F 555 -6.35 37.14 29.81
N LEU F 556 -5.53 36.13 29.53
CA LEU F 556 -4.50 35.69 30.46
C LEU F 556 -3.18 36.43 30.27
N LEU F 557 -2.82 36.77 29.02
CA LEU F 557 -1.61 37.56 28.81
C LEU F 557 -1.78 38.98 29.31
N ALA F 558 -2.96 39.56 29.15
CA ALA F 558 -3.19 40.94 29.55
C ALA F 558 -3.44 41.08 31.04
N TYR F 559 -3.58 39.99 31.78
CA TYR F 559 -3.70 40.05 33.23
C TYR F 559 -2.39 39.80 33.95
N ASN F 560 -1.58 38.86 33.48
CA ASN F 560 -0.25 38.68 34.06
C ASN F 560 0.69 39.82 33.70
N TYR F 561 0.42 40.55 32.62
CA TYR F 561 1.18 41.74 32.34
C TYR F 561 0.75 42.90 33.22
N GLU F 562 -0.52 42.96 33.62
CA GLU F 562 -1.02 44.08 34.40
C GLU F 562 -0.88 43.87 35.90
N THR F 563 -0.72 42.63 36.36
CA THR F 563 -0.47 42.41 37.77
C THR F 563 1.00 42.64 38.11
N LEU F 564 1.90 42.16 37.25
CA LEU F 564 3.32 42.38 37.46
C LEU F 564 3.76 43.80 37.13
N MET F 565 2.93 44.57 36.42
CA MET F 565 3.25 45.96 36.17
C MET F 565 3.10 46.82 37.42
N ALA F 566 2.29 46.37 38.38
CA ALA F 566 2.11 47.12 39.62
C ALA F 566 3.32 47.04 40.54
N CYS F 567 4.23 46.10 40.30
CA CYS F 567 5.37 45.90 41.17
C CYS F 567 6.62 46.66 40.73
N ILE F 568 6.58 47.35 39.59
CA ILE F 568 7.70 48.19 39.21
C ILE F 568 7.65 49.49 40.00
N THR F 569 8.78 50.17 40.08
CA THR F 569 8.85 51.47 40.72
C THR F 569 9.51 52.48 39.79
N MET F 570 10.43 52.02 38.97
CA MET F 570 11.09 52.92 38.04
C MET F 570 10.18 53.21 36.86
N ASN F 571 10.39 54.37 36.25
CA ASN F 571 9.63 54.78 35.07
C ASN F 571 10.01 53.92 33.88
N MET F 572 9.03 53.30 33.24
CA MET F 572 9.29 52.50 32.04
C MET F 572 9.10 53.38 30.81
N GLN F 573 10.20 53.77 30.19
CA GLN F 573 10.19 54.57 28.97
C GLN F 573 10.26 53.66 27.76
N HIS F 574 9.81 54.17 26.62
CA HIS F 574 9.70 53.40 25.38
C HIS F 574 10.67 53.97 24.35
N VAL F 575 11.83 53.34 24.23
CA VAL F 575 12.78 53.62 23.17
C VAL F 575 13.17 52.30 22.51
N GLN F 576 13.84 52.40 21.37
CA GLN F 576 14.38 51.23 20.69
C GLN F 576 15.74 50.89 21.29
N THR F 577 16.00 49.60 21.45
CA THR F 577 17.21 49.12 22.09
C THR F 577 18.22 48.69 21.04
N LEU F 578 19.51 48.68 21.43
CA LEU F 578 20.55 48.13 20.56
C LEU F 578 20.32 46.66 20.28
N THR F 579 20.45 45.82 21.31
CA THR F 579 20.31 44.39 21.15
C THR F 579 18.85 43.98 21.30
N THR F 580 18.40 43.08 20.44
CA THR F 580 17.03 42.60 20.42
C THR F 580 16.99 41.14 20.87
N GLU F 581 15.99 40.80 21.68
CA GLU F 581 15.85 39.44 22.17
C GLU F 581 14.89 38.66 21.27
N LYS F 582 15.41 37.58 20.67
CA LYS F 582 14.74 36.89 19.58
C LYS F 582 13.52 36.12 20.06
N LEU F 583 12.53 36.00 19.19
CA LEU F 583 11.32 35.22 19.42
C LEU F 583 11.05 34.41 18.16
N GLN F 584 11.12 33.08 18.26
CA GLN F 584 10.82 32.24 17.11
C GLN F 584 9.31 32.20 16.89
N LEU F 585 8.89 32.39 15.64
CA LEU F 585 7.47 32.45 15.34
C LEU F 585 6.82 31.07 15.36
N THR F 586 7.60 30.00 15.24
CA THR F 586 7.07 28.65 15.41
C THR F 586 6.96 28.25 16.87
N SER F 587 7.23 29.17 17.79
CA SER F 587 6.95 28.97 19.21
C SER F 587 5.70 29.71 19.65
N VAL F 588 5.12 30.54 18.79
CA VAL F 588 3.79 31.09 19.03
C VAL F 588 2.72 30.14 18.50
N THR F 589 3.04 29.40 17.42
CA THR F 589 2.19 28.30 16.96
C THR F 589 2.05 27.25 18.05
N SER F 590 3.11 26.99 18.79
CA SER F 590 3.07 26.04 19.88
C SER F 590 2.30 26.53 21.09
N LEU F 591 1.89 27.80 21.13
CA LEU F 591 1.14 28.33 22.27
C LEU F 591 -0.36 28.34 22.03
N CYS F 592 -0.81 28.63 20.81
CA CYS F 592 -2.24 28.77 20.56
C CYS F 592 -2.95 27.42 20.59
N MET F 593 -2.30 26.36 20.10
CA MET F 593 -2.91 25.04 20.04
C MET F 593 -2.23 24.05 20.97
N LEU F 594 -1.80 24.52 22.13
CA LEU F 594 -1.41 23.63 23.21
C LEU F 594 -1.93 24.08 24.56
N ILE F 595 -2.42 25.32 24.69
CA ILE F 595 -2.96 25.81 25.94
C ILE F 595 -4.40 25.34 26.10
N GLY F 596 -4.88 25.32 27.35
CA GLY F 596 -6.30 25.16 27.56
C GLY F 596 -6.75 24.94 28.99
N ASN F 597 -7.79 25.68 29.38
CA ASN F 597 -8.66 25.35 30.52
C ASN F 597 -7.93 25.36 31.87
N ALA F 598 -6.96 26.24 32.05
CA ALA F 598 -6.23 26.29 33.32
C ALA F 598 -5.73 27.71 33.54
N THR F 599 -6.30 28.39 34.53
CA THR F 599 -5.90 29.76 34.85
C THR F 599 -4.70 29.74 35.77
N VAL F 600 -3.65 30.46 35.39
CA VAL F 600 -2.45 30.59 36.21
C VAL F 600 -2.31 32.05 36.63
N ILE F 601 -2.14 32.27 37.93
CA ILE F 601 -2.09 33.59 38.54
C ILE F 601 -0.75 33.69 39.24
N PRO F 602 -0.03 34.81 39.13
CA PRO F 602 1.25 34.94 39.86
C PRO F 602 1.00 35.04 41.36
N SER F 603 1.69 34.19 42.10
CA SER F 603 1.49 34.05 43.53
C SER F 603 1.93 35.31 44.26
N PRO F 604 1.37 35.59 45.45
CA PRO F 604 1.80 36.78 46.20
C PRO F 604 3.18 36.68 46.82
N GLN F 605 3.88 35.55 46.68
CA GLN F 605 5.26 35.47 47.13
C GLN F 605 6.25 35.89 46.04
N THR F 606 5.84 35.88 44.77
CA THR F 606 6.64 36.46 43.70
C THR F 606 6.08 37.80 43.23
N LEU F 607 5.20 38.41 44.03
CA LEU F 607 4.86 39.81 43.90
C LEU F 607 5.42 40.64 45.03
N PHE F 608 5.89 40.02 46.10
CA PHE F 608 6.63 40.71 47.14
C PHE F 608 8.12 40.50 47.01
N HIS F 609 8.55 39.60 46.12
CA HIS F 609 9.95 39.45 45.77
C HIS F 609 10.31 40.21 44.50
N TYR F 610 9.40 40.30 43.54
CA TYR F 610 9.63 41.18 42.40
C TYR F 610 9.48 42.64 42.77
N TYR F 611 8.76 42.94 43.85
CA TYR F 611 8.65 44.33 44.29
C TYR F 611 9.82 44.76 45.15
N ASN F 612 10.30 43.86 46.02
CA ASN F 612 11.40 44.23 46.91
C ASN F 612 12.74 44.29 46.20
N VAL F 613 12.87 43.65 45.04
CA VAL F 613 14.09 43.81 44.27
C VAL F 613 14.08 45.12 43.50
N ASN F 614 12.91 45.51 43.00
CA ASN F 614 12.80 46.75 42.24
C ASN F 614 12.93 47.99 43.13
N VAL F 615 12.55 47.89 44.40
CA VAL F 615 12.75 48.99 45.31
C VAL F 615 14.22 49.09 45.71
N ASN F 616 14.87 47.93 45.92
CA ASN F 616 16.26 47.92 46.37
C ASN F 616 17.22 48.39 45.28
N PHE F 617 16.88 48.22 44.01
CA PHE F 617 17.70 48.79 42.96
C PHE F 617 17.40 50.26 42.74
N HIS F 618 16.15 50.67 42.95
CA HIS F 618 15.78 52.07 42.75
C HIS F 618 16.31 52.95 43.88
N SER F 619 16.28 52.45 45.11
CA SER F 619 16.82 53.18 46.23
C SER F 619 18.34 53.14 46.29
N ASN F 620 18.97 52.20 45.60
CA ASN F 620 20.42 52.20 45.49
C ASN F 620 20.89 53.10 44.35
N TYR F 621 20.09 53.20 43.29
CA TYR F 621 20.40 54.11 42.20
C TYR F 621 20.28 55.57 42.64
N ASN F 622 19.25 55.89 43.42
CA ASN F 622 19.00 57.27 43.80
C ASN F 622 19.97 57.77 44.86
N GLU F 623 20.47 56.90 45.74
CA GLU F 623 21.42 57.33 46.74
C GLU F 623 22.86 57.16 46.29
N ARG F 624 23.09 56.94 44.99
CA ARG F 624 24.41 57.11 44.41
C ARG F 624 24.50 58.33 43.50
N ILE F 625 23.36 58.87 43.07
CA ILE F 625 23.37 60.19 42.44
C ILE F 625 23.70 61.25 43.49
N ASN F 626 23.02 61.20 44.63
CA ASN F 626 23.23 62.19 45.68
C ASN F 626 24.60 62.06 46.35
N ASP F 627 25.22 60.89 46.29
CA ASP F 627 26.57 60.75 46.80
C ASP F 627 27.61 61.26 45.82
N ALA F 628 27.26 61.43 44.55
CA ALA F 628 28.18 61.94 43.55
C ALA F 628 27.89 63.35 43.12
N VAL F 629 26.64 63.82 43.22
CA VAL F 629 26.33 65.22 42.95
C VAL F 629 26.92 66.10 44.06
N ALA F 630 26.93 65.60 45.30
CA ALA F 630 27.42 66.36 46.44
C ALA F 630 28.93 66.51 46.46
N ILE F 631 29.67 65.81 45.61
CA ILE F 631 31.12 65.94 45.54
C ILE F 631 31.53 66.75 44.31
N ILE F 632 30.86 66.56 43.18
CA ILE F 632 31.13 67.35 41.98
C ILE F 632 30.77 68.80 42.20
N THR F 633 29.71 69.07 42.96
CA THR F 633 29.40 70.44 43.34
C THR F 633 30.41 70.98 44.35
N ALA F 634 30.85 70.14 45.29
CA ALA F 634 31.81 70.57 46.30
C ALA F 634 33.25 70.58 45.81
N ALA F 635 33.53 70.07 44.62
CA ALA F 635 34.85 70.20 44.03
C ALA F 635 34.96 71.39 43.09
N ASN F 636 33.88 72.16 42.95
CA ASN F 636 33.91 73.44 42.25
C ASN F 636 33.73 74.63 43.17
N ARG F 637 33.08 74.42 44.32
CA ARG F 637 32.90 75.49 45.28
C ARG F 637 34.20 75.78 46.03
N LEU F 638 35.03 74.77 46.21
CA LEU F 638 36.34 74.93 46.84
C LEU F 638 37.42 75.37 45.87
N ASN F 639 37.07 75.53 44.58
CA ASN F 639 37.98 75.96 43.50
C ASN F 639 39.18 75.02 43.37
N LEU F 640 38.89 73.77 43.02
CA LEU F 640 39.91 72.74 42.80
C LEU F 640 40.07 72.57 41.29
N TYR F 641 40.90 73.44 40.70
CA TYR F 641 41.01 73.47 39.24
C TYR F 641 41.94 72.40 38.70
N GLN F 642 42.72 71.74 39.54
CA GLN F 642 43.67 70.73 39.09
C GLN F 642 43.10 69.32 39.17
N LYS F 643 42.01 69.14 39.89
CA LYS F 643 41.37 67.83 40.01
C LYS F 643 40.57 67.51 38.75
N LYS F 644 40.61 66.24 38.35
CA LYS F 644 39.79 65.76 37.24
C LYS F 644 38.79 64.74 37.74
N MET F 645 37.55 64.85 37.26
CA MET F 645 36.41 64.14 37.83
C MET F 645 36.13 62.81 37.17
N LYS F 646 37.14 62.16 36.59
CA LYS F 646 36.91 60.83 36.04
C LYS F 646 36.82 59.78 37.15
N SER F 647 37.59 59.95 38.23
CA SER F 647 37.70 58.93 39.26
C SER F 647 36.48 58.84 40.17
N ILE F 648 35.55 59.81 40.12
CA ILE F 648 34.36 59.76 40.94
C ILE F 648 33.10 59.51 40.14
N VAL F 649 33.21 59.40 38.81
CA VAL F 649 32.11 58.89 37.99
C VAL F 649 32.39 57.43 37.73
N GLU F 650 33.68 57.06 37.69
CA GLU F 650 34.07 55.66 37.60
C GLU F 650 33.66 54.90 38.86
N ASP F 651 33.74 55.55 40.02
CA ASP F 651 33.25 54.97 41.25
C ASP F 651 31.74 55.00 41.34
N PHE F 652 31.06 55.84 40.56
CA PHE F 652 29.61 55.88 40.58
C PHE F 652 29.00 54.74 39.78
N LEU F 653 29.63 54.37 38.65
CA LEU F 653 29.16 53.20 37.91
C LEU F 653 29.51 51.91 38.62
N LYS F 654 30.67 51.86 39.26
CA LYS F 654 31.13 50.64 39.93
C LYS F 654 30.34 50.37 41.20
N ARG F 655 29.74 51.39 41.80
CA ARG F 655 28.95 51.20 43.01
C ARG F 655 27.58 50.63 42.69
N LEU F 656 27.00 51.00 41.55
CA LEU F 656 25.91 50.21 40.99
C LEU F 656 26.47 48.86 40.55
N GLN F 657 25.60 47.85 40.53
CA GLN F 657 26.12 46.50 40.36
C GLN F 657 26.11 46.01 38.92
N ILE F 658 25.17 46.47 38.10
CA ILE F 658 24.98 45.86 36.79
C ILE F 658 26.01 46.33 35.77
N PHE F 659 26.50 47.56 35.89
CA PHE F 659 27.41 48.09 34.89
C PHE F 659 28.84 47.61 35.15
N ASP F 660 29.60 47.50 34.07
CA ASP F 660 31.02 47.16 34.14
C ASP F 660 31.84 48.35 33.68
N ILE F 661 33.06 48.46 34.22
CA ILE F 661 33.88 49.63 33.96
C ILE F 661 34.67 49.48 32.66
N SER F 662 35.08 48.26 32.33
CA SER F 662 35.98 48.01 31.20
C SER F 662 35.34 48.25 29.84
N ARG F 663 34.01 48.38 29.75
CA ARG F 663 33.34 48.64 28.49
C ARG F 663 32.86 50.06 28.35
N VAL F 664 33.09 50.92 29.34
CA VAL F 664 32.66 52.31 29.30
C VAL F 664 33.90 53.17 29.07
N PRO F 665 34.02 53.85 27.93
CA PRO F 665 35.21 54.68 27.69
C PRO F 665 35.17 56.00 28.42
N ASP F 666 36.15 56.87 28.18
CA ASP F 666 36.19 58.16 28.85
C ASP F 666 35.29 59.20 28.20
N ASP F 667 34.76 58.92 27.00
CA ASP F 667 33.74 59.79 26.42
C ASP F 667 32.47 59.75 27.24
N GLN F 668 31.97 58.54 27.50
CA GLN F 668 30.71 58.29 28.17
C GLN F 668 30.78 58.48 29.68
N MET F 669 31.95 58.82 30.21
CA MET F 669 32.14 59.05 31.63
C MET F 669 32.34 60.51 31.98
N TYR F 670 32.79 61.33 31.04
CA TYR F 670 32.86 62.78 31.21
C TYR F 670 31.61 63.48 30.68
N ARG F 671 30.87 62.81 29.80
CA ARG F 671 29.58 63.29 29.35
C ARG F 671 28.51 63.06 30.41
N LEU F 672 28.75 62.12 31.32
CA LEU F 672 27.79 61.83 32.38
C LEU F 672 27.85 62.87 33.50
N ARG F 673 29.03 63.42 33.78
CA ARG F 673 29.11 64.44 34.82
C ARG F 673 28.60 65.79 34.37
N ASP F 674 28.36 66.00 33.08
CA ASP F 674 27.68 67.22 32.64
C ASP F 674 26.19 67.17 32.96
N ARG F 675 25.65 65.99 33.24
CA ARG F 675 24.29 65.85 33.74
C ARG F 675 24.23 65.75 35.26
N LEU F 676 25.36 65.53 35.92
CA LEU F 676 25.41 65.51 37.37
C LEU F 676 25.72 66.87 37.97
N ARG F 677 26.14 67.84 37.16
CA ARG F 677 26.38 69.18 37.69
C ARG F 677 25.10 69.97 37.82
N LEU F 678 24.20 69.85 36.84
CA LEU F 678 23.00 70.67 36.77
C LEU F 678 21.94 70.27 37.77
N LEU F 679 22.11 69.15 38.46
CA LEU F 679 21.18 68.67 39.46
C LEU F 679 21.38 69.39 40.79
N PRO F 680 20.31 69.58 41.57
CA PRO F 680 20.46 70.18 42.89
C PRO F 680 20.88 69.15 43.92
N VAL F 681 21.78 69.57 44.81
CA VAL F 681 22.28 68.68 45.86
C VAL F 681 21.21 68.52 46.93
N GLU F 682 21.17 67.33 47.54
CA GLU F 682 20.17 67.00 48.54
C GLU F 682 20.29 67.90 49.78
N ILE F 683 19.19 68.06 50.50
CA ILE F 683 19.11 69.04 51.58
C ILE F 683 19.90 68.59 52.81
N ARG F 684 20.19 67.29 52.95
CA ARG F 684 21.02 66.87 54.07
C ARG F 684 22.50 67.15 53.79
N ARG F 685 22.93 66.94 52.55
CA ARG F 685 24.32 67.16 52.20
C ARG F 685 24.63 68.64 51.98
N LEU F 686 23.63 69.43 51.60
CA LEU F 686 23.85 70.85 51.38
C LEU F 686 24.03 71.60 52.68
N ASP F 687 23.30 71.20 53.73
CA ASP F 687 23.40 71.88 55.01
C ASP F 687 24.65 71.49 55.79
N ILE F 688 25.24 70.33 55.48
CA ILE F 688 26.50 69.94 56.11
C ILE F 688 27.70 70.43 55.33
N PHE F 689 27.51 70.88 54.08
CA PHE F 689 28.59 71.53 53.36
C PHE F 689 28.64 73.02 53.59
N ASN F 690 27.49 73.66 53.80
CA ASN F 690 27.46 75.06 54.20
C ASN F 690 27.89 75.25 55.65
N LEU F 691 28.01 74.18 56.42
CA LEU F 691 28.52 74.23 57.77
C LEU F 691 30.03 74.05 57.84
N ILE F 692 30.62 73.42 56.84
CA ILE F 692 32.07 73.36 56.74
C ILE F 692 32.61 74.64 56.13
N LEU F 693 31.97 75.10 55.05
CA LEU F 693 32.43 76.27 54.30
C LEU F 693 32.26 77.57 55.07
N MET F 694 31.38 77.59 56.08
CA MET F 694 31.19 78.80 56.87
C MET F 694 32.37 79.03 57.81
N ASN F 695 32.89 77.96 58.41
CA ASN F 695 34.01 78.07 59.34
C ASN F 695 35.13 77.13 58.93
N MET F 696 35.50 77.16 57.65
CA MET F 696 36.70 76.47 57.20
C MET F 696 37.96 77.27 57.42
N GLU F 697 37.83 78.54 57.81
CA GLU F 697 38.99 79.36 58.16
C GLU F 697 39.14 79.52 59.66
N GLN F 698 38.30 78.86 60.46
CA GLN F 698 38.51 78.78 61.90
C GLN F 698 39.16 77.47 62.33
N ILE F 699 38.97 76.41 61.55
CA ILE F 699 39.72 75.18 61.80
C ILE F 699 41.15 75.31 61.31
N GLU F 700 41.36 76.04 60.22
CA GLU F 700 42.70 76.20 59.66
C GLU F 700 43.56 77.13 60.52
N ARG F 701 43.01 78.28 60.91
CA ARG F 701 43.83 79.31 61.52
C ARG F 701 44.22 78.99 62.96
N ALA F 702 43.39 78.24 63.68
CA ALA F 702 43.69 77.94 65.08
C ALA F 702 44.42 76.61 65.22
N SER F 703 45.49 76.45 64.44
CA SER F 703 46.27 75.22 64.41
C SER F 703 47.75 75.54 64.47
N ASP F 704 48.50 74.64 65.08
CA ASP F 704 49.96 74.75 65.04
C ASP F 704 50.48 74.23 63.70
N LYS F 705 51.81 74.21 63.57
CA LYS F 705 52.60 73.69 62.45
C LYS F 705 52.29 74.35 61.10
N ILE F 706 51.55 75.46 61.08
CA ILE F 706 51.22 76.16 59.84
C ILE F 706 50.98 77.62 60.18
N ALA F 707 51.39 78.51 59.27
CA ALA F 707 51.22 79.94 59.44
C ALA F 707 50.81 80.55 58.12
N GLN F 708 49.95 81.56 58.17
CA GLN F 708 49.35 82.09 56.95
C GLN F 708 50.15 83.25 56.35
N GLY F 709 51.44 83.04 56.14
CA GLY F 709 52.22 84.02 55.43
C GLY F 709 52.99 84.95 56.35
N VAL F 710 53.98 85.62 55.78
CA VAL F 710 54.91 86.47 56.51
C VAL F 710 54.70 87.89 56.03
N ILE F 711 54.87 88.86 56.92
CA ILE F 711 54.98 90.25 56.51
C ILE F 711 56.43 90.67 56.72
N ILE F 712 56.91 91.57 55.87
CA ILE F 712 58.27 92.09 55.93
C ILE F 712 58.17 93.60 56.01
N ALA F 713 58.71 94.18 57.09
CA ALA F 713 58.48 95.58 57.38
C ALA F 713 59.69 96.48 57.17
N TYR F 714 60.91 95.93 57.31
CA TYR F 714 62.18 96.66 57.19
C TYR F 714 62.27 97.83 58.16
N ARG F 715 61.61 97.73 59.31
CA ARG F 715 61.68 98.75 60.35
C ARG F 715 61.55 98.07 61.70
N ASP F 716 62.19 98.65 62.70
CA ASP F 716 62.24 98.05 64.04
C ASP F 716 60.90 98.30 64.73
N MET F 717 59.95 97.39 64.50
CA MET F 717 58.63 97.48 65.10
C MET F 717 58.52 96.60 66.32
N GLN F 718 57.82 97.11 67.34
CA GLN F 718 57.67 96.42 68.61
C GLN F 718 56.78 95.19 68.44
N LEU F 719 57.19 94.06 69.00
CA LEU F 719 56.42 92.83 68.92
C LEU F 719 55.54 92.69 70.16
N GLU F 720 54.34 92.17 69.95
CA GLU F 720 53.26 92.27 70.93
C GLU F 720 53.39 91.20 72.00
N ARG F 721 52.65 91.38 73.08
CA ARG F 721 52.68 90.48 74.23
C ARG F 721 51.40 89.68 74.31
N ASP F 722 51.53 88.36 74.42
CA ASP F 722 50.41 87.46 74.64
C ASP F 722 50.62 86.73 75.95
N GLU F 723 49.51 86.31 76.56
CA GLU F 723 49.58 85.68 77.86
C GLU F 723 50.03 84.23 77.81
N MET F 724 50.03 83.60 76.64
CA MET F 724 50.50 82.24 76.49
C MET F 724 51.83 82.13 75.78
N TYR F 725 52.26 83.18 75.09
CA TYR F 725 53.54 83.21 74.40
C TYR F 725 54.58 84.07 75.09
N GLY F 726 54.17 85.02 75.92
CA GLY F 726 55.13 85.94 76.52
C GLY F 726 55.34 87.15 75.66
N TYR F 727 56.38 87.13 74.84
CA TYR F 727 56.64 88.13 73.82
C TYR F 727 56.76 87.41 72.48
N VAL F 728 55.96 87.83 71.50
CA VAL F 728 55.90 87.10 70.23
C VAL F 728 55.66 88.11 69.11
N ASN F 729 56.22 87.83 67.93
CA ASN F 729 55.98 88.69 66.76
C ASN F 729 54.79 88.12 66.00
N ILE F 730 53.60 88.52 66.42
CA ILE F 730 52.35 88.06 65.83
C ILE F 730 51.69 89.26 65.16
N ALA F 731 51.34 89.10 63.88
CA ALA F 731 50.53 90.07 63.17
C ALA F 731 49.14 89.48 63.02
N ARG F 732 48.17 90.04 63.73
CA ARG F 732 46.83 89.48 63.72
C ARG F 732 46.04 89.92 62.49
N ASN F 733 46.29 91.12 61.98
CA ASN F 733 45.65 91.60 60.77
C ASN F 733 46.72 92.02 59.77
N LEU F 734 46.39 91.88 58.50
CA LEU F 734 47.33 92.11 57.41
C LEU F 734 46.82 93.32 56.64
N ASP F 735 47.23 94.51 57.07
CA ASP F 735 46.72 95.76 56.51
C ASP F 735 47.86 96.75 56.37
N GLY F 736 48.00 97.33 55.19
CA GLY F 736 49.04 98.29 54.92
C GLY F 736 50.21 97.77 54.11
N PHE F 737 50.10 96.56 53.54
CA PHE F 737 51.20 95.95 52.82
C PHE F 737 50.67 95.32 51.54
N GLN F 738 51.52 95.29 50.51
CA GLN F 738 51.17 94.62 49.27
C GLN F 738 51.21 93.11 49.46
N GLN F 739 50.24 92.42 48.88
CA GLN F 739 50.10 90.98 49.05
C GLN F 739 50.57 90.26 47.79
N ILE F 740 51.38 89.24 47.97
CA ILE F 740 51.81 88.33 46.91
C ILE F 740 51.37 86.95 47.34
N ASN F 741 50.30 86.43 46.74
CA ASN F 741 49.82 85.12 47.12
C ASN F 741 50.73 84.06 46.51
N LEU F 742 51.12 83.08 47.31
CA LEU F 742 52.12 82.11 46.91
C LEU F 742 51.54 80.96 46.09
N GLU F 743 50.23 80.81 46.06
CA GLU F 743 49.64 79.79 45.19
C GLU F 743 49.75 80.21 43.73
N GLU F 744 49.54 81.49 43.44
CA GLU F 744 49.70 81.99 42.08
C GLU F 744 51.18 82.02 41.68
N LEU F 745 52.07 82.27 42.62
CA LEU F 745 53.50 82.30 42.33
C LEU F 745 54.03 80.91 42.00
N MET F 746 53.51 79.88 42.67
CA MET F 746 53.91 78.51 42.36
C MET F 746 53.23 77.98 41.11
N ARG F 747 52.08 78.53 40.73
CA ARG F 747 51.35 78.02 39.59
C ARG F 747 51.94 78.52 38.28
N THR F 748 52.22 79.82 38.18
CA THR F 748 52.71 80.41 36.95
C THR F 748 54.22 80.52 36.90
N GLY F 749 54.92 80.36 38.04
CA GLY F 749 56.36 80.33 38.05
C GLY F 749 57.06 81.62 37.69
N ASP F 750 56.39 82.76 37.78
CA ASP F 750 56.95 84.05 37.36
C ASP F 750 57.50 84.75 38.58
N TYR F 751 58.82 84.62 38.79
CA TYR F 751 59.48 85.19 39.96
C TYR F 751 60.14 86.53 39.63
N ALA F 752 59.55 87.31 38.72
CA ALA F 752 60.14 88.59 38.37
C ALA F 752 59.71 89.70 39.32
N GLN F 753 58.49 89.61 39.86
CA GLN F 753 58.02 90.63 40.78
C GLN F 753 58.65 90.47 42.17
N ILE F 754 58.74 89.24 42.66
CA ILE F 754 59.25 89.03 44.01
C ILE F 754 60.77 89.13 44.08
N THR F 755 61.48 88.98 42.95
CA THR F 755 62.92 89.19 42.98
C THR F 755 63.23 90.68 43.03
N ASN F 756 62.49 91.50 42.28
CA ASN F 756 62.71 92.93 42.27
C ASN F 756 62.23 93.61 43.55
N MET F 757 61.50 92.91 44.42
CA MET F 757 61.10 93.44 45.72
C MET F 757 62.03 93.07 46.84
N LEU F 758 62.70 91.91 46.77
CA LEU F 758 63.67 91.54 47.79
C LEU F 758 64.97 92.32 47.63
N LEU F 759 65.42 92.55 46.40
CA LEU F 759 66.67 93.26 46.19
C LEU F 759 66.54 94.75 46.48
N ASN F 760 65.35 95.31 46.30
CA ASN F 760 65.12 96.74 46.43
C ASN F 760 64.73 97.16 47.84
N ASN F 761 64.54 96.20 48.75
CA ASN F 761 64.12 96.43 50.15
C ASN F 761 62.81 97.19 50.22
N GLN F 762 61.75 96.55 49.72
CA GLN F 762 60.41 97.11 49.80
C GLN F 762 59.53 96.29 50.74
N PRO F 763 58.60 96.92 51.45
CA PRO F 763 57.74 96.17 52.37
C PRO F 763 56.70 95.32 51.67
N VAL F 764 56.86 93.99 51.75
CA VAL F 764 55.95 93.04 51.14
C VAL F 764 55.36 92.18 52.25
N ALA F 765 54.14 91.71 52.05
CA ALA F 765 53.53 90.71 52.92
C ALA F 765 53.16 89.50 52.07
N LEU F 766 53.99 88.46 52.14
CA LEU F 766 53.70 87.22 51.45
C LEU F 766 52.51 86.53 52.11
N VAL F 767 51.62 85.94 51.30
CA VAL F 767 50.37 85.37 51.79
C VAL F 767 50.25 83.95 51.28
N GLY F 768 50.06 83.02 52.20
CA GLY F 768 49.89 81.62 51.86
C GLY F 768 50.11 80.74 53.07
N ALA F 769 49.54 79.54 53.01
CA ALA F 769 49.71 78.57 54.08
C ALA F 769 51.15 78.08 54.07
N LEU F 770 51.88 78.39 55.13
CA LEU F 770 53.33 78.28 55.14
C LEU F 770 53.80 77.61 56.42
N PRO F 771 54.73 76.65 56.34
CA PRO F 771 55.31 76.08 57.56
C PRO F 771 56.22 77.08 58.24
N PHE F 772 56.39 76.89 59.54
CA PHE F 772 57.20 77.82 60.31
C PHE F 772 57.93 77.08 61.41
N ILE F 773 59.05 77.64 61.84
CA ILE F 773 59.79 77.12 62.98
C ILE F 773 59.78 78.16 64.08
N THR F 774 60.09 77.73 65.29
CA THR F 774 60.09 78.60 66.46
C THR F 774 61.47 78.64 67.09
N ASP F 775 61.84 79.81 67.61
CA ASP F 775 63.14 80.02 68.22
C ASP F 775 62.92 80.82 69.50
N SER F 776 63.43 80.31 70.62
CA SER F 776 63.10 80.86 71.92
C SER F 776 64.21 81.70 72.52
N SER F 777 65.41 81.71 71.94
CA SER F 777 66.49 82.51 72.51
C SER F 777 66.28 83.99 72.22
N VAL F 778 66.93 84.82 73.03
CA VAL F 778 66.86 86.26 72.84
C VAL F 778 68.10 86.79 72.12
N ILE F 779 69.22 86.08 72.17
CA ILE F 779 70.39 86.45 71.38
C ILE F 779 70.10 86.28 69.89
N SER F 780 69.31 85.27 69.54
CA SER F 780 68.88 85.09 68.15
C SER F 780 67.91 86.18 67.68
N LEU F 781 67.36 86.97 68.60
CA LEU F 781 66.57 88.13 68.21
C LEU F 781 67.46 89.34 67.96
N VAL F 782 68.45 89.57 68.84
CA VAL F 782 69.37 90.69 68.68
C VAL F 782 70.29 90.47 67.47
N ALA F 783 70.58 89.22 67.14
CA ALA F 783 71.39 88.91 65.96
C ALA F 783 70.64 89.04 64.65
N LYS F 784 69.33 89.34 64.69
CA LYS F 784 68.48 89.58 63.53
C LYS F 784 68.48 88.39 62.56
N LEU F 785 67.99 87.26 63.06
CA LEU F 785 68.00 86.05 62.27
C LEU F 785 66.73 85.87 61.46
N ASP F 786 65.66 86.60 61.78
CA ASP F 786 64.41 86.45 61.05
C ASP F 786 64.46 87.07 59.66
N ALA F 787 65.38 88.01 59.42
CA ALA F 787 65.43 88.73 58.15
C ALA F 787 66.30 88.04 57.11
N THR F 788 67.01 86.98 57.46
CA THR F 788 67.97 86.34 56.57
C THR F 788 67.44 85.06 55.93
N VAL F 789 66.15 84.75 56.09
CA VAL F 789 65.61 83.52 55.52
C VAL F 789 65.00 83.74 54.15
N PHE F 790 65.01 84.96 53.63
CA PHE F 790 64.41 85.27 52.34
C PHE F 790 65.41 85.37 51.21
N ALA F 791 66.69 85.11 51.48
CA ALA F 791 67.71 85.22 50.45
C ALA F 791 67.74 84.02 49.51
N GLN F 792 66.97 82.97 49.80
CA GLN F 792 66.90 81.81 48.94
C GLN F 792 65.87 81.94 47.83
N ILE F 793 65.01 82.96 47.88
CA ILE F 793 64.03 83.18 46.82
C ILE F 793 64.66 83.91 45.64
N VAL F 794 65.82 84.54 45.85
CA VAL F 794 66.51 85.23 44.77
C VAL F 794 67.51 84.33 44.07
N LYS F 795 68.35 83.64 44.86
CA LYS F 795 69.38 82.77 44.29
C LYS F 795 68.77 81.51 43.69
N LEU F 796 67.82 80.90 44.40
CA LEU F 796 67.05 79.77 43.89
C LEU F 796 65.66 80.28 43.52
N ARG F 797 64.99 79.54 42.66
CA ARG F 797 63.65 79.92 42.24
C ARG F 797 62.56 79.08 42.90
N LYS F 798 62.88 78.42 44.00
CA LYS F 798 61.90 77.65 44.76
C LYS F 798 61.45 78.46 45.97
N VAL F 799 60.14 78.60 46.14
CA VAL F 799 59.57 79.24 47.31
C VAL F 799 59.03 78.21 48.30
N ASP F 800 59.16 76.92 47.97
CA ASP F 800 58.69 75.87 48.87
C ASP F 800 59.56 75.76 50.12
N THR F 801 60.86 75.99 49.98
CA THR F 801 61.78 75.93 51.12
C THR F 801 61.82 77.30 51.81
N LEU F 802 60.72 77.63 52.48
CA LEU F 802 60.58 78.88 53.20
C LEU F 802 60.13 78.59 54.61
N LYS F 803 60.95 78.95 55.60
CA LYS F 803 60.67 78.72 57.01
C LYS F 803 60.90 80.01 57.77
N PRO F 804 59.86 80.81 57.99
CA PRO F 804 60.01 82.01 58.81
C PRO F 804 60.19 81.67 60.28
N ILE F 805 60.76 82.63 61.01
CA ILE F 805 61.05 82.47 62.43
C ILE F 805 59.93 83.12 63.23
N LEU F 806 59.49 82.44 64.29
CA LEU F 806 58.49 82.96 65.21
C LEU F 806 59.13 83.02 66.58
N TYR F 807 59.58 84.21 66.99
CA TYR F 807 60.25 84.36 68.27
C TYR F 807 59.26 84.24 69.41
N LYS F 808 59.75 83.72 70.53
CA LYS F 808 58.88 83.42 71.67
C LYS F 808 59.75 83.55 72.92
N ILE F 809 59.70 84.71 73.57
CA ILE F 809 60.63 85.04 74.63
C ILE F 809 59.88 84.92 75.96
N ASN F 810 59.95 83.74 76.55
CA ASN F 810 59.30 83.45 77.81
C ASN F 810 60.25 83.77 78.96
N SER F 811 59.93 83.28 80.16
CA SER F 811 60.89 83.27 81.25
C SER F 811 61.70 81.99 81.30
N ASP F 812 61.15 80.89 80.79
CA ASP F 812 61.92 79.65 80.66
C ASP F 812 62.88 79.67 79.48
N SER F 813 62.81 80.69 78.63
CA SER F 813 63.82 80.93 77.63
C SER F 813 65.15 81.27 78.30
N ASN F 814 66.23 80.88 77.64
CA ASN F 814 67.55 81.20 78.15
C ASN F 814 67.84 82.68 77.96
N ASP F 815 68.82 83.18 78.73
CA ASP F 815 69.36 84.54 78.62
C ASP F 815 68.30 85.61 78.88
N PHE F 816 67.34 85.32 79.76
CA PHE F 816 66.23 86.25 80.00
C PHE F 816 66.65 87.46 80.82
N TYR F 817 67.83 87.47 81.42
CA TYR F 817 68.24 88.60 82.24
C TYR F 817 68.57 89.86 81.43
N LEU F 818 68.62 89.76 80.09
CA LEU F 818 68.79 90.96 79.27
C LEU F 818 67.51 91.78 79.21
N VAL F 819 66.35 91.11 79.17
CA VAL F 819 65.09 91.81 79.11
C VAL F 819 64.71 92.36 80.48
N ALA F 820 65.07 91.65 81.56
CA ALA F 820 64.63 92.06 82.89
C ALA F 820 65.45 93.23 83.42
N ASN F 821 66.77 93.19 83.24
CA ASN F 821 67.62 94.23 83.82
C ASN F 821 67.53 95.53 83.05
N TYR F 822 67.71 95.48 81.73
CA TYR F 822 67.63 96.67 80.90
C TYR F 822 66.18 96.84 80.45
N ASP F 823 65.60 98.00 80.78
CA ASP F 823 64.19 98.26 80.47
C ASP F 823 64.05 98.52 78.97
N TRP F 824 63.72 97.48 78.22
CA TRP F 824 63.48 97.60 76.79
C TRP F 824 62.38 96.63 76.40
N VAL F 825 61.60 97.03 75.40
CA VAL F 825 60.63 96.11 74.79
C VAL F 825 61.33 95.47 73.59
N PRO F 826 61.21 94.16 73.40
CA PRO F 826 61.90 93.52 72.26
C PRO F 826 61.26 93.92 70.95
N THR F 827 62.10 94.27 69.97
CA THR F 827 61.66 94.71 68.65
C THR F 827 62.24 93.79 67.60
N SER F 828 61.48 93.57 66.53
CA SER F 828 61.90 92.71 65.44
C SER F 828 61.54 93.36 64.12
N THR F 829 61.99 92.75 63.03
CA THR F 829 61.78 93.29 61.69
C THR F 829 60.58 92.65 61.00
N THR F 830 60.54 91.33 60.90
CA THR F 830 59.45 90.63 60.24
C THR F 830 58.47 90.09 61.28
N LYS F 831 57.23 89.92 60.86
CA LYS F 831 56.18 89.37 61.70
C LYS F 831 55.47 88.25 60.96
N VAL F 832 54.71 87.45 61.70
CA VAL F 832 54.05 86.27 61.16
C VAL F 832 52.54 86.47 61.28
N TYR F 833 51.80 86.07 60.23
CA TYR F 833 50.35 86.23 60.20
C TYR F 833 49.70 84.97 60.77
N LYS F 834 49.64 84.93 62.10
CA LYS F 834 49.21 83.73 62.82
C LYS F 834 48.26 84.12 63.94
N GLN F 835 47.18 83.37 64.12
CA GLN F 835 46.17 83.67 65.11
C GLN F 835 46.42 82.94 66.42
N ILE F 836 46.02 83.58 67.52
CA ILE F 836 46.14 82.99 68.86
C ILE F 836 44.94 82.09 69.11
N PRO F 837 45.10 80.98 69.83
CA PRO F 837 43.96 80.07 70.04
C PRO F 837 43.00 80.58 71.09
N GLN F 838 41.75 80.15 70.97
CA GLN F 838 40.70 80.58 71.88
C GLN F 838 40.85 79.90 73.23
N GLN F 839 40.09 80.39 74.20
CA GLN F 839 40.19 79.95 75.57
C GLN F 839 39.09 78.95 75.91
N PHE F 840 39.39 78.05 76.84
CA PHE F 840 38.42 77.08 77.32
C PHE F 840 37.73 77.67 78.54
N ASP F 841 36.46 78.00 78.40
CA ASP F 841 35.63 78.44 79.50
C ASP F 841 34.58 77.39 79.80
N PHE F 842 34.57 76.89 81.03
CA PHE F 842 33.81 75.70 81.35
C PHE F 842 32.32 76.00 81.43
N ARG F 843 31.96 77.15 81.99
CA ARG F 843 30.56 77.49 82.23
C ARG F 843 29.82 77.91 80.97
N ALA F 844 30.50 78.02 79.84
CA ALA F 844 29.87 78.45 78.59
C ALA F 844 30.07 77.45 77.46
N SER F 845 30.55 76.24 77.76
CA SER F 845 30.72 75.21 76.74
C SER F 845 29.83 74.00 76.96
N MET F 846 29.18 73.88 78.11
CA MET F 846 28.26 72.78 78.35
C MET F 846 26.99 72.97 77.54
N HIS F 847 26.55 71.90 76.87
CA HIS F 847 25.38 71.94 76.01
C HIS F 847 24.48 70.76 76.33
N MET F 848 23.20 71.02 76.58
CA MET F 848 22.26 69.98 77.02
C MET F 848 21.71 69.27 75.79
N LEU F 849 22.37 68.18 75.41
CA LEU F 849 21.95 67.42 74.25
C LEU F 849 20.70 66.60 74.55
N THR F 850 19.84 66.46 73.56
CA THR F 850 18.55 65.79 73.72
C THR F 850 18.31 64.81 72.58
N SER F 851 17.49 63.80 72.87
CA SER F 851 17.17 62.74 71.92
C SER F 851 15.92 62.03 72.44
N ASN F 852 15.65 60.85 71.90
CA ASN F 852 14.59 59.98 72.37
C ASN F 852 15.16 58.85 73.22
N LEU F 853 14.29 58.24 74.03
CA LEU F 853 14.70 57.12 74.87
C LEU F 853 14.86 55.83 74.07
N THR F 854 13.77 55.31 73.52
CA THR F 854 13.78 53.99 72.90
C THR F 854 13.14 54.03 71.52
N PHE F 855 13.81 53.41 70.57
CA PHE F 855 13.26 53.11 69.25
C PHE F 855 13.12 51.61 69.10
N THR F 856 12.62 51.21 67.93
CA THR F 856 12.73 49.84 67.45
C THR F 856 12.63 49.96 65.93
N VAL F 857 13.78 49.90 65.26
CA VAL F 857 13.83 50.18 63.82
C VAL F 857 13.66 48.88 63.06
N TYR F 858 12.67 48.84 62.17
CA TYR F 858 12.37 47.66 61.38
C TYR F 858 12.86 47.84 59.95
N SER F 859 13.65 46.88 59.48
CA SER F 859 14.22 46.99 58.14
C SER F 859 13.21 46.59 57.07
N ASP F 860 12.64 45.40 57.19
CA ASP F 860 11.65 44.93 56.22
C ASP F 860 10.25 45.25 56.71
N LEU F 861 9.32 45.39 55.78
CA LEU F 861 7.94 45.68 56.09
C LEU F 861 6.94 44.70 55.49
N LEU F 862 7.30 43.99 54.42
CA LEU F 862 6.41 43.00 53.84
C LEU F 862 6.59 41.62 54.45
N ALA F 863 7.33 41.53 55.55
CA ALA F 863 7.42 40.28 56.30
C ALA F 863 6.37 40.18 57.39
N PHE F 864 5.70 41.27 57.72
CA PHE F 864 4.63 41.25 58.70
C PHE F 864 3.30 40.85 58.10
N VAL F 865 3.10 41.06 56.81
CA VAL F 865 1.84 40.75 56.12
C VAL F 865 2.02 39.42 55.39
N SER F 866 0.99 38.57 55.46
CA SER F 866 1.04 37.24 54.87
C SER F 866 -0.17 37.05 53.96
N ALA F 867 0.05 37.07 52.66
CA ALA F 867 -1.02 37.06 51.68
C ALA F 867 -1.22 35.67 51.10
N ASP F 868 -2.37 35.49 50.44
CA ASP F 868 -2.75 34.23 49.83
C ASP F 868 -3.74 34.53 48.71
N THR F 869 -3.80 33.63 47.73
CA THR F 869 -4.58 33.85 46.52
C THR F 869 -5.86 33.04 46.53
N VAL F 870 -6.93 33.67 46.04
CA VAL F 870 -8.21 32.99 45.83
C VAL F 870 -8.06 31.99 44.70
N GLU F 871 -8.80 30.85 44.80
CA GLU F 871 -8.92 29.72 43.87
C GLU F 871 -8.90 30.15 42.40
N PRO F 872 -8.02 29.59 41.58
CA PRO F 872 -7.71 30.21 40.29
C PRO F 872 -8.81 30.13 39.26
N ILE F 873 -9.78 29.22 39.38
CA ILE F 873 -10.89 29.25 38.45
C ILE F 873 -11.88 30.36 38.79
N ASN F 874 -11.90 30.82 40.04
CA ASN F 874 -12.66 32.00 40.42
C ASN F 874 -11.74 33.22 40.51
N ALA F 875 -11.15 33.56 39.37
CA ALA F 875 -10.24 34.70 39.26
C ALA F 875 -10.78 35.65 38.21
N VAL F 876 -10.89 36.93 38.55
CA VAL F 876 -11.59 37.90 37.71
C VAL F 876 -10.61 38.90 37.12
N ALA F 877 -10.95 39.39 35.94
CA ALA F 877 -10.16 40.39 35.23
C ALA F 877 -10.65 41.78 35.64
N PHE F 878 -10.30 42.82 34.86
CA PHE F 878 -10.74 44.18 35.17
C PHE F 878 -12.25 44.33 35.04
N ASP F 879 -12.89 43.58 34.16
CA ASP F 879 -14.33 43.40 34.21
C ASP F 879 -14.61 42.14 35.01
N ASN F 880 -15.73 42.14 35.72
CA ASN F 880 -15.92 41.18 36.80
C ASN F 880 -16.31 39.78 36.31
N MET F 881 -16.32 39.52 35.01
CA MET F 881 -16.40 38.15 34.53
C MET F 881 -15.02 37.51 34.60
N ARG F 882 -15.01 36.20 34.83
CA ARG F 882 -13.76 35.53 35.13
C ARG F 882 -12.94 35.27 33.86
N ILE F 883 -11.65 35.04 34.04
CA ILE F 883 -10.76 34.70 32.94
C ILE F 883 -10.77 33.20 32.75
N MET F 884 -10.70 32.78 31.48
CA MET F 884 -10.71 31.37 31.07
C MET F 884 -11.96 30.65 31.57
N ASN F 885 -13.11 31.09 31.08
CA ASN F 885 -14.39 30.51 31.46
C ASN F 885 -14.95 29.55 30.42
N GLU F 886 -14.63 29.75 29.16
CA GLU F 886 -15.18 28.90 28.10
C GLU F 886 -14.55 27.51 28.15
N LEU F 887 -15.32 26.54 27.68
CA LEU F 887 -14.90 25.13 27.75
C LEU F 887 -13.82 24.81 26.72
N LEU G 83 45.67 38.90 -10.19
CA LEU G 83 45.84 40.02 -11.11
C LEU G 83 46.63 41.15 -10.46
N LYS G 84 46.68 41.14 -9.13
CA LYS G 84 47.29 42.23 -8.38
C LYS G 84 48.80 42.32 -8.56
N THR G 85 49.46 41.22 -8.89
CA THR G 85 50.89 41.27 -9.17
C THR G 85 51.19 41.87 -10.54
N LYS G 86 50.22 41.89 -11.45
CA LYS G 86 50.39 42.53 -12.75
C LYS G 86 50.05 44.01 -12.70
N GLU G 87 49.05 44.40 -11.90
CA GLU G 87 48.68 45.81 -11.81
C GLU G 87 49.64 46.60 -10.95
N GLU G 88 50.32 45.96 -9.99
CA GLU G 88 51.21 46.67 -9.08
C GLU G 88 52.63 46.78 -9.63
N HIS G 89 53.13 45.77 -10.32
CA HIS G 89 54.44 45.90 -10.96
C HIS G 89 54.38 46.80 -12.19
N GLN G 90 53.20 47.02 -12.76
CA GLN G 90 53.05 48.06 -13.77
C GLN G 90 52.89 49.42 -13.13
N LYS G 91 52.31 49.48 -11.92
CA LYS G 91 52.20 50.75 -11.21
C LYS G 91 53.54 51.19 -10.64
N GLU G 92 54.30 50.26 -10.06
CA GLU G 92 55.56 50.61 -9.41
C GLU G 92 56.70 50.82 -10.39
N VAL G 93 56.49 50.60 -11.68
CA VAL G 93 57.53 50.91 -12.67
C VAL G 93 57.31 52.27 -13.31
N GLN G 94 56.12 52.85 -13.15
CA GLN G 94 55.88 54.23 -13.56
C GLN G 94 56.18 55.22 -12.46
N TYR G 95 56.00 54.82 -11.20
CA TYR G 95 56.36 55.67 -10.09
C TYR G 95 57.87 55.79 -9.94
N GLU G 96 58.63 54.83 -10.48
CA GLU G 96 60.08 54.90 -10.45
C GLU G 96 60.64 55.86 -11.49
N ILE G 97 59.93 56.06 -12.60
CA ILE G 97 60.39 57.02 -13.61
C ILE G 97 60.27 58.44 -13.08
N LEU G 98 59.25 58.73 -12.28
CA LEU G 98 59.12 60.05 -11.69
C LEU G 98 60.15 60.27 -10.60
N GLN G 99 60.45 59.23 -9.82
CA GLN G 99 61.36 59.38 -8.69
C GLN G 99 62.81 59.56 -9.11
N LYS G 100 63.16 59.18 -10.34
CA LYS G 100 64.53 59.37 -10.82
C LYS G 100 64.80 60.79 -11.31
N THR G 101 63.82 61.69 -11.19
CA THR G 101 64.04 63.11 -11.46
C THR G 101 63.85 63.96 -10.21
N ILE G 102 63.70 63.34 -9.05
CA ILE G 102 63.62 64.03 -7.76
C ILE G 102 64.91 63.76 -7.01
N PRO G 103 65.62 64.78 -6.53
CA PRO G 103 66.91 64.56 -5.88
C PRO G 103 66.84 64.21 -4.40
N THR G 104 65.69 63.74 -3.90
CA THR G 104 65.67 63.28 -2.53
C THR G 104 66.31 61.89 -2.43
N PHE G 105 66.58 61.47 -1.20
CA PHE G 105 67.23 60.18 -0.96
C PHE G 105 66.18 59.08 -0.78
N GLU G 106 66.53 57.88 -1.21
CA GLU G 106 65.57 56.78 -1.24
C GLU G 106 65.30 56.22 0.16
N PRO G 107 66.29 56.08 1.09
CA PRO G 107 65.90 55.98 2.49
C PRO G 107 65.42 57.33 2.98
N LYS G 108 64.12 57.43 3.30
CA LYS G 108 63.53 58.73 3.61
C LYS G 108 64.04 59.29 4.93
N GLU G 109 64.13 58.46 5.96
CA GLU G 109 64.55 58.91 7.29
C GLU G 109 66.05 59.12 7.42
N SER G 110 66.81 58.98 6.33
CA SER G 110 68.25 59.23 6.37
C SER G 110 68.59 60.70 6.35
N ILE G 111 67.65 61.57 5.95
CA ILE G 111 67.95 62.99 5.82
C ILE G 111 68.03 63.67 7.18
N LEU G 112 67.46 63.07 8.22
CA LEU G 112 67.44 63.69 9.54
C LEU G 112 68.83 63.81 10.15
N LYS G 113 69.73 62.88 9.82
CA LYS G 113 71.12 63.02 10.26
C LYS G 113 71.84 64.14 9.51
N LYS G 114 71.42 64.41 8.26
CA LYS G 114 72.12 65.36 7.42
C LYS G 114 71.81 66.82 7.74
N LEU G 115 70.76 67.10 8.51
CA LEU G 115 70.49 68.47 8.93
C LEU G 115 71.06 68.77 10.30
N GLU G 116 71.01 67.80 11.21
CA GLU G 116 71.43 68.01 12.58
C GLU G 116 72.94 67.98 12.75
N ASP G 117 73.71 67.81 11.69
CA ASP G 117 75.16 67.81 11.75
C ASP G 117 75.80 68.99 11.04
N ILE G 118 75.01 69.91 10.51
CA ILE G 118 75.57 71.09 9.82
C ILE G 118 76.15 72.02 10.86
N LYS G 119 77.48 72.12 10.89
CA LYS G 119 78.14 73.05 11.79
C LYS G 119 77.88 74.47 11.31
N PRO G 120 77.77 75.45 12.24
CA PRO G 120 77.42 76.82 11.84
C PRO G 120 78.46 77.50 10.96
N GLU G 121 79.67 77.64 11.46
CA GLU G 121 80.77 78.29 10.76
C GLU G 121 82.07 77.79 11.37
N GLN G 122 83.18 78.35 10.90
CA GLN G 122 84.49 78.13 11.50
C GLN G 122 85.11 79.49 11.79
N VAL G 123 85.45 79.74 13.05
CA VAL G 123 86.24 80.92 13.38
C VAL G 123 87.70 80.63 13.04
N LYS G 124 88.34 81.58 12.36
CA LYS G 124 89.70 81.39 11.87
C LYS G 124 90.57 82.54 12.38
N LYS G 125 91.47 82.23 13.30
CA LYS G 125 92.50 83.17 13.72
C LYS G 125 93.77 82.85 12.96
N GLN G 126 94.36 83.88 12.34
CA GLN G 126 95.61 83.67 11.61
C GLN G 126 96.79 83.68 12.56
N THR G 127 97.63 82.65 12.44
CA THR G 127 98.80 82.51 13.29
C THR G 127 99.97 83.36 12.79
N LYS G 128 100.07 83.56 11.48
CA LYS G 128 101.14 84.34 10.89
C LYS G 128 100.58 85.30 9.85
N LEU G 129 101.37 86.31 9.50
CA LEU G 129 100.96 87.30 8.52
C LEU G 129 100.95 86.70 7.12
N PHE G 130 100.13 87.30 6.25
CA PHE G 130 100.01 86.88 4.87
C PHE G 130 101.05 87.61 4.04
N ARG G 131 101.98 86.86 3.44
CA ARG G 131 103.07 87.45 2.68
C ARG G 131 103.14 86.81 1.30
N ILE G 132 103.33 87.65 0.29
CA ILE G 132 103.61 87.21 -1.06
C ILE G 132 105.06 87.45 -1.45
N PHE G 133 105.61 88.59 -1.07
CA PHE G 133 106.94 89.01 -1.47
C PHE G 133 107.92 88.78 -0.32
N GLU G 134 109.22 88.89 -0.63
CA GLU G 134 110.27 88.77 0.37
C GLU G 134 111.50 89.49 -0.16
N PRO G 135 112.36 90.01 0.72
CA PRO G 135 113.59 90.65 0.25
C PRO G 135 114.73 89.66 0.08
N ARG G 136 115.57 89.95 -0.91
CA ARG G 136 116.71 89.11 -1.25
C ARG G 136 117.86 89.98 -1.70
N GLN G 137 119.06 89.41 -1.69
CA GLN G 137 120.25 90.08 -2.16
C GLN G 137 120.64 89.54 -3.52
N LEU G 138 120.87 90.44 -4.47
CA LEU G 138 121.30 90.07 -5.82
C LEU G 138 122.56 90.86 -6.17
N PRO G 139 123.49 90.25 -6.91
CA PRO G 139 124.72 90.96 -7.28
C PRO G 139 124.46 92.05 -8.32
N VAL G 140 125.19 93.16 -8.18
CA VAL G 140 125.01 94.34 -9.01
C VAL G 140 126.31 94.62 -9.72
N TYR G 141 126.27 94.73 -11.05
CA TYR G 141 127.44 94.93 -11.88
C TYR G 141 127.57 96.40 -12.28
N ARG G 142 128.70 96.74 -12.90
CA ARG G 142 129.00 98.10 -13.29
C ARG G 142 128.45 98.38 -14.69
N ALA G 143 128.83 99.52 -15.26
CA ALA G 143 128.44 99.88 -16.62
C ALA G 143 129.16 98.98 -17.61
N ASN G 144 130.49 99.03 -17.61
CA ASN G 144 131.25 97.96 -18.21
C ASN G 144 131.21 96.73 -17.30
N GLY G 145 131.54 95.58 -17.86
CA GLY G 145 131.31 94.34 -17.14
C GLY G 145 132.30 94.02 -16.04
N GLU G 146 132.27 94.79 -14.95
CA GLU G 146 133.04 94.49 -13.75
C GLU G 146 132.09 94.33 -12.57
N LYS G 147 132.25 93.25 -11.82
CA LYS G 147 131.37 92.99 -10.70
C LYS G 147 131.72 93.92 -9.54
N GLU G 148 130.69 94.57 -8.98
CA GLU G 148 130.86 95.50 -7.88
C GLU G 148 130.67 94.76 -6.56
N LEU G 149 131.32 95.27 -5.52
CA LEU G 149 131.33 94.56 -4.25
C LEU G 149 130.01 94.72 -3.51
N ARG G 150 129.50 95.95 -3.41
CA ARG G 150 128.31 96.23 -2.62
C ARG G 150 127.05 95.70 -3.32
N ASN G 151 126.29 94.89 -2.60
CA ASN G 151 125.06 94.31 -3.11
C ASN G 151 123.85 95.11 -2.63
N ARG G 152 122.73 94.96 -3.33
CA ARG G 152 121.52 95.70 -3.04
C ARG G 152 120.36 94.74 -2.80
N TRP G 153 119.36 95.24 -2.07
CA TRP G 153 118.21 94.44 -1.64
C TRP G 153 117.06 94.64 -2.62
N TYR G 154 116.61 93.56 -3.25
CA TYR G 154 115.50 93.61 -4.18
C TYR G 154 114.31 92.87 -3.60
N TRP G 155 113.15 93.04 -4.23
CA TRP G 155 111.87 92.54 -3.74
C TRP G 155 111.40 91.30 -4.50
N LYS G 156 112.28 90.38 -4.82
CA LYS G 156 111.90 89.22 -5.62
C LYS G 156 111.03 88.27 -4.81
N LEU G 157 109.91 87.85 -5.39
CA LEU G 157 108.87 87.13 -4.67
C LEU G 157 109.29 85.69 -4.40
N LYS G 158 108.71 85.12 -3.36
CA LYS G 158 108.89 83.71 -3.05
C LYS G 158 107.77 82.90 -3.68
N ARG G 159 108.09 81.62 -3.96
CA ARG G 159 107.20 80.67 -4.65
C ARG G 159 106.75 81.22 -6.00
N ASP G 160 107.72 81.41 -6.90
CA ASP G 160 107.42 81.94 -8.23
C ASP G 160 107.10 80.80 -9.21
N THR G 161 106.05 80.05 -8.87
CA THR G 161 105.61 78.92 -9.68
C THR G 161 104.49 79.36 -10.62
N LEU G 162 104.84 80.26 -11.52
CA LEU G 162 103.82 80.73 -12.46
C LEU G 162 103.80 79.84 -13.70
N PRO G 163 102.61 79.53 -14.22
CA PRO G 163 102.52 78.64 -15.38
C PRO G 163 102.93 79.29 -16.70
N ASP G 164 102.68 78.59 -17.79
CA ASP G 164 103.11 79.00 -19.12
C ASP G 164 101.89 79.26 -20.01
N GLY G 165 101.83 80.44 -20.59
CA GLY G 165 100.72 80.79 -21.47
C GLY G 165 99.77 81.74 -20.76
N ASP G 166 99.16 82.65 -21.53
CA ASP G 166 98.31 83.67 -20.94
C ASP G 166 96.98 83.12 -20.43
N TYR G 167 96.56 81.94 -20.90
CA TYR G 167 95.38 81.34 -20.30
C TYR G 167 95.71 80.59 -19.03
N ASP G 168 96.90 79.99 -18.95
CA ASP G 168 97.30 79.30 -17.74
C ASP G 168 97.77 80.25 -16.65
N VAL G 169 98.13 81.47 -17.00
CA VAL G 169 98.46 82.47 -15.99
C VAL G 169 97.18 83.03 -15.36
N ARG G 170 96.20 83.37 -16.20
CA ARG G 170 94.94 83.90 -15.70
C ARG G 170 94.08 82.85 -15.02
N GLU G 171 94.39 81.57 -15.18
CA GLU G 171 93.75 80.54 -14.38
C GLU G 171 94.47 80.32 -13.05
N TYR G 172 95.76 80.68 -12.98
CA TYR G 172 96.50 80.59 -11.73
C TYR G 172 96.01 81.63 -10.72
N PHE G 173 95.64 82.82 -11.19
CA PHE G 173 95.19 83.87 -10.29
C PHE G 173 93.78 83.66 -9.78
N LEU G 174 92.98 82.82 -10.46
CA LEU G 174 91.74 82.38 -9.86
C LEU G 174 91.99 81.41 -8.72
N ASN G 175 93.02 80.57 -8.85
CA ASN G 175 93.38 79.66 -7.77
C ASN G 175 94.05 80.37 -6.62
N LEU G 176 94.59 81.58 -6.84
CA LEU G 176 95.04 82.40 -5.72
C LEU G 176 93.86 83.05 -5.01
N TYR G 177 92.88 83.52 -5.77
CA TYR G 177 91.70 84.15 -5.17
C TYR G 177 90.82 83.13 -4.47
N ASP G 178 90.81 81.88 -4.95
CA ASP G 178 90.08 80.83 -4.25
C ASP G 178 90.80 80.37 -3.00
N GLN G 179 92.11 80.60 -2.93
CA GLN G 179 92.89 80.23 -1.75
C GLN G 179 92.78 81.28 -0.64
N VAL G 180 92.76 82.56 -1.01
CA VAL G 180 92.70 83.65 -0.04
C VAL G 180 91.35 83.66 0.67
N LEU G 181 90.28 83.22 0.00
CA LEU G 181 88.96 83.20 0.62
C LEU G 181 88.84 82.18 1.76
N THR G 182 89.67 81.14 1.77
CA THR G 182 89.69 80.23 2.91
C THR G 182 90.76 80.59 3.93
N GLU G 183 91.80 81.33 3.51
CA GLU G 183 92.82 81.81 4.44
C GLU G 183 92.35 83.05 5.21
N MET G 184 91.32 83.73 4.71
CA MET G 184 90.85 85.00 5.25
C MET G 184 90.30 84.83 6.67
N PRO G 185 90.83 85.55 7.65
CA PRO G 185 90.33 85.42 9.02
C PRO G 185 89.09 86.26 9.27
N ASP G 186 88.26 85.77 10.18
CA ASP G 186 87.15 86.58 10.65
C ASP G 186 87.63 87.64 11.63
N TYR G 187 88.51 87.27 12.54
CA TYR G 187 89.11 88.20 13.49
C TYR G 187 90.60 87.91 13.58
N LEU G 188 91.40 88.95 13.71
CA LEU G 188 92.86 88.83 13.72
C LEU G 188 93.40 89.58 14.93
N LEU G 189 93.72 88.83 15.98
CA LEU G 189 94.42 89.41 17.12
C LEU G 189 95.89 89.58 16.79
N LEU G 190 96.57 90.40 17.60
CA LEU G 190 97.94 90.78 17.31
C LEU G 190 98.89 90.61 18.48
N LYS G 191 98.39 90.37 19.69
CA LYS G 191 99.27 90.22 20.84
C LYS G 191 99.94 88.84 20.85
N ASP G 192 99.22 87.80 20.42
CA ASP G 192 99.76 86.45 20.41
C ASP G 192 100.71 86.17 19.24
N MET G 193 101.03 87.19 18.44
CA MET G 193 101.94 87.07 17.31
C MET G 193 102.90 88.24 17.42
N ALA G 194 103.98 88.05 18.18
CA ALA G 194 104.93 89.13 18.42
C ALA G 194 106.24 88.52 18.89
N VAL G 195 107.28 88.69 18.08
CA VAL G 195 108.63 88.25 18.44
C VAL G 195 109.42 89.49 18.81
N GLU G 196 110.25 89.37 19.84
CA GLU G 196 110.98 90.52 20.34
C GLU G 196 112.09 90.94 19.39
N ASN G 197 112.34 92.24 19.34
CA ASN G 197 113.39 92.81 18.50
C ASN G 197 114.69 92.78 19.31
N LYS G 198 115.65 91.98 18.87
CA LYS G 198 116.87 91.73 19.61
C LYS G 198 117.92 92.82 19.46
N ASN G 199 117.56 93.96 18.87
CA ASN G 199 118.50 95.05 18.69
C ASN G 199 118.05 96.35 19.34
N SER G 200 116.91 96.35 20.01
CA SER G 200 116.38 97.56 20.63
C SER G 200 117.06 97.81 21.97
N ARG G 201 117.23 99.10 22.29
CA ARG G 201 117.80 99.47 23.58
C ARG G 201 116.84 99.15 24.71
N ASP G 202 115.60 99.60 24.60
CA ASP G 202 114.54 99.24 25.52
C ASP G 202 113.85 97.98 25.00
N ALA G 203 112.72 97.62 25.61
CA ALA G 203 112.00 96.41 25.22
C ALA G 203 111.19 96.70 23.96
N GLY G 204 111.71 96.29 22.81
CA GLY G 204 111.04 96.49 21.53
C GLY G 204 110.49 95.18 21.01
N LYS G 205 109.36 95.26 20.31
CA LYS G 205 108.71 94.07 19.77
C LYS G 205 108.21 94.37 18.37
N VAL G 206 108.38 93.39 17.47
CA VAL G 206 107.87 93.48 16.11
C VAL G 206 106.77 92.45 15.97
N VAL G 207 106.13 92.40 14.79
CA VAL G 207 104.83 91.72 14.69
C VAL G 207 104.94 90.30 14.15
N ASP G 208 106.07 89.89 13.60
CA ASP G 208 106.17 88.54 13.05
C ASP G 208 107.60 88.03 13.20
N SER G 209 107.76 86.75 12.89
CA SER G 209 109.11 86.18 12.86
C SER G 209 109.90 86.67 11.67
N GLU G 210 109.22 86.85 10.53
CA GLU G 210 109.90 87.37 9.35
C GLU G 210 110.19 88.86 9.48
N THR G 211 109.39 89.57 10.28
CA THR G 211 109.62 91.00 10.47
C THR G 211 110.90 91.24 11.26
N ALA G 212 111.17 90.39 12.26
CA ALA G 212 112.45 90.47 12.96
C ALA G 212 113.59 89.96 12.10
N ALA G 213 113.29 89.07 11.14
CA ALA G 213 114.35 88.48 10.34
C ALA G 213 114.92 89.46 9.33
N ILE G 214 114.12 90.41 8.85
CA ILE G 214 114.65 91.44 7.96
C ILE G 214 115.36 92.51 8.78
N CYS G 215 114.91 92.75 10.01
CA CYS G 215 115.46 93.85 10.81
C CYS G 215 116.87 93.57 11.29
N ASP G 216 117.17 92.32 11.66
CA ASP G 216 118.54 91.99 12.04
C ASP G 216 119.47 91.86 10.84
N ALA G 217 118.92 91.73 9.63
CA ALA G 217 119.76 91.69 8.44
C ALA G 217 120.17 93.08 7.98
N ILE G 218 119.39 94.10 8.35
CA ILE G 218 119.69 95.47 7.93
C ILE G 218 120.65 96.15 8.90
N PHE G 219 120.52 95.85 10.19
CA PHE G 219 121.38 96.46 11.21
C PHE G 219 122.84 96.05 11.03
N GLN G 220 123.09 94.75 10.91
CA GLN G 220 124.47 94.27 10.84
C GLN G 220 125.12 94.54 9.49
N ASP G 221 124.34 94.72 8.43
CA ASP G 221 124.88 95.09 7.14
C ASP G 221 125.28 96.56 7.15
N GLU G 222 126.49 96.84 6.71
CA GLU G 222 127.07 98.18 6.83
C GLU G 222 126.61 99.14 5.74
N GLU G 223 125.87 98.65 4.73
CA GLU G 223 125.53 99.48 3.58
C GLU G 223 124.40 100.46 3.87
N THR G 224 123.62 100.22 4.93
CA THR G 224 122.47 101.07 5.23
C THR G 224 122.93 102.38 5.85
N GLU G 225 122.13 103.43 5.61
CA GLU G 225 122.40 104.72 6.20
C GLU G 225 122.16 104.68 7.71
N GLY G 226 122.87 105.55 8.44
CA GLY G 226 122.76 105.59 9.88
C GLY G 226 121.43 106.09 10.40
N VAL G 227 120.66 106.79 9.57
CA VAL G 227 119.32 107.22 9.98
C VAL G 227 118.36 106.02 10.01
N VAL G 228 118.67 104.96 9.27
CA VAL G 228 117.89 103.73 9.36
C VAL G 228 118.38 102.86 10.52
N ARG G 229 119.69 102.89 10.81
CA ARG G 229 120.23 102.02 11.86
C ARG G 229 119.85 102.49 13.26
N ARG G 230 119.74 103.81 13.47
CA ARG G 230 119.34 104.28 14.79
C ARG G 230 117.85 104.07 15.02
N PHE G 231 117.06 103.97 13.96
CA PHE G 231 115.61 103.96 14.10
C PHE G 231 115.10 102.60 14.51
N ILE G 232 115.67 101.51 13.97
CA ILE G 232 115.19 100.17 14.30
C ILE G 232 115.60 99.73 15.69
N ALA G 233 116.48 100.46 16.35
CA ALA G 233 116.70 100.27 17.78
C ALA G 233 115.82 101.19 18.61
N GLU G 234 115.46 102.37 18.09
CA GLU G 234 114.62 103.32 18.81
C GLU G 234 113.13 103.13 18.54
N MET G 235 112.76 102.23 17.63
CA MET G 235 111.35 101.98 17.38
C MET G 235 110.73 101.24 18.55
N ARG G 236 109.45 101.50 18.80
CA ARG G 236 108.82 101.03 20.03
C ARG G 236 107.33 100.91 19.82
N GLN G 237 106.75 99.80 20.28
CA GLN G 237 105.32 99.61 20.23
C GLN G 237 104.64 100.43 21.33
N ARG G 238 103.31 100.47 21.28
CA ARG G 238 102.52 101.16 22.30
C ARG G 238 101.30 100.29 22.59
N VAL G 239 101.32 99.60 23.73
CA VAL G 239 100.21 98.76 24.16
C VAL G 239 99.42 99.52 25.22
N GLN G 240 98.09 99.50 25.10
CA GLN G 240 97.19 100.16 26.05
C GLN G 240 96.13 99.14 26.46
N ALA G 241 96.25 98.63 27.68
CA ALA G 241 95.29 97.65 28.17
C ALA G 241 94.00 98.27 28.66
N ASP G 242 93.96 99.60 28.83
CA ASP G 242 92.75 100.25 29.30
C ASP G 242 91.77 100.52 28.17
N ARG G 243 92.27 100.90 27.00
CA ARG G 243 91.44 101.19 25.85
C ARG G 243 91.38 100.00 24.88
N ASN G 244 92.03 98.88 25.24
CA ASN G 244 91.97 97.60 24.53
C ASN G 244 92.51 97.69 23.11
N VAL G 245 93.54 98.51 22.88
CA VAL G 245 94.19 98.61 21.58
C VAL G 245 95.68 98.36 21.75
N VAL G 246 96.33 98.02 20.64
CA VAL G 246 97.78 97.79 20.60
C VAL G 246 98.23 97.99 19.16
N ASN G 247 99.40 98.61 18.98
CA ASN G 247 99.99 98.74 17.65
C ASN G 247 101.42 98.23 17.69
N TYR G 248 101.83 97.59 16.58
CA TYR G 248 103.13 96.94 16.44
C TYR G 248 103.76 97.33 15.13
N PRO G 249 105.08 97.49 15.07
CA PRO G 249 105.76 97.79 13.80
C PRO G 249 105.75 96.60 12.86
N SER G 250 106.12 96.86 11.62
CA SER G 250 106.07 95.84 10.58
C SER G 250 107.10 96.16 9.51
N ILE G 251 107.41 95.16 8.70
CA ILE G 251 108.17 95.32 7.45
C ILE G 251 107.42 94.51 6.41
N LEU G 252 106.77 95.20 5.46
CA LEU G 252 105.90 94.53 4.50
C LEU G 252 106.00 95.21 3.15
N HIS G 253 105.82 94.42 2.09
CA HIS G 253 105.64 94.97 0.76
C HIS G 253 104.31 95.70 0.67
N PRO G 254 104.20 96.72 -0.20
CA PRO G 254 102.91 97.40 -0.36
C PRO G 254 101.75 96.54 -0.84
N ILE G 255 102.02 95.42 -1.53
CA ILE G 255 100.93 94.52 -1.89
C ILE G 255 100.45 93.75 -0.67
N ASP G 256 101.37 93.30 0.18
CA ASP G 256 100.98 92.64 1.42
C ASP G 256 100.44 93.63 2.45
N HIS G 257 100.79 94.91 2.34
CA HIS G 257 100.24 95.90 3.25
C HIS G 257 98.76 96.14 2.95
N ALA G 258 98.38 96.14 1.69
CA ALA G 258 96.97 96.25 1.34
C ALA G 258 96.22 94.98 1.62
N PHE G 259 96.90 93.84 1.69
CA PHE G 259 96.22 92.58 1.98
C PHE G 259 96.03 92.39 3.48
N ASN G 260 97.03 92.75 4.27
CA ASN G 260 96.94 92.57 5.71
C ASN G 260 96.04 93.60 6.37
N GLU G 261 95.90 94.78 5.76
CA GLU G 261 95.01 95.79 6.30
C GLU G 261 93.55 95.41 6.13
N TYR G 262 93.21 94.71 5.05
CA TYR G 262 91.81 94.38 4.80
C TYR G 262 91.31 93.31 5.77
N PHE G 263 92.19 92.41 6.22
CA PHE G 263 91.78 91.45 7.24
C PHE G 263 91.74 92.08 8.62
N LEU G 264 92.33 93.26 8.78
CA LEU G 264 92.53 93.91 10.07
C LEU G 264 91.64 95.11 10.30
N GLN G 265 91.26 95.84 9.24
CA GLN G 265 90.30 96.93 9.37
C GLN G 265 88.86 96.43 9.29
N HIS G 266 88.59 95.49 8.38
CA HIS G 266 87.25 94.94 8.19
C HIS G 266 87.15 93.62 8.97
N GLN G 267 86.86 93.74 10.26
CA GLN G 267 86.63 92.56 11.08
C GLN G 267 85.22 92.02 10.83
N LEU G 268 84.95 90.84 11.38
CA LEU G 268 83.60 90.30 11.37
C LEU G 268 82.95 90.25 12.75
N VAL G 269 83.73 90.32 13.82
CA VAL G 269 83.19 90.18 15.16
C VAL G 269 82.48 91.47 15.56
N GLU G 270 81.37 91.31 16.27
CA GLU G 270 80.54 92.41 16.75
C GLU G 270 80.31 92.23 18.25
N PRO G 271 80.22 93.33 19.00
CA PRO G 271 80.07 93.21 20.46
C PRO G 271 78.75 92.60 20.87
N LEU G 272 78.78 91.92 22.02
CA LEU G 272 77.66 91.13 22.50
C LEU G 272 77.38 91.46 23.96
N ASN G 273 76.10 91.57 24.30
CA ASN G 273 75.67 91.84 25.67
C ASN G 273 74.33 91.13 25.89
N ASN G 274 73.69 91.42 27.01
CA ASN G 274 72.46 90.71 27.37
C ASN G 274 71.23 91.22 26.61
N ASP G 275 71.35 92.32 25.87
CA ASP G 275 70.25 92.82 25.08
C ASP G 275 70.19 92.20 23.69
N ILE G 276 71.19 91.44 23.30
CA ILE G 276 71.22 90.77 22.00
C ILE G 276 70.75 89.33 22.10
N ILE G 277 71.11 88.65 23.20
CA ILE G 277 70.59 87.31 23.44
C ILE G 277 69.09 87.35 23.72
N PHE G 278 68.61 88.42 24.36
CA PHE G 278 67.18 88.59 24.55
C PHE G 278 66.47 89.02 23.27
N ASN G 279 67.21 89.45 22.25
CA ASN G 279 66.62 89.74 20.95
C ASN G 279 66.78 88.60 19.96
N TYR G 280 67.77 87.73 20.18
CA TYR G 280 67.98 86.59 19.28
C TYR G 280 66.90 85.54 19.45
N ILE G 281 66.25 85.51 20.61
CA ILE G 281 65.15 84.59 20.89
C ILE G 281 63.96 85.14 20.12
N PRO G 282 63.03 84.31 19.65
CA PRO G 282 61.88 84.84 18.89
C PRO G 282 60.90 85.58 19.79
N GLU G 283 60.08 86.43 19.16
CA GLU G 283 59.16 87.27 19.91
C GLU G 283 57.90 86.54 20.36
N ARG G 284 57.52 85.46 19.69
CA ARG G 284 56.32 84.74 20.08
C ARG G 284 56.54 83.83 21.28
N ILE G 285 57.78 83.42 21.54
CA ILE G 285 58.08 82.65 22.74
C ILE G 285 58.48 83.58 23.90
N ARG G 286 59.13 84.71 23.59
CA ARG G 286 59.48 85.68 24.61
C ARG G 286 58.26 86.35 25.22
N ASN G 287 57.16 86.44 24.46
CA ASN G 287 55.91 87.01 24.95
C ASN G 287 54.88 85.93 25.24
N ASP G 288 55.31 84.76 25.67
CA ASP G 288 54.43 83.65 26.01
C ASP G 288 54.35 83.49 27.53
N VAL G 289 53.30 82.80 27.97
CA VAL G 289 52.98 82.74 29.39
C VAL G 289 53.50 81.43 29.97
N ASN G 290 53.46 80.36 29.17
CA ASN G 290 53.92 79.06 29.65
C ASN G 290 55.43 79.04 29.85
N TYR G 291 56.18 79.35 28.80
CA TYR G 291 57.63 79.30 28.87
C TYR G 291 58.15 80.53 29.62
N ILE G 292 58.85 80.31 30.72
CA ILE G 292 59.54 81.37 31.44
C ILE G 292 61.01 81.35 31.06
N LEU G 293 61.56 82.53 30.79
CA LEU G 293 62.89 82.68 30.22
C LEU G 293 63.70 83.62 31.10
N ASN G 294 64.76 83.11 31.71
CA ASN G 294 65.63 83.92 32.55
C ASN G 294 67.07 83.74 32.12
N MET G 295 67.86 84.80 32.28
CA MET G 295 69.26 84.83 31.88
C MET G 295 70.11 84.84 33.14
N ASP G 296 70.85 83.74 33.36
CA ASP G 296 71.53 83.49 34.62
C ASP G 296 73.04 83.49 34.50
N ARG G 297 73.60 84.01 33.41
CA ARG G 297 75.05 84.05 33.25
C ARG G 297 75.48 85.46 32.89
N ASN G 298 76.61 85.88 33.44
CA ASN G 298 77.13 87.21 33.22
C ASN G 298 78.08 87.21 32.04
N LEU G 299 77.87 88.12 31.11
CA LEU G 299 78.76 88.25 29.96
C LEU G 299 79.73 89.38 30.19
N PRO G 300 81.02 89.18 29.93
CA PRO G 300 82.00 90.24 30.11
C PRO G 300 81.83 91.36 29.08
N SER G 301 82.57 92.44 29.31
CA SER G 301 82.53 93.57 28.38
C SER G 301 83.24 93.26 27.07
N THR G 302 84.15 92.29 27.06
CA THR G 302 84.93 91.94 25.88
C THR G 302 84.44 90.65 25.23
N ALA G 303 83.13 90.45 25.17
CA ALA G 303 82.54 89.27 24.56
C ALA G 303 82.00 89.63 23.20
N ARG G 304 82.51 88.97 22.15
CA ARG G 304 82.08 89.22 20.78
C ARG G 304 81.40 87.99 20.22
N TYR G 305 80.69 88.18 19.11
CA TYR G 305 80.00 87.09 18.45
C TYR G 305 79.91 87.38 16.96
N ILE G 306 79.65 86.35 16.18
CA ILE G 306 79.56 86.45 14.73
C ILE G 306 78.10 86.27 14.33
N ARG G 307 77.55 87.27 13.66
CA ARG G 307 76.14 87.29 13.34
C ARG G 307 75.82 86.30 12.21
N PRO G 308 74.75 85.54 12.32
CA PRO G 308 74.35 84.67 11.20
C PRO G 308 73.73 85.48 10.07
N ASN G 309 74.02 85.07 8.84
CA ASN G 309 73.53 85.75 7.64
C ASN G 309 72.18 85.17 7.28
N LEU G 310 71.11 85.79 7.75
CA LEU G 310 69.75 85.32 7.54
C LEU G 310 68.97 86.34 6.71
N LEU G 311 69.10 86.24 5.39
CA LEU G 311 68.23 86.96 4.48
C LEU G 311 67.61 85.96 3.53
N GLN G 312 66.51 86.36 2.89
CA GLN G 312 65.67 85.41 2.18
C GLN G 312 66.34 84.96 0.88
N ASP G 313 65.74 83.95 0.25
CA ASP G 313 66.36 83.29 -0.90
C ASP G 313 66.29 84.18 -2.13
N ARG G 314 67.46 84.64 -2.58
CA ARG G 314 67.52 85.44 -3.80
C ARG G 314 67.29 84.58 -5.03
N LEU G 315 67.66 83.31 -4.98
CA LEU G 315 67.20 82.34 -5.96
C LEU G 315 65.80 81.89 -5.55
N ASN G 316 64.78 82.34 -6.26
CA ASN G 316 63.42 81.96 -5.91
C ASN G 316 63.19 80.53 -6.34
N LEU G 317 63.45 79.58 -5.44
CA LEU G 317 63.43 78.17 -5.77
C LEU G 317 62.04 77.55 -5.72
N HIS G 318 60.97 78.33 -5.75
CA HIS G 318 59.63 77.75 -5.63
C HIS G 318 58.71 78.06 -6.80
N ASP G 319 59.15 78.81 -7.82
CA ASP G 319 58.26 79.14 -8.92
C ASP G 319 58.47 78.26 -10.15
N ASN G 320 59.71 78.06 -10.57
CA ASN G 320 60.00 77.29 -11.76
C ASN G 320 60.79 76.02 -11.51
N PHE G 321 61.35 75.83 -10.31
CA PHE G 321 62.09 74.62 -9.97
C PHE G 321 61.15 73.65 -9.30
N GLU G 322 60.33 72.97 -10.12
CA GLU G 322 59.33 72.07 -9.56
C GLU G 322 59.93 70.77 -9.03
N SER G 323 61.17 70.45 -9.38
CA SER G 323 61.82 69.26 -8.86
C SER G 323 62.86 69.54 -7.79
N LEU G 324 63.39 70.76 -7.73
CA LEU G 324 64.36 71.14 -6.71
C LEU G 324 63.69 71.67 -5.45
N TRP G 325 62.41 72.02 -5.52
CA TRP G 325 61.65 72.43 -4.36
C TRP G 325 61.03 71.25 -3.63
N ASP G 326 60.82 70.12 -4.31
CA ASP G 326 60.28 68.95 -3.66
C ASP G 326 61.27 68.33 -2.66
N THR G 327 62.57 68.56 -2.88
CA THR G 327 63.56 68.10 -1.90
C THR G 327 63.53 68.97 -0.65
N ILE G 328 63.50 70.31 -0.81
CA ILE G 328 63.49 71.22 0.32
C ILE G 328 62.20 71.09 1.12
N THR G 329 61.11 70.72 0.47
CA THR G 329 59.86 70.53 1.19
C THR G 329 59.85 69.18 1.90
N THR G 330 60.47 68.15 1.32
CA THR G 330 60.57 66.87 2.02
C THR G 330 61.56 66.95 3.17
N SER G 331 62.73 67.57 2.93
CA SER G 331 63.76 67.68 3.95
C SER G 331 63.39 68.58 5.11
N ASN G 332 62.43 69.48 4.94
CA ASN G 332 61.90 70.27 6.05
C ASN G 332 60.70 69.61 6.70
N TYR G 333 60.23 68.49 6.16
CA TYR G 333 59.13 67.74 6.74
C TYR G 333 59.60 66.61 7.63
N ILE G 334 60.75 66.01 7.33
CA ILE G 334 61.29 64.96 8.17
C ILE G 334 61.93 65.55 9.43
N LEU G 335 62.44 66.78 9.35
CA LEU G 335 62.95 67.44 10.54
C LEU G 335 61.81 67.82 11.48
N ALA G 336 60.68 68.25 10.95
CA ALA G 336 59.56 68.69 11.76
C ALA G 336 58.73 67.55 12.31
N ARG G 337 59.00 66.30 11.93
CA ARG G 337 58.37 65.16 12.59
C ARG G 337 59.13 64.70 13.83
N SER G 338 60.40 65.04 13.94
CA SER G 338 61.21 64.66 15.09
C SER G 338 61.15 65.68 16.22
N VAL G 339 60.31 66.72 16.08
CA VAL G 339 60.24 67.81 17.02
C VAL G 339 58.89 67.88 17.72
N VAL G 340 57.81 67.64 16.98
CA VAL G 340 56.44 67.70 17.53
C VAL G 340 56.25 66.58 18.55
N PRO G 341 55.73 66.88 19.74
CA PRO G 341 55.64 65.85 20.78
C PRO G 341 54.55 64.83 20.49
N ASP G 342 54.77 63.62 20.99
CA ASP G 342 53.81 62.55 20.82
C ASP G 342 52.84 62.51 21.99
N LEU G 343 51.61 62.09 21.71
CA LEU G 343 50.53 62.16 22.69
C LEU G 343 50.74 61.14 23.81
N LYS G 344 50.23 61.48 24.98
CA LYS G 344 50.28 60.60 26.14
C LYS G 344 48.92 60.56 26.80
N GLU G 345 48.66 59.45 27.50
CA GLU G 345 47.44 59.18 28.26
C GLU G 345 46.22 59.24 27.32
N LEU G 346 46.19 58.25 26.43
CA LEU G 346 45.07 58.10 25.52
C LEU G 346 43.98 57.26 26.16
N VAL G 347 42.81 57.25 25.51
CA VAL G 347 41.76 56.31 25.90
C VAL G 347 42.21 54.91 25.52
N SER G 348 41.92 53.93 26.38
CA SER G 348 42.38 52.57 26.19
C SER G 348 41.75 51.95 24.95
N THR G 349 42.59 51.43 24.05
CA THR G 349 42.13 50.97 22.75
C THR G 349 41.34 49.68 22.80
N GLU G 350 41.33 48.96 23.92
CA GLU G 350 40.50 47.77 24.02
C GLU G 350 39.09 48.08 24.52
N ALA G 351 38.89 49.25 25.12
CA ALA G 351 37.58 49.64 25.60
C ALA G 351 36.80 50.46 24.58
N GLN G 352 37.48 51.12 23.65
CA GLN G 352 36.78 51.92 22.66
C GLN G 352 36.24 51.06 21.52
N ILE G 353 37.07 50.15 20.99
CA ILE G 353 36.67 49.29 19.88
C ILE G 353 35.57 48.31 20.32
N GLN G 354 35.63 47.86 21.56
CA GLN G 354 34.60 46.95 22.07
C GLN G 354 33.28 47.70 22.27
N LYS G 355 33.33 49.01 22.51
CA LYS G 355 32.12 49.83 22.52
C LYS G 355 31.72 50.28 21.12
N MET G 356 32.69 50.54 20.25
CA MET G 356 32.39 51.02 18.90
C MET G 356 31.80 49.92 18.02
N SER G 357 32.14 48.66 18.30
CA SER G 357 31.55 47.55 17.56
C SER G 357 30.13 47.23 18.00
N GLN G 358 29.68 47.79 19.12
CA GLN G 358 28.32 47.57 19.59
C GLN G 358 27.34 48.59 19.03
N ASP G 359 27.79 49.81 18.79
CA ASP G 359 26.91 50.85 18.25
C ASP G 359 26.70 50.71 16.75
N LEU G 360 27.65 50.10 16.04
CA LEU G 360 27.52 50.00 14.60
C LEU G 360 26.70 48.78 14.19
N GLN G 361 26.85 47.67 14.91
CA GLN G 361 26.20 46.37 14.63
C GLN G 361 26.49 45.90 13.22
N LEU G 362 27.77 45.59 12.98
CA LEU G 362 28.23 45.28 11.63
C LEU G 362 27.87 43.88 11.17
N GLU G 363 27.52 42.98 12.09
CA GLU G 363 27.27 41.60 11.70
C GLU G 363 25.89 41.44 11.07
N ALA G 364 24.90 42.20 11.52
CA ALA G 364 23.54 42.06 11.04
C ALA G 364 23.31 42.68 9.67
N LEU G 365 24.25 43.48 9.17
CA LEU G 365 24.07 44.16 7.89
C LEU G 365 24.43 43.22 6.74
N THR G 366 24.44 43.77 5.52
CA THR G 366 24.95 43.08 4.34
C THR G 366 26.23 43.82 3.95
N ILE G 367 27.35 43.42 4.58
CA ILE G 367 28.61 44.12 4.45
C ILE G 367 29.70 43.08 4.21
N GLN G 368 30.49 43.27 3.14
CA GLN G 368 31.56 42.33 2.83
C GLN G 368 32.71 42.46 3.82
N SER G 369 33.06 43.69 4.20
CA SER G 369 34.20 43.94 5.09
C SER G 369 33.67 44.12 6.52
N GLU G 370 33.38 42.98 7.16
CA GLU G 370 32.83 43.00 8.51
C GLU G 370 33.93 43.23 9.55
N THR G 371 35.02 42.48 9.45
CA THR G 371 36.14 42.60 10.38
C THR G 371 37.17 43.62 9.90
N GLN G 372 36.83 44.45 8.92
CA GLN G 372 37.77 45.41 8.35
C GLN G 372 37.39 46.86 8.62
N PHE G 373 36.30 47.13 9.34
CA PHE G 373 36.01 48.52 9.70
C PHE G 373 36.93 49.01 10.80
N LEU G 374 37.37 48.11 11.69
CA LEU G 374 38.09 48.53 12.89
C LEU G 374 39.51 48.01 12.89
N THR G 375 40.19 48.15 11.75
CA THR G 375 41.58 47.71 11.63
C THR G 375 42.59 48.80 11.99
N GLY G 376 42.30 50.04 11.68
CA GLY G 376 43.28 51.08 11.87
C GLY G 376 43.25 51.79 13.20
N ILE G 377 42.31 51.45 14.08
CA ILE G 377 42.28 52.06 15.41
C ILE G 377 43.41 51.46 16.25
N ASN G 378 44.34 52.31 16.67
CA ASN G 378 45.55 51.83 17.32
C ASN G 378 46.12 52.96 18.16
N SER G 379 47.03 52.60 19.05
CA SER G 379 47.74 53.59 19.84
C SER G 379 49.00 54.09 19.16
N GLN G 380 49.57 53.31 18.25
CA GLN G 380 50.73 53.72 17.48
C GLN G 380 50.34 54.45 16.20
N ALA G 381 49.06 54.43 15.83
CA ALA G 381 48.58 55.12 14.64
C ALA G 381 47.79 56.38 14.96
N ALA G 382 47.56 56.67 16.24
CA ALA G 382 47.04 57.97 16.61
C ALA G 382 48.16 58.99 16.74
N ASN G 383 49.35 58.55 17.15
CA ASN G 383 50.50 59.43 17.19
C ASN G 383 51.04 59.75 15.81
N ASP G 384 50.69 58.96 14.80
CA ASP G 384 51.17 59.24 13.46
C ASP G 384 50.38 60.38 12.82
N CYS G 385 49.05 60.38 12.94
CA CYS G 385 48.23 61.44 12.37
C CYS G 385 48.23 62.70 13.21
N PHE G 386 48.92 62.72 14.34
CA PHE G 386 49.18 63.96 15.04
C PHE G 386 50.51 64.57 14.60
N LYS G 387 51.44 63.74 14.14
CA LYS G 387 52.72 64.22 13.63
C LYS G 387 52.66 64.55 12.15
N THR G 388 51.93 63.73 11.38
CA THR G 388 51.77 63.98 9.95
C THR G 388 50.97 65.25 9.69
N LEU G 389 50.01 65.55 10.56
CA LEU G 389 49.14 66.69 10.32
C LEU G 389 49.82 68.00 10.69
N ILE G 390 50.76 67.98 11.61
CA ILE G 390 51.50 69.19 11.99
C ILE G 390 52.70 69.42 11.10
N ALA G 391 53.50 68.37 10.87
CA ALA G 391 54.76 68.56 10.15
C ALA G 391 54.57 68.76 8.66
N ALA G 392 53.44 68.32 8.09
CA ALA G 392 53.10 68.68 6.73
C ALA G 392 52.35 70.01 6.66
N MET G 393 52.28 70.72 7.77
CA MET G 393 51.71 72.06 7.83
C MET G 393 52.74 73.12 8.17
N LEU G 394 53.84 72.74 8.83
CA LEU G 394 54.92 73.68 9.09
C LEU G 394 55.81 73.86 7.87
N SER G 395 56.18 72.76 7.24
CA SER G 395 56.80 72.76 5.92
C SER G 395 55.69 72.50 4.92
N GLN G 396 55.49 73.43 3.98
CA GLN G 396 54.28 73.47 3.17
C GLN G 396 54.27 72.33 2.17
N ARG G 397 53.87 71.17 2.66
CA ARG G 397 53.93 69.90 1.93
C ARG G 397 52.52 69.47 1.59
N THR G 398 52.30 69.10 0.33
CA THR G 398 51.01 68.60 -0.07
C THR G 398 50.77 67.22 0.53
N MET G 399 49.51 66.82 0.57
CA MET G 399 49.11 65.69 1.40
C MET G 399 47.88 65.04 0.79
N SER G 400 48.05 63.88 0.18
CA SER G 400 46.92 63.21 -0.43
C SER G 400 46.13 62.44 0.62
N LEU G 401 44.99 61.90 0.21
CA LEU G 401 44.13 61.12 1.09
C LEU G 401 44.05 59.68 0.60
N ASP G 402 43.99 58.76 1.54
CA ASP G 402 43.82 57.34 1.24
C ASP G 402 42.67 56.85 2.11
N PHE G 403 41.62 56.33 1.48
CA PHE G 403 40.45 55.90 2.20
C PHE G 403 39.75 54.83 1.39
N VAL G 404 38.76 54.20 2.02
CA VAL G 404 37.88 53.23 1.38
C VAL G 404 36.47 53.78 1.46
N THR G 405 35.84 54.01 0.30
CA THR G 405 34.51 54.60 0.27
C THR G 405 33.42 53.63 0.71
N THR G 406 33.73 52.35 0.84
CA THR G 406 32.82 51.41 1.48
C THR G 406 32.67 51.71 2.97
N ASN G 407 33.79 51.94 3.64
CA ASN G 407 33.83 52.16 5.09
C ASN G 407 33.38 53.57 5.39
N TYR G 408 32.15 53.72 5.91
CA TYR G 408 31.60 55.04 6.17
C TYR G 408 32.12 55.65 7.46
N MET G 409 32.74 54.89 8.35
CA MET G 409 33.23 55.47 9.59
C MET G 409 34.52 56.23 9.38
N SER G 410 35.35 55.80 8.43
CA SER G 410 36.52 56.59 8.05
C SER G 410 36.16 57.78 7.19
N LEU G 411 34.89 57.92 6.80
CA LEU G 411 34.41 59.05 6.03
C LEU G 411 33.78 60.13 6.89
N ILE G 412 33.20 59.75 8.03
CA ILE G 412 32.67 60.72 8.98
C ILE G 412 33.82 61.44 9.69
N SER G 413 34.89 60.72 10.00
CA SER G 413 36.08 61.36 10.53
C SER G 413 36.85 62.14 9.49
N GLY G 414 36.50 62.02 8.22
CA GLY G 414 36.99 62.92 7.19
C GLY G 414 36.25 64.24 7.14
N MET G 415 35.12 64.36 7.85
CA MET G 415 34.47 65.65 7.97
C MET G 415 35.21 66.56 8.94
N TRP G 416 35.82 65.99 9.99
CA TRP G 416 36.58 66.80 10.92
C TRP G 416 37.90 67.24 10.32
N LEU G 417 38.47 66.43 9.42
CA LEU G 417 39.76 66.76 8.82
C LEU G 417 39.65 67.96 7.89
N LEU G 418 38.53 68.06 7.17
CA LEU G 418 38.36 69.15 6.22
C LEU G 418 38.02 70.47 6.90
N THR G 419 37.33 70.43 8.04
CA THR G 419 36.92 71.65 8.71
C THR G 419 38.04 72.30 9.52
N VAL G 420 39.17 71.62 9.70
CA VAL G 420 40.29 72.15 10.47
C VAL G 420 41.51 72.39 9.60
N VAL G 421 41.95 71.36 8.88
CA VAL G 421 43.09 71.52 7.96
C VAL G 421 42.62 72.29 6.72
N PRO G 422 43.34 73.33 6.30
CA PRO G 422 42.89 74.14 5.16
C PRO G 422 42.87 73.37 3.84
N ASN G 423 42.03 73.83 2.93
CA ASN G 423 41.73 73.09 1.71
C ASN G 423 42.85 73.14 0.69
N ASP G 424 43.71 74.15 0.72
CA ASP G 424 44.80 74.21 -0.24
C ASP G 424 45.97 73.31 0.13
N MET G 425 45.89 72.60 1.26
CA MET G 425 46.95 71.69 1.66
C MET G 425 46.88 70.39 0.87
N PHE G 426 45.70 69.81 0.71
CA PHE G 426 45.56 68.57 -0.02
C PHE G 426 45.66 68.80 -1.52
N ILE G 427 46.13 67.77 -2.24
CA ILE G 427 46.09 67.77 -3.70
C ILE G 427 44.62 67.75 -4.12
N ARG G 428 44.30 68.46 -5.21
CA ARG G 428 42.91 68.72 -5.57
C ARG G 428 42.17 67.46 -5.97
N GLU G 429 42.85 66.53 -6.65
CA GLU G 429 42.20 65.31 -7.09
C GLU G 429 41.86 64.37 -5.94
N SER G 430 42.50 64.53 -4.79
CA SER G 430 42.16 63.77 -3.60
C SER G 430 41.30 64.55 -2.61
N LEU G 431 41.16 65.85 -2.79
CA LEU G 431 40.19 66.61 -2.01
C LEU G 431 38.82 66.53 -2.64
N VAL G 432 38.75 66.51 -3.97
CA VAL G 432 37.47 66.36 -4.66
C VAL G 432 36.95 64.94 -4.50
N ALA G 433 37.83 63.95 -4.55
CA ALA G 433 37.41 62.56 -4.38
C ALA G 433 36.98 62.22 -2.97
N CYS G 434 37.35 63.04 -1.98
CA CYS G 434 36.82 62.88 -0.63
C CYS G 434 35.56 63.70 -0.41
N GLN G 435 35.51 64.91 -0.98
CA GLN G 435 34.32 65.74 -0.85
C GLN G 435 33.15 65.17 -1.63
N LEU G 436 33.43 64.44 -2.71
CA LEU G 436 32.34 63.83 -3.47
C LEU G 436 31.79 62.61 -2.75
N ALA G 437 32.65 61.82 -2.12
CA ALA G 437 32.18 60.61 -1.45
C ALA G 437 31.42 60.92 -0.16
N ILE G 438 31.66 62.08 0.45
CA ILE G 438 30.90 62.45 1.65
C ILE G 438 29.49 62.87 1.25
N ILE G 439 29.36 63.64 0.17
CA ILE G 439 28.07 64.13 -0.28
C ILE G 439 27.23 62.99 -0.84
N ASN G 440 27.83 62.16 -1.68
CA ASN G 440 27.07 61.17 -2.43
C ASN G 440 26.73 59.93 -1.62
N THR G 441 27.06 59.89 -0.34
CA THR G 441 26.79 58.74 0.52
C THR G 441 26.08 59.12 1.81
N ILE G 442 26.43 60.25 2.41
CA ILE G 442 25.94 60.63 3.73
C ILE G 442 25.00 61.83 3.66
N ILE G 443 25.40 62.89 2.96
CA ILE G 443 24.63 64.14 3.01
C ILE G 443 23.43 64.08 2.08
N TYR G 444 23.64 63.80 0.80
CA TYR G 444 22.50 63.76 -0.12
C TYR G 444 21.52 62.60 0.04
N PRO G 445 21.92 61.39 0.48
CA PRO G 445 20.88 60.43 0.90
C PRO G 445 20.11 60.85 2.15
N ALA G 446 20.63 61.76 2.96
CA ALA G 446 19.91 62.17 4.15
C ALA G 446 18.74 63.09 3.79
N PHE G 447 19.00 64.12 3.01
CA PHE G 447 17.95 65.08 2.66
C PHE G 447 17.09 64.62 1.50
N GLY G 448 17.35 63.44 0.94
CA GLY G 448 16.49 62.90 -0.09
C GLY G 448 16.71 63.46 -1.48
N MET G 449 17.84 64.10 -1.72
CA MET G 449 18.11 64.67 -3.03
C MET G 449 18.71 63.62 -3.96
N GLN G 450 18.85 64.00 -5.22
CA GLN G 450 19.43 63.11 -6.21
C GLN G 450 20.93 63.02 -6.01
N ARG G 451 21.52 61.95 -6.54
CA ARG G 451 22.96 61.76 -6.48
C ARG G 451 23.65 62.80 -7.36
N MET G 452 24.75 63.33 -6.87
CA MET G 452 25.39 64.49 -7.49
C MET G 452 26.22 64.05 -8.68
N HIS G 453 25.75 64.37 -9.88
CA HIS G 453 26.53 64.14 -11.10
C HIS G 453 27.61 65.20 -11.19
N TYR G 454 28.87 64.80 -11.04
CA TYR G 454 29.98 65.75 -11.03
C TYR G 454 30.95 65.42 -12.15
N ARG G 455 31.37 66.47 -12.87
CA ARG G 455 32.33 66.35 -13.95
C ARG G 455 33.69 66.81 -13.46
N ASN G 456 34.74 66.06 -13.82
CA ASN G 456 36.04 66.27 -13.21
C ASN G 456 36.75 67.52 -13.72
N GLY G 457 36.37 68.05 -14.87
CA GLY G 457 36.95 69.28 -15.35
C GLY G 457 36.13 70.50 -14.96
N ASP G 458 36.04 70.76 -13.65
CA ASP G 458 35.17 71.79 -13.13
C ASP G 458 35.96 72.69 -12.19
N PRO G 459 35.77 74.02 -12.27
CA PRO G 459 36.44 74.90 -11.31
C PRO G 459 35.85 74.83 -9.91
N GLN G 460 34.63 74.34 -9.75
CA GLN G 460 33.96 74.33 -8.46
C GLN G 460 34.13 72.96 -7.80
N THR G 461 34.65 72.95 -6.59
CA THR G 461 34.70 71.75 -5.78
C THR G 461 33.28 71.37 -5.36
N PRO G 462 33.01 70.07 -5.14
CA PRO G 462 31.63 69.65 -4.80
C PRO G 462 31.08 70.21 -3.50
N PHE G 463 31.91 70.69 -2.58
CA PHE G 463 31.41 71.40 -1.41
C PHE G 463 31.04 72.85 -1.71
N GLN G 464 31.27 73.32 -2.94
CA GLN G 464 30.83 74.64 -3.36
C GLN G 464 29.56 74.59 -4.19
N ILE G 465 29.24 73.43 -4.76
CA ILE G 465 27.99 73.29 -5.51
C ILE G 465 26.84 72.97 -4.57
N ALA G 466 27.07 72.05 -3.62
CA ALA G 466 26.04 71.68 -2.64
C ALA G 466 25.95 72.66 -1.50
N GLU G 467 26.71 73.75 -1.52
CA GLU G 467 26.53 74.83 -0.56
C GLU G 467 25.34 75.71 -0.91
N GLN G 468 24.89 75.66 -2.16
CA GLN G 468 23.74 76.43 -2.63
C GLN G 468 22.51 75.58 -2.90
N GLN G 469 22.69 74.36 -3.40
CA GLN G 469 21.55 73.50 -3.73
C GLN G 469 20.97 72.79 -2.50
N ILE G 470 21.57 72.92 -1.35
CA ILE G 470 21.01 72.34 -0.14
C ILE G 470 20.16 73.41 0.54
N GLN G 471 19.15 72.98 1.29
CA GLN G 471 18.14 73.91 1.80
C GLN G 471 18.04 73.89 3.32
N ASN G 472 18.98 73.28 4.01
CA ASN G 472 19.08 73.40 5.45
C ASN G 472 19.86 74.67 5.80
N PHE G 473 19.97 74.96 7.09
CA PHE G 473 20.84 76.04 7.53
C PHE G 473 22.01 75.57 8.37
N GLN G 474 21.86 74.50 9.15
CA GLN G 474 22.98 73.99 9.92
C GLN G 474 24.01 73.33 9.02
N VAL G 475 23.55 72.63 7.97
CA VAL G 475 24.48 71.97 7.07
C VAL G 475 25.02 72.95 6.03
N ALA G 476 24.21 73.91 5.60
CA ALA G 476 24.67 74.89 4.63
C ALA G 476 25.57 75.96 5.24
N ASN G 477 25.71 75.99 6.56
CA ASN G 477 26.66 76.90 7.19
C ASN G 477 27.97 76.22 7.56
N TRP G 478 27.97 74.91 7.75
CA TRP G 478 29.24 74.21 7.88
C TRP G 478 29.93 74.09 6.53
N LEU G 479 29.15 73.92 5.45
CA LEU G 479 29.72 73.87 4.12
C LEU G 479 30.27 75.22 3.68
N HIS G 480 29.87 76.32 4.34
CA HIS G 480 30.43 77.61 4.00
C HIS G 480 31.76 77.86 4.70
N PHE G 481 31.98 77.25 5.87
CA PHE G 481 33.28 77.43 6.51
C PHE G 481 34.35 76.60 5.83
N VAL G 482 34.03 75.36 5.46
CA VAL G 482 35.01 74.47 4.86
C VAL G 482 35.32 74.89 3.43
N ASN G 483 34.47 75.68 2.80
CA ASN G 483 34.80 76.24 1.50
C ASN G 483 35.76 77.42 1.62
N ASN G 484 35.74 78.13 2.75
CA ASN G 484 36.44 79.39 2.90
C ASN G 484 37.45 79.38 4.04
N ASN G 485 38.08 78.24 4.31
CA ASN G 485 39.25 78.21 5.18
C ASN G 485 40.47 77.91 4.32
N GLN G 486 41.43 78.84 4.35
CA GLN G 486 42.74 78.64 3.76
C GLN G 486 43.75 79.26 4.69
N PHE G 487 44.99 79.37 4.23
CA PHE G 487 46.03 80.04 4.97
C PHE G 487 46.02 81.51 4.61
N ARG G 488 45.99 82.36 5.63
CA ARG G 488 46.03 83.80 5.45
C ARG G 488 47.48 84.24 5.62
N GLN G 489 48.09 84.71 4.54
CA GLN G 489 49.51 85.07 4.56
C GLN G 489 49.72 86.34 5.37
N VAL G 490 50.77 86.32 6.20
CA VAL G 490 51.11 87.45 7.06
C VAL G 490 52.61 87.44 7.28
N VAL G 491 53.17 88.61 7.56
CA VAL G 491 54.61 88.78 7.71
C VAL G 491 54.89 89.15 9.15
N ILE G 492 55.44 88.23 9.92
CA ILE G 492 55.71 88.41 11.34
C ILE G 492 57.21 88.41 11.56
N ASP G 493 57.74 89.56 12.02
CA ASP G 493 59.14 89.73 12.44
C ASP G 493 60.13 89.47 11.32
N GLY G 494 59.73 89.70 10.08
CA GLY G 494 60.65 89.55 8.96
C GLY G 494 60.26 88.49 7.95
N VAL G 495 59.74 87.36 8.43
CA VAL G 495 59.46 86.23 7.56
C VAL G 495 57.97 86.15 7.30
N LEU G 496 57.61 85.58 6.15
CA LEU G 496 56.22 85.28 5.85
C LEU G 496 55.89 83.92 6.46
N ASN G 497 54.69 83.81 7.01
CA ASN G 497 54.26 82.52 7.54
C ASN G 497 52.76 82.35 7.40
N GLN G 498 52.36 81.18 6.90
CA GLN G 498 50.97 80.86 6.64
C GLN G 498 50.27 80.57 7.97
N VAL G 499 49.32 81.40 8.35
CA VAL G 499 48.70 81.29 9.67
C VAL G 499 47.23 80.93 9.51
N LEU G 500 46.73 80.12 10.44
CA LEU G 500 45.33 79.75 10.52
C LEU G 500 44.48 80.93 10.95
N ASN G 501 43.18 80.83 10.70
CA ASN G 501 42.28 81.90 11.10
C ASN G 501 41.98 81.82 12.59
N ASP G 502 41.31 82.85 13.11
CA ASP G 502 41.07 82.98 14.53
C ASP G 502 40.02 82.00 15.04
N ASN G 503 39.22 81.43 14.14
CA ASN G 503 38.11 80.59 14.58
C ASN G 503 38.51 79.15 14.81
N ILE G 504 39.61 78.69 14.21
CA ILE G 504 40.09 77.33 14.43
C ILE G 504 40.99 77.26 15.66
N ARG G 505 41.85 78.26 15.86
CA ARG G 505 42.69 78.32 17.05
C ARG G 505 41.88 78.49 18.32
N ASN G 506 40.69 79.05 18.22
CA ASN G 506 39.76 79.12 19.32
C ASN G 506 39.03 77.81 19.56
N GLY G 507 39.06 76.89 18.59
CA GLY G 507 38.34 75.64 18.71
C GLY G 507 36.85 75.74 18.56
N HIS G 508 36.33 76.89 18.11
CA HIS G 508 34.89 77.11 18.11
C HIS G 508 34.18 76.52 16.91
N VAL G 509 34.91 76.08 15.88
CA VAL G 509 34.28 75.58 14.67
C VAL G 509 33.61 74.24 14.91
N VAL G 510 34.19 73.41 15.78
CA VAL G 510 33.63 72.10 16.08
C VAL G 510 32.30 72.22 16.81
N ASN G 511 32.02 73.36 17.45
CA ASN G 511 30.68 73.62 17.97
C ASN G 511 29.67 73.86 16.86
N GLN G 512 30.12 74.22 15.66
CA GLN G 512 29.24 74.32 14.50
C GLN G 512 29.14 73.00 13.75
N LEU G 513 30.23 72.22 13.71
CA LEU G 513 30.18 70.91 13.09
C LEU G 513 29.32 69.94 13.90
N MET G 514 29.27 70.11 15.22
CA MET G 514 28.39 69.29 16.04
C MET G 514 26.92 69.57 15.70
N GLU G 515 26.61 70.82 15.41
CA GLU G 515 25.23 71.17 15.07
C GLU G 515 24.88 70.79 13.64
N ALA G 516 25.87 70.67 12.76
CA ALA G 516 25.63 70.18 11.41
C ALA G 516 25.61 68.66 11.35
N LEU G 517 26.09 67.99 12.39
CA LEU G 517 26.14 66.53 12.42
C LEU G 517 25.05 65.94 13.30
N MET G 518 24.52 66.71 14.24
CA MET G 518 23.39 66.25 15.05
C MET G 518 22.10 66.29 14.25
N GLN G 519 21.88 67.34 13.46
CA GLN G 519 20.68 67.43 12.65
C GLN G 519 20.71 66.48 11.45
N LEU G 520 21.90 66.06 11.03
CA LEU G 520 21.99 65.06 9.99
C LEU G 520 21.73 63.66 10.54
N SER G 521 21.77 63.50 11.85
CA SER G 521 21.43 62.24 12.50
C SER G 521 19.95 62.06 12.74
N ARG G 522 19.17 63.13 12.72
CA ARG G 522 17.72 63.03 12.88
C ARG G 522 17.00 62.84 11.56
N GLN G 523 17.68 63.04 10.43
CA GLN G 523 17.03 62.94 9.12
C GLN G 523 16.65 61.51 8.81
N GLN G 524 15.43 61.33 8.31
CA GLN G 524 15.06 60.04 7.78
C GLN G 524 15.63 59.90 6.38
N PHE G 525 16.36 58.83 6.15
CA PHE G 525 16.98 58.57 4.86
C PHE G 525 15.90 57.90 4.02
N PRO G 526 15.24 58.62 3.11
CA PRO G 526 13.90 58.20 2.65
C PRO G 526 13.89 57.05 1.65
N THR G 527 15.04 56.51 1.28
CA THR G 527 15.09 55.36 0.38
C THR G 527 16.03 54.27 0.91
N MET G 528 16.91 54.60 1.85
CA MET G 528 17.89 53.67 2.39
C MET G 528 17.18 52.54 3.14
N PRO G 529 17.69 51.31 3.07
CA PRO G 529 17.12 50.23 3.89
C PRO G 529 17.29 50.52 5.37
N VAL G 530 16.36 50.00 6.16
CA VAL G 530 16.26 50.36 7.57
C VAL G 530 17.45 49.83 8.37
N ASP G 531 18.05 48.73 7.91
CA ASP G 531 19.21 48.18 8.61
C ASP G 531 20.45 49.01 8.39
N TYR G 532 20.69 49.46 7.15
CA TYR G 532 21.86 50.26 6.84
C TYR G 532 21.69 51.72 7.23
N LYS G 533 20.46 52.21 7.36
CA LYS G 533 20.24 53.58 7.78
C LYS G 533 20.50 53.74 9.27
N ARG G 534 20.11 52.74 10.07
CA ARG G 534 20.24 52.82 11.51
C ARG G 534 21.68 52.68 11.98
N SER G 535 22.55 52.13 11.14
CA SER G 535 23.97 52.02 11.47
C SER G 535 24.78 53.23 11.01
N ILE G 536 24.28 54.00 10.04
CA ILE G 536 24.94 55.23 9.64
C ILE G 536 24.43 56.41 10.47
N GLN G 537 23.37 56.23 11.24
CA GLN G 537 22.93 57.23 12.20
C GLN G 537 23.59 57.05 13.56
N ARG G 538 24.10 55.86 13.87
CA ARG G 538 24.83 55.65 15.11
C ARG G 538 26.33 55.80 14.94
N GLY G 539 26.84 55.67 13.72
CA GLY G 539 28.22 56.05 13.46
C GLY G 539 28.44 57.54 13.45
N ILE G 540 27.37 58.31 13.24
CA ILE G 540 27.45 59.77 13.34
C ILE G 540 27.43 60.20 14.80
N LEU G 541 26.60 59.56 15.62
CA LEU G 541 26.49 59.88 17.04
C LEU G 541 27.67 59.37 17.87
N LEU G 542 28.65 58.70 17.27
CA LEU G 542 29.91 58.43 17.94
C LEU G 542 30.87 59.59 17.84
N LEU G 543 30.55 60.59 17.05
CA LEU G 543 31.36 61.80 16.90
C LEU G 543 30.64 63.05 17.38
N SER G 544 29.31 63.08 17.30
CA SER G 544 28.57 64.20 17.86
C SER G 544 28.52 64.16 19.38
N ASN G 545 28.68 63.00 19.97
CA ASN G 545 28.70 62.84 21.42
C ASN G 545 30.08 63.01 22.00
N ARG G 546 31.09 63.23 21.17
CA ARG G 546 32.46 63.48 21.60
C ARG G 546 32.83 64.95 21.42
N LEU G 547 31.90 65.86 21.72
CA LEU G 547 32.11 67.28 21.44
C LEU G 547 33.16 67.90 22.34
N GLY G 548 33.10 67.60 23.64
CA GLY G 548 33.97 68.27 24.60
C GLY G 548 35.43 67.89 24.48
N GLN G 549 35.72 66.71 23.93
CA GLN G 549 37.09 66.24 23.76
C GLN G 549 37.52 66.29 22.31
N LEU G 550 36.82 67.05 21.49
CA LEU G 550 37.21 67.31 20.11
C LEU G 550 37.42 68.79 19.85
N VAL G 551 36.70 69.65 20.57
CA VAL G 551 37.08 71.05 20.70
C VAL G 551 38.43 71.15 21.42
N ASP G 552 38.63 70.29 22.41
CA ASP G 552 39.88 70.28 23.18
C ASP G 552 41.04 69.70 22.40
N LEU G 553 40.79 69.02 21.28
CA LEU G 553 41.87 68.59 20.41
C LEU G 553 42.35 69.73 19.52
N THR G 554 41.44 70.38 18.81
CA THR G 554 41.81 71.40 17.85
C THR G 554 42.28 72.70 18.49
N ARG G 555 42.09 72.86 19.80
CA ARG G 555 42.79 73.93 20.50
C ARG G 555 44.25 73.59 20.74
N LEU G 556 44.60 72.31 20.74
CA LEU G 556 45.97 71.83 20.90
C LEU G 556 46.65 71.59 19.57
N LEU G 557 45.91 71.09 18.58
CA LEU G 557 46.44 70.90 17.24
C LEU G 557 46.77 72.22 16.56
N ALA G 558 46.12 73.32 16.94
CA ALA G 558 46.43 74.63 16.42
C ALA G 558 47.33 75.44 17.34
N TYR G 559 47.71 74.88 18.48
CA TYR G 559 48.69 75.51 19.36
C TYR G 559 50.08 74.93 19.22
N ASN G 560 50.18 73.63 18.95
CA ASN G 560 51.49 73.04 18.65
C ASN G 560 52.02 73.53 17.32
N TYR G 561 51.14 73.79 16.36
CA TYR G 561 51.58 74.36 15.10
C TYR G 561 51.95 75.83 15.26
N GLU G 562 51.27 76.54 16.15
CA GLU G 562 51.49 77.98 16.31
C GLU G 562 52.77 78.27 17.07
N THR G 563 53.11 77.45 18.05
CA THR G 563 54.31 77.68 18.84
C THR G 563 55.56 77.01 18.26
N LEU G 564 55.41 76.18 17.23
CA LEU G 564 56.55 75.69 16.48
C LEU G 564 56.84 76.55 15.26
N MET G 565 55.85 77.31 14.78
CA MET G 565 56.04 78.24 13.67
C MET G 565 56.83 79.47 14.06
N ALA G 566 57.06 79.70 15.35
CA ALA G 566 57.81 80.88 15.77
C ALA G 566 59.29 80.74 15.43
N CYS G 567 59.82 79.54 15.51
CA CYS G 567 61.22 79.25 15.19
C CYS G 567 61.38 78.75 13.75
N ILE G 568 60.83 79.48 12.79
CA ILE G 568 61.01 79.19 11.37
C ILE G 568 61.72 80.40 10.78
N THR G 569 62.99 80.22 10.43
CA THR G 569 63.80 81.30 9.90
C THR G 569 63.64 81.44 8.39
N MET G 570 63.55 80.32 7.67
CA MET G 570 63.34 80.39 6.24
C MET G 570 61.91 80.83 5.93
N ASN G 571 61.68 81.13 4.65
CA ASN G 571 60.41 81.69 4.23
C ASN G 571 59.41 80.56 4.03
N MET G 572 58.16 80.79 4.44
CA MET G 572 57.14 79.75 4.37
C MET G 572 56.28 79.92 3.12
N GLN G 573 56.91 79.71 1.96
CA GLN G 573 56.19 79.80 0.71
C GLN G 573 55.35 78.54 0.47
N HIS G 574 54.33 78.68 -0.34
CA HIS G 574 53.33 77.62 -0.54
C HIS G 574 53.09 77.42 -2.03
N VAL G 575 53.59 76.31 -2.56
CA VAL G 575 53.24 75.84 -3.91
C VAL G 575 52.87 74.36 -3.81
N GLN G 576 52.44 73.80 -4.94
CA GLN G 576 52.08 72.40 -5.01
C GLN G 576 53.32 71.59 -5.39
N THR G 577 53.70 70.65 -4.53
CA THR G 577 54.86 69.81 -4.76
C THR G 577 54.52 68.70 -5.75
N LEU G 578 55.49 67.84 -6.04
CA LEU G 578 55.27 66.73 -6.96
C LEU G 578 54.85 65.47 -6.23
N THR G 579 55.58 65.08 -5.18
CA THR G 579 55.23 63.93 -4.38
C THR G 579 54.48 64.37 -3.13
N THR G 580 53.56 63.53 -2.68
CA THR G 580 52.66 63.85 -1.59
C THR G 580 52.81 62.83 -0.47
N GLU G 581 52.77 63.31 0.78
CA GLU G 581 52.80 62.43 1.94
C GLU G 581 51.41 61.89 2.19
N LYS G 582 51.23 60.58 2.03
CA LYS G 582 49.91 59.98 2.03
C LYS G 582 49.34 59.92 3.45
N LEU G 583 48.21 60.58 3.67
CA LEU G 583 47.51 60.53 4.93
C LEU G 583 46.31 59.60 4.80
N GLN G 584 46.20 58.64 5.71
CA GLN G 584 45.16 57.63 5.65
C GLN G 584 44.00 58.03 6.53
N LEU G 585 42.81 58.14 5.95
CA LEU G 585 41.62 58.48 6.72
C LEU G 585 41.16 57.38 7.64
N THR G 586 41.71 56.18 7.53
CA THR G 586 41.44 55.15 8.52
C THR G 586 42.08 55.50 9.86
N SER G 587 43.26 56.11 9.82
CA SER G 587 43.97 56.48 11.04
C SER G 587 43.69 57.91 11.50
N VAL G 588 42.87 58.67 10.78
CA VAL G 588 42.33 59.90 11.36
C VAL G 588 41.14 59.55 12.27
N THR G 589 40.45 58.45 11.97
CA THR G 589 39.45 57.91 12.89
C THR G 589 40.09 57.46 14.20
N SER G 590 41.33 56.97 14.13
CA SER G 590 42.04 56.57 15.34
C SER G 590 42.52 57.74 16.18
N LEU G 591 42.35 58.97 15.72
CA LEU G 591 42.73 60.16 16.51
C LEU G 591 41.53 60.86 17.13
N CYS G 592 40.40 60.95 16.40
CA CYS G 592 39.26 61.69 16.91
C CYS G 592 38.57 60.99 18.06
N MET G 593 38.70 59.67 18.16
CA MET G 593 38.07 58.95 19.25
C MET G 593 39.07 58.09 20.00
N LEU G 594 40.27 58.60 20.19
CA LEU G 594 41.21 58.02 21.13
C LEU G 594 42.00 59.08 21.90
N ILE G 595 41.63 60.35 21.81
CA ILE G 595 42.34 61.42 22.50
C ILE G 595 41.79 61.54 23.91
N GLY G 596 42.61 62.04 24.82
CA GLY G 596 42.23 62.22 26.20
C GLY G 596 42.49 63.63 26.69
N ASN G 597 42.33 63.88 27.99
CA ASN G 597 42.54 65.22 28.53
C ASN G 597 43.96 65.40 29.07
N ALA G 598 44.96 65.10 28.25
CA ALA G 598 46.36 65.22 28.64
C ALA G 598 47.06 66.07 27.59
N THR G 599 47.23 67.36 27.89
CA THR G 599 47.85 68.28 26.96
C THR G 599 49.36 68.20 27.01
N VAL G 600 49.98 68.26 25.84
CA VAL G 600 51.43 68.23 25.68
C VAL G 600 51.87 69.48 24.92
N ILE G 601 52.91 70.14 25.41
CA ILE G 601 53.46 71.32 24.77
C ILE G 601 54.91 71.02 24.46
N PRO G 602 55.53 71.66 23.47
CA PRO G 602 56.96 71.41 23.19
C PRO G 602 57.84 71.89 24.32
N SER G 603 58.80 71.04 24.70
CA SER G 603 59.73 71.38 25.75
C SER G 603 60.67 72.49 25.29
N PRO G 604 61.12 73.35 26.21
CA PRO G 604 62.00 74.47 25.79
C PRO G 604 63.36 74.02 25.28
N GLN G 605 63.87 72.86 25.69
CA GLN G 605 65.09 72.36 25.10
C GLN G 605 64.84 71.80 23.70
N THR G 606 63.63 71.28 23.46
CA THR G 606 63.26 70.86 22.11
C THR G 606 63.04 72.07 21.22
N LEU G 607 62.38 73.10 21.75
CA LEU G 607 62.03 74.29 20.99
C LEU G 607 63.25 75.14 20.65
N PHE G 608 64.34 75.02 21.39
CA PHE G 608 65.56 75.73 21.09
C PHE G 608 66.48 74.93 20.18
N HIS G 609 66.19 73.65 19.96
CA HIS G 609 66.97 72.84 19.05
C HIS G 609 66.40 72.85 17.63
N TYR G 610 65.08 72.93 17.50
CA TYR G 610 64.46 73.16 16.20
C TYR G 610 64.76 74.56 15.67
N TYR G 611 65.08 75.51 16.54
CA TYR G 611 65.51 76.82 16.05
C TYR G 611 66.93 76.76 15.53
N ASN G 612 67.84 76.13 16.27
CA ASN G 612 69.25 76.16 15.91
C ASN G 612 69.58 75.25 14.74
N VAL G 613 68.69 74.33 14.37
CA VAL G 613 68.87 73.60 13.13
C VAL G 613 68.44 74.46 11.95
N ASN G 614 67.39 75.26 12.12
CA ASN G 614 66.87 76.08 11.05
C ASN G 614 67.77 77.28 10.74
N VAL G 615 68.41 77.85 11.75
CA VAL G 615 69.32 78.96 11.49
C VAL G 615 70.62 78.45 10.89
N ASN G 616 71.07 77.25 11.29
CA ASN G 616 72.31 76.70 10.75
C ASN G 616 72.16 76.25 9.30
N PHE G 617 70.95 75.89 8.88
CA PHE G 617 70.75 75.53 7.48
C PHE G 617 70.49 76.76 6.62
N HIS G 618 69.79 77.75 7.16
CA HIS G 618 69.50 78.95 6.37
C HIS G 618 70.73 79.84 6.22
N SER G 619 71.59 79.89 7.22
CA SER G 619 72.84 80.64 7.07
C SER G 619 73.83 79.91 6.20
N ASN G 620 73.71 78.58 6.09
CA ASN G 620 74.56 77.83 5.17
C ASN G 620 74.07 77.94 3.74
N TYR G 621 72.76 78.11 3.54
CA TYR G 621 72.22 78.30 2.21
C TYR G 621 72.63 79.65 1.62
N ASN G 622 72.89 80.63 2.46
CA ASN G 622 73.30 81.96 2.01
C ASN G 622 74.80 82.15 2.01
N GLU G 623 75.57 81.20 2.53
CA GLU G 623 77.02 81.26 2.46
C GLU G 623 77.58 80.37 1.37
N ARG G 624 76.73 79.62 0.67
CA ARG G 624 77.13 78.93 -0.55
C ARG G 624 76.70 79.69 -1.80
N ILE G 625 75.59 80.43 -1.72
CA ILE G 625 75.21 81.31 -2.82
C ILE G 625 76.24 82.41 -2.99
N ASN G 626 76.71 83.00 -1.89
CA ASN G 626 77.71 84.05 -1.96
C ASN G 626 79.08 83.53 -2.38
N ASP G 627 79.33 82.22 -2.26
CA ASP G 627 80.58 81.64 -2.72
C ASP G 627 80.49 81.08 -4.13
N ALA G 628 79.29 80.75 -4.61
CA ALA G 628 79.12 80.31 -5.98
C ALA G 628 78.91 81.47 -6.94
N VAL G 629 78.44 82.62 -6.46
CA VAL G 629 78.38 83.81 -7.29
C VAL G 629 79.77 84.41 -7.44
N ALA G 630 80.55 84.45 -6.36
CA ALA G 630 81.86 85.10 -6.35
C ALA G 630 82.91 84.35 -7.14
N ILE G 631 82.63 83.14 -7.61
CA ILE G 631 83.53 82.42 -8.50
C ILE G 631 83.04 82.49 -9.95
N ILE G 632 81.72 82.38 -10.14
CA ILE G 632 81.11 82.52 -11.47
C ILE G 632 81.35 83.93 -12.02
N THR G 633 81.25 84.94 -11.17
CA THR G 633 81.54 86.30 -11.60
C THR G 633 83.03 86.50 -11.83
N ALA G 634 83.88 86.00 -10.93
CA ALA G 634 85.32 86.18 -11.07
C ALA G 634 85.92 85.35 -12.19
N ALA G 635 85.25 84.30 -12.63
CA ALA G 635 85.70 83.60 -13.84
C ALA G 635 85.34 84.36 -15.10
N ASN G 636 84.32 85.21 -15.06
CA ASN G 636 83.91 85.96 -16.24
C ASN G 636 84.67 87.27 -16.38
N ARG G 637 85.15 87.85 -15.28
CA ARG G 637 85.95 89.06 -15.37
C ARG G 637 87.35 88.78 -15.89
N LEU G 638 87.91 87.62 -15.53
CA LEU G 638 89.25 87.24 -15.97
C LEU G 638 89.27 86.67 -17.39
N ASN G 639 88.12 86.60 -18.06
CA ASN G 639 87.96 86.08 -19.42
C ASN G 639 88.43 84.63 -19.51
N LEU G 640 87.83 83.78 -18.70
CA LEU G 640 88.16 82.35 -18.68
C LEU G 640 87.11 81.60 -19.49
N TYR G 641 87.39 81.41 -20.77
CA TYR G 641 86.62 80.45 -21.55
C TYR G 641 87.12 79.04 -21.22
N GLN G 642 86.48 78.04 -21.84
CA GLN G 642 86.57 76.60 -21.57
C GLN G 642 86.66 76.24 -20.09
N LYS G 643 85.89 76.96 -19.27
CA LYS G 643 85.70 76.66 -17.86
C LYS G 643 84.25 76.30 -17.68
N LYS G 644 83.98 75.04 -17.33
CA LYS G 644 82.61 74.56 -17.26
C LYS G 644 81.93 75.14 -16.03
N MET G 645 80.99 76.05 -16.25
CA MET G 645 80.24 76.65 -15.15
C MET G 645 79.28 75.65 -14.51
N LYS G 646 78.95 74.56 -15.20
CA LYS G 646 78.08 73.54 -14.63
C LYS G 646 78.76 72.78 -13.51
N SER G 647 80.09 72.71 -13.51
CA SER G 647 80.80 72.05 -12.42
C SER G 647 80.76 72.85 -11.13
N ILE G 648 80.52 74.16 -11.20
CA ILE G 648 80.42 74.99 -10.00
C ILE G 648 79.03 74.87 -9.38
N VAL G 649 78.01 74.72 -10.21
CA VAL G 649 76.64 74.56 -9.69
C VAL G 649 76.47 73.18 -9.06
N GLU G 650 77.16 72.15 -9.59
CA GLU G 650 77.13 70.84 -8.95
C GLU G 650 77.87 70.85 -7.61
N ASP G 651 78.86 71.72 -7.45
CA ASP G 651 79.52 71.88 -6.16
C ASP G 651 78.76 72.80 -5.22
N PHE G 652 77.84 73.61 -5.76
CA PHE G 652 76.96 74.40 -4.90
C PHE G 652 75.81 73.55 -4.36
N LEU G 653 75.27 72.65 -5.20
CA LEU G 653 74.21 71.76 -4.76
C LEU G 653 74.73 70.66 -3.85
N LYS G 654 76.01 70.35 -3.91
CA LYS G 654 76.57 69.28 -3.08
C LYS G 654 76.77 69.73 -1.64
N ARG G 655 77.27 70.96 -1.44
CA ARG G 655 77.54 71.43 -0.09
C ARG G 655 76.27 71.80 0.65
N LEU G 656 75.19 72.10 -0.05
CA LEU G 656 73.86 72.04 0.54
C LEU G 656 73.57 70.57 0.84
N GLN G 657 73.59 70.20 2.11
CA GLN G 657 73.80 68.82 2.51
C GLN G 657 72.58 67.92 2.36
N ILE G 658 71.52 68.35 1.67
CA ILE G 658 70.33 67.53 1.54
C ILE G 658 70.11 67.00 0.12
N PHE G 659 70.73 67.59 -0.88
CA PHE G 659 70.56 67.15 -2.26
C PHE G 659 71.57 66.07 -2.62
N ASP G 660 71.24 65.31 -3.66
CA ASP G 660 72.25 64.60 -4.43
C ASP G 660 72.16 65.08 -5.88
N ILE G 661 73.22 64.83 -6.63
CA ILE G 661 73.40 65.52 -7.91
C ILE G 661 72.96 64.58 -9.03
N SER G 662 73.10 63.27 -8.80
CA SER G 662 72.86 62.27 -9.83
C SER G 662 71.39 62.10 -10.23
N ARG G 663 70.46 62.82 -9.60
CA ARG G 663 69.06 62.76 -9.99
C ARG G 663 68.47 64.11 -10.32
N VAL G 664 69.26 65.19 -10.31
CA VAL G 664 68.74 66.49 -10.72
C VAL G 664 68.61 66.52 -12.24
N PRO G 665 67.48 66.98 -12.78
CA PRO G 665 67.37 67.08 -14.24
C PRO G 665 68.31 68.14 -14.81
N ASP G 666 68.68 67.96 -16.07
CA ASP G 666 69.55 68.92 -16.73
C ASP G 666 68.82 70.18 -17.16
N ASP G 667 67.49 70.18 -17.10
CA ASP G 667 66.73 71.40 -17.36
C ASP G 667 66.90 72.41 -16.23
N GLN G 668 66.94 71.94 -14.99
CA GLN G 668 67.04 72.80 -13.83
C GLN G 668 68.47 73.04 -13.38
N MET G 669 69.46 72.57 -14.13
CA MET G 669 70.83 72.97 -13.88
C MET G 669 71.28 74.12 -14.78
N TYR G 670 70.47 74.46 -15.78
CA TYR G 670 70.72 75.65 -16.59
C TYR G 670 69.77 76.79 -16.25
N ARG G 671 68.73 76.54 -15.45
CA ARG G 671 68.02 77.64 -14.82
C ARG G 671 68.72 78.09 -13.56
N LEU G 672 69.38 77.17 -12.86
CA LEU G 672 70.13 77.51 -11.65
C LEU G 672 71.42 78.24 -11.98
N ARG G 673 71.94 78.07 -13.18
CA ARG G 673 73.07 78.88 -13.64
C ARG G 673 72.61 80.20 -14.21
N ASP G 674 71.37 80.28 -14.67
CA ASP G 674 70.86 81.54 -15.22
C ASP G 674 70.53 82.52 -14.11
N ARG G 675 70.05 82.02 -12.97
CA ARG G 675 69.71 82.88 -11.86
C ARG G 675 70.89 83.18 -10.94
N LEU G 676 71.96 82.40 -11.01
CA LEU G 676 73.13 82.67 -10.19
C LEU G 676 74.04 83.74 -10.79
N ARG G 677 73.88 84.06 -12.06
CA ARG G 677 74.70 85.11 -12.67
C ARG G 677 74.15 86.50 -12.39
N LEU G 678 72.83 86.62 -12.23
CA LEU G 678 72.20 87.92 -12.09
C LEU G 678 72.37 88.52 -10.71
N LEU G 679 72.70 87.72 -9.70
CA LEU G 679 72.87 88.23 -8.36
C LEU G 679 74.17 89.03 -8.26
N PRO G 680 74.18 90.07 -7.43
CA PRO G 680 75.44 90.79 -7.20
C PRO G 680 76.34 90.04 -6.24
N VAL G 681 77.62 90.30 -6.35
CA VAL G 681 78.61 89.65 -5.51
C VAL G 681 78.59 90.32 -4.14
N GLU G 682 78.93 89.54 -3.10
CA GLU G 682 78.95 90.04 -1.73
C GLU G 682 80.09 91.04 -1.56
N ILE G 683 79.92 91.93 -0.57
CA ILE G 683 80.80 93.10 -0.46
C ILE G 683 82.20 92.70 0.00
N ARG G 684 82.31 91.70 0.88
CA ARG G 684 83.63 91.33 1.38
C ARG G 684 84.37 90.39 0.45
N ARG G 685 83.68 89.70 -0.46
CA ARG G 685 84.34 88.87 -1.45
C ARG G 685 84.66 89.63 -2.72
N LEU G 686 84.24 90.89 -2.83
CA LEU G 686 84.54 91.70 -4.00
C LEU G 686 85.79 92.54 -3.80
N ASP G 687 86.00 93.06 -2.58
CA ASP G 687 87.18 93.85 -2.30
C ASP G 687 88.45 93.02 -2.21
N ILE G 688 88.34 91.70 -2.13
CA ILE G 688 89.50 90.85 -2.28
C ILE G 688 89.83 90.67 -3.76
N PHE G 689 88.81 90.45 -4.59
CA PHE G 689 89.03 90.28 -6.03
C PHE G 689 89.46 91.59 -6.69
N ASN G 690 88.99 92.73 -6.20
CA ASN G 690 89.45 94.01 -6.73
C ASN G 690 90.87 94.33 -6.29
N LEU G 691 91.35 93.67 -5.24
CA LEU G 691 92.71 93.86 -4.74
C LEU G 691 93.69 92.91 -5.40
N ILE G 692 93.19 91.93 -6.14
CA ILE G 692 94.02 91.04 -6.96
C ILE G 692 94.09 91.54 -8.41
N LEU G 693 92.94 91.93 -8.96
CA LEU G 693 92.88 92.42 -10.34
C LEU G 693 93.61 93.74 -10.54
N MET G 694 93.78 94.52 -9.47
CA MET G 694 94.58 95.74 -9.58
C MET G 694 96.07 95.42 -9.63
N ASN G 695 96.49 94.32 -9.01
CA ASN G 695 97.90 93.96 -8.90
C ASN G 695 98.23 92.67 -9.64
N MET G 696 97.38 92.23 -10.56
CA MET G 696 97.62 91.00 -11.28
C MET G 696 98.76 91.13 -12.28
N GLU G 697 99.05 92.34 -12.76
CA GLU G 697 100.20 92.53 -13.64
C GLU G 697 101.49 92.82 -12.89
N GLN G 698 101.43 93.14 -11.60
CA GLN G 698 102.66 93.35 -10.85
C GLN G 698 103.22 92.04 -10.32
N ILE G 699 102.37 91.06 -10.06
CA ILE G 699 102.85 89.74 -9.62
C ILE G 699 103.36 88.93 -10.81
N GLU G 700 102.72 89.07 -11.97
CA GLU G 700 103.12 88.32 -13.16
C GLU G 700 104.45 88.78 -13.70
N ARG G 701 104.70 90.09 -13.69
CA ARG G 701 105.93 90.61 -14.26
C ARG G 701 107.13 90.44 -13.33
N ALA G 702 106.91 90.39 -12.02
CA ALA G 702 108.00 90.29 -11.08
C ALA G 702 108.56 88.89 -10.95
N SER G 703 107.96 87.91 -11.62
CA SER G 703 108.44 86.53 -11.54
C SER G 703 109.66 86.32 -12.42
N ASP G 704 110.50 85.39 -12.00
CA ASP G 704 111.48 84.81 -12.90
C ASP G 704 110.80 83.69 -13.69
N LYS G 705 111.58 82.99 -14.52
CA LYS G 705 111.17 81.87 -15.40
C LYS G 705 109.97 82.20 -16.29
N ILE G 706 109.71 83.48 -16.55
CA ILE G 706 108.63 83.91 -17.43
C ILE G 706 109.00 85.27 -18.01
N ALA G 707 108.54 85.52 -19.24
CA ALA G 707 108.84 86.77 -19.93
C ALA G 707 107.67 87.10 -20.84
N GLN G 708 107.33 88.38 -20.89
CA GLN G 708 106.11 88.80 -21.57
C GLN G 708 106.32 89.14 -23.04
N GLY G 709 106.94 88.23 -23.77
CA GLY G 709 106.97 88.34 -25.21
C GLY G 709 108.37 88.63 -25.74
N VAL G 710 108.56 88.28 -27.00
CA VAL G 710 109.81 88.49 -27.72
C VAL G 710 109.52 89.39 -28.91
N ILE G 711 110.46 90.27 -29.23
CA ILE G 711 110.34 91.21 -30.33
C ILE G 711 111.47 90.98 -31.32
N ILE G 712 111.10 90.72 -32.58
CA ILE G 712 112.06 90.46 -33.65
C ILE G 712 112.22 91.74 -34.46
N ALA G 713 113.46 92.10 -34.76
CA ALA G 713 113.73 93.36 -35.44
C ALA G 713 114.30 93.20 -36.84
N TYR G 714 115.06 92.13 -37.09
CA TYR G 714 115.78 91.85 -38.34
C TYR G 714 116.73 92.99 -38.73
N ARG G 715 117.29 93.68 -37.74
CA ARG G 715 118.28 94.72 -37.97
C ARG G 715 119.15 94.82 -36.73
N ASP G 716 120.29 95.49 -36.88
CA ASP G 716 121.25 95.58 -35.79
C ASP G 716 120.81 96.60 -34.75
N MET G 717 120.90 96.22 -33.48
CA MET G 717 120.56 97.09 -32.37
C MET G 717 121.46 96.74 -31.18
N GLN G 718 122.03 97.76 -30.56
CA GLN G 718 123.04 97.55 -29.54
C GLN G 718 122.40 97.12 -28.22
N LEU G 719 123.11 96.28 -27.49
CA LEU G 719 122.64 95.82 -26.19
C LEU G 719 122.85 96.91 -25.16
N GLU G 720 121.78 97.32 -24.47
CA GLU G 720 121.91 98.29 -23.41
C GLU G 720 122.45 97.61 -22.16
N ARG G 721 123.13 98.39 -21.33
CA ARG G 721 123.71 97.89 -20.10
C ARG G 721 122.73 98.07 -18.94
N ASP G 722 122.68 97.07 -18.08
CA ASP G 722 121.76 97.03 -16.96
C ASP G 722 122.56 96.88 -15.68
N GLU G 723 121.90 97.13 -14.55
CA GLU G 723 122.62 97.11 -13.28
C GLU G 723 122.58 95.76 -12.59
N MET G 724 121.68 94.86 -12.97
CA MET G 724 121.66 93.53 -12.38
C MET G 724 121.91 92.40 -13.37
N TYR G 725 121.91 92.67 -14.68
CA TYR G 725 122.23 91.66 -15.68
C TYR G 725 123.53 91.94 -16.42
N GLY G 726 124.13 93.11 -16.26
CA GLY G 726 125.29 93.46 -17.06
C GLY G 726 124.89 93.89 -18.46
N TYR G 727 125.40 93.20 -19.48
CA TYR G 727 124.93 93.39 -20.84
C TYR G 727 123.72 92.50 -21.07
N VAL G 728 122.62 93.08 -21.55
CA VAL G 728 121.36 92.36 -21.66
C VAL G 728 120.56 92.94 -22.82
N ASN G 729 119.65 92.15 -23.36
CA ASN G 729 118.71 92.62 -24.37
C ASN G 729 117.31 92.56 -23.76
N ILE G 730 116.94 93.60 -23.03
CA ILE G 730 115.58 93.71 -22.50
C ILE G 730 114.84 94.76 -23.31
N ALA G 731 113.51 94.68 -23.24
CA ALA G 731 112.63 95.60 -23.93
C ALA G 731 111.80 96.35 -22.90
N ARG G 732 111.72 97.67 -23.04
CA ARG G 732 110.96 98.47 -22.10
C ARG G 732 109.54 98.72 -22.56
N ASN G 733 109.29 98.68 -23.88
CA ASN G 733 107.96 98.88 -24.42
C ASN G 733 107.89 98.24 -25.79
N LEU G 734 106.69 97.82 -26.17
CA LEU G 734 106.44 97.29 -27.52
C LEU G 734 105.84 98.41 -28.39
N ASP G 735 106.66 99.42 -28.65
CA ASP G 735 106.22 100.60 -29.37
C ASP G 735 106.64 100.51 -30.82
N GLY G 736 105.71 100.83 -31.72
CA GLY G 736 105.98 100.84 -33.14
C GLY G 736 105.84 99.50 -33.84
N PHE G 737 106.03 98.41 -33.11
CA PHE G 737 106.07 97.08 -33.69
C PHE G 737 104.71 96.42 -33.58
N GLN G 738 104.31 95.70 -34.62
CA GLN G 738 103.00 95.09 -34.69
C GLN G 738 102.91 93.91 -33.73
N GLN G 739 101.86 93.88 -32.93
CA GLN G 739 101.68 92.85 -31.91
C GLN G 739 100.79 91.73 -32.41
N ILE G 740 101.21 90.49 -32.13
CA ILE G 740 100.43 89.30 -32.41
C ILE G 740 100.21 88.57 -31.09
N ASN G 741 98.94 88.39 -30.71
CA ASN G 741 98.64 87.74 -29.45
C ASN G 741 98.82 86.24 -29.60
N LEU G 742 99.74 85.66 -28.82
CA LEU G 742 100.02 84.23 -28.88
C LEU G 742 98.96 83.38 -28.19
N GLU G 743 98.07 83.98 -27.41
CA GLU G 743 96.96 83.24 -26.85
C GLU G 743 95.88 82.99 -27.91
N GLU G 744 95.58 84.01 -28.72
CA GLU G 744 94.59 83.85 -29.78
C GLU G 744 95.11 82.98 -30.92
N LEU G 745 96.42 83.00 -31.17
CA LEU G 745 97.02 82.17 -32.20
C LEU G 745 96.94 80.68 -31.88
N MET G 746 96.81 80.32 -30.60
CA MET G 746 96.68 78.93 -30.20
C MET G 746 95.24 78.44 -30.27
N ARG G 747 94.27 79.32 -30.04
CA ARG G 747 92.86 78.90 -30.06
C ARG G 747 92.37 78.65 -31.47
N THR G 748 92.63 79.60 -32.38
CA THR G 748 92.10 79.52 -33.72
C THR G 748 92.85 78.51 -34.57
N GLY G 749 94.17 78.60 -34.58
CA GLY G 749 94.97 77.75 -35.45
C GLY G 749 95.30 78.38 -36.78
N ASP G 750 94.90 79.62 -37.02
CA ASP G 750 95.16 80.30 -38.29
C ASP G 750 96.59 80.80 -38.30
N TYR G 751 97.48 80.04 -38.95
CA TYR G 751 98.89 80.39 -39.04
C TYR G 751 99.26 80.99 -40.39
N ALA G 752 98.32 81.69 -41.03
CA ALA G 752 98.61 82.25 -42.35
C ALA G 752 99.36 83.57 -42.25
N GLN G 753 99.18 84.32 -41.16
CA GLN G 753 99.88 85.60 -41.05
C GLN G 753 101.27 85.45 -40.45
N ILE G 754 101.40 84.70 -39.34
CA ILE G 754 102.69 84.61 -38.67
C ILE G 754 103.68 83.76 -39.46
N THR G 755 103.20 82.91 -40.38
CA THR G 755 104.13 82.28 -41.31
C THR G 755 104.57 83.26 -42.39
N ASN G 756 103.66 84.13 -42.82
CA ASN G 756 103.99 85.13 -43.83
C ASN G 756 104.84 86.25 -43.28
N MET G 757 104.80 86.48 -41.96
CA MET G 757 105.71 87.46 -41.36
C MET G 757 107.10 86.89 -41.19
N LEU G 758 107.21 85.55 -41.09
CA LEU G 758 108.48 84.89 -40.82
C LEU G 758 109.16 84.36 -42.08
N LEU G 759 108.40 84.00 -43.11
CA LEU G 759 109.01 83.52 -44.34
C LEU G 759 109.73 84.64 -45.07
N ASN G 760 109.18 85.85 -45.02
CA ASN G 760 109.89 87.04 -45.42
C ASN G 760 110.64 87.59 -44.20
N ASN G 761 111.20 88.79 -44.33
CA ASN G 761 111.91 89.42 -43.21
C ASN G 761 111.18 90.71 -42.87
N GLN G 762 110.15 90.59 -42.05
CA GLN G 762 109.35 91.72 -41.61
C GLN G 762 109.35 91.78 -40.09
N PRO G 763 109.59 92.96 -39.50
CA PRO G 763 109.64 93.06 -38.04
C PRO G 763 108.29 92.84 -37.41
N VAL G 764 108.29 92.15 -36.27
CA VAL G 764 107.07 91.74 -35.59
C VAL G 764 107.37 91.69 -34.10
N ALA G 765 106.31 91.64 -33.29
CA ALA G 765 106.46 91.54 -31.83
C ALA G 765 105.44 90.53 -31.35
N LEU G 766 105.92 89.38 -30.87
CA LEU G 766 105.03 88.36 -30.33
C LEU G 766 104.71 88.70 -28.88
N VAL G 767 103.43 88.62 -28.52
CA VAL G 767 102.97 88.95 -27.18
C VAL G 767 102.41 87.69 -26.52
N GLY G 768 102.88 87.38 -25.33
CA GLY G 768 102.38 86.23 -24.61
C GLY G 768 103.02 86.17 -23.24
N ALA G 769 103.06 84.97 -22.68
CA ALA G 769 103.80 84.69 -21.45
C ALA G 769 104.68 83.49 -21.76
N LEU G 770 105.91 83.74 -22.16
CA LEU G 770 106.83 82.71 -22.61
C LEU G 770 107.88 82.43 -21.54
N PRO G 771 108.49 81.24 -21.56
CA PRO G 771 109.70 81.04 -20.77
C PRO G 771 110.93 81.43 -21.57
N PHE G 772 112.12 81.25 -21.01
CA PHE G 772 113.34 81.63 -21.72
C PHE G 772 114.50 80.83 -21.16
N ILE G 773 115.61 80.86 -21.88
CA ILE G 773 116.88 80.32 -21.41
C ILE G 773 117.87 81.47 -21.33
N THR G 774 118.72 81.44 -20.31
CA THR G 774 119.61 82.54 -20.00
C THR G 774 121.04 82.07 -20.26
N ASP G 775 121.53 82.31 -21.46
CA ASP G 775 122.80 81.77 -21.92
C ASP G 775 123.81 82.92 -22.00
N SER G 776 124.79 82.89 -21.11
CA SER G 776 125.76 83.97 -20.95
C SER G 776 126.94 83.86 -21.91
N SER G 777 126.89 82.97 -22.89
CA SER G 777 128.05 82.73 -23.74
C SER G 777 128.18 83.85 -24.77
N VAL G 778 129.38 84.44 -24.83
CA VAL G 778 129.62 85.54 -25.77
C VAL G 778 129.65 85.01 -27.19
N ILE G 779 130.19 83.80 -27.39
CA ILE G 779 130.21 83.18 -28.70
C ILE G 779 128.81 82.78 -29.15
N SER G 780 127.87 82.60 -28.22
CA SER G 780 126.47 82.44 -28.59
C SER G 780 125.82 83.74 -29.04
N LEU G 781 126.53 84.87 -28.99
CA LEU G 781 126.08 86.13 -29.59
C LEU G 781 126.72 86.40 -30.94
N VAL G 782 128.00 86.03 -31.11
CA VAL G 782 128.64 86.19 -32.40
C VAL G 782 128.08 85.19 -33.40
N ALA G 783 127.72 84.00 -32.95
CA ALA G 783 127.12 83.00 -33.82
C ALA G 783 125.64 83.28 -34.11
N LYS G 784 125.05 84.29 -33.47
CA LYS G 784 123.67 84.75 -33.66
C LYS G 784 122.67 83.60 -33.42
N LEU G 785 122.68 83.10 -32.19
CA LEU G 785 121.83 81.98 -31.83
C LEU G 785 120.44 82.42 -31.38
N ASP G 786 120.16 83.72 -31.39
CA ASP G 786 118.86 84.19 -30.92
C ASP G 786 117.76 84.02 -31.96
N ALA G 787 118.08 84.22 -33.24
CA ALA G 787 117.08 84.29 -34.29
C ALA G 787 116.70 82.92 -34.85
N THR G 788 117.31 81.84 -34.36
CA THR G 788 117.10 80.53 -34.95
C THR G 788 115.99 79.73 -34.27
N VAL G 789 115.41 80.23 -33.19
CA VAL G 789 114.45 79.44 -32.41
C VAL G 789 113.01 79.59 -32.90
N PHE G 790 112.75 80.46 -33.88
CA PHE G 790 111.40 80.74 -34.31
C PHE G 790 110.95 79.85 -35.47
N ALA G 791 111.83 79.04 -36.04
CA ALA G 791 111.47 78.24 -37.20
C ALA G 791 110.56 77.07 -36.85
N GLN G 792 110.47 76.69 -35.57
CA GLN G 792 109.58 75.60 -35.17
C GLN G 792 108.11 75.98 -35.30
N ILE G 793 107.81 77.29 -35.31
CA ILE G 793 106.46 77.76 -35.54
C ILE G 793 106.01 77.42 -36.96
N VAL G 794 106.92 77.55 -37.92
CA VAL G 794 106.57 77.32 -39.32
C VAL G 794 106.45 75.83 -39.62
N LYS G 795 107.37 75.02 -39.08
CA LYS G 795 107.43 73.60 -39.43
C LYS G 795 106.24 72.84 -38.84
N LEU G 796 105.96 73.06 -37.56
CA LEU G 796 104.84 72.42 -36.89
C LEU G 796 103.94 73.50 -36.27
N ARG G 797 102.64 73.24 -36.27
CA ARG G 797 101.66 74.26 -35.91
C ARG G 797 101.58 74.57 -34.42
N LYS G 798 102.35 73.88 -33.57
CA LYS G 798 102.29 74.17 -32.14
C LYS G 798 103.13 75.39 -31.80
N VAL G 799 102.66 76.18 -30.85
CA VAL G 799 103.34 77.39 -30.39
C VAL G 799 103.85 77.24 -28.96
N ASP G 800 103.60 76.09 -28.31
CA ASP G 800 104.02 75.88 -26.93
C ASP G 800 105.53 75.76 -26.81
N THR G 801 106.21 75.30 -27.85
CA THR G 801 107.66 75.11 -27.84
C THR G 801 108.42 76.35 -28.32
N LEU G 802 108.08 77.50 -27.73
CA LEU G 802 108.77 78.75 -28.01
C LEU G 802 109.60 79.12 -26.79
N LYS G 803 110.91 79.27 -26.98
CA LYS G 803 111.84 79.58 -25.89
C LYS G 803 112.93 80.48 -26.44
N PRO G 804 112.74 81.79 -26.38
CA PRO G 804 113.78 82.71 -26.85
C PRO G 804 114.95 82.78 -25.87
N ILE G 805 116.09 83.18 -26.40
CA ILE G 805 117.31 83.27 -25.60
C ILE G 805 117.40 84.67 -25.00
N LEU G 806 118.13 84.79 -23.90
CA LEU G 806 118.26 86.06 -23.18
C LEU G 806 119.71 86.19 -22.74
N TYR G 807 120.45 87.07 -23.40
CA TYR G 807 121.87 87.20 -23.13
C TYR G 807 122.11 87.96 -21.83
N LYS G 808 122.96 87.40 -20.97
CA LYS G 808 123.33 88.01 -19.71
C LYS G 808 124.86 87.98 -19.65
N ILE G 809 125.50 88.96 -20.27
CA ILE G 809 126.96 88.99 -20.36
C ILE G 809 127.50 89.73 -19.15
N ASN G 810 128.20 89.00 -18.28
CA ASN G 810 128.73 89.50 -17.02
C ASN G 810 130.25 89.41 -17.03
N SER G 811 130.84 89.61 -15.86
CA SER G 811 132.24 89.27 -15.67
C SER G 811 132.44 87.78 -15.46
N ASP G 812 131.46 87.11 -14.85
CA ASP G 812 131.59 85.69 -14.55
C ASP G 812 131.47 84.81 -15.78
N SER G 813 130.85 85.31 -16.83
CA SER G 813 130.80 84.56 -18.09
C SER G 813 132.18 84.56 -18.73
N ASN G 814 132.69 83.37 -19.05
CA ASN G 814 133.97 83.27 -19.75
C ASN G 814 133.79 83.69 -21.21
N ASP G 815 134.93 83.78 -21.91
CA ASP G 815 135.06 84.46 -23.20
C ASP G 815 134.58 85.91 -23.13
N PHE G 816 134.81 86.56 -21.98
CA PHE G 816 134.49 87.96 -21.79
C PHE G 816 135.56 88.89 -22.36
N TYR G 817 136.74 88.35 -22.66
CA TYR G 817 137.86 89.17 -23.13
C TYR G 817 137.62 89.78 -24.51
N LEU G 818 136.65 89.27 -25.26
CA LEU G 818 136.30 89.88 -26.55
C LEU G 818 135.64 91.24 -26.35
N VAL G 819 134.76 91.35 -25.37
CA VAL G 819 134.02 92.59 -25.16
C VAL G 819 134.94 93.66 -24.56
N ALA G 820 135.94 93.24 -23.79
CA ALA G 820 136.82 94.19 -23.13
C ALA G 820 137.94 94.66 -24.04
N ASN G 821 138.67 93.72 -24.65
CA ASN G 821 139.91 94.08 -25.34
C ASN G 821 139.66 94.54 -26.77
N TYR G 822 138.88 93.79 -27.54
CA TYR G 822 138.65 94.16 -28.92
C TYR G 822 137.66 95.31 -29.02
N ASP G 823 137.67 95.97 -30.18
CA ASP G 823 136.89 97.19 -30.42
C ASP G 823 135.63 96.82 -31.17
N TRP G 824 134.56 96.56 -30.41
CA TRP G 824 133.27 96.19 -30.98
C TRP G 824 132.20 96.39 -29.93
N VAL G 825 130.99 96.69 -30.38
CA VAL G 825 129.83 96.79 -29.49
C VAL G 825 129.02 95.50 -29.63
N PRO G 826 128.41 95.02 -28.55
CA PRO G 826 127.60 93.80 -28.66
C PRO G 826 126.21 94.12 -29.19
N THR G 827 125.76 93.31 -30.15
CA THR G 827 124.46 93.52 -30.76
C THR G 827 123.73 92.20 -30.94
N SER G 828 122.40 92.25 -30.87
CA SER G 828 121.56 91.09 -31.08
C SER G 828 120.36 91.49 -31.93
N THR G 829 119.91 90.56 -32.77
CA THR G 829 118.83 90.87 -33.71
C THR G 829 117.50 91.03 -32.98
N THR G 830 117.17 90.10 -32.11
CA THR G 830 115.95 90.18 -31.32
C THR G 830 116.27 90.59 -29.89
N LYS G 831 115.22 90.95 -29.15
CA LYS G 831 115.30 91.17 -27.73
C LYS G 831 113.99 90.72 -27.09
N VAL G 832 113.93 90.75 -25.77
CA VAL G 832 112.83 90.13 -25.03
C VAL G 832 112.23 91.16 -24.09
N TYR G 833 110.92 91.07 -23.88
CA TYR G 833 110.19 91.98 -23.01
C TYR G 833 110.27 91.49 -21.57
N LYS G 834 110.86 92.31 -20.70
CA LYS G 834 111.03 91.92 -19.31
C LYS G 834 111.09 93.16 -18.43
N GLN G 835 111.09 92.95 -17.12
CA GLN G 835 111.04 94.03 -16.14
C GLN G 835 112.14 93.84 -15.10
N ILE G 836 112.34 94.89 -14.31
CA ILE G 836 113.37 94.94 -13.27
C ILE G 836 112.67 95.03 -11.93
N PRO G 837 113.06 94.23 -10.93
CA PRO G 837 112.34 94.25 -9.64
C PRO G 837 112.55 95.53 -8.86
N GLN G 838 111.57 95.83 -8.01
CA GLN G 838 111.57 97.05 -7.23
C GLN G 838 112.56 96.94 -6.08
N GLN G 839 113.28 98.02 -5.83
CA GLN G 839 114.29 98.00 -4.77
C GLN G 839 113.64 98.06 -3.39
N PHE G 840 114.46 97.88 -2.37
CA PHE G 840 114.03 97.93 -0.99
C PHE G 840 114.27 99.35 -0.47
N ASP G 841 113.20 100.11 -0.30
CA ASP G 841 113.24 101.38 0.41
C ASP G 841 112.68 101.17 1.80
N PHE G 842 113.42 101.63 2.82
CA PHE G 842 112.98 101.37 4.19
C PHE G 842 111.80 102.25 4.58
N ARG G 843 111.75 103.47 4.08
CA ARG G 843 110.73 104.42 4.52
C ARG G 843 109.35 104.09 3.98
N ALA G 844 109.25 103.25 2.95
CA ALA G 844 107.96 102.86 2.39
C ALA G 844 107.63 101.40 2.65
N SER G 845 108.51 100.66 3.32
CA SER G 845 108.26 99.26 3.62
C SER G 845 107.79 99.01 5.05
N MET G 846 107.90 100.00 5.93
CA MET G 846 107.46 99.84 7.30
C MET G 846 106.18 100.66 7.56
N HIS G 847 105.39 100.16 8.49
CA HIS G 847 104.17 100.79 8.98
C HIS G 847 103.75 100.07 10.25
N MET G 848 102.85 100.70 11.00
CA MET G 848 102.42 100.17 12.28
C MET G 848 101.01 99.60 12.17
N LEU G 849 100.86 98.33 12.54
CA LEU G 849 99.59 97.63 12.43
C LEU G 849 98.87 97.70 13.78
N THR G 850 97.63 98.19 13.77
CA THR G 850 96.89 98.46 14.99
C THR G 850 95.70 97.52 15.10
N SER G 851 95.70 96.66 16.11
CA SER G 851 94.59 95.75 16.34
C SER G 851 94.23 95.77 17.83
N ASN G 852 93.32 94.89 18.22
CA ASN G 852 92.83 94.82 19.60
C ASN G 852 93.74 93.95 20.44
N LEU G 853 93.40 93.81 21.73
CA LEU G 853 94.20 93.06 22.68
C LEU G 853 93.65 91.67 22.93
N THR G 854 92.39 91.57 23.38
CA THR G 854 91.82 90.28 23.74
C THR G 854 90.33 90.27 23.41
N PHE G 855 89.87 89.22 22.74
CA PHE G 855 88.46 88.97 22.45
C PHE G 855 87.99 87.72 23.18
N THR G 856 86.73 87.37 22.95
CA THR G 856 86.17 86.06 23.29
C THR G 856 84.99 85.85 22.37
N VAL G 857 85.10 84.91 21.45
CA VAL G 857 84.08 84.69 20.43
C VAL G 857 83.24 83.48 20.82
N TYR G 858 81.95 83.70 21.06
CA TYR G 858 81.04 82.64 21.46
C TYR G 858 80.30 82.09 20.25
N SER G 859 80.05 80.78 20.26
CA SER G 859 79.48 80.11 19.10
C SER G 859 77.96 80.07 19.14
N ASP G 860 77.41 79.42 20.17
CA ASP G 860 75.96 79.38 20.34
C ASP G 860 75.53 80.35 21.42
N LEU G 861 74.34 80.93 21.25
CA LEU G 861 73.88 81.98 22.12
C LEU G 861 72.75 81.55 23.04
N LEU G 862 72.03 80.48 22.72
CA LEU G 862 70.92 80.03 23.56
C LEU G 862 71.36 79.05 24.63
N ALA G 863 72.67 78.94 24.89
CA ALA G 863 73.16 78.26 26.06
C ALA G 863 73.27 79.19 27.26
N PHE G 864 73.03 80.49 27.06
CA PHE G 864 72.98 81.45 28.15
C PHE G 864 71.57 81.57 28.74
N VAL G 865 70.56 81.48 27.89
CA VAL G 865 69.17 81.56 28.34
C VAL G 865 68.79 80.22 28.96
N SER G 866 68.47 80.23 30.25
CA SER G 866 68.03 79.05 30.97
C SER G 866 66.51 79.05 31.02
N ALA G 867 65.90 78.08 30.37
CA ALA G 867 64.46 78.08 30.16
C ALA G 867 63.80 76.92 30.90
N ASP G 868 62.62 77.19 31.46
CA ASP G 868 61.79 76.17 32.09
C ASP G 868 60.36 76.37 31.64
N THR G 869 59.60 75.29 31.64
CA THR G 869 58.19 75.34 31.28
C THR G 869 57.32 75.42 32.53
N VAL G 870 56.05 75.73 32.31
CA VAL G 870 55.05 75.73 33.38
C VAL G 870 54.61 74.28 33.53
N GLU G 871 53.90 73.97 34.63
CA GLU G 871 53.28 72.67 34.77
C GLU G 871 52.27 72.46 33.64
N PRO G 872 52.23 71.29 33.01
CA PRO G 872 51.47 71.15 31.75
C PRO G 872 49.97 71.23 31.92
N ILE G 873 49.44 71.09 33.12
CA ILE G 873 47.99 71.23 33.32
C ILE G 873 47.57 72.69 33.13
N ASN G 874 48.36 73.63 33.61
CA ASN G 874 48.03 75.05 33.49
C ASN G 874 48.67 75.68 32.25
N ALA G 875 48.46 75.08 31.09
CA ALA G 875 48.95 75.62 29.83
C ALA G 875 47.82 76.37 29.15
N VAL G 876 48.11 77.59 28.68
CA VAL G 876 47.08 78.48 28.19
C VAL G 876 47.32 78.81 26.71
N ALA G 877 46.22 79.00 25.99
CA ALA G 877 46.24 79.34 24.57
C ALA G 877 46.51 80.82 24.36
N PHE G 878 46.23 81.31 23.14
CA PHE G 878 46.37 82.73 22.86
C PHE G 878 45.39 83.57 23.66
N ASP G 879 44.20 83.05 23.95
CA ASP G 879 43.38 83.58 25.02
C ASP G 879 43.69 82.83 26.29
N ASN G 880 43.47 83.48 27.43
CA ASN G 880 43.95 82.93 28.70
C ASN G 880 43.12 81.77 29.23
N MET G 881 42.03 81.40 28.55
CA MET G 881 41.37 80.14 28.87
C MET G 881 42.26 79.00 28.41
N ARG G 882 42.44 78.00 29.28
CA ARG G 882 43.45 76.98 29.06
C ARG G 882 43.06 76.04 27.93
N ILE G 883 44.07 75.52 27.23
CA ILE G 883 43.84 74.42 26.30
C ILE G 883 43.52 73.17 27.10
N MET G 884 42.70 72.29 26.49
CA MET G 884 42.31 70.99 27.03
C MET G 884 41.59 71.15 28.38
N ASN G 885 40.52 71.95 28.34
CA ASN G 885 39.81 72.33 29.58
C ASN G 885 38.62 71.42 29.84
N GLU G 886 38.85 70.12 29.83
CA GLU G 886 37.84 69.14 30.21
C GLU G 886 38.08 68.65 31.64
N LEU G 887 39.10 69.15 32.29
CA LEU G 887 39.44 68.76 33.65
C LEU G 887 38.50 69.42 34.66
N GLN H 78 15.69 -27.96 -6.60
CA GLN H 78 15.40 -26.66 -7.18
C GLN H 78 13.90 -26.41 -7.23
N LEU H 79 13.39 -25.74 -6.20
CA LEU H 79 11.96 -25.46 -6.10
C LEU H 79 11.55 -24.39 -7.10
N LEU H 80 10.25 -24.33 -7.37
CA LEU H 80 9.73 -23.34 -8.31
C LEU H 80 9.73 -21.93 -7.74
N GLU H 81 9.69 -21.78 -6.41
CA GLU H 81 9.69 -20.45 -5.80
C GLU H 81 11.05 -19.78 -5.90
N VAL H 82 12.11 -20.52 -6.17
CA VAL H 82 13.44 -19.95 -6.33
C VAL H 82 13.67 -19.46 -7.76
N LEU H 83 13.14 -20.18 -8.75
CA LEU H 83 13.50 -19.90 -10.14
C LEU H 83 12.80 -18.66 -10.68
N LYS H 84 11.56 -18.41 -10.27
CA LYS H 84 10.84 -17.26 -10.80
C LYS H 84 11.36 -15.97 -10.16
N THR H 85 11.80 -15.04 -11.00
CA THR H 85 12.50 -13.84 -10.56
C THR H 85 11.53 -12.84 -9.96
N LYS H 86 12.02 -12.09 -8.98
CA LYS H 86 11.23 -11.08 -8.29
C LYS H 86 10.98 -9.88 -9.20
N GLU H 87 10.01 -9.05 -8.80
CA GLU H 87 9.70 -7.81 -9.49
C GLU H 87 10.89 -6.86 -9.56
N GLU H 88 11.74 -6.84 -8.53
CA GLU H 88 12.90 -5.94 -8.53
C GLU H 88 14.02 -6.42 -9.44
N HIS H 89 14.00 -7.67 -9.88
CA HIS H 89 15.03 -8.16 -10.78
C HIS H 89 14.71 -7.80 -12.22
N GLN H 90 13.43 -7.93 -12.61
CA GLN H 90 13.01 -7.59 -13.96
C GLN H 90 12.88 -6.09 -14.19
N LYS H 91 13.02 -5.28 -13.15
CA LYS H 91 13.05 -3.83 -13.28
C LYS H 91 14.45 -3.29 -13.50
N GLU H 92 15.45 -4.16 -13.68
CA GLU H 92 16.82 -3.73 -13.88
C GLU H 92 17.36 -4.06 -15.26
N VAL H 93 16.65 -4.83 -16.07
CA VAL H 93 17.07 -5.10 -17.44
C VAL H 93 16.69 -3.99 -18.40
N GLN H 94 15.84 -3.06 -17.97
CA GLN H 94 15.40 -1.93 -18.77
C GLN H 94 15.77 -0.66 -18.02
N TYR H 95 16.79 0.03 -18.50
CA TYR H 95 17.37 1.17 -17.79
C TYR H 95 16.91 2.50 -18.41
N GLU H 96 16.67 3.47 -17.54
CA GLU H 96 16.41 4.85 -17.94
C GLU H 96 16.72 5.76 -16.77
N ILE H 97 17.09 7.00 -17.08
CA ILE H 97 17.40 8.00 -16.07
C ILE H 97 16.22 8.95 -15.97
N LEU H 98 15.89 9.36 -14.74
CA LEU H 98 14.73 10.22 -14.53
C LEU H 98 14.96 11.61 -15.09
N GLN H 99 16.10 12.21 -14.76
CA GLN H 99 16.48 13.53 -15.24
C GLN H 99 17.83 13.44 -15.92
N LYS H 100 17.93 14.04 -17.10
CA LYS H 100 19.16 13.94 -17.88
C LYS H 100 20.26 14.80 -17.27
N THR H 101 21.49 14.31 -17.38
CA THR H 101 22.64 15.05 -16.89
C THR H 101 23.04 16.13 -17.89
N ILE H 102 23.52 17.26 -17.35
CA ILE H 102 23.85 18.42 -18.17
C ILE H 102 25.31 18.80 -17.96
N PRO H 103 26.19 18.56 -18.93
CA PRO H 103 27.57 19.02 -18.78
C PRO H 103 27.70 20.49 -19.16
N THR H 104 28.51 21.21 -18.40
CA THR H 104 28.66 22.64 -18.54
C THR H 104 29.65 22.93 -19.68
N PHE H 105 29.79 24.19 -20.06
CA PHE H 105 30.60 24.57 -21.23
C PHE H 105 32.09 24.52 -20.90
N GLU H 106 32.86 23.91 -21.79
CA GLU H 106 34.30 23.87 -21.63
C GLU H 106 34.91 25.24 -21.94
N PRO H 107 35.96 25.64 -21.23
CA PRO H 107 36.59 26.93 -21.51
C PRO H 107 37.76 26.79 -22.48
N LYS H 108 38.29 27.94 -22.88
CA LYS H 108 39.46 28.03 -23.74
C LYS H 108 40.47 28.94 -23.07
N GLU H 109 41.72 28.47 -22.96
CA GLU H 109 42.77 29.22 -22.29
C GLU H 109 43.91 29.63 -23.19
N SER H 110 43.96 29.15 -24.43
CA SER H 110 45.04 29.50 -25.33
C SER H 110 44.70 30.65 -26.26
N ILE H 111 43.42 30.86 -26.57
CA ILE H 111 43.02 32.02 -27.35
C ILE H 111 42.97 33.27 -26.48
N LEU H 112 42.79 33.11 -25.17
CA LEU H 112 42.90 34.25 -24.27
C LEU H 112 44.36 34.66 -24.08
N LYS H 113 45.28 33.71 -24.18
CA LYS H 113 46.70 34.03 -24.00
C LYS H 113 47.23 34.87 -25.16
N LYS H 114 46.66 34.73 -26.35
CA LYS H 114 47.07 35.54 -27.48
C LYS H 114 46.54 36.98 -27.42
N LEU H 115 45.70 37.31 -26.46
CA LEU H 115 45.12 38.64 -26.34
C LEU H 115 45.72 39.47 -25.22
N GLU H 116 45.99 38.85 -24.07
CA GLU H 116 46.61 39.56 -22.97
C GLU H 116 48.07 39.88 -23.24
N ASP H 117 48.71 39.16 -24.18
CA ASP H 117 50.13 39.32 -24.46
C ASP H 117 50.40 40.20 -25.66
N ILE H 118 49.39 40.85 -26.22
CA ILE H 118 49.62 41.87 -27.25
C ILE H 118 50.13 43.11 -26.52
N LYS H 119 51.43 43.32 -26.53
CA LYS H 119 51.99 44.46 -25.85
C LYS H 119 51.86 45.70 -26.72
N PRO H 120 51.80 46.89 -26.11
CA PRO H 120 51.93 48.12 -26.91
C PRO H 120 53.33 48.19 -27.51
N GLU H 121 53.38 48.59 -28.77
CA GLU H 121 54.62 48.51 -29.54
C GLU H 121 55.66 49.46 -28.97
N GLN H 122 56.89 48.96 -28.87
CA GLN H 122 57.93 49.66 -28.11
C GLN H 122 58.35 50.94 -28.81
N VAL H 123 58.70 51.93 -28.01
CA VAL H 123 59.04 53.24 -28.53
C VAL H 123 60.50 53.25 -28.97
N LYS H 124 60.73 53.63 -30.23
CA LYS H 124 62.07 53.74 -30.76
C LYS H 124 62.62 55.12 -30.45
N LYS H 125 63.81 55.16 -29.84
CA LYS H 125 64.60 56.37 -29.79
C LYS H 125 65.89 56.12 -30.57
N GLN H 126 66.35 57.13 -31.27
CA GLN H 126 67.52 56.94 -32.14
C GLN H 126 68.78 57.37 -31.40
N THR H 127 69.90 56.77 -31.80
CA THR H 127 71.16 56.90 -31.08
C THR H 127 72.23 57.61 -31.89
N LYS H 128 72.36 57.31 -33.18
CA LYS H 128 73.27 58.01 -34.06
C LYS H 128 72.48 58.61 -35.23
N LEU H 129 73.10 59.56 -35.90
CA LEU H 129 72.43 60.24 -37.00
C LEU H 129 72.34 59.32 -38.21
N PHE H 130 71.28 59.50 -39.00
CA PHE H 130 71.11 58.72 -40.22
C PHE H 130 72.09 59.21 -41.27
N ARG H 131 73.06 58.38 -41.63
CA ARG H 131 74.09 58.75 -42.57
C ARG H 131 74.14 57.77 -43.73
N ILE H 132 74.25 58.30 -44.95
CA ILE H 132 74.59 57.48 -46.10
C ILE H 132 75.78 58.01 -46.88
N PHE H 133 76.08 59.31 -46.81
CA PHE H 133 77.24 59.88 -47.48
C PHE H 133 78.32 60.20 -46.45
N GLU H 134 79.58 60.03 -46.84
CA GLU H 134 80.72 60.33 -45.98
C GLU H 134 81.80 61.00 -46.81
N PRO H 135 82.62 61.86 -46.22
CA PRO H 135 83.75 62.43 -46.95
C PRO H 135 84.87 61.43 -47.10
N ARG H 136 85.66 61.62 -48.16
CA ARG H 136 86.81 60.77 -48.44
C ARG H 136 87.87 61.61 -49.13
N GLN H 137 89.12 61.34 -48.82
CA GLN H 137 90.23 62.10 -49.37
C GLN H 137 90.69 61.46 -50.67
N LEU H 138 90.53 62.19 -51.78
CA LEU H 138 90.95 61.73 -53.08
C LEU H 138 92.04 62.65 -53.62
N PRO H 139 93.00 62.12 -54.38
CA PRO H 139 94.02 62.97 -54.98
C PRO H 139 93.47 63.69 -56.20
N VAL H 140 94.05 64.85 -56.49
CA VAL H 140 93.59 65.68 -57.59
C VAL H 140 94.70 65.88 -58.60
N TYR H 141 94.30 66.21 -59.82
CA TYR H 141 95.20 66.38 -60.96
C TYR H 141 94.86 67.68 -61.68
N ARG H 142 95.88 68.34 -62.18
CA ARG H 142 95.66 69.63 -62.83
C ARG H 142 95.17 69.42 -64.26
N ALA H 143 95.02 70.55 -64.99
CA ALA H 143 94.42 70.50 -66.32
C ALA H 143 95.33 69.87 -67.35
N ASN H 144 96.65 69.88 -67.13
CA ASN H 144 97.58 69.24 -68.05
C ASN H 144 97.45 67.72 -67.98
N GLY H 145 97.13 67.20 -66.80
CA GLY H 145 97.12 65.76 -66.55
C GLY H 145 98.10 65.34 -65.47
N GLU H 146 98.93 66.24 -64.98
CA GLU H 146 99.96 65.91 -64.01
C GLU H 146 99.39 65.83 -62.60
N LYS H 147 100.18 65.27 -61.70
CA LYS H 147 99.79 65.10 -60.31
C LYS H 147 100.06 66.38 -59.53
N GLU H 148 99.09 66.79 -58.72
CA GLU H 148 99.20 67.98 -57.89
C GLU H 148 99.51 67.57 -56.45
N LEU H 149 100.29 68.42 -55.76
CA LEU H 149 100.70 68.14 -54.39
C LEU H 149 99.67 68.66 -53.37
N ARG H 150 98.40 68.35 -53.62
CA ARG H 150 97.29 68.73 -52.76
C ARG H 150 96.25 67.62 -52.85
N ASN H 151 95.32 67.62 -51.89
CA ASN H 151 94.22 66.68 -51.91
C ASN H 151 92.95 67.41 -51.53
N ARG H 152 91.87 67.13 -52.26
CA ARG H 152 90.58 67.75 -51.99
C ARG H 152 89.57 66.70 -51.58
N TRP H 153 88.66 67.08 -50.69
CA TRP H 153 87.72 66.16 -50.08
C TRP H 153 86.47 66.04 -50.94
N TYR H 154 85.99 64.81 -51.11
CA TYR H 154 84.82 64.54 -51.93
C TYR H 154 83.83 63.67 -51.15
N TRP H 155 82.56 63.80 -51.49
CA TRP H 155 81.53 62.97 -50.90
C TRP H 155 81.47 61.62 -51.61
N LYS H 156 81.35 60.55 -50.82
CA LYS H 156 81.16 59.20 -51.35
C LYS H 156 80.12 58.48 -50.51
N LEU H 157 79.58 57.39 -51.04
CA LEU H 157 78.62 56.60 -50.29
C LEU H 157 79.29 55.79 -49.19
N LYS H 158 78.48 55.36 -48.23
CA LYS H 158 78.86 54.40 -47.22
C LYS H 158 78.24 53.07 -47.58
N ARG H 159 79.08 52.06 -47.82
CA ARG H 159 78.70 50.71 -48.25
C ARG H 159 77.85 50.78 -49.53
N ASP H 160 78.50 51.22 -50.60
CA ASP H 160 77.83 51.35 -51.90
C ASP H 160 77.66 49.97 -52.53
N THR H 161 76.68 49.23 -52.02
CA THR H 161 76.33 47.93 -52.55
C THR H 161 75.17 48.07 -53.53
N LEU H 162 75.48 48.71 -54.65
CA LEU H 162 74.44 48.85 -55.66
C LEU H 162 74.49 47.66 -56.60
N PRO H 163 73.36 47.04 -56.91
CA PRO H 163 73.38 45.83 -57.73
C PRO H 163 73.42 46.17 -59.22
N ASP H 164 73.44 45.13 -60.03
CA ASP H 164 73.43 45.26 -61.48
C ASP H 164 72.01 45.21 -62.02
N GLY H 165 71.85 45.62 -63.28
CA GLY H 165 70.56 45.60 -63.92
C GLY H 165 69.72 46.81 -63.58
N ASP H 166 68.79 47.17 -64.46
CA ASP H 166 67.98 48.35 -64.20
C ASP H 166 66.87 48.05 -63.20
N TYR H 167 66.33 46.84 -63.22
CA TYR H 167 65.22 46.51 -62.35
C TYR H 167 65.65 46.27 -60.92
N ASP H 168 66.88 45.77 -60.71
CA ASP H 168 67.33 45.48 -59.35
C ASP H 168 67.74 46.73 -58.59
N VAL H 169 67.93 47.86 -59.25
CA VAL H 169 68.18 49.10 -58.53
C VAL H 169 66.89 49.63 -57.94
N ARG H 170 65.77 49.50 -58.68
CA ARG H 170 64.48 49.90 -58.14
C ARG H 170 64.03 48.96 -57.03
N GLU H 171 64.49 47.71 -57.06
CA GLU H 171 64.24 46.80 -55.95
C GLU H 171 65.07 47.18 -54.73
N TYR H 172 66.25 47.76 -54.94
CA TYR H 172 67.11 48.14 -53.82
C TYR H 172 66.52 49.31 -53.05
N PHE H 173 65.87 50.25 -53.74
CA PHE H 173 65.30 51.40 -53.07
C PHE H 173 64.00 51.08 -52.35
N LEU H 174 63.46 49.88 -52.53
CA LEU H 174 62.42 49.41 -51.63
C LEU H 174 63.01 48.87 -50.35
N ASN H 175 64.20 48.27 -50.42
CA ASN H 175 64.89 47.81 -49.22
C ASN H 175 65.59 48.94 -48.48
N LEU H 176 65.82 50.08 -49.14
CA LEU H 176 66.29 51.26 -48.43
C LEU H 176 65.14 51.96 -47.73
N TYR H 177 63.96 51.97 -48.35
CA TYR H 177 62.79 52.61 -47.76
C TYR H 177 62.28 51.83 -46.55
N ASP H 178 62.46 50.52 -46.53
CA ASP H 178 62.10 49.75 -45.35
C ASP H 178 63.11 49.93 -44.22
N GLN H 179 64.30 50.45 -44.53
CA GLN H 179 65.31 50.66 -43.51
C GLN H 179 65.10 51.98 -42.78
N VAL H 180 64.63 53.01 -43.48
CA VAL H 180 64.32 54.28 -42.85
C VAL H 180 63.10 54.16 -41.96
N LEU H 181 62.19 53.25 -42.28
CA LEU H 181 60.99 53.08 -41.46
C LEU H 181 61.28 52.41 -40.12
N THR H 182 62.34 51.61 -40.05
CA THR H 182 62.78 51.06 -38.77
C THR H 182 63.86 51.91 -38.11
N GLU H 183 64.20 53.04 -38.71
CA GLU H 183 65.18 53.96 -38.14
C GLU H 183 64.56 55.23 -37.60
N MET H 184 63.31 55.53 -37.95
CA MET H 184 62.70 56.77 -37.48
C MET H 184 62.31 56.62 -36.01
N PRO H 185 62.71 57.54 -35.15
CA PRO H 185 62.34 57.45 -33.74
C PRO H 185 61.03 58.17 -33.46
N ASP H 186 60.48 57.88 -32.28
CA ASP H 186 59.30 58.57 -31.82
C ASP H 186 59.66 59.85 -31.08
N TYR H 187 60.56 59.77 -30.10
CA TYR H 187 61.09 60.96 -29.45
C TYR H 187 62.61 60.97 -29.57
N LEU H 188 63.16 62.17 -29.73
CA LEU H 188 64.57 62.35 -30.03
C LEU H 188 65.13 63.39 -29.09
N LEU H 189 66.17 63.02 -28.34
CA LEU H 189 66.87 63.93 -27.44
C LEU H 189 68.30 64.05 -27.91
N LEU H 190 68.72 65.27 -28.24
CA LEU H 190 70.08 65.49 -28.72
C LEU H 190 71.12 65.49 -27.61
N LYS H 191 70.69 65.47 -26.36
CA LYS H 191 71.63 65.43 -25.25
C LYS H 191 72.32 64.07 -25.15
N ASP H 192 71.67 63.01 -25.65
CA ASP H 192 72.28 61.68 -25.61
C ASP H 192 73.40 61.54 -26.62
N MET H 193 73.20 62.05 -27.84
CA MET H 193 74.22 62.02 -28.87
C MET H 193 75.00 63.34 -28.80
N ALA H 194 76.12 63.32 -28.07
CA ALA H 194 76.96 64.50 -27.91
C ALA H 194 78.34 64.04 -27.49
N VAL H 195 79.35 64.50 -28.20
CA VAL H 195 80.74 64.20 -27.86
C VAL H 195 81.52 65.50 -27.84
N GLU H 196 82.66 65.47 -27.16
CA GLU H 196 83.46 66.67 -26.95
C GLU H 196 84.25 67.01 -28.22
N ASN H 197 84.11 68.25 -28.68
CA ASN H 197 84.96 68.76 -29.76
C ASN H 197 86.32 69.09 -29.15
N LYS H 198 87.34 68.30 -29.51
CA LYS H 198 88.60 68.32 -28.78
C LYS H 198 89.43 69.58 -29.04
N ASN H 199 89.16 70.30 -30.13
CA ASN H 199 89.94 71.46 -30.51
C ASN H 199 88.97 72.58 -30.87
N SER H 200 88.58 73.36 -29.87
CA SER H 200 87.68 74.49 -30.06
C SER H 200 88.17 75.65 -29.19
N ARG H 201 87.49 76.78 -29.33
CA ARG H 201 87.79 77.95 -28.51
C ARG H 201 87.41 77.69 -27.05
N ASP H 202 86.22 77.14 -26.84
CA ASP H 202 85.79 76.67 -25.53
C ASP H 202 85.26 75.25 -25.68
N ALA H 203 85.12 74.56 -24.54
CA ALA H 203 84.75 73.15 -24.57
C ALA H 203 83.29 72.97 -24.96
N GLY H 204 83.03 72.82 -26.26
CA GLY H 204 81.70 72.64 -26.78
C GLY H 204 81.35 71.18 -26.97
N LYS H 205 80.26 70.96 -27.70
CA LYS H 205 79.76 69.61 -27.95
C LYS H 205 79.13 69.56 -29.33
N VAL H 206 79.71 68.79 -30.24
CA VAL H 206 79.10 68.48 -31.52
C VAL H 206 78.13 67.32 -31.30
N VAL H 207 77.30 67.01 -32.31
CA VAL H 207 76.14 66.17 -32.08
C VAL H 207 76.39 64.70 -32.37
N ASP H 208 77.51 64.33 -32.99
CA ASP H 208 77.70 62.91 -33.25
C ASP H 208 79.17 62.55 -33.17
N SER H 209 79.42 61.27 -32.89
CA SER H 209 80.79 60.76 -32.87
C SER H 209 81.39 60.74 -34.26
N GLU H 210 80.57 60.55 -35.30
CA GLU H 210 81.03 60.66 -36.67
C GLU H 210 81.27 62.10 -37.08
N THR H 211 80.56 63.05 -36.45
CA THR H 211 80.80 64.46 -36.73
C THR H 211 82.12 64.92 -36.14
N ALA H 212 82.44 64.47 -34.92
CA ALA H 212 83.72 64.83 -34.33
C ALA H 212 84.90 64.11 -34.96
N ALA H 213 84.65 62.98 -35.62
CA ALA H 213 85.74 62.27 -36.29
C ALA H 213 86.18 62.97 -37.57
N ILE H 214 85.25 63.60 -38.29
CA ILE H 214 85.60 64.36 -39.48
C ILE H 214 85.81 65.84 -39.18
N CYS H 215 85.80 66.22 -37.90
CA CYS H 215 86.33 67.50 -37.49
C CYS H 215 87.81 67.40 -37.12
N ASP H 216 88.21 66.29 -36.50
CA ASP H 216 89.61 66.06 -36.17
C ASP H 216 90.42 65.63 -37.36
N ALA H 217 89.80 65.04 -38.38
CA ALA H 217 90.53 64.59 -39.55
C ALA H 217 90.94 65.73 -40.46
N ILE H 218 90.27 66.88 -40.37
CA ILE H 218 90.56 68.02 -41.23
C ILE H 218 91.42 69.02 -40.47
N PHE H 219 91.28 69.05 -39.14
CA PHE H 219 92.06 69.97 -38.34
C PHE H 219 93.53 69.57 -38.30
N GLN H 220 93.81 68.27 -38.22
CA GLN H 220 95.17 67.78 -38.06
C GLN H 220 95.87 67.48 -39.37
N ASP H 221 95.31 67.89 -40.51
CA ASP H 221 96.05 67.78 -41.75
C ASP H 221 97.13 68.84 -41.84
N GLU H 222 98.06 68.64 -42.77
CA GLU H 222 99.09 69.63 -43.05
C GLU H 222 98.73 70.52 -44.23
N GLU H 223 97.64 70.24 -44.91
CA GLU H 223 97.25 70.97 -46.11
C GLU H 223 95.95 71.73 -45.96
N THR H 224 95.28 71.64 -44.82
CA THR H 224 94.04 72.38 -44.61
C THR H 224 94.34 73.86 -44.46
N GLU H 225 93.67 74.68 -45.27
CA GLU H 225 93.86 76.12 -45.22
C GLU H 225 93.33 76.69 -43.92
N GLY H 226 93.84 77.88 -43.57
CA GLY H 226 93.57 78.47 -42.27
C GLY H 226 92.16 78.96 -42.08
N VAL H 227 91.38 79.11 -43.16
CA VAL H 227 90.01 79.55 -43.03
C VAL H 227 89.14 78.43 -42.47
N VAL H 228 89.38 77.19 -42.93
CA VAL H 228 88.64 76.05 -42.40
C VAL H 228 89.10 75.73 -40.98
N ARG H 229 90.40 75.93 -40.69
CA ARG H 229 90.91 75.64 -39.36
C ARG H 229 90.47 76.66 -38.34
N ARG H 230 90.09 77.86 -38.75
CA ARG H 230 89.50 78.84 -37.86
C ARG H 230 88.00 78.62 -37.65
N PHE H 231 87.36 77.86 -38.53
CA PHE H 231 85.93 77.62 -38.44
C PHE H 231 85.58 76.54 -37.44
N ILE H 232 86.48 75.57 -37.23
CA ILE H 232 86.19 74.48 -36.30
C ILE H 232 86.32 74.96 -34.85
N ALA H 233 87.12 76.00 -34.62
CA ALA H 233 87.23 76.55 -33.27
C ALA H 233 85.97 77.27 -32.85
N GLU H 234 85.23 77.84 -33.79
CA GLU H 234 83.98 78.55 -33.52
C GLU H 234 82.78 77.62 -33.66
N MET H 235 82.81 76.47 -32.99
CA MET H 235 81.79 75.43 -33.16
C MET H 235 81.39 74.91 -31.78
N ARG H 236 80.36 75.52 -31.20
CA ARG H 236 79.88 75.15 -29.87
C ARG H 236 78.36 75.09 -29.89
N GLN H 237 77.79 74.76 -28.74
CA GLN H 237 76.34 74.64 -28.60
C GLN H 237 75.78 75.84 -27.85
N ARG H 238 74.46 76.03 -27.98
CA ARG H 238 73.76 77.11 -27.29
C ARG H 238 72.60 76.52 -26.52
N VAL H 239 72.64 76.62 -25.20
CA VAL H 239 71.60 76.05 -24.34
C VAL H 239 70.71 77.19 -23.85
N GLN H 240 69.42 77.06 -24.09
CA GLN H 240 68.42 77.99 -23.59
C GLN H 240 67.56 77.27 -22.57
N ALA H 241 67.34 77.90 -21.41
CA ALA H 241 66.68 77.24 -20.30
C ALA H 241 65.29 77.79 -20.01
N ASP H 242 64.92 78.94 -20.57
CA ASP H 242 63.55 79.45 -20.41
C ASP H 242 62.58 78.56 -21.17
N ARG H 243 62.73 78.47 -22.48
CA ARG H 243 62.15 77.42 -23.28
C ARG H 243 63.25 76.40 -23.52
N ASN H 244 63.02 75.14 -23.14
CA ASN H 244 64.09 74.15 -23.12
C ASN H 244 64.38 73.69 -24.54
N VAL H 245 65.26 74.42 -25.21
CA VAL H 245 65.79 74.01 -26.51
C VAL H 245 67.29 74.17 -26.48
N VAL H 246 67.98 73.34 -27.27
CA VAL H 246 69.41 73.44 -27.48
C VAL H 246 69.68 73.40 -28.98
N ASN H 247 70.84 73.93 -29.36
CA ASN H 247 71.27 73.95 -30.75
C ASN H 247 72.64 73.31 -30.83
N TYR H 248 72.72 72.12 -31.44
CA TYR H 248 73.98 71.41 -31.60
C TYR H 248 74.43 71.44 -33.05
N PRO H 249 75.70 71.71 -33.33
CA PRO H 249 76.18 71.72 -34.71
C PRO H 249 76.32 70.31 -35.27
N SER H 250 76.57 70.25 -36.58
CA SER H 250 76.59 68.98 -37.28
C SER H 250 77.57 69.08 -38.45
N ILE H 251 77.78 67.95 -39.12
CA ILE H 251 78.30 67.89 -40.48
C ILE H 251 77.47 66.83 -41.19
N LEU H 252 76.67 67.24 -42.16
CA LEU H 252 75.77 66.32 -42.84
C LEU H 252 75.68 66.66 -44.32
N HIS H 253 75.50 65.63 -45.13
CA HIS H 253 75.18 65.81 -46.53
C HIS H 253 73.80 66.46 -46.66
N PRO H 254 73.57 67.25 -47.72
CA PRO H 254 72.23 67.84 -47.90
C PRO H 254 71.12 66.82 -48.14
N ILE H 255 71.43 65.62 -48.62
CA ILE H 255 70.44 64.54 -48.60
C ILE H 255 70.28 64.00 -47.17
N ASP H 256 71.40 63.91 -46.45
CA ASP H 256 71.39 63.39 -45.09
C ASP H 256 70.67 64.34 -44.13
N HIS H 257 70.84 65.65 -44.34
CA HIS H 257 70.21 66.62 -43.46
C HIS H 257 68.70 66.67 -43.66
N ALA H 258 68.24 66.39 -44.88
CA ALA H 258 66.80 66.39 -45.15
C ALA H 258 66.10 65.23 -44.45
N PHE H 259 66.79 64.10 -44.27
CA PHE H 259 66.22 62.99 -43.51
C PHE H 259 66.24 63.27 -42.02
N ASN H 260 67.34 63.85 -41.51
CA ASN H 260 67.49 64.03 -40.07
C ASN H 260 66.69 65.21 -39.55
N GLU H 261 66.42 66.21 -40.39
CA GLU H 261 65.51 67.27 -40.00
C GLU H 261 64.08 66.75 -39.85
N TYR H 262 63.69 65.79 -40.71
CA TYR H 262 62.33 65.26 -40.64
C TYR H 262 62.10 64.43 -39.39
N PHE H 263 63.14 63.81 -38.84
CA PHE H 263 62.97 63.06 -37.60
C PHE H 263 62.83 63.99 -36.40
N LEU H 264 63.31 65.23 -36.51
CA LEU H 264 63.28 66.16 -35.38
C LEU H 264 61.98 66.94 -35.30
N GLN H 265 61.43 67.36 -36.43
CA GLN H 265 60.19 68.13 -36.40
C GLN H 265 58.98 67.25 -36.14
N HIS H 266 58.94 66.07 -36.76
CA HIS H 266 57.78 65.19 -36.67
C HIS H 266 58.04 64.12 -35.61
N GLN H 267 57.84 64.51 -34.36
CA GLN H 267 57.97 63.60 -33.23
C GLN H 267 56.58 63.22 -32.73
N LEU H 268 56.44 61.99 -32.28
CA LEU H 268 55.14 61.49 -31.83
C LEU H 268 54.96 61.62 -30.33
N VAL H 269 55.21 62.80 -29.76
CA VAL H 269 55.04 63.02 -28.34
C VAL H 269 54.17 64.25 -28.11
N GLU H 270 53.38 64.20 -27.04
CA GLU H 270 52.42 65.22 -26.67
C GLU H 270 52.49 65.43 -25.17
N PRO H 271 52.29 66.66 -24.69
CA PRO H 271 52.49 66.93 -23.26
C PRO H 271 51.44 66.28 -22.37
N LEU H 272 51.86 65.97 -21.15
CA LEU H 272 51.08 65.21 -20.18
C LEU H 272 50.78 66.07 -18.97
N ASN H 273 49.54 66.01 -18.49
CA ASN H 273 49.08 66.83 -17.38
C ASN H 273 48.26 65.95 -16.45
N ASN H 274 47.56 66.58 -15.52
CA ASN H 274 46.56 65.88 -14.71
C ASN H 274 45.20 65.86 -15.36
N ASP H 275 44.86 66.89 -16.14
CA ASP H 275 43.57 66.95 -16.81
C ASP H 275 43.51 66.07 -18.06
N ILE H 276 44.63 65.49 -18.46
CA ILE H 276 44.68 64.63 -19.64
C ILE H 276 44.86 63.16 -19.28
N ILE H 277 45.19 62.84 -18.02
CA ILE H 277 45.07 61.47 -17.55
C ILE H 277 43.61 61.14 -17.30
N PHE H 278 42.86 62.05 -16.69
CA PHE H 278 41.45 61.82 -16.43
C PHE H 278 40.61 61.83 -17.69
N ASN H 279 41.07 62.49 -18.76
CA ASN H 279 40.36 62.41 -20.03
C ASN H 279 40.67 61.15 -20.81
N TYR H 280 41.62 60.34 -20.35
CA TYR H 280 41.89 59.06 -20.99
C TYR H 280 40.86 58.01 -20.61
N ILE H 281 40.29 58.12 -19.42
CA ILE H 281 39.19 57.27 -18.98
C ILE H 281 37.94 57.59 -19.80
N PRO H 282 37.16 56.61 -20.22
CA PRO H 282 35.96 56.91 -21.03
C PRO H 282 34.90 57.67 -20.24
N GLU H 283 34.08 58.40 -20.99
CA GLU H 283 33.18 59.38 -20.39
C GLU H 283 32.02 58.76 -19.64
N ARG H 284 31.70 57.50 -19.89
CA ARG H 284 30.61 56.84 -19.20
C ARG H 284 31.06 56.11 -17.94
N ILE H 285 32.26 56.41 -17.45
CA ILE H 285 32.74 55.88 -16.19
C ILE H 285 33.11 57.00 -15.22
N ARG H 286 33.81 58.03 -15.70
CA ARG H 286 34.11 59.18 -14.86
C ARG H 286 32.91 60.11 -14.67
N ASN H 287 31.79 59.85 -15.35
CA ASN H 287 30.52 60.50 -15.04
C ASN H 287 29.59 59.60 -14.24
N ASP H 288 29.97 58.35 -14.03
CA ASP H 288 29.14 57.42 -13.27
C ASP H 288 29.26 57.72 -11.78
N VAL H 289 28.14 57.59 -11.06
CA VAL H 289 28.11 57.95 -9.65
C VAL H 289 28.40 56.77 -8.73
N ASN H 290 28.74 55.60 -9.28
CA ASN H 290 29.10 54.46 -8.46
C ASN H 290 30.58 54.33 -8.21
N TYR H 291 31.42 54.94 -9.06
CA TYR H 291 32.87 54.82 -8.96
C TYR H 291 33.47 56.14 -8.52
N ILE H 292 34.37 56.09 -7.55
CA ILE H 292 35.06 57.26 -7.03
C ILE H 292 36.51 57.20 -7.51
N LEU H 293 36.96 58.26 -8.18
CA LEU H 293 38.25 58.29 -8.85
C LEU H 293 39.20 59.21 -8.10
N ASN H 294 40.40 58.71 -7.81
CA ASN H 294 41.36 59.39 -6.96
C ASN H 294 42.75 59.15 -7.50
N MET H 295 43.62 60.16 -7.41
CA MET H 295 45.01 60.01 -7.84
C MET H 295 45.92 60.74 -6.87
N ASP H 296 47.20 60.33 -6.88
CA ASP H 296 48.15 60.77 -5.87
C ASP H 296 49.11 61.86 -6.36
N ARG H 297 49.89 61.58 -7.39
CA ARG H 297 50.95 62.48 -7.82
C ARG H 297 50.44 63.43 -8.90
N ASN H 298 51.09 64.60 -8.98
CA ASN H 298 50.86 65.54 -10.06
C ASN H 298 52.13 65.71 -10.89
N LEU H 299 52.02 65.48 -12.18
CA LEU H 299 53.15 65.42 -13.09
C LEU H 299 53.62 66.82 -13.47
N PRO H 300 54.93 66.99 -13.75
CA PRO H 300 55.43 68.34 -14.05
C PRO H 300 55.05 68.82 -15.45
N SER H 301 55.56 69.99 -15.83
CA SER H 301 55.33 70.52 -17.16
C SER H 301 56.22 69.86 -18.21
N THR H 302 57.21 69.07 -17.78
CA THR H 302 58.14 68.43 -18.69
C THR H 302 57.52 67.19 -19.34
N ALA H 303 56.77 66.40 -18.56
CA ALA H 303 56.43 65.03 -18.91
C ALA H 303 55.55 64.93 -20.16
N ARG H 304 55.87 63.96 -21.01
CA ARG H 304 55.19 63.74 -22.28
C ARG H 304 54.64 62.33 -22.33
N TYR H 305 53.80 62.07 -23.33
CA TYR H 305 53.25 60.74 -23.55
C TYR H 305 52.92 60.57 -25.03
N ILE H 306 52.91 59.31 -25.48
CA ILE H 306 52.71 58.99 -26.88
C ILE H 306 51.27 58.51 -27.05
N ARG H 307 50.52 59.23 -27.87
CA ARG H 307 49.11 58.88 -27.99
C ARG H 307 48.91 57.80 -29.07
N PRO H 308 48.10 56.80 -28.80
CA PRO H 308 47.79 55.80 -29.84
C PRO H 308 46.75 56.33 -30.80
N ASN H 309 46.66 55.67 -31.95
CA ASN H 309 45.66 56.01 -32.96
C ASN H 309 44.51 55.00 -32.92
N LEU H 310 43.38 55.41 -32.37
CA LEU H 310 42.17 54.61 -32.35
C LEU H 310 41.20 55.21 -33.35
N LEU H 311 41.38 54.87 -34.62
CA LEU H 311 40.42 55.17 -35.66
C LEU H 311 39.83 53.88 -36.18
N GLN H 312 38.59 53.96 -36.66
CA GLN H 312 37.77 52.77 -36.86
C GLN H 312 38.26 51.95 -38.05
N ASP H 313 37.61 50.81 -38.27
CA ASP H 313 38.07 49.81 -39.23
C ASP H 313 37.93 50.33 -40.65
N ARG H 314 39.06 50.36 -41.36
CA ARG H 314 39.11 50.82 -42.73
C ARG H 314 39.08 49.69 -43.75
N LEU H 315 39.10 48.44 -43.28
CA LEU H 315 39.04 47.31 -44.20
C LEU H 315 37.65 46.72 -44.34
N ASN H 316 36.76 46.96 -43.37
CA ASN H 316 35.41 46.39 -43.29
C ASN H 316 35.47 44.86 -43.35
N LEU H 317 36.06 44.29 -42.30
CA LEU H 317 36.18 42.84 -42.22
C LEU H 317 34.87 42.14 -41.89
N HIS H 318 33.80 42.89 -41.60
CA HIS H 318 32.47 42.30 -41.46
C HIS H 318 31.69 42.31 -42.76
N ASP H 319 32.35 42.60 -43.88
CA ASP H 319 31.69 42.73 -45.18
C ASP H 319 32.44 41.83 -46.15
N ASN H 320 31.84 40.68 -46.48
CA ASN H 320 32.29 39.61 -47.37
C ASN H 320 33.52 38.85 -46.87
N PHE H 321 34.09 39.20 -45.72
CA PHE H 321 35.18 38.44 -45.12
C PHE H 321 34.58 37.70 -43.95
N GLU H 322 34.02 36.53 -44.22
CA GLU H 322 33.14 35.90 -43.26
C GLU H 322 33.84 34.81 -42.44
N SER H 323 35.02 34.37 -42.86
CA SER H 323 35.81 33.46 -42.05
C SER H 323 36.89 34.17 -41.24
N LEU H 324 37.31 35.36 -41.65
CA LEU H 324 38.20 36.17 -40.85
C LEU H 324 37.46 36.88 -39.72
N TRP H 325 36.21 37.28 -39.97
CA TRP H 325 35.41 37.91 -38.94
C TRP H 325 35.01 36.95 -37.83
N ASP H 326 34.96 35.65 -38.13
CA ASP H 326 34.58 34.68 -37.10
C ASP H 326 35.70 34.47 -36.08
N THR H 327 36.97 34.59 -36.50
CA THR H 327 38.06 34.49 -35.53
C THR H 327 38.22 35.78 -34.75
N ILE H 328 37.89 36.93 -35.35
CA ILE H 328 38.04 38.21 -34.67
C ILE H 328 36.87 38.50 -33.74
N THR H 329 35.80 37.71 -33.79
CA THR H 329 34.68 37.87 -32.87
C THR H 329 34.53 36.71 -31.91
N THR H 330 35.26 35.61 -32.12
CA THR H 330 35.41 34.61 -31.06
C THR H 330 36.43 35.06 -30.05
N SER H 331 37.46 35.78 -30.52
CA SER H 331 38.49 36.32 -29.66
C SER H 331 37.96 37.35 -28.69
N ASN H 332 37.00 38.18 -29.12
CA ASN H 332 36.40 39.14 -28.22
C ASN H 332 35.43 38.49 -27.25
N TYR H 333 34.88 37.32 -27.59
CA TYR H 333 33.90 36.68 -26.74
C TYR H 333 34.54 35.95 -25.57
N ILE H 334 35.74 35.41 -25.76
CA ILE H 334 36.44 34.80 -24.63
C ILE H 334 37.01 35.87 -23.71
N LEU H 335 37.39 37.03 -24.26
CA LEU H 335 37.88 38.12 -23.41
C LEU H 335 36.73 38.74 -22.62
N ALA H 336 35.58 38.92 -23.24
CA ALA H 336 34.43 39.51 -22.54
C ALA H 336 33.73 38.54 -21.61
N ARG H 337 34.17 37.29 -21.55
CA ARG H 337 33.60 36.31 -20.64
C ARG H 337 34.41 36.20 -19.35
N SER H 338 35.70 36.51 -19.41
CA SER H 338 36.57 36.50 -18.23
C SER H 338 36.62 37.86 -17.54
N VAL H 339 35.69 38.76 -17.86
CA VAL H 339 35.65 40.09 -17.27
C VAL H 339 34.34 40.33 -16.53
N VAL H 340 33.22 39.88 -17.10
CA VAL H 340 31.88 39.99 -16.52
C VAL H 340 31.83 39.28 -15.18
N PRO H 341 31.31 39.90 -14.11
CA PRO H 341 31.46 39.33 -12.77
C PRO H 341 30.53 38.16 -12.53
N ASP H 342 30.94 37.34 -11.56
CA ASP H 342 30.15 36.19 -11.15
C ASP H 342 29.29 36.54 -9.95
N LEU H 343 28.14 35.89 -9.87
CA LEU H 343 27.14 36.24 -8.87
C LEU H 343 27.58 35.77 -7.48
N LYS H 344 27.26 36.58 -6.48
CA LYS H 344 27.55 36.24 -5.10
C LYS H 344 26.26 36.33 -4.29
N GLU H 345 26.23 35.55 -3.20
CA GLU H 345 25.11 35.47 -2.25
C GLU H 345 23.81 35.08 -2.96
N LEU H 346 23.87 34.00 -3.73
CA LEU H 346 22.66 33.43 -4.32
C LEU H 346 21.81 32.78 -3.26
N VAL H 347 20.53 32.59 -3.59
CA VAL H 347 19.68 31.73 -2.78
C VAL H 347 20.20 30.30 -2.87
N SER H 348 20.35 29.65 -1.72
CA SER H 348 20.95 28.32 -1.67
C SER H 348 20.10 27.30 -2.40
N THR H 349 20.78 26.32 -3.01
CA THR H 349 20.10 25.38 -3.89
C THR H 349 19.19 24.43 -3.13
N GLU H 350 19.60 24.02 -1.93
CA GLU H 350 18.80 23.07 -1.17
C GLU H 350 17.51 23.71 -0.65
N ALA H 351 17.57 24.98 -0.29
CA ALA H 351 16.37 25.67 0.19
C ALA H 351 15.47 26.14 -0.94
N GLN H 352 15.84 25.93 -2.20
CA GLN H 352 15.02 26.30 -3.34
C GLN H 352 14.32 25.09 -3.97
N ILE H 353 14.99 23.95 -4.05
CA ILE H 353 14.32 22.75 -4.55
C ILE H 353 13.35 22.18 -3.51
N GLN H 354 13.58 22.45 -2.22
CA GLN H 354 12.59 22.10 -1.21
C GLN H 354 11.34 22.96 -1.31
N LYS H 355 11.48 24.20 -1.79
CA LYS H 355 10.34 25.06 -2.02
C LYS H 355 9.73 24.85 -3.39
N MET H 356 10.52 24.40 -4.36
CA MET H 356 9.99 24.08 -5.67
C MET H 356 9.31 22.73 -5.71
N SER H 357 9.61 21.84 -4.76
CA SER H 357 8.95 20.54 -4.74
C SER H 357 7.61 20.56 -4.00
N GLN H 358 7.38 21.57 -3.16
CA GLN H 358 6.10 21.70 -2.48
C GLN H 358 5.11 22.56 -3.24
N ASP H 359 5.58 23.44 -4.12
CA ASP H 359 4.67 24.18 -4.98
C ASP H 359 4.18 23.31 -6.13
N LEU H 360 5.02 22.43 -6.64
CA LEU H 360 4.62 21.57 -7.76
C LEU H 360 3.70 20.45 -7.33
N GLN H 361 3.80 20.01 -6.07
CA GLN H 361 2.98 18.93 -5.48
C GLN H 361 3.14 17.63 -6.27
N LEU H 362 4.37 17.12 -6.29
CA LEU H 362 4.68 15.97 -7.11
C LEU H 362 4.51 14.68 -6.31
N GLU H 363 3.82 13.71 -6.90
CA GLU H 363 3.39 12.49 -6.23
C GLU H 363 4.26 11.31 -6.63
N ALA H 364 4.47 10.41 -5.68
CA ALA H 364 5.43 9.33 -5.83
C ALA H 364 4.88 8.12 -6.55
N LEU H 365 3.73 8.22 -7.16
CA LEU H 365 3.19 7.03 -7.80
C LEU H 365 2.78 7.27 -9.24
N THR H 366 2.16 8.39 -9.56
CA THR H 366 1.81 8.73 -10.93
C THR H 366 3.00 9.40 -11.60
N ILE H 367 3.24 9.05 -12.86
CA ILE H 367 4.31 9.67 -13.62
C ILE H 367 3.73 10.85 -14.38
N GLN H 368 4.27 12.04 -14.13
CA GLN H 368 3.69 13.29 -14.61
C GLN H 368 4.80 14.18 -15.12
N SER H 369 4.39 15.26 -15.79
CA SER H 369 5.33 16.18 -16.43
C SER H 369 5.86 17.25 -15.49
N GLU H 370 5.51 17.20 -14.21
CA GLU H 370 6.02 18.14 -13.22
C GLU H 370 7.26 17.62 -12.51
N THR H 371 7.81 16.49 -12.96
CA THR H 371 9.05 16.01 -12.39
C THR H 371 10.24 16.66 -13.07
N GLN H 372 10.14 16.90 -14.37
CA GLN H 372 11.23 17.45 -15.14
C GLN H 372 11.33 18.96 -15.06
N PHE H 373 10.59 19.60 -14.17
CA PHE H 373 10.83 21.02 -13.89
C PHE H 373 12.06 21.20 -13.01
N LEU H 374 12.56 20.13 -12.42
CA LEU H 374 13.63 20.14 -11.43
C LEU H 374 14.99 19.84 -12.02
N THR H 375 15.09 19.60 -13.32
CA THR H 375 16.35 19.17 -13.90
C THR H 375 17.28 20.35 -14.11
N GLY H 376 18.58 20.09 -13.90
CA GLY H 376 19.62 20.99 -14.34
C GLY H 376 19.71 22.32 -13.65
N ILE H 377 19.13 22.50 -12.47
CA ILE H 377 19.30 23.73 -11.72
C ILE H 377 20.30 23.47 -10.59
N ASN H 378 21.24 24.39 -10.45
CA ASN H 378 22.32 24.37 -9.46
C ASN H 378 22.99 25.74 -9.49
N SER H 379 23.93 25.95 -8.57
CA SER H 379 24.58 27.23 -8.43
C SER H 379 25.63 27.51 -9.49
N GLN H 380 26.01 26.51 -10.28
CA GLN H 380 27.07 26.68 -11.27
C GLN H 380 26.53 27.02 -12.65
N ALA H 381 25.38 26.48 -13.02
CA ALA H 381 24.78 26.85 -14.30
C ALA H 381 23.98 28.15 -14.22
N ALA H 382 23.65 28.61 -13.00
CA ALA H 382 23.05 29.93 -12.87
C ALA H 382 24.09 31.01 -13.07
N ASN H 383 25.34 30.72 -12.76
CA ASN H 383 26.46 31.61 -12.95
C ASN H 383 26.95 31.61 -14.39
N ASP H 384 26.54 30.64 -15.18
CA ASP H 384 26.98 30.50 -16.56
C ASP H 384 26.04 31.15 -17.55
N CYS H 385 24.74 31.16 -17.28
CA CYS H 385 23.81 31.86 -18.15
C CYS H 385 24.00 33.37 -18.06
N PHE H 386 24.43 33.86 -16.90
CA PHE H 386 24.67 35.29 -16.75
C PHE H 386 25.89 35.74 -17.54
N LYS H 387 26.87 34.87 -17.72
CA LYS H 387 28.07 35.26 -18.45
C LYS H 387 27.86 35.21 -19.95
N THR H 388 27.26 34.13 -20.46
CA THR H 388 27.09 33.99 -21.91
C THR H 388 25.94 34.81 -22.46
N LEU H 389 25.24 35.59 -21.64
CA LEU H 389 24.29 36.59 -22.11
C LEU H 389 24.94 37.95 -22.26
N ILE H 390 25.81 38.32 -21.31
CA ILE H 390 26.51 39.59 -21.39
C ILE H 390 27.68 39.52 -22.36
N ALA H 391 28.42 38.41 -22.36
CA ALA H 391 29.62 38.32 -23.19
C ALA H 391 29.29 38.10 -24.65
N ALA H 392 28.14 37.50 -24.96
CA ALA H 392 27.74 37.39 -26.35
C ALA H 392 27.23 38.72 -26.90
N MET H 393 26.64 39.56 -26.03
CA MET H 393 26.09 40.83 -26.50
C MET H 393 27.20 41.83 -26.80
N LEU H 394 28.27 41.82 -26.01
CA LEU H 394 29.38 42.74 -26.25
C LEU H 394 30.23 42.34 -27.45
N SER H 395 30.18 41.08 -27.86
CA SER H 395 30.97 40.59 -28.97
C SER H 395 30.14 40.31 -30.21
N GLN H 396 28.81 40.38 -30.09
CA GLN H 396 27.85 40.14 -31.17
C GLN H 396 27.99 38.74 -31.76
N ARG H 397 28.31 37.77 -30.89
CA ARG H 397 28.25 36.37 -31.29
C ARG H 397 26.79 35.93 -31.38
N THR H 398 26.48 35.17 -32.42
CA THR H 398 25.15 34.61 -32.56
C THR H 398 24.96 33.50 -31.54
N MET H 399 23.80 33.50 -30.88
CA MET H 399 23.48 32.45 -29.92
C MET H 399 22.67 31.35 -30.58
N SER H 400 22.43 30.28 -29.82
CA SER H 400 21.68 29.14 -30.32
C SER H 400 21.04 28.44 -29.13
N LEU H 401 19.72 28.41 -29.09
CA LEU H 401 19.02 27.79 -27.98
C LEU H 401 19.08 26.27 -28.07
N ASP H 402 19.08 25.62 -26.91
CA ASP H 402 19.10 24.17 -26.83
C ASP H 402 18.22 23.72 -25.67
N PHE H 403 17.23 22.89 -25.97
CA PHE H 403 16.22 22.53 -24.99
C PHE H 403 15.52 21.26 -25.45
N VAL H 404 14.68 20.73 -24.57
CA VAL H 404 13.82 19.59 -24.86
C VAL H 404 12.38 20.06 -24.77
N THR H 405 11.55 19.65 -25.72
CA THR H 405 10.19 20.16 -25.79
C THR H 405 9.23 19.47 -24.82
N THR H 406 9.68 18.44 -24.12
CA THR H 406 8.87 17.77 -23.11
C THR H 406 9.06 18.37 -21.72
N ASN H 407 9.58 19.59 -21.64
CA ASN H 407 9.87 20.27 -20.39
C ASN H 407 9.17 21.62 -20.44
N TYR H 408 8.12 21.77 -19.64
CA TYR H 408 7.33 23.00 -19.69
C TYR H 408 7.90 24.10 -18.81
N MET H 409 9.07 23.91 -18.20
CA MET H 409 9.71 24.96 -17.43
C MET H 409 10.82 25.66 -18.19
N SER H 410 11.46 24.98 -19.14
CA SER H 410 12.38 25.66 -20.02
C SER H 410 11.67 26.41 -21.14
N LEU H 411 10.36 26.25 -21.25
CA LEU H 411 9.55 27.00 -22.19
C LEU H 411 8.90 28.22 -21.57
N ILE H 412 8.55 28.16 -20.28
CA ILE H 412 8.00 29.32 -19.60
C ILE H 412 9.10 30.31 -19.25
N SER H 413 10.23 29.82 -18.74
CA SER H 413 11.38 30.68 -18.54
C SER H 413 12.09 31.03 -19.84
N GLY H 414 11.73 30.38 -20.94
CA GLY H 414 12.15 30.83 -22.26
C GLY H 414 11.35 31.99 -22.80
N MET H 415 10.22 32.33 -22.17
CA MET H 415 9.50 33.55 -22.50
C MET H 415 10.16 34.79 -21.92
N TRP H 416 11.13 34.61 -21.02
CA TRP H 416 11.87 35.73 -20.45
C TRP H 416 13.09 36.10 -21.27
N LEU H 417 13.69 35.15 -22.00
CA LEU H 417 14.80 35.50 -22.90
C LEU H 417 14.31 36.33 -24.06
N LEU H 418 13.24 35.91 -24.72
CA LEU H 418 12.78 36.58 -25.93
C LEU H 418 12.20 37.95 -25.66
N THR H 419 11.84 38.25 -24.42
CA THR H 419 11.29 39.56 -24.10
C THR H 419 12.35 40.53 -23.60
N VAL H 420 13.58 40.06 -23.35
CA VAL H 420 14.68 40.90 -22.88
C VAL H 420 15.80 40.96 -23.91
N VAL H 421 16.29 39.80 -24.32
CA VAL H 421 17.32 39.73 -25.37
C VAL H 421 16.65 39.99 -26.72
N PRO H 422 17.22 40.84 -27.57
CA PRO H 422 16.60 41.11 -28.87
C PRO H 422 16.60 39.90 -29.80
N ASN H 423 15.55 39.81 -30.60
CA ASN H 423 15.30 38.62 -31.41
C ASN H 423 16.21 38.50 -32.63
N ASP H 424 16.93 39.56 -33.01
CA ASP H 424 17.84 39.46 -34.14
C ASP H 424 19.20 38.91 -33.76
N MET H 425 19.29 38.25 -32.60
CA MET H 425 20.53 37.72 -32.08
C MET H 425 20.59 36.21 -32.05
N PHE H 426 19.48 35.54 -31.75
CA PHE H 426 19.45 34.09 -31.86
C PHE H 426 19.38 33.69 -33.32
N ILE H 427 19.96 32.53 -33.63
CA ILE H 427 19.95 32.03 -35.01
C ILE H 427 18.54 31.60 -35.37
N ARG H 428 18.15 31.85 -36.62
CA ARG H 428 16.73 31.78 -36.97
C ARG H 428 16.21 30.35 -37.07
N GLU H 429 17.08 29.36 -37.24
CA GLU H 429 16.62 27.98 -37.22
C GLU H 429 16.33 27.50 -35.79
N SER H 430 16.81 28.23 -34.78
CA SER H 430 16.55 27.89 -33.38
C SER H 430 15.67 28.91 -32.67
N LEU H 431 15.50 30.11 -33.22
CA LEU H 431 14.54 31.05 -32.66
C LEU H 431 13.12 30.64 -33.00
N VAL H 432 12.91 30.15 -34.22
CA VAL H 432 11.58 29.75 -34.67
C VAL H 432 11.15 28.44 -34.00
N ALA H 433 12.08 27.51 -33.82
CA ALA H 433 11.77 26.23 -33.21
C ALA H 433 11.51 26.33 -31.71
N CYS H 434 11.82 27.45 -31.08
CA CYS H 434 11.46 27.71 -29.69
C CYS H 434 10.18 28.53 -29.57
N GLN H 435 9.95 29.48 -30.48
CA GLN H 435 8.71 30.22 -30.48
C GLN H 435 7.53 29.36 -30.89
N LEU H 436 7.77 28.31 -31.67
CA LEU H 436 6.70 27.38 -32.04
C LEU H 436 6.33 26.46 -30.88
N ALA H 437 7.28 26.17 -30.00
CA ALA H 437 6.98 25.34 -28.84
C ALA H 437 6.24 26.11 -27.76
N ILE H 438 6.41 27.43 -27.72
CA ILE H 438 5.63 28.24 -26.78
C ILE H 438 4.20 28.41 -27.29
N ILE H 439 4.04 28.54 -28.61
CA ILE H 439 2.73 28.81 -29.18
C ILE H 439 1.83 27.58 -29.09
N ASN H 440 2.34 26.42 -29.48
CA ASN H 440 1.53 25.22 -29.53
C ASN H 440 1.26 24.60 -28.16
N THR H 441 1.91 25.08 -27.10
CA THR H 441 1.77 24.47 -25.78
C THR H 441 1.18 25.41 -24.75
N ILE H 442 1.72 26.61 -24.60
CA ILE H 442 1.31 27.47 -23.50
C ILE H 442 0.06 28.28 -23.85
N ILE H 443 0.04 28.92 -25.00
CA ILE H 443 -0.86 30.04 -25.25
C ILE H 443 -2.01 29.67 -26.18
N TYR H 444 -1.77 28.89 -27.24
CA TYR H 444 -2.92 28.44 -28.03
C TYR H 444 -3.83 27.41 -27.35
N PRO H 445 -3.35 26.49 -26.51
CA PRO H 445 -4.32 25.74 -25.69
C PRO H 445 -4.97 26.56 -24.60
N ALA H 446 -4.40 27.70 -24.21
CA ALA H 446 -4.97 28.48 -23.12
C ALA H 446 -6.22 29.25 -23.55
N PHE H 447 -6.39 29.51 -24.84
CA PHE H 447 -7.58 30.17 -25.33
C PHE H 447 -8.51 29.24 -26.10
N GLY H 448 -8.06 28.04 -26.42
CA GLY H 448 -8.92 27.02 -26.98
C GLY H 448 -8.88 26.87 -28.47
N MET H 449 -8.15 27.73 -29.18
CA MET H 449 -8.13 27.64 -30.63
C MET H 449 -7.18 26.53 -31.09
N GLN H 450 -7.31 26.19 -32.38
CA GLN H 450 -6.56 25.07 -32.94
C GLN H 450 -5.10 25.44 -33.13
N ARG H 451 -4.21 24.50 -32.79
CA ARG H 451 -2.78 24.76 -32.84
C ARG H 451 -2.29 24.84 -34.29
N MET H 452 -1.31 25.71 -34.51
CA MET H 452 -0.95 26.11 -35.86
C MET H 452 -0.13 25.05 -36.57
N HIS H 453 -0.44 24.85 -37.85
CA HIS H 453 0.33 23.96 -38.72
C HIS H 453 1.32 24.84 -39.45
N TYR H 454 2.56 24.87 -38.96
CA TYR H 454 3.58 25.79 -39.42
C TYR H 454 4.59 25.03 -40.26
N ARG H 455 4.73 25.43 -41.51
CA ARG H 455 5.74 24.86 -42.40
C ARG H 455 6.98 25.73 -42.38
N ASN H 456 8.15 25.10 -42.48
CA ASN H 456 9.39 25.83 -42.40
C ASN H 456 9.65 26.62 -43.69
N GLY H 457 10.38 27.71 -43.56
CA GLY H 457 10.63 28.60 -44.67
C GLY H 457 9.65 29.74 -44.81
N ASP H 458 8.70 29.87 -43.88
CA ASP H 458 7.77 30.98 -43.91
C ASP H 458 8.50 32.29 -43.64
N PRO H 459 8.04 33.40 -44.22
CA PRO H 459 8.70 34.69 -43.96
C PRO H 459 8.44 35.26 -42.57
N GLN H 460 7.48 34.70 -41.83
CA GLN H 460 7.11 35.23 -40.52
C GLN H 460 7.36 34.19 -39.44
N THR H 461 7.93 34.65 -38.33
CA THR H 461 8.11 33.81 -37.16
C THR H 461 6.75 33.59 -36.49
N PRO H 462 6.58 32.50 -35.73
CA PRO H 462 5.26 32.23 -35.13
C PRO H 462 4.80 33.20 -34.05
N PHE H 463 5.64 34.14 -33.60
CA PHE H 463 5.14 35.23 -32.80
C PHE H 463 4.67 36.41 -33.66
N GLN H 464 5.09 36.47 -34.91
CA GLN H 464 4.63 37.50 -35.82
C GLN H 464 3.32 37.13 -36.50
N ILE H 465 2.97 35.85 -36.51
CA ILE H 465 1.74 35.38 -37.14
C ILE H 465 0.65 35.09 -36.10
N ALA H 466 0.98 35.07 -34.81
CA ALA H 466 -0.01 34.79 -33.79
C ALA H 466 -0.61 36.03 -33.16
N GLU H 467 0.05 37.18 -33.25
CA GLU H 467 -0.58 38.41 -32.74
C GLU H 467 -1.71 38.88 -33.64
N GLN H 468 -1.73 38.46 -34.91
CA GLN H 468 -2.84 38.77 -35.78
C GLN H 468 -4.05 37.88 -35.53
N GLN H 469 -3.80 36.63 -35.12
CA GLN H 469 -4.86 35.66 -34.94
C GLN H 469 -5.50 35.77 -33.57
N ILE H 470 -4.76 36.23 -32.57
CA ILE H 470 -5.26 36.24 -31.21
C ILE H 470 -6.08 37.50 -30.97
N GLN H 471 -6.98 37.43 -29.97
CA GLN H 471 -7.90 38.53 -29.73
C GLN H 471 -7.91 39.02 -28.29
N ASN H 472 -7.17 38.39 -27.39
CA ASN H 472 -6.98 38.96 -26.07
C ASN H 472 -6.08 40.19 -26.16
N PHE H 473 -6.25 41.11 -25.21
CA PHE H 473 -5.53 42.37 -25.31
C PHE H 473 -4.18 42.33 -24.60
N GLN H 474 -4.17 41.87 -23.34
CA GLN H 474 -2.97 41.96 -22.53
C GLN H 474 -1.92 40.93 -22.88
N VAL H 475 -2.26 39.92 -23.69
CA VAL H 475 -1.27 39.00 -24.23
C VAL H 475 -0.90 39.36 -25.67
N ALA H 476 -1.58 40.34 -26.26
CA ALA H 476 -1.16 40.90 -27.53
C ALA H 476 -0.33 42.15 -27.38
N ASN H 477 -0.16 42.67 -26.17
CA ASN H 477 0.82 43.72 -25.95
C ASN H 477 2.20 43.12 -25.70
N TRP H 478 2.26 41.97 -25.04
CA TRP H 478 3.54 41.30 -24.85
C TRP H 478 4.03 40.71 -26.17
N LEU H 479 3.12 40.11 -26.94
CA LEU H 479 3.46 39.47 -28.20
C LEU H 479 3.82 40.48 -29.28
N HIS H 480 3.56 41.77 -29.07
CA HIS H 480 4.01 42.81 -29.98
C HIS H 480 5.36 43.39 -29.56
N PHE H 481 5.68 43.36 -28.26
CA PHE H 481 6.98 43.84 -27.83
C PHE H 481 8.10 42.87 -28.20
N VAL H 482 7.79 41.57 -28.24
CA VAL H 482 8.79 40.58 -28.62
C VAL H 482 9.14 40.71 -30.09
N ASN H 483 8.17 41.05 -30.93
CA ASN H 483 8.42 41.16 -32.36
C ASN H 483 9.24 42.41 -32.70
N ASN H 484 8.95 43.52 -32.05
CA ASN H 484 9.60 44.79 -32.36
C ASN H 484 10.68 45.14 -31.35
N ASN H 485 11.42 44.14 -30.89
CA ASN H 485 12.56 44.34 -30.00
C ASN H 485 13.82 44.36 -30.85
N GLN H 486 14.52 45.50 -30.86
CA GLN H 486 15.72 45.65 -31.66
C GLN H 486 16.74 46.49 -30.89
N PHE H 487 18.00 46.30 -31.25
CA PHE H 487 19.05 47.20 -30.79
C PHE H 487 18.91 48.55 -31.49
N ARG H 488 19.50 49.57 -30.90
CA ARG H 488 19.44 50.93 -31.45
C ARG H 488 20.87 51.42 -31.66
N GLN H 489 21.26 51.55 -32.92
CA GLN H 489 22.64 51.91 -33.26
C GLN H 489 22.84 53.41 -33.06
N VAL H 490 23.57 53.78 -32.02
CA VAL H 490 23.92 55.17 -31.75
C VAL H 490 25.44 55.28 -31.67
N VAL H 491 25.95 56.45 -32.04
CA VAL H 491 27.39 56.70 -32.01
C VAL H 491 27.69 57.54 -30.77
N ILE H 492 28.36 56.92 -29.79
CA ILE H 492 28.71 57.58 -28.54
C ILE H 492 30.22 57.60 -28.42
N ASP H 493 30.78 58.81 -28.27
CA ASP H 493 32.22 59.06 -28.05
C ASP H 493 33.09 58.52 -29.18
N GLY H 494 32.58 58.53 -30.41
CA GLY H 494 33.34 58.08 -31.54
C GLY H 494 33.03 56.67 -32.00
N VAL H 495 32.79 55.76 -31.06
CA VAL H 495 32.54 54.36 -31.36
C VAL H 495 31.03 54.15 -31.47
N LEU H 496 30.61 53.44 -32.51
CA LEU H 496 29.19 53.11 -32.69
C LEU H 496 28.90 51.85 -31.89
N ASN H 497 28.05 51.97 -30.87
CA ASN H 497 27.67 50.82 -30.07
C ASN H 497 26.16 50.76 -29.93
N GLN H 498 25.67 49.55 -29.69
CA GLN H 498 24.24 49.25 -29.81
C GLN H 498 23.62 49.21 -28.42
N VAL H 499 22.84 50.23 -28.10
CA VAL H 499 22.22 50.32 -26.78
C VAL H 499 20.95 49.49 -26.75
N LEU H 500 20.51 49.16 -25.54
CA LEU H 500 19.29 48.41 -25.34
C LEU H 500 18.08 49.35 -25.39
N ASN H 501 16.90 48.78 -25.19
CA ASN H 501 15.68 49.59 -25.16
C ASN H 501 15.62 50.38 -23.85
N ASP H 502 14.69 51.34 -23.81
CA ASP H 502 14.51 52.14 -22.61
C ASP H 502 13.59 51.48 -21.59
N ASN H 503 12.89 50.42 -21.97
CA ASN H 503 12.08 49.66 -21.03
C ASN H 503 12.82 48.47 -20.45
N ILE H 504 13.81 47.95 -21.17
CA ILE H 504 14.60 46.84 -20.65
C ILE H 504 15.53 47.32 -19.54
N ARG H 505 16.04 48.54 -19.66
CA ARG H 505 16.90 49.10 -18.63
C ARG H 505 16.14 49.40 -17.34
N ASN H 506 14.85 49.74 -17.44
CA ASN H 506 14.05 50.01 -16.25
C ASN H 506 13.63 48.74 -15.54
N GLY H 507 13.50 47.65 -16.27
CA GLY H 507 12.83 46.48 -15.75
C GLY H 507 11.33 46.50 -15.92
N HIS H 508 10.79 47.45 -16.67
CA HIS H 508 9.35 47.55 -16.88
C HIS H 508 8.84 46.57 -17.93
N VAL H 509 9.71 45.83 -18.59
CA VAL H 509 9.28 44.80 -19.52
C VAL H 509 8.63 43.65 -18.78
N VAL H 510 9.16 43.31 -17.60
CA VAL H 510 8.65 42.20 -16.81
C VAL H 510 7.25 42.50 -16.29
N ASN H 511 6.94 43.77 -16.02
CA ASN H 511 5.58 44.13 -15.66
C ASN H 511 4.63 44.09 -16.85
N GLN H 512 5.14 44.09 -18.08
CA GLN H 512 4.33 43.81 -19.26
C GLN H 512 4.25 42.32 -19.56
N LEU H 513 5.16 41.52 -19.01
CA LEU H 513 5.11 40.08 -19.16
C LEU H 513 4.27 39.42 -18.07
N MET H 514 4.37 39.90 -16.84
CA MET H 514 3.61 39.35 -15.73
C MET H 514 2.18 39.87 -15.67
N GLU H 515 1.72 40.56 -16.71
CA GLU H 515 0.29 40.71 -16.98
C GLU H 515 -0.18 39.78 -18.07
N ALA H 516 0.74 39.28 -18.90
CA ALA H 516 0.38 38.33 -19.95
C ALA H 516 0.23 36.93 -19.40
N LEU H 517 1.23 36.43 -18.67
CA LEU H 517 1.13 35.09 -18.11
C LEU H 517 0.41 35.07 -16.78
N MET H 518 -0.03 36.22 -16.26
CA MET H 518 -1.00 36.21 -15.18
C MET H 518 -2.40 36.03 -15.71
N GLN H 519 -2.59 36.18 -17.01
CA GLN H 519 -3.87 35.96 -17.66
C GLN H 519 -3.98 34.57 -18.27
N LEU H 520 -2.87 33.96 -18.67
CA LEU H 520 -2.91 32.59 -19.14
C LEU H 520 -3.19 31.60 -18.01
N SER H 521 -2.91 31.97 -16.77
CA SER H 521 -3.25 31.15 -15.63
C SER H 521 -4.66 31.39 -15.11
N ARG H 522 -5.39 32.34 -15.70
CA ARG H 522 -6.76 32.60 -15.32
C ARG H 522 -7.77 31.98 -16.27
N GLN H 523 -7.40 31.75 -17.52
CA GLN H 523 -8.29 31.14 -18.48
C GLN H 523 -8.47 29.66 -18.18
N GLN H 524 -9.67 29.16 -18.47
CA GLN H 524 -9.88 27.72 -18.49
C GLN H 524 -9.37 27.17 -19.81
N PHE H 525 -8.90 25.92 -19.76
CA PHE H 525 -8.37 25.25 -20.93
C PHE H 525 -9.47 24.34 -21.47
N PRO H 526 -10.24 24.77 -22.48
CA PRO H 526 -11.50 24.07 -22.77
C PRO H 526 -11.33 22.74 -23.49
N THR H 527 -10.45 22.65 -24.47
CA THR H 527 -10.29 21.41 -25.22
C THR H 527 -9.33 20.43 -24.59
N MET H 528 -8.58 20.84 -23.59
CA MET H 528 -7.56 20.07 -22.92
C MET H 528 -8.13 19.35 -21.69
N PRO H 529 -7.54 18.23 -21.28
CA PRO H 529 -7.98 17.59 -20.04
C PRO H 529 -7.57 18.39 -18.82
N VAL H 530 -8.07 17.95 -17.66
CA VAL H 530 -7.88 18.71 -16.42
C VAL H 530 -6.46 18.61 -15.92
N ASP H 531 -5.78 17.49 -16.17
CA ASP H 531 -4.40 17.34 -15.74
C ASP H 531 -3.40 18.08 -16.63
N TYR H 532 -3.86 18.69 -17.73
CA TYR H 532 -3.01 19.56 -18.53
C TYR H 532 -3.16 21.01 -18.13
N LYS H 533 -4.33 21.40 -17.63
CA LYS H 533 -4.49 22.74 -17.08
C LYS H 533 -3.68 22.90 -15.81
N ARG H 534 -3.58 21.84 -15.01
CA ARG H 534 -2.92 21.93 -13.71
C ARG H 534 -1.40 21.87 -13.84
N SER H 535 -0.89 21.08 -14.78
CA SER H 535 0.55 20.91 -14.92
C SER H 535 1.21 22.03 -15.71
N ILE H 536 0.44 22.99 -16.22
CA ILE H 536 0.98 24.16 -16.87
C ILE H 536 0.66 25.44 -16.10
N GLN H 537 -0.24 25.36 -15.11
CA GLN H 537 -0.52 26.47 -14.21
C GLN H 537 0.39 26.45 -12.99
N ARG H 538 1.00 25.31 -12.68
CA ARG H 538 1.97 25.26 -11.59
C ARG H 538 3.33 25.76 -12.05
N GLY H 539 3.72 25.43 -13.29
CA GLY H 539 4.98 25.93 -13.81
C GLY H 539 4.97 27.41 -14.12
N ILE H 540 3.78 27.98 -14.35
CA ILE H 540 3.65 29.42 -14.58
C ILE H 540 3.60 30.19 -13.27
N LEU H 541 3.48 29.48 -12.15
CA LEU H 541 3.45 30.08 -10.82
C LEU H 541 4.82 30.22 -10.19
N LEU H 542 5.75 29.32 -10.52
CA LEU H 542 7.11 29.44 -10.01
C LEU H 542 7.82 30.66 -10.59
N LEU H 543 7.41 31.12 -11.76
CA LEU H 543 7.92 32.35 -12.34
C LEU H 543 7.17 33.57 -11.86
N SER H 544 5.90 33.42 -11.48
CA SER H 544 5.08 34.55 -11.08
C SER H 544 5.21 34.89 -9.60
N ASN H 545 5.88 34.06 -8.80
CA ASN H 545 6.26 34.47 -7.46
C ASN H 545 7.60 35.18 -7.42
N ARG H 546 8.32 35.20 -8.54
CA ARG H 546 9.60 35.89 -8.64
C ARG H 546 9.48 37.23 -9.35
N LEU H 547 8.30 37.85 -9.30
CA LEU H 547 8.12 39.14 -9.97
C LEU H 547 8.94 40.23 -9.31
N GLY H 548 9.16 40.14 -8.00
CA GLY H 548 10.06 41.08 -7.35
C GLY H 548 11.51 40.83 -7.69
N GLN H 549 11.88 39.57 -7.92
CA GLN H 549 13.27 39.22 -8.19
C GLN H 549 13.62 39.26 -9.68
N LEU H 550 12.63 39.28 -10.58
CA LEU H 550 12.93 39.34 -12.00
C LEU H 550 12.98 40.76 -12.54
N VAL H 551 12.33 41.72 -11.88
CA VAL H 551 12.56 43.11 -12.21
C VAL H 551 13.94 43.53 -11.74
N ASP H 552 14.41 42.96 -10.63
CA ASP H 552 15.77 43.21 -10.16
C ASP H 552 16.82 42.46 -10.96
N LEU H 553 16.44 41.48 -11.76
CA LEU H 553 17.38 40.75 -12.60
C LEU H 553 17.54 41.41 -13.97
N THR H 554 16.44 41.94 -14.53
CA THR H 554 16.53 42.67 -15.79
C THR H 554 17.29 43.98 -15.62
N ARG H 555 17.19 44.61 -14.45
CA ARG H 555 17.96 45.82 -14.17
C ARG H 555 19.44 45.54 -13.94
N LEU H 556 19.82 44.28 -13.73
CA LEU H 556 21.21 43.91 -13.48
C LEU H 556 21.93 43.45 -14.74
N LEU H 557 21.27 42.76 -15.66
CA LEU H 557 21.86 42.50 -16.96
C LEU H 557 22.02 43.77 -17.76
N ALA H 558 21.04 44.67 -17.67
CA ALA H 558 21.09 45.89 -18.45
C ALA H 558 22.05 46.92 -17.88
N TYR H 559 22.58 46.71 -16.68
CA TYR H 559 23.58 47.61 -16.13
C TYR H 559 25.00 47.10 -16.31
N ASN H 560 25.23 45.79 -16.16
CA ASN H 560 26.54 45.24 -16.44
C ASN H 560 26.85 45.18 -17.93
N TYR H 561 25.85 45.35 -18.78
CA TYR H 561 26.09 45.52 -20.20
C TYR H 561 26.38 46.97 -20.55
N GLU H 562 25.86 47.93 -19.76
CA GLU H 562 26.13 49.34 -20.01
C GLU H 562 27.53 49.74 -19.59
N THR H 563 28.00 49.24 -18.46
CA THR H 563 29.31 49.65 -17.96
C THR H 563 30.43 49.02 -18.77
N LEU H 564 30.27 47.76 -19.17
CA LEU H 564 31.29 47.09 -19.97
C LEU H 564 31.28 47.54 -21.41
N MET H 565 30.21 48.17 -21.89
CA MET H 565 30.20 48.69 -23.25
C MET H 565 30.99 49.98 -23.39
N ALA H 566 31.23 50.68 -22.28
CA ALA H 566 32.06 51.88 -22.34
C ALA H 566 33.54 51.57 -22.47
N CYS H 567 33.94 50.32 -22.21
CA CYS H 567 35.34 49.93 -22.21
C CYS H 567 35.79 49.34 -23.53
N ILE H 568 34.98 49.43 -24.58
CA ILE H 568 35.39 48.98 -25.90
C ILE H 568 35.82 50.20 -26.71
N THR H 569 36.64 49.96 -27.72
CA THR H 569 37.09 51.02 -28.61
C THR H 569 36.82 50.68 -30.06
N MET H 570 36.86 49.39 -30.39
CA MET H 570 36.57 48.97 -31.74
C MET H 570 35.07 49.04 -32.01
N ASN H 571 34.74 49.29 -33.27
CA ASN H 571 33.34 49.43 -33.67
C ASN H 571 32.65 48.07 -33.65
N MET H 572 31.51 47.98 -32.95
CA MET H 572 30.76 46.74 -32.90
C MET H 572 29.68 46.73 -33.98
N GLN H 573 29.78 45.78 -34.90
CA GLN H 573 28.85 45.62 -35.99
C GLN H 573 27.94 44.43 -35.74
N HIS H 574 26.81 44.42 -36.43
CA HIS H 574 25.77 43.42 -36.21
C HIS H 574 25.66 42.53 -37.45
N VAL H 575 26.47 41.48 -37.48
CA VAL H 575 26.51 40.54 -38.60
C VAL H 575 26.41 39.13 -38.02
N GLN H 576 25.54 38.31 -38.62
CA GLN H 576 25.43 36.91 -38.26
C GLN H 576 26.73 36.17 -38.57
N THR H 577 27.29 35.50 -37.57
CA THR H 577 28.55 34.78 -37.72
C THR H 577 28.27 33.34 -38.11
N LEU H 578 29.33 32.65 -38.56
CA LEU H 578 29.24 31.23 -38.90
C LEU H 578 28.94 30.36 -37.70
N THR H 579 29.87 30.28 -36.75
CA THR H 579 29.74 29.38 -35.62
C THR H 579 29.04 30.09 -34.47
N THR H 580 27.91 29.53 -34.05
CA THR H 580 27.10 30.11 -32.99
C THR H 580 27.48 29.49 -31.66
N GLU H 581 27.54 30.33 -30.62
CA GLU H 581 27.91 29.86 -29.29
C GLU H 581 26.65 29.45 -28.53
N LYS H 582 26.63 28.21 -28.09
CA LYS H 582 25.44 27.54 -27.58
C LYS H 582 25.00 28.14 -26.25
N LEU H 583 23.69 28.07 -25.98
CA LEU H 583 23.13 28.49 -24.71
C LEU H 583 22.06 27.47 -24.33
N GLN H 584 22.31 26.70 -23.27
CA GLN H 584 21.31 25.75 -22.80
C GLN H 584 20.16 26.50 -22.15
N LEU H 585 18.93 26.17 -22.56
CA LEU H 585 17.76 26.84 -22.02
C LEU H 585 17.38 26.35 -20.63
N THR H 586 18.01 25.28 -20.15
CA THR H 586 17.80 24.86 -18.77
C THR H 586 18.53 25.77 -17.79
N SER H 587 19.68 26.32 -18.19
CA SER H 587 20.41 27.23 -17.33
C SER H 587 19.81 28.62 -17.29
N VAL H 588 18.85 28.93 -18.17
CA VAL H 588 18.08 30.16 -18.01
C VAL H 588 17.09 29.99 -16.86
N THR H 589 16.46 28.82 -16.77
CA THR H 589 15.56 28.51 -15.67
C THR H 589 16.30 28.50 -14.34
N SER H 590 17.54 28.03 -14.34
CA SER H 590 18.33 28.01 -13.12
C SER H 590 18.78 29.40 -12.67
N LEU H 591 18.68 30.42 -13.52
CA LEU H 591 19.05 31.77 -13.12
C LEU H 591 17.89 32.54 -12.55
N CYS H 592 16.68 32.39 -13.12
CA CYS H 592 15.55 33.21 -12.70
C CYS H 592 15.03 32.85 -11.32
N MET H 593 15.22 31.61 -10.88
CA MET H 593 14.76 31.21 -9.55
C MET H 593 15.91 30.78 -8.67
N LEU H 594 17.04 31.48 -8.76
CA LEU H 594 18.10 31.25 -7.80
C LEU H 594 18.76 32.54 -7.33
N ILE H 595 18.54 33.67 -8.00
CA ILE H 595 19.17 34.94 -7.66
C ILE H 595 18.31 35.68 -6.64
N GLY H 596 18.94 36.35 -5.69
CA GLY H 596 18.20 37.23 -4.82
C GLY H 596 19.03 38.16 -3.96
N ASN H 597 18.70 39.46 -4.01
CA ASN H 597 19.04 40.46 -2.98
C ASN H 597 20.54 40.66 -2.82
N ALA H 598 21.27 40.66 -3.93
CA ALA H 598 22.72 40.86 -3.87
C ALA H 598 23.18 41.48 -5.18
N THR H 599 23.38 42.79 -5.18
CA THR H 599 23.86 43.50 -6.36
C THR H 599 25.34 43.24 -6.53
N VAL H 600 25.74 42.83 -7.73
CA VAL H 600 27.14 42.75 -8.10
C VAL H 600 27.38 43.67 -9.28
N ILE H 601 28.38 44.55 -9.15
CA ILE H 601 28.75 45.48 -10.21
C ILE H 601 30.22 45.22 -10.50
N PRO H 602 30.72 45.47 -11.71
CA PRO H 602 32.10 45.10 -12.03
C PRO H 602 33.10 46.04 -11.37
N SER H 603 34.13 45.47 -10.77
CA SER H 603 35.10 46.23 -10.01
C SER H 603 35.96 47.08 -10.95
N PRO H 604 36.40 48.27 -10.50
CA PRO H 604 37.16 49.15 -11.40
C PRO H 604 38.56 48.67 -11.73
N GLN H 605 39.08 47.66 -11.04
CA GLN H 605 40.35 47.09 -11.43
C GLN H 605 40.25 46.13 -12.60
N THR H 606 39.03 45.76 -13.02
CA THR H 606 38.81 45.00 -14.23
C THR H 606 38.15 45.82 -15.33
N LEU H 607 37.75 47.06 -15.05
CA LEU H 607 37.37 47.97 -16.12
C LEU H 607 38.56 48.66 -16.73
N PHE H 608 39.64 48.85 -15.97
CA PHE H 608 40.85 49.43 -16.52
C PHE H 608 41.74 48.37 -17.16
N HIS H 609 41.42 47.09 -16.98
CA HIS H 609 42.10 46.00 -17.65
C HIS H 609 41.36 45.52 -18.88
N TYR H 610 40.03 45.55 -18.87
CA TYR H 610 39.27 45.32 -20.10
C TYR H 610 39.40 46.48 -21.07
N TYR H 611 39.76 47.67 -20.58
CA TYR H 611 39.98 48.79 -21.48
C TYR H 611 41.38 48.75 -22.07
N ASN H 612 42.38 48.34 -21.28
CA ASN H 612 43.76 48.36 -21.75
C ASN H 612 44.05 47.24 -22.75
N VAL H 613 43.24 46.18 -22.77
CA VAL H 613 43.40 45.18 -23.81
C VAL H 613 42.71 45.61 -25.09
N ASN H 614 41.58 46.30 -24.97
CA ASN H 614 40.85 46.74 -26.16
C ASN H 614 41.53 47.93 -26.84
N VAL H 615 42.44 48.61 -26.17
CA VAL H 615 43.22 49.65 -26.83
C VAL H 615 44.51 49.05 -27.41
N ASN H 616 45.10 48.07 -26.74
CA ASN H 616 46.33 47.44 -27.24
C ASN H 616 46.08 46.63 -28.50
N PHE H 617 44.92 46.00 -28.63
CA PHE H 617 44.62 45.28 -29.87
C PHE H 617 44.22 46.23 -30.97
N HIS H 618 43.52 47.31 -30.64
CA HIS H 618 43.07 48.25 -31.67
C HIS H 618 44.20 49.13 -32.17
N SER H 619 45.13 49.50 -31.31
CA SER H 619 46.28 50.28 -31.77
C SER H 619 47.36 49.41 -32.38
N ASN H 620 47.25 48.09 -32.28
CA ASN H 620 48.11 47.20 -33.04
C ASN H 620 47.52 46.85 -34.40
N TYR H 621 46.20 46.77 -34.48
CA TYR H 621 45.54 46.49 -35.74
C TYR H 621 45.63 47.68 -36.69
N ASN H 622 45.65 48.90 -36.15
CA ASN H 622 45.71 50.10 -36.97
C ASN H 622 47.11 50.52 -37.35
N GLU H 623 48.14 49.96 -36.70
CA GLU H 623 49.51 50.24 -37.08
C GLU H 623 50.15 49.10 -37.84
N ARG H 624 49.41 48.02 -38.11
CA ARG H 624 49.82 47.04 -39.09
C ARG H 624 49.14 47.24 -40.43
N ILE H 625 48.08 48.05 -40.48
CA ILE H 625 47.55 48.49 -41.76
C ILE H 625 48.54 49.43 -42.44
N ASN H 626 48.99 50.46 -41.70
CA ASN H 626 49.87 51.48 -42.26
C ASN H 626 51.26 50.94 -42.60
N ASP H 627 51.68 49.85 -41.97
CA ASP H 627 52.94 49.22 -42.35
C ASP H 627 52.83 48.43 -43.65
N ALA H 628 51.61 48.07 -44.07
CA ALA H 628 51.41 47.29 -45.28
C ALA H 628 50.84 48.09 -46.43
N VAL H 629 50.08 49.15 -46.17
CA VAL H 629 49.63 50.04 -47.23
C VAL H 629 50.81 50.81 -47.79
N ALA H 630 51.76 51.17 -46.94
CA ALA H 630 52.92 51.95 -47.37
C ALA H 630 53.97 51.14 -48.10
N ILE H 631 53.78 49.83 -48.26
CA ILE H 631 54.64 49.02 -49.11
C ILE H 631 53.88 48.47 -50.32
N ILE H 632 52.58 48.24 -50.21
CA ILE H 632 51.76 47.92 -51.37
C ILE H 632 51.71 49.10 -52.33
N THR H 633 51.65 50.31 -51.80
CA THR H 633 51.69 51.50 -52.64
C THR H 633 53.10 51.82 -53.10
N ALA H 634 54.13 51.54 -52.28
CA ALA H 634 55.49 51.84 -52.69
C ALA H 634 56.04 50.84 -53.69
N ALA H 635 55.43 49.68 -53.83
CA ALA H 635 55.84 48.71 -54.84
C ALA H 635 55.01 48.83 -56.11
N ASN H 636 54.17 49.86 -56.21
CA ASN H 636 53.51 50.23 -57.46
C ASN H 636 53.97 51.56 -57.99
N ARG H 637 54.40 52.47 -57.11
CA ARG H 637 55.01 53.71 -57.55
C ARG H 637 56.40 53.48 -58.11
N LEU H 638 57.10 52.46 -57.59
CA LEU H 638 58.43 52.11 -58.05
C LEU H 638 58.42 51.17 -59.25
N ASN H 639 57.23 50.75 -59.69
CA ASN H 639 57.02 49.89 -60.87
C ASN H 639 57.77 48.57 -60.75
N LEU H 640 57.39 47.77 -59.77
CA LEU H 640 57.94 46.43 -59.58
C LEU H 640 56.91 45.45 -60.12
N TYR H 641 56.98 45.19 -61.42
CA TYR H 641 55.98 44.38 -62.12
C TYR H 641 56.19 42.90 -61.96
N GLN H 642 57.33 42.47 -61.44
CA GLN H 642 57.66 41.05 -61.31
C GLN H 642 57.40 40.56 -59.89
N LYS H 643 57.08 41.45 -58.96
CA LYS H 643 56.84 41.11 -57.58
C LYS H 643 55.39 40.67 -57.37
N LYS H 644 55.21 39.72 -56.46
CA LYS H 644 53.88 39.28 -56.05
C LYS H 644 53.66 39.62 -54.58
N MET H 645 52.49 40.15 -54.27
CA MET H 645 52.20 40.74 -52.97
C MET H 645 51.54 39.75 -52.01
N LYS H 646 51.90 38.47 -52.07
CA LYS H 646 51.39 37.55 -51.06
C LYS H 646 52.24 37.60 -49.79
N SER H 647 53.55 37.80 -49.94
CA SER H 647 54.46 37.74 -48.81
C SER H 647 54.43 38.97 -47.93
N ILE H 648 53.65 39.99 -48.28
CA ILE H 648 53.48 41.16 -47.42
C ILE H 648 52.08 41.28 -46.88
N VAL H 649 51.17 40.38 -47.25
CA VAL H 649 49.88 40.26 -46.57
C VAL H 649 49.98 39.06 -45.64
N GLU H 650 50.86 38.11 -45.97
CA GLU H 650 51.07 36.96 -45.10
C GLU H 650 51.80 37.35 -43.81
N ASP H 651 52.57 38.44 -43.83
CA ASP H 651 53.19 38.97 -42.62
C ASP H 651 52.31 39.98 -41.91
N PHE H 652 51.19 40.37 -42.52
CA PHE H 652 50.21 41.23 -41.86
C PHE H 652 49.18 40.43 -41.10
N LEU H 653 48.78 39.26 -41.62
CA LEU H 653 47.92 38.36 -40.84
C LEU H 653 48.67 37.70 -39.71
N LYS H 654 49.99 37.51 -39.87
CA LYS H 654 50.76 36.82 -38.86
C LYS H 654 51.11 37.73 -37.70
N ARG H 655 51.43 39.00 -37.97
CA ARG H 655 51.82 39.91 -36.90
C ARG H 655 50.62 40.33 -36.06
N LEU H 656 49.42 40.35 -36.64
CA LEU H 656 48.21 40.28 -35.83
C LEU H 656 48.20 38.92 -35.15
N GLN H 657 48.18 38.91 -33.83
CA GLN H 657 48.51 37.70 -33.09
C GLN H 657 47.39 36.67 -33.09
N ILE H 658 46.15 37.07 -33.38
CA ILE H 658 45.01 36.18 -33.13
C ILE H 658 44.68 35.27 -34.30
N PHE H 659 45.30 35.46 -35.46
CA PHE H 659 44.96 34.70 -36.65
C PHE H 659 45.91 33.53 -36.85
N ASP H 660 45.48 32.59 -37.68
CA ASP H 660 46.30 31.47 -38.11
C ASP H 660 46.47 31.52 -39.62
N ILE H 661 47.62 31.04 -40.09
CA ILE H 661 47.97 31.16 -41.50
C ILE H 661 47.74 29.86 -42.27
N SER H 662 47.76 28.72 -41.59
CA SER H 662 47.52 27.44 -42.26
C SER H 662 46.06 27.24 -42.65
N ARG H 663 45.15 28.11 -42.21
CA ARG H 663 43.75 28.03 -42.56
C ARG H 663 43.36 28.97 -43.69
N VAL H 664 43.97 30.16 -43.74
CA VAL H 664 43.62 31.18 -44.72
C VAL H 664 44.21 30.80 -46.08
N PRO H 665 43.39 30.60 -47.11
CA PRO H 665 43.93 30.22 -48.42
C PRO H 665 44.50 31.40 -49.19
N ASP H 666 44.89 31.16 -50.45
CA ASP H 666 45.45 32.23 -51.27
C ASP H 666 44.40 33.16 -51.84
N ASP H 667 43.15 32.73 -51.91
CA ASP H 667 42.09 33.57 -52.46
C ASP H 667 41.72 34.70 -51.52
N GLN H 668 41.90 34.48 -50.22
CA GLN H 668 41.54 35.45 -49.20
C GLN H 668 42.69 36.37 -48.85
N MET H 669 43.76 36.34 -49.63
CA MET H 669 44.94 37.16 -49.39
C MET H 669 45.25 38.10 -50.53
N TYR H 670 45.03 37.67 -51.78
CA TYR H 670 45.13 38.55 -52.94
C TYR H 670 43.87 39.35 -53.16
N ARG H 671 42.83 39.10 -52.37
CA ARG H 671 41.62 39.90 -52.36
C ARG H 671 41.59 40.85 -51.17
N LEU H 672 42.30 40.50 -50.10
CA LEU H 672 42.50 41.42 -48.99
C LEU H 672 43.42 42.57 -49.39
N ARG H 673 44.35 42.35 -50.32
CA ARG H 673 45.17 43.44 -50.82
C ARG H 673 44.47 44.25 -51.89
N ASP H 674 43.28 43.84 -52.33
CA ASP H 674 42.46 44.72 -53.15
C ASP H 674 41.82 45.82 -52.32
N ARG H 675 41.75 45.64 -51.01
CA ARG H 675 41.27 46.68 -50.11
C ARG H 675 42.40 47.53 -49.53
N LEU H 676 43.58 46.95 -49.33
CA LEU H 676 44.72 47.72 -48.83
C LEU H 676 45.34 48.62 -49.89
N ARG H 677 44.93 48.53 -51.15
CA ARG H 677 45.50 49.39 -52.17
C ARG H 677 44.80 50.74 -52.26
N LEU H 678 43.51 50.81 -51.93
CA LEU H 678 42.74 52.04 -52.06
C LEU H 678 42.90 52.98 -50.87
N LEU H 679 43.47 52.52 -49.77
CA LEU H 679 43.63 53.34 -48.57
C LEU H 679 44.75 54.36 -48.76
N PRO H 680 44.63 55.53 -48.13
CA PRO H 680 45.71 56.51 -48.20
C PRO H 680 46.84 56.17 -47.24
N VAL H 681 48.05 56.52 -47.67
CA VAL H 681 49.24 56.30 -46.85
C VAL H 681 49.26 57.32 -45.72
N GLU H 682 49.59 56.86 -44.51
CA GLU H 682 49.68 57.74 -43.34
C GLU H 682 50.77 58.78 -43.56
N ILE H 683 50.50 60.01 -43.11
CA ILE H 683 51.27 61.19 -43.52
C ILE H 683 52.68 61.21 -42.95
N ARG H 684 53.02 60.34 -42.00
CA ARG H 684 54.42 60.21 -41.61
C ARG H 684 55.19 59.25 -42.49
N ARG H 685 54.50 58.36 -43.21
CA ARG H 685 55.14 57.46 -44.15
C ARG H 685 55.17 58.00 -45.57
N LEU H 686 54.38 59.03 -45.86
CA LEU H 686 54.33 59.55 -47.23
C LEU H 686 55.46 60.54 -47.50
N ASP H 687 55.77 61.41 -46.55
CA ASP H 687 56.87 62.35 -46.75
C ASP H 687 58.23 61.69 -46.60
N ILE H 688 58.31 60.51 -45.99
CA ILE H 688 59.58 59.79 -45.94
C ILE H 688 59.79 58.96 -47.19
N PHE H 689 58.76 58.80 -48.03
CA PHE H 689 58.90 58.17 -49.34
C PHE H 689 59.08 59.20 -50.46
N ASN H 690 58.41 60.35 -50.36
CA ASN H 690 58.64 61.42 -51.32
C ASN H 690 60.00 62.06 -51.15
N LEU H 691 60.66 61.85 -50.01
CA LEU H 691 62.03 62.28 -49.81
C LEU H 691 63.03 61.30 -50.40
N ILE H 692 62.64 60.04 -50.58
CA ILE H 692 63.49 59.08 -51.28
C ILE H 692 63.30 59.20 -52.79
N LEU H 693 62.04 59.26 -53.22
CA LEU H 693 61.69 59.31 -54.63
C LEU H 693 62.12 60.61 -55.30
N MET H 694 62.34 61.68 -54.52
CA MET H 694 62.85 62.92 -55.08
C MET H 694 64.31 62.78 -55.49
N ASN H 695 65.12 62.14 -54.65
CA ASN H 695 66.55 62.01 -54.92
C ASN H 695 66.99 60.55 -54.85
N MET H 696 66.24 59.67 -55.51
CA MET H 696 66.70 58.30 -55.71
C MET H 696 67.60 58.16 -56.93
N GLU H 697 67.68 59.18 -57.77
CA GLU H 697 68.61 59.18 -58.89
C GLU H 697 69.89 59.92 -58.58
N GLN H 698 70.00 60.55 -57.42
CA GLN H 698 71.25 61.13 -56.96
C GLN H 698 72.03 60.17 -56.09
N ILE H 699 71.34 59.27 -55.38
CA ILE H 699 72.03 58.24 -54.60
C ILE H 699 72.65 57.20 -55.53
N GLU H 700 71.92 56.82 -56.58
CA GLU H 700 72.41 55.80 -57.51
C GLU H 700 73.57 56.32 -58.35
N ARG H 701 73.47 57.57 -58.82
CA ARG H 701 74.45 58.09 -59.77
C ARG H 701 75.79 58.43 -59.14
N ALA H 702 75.83 58.67 -57.82
CA ALA H 702 77.09 59.04 -57.18
C ALA H 702 77.79 57.83 -56.57
N SER H 703 77.91 56.75 -57.33
CA SER H 703 78.45 55.50 -56.82
C SER H 703 79.41 54.89 -57.83
N ASP H 704 80.43 54.23 -57.31
CA ASP H 704 81.27 53.39 -58.15
C ASP H 704 80.60 52.04 -58.37
N LYS H 705 81.29 51.16 -59.09
CA LYS H 705 80.88 49.79 -59.45
C LYS H 705 79.54 49.72 -60.19
N ILE H 706 79.05 50.83 -60.72
CA ILE H 706 77.83 50.88 -61.51
C ILE H 706 77.90 52.10 -62.41
N ALA H 707 77.47 51.92 -63.65
CA ALA H 707 77.43 53.02 -64.61
C ALA H 707 76.11 52.94 -65.35
N GLN H 708 75.58 54.10 -65.72
CA GLN H 708 74.24 54.16 -66.30
C GLN H 708 74.26 54.06 -67.81
N GLY H 709 74.97 53.07 -68.33
CA GLY H 709 74.98 52.80 -69.75
C GLY H 709 76.22 53.34 -70.44
N VAL H 710 76.48 52.79 -71.63
CA VAL H 710 77.63 53.15 -72.44
C VAL H 710 77.13 53.56 -73.82
N ILE H 711 77.72 54.61 -74.38
CA ILE H 711 77.36 55.08 -75.71
C ILE H 711 78.47 54.74 -76.67
N ILE H 712 78.11 54.53 -77.94
CA ILE H 712 79.04 54.16 -79.00
C ILE H 712 78.94 55.20 -80.10
N ALA H 713 80.08 55.60 -80.65
CA ALA H 713 80.08 56.75 -81.55
C ALA H 713 80.68 56.46 -82.92
N TYR H 714 81.69 55.59 -82.97
CA TYR H 714 82.47 55.27 -84.17
C TYR H 714 83.12 56.50 -84.78
N ARG H 715 83.54 57.45 -83.94
CA ARG H 715 84.28 58.62 -84.38
C ARG H 715 85.18 59.05 -83.24
N ASP H 716 86.29 59.71 -83.60
CA ASP H 716 87.30 60.07 -82.62
C ASP H 716 86.87 61.34 -81.89
N MET H 717 86.12 61.16 -80.80
CA MET H 717 85.67 62.27 -79.98
C MET H 717 86.60 62.44 -78.78
N GLN H 718 86.97 63.69 -78.51
CA GLN H 718 87.91 64.01 -77.44
C GLN H 718 87.29 63.74 -76.08
N LEU H 719 88.05 63.08 -75.20
CA LEU H 719 87.57 62.75 -73.87
C LEU H 719 87.94 63.87 -72.91
N GLU H 720 86.98 64.25 -72.07
CA GLU H 720 87.05 65.48 -71.30
C GLU H 720 87.99 65.35 -70.13
N ARG H 721 88.42 66.49 -69.60
CA ARG H 721 89.36 66.54 -68.50
C ARG H 721 88.64 66.87 -67.20
N ASP H 722 89.05 66.23 -66.12
CA ASP H 722 88.47 66.44 -64.81
C ASP H 722 89.58 66.62 -63.78
N GLU H 723 89.22 67.22 -62.65
CA GLU H 723 90.21 67.50 -61.61
C GLU H 723 90.50 66.30 -60.75
N MET H 724 89.64 65.29 -60.74
CA MET H 724 89.84 64.11 -59.91
C MET H 724 90.21 62.86 -60.69
N TYR H 725 89.89 62.81 -61.98
CA TYR H 725 90.22 61.68 -62.83
C TYR H 725 91.37 61.96 -63.79
N GLY H 726 91.74 63.22 -63.99
CA GLY H 726 92.74 63.53 -64.99
C GLY H 726 92.15 63.62 -66.37
N TYR H 727 92.29 62.56 -67.16
CA TYR H 727 91.70 62.46 -68.48
C TYR H 727 90.80 61.23 -68.50
N VAL H 728 89.49 61.43 -68.64
CA VAL H 728 88.53 60.34 -68.53
C VAL H 728 87.50 60.49 -69.64
N ASN H 729 87.01 59.37 -70.18
CA ASN H 729 85.93 59.41 -71.15
C ASN H 729 84.60 59.28 -70.42
N ILE H 730 83.95 60.41 -70.17
CA ILE H 730 82.69 60.46 -69.47
C ILE H 730 81.74 61.35 -70.24
N ALA H 731 80.58 60.82 -70.58
CA ALA H 731 79.49 61.61 -71.16
C ALA H 731 78.54 61.96 -70.04
N ARG H 732 78.45 63.25 -69.71
CA ARG H 732 77.61 63.66 -68.60
C ARG H 732 76.14 63.70 -69.01
N ASN H 733 75.85 64.14 -70.24
CA ASN H 733 74.50 64.11 -70.78
C ASN H 733 74.47 63.19 -71.99
N LEU H 734 73.33 62.56 -72.20
CA LEU H 734 73.16 61.55 -73.24
C LEU H 734 72.16 62.11 -74.25
N ASP H 735 72.68 62.81 -75.26
CA ASP H 735 71.84 63.44 -76.26
C ASP H 735 72.48 63.33 -77.63
N GLY H 736 71.65 63.34 -78.67
CA GLY H 736 72.14 63.14 -80.02
C GLY H 736 72.40 61.70 -80.38
N PHE H 737 71.88 60.75 -79.60
CA PHE H 737 72.14 59.33 -79.81
C PHE H 737 70.85 58.56 -79.60
N GLN H 738 70.55 57.63 -80.51
CA GLN H 738 69.34 56.82 -80.43
C GLN H 738 69.48 55.80 -79.31
N GLN H 739 68.69 55.95 -78.26
CA GLN H 739 68.82 55.11 -77.08
C GLN H 739 68.19 53.74 -77.31
N ILE H 740 68.79 52.73 -76.68
CA ILE H 740 68.22 51.39 -76.57
C ILE H 740 68.39 50.98 -75.11
N ASN H 741 67.28 50.85 -74.39
CA ASN H 741 67.40 50.48 -72.99
C ASN H 741 67.46 48.96 -72.85
N LEU H 742 68.10 48.51 -71.77
CA LEU H 742 68.41 47.11 -71.59
C LEU H 742 67.42 46.36 -70.71
N GLU H 743 66.58 47.06 -69.94
CA GLU H 743 65.59 46.37 -69.13
C GLU H 743 64.48 45.79 -70.00
N GLU H 744 64.10 46.52 -71.05
CA GLU H 744 63.13 45.98 -72.01
C GLU H 744 63.77 44.91 -72.89
N LEU H 745 65.07 45.04 -73.17
CA LEU H 745 65.75 44.05 -74.00
C LEU H 745 65.97 42.73 -73.26
N MET H 746 66.21 42.80 -71.96
CA MET H 746 66.38 41.59 -71.17
C MET H 746 65.05 40.92 -70.83
N ARG H 747 63.95 41.66 -70.87
CA ARG H 747 62.66 41.07 -70.54
C ARG H 747 62.11 40.28 -71.73
N THR H 748 62.00 40.91 -72.90
CA THR H 748 61.39 40.26 -74.05
C THR H 748 62.35 39.33 -74.78
N GLY H 749 63.63 39.68 -74.84
CA GLY H 749 64.59 38.83 -75.51
C GLY H 749 64.67 38.99 -77.01
N ASP H 750 64.08 40.06 -77.55
CA ASP H 750 64.14 40.31 -78.99
C ASP H 750 65.42 41.07 -79.30
N TYR H 751 66.47 40.33 -79.64
CA TYR H 751 67.78 40.91 -79.93
C TYR H 751 67.97 41.21 -81.41
N ALA H 752 66.90 41.50 -82.13
CA ALA H 752 67.03 41.78 -83.56
C ALA H 752 67.25 43.25 -83.87
N GLN H 753 67.02 44.14 -82.92
CA GLN H 753 67.33 45.54 -83.14
C GLN H 753 68.79 45.84 -82.84
N ILE H 754 69.34 45.21 -81.81
CA ILE H 754 70.73 45.46 -81.41
C ILE H 754 71.73 44.63 -82.18
N THR H 755 71.30 43.57 -82.88
CA THR H 755 72.25 42.82 -83.69
C THR H 755 72.48 43.50 -85.02
N ASN H 756 71.44 44.05 -85.63
CA ASN H 756 71.59 44.78 -86.89
C ASN H 756 72.16 46.17 -86.72
N MET H 757 72.37 46.63 -85.48
CA MET H 757 72.95 47.93 -85.22
C MET H 757 74.42 47.85 -84.81
N LEU H 758 74.89 46.68 -84.37
CA LEU H 758 76.32 46.48 -84.14
C LEU H 758 77.05 46.09 -85.40
N LEU H 759 76.39 45.36 -86.31
CA LEU H 759 77.04 44.93 -87.53
C LEU H 759 77.10 46.03 -88.58
N ASN H 760 76.15 46.96 -88.54
CA ASN H 760 76.04 47.99 -89.57
C ASN H 760 76.77 49.27 -89.21
N ASN H 761 77.46 49.31 -88.06
CA ASN H 761 78.24 50.46 -87.59
C ASN H 761 77.37 51.72 -87.46
N GLN H 762 76.40 51.65 -86.56
CA GLN H 762 75.54 52.80 -86.30
C GLN H 762 75.74 53.29 -84.87
N PRO H 763 75.63 54.60 -84.63
CA PRO H 763 75.79 55.12 -83.27
C PRO H 763 74.59 54.76 -82.39
N VAL H 764 74.86 54.04 -81.31
CA VAL H 764 73.84 53.63 -80.35
C VAL H 764 74.20 54.26 -79.01
N ALA H 765 73.25 54.26 -78.08
CA ALA H 765 73.51 54.64 -76.69
C ALA H 765 72.73 53.67 -75.82
N LEU H 766 73.39 52.60 -75.39
CA LEU H 766 72.78 51.62 -74.49
C LEU H 766 72.56 52.27 -73.14
N VAL H 767 71.37 52.07 -72.57
CA VAL H 767 70.96 52.74 -71.34
C VAL H 767 70.54 51.69 -70.33
N GLY H 768 71.13 51.73 -69.15
CA GLY H 768 70.83 50.80 -68.09
C GLY H 768 71.99 50.73 -67.12
N ALA H 769 71.72 50.17 -65.95
CA ALA H 769 72.74 50.04 -64.92
C ALA H 769 73.71 48.92 -65.32
N LEU H 770 74.95 49.29 -65.60
CA LEU H 770 75.97 48.35 -66.06
C LEU H 770 77.19 48.42 -65.15
N PRO H 771 77.92 47.32 -64.99
CA PRO H 771 79.22 47.40 -64.31
C PRO H 771 80.24 47.98 -65.27
N PHE H 772 81.35 48.45 -64.71
CA PHE H 772 82.41 48.97 -65.54
C PHE H 772 83.75 48.66 -64.91
N ILE H 773 84.73 48.30 -65.74
CA ILE H 773 86.09 48.12 -65.30
C ILE H 773 86.88 49.32 -65.78
N THR H 774 88.04 49.54 -65.16
CA THR H 774 88.89 50.66 -65.51
C THR H 774 90.32 50.19 -65.73
N ASP H 775 90.96 50.73 -66.75
CA ASP H 775 92.38 50.55 -66.96
C ASP H 775 93.03 51.91 -67.21
N SER H 776 94.31 52.01 -66.90
CA SER H 776 94.92 53.33 -66.81
C SER H 776 96.19 53.45 -67.66
N SER H 777 96.36 52.61 -68.66
CA SER H 777 97.54 52.68 -69.50
C SER H 777 97.21 53.39 -70.81
N VAL H 778 98.21 54.11 -71.35
CA VAL H 778 98.01 54.86 -72.58
C VAL H 778 98.05 53.94 -73.79
N ILE H 779 98.81 52.84 -73.71
CA ILE H 779 98.88 51.90 -74.82
C ILE H 779 97.58 51.13 -74.97
N SER H 780 96.82 50.97 -73.89
CA SER H 780 95.50 50.36 -74.00
C SER H 780 94.44 51.33 -74.52
N LEU H 781 94.81 52.58 -74.80
CA LEU H 781 93.96 53.53 -75.49
C LEU H 781 94.31 53.68 -76.96
N VAL H 782 95.62 53.72 -77.27
CA VAL H 782 96.08 53.83 -78.65
C VAL H 782 95.75 52.56 -79.42
N ALA H 783 95.74 51.41 -78.75
CA ALA H 783 95.38 50.15 -79.39
C ALA H 783 93.88 49.99 -79.57
N LYS H 784 93.07 50.96 -79.11
CA LYS H 784 91.62 51.03 -79.32
C LYS H 784 90.91 49.79 -78.76
N LEU H 785 91.02 49.63 -77.45
CA LEU H 785 90.48 48.46 -76.78
C LEU H 785 89.07 48.68 -76.26
N ASP H 786 88.56 49.91 -76.30
CA ASP H 786 87.22 50.18 -75.81
C ASP H 786 86.12 49.75 -76.78
N ALA H 787 86.45 49.49 -78.04
CA ALA H 787 85.47 49.10 -79.05
C ALA H 787 85.44 47.59 -79.28
N THR H 788 86.18 46.83 -78.48
CA THR H 788 86.25 45.38 -78.64
C THR H 788 85.14 44.65 -77.91
N VAL H 789 84.72 45.17 -76.75
CA VAL H 789 83.88 44.45 -75.80
C VAL H 789 82.42 44.30 -76.24
N PHE H 790 82.06 44.89 -77.39
CA PHE H 790 80.70 44.83 -77.88
C PHE H 790 80.50 43.76 -78.94
N ALA H 791 81.44 42.84 -79.07
CA ALA H 791 81.33 41.79 -80.09
C ALA H 791 80.58 40.56 -79.59
N GLN H 792 80.50 40.35 -78.28
CA GLN H 792 79.84 39.17 -77.75
C GLN H 792 78.32 39.29 -77.72
N ILE H 793 77.77 40.48 -77.96
CA ILE H 793 76.32 40.63 -77.97
C ILE H 793 75.70 40.05 -79.23
N VAL H 794 76.46 39.95 -80.32
CA VAL H 794 75.94 39.37 -81.55
C VAL H 794 76.30 37.88 -81.69
N LYS H 795 77.23 37.37 -80.90
CA LYS H 795 77.58 35.95 -80.93
C LYS H 795 76.72 35.16 -79.96
N LEU H 796 76.79 35.50 -78.68
CA LEU H 796 75.85 35.01 -77.69
C LEU H 796 74.68 35.98 -77.58
N ARG H 797 73.51 35.44 -77.28
CA ARG H 797 72.34 36.30 -77.14
C ARG H 797 72.18 36.86 -75.74
N LYS H 798 73.23 36.85 -74.92
CA LYS H 798 73.16 37.39 -73.57
C LYS H 798 73.83 38.75 -73.50
N VAL H 799 73.19 39.67 -72.77
CA VAL H 799 73.73 41.00 -72.51
C VAL H 799 74.06 41.18 -71.03
N ASP H 800 73.89 40.14 -70.22
CA ASP H 800 74.25 40.19 -68.80
C ASP H 800 75.76 40.32 -68.61
N THR H 801 76.56 39.88 -69.58
CA THR H 801 78.01 40.01 -69.51
C THR H 801 78.43 41.14 -70.43
N LEU H 802 78.33 42.37 -69.91
CA LEU H 802 78.74 43.57 -70.64
C LEU H 802 79.46 44.49 -69.68
N LYS H 803 80.72 44.81 -69.99
CA LYS H 803 81.57 45.62 -69.13
C LYS H 803 82.34 46.61 -69.99
N PRO H 804 81.88 47.85 -70.10
CA PRO H 804 82.62 48.85 -70.87
C PRO H 804 83.88 49.30 -70.15
N ILE H 805 84.73 50.00 -70.89
CA ILE H 805 86.04 50.44 -70.42
C ILE H 805 85.97 51.93 -70.11
N LEU H 806 86.35 52.31 -68.89
CA LEU H 806 86.46 53.71 -68.49
C LEU H 806 87.93 54.03 -68.33
N TYR H 807 88.50 54.75 -69.30
CA TYR H 807 89.90 55.10 -69.25
C TYR H 807 90.15 56.16 -68.19
N LYS H 808 91.40 56.22 -67.74
CA LYS H 808 91.79 57.18 -66.70
C LYS H 808 93.28 57.42 -66.88
N ILE H 809 93.64 58.55 -67.49
CA ILE H 809 95.04 58.81 -67.82
C ILE H 809 95.61 59.86 -66.89
N ASN H 810 96.29 59.41 -65.84
CA ASN H 810 96.87 60.27 -64.82
C ASN H 810 98.37 60.42 -65.05
N SER H 811 99.06 61.04 -64.10
CA SER H 811 100.51 61.14 -64.15
C SER H 811 101.20 59.97 -63.46
N ASP H 812 100.58 59.37 -62.45
CA ASP H 812 101.18 58.19 -61.83
C ASP H 812 100.93 56.92 -62.61
N SER H 813 100.23 57.01 -63.73
CA SER H 813 100.08 55.90 -64.65
C SER H 813 101.39 55.58 -65.35
N ASN H 814 101.46 54.39 -65.93
CA ASN H 814 102.61 53.99 -66.72
C ASN H 814 102.56 54.65 -68.09
N ASP H 815 103.73 55.03 -68.58
CA ASP H 815 103.94 55.55 -69.94
C ASP H 815 103.14 56.83 -70.18
N PHE H 816 103.28 57.78 -69.25
CA PHE H 816 102.60 59.07 -69.39
C PHE H 816 103.30 59.98 -70.38
N TYR H 817 104.57 59.71 -70.71
CA TYR H 817 105.38 60.62 -71.52
C TYR H 817 104.90 60.77 -72.96
N LEU H 818 103.99 59.91 -73.42
CA LEU H 818 103.38 60.11 -74.73
C LEU H 818 102.50 61.35 -74.75
N VAL H 819 101.93 61.72 -73.61
CA VAL H 819 101.06 62.89 -73.53
C VAL H 819 101.87 64.15 -73.27
N ALA H 820 102.96 64.05 -72.51
CA ALA H 820 103.72 65.24 -72.16
C ALA H 820 104.67 65.66 -73.27
N ASN H 821 105.34 64.71 -73.92
CA ASN H 821 106.33 65.05 -74.94
C ASN H 821 105.67 65.41 -76.26
N TYR H 822 104.79 64.55 -76.76
CA TYR H 822 103.99 64.85 -77.94
C TYR H 822 102.67 65.45 -77.46
N ASP H 823 102.44 66.72 -77.79
CA ASP H 823 101.20 67.36 -77.38
C ASP H 823 100.04 66.82 -78.22
N TRP H 824 99.05 66.24 -77.54
CA TRP H 824 97.87 65.68 -78.18
C TRP H 824 96.79 65.54 -77.13
N VAL H 825 95.55 65.73 -77.56
CA VAL H 825 94.41 65.41 -76.71
C VAL H 825 94.05 63.96 -76.97
N PRO H 826 93.93 63.14 -75.92
CA PRO H 826 93.60 61.72 -76.15
C PRO H 826 92.16 61.56 -76.62
N THR H 827 91.99 60.87 -77.74
CA THR H 827 90.69 60.70 -78.36
C THR H 827 90.28 59.23 -78.28
N SER H 828 89.02 59.00 -77.91
CA SER H 828 88.47 57.66 -77.78
C SER H 828 87.22 57.55 -78.66
N THR H 829 86.78 56.31 -78.85
CA THR H 829 85.59 56.07 -79.66
C THR H 829 84.33 56.04 -78.80
N THR H 830 84.31 55.21 -77.78
CA THR H 830 83.17 55.11 -76.88
C THR H 830 83.41 55.91 -75.61
N LYS H 831 82.34 56.14 -74.87
CA LYS H 831 82.43 56.80 -73.57
C LYS H 831 81.27 56.35 -72.69
N VAL H 832 81.43 56.58 -71.39
CA VAL H 832 80.57 56.01 -70.36
C VAL H 832 79.70 57.11 -69.78
N TYR H 833 78.43 56.80 -69.53
CA TYR H 833 77.46 57.77 -69.02
C TYR H 833 77.55 57.79 -67.49
N LYS H 834 78.62 58.43 -67.01
CA LYS H 834 78.93 58.50 -65.58
C LYS H 834 78.76 59.95 -65.11
N GLN H 835 78.68 60.13 -63.80
CA GLN H 835 78.56 61.46 -63.20
C GLN H 835 79.70 61.69 -62.22
N ILE H 836 80.18 62.93 -62.18
CA ILE H 836 81.28 63.32 -61.29
C ILE H 836 80.72 63.57 -59.89
N PRO H 837 81.35 63.06 -58.83
CA PRO H 837 80.81 63.29 -57.49
C PRO H 837 81.03 64.71 -57.00
N GLN H 838 80.12 65.17 -56.16
CA GLN H 838 80.16 66.54 -55.67
C GLN H 838 81.30 66.72 -54.67
N GLN H 839 81.67 67.97 -54.46
CA GLN H 839 82.79 68.32 -53.61
C GLN H 839 82.32 68.51 -52.17
N PHE H 840 83.27 68.46 -51.25
CA PHE H 840 83.03 68.66 -49.83
C PHE H 840 83.54 70.04 -49.43
N ASP H 841 82.62 70.95 -49.15
CA ASP H 841 82.96 72.26 -48.59
C ASP H 841 82.49 72.30 -47.15
N PHE H 842 83.41 72.63 -46.24
CA PHE H 842 83.14 72.50 -44.81
C PHE H 842 82.15 73.55 -44.33
N ARG H 843 82.31 74.81 -44.77
CA ARG H 843 81.55 75.90 -44.19
C ARG H 843 80.10 75.92 -44.63
N ALA H 844 79.76 75.24 -45.72
CA ALA H 844 78.40 75.24 -46.22
C ALA H 844 77.64 73.95 -45.97
N SER H 845 78.31 72.92 -45.44
CA SER H 845 77.66 71.63 -45.22
C SER H 845 77.23 71.41 -43.77
N MET H 846 77.58 72.30 -42.86
CA MET H 846 77.11 72.11 -41.49
C MET H 846 75.66 72.55 -41.36
N HIS H 847 75.00 72.04 -40.32
CA HIS H 847 73.64 72.42 -40.00
C HIS H 847 73.51 72.47 -38.48
N MET H 848 72.62 73.30 -37.99
CA MET H 848 72.47 73.54 -36.56
C MET H 848 71.23 72.80 -36.10
N LEU H 849 71.43 71.56 -35.65
CA LEU H 849 70.33 70.68 -35.24
C LEU H 849 69.77 71.12 -33.90
N THR H 850 68.44 71.04 -33.76
CA THR H 850 67.78 71.51 -32.55
C THR H 850 66.72 70.52 -32.08
N SER H 851 66.53 70.47 -30.77
CA SER H 851 65.52 69.63 -30.12
C SER H 851 65.32 70.15 -28.71
N ASN H 852 64.60 69.38 -27.90
CA ASN H 852 64.38 69.76 -26.51
C ASN H 852 65.54 69.29 -25.63
N LEU H 853 65.53 69.75 -24.39
CA LEU H 853 66.52 69.28 -23.41
C LEU H 853 66.11 67.97 -22.76
N THR H 854 65.01 67.98 -22.02
CA THR H 854 64.60 66.86 -21.18
C THR H 854 63.15 66.52 -21.40
N PHE H 855 62.87 65.23 -21.59
CA PHE H 855 61.54 64.66 -21.53
C PHE H 855 61.44 63.75 -20.32
N THR H 856 60.24 63.22 -20.11
CA THR H 856 60.04 62.07 -19.23
C THR H 856 58.79 61.40 -19.76
N VAL H 857 58.96 60.35 -20.54
CA VAL H 857 57.85 59.71 -21.22
C VAL H 857 57.21 58.67 -20.31
N TYR H 858 55.92 58.43 -20.52
CA TYR H 858 55.16 57.50 -19.71
C TYR H 858 54.36 56.58 -20.61
N SER H 859 54.44 55.27 -20.35
CA SER H 859 53.82 54.29 -21.23
C SER H 859 52.42 53.90 -20.80
N ASP H 860 52.13 53.93 -19.51
CA ASP H 860 50.81 53.58 -18.99
C ASP H 860 50.26 54.76 -18.21
N LEU H 861 49.05 55.17 -18.56
CA LEU H 861 48.42 56.31 -17.91
C LEU H 861 47.47 55.92 -16.80
N LEU H 862 46.83 54.76 -16.88
CA LEU H 862 45.89 54.33 -15.85
C LEU H 862 46.56 53.68 -14.65
N ALA H 863 47.88 53.76 -14.55
CA ALA H 863 48.58 53.36 -13.34
C ALA H 863 48.64 54.48 -12.30
N PHE H 864 48.34 55.72 -12.69
CA PHE H 864 48.35 56.83 -11.75
C PHE H 864 47.05 56.97 -11.00
N VAL H 865 45.90 56.83 -11.66
CA VAL H 865 44.62 56.90 -10.96
C VAL H 865 44.36 55.57 -10.26
N SER H 866 43.65 55.65 -9.15
CA SER H 866 43.34 54.49 -8.31
C SER H 866 41.87 54.60 -7.92
N ALA H 867 41.04 53.72 -8.47
CA ALA H 867 39.61 53.83 -8.33
C ALA H 867 39.07 52.82 -7.33
N ASP H 868 37.92 53.16 -6.74
CA ASP H 868 37.19 52.26 -5.87
C ASP H 868 35.71 52.42 -6.17
N THR H 869 34.89 51.59 -5.53
CA THR H 869 33.48 51.53 -5.83
C THR H 869 32.64 51.78 -4.57
N VAL H 870 31.53 52.50 -4.77
CA VAL H 870 30.55 52.71 -3.71
C VAL H 870 29.91 51.36 -3.39
N GLU H 871 29.62 51.13 -2.08
CA GLU H 871 28.96 49.99 -1.47
C GLU H 871 27.81 49.46 -2.30
N PRO H 872 27.81 48.16 -2.64
CA PRO H 872 26.94 47.68 -3.72
C PRO H 872 25.45 47.65 -3.38
N ILE H 873 25.05 47.88 -2.14
CA ILE H 873 23.62 48.08 -1.88
C ILE H 873 23.17 49.40 -2.48
N ASN H 874 24.01 50.42 -2.41
CA ASN H 874 23.69 51.73 -2.99
C ASN H 874 24.33 51.88 -4.37
N ALA H 875 23.94 51.00 -5.28
CA ALA H 875 24.36 51.07 -6.68
C ALA H 875 23.19 51.56 -7.50
N VAL H 876 23.42 52.58 -8.32
CA VAL H 876 22.35 53.39 -8.91
C VAL H 876 22.38 53.24 -10.43
N ALA H 877 21.22 52.98 -11.02
CA ALA H 877 21.08 52.79 -12.45
C ALA H 877 21.03 54.12 -13.19
N PHE H 878 20.62 54.10 -14.46
CA PHE H 878 20.59 55.31 -15.26
C PHE H 878 19.48 56.25 -14.83
N ASP H 879 18.37 55.72 -14.33
CA ASP H 879 17.46 56.50 -13.51
C ASP H 879 17.92 56.38 -12.06
N ASN H 880 17.72 57.44 -11.30
CA ASN H 880 18.46 57.58 -10.05
C ASN H 880 17.90 56.74 -8.89
N MET H 881 17.04 55.75 -9.15
CA MET H 881 16.71 54.74 -8.16
C MET H 881 17.70 53.59 -8.26
N ARG H 882 17.88 52.88 -7.16
CA ARG H 882 18.91 51.85 -7.10
C ARG H 882 18.44 50.58 -7.81
N ILE H 883 19.40 49.69 -8.08
CA ILE H 883 19.12 48.37 -8.65
C ILE H 883 19.09 47.35 -7.55
N MET H 884 18.21 46.35 -7.71
CA MET H 884 17.94 45.28 -6.75
C MET H 884 17.54 45.84 -5.39
N ASN H 885 16.39 46.51 -5.38
CA ASN H 885 15.84 47.09 -4.16
C ASN H 885 14.64 46.34 -3.61
N GLU H 886 14.06 45.41 -4.37
CA GLU H 886 12.81 44.78 -3.97
C GLU H 886 13.05 43.55 -3.11
N LEU H 887 12.01 43.13 -2.41
CA LEU H 887 12.07 41.97 -1.53
C LEU H 887 11.33 40.79 -2.14
N LEU I 83 22.32 -6.66 -55.22
CA LEU I 83 21.81 -6.04 -56.43
C LEU I 83 22.90 -5.21 -57.09
N LYS I 84 23.90 -4.80 -56.29
CA LYS I 84 24.96 -3.94 -56.81
C LYS I 84 25.92 -4.70 -57.72
N THR I 85 25.98 -6.02 -57.59
CA THR I 85 26.71 -6.84 -58.54
C THR I 85 25.88 -7.23 -59.75
N LYS I 86 24.56 -7.04 -59.70
CA LYS I 86 23.71 -7.32 -60.84
C LYS I 86 23.69 -6.16 -61.83
N GLU I 87 23.70 -4.93 -61.31
CA GLU I 87 23.65 -3.76 -62.18
C GLU I 87 24.97 -3.52 -62.89
N GLU I 88 26.09 -3.87 -62.26
CA GLU I 88 27.39 -3.64 -62.88
C GLU I 88 27.79 -4.74 -63.85
N HIS I 89 27.16 -5.91 -63.79
CA HIS I 89 27.40 -6.98 -64.72
C HIS I 89 26.43 -6.99 -65.89
N GLN I 90 25.32 -6.25 -65.79
CA GLN I 90 24.44 -6.02 -66.92
C GLN I 90 24.84 -4.81 -67.73
N LYS I 91 25.54 -3.85 -67.13
CA LYS I 91 26.10 -2.74 -67.89
C LYS I 91 27.26 -3.21 -68.74
N GLU I 92 28.19 -3.95 -68.14
CA GLU I 92 29.44 -4.32 -68.81
C GLU I 92 29.27 -5.38 -69.87
N VAL I 93 28.09 -5.96 -70.02
CA VAL I 93 27.84 -6.84 -71.15
C VAL I 93 27.19 -6.07 -72.30
N GLN I 94 26.43 -5.01 -72.02
CA GLN I 94 25.87 -4.17 -73.06
C GLN I 94 26.86 -3.13 -73.55
N TYR I 95 27.84 -2.75 -72.73
CA TYR I 95 28.87 -1.82 -73.16
C TYR I 95 30.01 -2.52 -73.90
N GLU I 96 29.97 -3.85 -74.00
CA GLU I 96 30.96 -4.60 -74.75
C GLU I 96 30.51 -4.97 -76.15
N ILE I 97 29.20 -5.09 -76.37
CA ILE I 97 28.70 -5.31 -77.73
C ILE I 97 28.89 -4.04 -78.57
N LEU I 98 28.86 -2.88 -77.92
CA LEU I 98 29.17 -1.63 -78.62
C LEU I 98 30.66 -1.50 -78.86
N GLN I 99 31.50 -1.94 -77.90
CA GLN I 99 32.94 -1.77 -78.00
C GLN I 99 33.56 -2.72 -79.01
N LYS I 100 32.93 -3.84 -79.31
CA LYS I 100 33.47 -4.78 -80.27
C LYS I 100 33.20 -4.40 -81.72
N THR I 101 32.71 -3.19 -81.98
CA THR I 101 32.62 -2.64 -83.32
C THR I 101 33.47 -1.39 -83.49
N ILE I 102 34.20 -0.98 -82.46
CA ILE I 102 35.11 0.15 -82.54
C ILE I 102 36.52 -0.39 -82.73
N PRO I 103 37.29 0.11 -83.68
CA PRO I 103 38.62 -0.47 -83.96
C PRO I 103 39.75 0.06 -83.10
N THR I 104 39.45 0.70 -81.97
CA THR I 104 40.53 1.17 -81.12
C THR I 104 41.12 0.01 -80.32
N PHE I 105 42.32 0.22 -79.78
CA PHE I 105 43.01 -0.81 -79.03
C PHE I 105 42.48 -0.87 -77.60
N GLU I 106 42.70 -2.03 -76.96
CA GLU I 106 42.08 -2.30 -75.68
C GLU I 106 42.71 -1.51 -74.52
N PRO I 107 44.06 -1.35 -74.41
CA PRO I 107 44.54 -0.27 -73.52
C PRO I 107 44.70 1.04 -74.29
N LYS I 108 44.17 2.12 -73.74
CA LYS I 108 44.14 3.39 -74.48
C LYS I 108 45.52 4.05 -74.54
N GLU I 109 46.32 3.90 -73.49
CA GLU I 109 47.62 4.55 -73.47
C GLU I 109 48.67 3.80 -74.29
N SER I 110 48.31 2.69 -74.93
CA SER I 110 49.20 1.97 -75.82
C SER I 110 49.19 2.51 -77.25
N ILE I 111 48.37 3.53 -77.53
CA ILE I 111 48.39 4.15 -78.85
C ILE I 111 49.46 5.23 -78.95
N LEU I 112 49.88 5.81 -77.82
CA LEU I 112 50.88 6.87 -77.84
C LEU I 112 52.25 6.37 -78.28
N LYS I 113 52.54 5.09 -78.05
CA LYS I 113 53.77 4.49 -78.55
C LYS I 113 53.74 4.35 -80.07
N LYS I 114 52.55 4.20 -80.65
CA LYS I 114 52.44 3.89 -82.08
C LYS I 114 52.48 5.12 -82.97
N LEU I 115 52.11 6.29 -82.46
CA LEU I 115 52.18 7.50 -83.29
C LEU I 115 53.60 8.04 -83.36
N GLU I 116 54.36 7.94 -82.27
CA GLU I 116 55.75 8.36 -82.27
C GLU I 116 56.68 7.33 -82.89
N ASP I 117 56.15 6.25 -83.44
CA ASP I 117 56.92 5.27 -84.20
C ASP I 117 56.78 5.44 -85.70
N ILE I 118 55.88 6.30 -86.17
CA ILE I 118 55.71 6.55 -87.59
C ILE I 118 56.84 7.47 -88.03
N LYS I 119 57.77 6.95 -88.81
CA LYS I 119 58.84 7.74 -89.39
C LYS I 119 58.31 8.46 -90.62
N PRO I 120 58.95 9.58 -91.04
CA PRO I 120 58.44 10.33 -92.20
C PRO I 120 58.48 9.56 -93.52
N GLU I 121 59.67 9.21 -93.96
CA GLU I 121 59.90 8.44 -95.19
C GLU I 121 61.22 7.70 -95.02
N GLN I 122 61.44 6.74 -95.91
CA GLN I 122 62.75 6.11 -96.06
C GLN I 122 63.28 6.51 -97.42
N VAL I 123 64.25 7.43 -97.44
CA VAL I 123 64.75 7.99 -98.68
C VAL I 123 65.56 6.94 -99.42
N LYS I 124 65.22 6.71 -100.69
CA LYS I 124 65.71 5.58 -101.45
C LYS I 124 66.57 6.07 -102.61
N LYS I 125 67.75 5.49 -102.75
CA LYS I 125 68.65 5.78 -103.87
C LYS I 125 69.19 4.46 -104.38
N GLN I 126 69.08 4.22 -105.69
CA GLN I 126 69.53 2.96 -106.25
C GLN I 126 71.02 3.00 -106.54
N THR I 127 71.64 1.81 -106.50
CA THR I 127 73.07 1.68 -106.72
C THR I 127 73.43 1.01 -108.04
N LYS I 128 72.47 0.39 -108.72
CA LYS I 128 72.71 -0.22 -110.02
C LYS I 128 71.57 0.16 -110.95
N LEU I 129 71.90 0.23 -112.25
CA LEU I 129 70.96 0.71 -113.23
C LEU I 129 69.92 -0.36 -113.53
N PHE I 130 68.67 0.07 -113.71
CA PHE I 130 67.55 -0.87 -113.84
C PHE I 130 67.59 -1.57 -115.20
N ARG I 131 67.77 -2.87 -115.19
CA ARG I 131 67.91 -3.65 -116.42
C ARG I 131 66.94 -4.82 -116.43
N ILE I 132 66.38 -5.09 -117.62
CA ILE I 132 65.58 -6.29 -117.85
C ILE I 132 66.22 -7.17 -118.92
N PHE I 133 66.70 -6.58 -120.01
CA PHE I 133 67.29 -7.31 -121.12
C PHE I 133 68.81 -7.26 -121.05
N GLU I 134 69.45 -8.20 -121.74
CA GLU I 134 70.90 -8.28 -121.81
C GLU I 134 71.27 -8.90 -123.15
N PRO I 135 72.41 -8.52 -123.74
CA PRO I 135 72.78 -9.09 -125.04
C PRO I 135 73.52 -10.42 -124.90
N ARG I 136 73.12 -11.38 -125.73
CA ARG I 136 73.68 -12.72 -125.72
C ARG I 136 74.18 -13.08 -127.12
N GLN I 137 75.03 -14.09 -127.18
CA GLN I 137 75.51 -14.63 -128.44
C GLN I 137 74.80 -15.94 -128.73
N LEU I 138 74.27 -16.07 -129.94
CA LEU I 138 73.53 -17.26 -130.35
C LEU I 138 74.04 -17.76 -131.70
N PRO I 139 74.00 -19.07 -131.94
CA PRO I 139 74.37 -19.59 -133.25
C PRO I 139 73.34 -19.22 -134.32
N VAL I 140 73.74 -19.42 -135.57
CA VAL I 140 72.97 -18.99 -136.74
C VAL I 140 72.98 -20.13 -137.76
N TYR I 141 71.80 -20.47 -138.28
CA TYR I 141 71.64 -21.48 -139.32
C TYR I 141 71.02 -20.83 -140.54
N ARG I 142 71.60 -21.08 -141.71
CA ARG I 142 71.15 -20.46 -142.94
C ARG I 142 70.11 -21.36 -143.63
N ALA I 143 69.76 -21.04 -144.87
CA ALA I 143 69.02 -21.97 -145.69
C ALA I 143 69.94 -23.11 -146.12
N ASN I 144 69.35 -24.29 -146.30
CA ASN I 144 70.07 -25.57 -146.31
C ASN I 144 70.89 -25.67 -145.02
N GLY I 145 70.14 -25.79 -143.92
CA GLY I 145 70.58 -25.44 -142.59
C GLY I 145 71.82 -26.11 -142.04
N GLU I 146 72.91 -25.35 -142.00
CA GLU I 146 74.13 -25.76 -141.33
C GLU I 146 74.48 -24.72 -140.27
N LYS I 147 75.17 -25.16 -139.23
CA LYS I 147 75.61 -24.24 -138.19
C LYS I 147 76.75 -23.38 -138.73
N GLU I 148 76.54 -22.07 -138.72
CA GLU I 148 77.55 -21.15 -139.24
C GLU I 148 78.70 -21.01 -138.27
N LEU I 149 79.83 -20.53 -138.81
CA LEU I 149 81.00 -20.28 -137.98
C LEU I 149 80.79 -19.05 -137.10
N ARG I 150 80.04 -18.08 -137.57
CA ARG I 150 79.82 -16.84 -136.85
C ARG I 150 78.65 -16.96 -135.87
N ASN I 151 78.67 -16.11 -134.85
CA ASN I 151 77.60 -15.97 -133.88
C ASN I 151 77.17 -14.51 -133.85
N ARG I 152 75.87 -14.26 -133.90
CA ARG I 152 75.35 -12.91 -133.84
C ARG I 152 74.91 -12.57 -132.42
N TRP I 153 74.54 -11.31 -132.22
CA TRP I 153 74.15 -10.79 -130.92
C TRP I 153 72.64 -10.54 -130.90
N TYR I 154 71.96 -11.09 -129.89
CA TYR I 154 70.52 -10.94 -129.75
C TYR I 154 70.20 -10.43 -128.37
N TRP I 155 68.97 -9.96 -128.19
CA TRP I 155 68.54 -9.24 -126.98
C TRP I 155 67.71 -10.11 -126.05
N LYS I 156 68.07 -11.37 -125.85
CA LYS I 156 67.24 -12.24 -125.02
C LYS I 156 67.36 -11.87 -123.54
N LEU I 157 66.22 -11.84 -122.86
CA LEU I 157 66.16 -11.23 -121.54
C LEU I 157 66.68 -12.18 -120.47
N LYS I 158 67.09 -11.61 -119.35
CA LYS I 158 67.58 -12.36 -118.21
C LYS I 158 66.48 -12.51 -117.15
N ARG I 159 66.52 -13.64 -116.45
CA ARG I 159 65.52 -14.07 -115.47
C ARG I 159 64.13 -14.11 -116.08
N ASP I 160 63.95 -15.01 -117.04
CA ASP I 160 62.66 -15.21 -117.70
C ASP I 160 61.90 -16.29 -116.94
N THR I 161 61.16 -15.87 -115.92
CA THR I 161 60.30 -16.76 -115.15
C THR I 161 58.84 -16.33 -115.39
N LEU I 162 58.27 -16.83 -116.47
CA LEU I 162 56.90 -16.50 -116.84
C LEU I 162 56.01 -17.72 -116.70
N PRO I 163 54.83 -17.59 -116.10
CA PRO I 163 53.98 -18.75 -115.90
C PRO I 163 53.22 -19.16 -117.16
N ASP I 164 52.31 -20.12 -117.02
CA ASP I 164 51.49 -20.59 -118.13
C ASP I 164 50.11 -19.95 -118.07
N GLY I 165 49.48 -19.86 -119.23
CA GLY I 165 48.13 -19.34 -119.33
C GLY I 165 48.09 -17.83 -119.32
N ASP I 166 46.95 -17.29 -119.76
CA ASP I 166 46.82 -15.85 -119.92
C ASP I 166 46.63 -15.13 -118.59
N TYR I 167 45.95 -15.76 -117.63
CA TYR I 167 45.68 -15.07 -116.38
C TYR I 167 46.89 -15.01 -115.46
N ASP I 168 47.74 -16.04 -115.49
CA ASP I 168 48.92 -16.02 -114.65
C ASP I 168 50.03 -15.15 -115.23
N VAL I 169 49.97 -14.81 -116.51
CA VAL I 169 50.93 -13.86 -117.07
C VAL I 169 50.54 -12.43 -116.69
N ARG I 170 49.25 -12.11 -116.74
CA ARG I 170 48.80 -10.77 -116.38
C ARG I 170 48.91 -10.50 -114.89
N GLU I 171 48.99 -11.54 -114.06
CA GLU I 171 49.24 -11.33 -112.64
C GLU I 171 50.74 -11.23 -112.34
N TYR I 172 51.59 -11.63 -113.29
CA TYR I 172 53.03 -11.41 -113.15
C TYR I 172 53.39 -9.95 -113.41
N PHE I 173 52.67 -9.28 -114.30
CA PHE I 173 52.93 -7.87 -114.56
C PHE I 173 52.30 -6.96 -113.52
N LEU I 174 51.49 -7.48 -112.61
CA LEU I 174 51.10 -6.74 -111.43
C LEU I 174 52.12 -6.89 -110.31
N ASN I 175 52.77 -8.05 -110.23
CA ASN I 175 53.86 -8.26 -109.28
C ASN I 175 55.20 -7.74 -109.79
N LEU I 176 55.23 -7.14 -110.97
CA LEU I 176 56.36 -6.36 -111.45
C LEU I 176 56.16 -4.87 -111.23
N TYR I 177 54.93 -4.39 -111.42
CA TYR I 177 54.61 -2.98 -111.18
C TYR I 177 54.63 -2.65 -109.70
N ASP I 178 54.29 -3.63 -108.84
CA ASP I 178 54.38 -3.41 -107.40
C ASP I 178 55.84 -3.44 -106.95
N GLN I 179 56.67 -4.25 -107.62
CA GLN I 179 58.09 -4.31 -107.30
C GLN I 179 58.81 -3.02 -107.66
N VAL I 180 58.45 -2.43 -108.80
CA VAL I 180 59.10 -1.18 -109.24
C VAL I 180 58.70 -0.02 -108.35
N LEU I 181 57.43 0.03 -107.92
CA LEU I 181 56.97 1.12 -107.06
C LEU I 181 57.58 1.09 -105.66
N THR I 182 58.15 -0.04 -105.24
CA THR I 182 58.88 -0.06 -103.98
C THR I 182 60.33 0.40 -104.18
N GLU I 183 60.96 -0.06 -105.26
CA GLU I 183 62.37 0.25 -105.53
C GLU I 183 62.54 1.46 -106.45
N MET I 184 61.65 2.45 -106.37
CA MET I 184 61.83 3.69 -107.11
C MET I 184 62.76 4.62 -106.36
N PRO I 185 63.87 5.04 -106.95
CA PRO I 185 64.76 5.98 -106.26
C PRO I 185 64.17 7.38 -106.22
N ASP I 186 64.37 8.06 -105.08
CA ASP I 186 63.89 9.43 -104.95
C ASP I 186 64.88 10.42 -105.52
N TYR I 187 66.17 10.21 -105.27
CA TYR I 187 67.22 11.00 -105.90
C TYR I 187 68.30 10.06 -106.41
N LEU I 188 68.77 10.31 -107.63
CA LEU I 188 69.72 9.42 -108.29
C LEU I 188 70.94 10.23 -108.70
N LEU I 189 72.06 9.99 -108.02
CA LEU I 189 73.34 10.56 -108.40
C LEU I 189 74.08 9.62 -109.33
N LEU I 190 74.98 10.18 -110.13
CA LEU I 190 75.64 9.41 -111.17
C LEU I 190 77.15 9.35 -111.02
N LYS I 191 77.73 10.15 -110.12
CA LYS I 191 79.17 10.08 -109.90
C LYS I 191 79.56 8.82 -109.14
N ASP I 192 78.70 8.37 -108.22
CA ASP I 192 79.00 7.20 -107.41
C ASP I 192 78.92 5.92 -108.23
N MET I 193 78.06 5.90 -109.24
CA MET I 193 77.84 4.72 -110.08
C MET I 193 78.57 4.98 -111.40
N ALA I 194 79.84 4.62 -111.45
CA ALA I 194 80.67 4.78 -112.63
C ALA I 194 81.87 3.85 -112.50
N VAL I 195 82.33 3.34 -113.63
CA VAL I 195 83.49 2.45 -113.68
C VAL I 195 84.30 2.83 -114.90
N GLU I 196 85.61 2.61 -114.82
CA GLU I 196 86.52 3.06 -115.87
C GLU I 196 86.37 2.21 -117.13
N ASN I 197 86.25 2.89 -118.27
CA ASN I 197 86.27 2.23 -119.57
C ASN I 197 87.70 1.76 -119.86
N LYS I 198 87.92 0.46 -119.81
CA LYS I 198 89.27 -0.10 -119.89
C LYS I 198 89.82 -0.20 -121.31
N ASN I 199 89.19 0.44 -122.28
CA ASN I 199 89.63 0.40 -123.66
C ASN I 199 89.91 1.77 -124.26
N SER I 200 89.52 2.85 -123.59
CA SER I 200 89.65 4.18 -124.17
C SER I 200 91.08 4.66 -124.09
N ARG I 201 91.50 5.43 -125.10
CA ARG I 201 92.80 6.08 -125.08
C ARG I 201 92.85 7.15 -123.99
N ASP I 202 91.87 8.06 -124.00
CA ASP I 202 91.72 9.06 -122.96
C ASP I 202 91.10 8.44 -121.72
N ALA I 203 91.05 9.21 -120.65
CA ALA I 203 90.49 8.73 -119.39
C ALA I 203 88.97 8.73 -119.49
N GLY I 204 88.44 7.71 -120.16
CA GLY I 204 87.03 7.59 -120.39
C GLY I 204 86.36 6.71 -119.34
N LYS I 205 85.07 6.93 -119.15
CA LYS I 205 84.30 6.17 -118.18
C LYS I 205 82.93 5.85 -118.78
N VAL I 206 82.26 4.87 -118.17
CA VAL I 206 80.89 4.51 -118.51
C VAL I 206 80.07 4.58 -117.23
N VAL I 207 78.80 4.25 -117.30
CA VAL I 207 77.90 4.50 -116.18
C VAL I 207 77.68 3.28 -115.29
N ASP I 208 78.00 2.08 -115.75
CA ASP I 208 77.70 0.91 -114.95
C ASP I 208 78.69 -0.20 -115.25
N SER I 209 78.78 -1.15 -114.32
CA SER I 209 79.65 -2.30 -114.51
C SER I 209 79.14 -3.21 -115.62
N GLU I 210 77.81 -3.32 -115.76
CA GLU I 210 77.26 -4.13 -116.83
C GLU I 210 77.32 -3.43 -118.18
N THR I 211 77.51 -2.12 -118.18
CA THR I 211 77.78 -1.41 -119.43
C THR I 211 79.19 -1.70 -119.93
N ALA I 212 80.16 -1.71 -119.03
CA ALA I 212 81.55 -1.92 -119.42
C ALA I 212 81.81 -3.35 -119.86
N ALA I 213 81.02 -4.30 -119.39
CA ALA I 213 81.17 -5.68 -119.84
C ALA I 213 80.64 -5.88 -121.25
N ILE I 214 79.65 -5.08 -121.64
CA ILE I 214 79.12 -5.19 -123.00
C ILE I 214 80.08 -4.57 -124.00
N CYS I 215 80.63 -3.40 -123.68
CA CYS I 215 81.52 -2.68 -124.60
C CYS I 215 82.87 -3.35 -124.79
N ASP I 216 83.24 -4.32 -123.94
CA ASP I 216 84.46 -5.06 -124.18
C ASP I 216 84.23 -6.20 -125.17
N ALA I 217 83.07 -6.84 -125.12
CA ALA I 217 82.77 -7.89 -126.07
C ALA I 217 82.50 -7.34 -127.46
N ILE I 218 82.08 -6.09 -127.55
CA ILE I 218 81.89 -5.44 -128.84
C ILE I 218 83.24 -5.03 -129.43
N PHE I 219 84.20 -4.64 -128.58
CA PHE I 219 85.49 -4.18 -129.06
C PHE I 219 86.34 -5.34 -129.57
N GLN I 220 86.32 -6.48 -128.87
CA GLN I 220 87.15 -7.62 -129.23
C GLN I 220 86.49 -8.52 -130.27
N ASP I 221 85.27 -8.21 -130.70
CA ASP I 221 84.60 -9.01 -131.70
C ASP I 221 85.21 -8.78 -133.08
N GLU I 222 84.97 -9.75 -133.97
CA GLU I 222 85.44 -9.67 -135.35
C GLU I 222 84.34 -9.27 -136.32
N GLU I 223 83.08 -9.27 -135.89
CA GLU I 223 81.97 -8.89 -136.75
C GLU I 223 81.76 -7.37 -136.76
N THR I 224 82.14 -6.70 -135.67
CA THR I 224 81.88 -5.28 -135.53
C THR I 224 82.74 -4.45 -136.47
N GLU I 225 82.17 -3.34 -136.95
CA GLU I 225 82.77 -2.52 -137.98
C GLU I 225 83.61 -1.40 -137.38
N GLY I 226 84.34 -0.70 -138.26
CA GLY I 226 85.31 0.28 -137.84
C GLY I 226 84.70 1.53 -137.22
N VAL I 227 83.43 1.83 -137.52
CA VAL I 227 82.78 2.96 -136.90
C VAL I 227 82.34 2.68 -135.48
N VAL I 228 82.37 1.42 -135.04
CA VAL I 228 81.97 1.04 -133.69
C VAL I 228 83.23 0.73 -132.90
N ARG I 229 84.25 0.20 -133.58
CA ARG I 229 85.52 -0.05 -132.91
C ARG I 229 86.24 1.25 -132.56
N ARG I 230 86.14 2.26 -133.43
CA ARG I 230 86.79 3.54 -133.15
C ARG I 230 86.03 4.32 -132.10
N PHE I 231 84.69 4.32 -132.17
CA PHE I 231 83.89 5.20 -131.32
C PHE I 231 83.91 4.78 -129.85
N ILE I 232 84.04 3.49 -129.58
CA ILE I 232 84.15 3.04 -128.18
C ILE I 232 85.48 3.49 -127.60
N ALA I 233 86.53 3.53 -128.40
CA ALA I 233 87.81 4.02 -127.92
C ALA I 233 87.86 5.54 -127.79
N GLU I 234 86.95 6.27 -128.46
CA GLU I 234 86.99 7.73 -128.44
C GLU I 234 85.75 8.35 -127.80
N MET I 235 84.91 7.57 -127.11
CA MET I 235 83.79 8.15 -126.39
C MET I 235 84.29 8.79 -125.11
N ARG I 236 83.54 9.78 -124.63
CA ARG I 236 84.02 10.62 -123.55
C ARG I 236 82.84 11.14 -122.73
N GLN I 237 83.04 11.23 -121.42
CA GLN I 237 82.08 11.86 -120.53
C GLN I 237 82.47 13.33 -120.30
N ARG I 238 81.51 14.11 -119.83
CA ARG I 238 81.69 15.55 -119.66
C ARG I 238 81.18 15.93 -118.27
N VAL I 239 82.07 15.90 -117.29
CA VAL I 239 81.76 16.35 -115.94
C VAL I 239 82.04 17.85 -115.83
N GLN I 240 81.12 18.57 -115.19
CA GLN I 240 81.24 20.03 -115.04
C GLN I 240 80.89 20.35 -113.59
N ALA I 241 81.91 20.61 -112.78
CA ALA I 241 81.70 20.87 -111.36
C ALA I 241 81.25 22.30 -111.09
N ASP I 242 81.23 23.16 -112.09
CA ASP I 242 80.80 24.55 -111.89
C ASP I 242 79.32 24.75 -112.18
N ARG I 243 78.73 23.90 -113.02
CA ARG I 243 77.30 23.96 -113.29
C ARG I 243 76.53 22.85 -112.59
N ASN I 244 77.23 21.99 -111.85
CA ASN I 244 76.66 20.90 -111.04
C ASN I 244 75.90 19.87 -111.89
N VAL I 245 76.36 19.64 -113.13
CA VAL I 245 75.79 18.60 -113.98
C VAL I 245 76.91 17.68 -114.45
N VAL I 246 76.52 16.48 -114.85
CA VAL I 246 77.47 15.45 -115.29
C VAL I 246 76.70 14.47 -116.18
N ASN I 247 77.35 14.02 -117.25
CA ASN I 247 76.73 13.02 -118.12
C ASN I 247 77.76 11.99 -118.60
N TYR I 248 77.37 10.72 -118.52
CA TYR I 248 78.16 9.54 -118.85
C TYR I 248 77.49 8.77 -119.97
N PRO I 249 78.25 8.02 -120.77
CA PRO I 249 77.63 7.15 -121.78
C PRO I 249 76.96 5.94 -121.16
N SER I 250 76.28 5.17 -122.01
CA SER I 250 75.51 4.02 -121.56
C SER I 250 75.34 3.05 -122.71
N ILE I 251 74.94 1.83 -122.38
CA ILE I 251 74.46 0.83 -123.33
C ILE I 251 73.21 0.22 -122.71
N LEU I 252 72.06 0.43 -123.35
CA LEU I 252 70.80 0.02 -122.74
C LEU I 252 69.82 -0.39 -123.83
N HIS I 253 68.82 -1.16 -123.42
CA HIS I 253 67.68 -1.53 -124.25
C HIS I 253 66.66 -0.39 -124.25
N PRO I 254 65.94 -0.21 -125.37
CA PRO I 254 64.92 0.86 -125.41
C PRO I 254 63.75 0.67 -124.45
N ILE I 255 63.48 -0.56 -123.99
CA ILE I 255 62.56 -0.74 -122.87
C ILE I 255 63.27 -0.43 -121.56
N ASP I 256 64.56 -0.77 -121.47
CA ASP I 256 65.33 -0.51 -120.27
C ASP I 256 65.64 0.98 -120.11
N HIS I 257 65.79 1.69 -121.22
CA HIS I 257 66.12 3.10 -121.17
C HIS I 257 64.94 3.94 -120.70
N ALA I 258 63.71 3.50 -120.99
CA ALA I 258 62.54 4.27 -120.62
C ALA I 258 62.30 4.30 -119.12
N PHE I 259 62.76 3.27 -118.40
CA PHE I 259 62.65 3.31 -116.94
C PHE I 259 63.75 4.16 -116.32
N ASN I 260 64.96 4.10 -116.88
CA ASN I 260 66.07 4.89 -116.35
C ASN I 260 65.95 6.36 -116.73
N GLU I 261 65.26 6.67 -117.83
CA GLU I 261 65.03 8.06 -118.17
C GLU I 261 64.01 8.68 -117.24
N TYR I 262 63.03 7.89 -116.79
CA TYR I 262 62.00 8.42 -115.91
C TYR I 262 62.50 8.65 -114.49
N PHE I 263 63.49 7.89 -114.05
CA PHE I 263 64.05 8.13 -112.72
C PHE I 263 64.98 9.34 -112.70
N LEU I 264 65.57 9.70 -113.84
CA LEU I 264 66.49 10.83 -113.89
C LEU I 264 65.75 12.15 -113.97
N GLN I 265 64.73 12.23 -114.83
CA GLN I 265 64.04 13.50 -115.07
C GLN I 265 63.12 13.86 -113.90
N HIS I 266 62.33 12.90 -113.43
CA HIS I 266 61.32 13.16 -112.40
C HIS I 266 61.93 12.83 -111.04
N GLN I 267 62.73 13.76 -110.53
CA GLN I 267 63.26 13.64 -109.18
C GLN I 267 62.22 14.07 -108.17
N LEU I 268 62.39 13.62 -106.93
CA LEU I 268 61.53 14.06 -105.84
C LEU I 268 62.12 15.19 -105.02
N VAL I 269 63.42 15.47 -105.15
CA VAL I 269 64.07 16.46 -104.30
C VAL I 269 63.86 17.86 -104.86
N GLU I 270 63.70 18.81 -103.95
CA GLU I 270 63.53 20.23 -104.24
C GLU I 270 64.57 21.01 -103.47
N PRO I 271 65.01 22.17 -103.96
CA PRO I 271 66.06 22.94 -103.27
C PRO I 271 65.59 23.49 -101.93
N LEU I 272 66.58 23.87 -101.12
CA LEU I 272 66.33 24.30 -99.75
C LEU I 272 67.13 25.55 -99.45
N ASN I 273 66.44 26.61 -99.03
CA ASN I 273 67.05 27.85 -98.59
C ASN I 273 66.76 28.04 -97.11
N ASN I 274 67.15 29.20 -96.58
CA ASN I 274 66.77 29.55 -95.23
C ASN I 274 65.37 30.15 -95.14
N ASP I 275 64.70 30.36 -96.27
CA ASP I 275 63.34 30.87 -96.27
C ASP I 275 62.30 29.77 -96.22
N ILE I 276 62.59 28.62 -96.83
CA ILE I 276 61.66 27.49 -96.78
C ILE I 276 61.63 26.90 -95.37
N ILE I 277 62.76 26.98 -94.64
CA ILE I 277 62.76 26.58 -93.24
C ILE I 277 61.99 27.59 -92.39
N PHE I 278 62.00 28.87 -92.79
CA PHE I 278 61.29 29.87 -92.02
C PHE I 278 59.77 29.75 -92.20
N ASN I 279 59.33 29.46 -93.43
CA ASN I 279 57.90 29.28 -93.68
C ASN I 279 57.37 27.94 -93.20
N TYR I 280 58.26 26.99 -92.90
CA TYR I 280 57.82 25.69 -92.43
C TYR I 280 57.22 25.76 -91.02
N ILE I 281 57.66 26.73 -90.22
CA ILE I 281 57.08 26.98 -88.90
C ILE I 281 55.66 27.49 -89.09
N PRO I 282 54.69 27.09 -88.26
CA PRO I 282 53.33 27.61 -88.39
C PRO I 282 53.24 29.10 -88.07
N GLU I 283 52.07 29.67 -88.37
CA GLU I 283 51.94 31.11 -88.44
C GLU I 283 51.79 31.76 -87.07
N ARG I 284 51.00 31.16 -86.18
CA ARG I 284 50.75 31.80 -84.90
C ARG I 284 51.92 31.71 -83.94
N ILE I 285 52.92 30.88 -84.23
CA ILE I 285 54.13 30.84 -83.41
C ILE I 285 55.20 31.75 -83.98
N ARG I 286 55.22 31.94 -85.29
CA ARG I 286 56.20 32.83 -85.91
C ARG I 286 55.88 34.29 -85.63
N ASN I 287 54.60 34.59 -85.37
CA ASN I 287 54.17 35.94 -85.03
C ASN I 287 53.85 36.11 -83.56
N ASP I 288 54.29 35.19 -82.70
CA ASP I 288 54.04 35.26 -81.28
C ASP I 288 55.16 36.01 -80.58
N VAL I 289 54.82 36.63 -79.45
CA VAL I 289 55.80 37.44 -78.72
C VAL I 289 56.55 36.62 -77.69
N ASN I 290 55.95 35.55 -77.16
CA ASN I 290 56.61 34.75 -76.14
C ASN I 290 57.73 33.90 -76.72
N TYR I 291 57.53 33.34 -77.91
CA TYR I 291 58.51 32.47 -78.54
C TYR I 291 59.38 33.29 -79.49
N ILE I 292 60.69 33.23 -79.28
CA ILE I 292 61.66 33.93 -80.14
C ILE I 292 62.44 32.88 -80.92
N LEU I 293 62.52 33.08 -82.23
CA LEU I 293 63.10 32.10 -83.15
C LEU I 293 64.26 32.73 -83.90
N ASN I 294 65.46 32.21 -83.68
CA ASN I 294 66.64 32.62 -84.43
C ASN I 294 67.14 31.44 -85.26
N MET I 295 67.69 31.76 -86.43
CA MET I 295 68.28 30.76 -87.30
C MET I 295 69.80 30.89 -87.24
N ASP I 296 70.48 29.81 -86.84
CA ASP I 296 71.90 29.84 -86.58
C ASP I 296 72.72 29.11 -87.64
N ARG I 297 72.31 27.91 -88.03
CA ARG I 297 73.11 27.11 -88.96
C ARG I 297 72.99 27.65 -90.37
N ASN I 298 74.11 27.67 -91.08
CA ASN I 298 74.15 28.12 -92.46
C ASN I 298 73.94 26.94 -93.39
N LEU I 299 73.06 27.11 -94.37
CA LEU I 299 72.78 26.05 -95.33
C LEU I 299 73.67 26.21 -96.56
N PRO I 300 74.12 25.12 -97.17
CA PRO I 300 74.99 25.25 -98.35
C PRO I 300 74.23 25.67 -99.60
N SER I 301 74.94 25.75 -100.72
CA SER I 301 74.30 26.08 -101.98
C SER I 301 73.62 24.87 -102.63
N THR I 302 73.91 23.67 -102.15
CA THR I 302 73.41 22.43 -102.76
C THR I 302 72.74 21.56 -101.71
N ALA I 303 71.85 22.15 -100.92
CA ALA I 303 71.06 21.39 -99.95
C ALA I 303 69.66 21.19 -100.50
N ARG I 304 69.17 19.95 -100.43
CA ARG I 304 67.86 19.59 -100.95
C ARG I 304 67.01 18.98 -99.84
N TYR I 305 65.71 18.90 -100.09
CA TYR I 305 64.80 18.28 -99.15
C TYR I 305 63.61 17.71 -99.90
N ILE I 306 62.98 16.69 -99.32
CA ILE I 306 61.85 16.00 -99.93
C ILE I 306 60.57 16.51 -99.29
N ARG I 307 59.66 17.00 -100.13
CA ARG I 307 58.49 17.72 -99.64
C ARG I 307 57.47 16.74 -99.05
N PRO I 308 56.85 17.08 -97.92
CA PRO I 308 55.77 16.24 -97.40
C PRO I 308 54.47 16.47 -98.17
N ASN I 309 53.59 15.48 -98.08
CA ASN I 309 52.34 15.46 -98.84
C ASN I 309 51.20 15.84 -97.89
N LEU I 310 51.01 17.14 -97.70
CA LEU I 310 50.00 17.65 -96.78
C LEU I 310 48.85 18.25 -97.58
N LEU I 311 47.90 17.40 -97.96
CA LEU I 311 46.64 17.86 -98.48
C LEU I 311 45.52 17.11 -97.79
N GLN I 312 44.37 17.77 -97.65
CA GLN I 312 43.29 17.29 -96.79
C GLN I 312 42.69 16.01 -97.33
N ASP I 313 42.00 15.29 -96.44
CA ASP I 313 41.61 13.91 -96.71
C ASP I 313 40.53 13.83 -97.78
N ARG I 314 40.87 13.18 -98.90
CA ARG I 314 39.94 13.03 -100.00
C ARG I 314 38.92 11.94 -99.73
N LEU I 315 39.18 11.04 -98.78
CA LEU I 315 38.15 10.16 -98.24
C LEU I 315 37.46 10.90 -97.10
N ASN I 316 36.17 11.17 -97.25
CA ASN I 316 35.45 11.83 -96.17
C ASN I 316 35.17 10.83 -95.06
N LEU I 317 36.11 10.72 -94.12
CA LEU I 317 36.01 9.73 -93.05
C LEU I 317 35.20 10.20 -91.87
N HIS I 318 34.47 11.32 -91.98
CA HIS I 318 33.70 11.81 -90.85
C HIS I 318 32.20 11.86 -91.10
N ASP I 319 31.75 11.86 -92.36
CA ASP I 319 30.33 12.07 -92.60
C ASP I 319 29.51 10.79 -92.41
N ASN I 320 30.03 9.65 -92.83
CA ASN I 320 29.27 8.41 -92.81
C ASN I 320 29.94 7.30 -92.01
N PHE I 321 31.27 7.28 -91.94
CA PHE I 321 31.97 6.26 -91.17
C PHE I 321 31.86 6.57 -89.69
N GLU I 322 30.82 6.03 -89.04
CA GLU I 322 30.56 6.38 -87.65
C GLU I 322 31.46 5.63 -86.67
N SER I 323 32.14 4.57 -87.12
CA SER I 323 33.01 3.79 -86.27
C SER I 323 34.48 3.94 -86.61
N LEU I 324 34.82 4.24 -87.86
CA LEU I 324 36.20 4.45 -88.25
C LEU I 324 36.69 5.84 -87.89
N TRP I 325 35.78 6.76 -87.60
CA TRP I 325 36.13 8.09 -87.13
C TRP I 325 36.32 8.13 -85.61
N ASP I 326 35.72 7.19 -84.89
CA ASP I 326 35.86 7.15 -83.44
C ASP I 326 37.26 6.75 -83.01
N THR I 327 38.03 6.11 -83.87
CA THR I 327 39.43 5.78 -83.57
C THR I 327 40.36 6.94 -83.89
N ILE I 328 40.14 7.63 -85.01
CA ILE I 328 40.93 8.81 -85.36
C ILE I 328 40.69 9.94 -84.37
N THR I 329 39.51 10.00 -83.78
CA THR I 329 39.25 11.01 -82.76
C THR I 329 39.89 10.62 -81.42
N THR I 330 39.84 9.33 -81.06
CA THR I 330 40.45 8.87 -79.81
C THR I 330 41.97 8.95 -79.88
N SER I 331 42.55 8.58 -81.02
CA SER I 331 44.01 8.57 -81.16
C SER I 331 44.60 9.97 -81.16
N ASN I 332 43.85 10.97 -81.60
CA ASN I 332 44.32 12.35 -81.51
C ASN I 332 44.06 12.98 -80.15
N TYR I 333 43.27 12.33 -79.31
CA TYR I 333 43.01 12.84 -77.96
C TYR I 333 44.10 12.42 -76.99
N ILE I 334 44.72 11.28 -77.23
CA ILE I 334 45.76 10.78 -76.33
C ILE I 334 47.13 11.41 -76.66
N LEU I 335 47.37 11.72 -77.94
CA LEU I 335 48.58 12.47 -78.29
C LEU I 335 48.51 13.89 -77.75
N ALA I 336 47.34 14.52 -77.77
CA ALA I 336 47.19 15.86 -77.24
C ALA I 336 47.19 15.90 -75.72
N ARG I 337 46.98 14.77 -75.06
CA ARG I 337 47.07 14.73 -73.60
C ARG I 337 48.50 14.65 -73.10
N SER I 338 49.45 14.31 -73.96
CA SER I 338 50.85 14.23 -73.58
C SER I 338 51.66 15.43 -74.03
N VAL I 339 50.99 16.49 -74.49
CA VAL I 339 51.65 17.68 -74.99
C VAL I 339 51.29 18.91 -74.17
N VAL I 340 50.03 19.02 -73.75
CA VAL I 340 49.55 20.16 -72.96
C VAL I 340 50.24 20.17 -71.60
N PRO I 341 50.77 21.30 -71.15
CA PRO I 341 51.52 21.32 -69.89
C PRO I 341 50.62 21.22 -68.67
N ASP I 342 51.23 20.77 -67.58
CA ASP I 342 50.54 20.57 -66.31
C ASP I 342 50.84 21.73 -65.37
N LEU I 343 49.93 21.94 -64.42
CA LEU I 343 49.95 23.14 -63.58
C LEU I 343 51.07 23.07 -62.55
N LYS I 344 51.36 24.23 -61.96
CA LYS I 344 52.33 24.34 -60.89
C LYS I 344 51.89 25.43 -59.93
N GLU I 345 52.38 25.33 -58.70
CA GLU I 345 52.11 26.27 -57.61
C GLU I 345 50.62 26.43 -57.33
N LEU I 346 49.95 25.30 -57.12
CA LEU I 346 48.57 25.32 -56.69
C LEU I 346 48.49 25.74 -55.22
N VAL I 347 47.28 26.05 -54.76
CA VAL I 347 47.10 26.36 -53.35
C VAL I 347 47.17 25.07 -52.54
N SER I 348 47.31 25.22 -51.23
CA SER I 348 47.45 24.06 -50.35
C SER I 348 46.10 23.37 -50.21
N THR I 349 46.05 22.09 -50.58
CA THR I 349 44.80 21.36 -50.56
C THR I 349 44.33 21.02 -49.14
N GLU I 350 45.20 21.13 -48.15
CA GLU I 350 44.80 20.98 -46.76
C GLU I 350 44.36 22.29 -46.13
N ALA I 351 44.52 23.41 -46.85
CA ALA I 351 44.10 24.71 -46.37
C ALA I 351 42.84 25.22 -47.05
N GLN I 352 42.61 24.86 -48.31
CA GLN I 352 41.37 25.23 -48.97
C GLN I 352 40.21 24.36 -48.49
N ILE I 353 40.47 23.08 -48.26
CA ILE I 353 39.42 22.16 -47.81
C ILE I 353 38.99 22.49 -46.38
N GLN I 354 39.94 22.89 -45.53
CA GLN I 354 39.63 23.27 -44.16
C GLN I 354 38.83 24.56 -44.08
N LYS I 355 38.91 25.41 -45.10
CA LYS I 355 38.06 26.59 -45.19
C LYS I 355 36.75 26.29 -45.90
N MET I 356 36.77 25.37 -46.86
CA MET I 356 35.58 25.02 -47.62
C MET I 356 34.57 24.25 -46.78
N SER I 357 35.04 23.49 -45.79
CA SER I 357 34.16 22.73 -44.93
C SER I 357 33.62 23.54 -43.76
N GLN I 358 34.16 24.74 -43.54
CA GLN I 358 33.66 25.62 -42.51
C GLN I 358 32.55 26.53 -43.03
N ASP I 359 32.67 27.00 -44.27
CA ASP I 359 31.66 27.89 -44.83
C ASP I 359 30.39 27.13 -45.21
N LEU I 360 30.53 25.88 -45.65
CA LEU I 360 29.36 25.13 -46.08
C LEU I 360 28.53 24.65 -44.90
N GLN I 361 29.17 24.41 -43.75
CA GLN I 361 28.53 23.93 -42.52
C GLN I 361 27.78 22.62 -42.74
N LEU I 362 28.49 21.63 -43.28
CA LEU I 362 27.84 20.38 -43.67
C LEU I 362 27.47 19.50 -42.49
N GLU I 363 28.08 19.73 -41.33
CA GLU I 363 27.79 18.89 -40.17
C GLU I 363 26.43 19.20 -39.54
N ALA I 364 25.88 20.37 -39.79
CA ALA I 364 24.64 20.81 -39.16
C ALA I 364 23.42 20.71 -40.06
N LEU I 365 23.59 20.30 -41.32
CA LEU I 365 22.45 20.14 -42.21
C LEU I 365 21.81 18.77 -42.00
N THR I 366 20.78 18.49 -42.80
CA THR I 366 20.17 17.16 -42.87
C THR I 366 20.47 16.64 -44.28
N ILE I 367 21.63 16.02 -44.42
CA ILE I 367 22.09 15.42 -45.67
C ILE I 367 22.60 14.03 -45.34
N GLN I 368 22.11 13.02 -46.06
CA GLN I 368 22.53 11.65 -45.81
C GLN I 368 23.97 11.39 -46.23
N SER I 369 24.53 12.21 -47.12
CA SER I 369 25.88 12.04 -47.64
C SER I 369 26.70 13.26 -47.25
N GLU I 370 27.28 13.22 -46.05
CA GLU I 370 28.09 14.31 -45.55
C GLU I 370 29.56 14.18 -45.95
N THR I 371 30.06 12.95 -46.08
CA THR I 371 31.43 12.70 -46.49
C THR I 371 31.57 12.53 -48.01
N GLN I 372 30.51 12.77 -48.77
CA GLN I 372 30.58 12.76 -50.23
C GLN I 372 31.06 14.09 -50.80
N PHE I 373 30.86 15.18 -50.05
CA PHE I 373 30.99 16.53 -50.59
C PHE I 373 32.43 16.87 -50.98
N LEU I 374 33.40 16.44 -50.18
CA LEU I 374 34.77 16.90 -50.32
C LEU I 374 35.71 15.74 -50.66
N THR I 375 35.27 14.87 -51.57
CA THR I 375 36.09 13.70 -51.92
C THR I 375 37.15 14.02 -52.96
N GLY I 376 36.72 14.42 -54.15
CA GLY I 376 37.63 14.53 -55.27
C GLY I 376 38.32 15.87 -55.42
N ILE I 377 38.51 16.57 -54.31
CA ILE I 377 39.22 17.85 -54.32
C ILE I 377 40.67 17.52 -53.99
N ASN I 378 41.45 17.19 -55.02
CA ASN I 378 42.84 16.82 -54.89
C ASN I 378 43.72 17.83 -55.63
N SER I 379 45.01 17.53 -55.70
CA SER I 379 45.92 18.29 -56.55
C SER I 379 46.18 17.62 -57.89
N GLN I 380 45.99 16.30 -57.97
CA GLN I 380 46.12 15.57 -59.22
C GLN I 380 44.78 15.39 -59.93
N ALA I 381 43.72 15.97 -59.38
CA ALA I 381 42.45 16.07 -60.10
C ALA I 381 42.28 17.41 -60.79
N ALA I 382 43.00 18.44 -60.37
CA ALA I 382 43.05 19.68 -61.13
C ALA I 382 43.85 19.48 -62.41
N ASN I 383 44.97 18.74 -62.32
CA ASN I 383 45.75 18.45 -63.51
C ASN I 383 45.02 17.49 -64.44
N ASP I 384 44.14 16.65 -63.89
CA ASP I 384 43.38 15.72 -64.74
C ASP I 384 42.30 16.45 -65.52
N CYS I 385 41.78 17.55 -64.99
CA CYS I 385 40.74 18.30 -65.68
C CYS I 385 41.32 19.38 -66.58
N PHE I 386 42.49 19.90 -66.26
CA PHE I 386 43.13 20.87 -67.14
C PHE I 386 43.66 20.22 -68.41
N LYS I 387 43.98 18.93 -68.36
CA LYS I 387 44.45 18.22 -69.53
C LYS I 387 43.33 17.58 -70.32
N THR I 388 42.22 17.24 -69.65
CA THR I 388 41.06 16.72 -70.37
C THR I 388 40.38 17.83 -71.16
N LEU I 389 40.23 19.00 -70.56
CA LEU I 389 39.45 20.08 -71.16
C LEU I 389 40.17 20.72 -72.35
N ILE I 390 41.48 20.52 -72.49
CA ILE I 390 42.20 21.01 -73.65
C ILE I 390 42.32 19.93 -74.72
N ALA I 391 42.59 18.68 -74.33
CA ALA I 391 42.82 17.63 -75.31
C ALA I 391 41.53 17.06 -75.88
N ALA I 392 40.40 17.21 -75.18
CA ALA I 392 39.11 16.91 -75.77
C ALA I 392 38.55 18.10 -76.54
N MET I 393 39.36 19.12 -76.77
CA MET I 393 39.00 20.28 -77.57
C MET I 393 39.99 20.54 -78.70
N LEU I 394 41.22 20.04 -78.62
CA LEU I 394 42.15 20.11 -79.74
C LEU I 394 41.86 19.05 -80.78
N SER I 395 41.35 17.90 -80.37
CA SER I 395 40.62 17.01 -81.26
C SER I 395 39.16 17.45 -81.24
N GLN I 396 38.26 16.65 -81.78
CA GLN I 396 36.84 16.96 -81.63
C GLN I 396 36.18 15.73 -81.03
N ARG I 397 36.30 15.61 -79.72
CA ARG I 397 35.94 14.41 -78.98
C ARG I 397 34.86 14.77 -77.98
N THR I 398 33.69 14.16 -78.13
CA THR I 398 32.56 14.50 -77.29
C THR I 398 32.79 14.03 -75.86
N MET I 399 32.18 14.75 -74.92
CA MET I 399 32.56 14.66 -73.51
C MET I 399 31.29 14.57 -72.67
N SER I 400 31.16 13.50 -71.90
CA SER I 400 29.99 13.30 -71.07
C SER I 400 30.28 13.73 -69.63
N LEU I 401 29.25 14.18 -68.94
CA LEU I 401 29.38 14.69 -67.58
C LEU I 401 28.92 13.62 -66.59
N ASP I 402 29.74 13.38 -65.56
CA ASP I 402 29.41 12.46 -64.49
C ASP I 402 29.36 13.26 -63.20
N PHE I 403 28.19 13.31 -62.57
CA PHE I 403 27.99 14.16 -61.41
C PHE I 403 26.83 13.61 -60.59
N VAL I 404 26.76 14.06 -59.34
CA VAL I 404 25.69 13.72 -58.42
C VAL I 404 24.92 14.98 -58.10
N THR I 405 23.59 14.93 -58.23
CA THR I 405 22.76 16.11 -58.05
C THR I 405 22.54 16.46 -56.58
N THR I 406 22.91 15.56 -55.66
CA THR I 406 22.89 15.90 -54.25
C THR I 406 23.96 16.93 -53.92
N ASN I 407 25.12 16.82 -54.57
CA ASN I 407 26.27 17.69 -54.34
C ASN I 407 26.02 19.03 -55.02
N TYR I 408 25.54 20.01 -54.27
CA TYR I 408 25.31 21.33 -54.87
C TYR I 408 26.59 22.13 -55.06
N MET I 409 27.70 21.71 -54.44
CA MET I 409 28.97 22.41 -54.68
C MET I 409 29.63 21.92 -55.95
N SER I 410 29.37 20.68 -56.35
CA SER I 410 29.80 20.17 -57.64
C SER I 410 28.88 20.61 -58.77
N LEU I 411 27.86 21.41 -58.48
CA LEU I 411 26.93 21.90 -59.48
C LEU I 411 27.13 23.37 -59.79
N ILE I 412 27.55 24.17 -58.81
CA ILE I 412 27.93 25.55 -59.05
C ILE I 412 29.23 25.60 -59.87
N SER I 413 30.11 24.62 -59.69
CA SER I 413 31.30 24.54 -60.52
C SER I 413 30.98 24.10 -61.93
N GLY I 414 29.81 23.51 -62.16
CA GLY I 414 29.34 23.26 -63.51
C GLY I 414 28.77 24.47 -64.21
N MET I 415 28.47 25.54 -63.46
CA MET I 415 28.11 26.80 -64.09
C MET I 415 29.30 27.43 -64.79
N TRP I 416 30.50 27.23 -64.26
CA TRP I 416 31.70 27.74 -64.93
C TRP I 416 32.07 26.91 -66.14
N LEU I 417 31.73 25.62 -66.15
CA LEU I 417 32.12 24.78 -67.27
C LEU I 417 31.32 25.10 -68.52
N LEU I 418 30.01 25.31 -68.38
CA LEU I 418 29.16 25.54 -69.53
C LEU I 418 29.37 26.92 -70.15
N THR I 419 29.87 27.89 -69.39
CA THR I 419 30.05 29.24 -69.89
C THR I 419 31.36 29.44 -70.63
N VAL I 420 32.27 28.47 -70.59
CA VAL I 420 33.58 28.57 -71.23
C VAL I 420 33.73 27.52 -72.33
N VAL I 421 33.46 26.26 -72.00
CA VAL I 421 33.47 25.21 -73.01
C VAL I 421 32.18 25.28 -73.81
N PRO I 422 32.25 25.27 -75.15
CA PRO I 422 31.04 25.38 -75.96
C PRO I 422 30.09 24.20 -75.80
N ASN I 423 28.82 24.44 -76.13
CA ASN I 423 27.77 23.46 -75.86
C ASN I 423 27.82 22.28 -76.82
N ASP I 424 28.34 22.48 -78.02
CA ASP I 424 28.41 21.39 -78.98
C ASP I 424 29.51 20.38 -78.67
N MET I 425 30.32 20.64 -77.64
CA MET I 425 31.35 19.70 -77.24
C MET I 425 30.77 18.54 -76.45
N PHE I 426 29.76 18.78 -75.63
CA PHE I 426 29.20 17.73 -74.80
C PHE I 426 28.14 16.94 -75.55
N ILE I 427 27.94 15.69 -75.13
CA ILE I 427 26.83 14.89 -75.59
C ILE I 427 25.53 15.54 -75.12
N ARG I 428 24.50 15.50 -75.98
CA ARG I 428 23.29 16.27 -75.72
C ARG I 428 22.51 15.73 -74.52
N GLU I 429 22.53 14.42 -74.31
CA GLU I 429 21.74 13.84 -73.23
C GLU I 429 22.33 14.12 -71.85
N SER I 430 23.59 14.54 -71.78
CA SER I 430 24.20 14.97 -70.52
C SER I 430 24.21 16.48 -70.35
N LEU I 431 24.30 17.22 -71.44
CA LEU I 431 24.17 18.67 -71.36
C LEU I 431 22.77 19.09 -70.97
N VAL I 432 21.76 18.35 -71.43
CA VAL I 432 20.38 18.59 -70.99
C VAL I 432 20.21 18.17 -69.54
N ALA I 433 20.80 17.04 -69.14
CA ALA I 433 20.65 16.54 -67.79
C ALA I 433 21.45 17.33 -66.76
N CYS I 434 22.39 18.16 -67.18
CA CYS I 434 23.13 18.99 -66.24
C CYS I 434 22.49 20.36 -66.07
N GLN I 435 21.97 20.94 -67.16
CA GLN I 435 21.27 22.22 -67.05
C GLN I 435 19.91 22.09 -66.40
N LEU I 436 19.30 20.90 -66.46
CA LEU I 436 18.06 20.66 -65.74
C LEU I 436 18.30 20.48 -64.25
N ALA I 437 19.52 20.10 -63.85
CA ALA I 437 19.81 19.96 -62.43
C ALA I 437 20.13 21.30 -61.79
N ILE I 438 20.71 22.24 -62.54
CA ILE I 438 21.00 23.57 -62.01
C ILE I 438 19.71 24.35 -61.81
N ILE I 439 18.80 24.26 -62.78
CA ILE I 439 17.59 25.06 -62.76
C ILE I 439 16.62 24.57 -61.68
N ASN I 440 16.43 23.25 -61.60
CA ASN I 440 15.49 22.70 -60.62
C ASN I 440 16.01 22.75 -59.18
N THR I 441 17.24 23.16 -58.95
CA THR I 441 17.80 23.22 -57.62
C THR I 441 18.25 24.62 -57.21
N ILE I 442 18.91 25.36 -58.09
CA ILE I 442 19.58 26.60 -57.74
C ILE I 442 18.85 27.82 -58.29
N ILE I 443 18.52 27.83 -59.58
CA ILE I 443 18.04 29.05 -60.22
C ILE I 443 16.54 29.24 -59.98
N TYR I 444 15.72 28.28 -60.38
CA TYR I 444 14.28 28.43 -60.17
C TYR I 444 13.78 28.39 -58.73
N PRO I 445 14.39 27.67 -57.78
CA PRO I 445 14.04 27.93 -56.38
C PRO I 445 14.48 29.28 -55.85
N ALA I 446 15.42 29.97 -56.51
CA ALA I 446 15.88 31.25 -56.00
C ALA I 446 14.87 32.36 -56.27
N PHE I 447 14.25 32.35 -57.45
CA PHE I 447 13.30 33.38 -57.80
C PHE I 447 11.87 33.01 -57.47
N GLY I 448 11.66 31.91 -56.76
CA GLY I 448 10.34 31.54 -56.33
C GLY I 448 9.47 30.88 -57.37
N MET I 449 9.97 30.68 -58.59
CA MET I 449 9.17 30.06 -59.63
C MET I 449 9.02 28.57 -59.38
N GLN I 450 8.07 27.96 -60.05
CA GLN I 450 7.85 26.54 -59.91
C GLN I 450 8.94 25.77 -60.66
N ARG I 451 8.99 24.47 -60.42
CA ARG I 451 9.99 23.63 -61.05
C ARG I 451 9.70 23.45 -62.53
N MET I 452 10.67 22.91 -63.24
CA MET I 452 10.61 22.82 -64.69
C MET I 452 10.07 21.46 -65.09
N HIS I 453 8.83 21.43 -65.58
CA HIS I 453 8.29 20.23 -66.21
C HIS I 453 8.77 20.22 -67.66
N TYR I 454 9.70 19.34 -67.97
CA TYR I 454 10.44 19.40 -69.23
C TYR I 454 10.38 18.05 -69.92
N ARG I 455 9.78 18.03 -71.11
CA ARG I 455 9.79 16.82 -71.93
C ARG I 455 11.17 16.57 -72.50
N ASN I 456 11.56 15.30 -72.59
CA ASN I 456 12.91 14.98 -73.00
C ASN I 456 13.10 15.11 -74.51
N GLY I 457 12.04 14.99 -75.29
CA GLY I 457 12.14 15.16 -76.73
C GLY I 457 11.84 16.56 -77.19
N ASP I 458 12.46 17.55 -76.56
CA ASP I 458 12.20 18.94 -76.84
C ASP I 458 13.37 19.53 -77.60
N PRO I 459 13.15 20.26 -78.70
CA PRO I 459 14.26 20.89 -79.40
C PRO I 459 14.86 22.09 -78.69
N GLN I 460 14.30 22.53 -77.58
CA GLN I 460 14.80 23.67 -76.82
C GLN I 460 15.45 23.17 -75.54
N THR I 461 16.76 23.35 -75.46
CA THR I 461 17.54 22.99 -74.28
C THR I 461 17.11 23.87 -73.10
N PRO I 462 17.02 23.32 -71.85
CA PRO I 462 16.50 24.08 -70.71
C PRO I 462 17.06 25.47 -70.39
N PHE I 463 18.22 25.84 -70.93
CA PHE I 463 18.65 27.22 -70.84
C PHE I 463 18.09 28.09 -71.95
N GLN I 464 17.40 27.51 -72.93
CA GLN I 464 16.70 28.31 -73.92
C GLN I 464 15.24 28.54 -73.55
N ILE I 465 14.74 27.85 -72.53
CA ILE I 465 13.42 28.14 -71.99
C ILE I 465 13.51 29.11 -70.82
N ALA I 466 14.48 28.93 -69.93
CA ALA I 466 14.67 29.83 -68.81
C ALA I 466 15.39 31.11 -69.18
N GLU I 467 15.78 31.28 -70.43
CA GLU I 467 16.28 32.58 -70.88
C GLU I 467 15.13 33.56 -71.07
N GLN I 468 13.93 33.07 -71.35
CA GLN I 468 12.78 33.92 -71.63
C GLN I 468 11.79 34.01 -70.48
N GLN I 469 11.93 33.18 -69.45
CA GLN I 469 11.01 33.23 -68.32
C GLN I 469 11.64 33.72 -67.02
N ILE I 470 12.96 33.92 -66.99
CA ILE I 470 13.60 34.56 -65.86
C ILE I 470 13.42 36.06 -66.02
N GLN I 471 12.81 36.69 -65.02
CA GLN I 471 12.51 38.12 -65.08
C GLN I 471 13.63 38.97 -64.50
N ASN I 472 14.76 38.36 -64.14
CA ASN I 472 15.94 39.13 -63.80
C ASN I 472 16.66 39.54 -65.07
N PHE I 473 17.67 40.40 -64.93
CA PHE I 473 18.51 40.74 -66.07
C PHE I 473 19.94 40.25 -65.95
N GLN I 474 20.49 40.15 -64.74
CA GLN I 474 21.85 39.65 -64.60
C GLN I 474 21.91 38.14 -64.81
N VAL I 475 20.82 37.43 -64.49
CA VAL I 475 20.78 35.99 -64.73
C VAL I 475 20.31 35.67 -66.13
N ALA I 476 19.37 36.44 -66.69
CA ALA I 476 18.89 36.18 -68.03
C ALA I 476 19.78 36.76 -69.12
N ASN I 477 20.91 37.37 -68.76
CA ASN I 477 21.92 37.75 -69.75
C ASN I 477 23.10 36.80 -69.75
N TRP I 478 23.40 36.16 -68.61
CA TRP I 478 24.35 35.06 -68.62
C TRP I 478 23.78 33.86 -69.35
N LEU I 479 22.47 33.65 -69.27
CA LEU I 479 21.83 32.56 -70.00
C LEU I 479 21.77 32.81 -71.49
N HIS I 480 22.00 34.05 -71.94
CA HIS I 480 22.10 34.31 -73.37
C HIS I 480 23.49 34.02 -73.91
N PHE I 481 24.52 34.03 -73.07
CA PHE I 481 25.84 33.68 -73.58
C PHE I 481 26.06 32.18 -73.59
N VAL I 482 25.58 31.47 -72.57
CA VAL I 482 25.78 30.02 -72.52
C VAL I 482 24.89 29.32 -73.55
N ASN I 483 23.83 29.98 -74.01
CA ASN I 483 23.05 29.47 -75.13
C ASN I 483 23.68 29.78 -76.47
N ASN I 484 24.71 30.61 -76.53
CA ASN I 484 25.22 31.07 -77.81
C ASN I 484 26.74 31.10 -77.86
N ASN I 485 27.41 30.28 -77.07
CA ASN I 485 28.84 30.04 -77.26
C ASN I 485 28.99 28.73 -78.03
N GLN I 486 29.47 28.84 -79.26
CA GLN I 486 29.74 27.68 -80.09
C GLN I 486 31.10 27.89 -80.72
N PHE I 487 31.44 27.05 -81.68
CA PHE I 487 32.71 27.14 -82.38
C PHE I 487 32.49 27.83 -83.72
N ARG I 488 33.16 28.96 -83.92
CA ARG I 488 33.11 29.66 -85.20
C ARG I 488 34.13 29.03 -86.13
N GLN I 489 33.66 28.34 -87.15
CA GLN I 489 34.53 27.65 -88.08
C GLN I 489 35.22 28.65 -89.00
N VAL I 490 36.54 28.70 -88.95
CA VAL I 490 37.32 29.58 -89.81
C VAL I 490 38.43 28.75 -90.46
N VAL I 491 38.86 29.17 -91.64
CA VAL I 491 39.92 28.50 -92.38
C VAL I 491 41.13 29.42 -92.40
N ILE I 492 42.24 28.95 -91.83
CA ILE I 492 43.47 29.72 -91.78
C ILE I 492 44.62 28.84 -92.27
N ASP I 493 45.36 29.35 -93.27
CA ASP I 493 46.56 28.73 -93.83
C ASP I 493 46.30 27.35 -94.42
N GLY I 494 45.09 27.13 -94.94
CA GLY I 494 44.73 25.91 -95.63
C GLY I 494 43.84 24.98 -94.83
N VAL I 495 43.98 24.97 -93.52
CA VAL I 495 43.25 24.03 -92.68
C VAL I 495 42.10 24.75 -92.00
N LEU I 496 41.06 23.98 -91.67
CA LEU I 496 39.94 24.48 -90.91
C LEU I 496 40.19 24.22 -89.43
N ASN I 497 39.89 25.21 -88.59
CA ASN I 497 39.98 24.98 -87.16
C ASN I 497 38.88 25.74 -86.44
N GLN I 498 38.35 25.09 -85.41
CA GLN I 498 37.19 25.59 -84.67
C GLN I 498 37.69 26.55 -83.59
N VAL I 499 37.60 27.84 -83.85
CA VAL I 499 38.14 28.83 -82.92
C VAL I 499 37.07 29.28 -81.95
N LEU I 500 37.51 29.71 -80.78
CA LEU I 500 36.64 30.27 -79.75
C LEU I 500 36.26 31.70 -80.13
N ASN I 501 35.22 32.22 -79.47
CA ASN I 501 34.89 33.60 -79.74
C ASN I 501 35.82 34.52 -78.95
N ASP I 502 35.78 35.81 -79.29
CA ASP I 502 36.75 36.77 -78.79
C ASP I 502 36.44 37.26 -77.39
N ASN I 503 35.52 36.62 -76.68
CA ASN I 503 35.14 37.04 -75.35
C ASN I 503 35.49 36.04 -74.27
N ILE I 504 35.66 34.77 -74.61
CA ILE I 504 36.14 33.76 -73.66
C ILE I 504 37.66 33.78 -73.55
N ARG I 505 38.35 33.89 -74.68
CA ARG I 505 39.81 34.02 -74.67
C ARG I 505 40.27 35.36 -74.12
N ASN I 506 39.39 36.36 -74.09
CA ASN I 506 39.69 37.59 -73.35
C ASN I 506 39.58 37.35 -71.85
N GLY I 507 38.71 36.44 -71.43
CA GLY I 507 38.45 36.24 -70.03
C GLY I 507 37.48 37.22 -69.42
N HIS I 508 36.61 37.83 -70.25
CA HIS I 508 35.66 38.84 -69.79
C HIS I 508 34.30 38.24 -69.46
N VAL I 509 34.06 36.98 -69.79
CA VAL I 509 32.76 36.37 -69.55
C VAL I 509 32.56 36.09 -68.06
N VAL I 510 33.64 35.81 -67.34
CA VAL I 510 33.55 35.49 -65.92
C VAL I 510 33.10 36.70 -65.10
N ASN I 511 33.32 37.92 -65.59
CA ASN I 511 32.70 39.08 -64.97
C ASN I 511 31.20 39.08 -65.12
N GLN I 512 30.67 38.47 -66.18
CA GLN I 512 29.22 38.35 -66.35
C GLN I 512 28.66 37.19 -65.54
N LEU I 513 29.45 36.14 -65.32
CA LEU I 513 28.99 35.06 -64.45
C LEU I 513 28.93 35.52 -62.99
N MET I 514 29.78 36.45 -62.59
CA MET I 514 29.79 36.91 -61.21
C MET I 514 28.52 37.66 -60.86
N GLU I 515 28.06 38.54 -61.75
CA GLU I 515 26.83 39.26 -61.48
C GLU I 515 25.60 38.36 -61.59
N ALA I 516 25.69 37.24 -62.30
CA ALA I 516 24.66 36.23 -62.27
C ALA I 516 24.80 35.30 -61.07
N LEU I 517 25.84 35.49 -60.26
CA LEU I 517 26.09 34.66 -59.10
C LEU I 517 26.15 35.47 -57.82
N MET I 518 26.49 36.76 -57.89
CA MET I 518 26.38 37.64 -56.73
C MET I 518 24.96 38.14 -56.54
N GLN I 519 24.18 38.23 -57.61
CA GLN I 519 22.78 38.59 -57.47
C GLN I 519 21.93 37.38 -57.12
N LEU I 520 22.35 36.19 -57.54
CA LEU I 520 21.65 34.98 -57.17
C LEU I 520 21.88 34.62 -55.71
N SER I 521 22.94 35.15 -55.10
CA SER I 521 23.24 34.90 -53.70
C SER I 521 22.45 35.81 -52.77
N ARG I 522 21.86 36.88 -53.27
CA ARG I 522 21.08 37.79 -52.44
C ARG I 522 19.62 37.39 -52.35
N GLN I 523 19.18 36.44 -53.17
CA GLN I 523 17.77 36.08 -53.23
C GLN I 523 17.34 35.33 -51.98
N GLN I 524 16.17 35.68 -51.46
CA GLN I 524 15.55 34.86 -50.44
C GLN I 524 14.84 33.70 -51.12
N PHE I 525 15.34 32.49 -50.87
CA PHE I 525 14.72 31.29 -51.39
C PHE I 525 13.43 31.11 -50.62
N PRO I 526 12.26 31.34 -51.23
CA PRO I 526 11.06 31.67 -50.44
C PRO I 526 10.41 30.52 -49.70
N THR I 527 10.67 29.27 -50.08
CA THR I 527 10.10 28.15 -49.37
C THR I 527 11.15 27.15 -48.93
N MET I 528 12.42 27.44 -49.14
CA MET I 528 13.49 26.54 -48.75
C MET I 528 13.63 26.53 -47.23
N PRO I 529 14.02 25.38 -46.65
CA PRO I 529 14.43 25.38 -45.24
C PRO I 529 15.62 26.30 -45.03
N VAL I 530 15.58 27.04 -43.91
CA VAL I 530 16.57 28.08 -43.66
C VAL I 530 17.93 27.47 -43.30
N ASP I 531 17.97 26.18 -42.96
CA ASP I 531 19.25 25.51 -42.76
C ASP I 531 19.93 25.25 -44.09
N TYR I 532 19.17 24.86 -45.11
CA TYR I 532 19.72 24.56 -46.43
C TYR I 532 19.94 25.81 -47.25
N LYS I 533 19.20 26.89 -46.97
CA LYS I 533 19.33 28.11 -47.74
C LYS I 533 20.62 28.85 -47.38
N ARG I 534 20.98 28.87 -46.10
CA ARG I 534 22.18 29.55 -45.66
C ARG I 534 23.45 28.81 -46.03
N SER I 535 23.35 27.53 -46.41
CA SER I 535 24.48 26.77 -46.90
C SER I 535 24.58 26.77 -48.42
N ILE I 536 23.48 27.02 -49.12
CA ILE I 536 23.50 27.12 -50.57
C ILE I 536 23.82 28.54 -51.03
N GLN I 537 23.78 29.51 -50.11
CA GLN I 537 24.18 30.88 -50.40
C GLN I 537 25.63 31.16 -50.03
N ARG I 538 26.27 30.27 -49.27
CA ARG I 538 27.68 30.41 -48.97
C ARG I 538 28.56 29.57 -49.88
N GLY I 539 28.05 28.47 -50.41
CA GLY I 539 28.77 27.74 -51.45
C GLY I 539 28.86 28.48 -52.75
N ILE I 540 27.93 29.40 -53.01
CA ILE I 540 28.04 30.29 -54.16
C ILE I 540 29.17 31.30 -53.95
N LEU I 541 29.26 31.86 -52.73
CA LEU I 541 30.28 32.85 -52.42
C LEU I 541 31.68 32.26 -52.28
N LEU I 542 31.86 30.95 -52.40
CA LEU I 542 33.20 30.38 -52.54
C LEU I 542 33.67 30.36 -53.98
N LEU I 543 32.78 30.58 -54.92
CA LEU I 543 33.13 30.72 -56.34
C LEU I 543 33.07 32.15 -56.83
N SER I 544 32.12 32.94 -56.34
CA SER I 544 32.01 34.34 -56.73
C SER I 544 33.12 35.21 -56.16
N ASN I 545 33.75 34.78 -55.08
CA ASN I 545 34.82 35.55 -54.47
C ASN I 545 36.18 35.29 -55.09
N ARG I 546 36.25 34.48 -56.14
CA ARG I 546 37.49 34.20 -56.84
C ARG I 546 37.48 34.77 -58.26
N LEU I 547 36.95 35.99 -58.41
CA LEU I 547 36.86 36.60 -59.74
C LEU I 547 38.24 36.87 -60.34
N GLY I 548 39.19 37.30 -59.51
CA GLY I 548 40.50 37.63 -60.02
C GLY I 548 41.32 36.44 -60.46
N GLN I 549 40.99 35.26 -59.96
CA GLN I 549 41.74 34.05 -60.26
C GLN I 549 40.95 33.07 -61.12
N LEU I 550 39.70 33.38 -61.43
CA LEU I 550 38.93 32.59 -62.37
C LEU I 550 38.87 33.25 -63.74
N VAL I 551 39.02 34.58 -63.78
CA VAL I 551 39.32 35.26 -65.03
C VAL I 551 40.70 34.85 -65.52
N ASP I 552 41.65 34.71 -64.61
CA ASP I 552 43.01 34.36 -64.97
C ASP I 552 43.21 32.88 -65.25
N LEU I 553 42.19 32.04 -65.00
CA LEU I 553 42.26 30.67 -65.46
C LEU I 553 41.86 30.55 -66.92
N THR I 554 40.71 31.14 -67.28
CA THR I 554 40.23 31.05 -68.65
C THR I 554 40.99 31.94 -69.61
N ARG I 555 41.78 32.89 -69.12
CA ARG I 555 42.74 33.55 -69.98
C ARG I 555 43.87 32.61 -70.35
N LEU I 556 44.21 31.67 -69.47
CA LEU I 556 45.24 30.66 -69.71
C LEU I 556 44.70 29.44 -70.43
N LEU I 557 43.46 29.05 -70.14
CA LEU I 557 42.86 27.87 -70.77
C LEU I 557 42.66 28.07 -72.26
N ALA I 558 42.41 29.30 -72.70
CA ALA I 558 42.20 29.59 -74.10
C ALA I 558 43.43 30.16 -74.78
N TYR I 559 44.56 30.23 -74.08
CA TYR I 559 45.85 30.50 -74.71
C TYR I 559 46.62 29.23 -74.99
N ASN I 560 46.54 28.23 -74.11
CA ASN I 560 47.14 26.94 -74.40
C ASN I 560 46.40 26.23 -75.52
N TYR I 561 45.09 26.45 -75.63
CA TYR I 561 44.34 25.87 -76.75
C TYR I 561 44.66 26.57 -78.06
N GLU I 562 44.82 27.90 -78.01
CA GLU I 562 45.05 28.68 -79.23
C GLU I 562 46.45 28.46 -79.78
N THR I 563 47.43 28.24 -78.90
CA THR I 563 48.80 28.02 -79.35
C THR I 563 48.99 26.61 -79.90
N LEU I 564 48.47 25.60 -79.19
CA LEU I 564 48.61 24.22 -79.63
C LEU I 564 47.80 23.91 -80.88
N MET I 565 46.79 24.72 -81.21
CA MET I 565 46.02 24.53 -82.43
C MET I 565 46.78 25.00 -83.66
N ALA I 566 47.82 25.81 -83.48
CA ALA I 566 48.58 26.32 -84.63
C ALA I 566 49.39 25.22 -85.30
N CYS I 567 49.85 24.24 -84.53
CA CYS I 567 50.53 23.06 -85.07
C CYS I 567 49.58 21.89 -85.24
N ILE I 568 48.46 22.12 -85.92
CA ILE I 568 47.51 21.08 -86.32
C ILE I 568 47.51 21.05 -87.84
N THR I 569 47.84 19.90 -88.41
CA THR I 569 47.94 19.80 -89.86
C THR I 569 46.65 19.27 -90.48
N MET I 570 46.01 18.29 -89.84
CA MET I 570 44.78 17.75 -90.39
C MET I 570 43.61 18.70 -90.17
N ASN I 571 42.49 18.37 -90.79
CA ASN I 571 41.33 19.24 -90.82
C ASN I 571 40.50 18.98 -89.57
N MET I 572 40.12 20.04 -88.86
CA MET I 572 39.44 19.89 -87.58
C MET I 572 37.93 19.78 -87.78
N GLN I 573 37.52 18.68 -88.40
CA GLN I 573 36.10 18.42 -88.61
C GLN I 573 35.45 18.01 -87.29
N HIS I 574 34.13 18.12 -87.24
CA HIS I 574 33.41 18.03 -85.97
C HIS I 574 32.11 17.25 -86.18
N VAL I 575 32.05 16.03 -85.65
CA VAL I 575 30.81 15.26 -85.56
C VAL I 575 30.74 14.65 -84.17
N GLN I 576 29.62 13.98 -83.88
CA GLN I 576 29.40 13.35 -82.58
C GLN I 576 29.91 11.91 -82.64
N THR I 577 30.84 11.57 -81.75
CA THR I 577 31.45 10.26 -81.71
C THR I 577 30.61 9.30 -80.89
N LEU I 578 30.88 8.00 -81.07
CA LEU I 578 30.08 6.96 -80.42
C LEU I 578 30.44 6.83 -78.94
N THR I 579 31.71 6.67 -78.62
CA THR I 579 32.17 6.59 -77.25
C THR I 579 32.67 7.96 -76.81
N THR I 580 32.33 8.34 -75.59
CA THR I 580 32.63 9.66 -75.06
C THR I 580 33.64 9.58 -73.91
N GLU I 581 34.48 10.60 -73.82
CA GLU I 581 35.41 10.72 -72.70
C GLU I 581 34.69 11.33 -71.51
N LYS I 582 34.78 10.66 -70.36
CA LYS I 582 34.05 11.11 -69.19
C LYS I 582 34.76 12.27 -68.52
N LEU I 583 33.99 13.26 -68.09
CA LEU I 583 34.50 14.38 -67.32
C LEU I 583 33.67 14.50 -66.05
N GLN I 584 34.30 14.34 -64.90
CA GLN I 584 33.60 14.38 -63.62
C GLN I 584 33.54 15.82 -63.14
N LEU I 585 32.33 16.27 -62.77
CA LEU I 585 32.18 17.63 -62.28
C LEU I 585 32.77 17.81 -60.90
N THR I 586 33.02 16.72 -60.17
CA THR I 586 33.79 16.80 -58.93
C THR I 586 35.22 17.23 -59.22
N SER I 587 35.79 16.79 -60.35
CA SER I 587 37.13 17.17 -60.74
C SER I 587 37.19 18.53 -61.43
N VAL I 588 36.06 19.16 -61.71
CA VAL I 588 36.08 20.55 -62.14
C VAL I 588 36.08 21.48 -60.94
N THR I 589 35.50 21.04 -59.81
CA THR I 589 35.56 21.80 -58.57
C THR I 589 37.00 21.92 -58.07
N SER I 590 37.80 20.88 -58.25
CA SER I 590 39.20 20.93 -57.81
C SER I 590 40.07 21.77 -58.73
N LEU I 591 39.56 22.23 -59.87
CA LEU I 591 40.30 23.13 -60.74
C LEU I 591 39.93 24.59 -60.52
N CYS I 592 38.65 24.88 -60.31
CA CYS I 592 38.22 26.27 -60.16
C CYS I 592 38.67 26.89 -58.85
N MET I 593 38.97 26.09 -57.83
CA MET I 593 39.40 26.66 -56.55
C MET I 593 40.67 26.01 -56.02
N LEU I 594 41.57 25.58 -56.91
CA LEU I 594 42.94 25.30 -56.52
C LEU I 594 43.96 25.96 -57.45
N ILE I 595 43.53 26.84 -58.35
CA ILE I 595 44.47 27.52 -59.23
C ILE I 595 45.21 28.62 -58.45
N GLY I 596 46.36 29.04 -59.00
CA GLY I 596 47.13 30.12 -58.40
C GLY I 596 47.61 31.11 -59.43
N ASN I 597 48.52 31.99 -59.06
CA ASN I 597 49.07 32.97 -60.01
C ASN I 597 50.37 32.49 -60.64
N ALA I 598 50.35 31.26 -61.18
CA ALA I 598 51.53 30.68 -61.81
C ALA I 598 51.12 30.17 -63.17
N THR I 599 51.54 30.87 -64.22
CA THR I 599 51.16 30.55 -65.58
C THR I 599 52.18 29.65 -66.26
N VAL I 600 51.69 28.73 -67.08
CA VAL I 600 52.51 27.75 -67.78
C VAL I 600 52.16 27.79 -69.26
N ILE I 601 53.18 27.84 -70.11
CA ILE I 601 53.00 27.87 -71.56
C ILE I 601 53.79 26.69 -72.12
N PRO I 602 53.42 26.13 -73.27
CA PRO I 602 54.18 25.01 -73.83
C PRO I 602 55.54 25.48 -74.35
N SER I 603 56.58 24.75 -73.96
CA SER I 603 57.93 25.07 -74.40
C SER I 603 58.09 24.74 -75.89
N PRO I 604 58.95 25.47 -76.61
CA PRO I 604 59.04 25.27 -78.06
C PRO I 604 59.65 23.94 -78.47
N GLN I 605 60.40 23.26 -77.61
CA GLN I 605 60.83 21.91 -77.94
C GLN I 605 59.71 20.89 -77.76
N THR I 606 58.70 21.22 -76.95
CA THR I 606 57.48 20.44 -76.91
C THR I 606 56.54 20.85 -78.04
N LEU I 607 56.59 22.11 -78.42
CA LEU I 607 55.71 22.62 -79.47
C LEU I 607 56.14 22.18 -80.86
N PHE I 608 57.44 21.92 -81.06
CA PHE I 608 57.90 21.39 -82.34
C PHE I 608 57.78 19.88 -82.41
N HIS I 609 57.60 19.21 -81.28
CA HIS I 609 57.41 17.77 -81.30
C HIS I 609 55.97 17.39 -81.58
N TYR I 610 55.01 18.18 -81.12
CA TYR I 610 53.61 17.96 -81.47
C TYR I 610 53.33 18.32 -82.92
N TYR I 611 54.14 19.17 -83.53
CA TYR I 611 53.96 19.47 -84.95
C TYR I 611 54.49 18.35 -85.81
N ASN I 612 55.65 17.79 -85.48
CA ASN I 612 56.29 16.78 -86.31
C ASN I 612 55.66 15.41 -86.17
N VAL I 613 54.74 15.21 -85.24
CA VAL I 613 53.95 13.99 -85.21
C VAL I 613 52.67 14.17 -86.04
N ASN I 614 52.10 15.38 -86.03
CA ASN I 614 50.91 15.64 -86.81
C ASN I 614 51.20 15.71 -88.31
N VAL I 615 52.42 16.11 -88.68
CA VAL I 615 52.79 16.06 -90.10
C VAL I 615 53.11 14.64 -90.51
N ASN I 616 53.83 13.90 -89.67
CA ASN I 616 54.27 12.56 -90.03
C ASN I 616 53.15 11.54 -90.04
N PHE I 617 52.04 11.81 -89.36
CA PHE I 617 50.86 10.98 -89.50
C PHE I 617 50.00 11.40 -90.69
N HIS I 618 49.99 12.68 -91.02
CA HIS I 618 49.20 13.14 -92.14
C HIS I 618 49.87 12.84 -93.47
N SER I 619 51.20 12.94 -93.54
CA SER I 619 51.90 12.58 -94.77
C SER I 619 52.01 11.08 -94.95
N ASN I 620 51.82 10.30 -93.88
CA ASN I 620 51.71 8.86 -94.02
C ASN I 620 50.31 8.46 -94.47
N TYR I 621 49.30 9.22 -94.04
CA TYR I 621 47.92 8.94 -94.43
C TYR I 621 47.68 9.20 -95.91
N ASN I 622 48.38 10.17 -96.49
CA ASN I 622 48.22 10.48 -97.91
C ASN I 622 49.08 9.61 -98.81
N GLU I 623 50.16 9.02 -98.28
CA GLU I 623 50.97 8.14 -99.09
C GLU I 623 50.45 6.71 -99.12
N ARG I 624 49.52 6.37 -98.22
CA ARG I 624 48.89 5.06 -98.25
C ARG I 624 47.60 5.04 -99.06
N ILE I 625 46.94 6.19 -99.22
CA ILE I 625 45.84 6.27 -100.17
C ILE I 625 46.36 6.16 -101.59
N ASN I 626 47.47 6.84 -101.90
CA ASN I 626 48.05 6.78 -103.23
C ASN I 626 48.66 5.42 -103.55
N ASP I 627 49.03 4.64 -102.53
CA ASP I 627 49.54 3.30 -102.76
C ASP I 627 48.45 2.24 -102.78
N ALA I 628 47.24 2.57 -102.32
CA ALA I 628 46.12 1.65 -102.40
C ALA I 628 45.17 1.97 -103.56
N VAL I 629 45.14 3.21 -104.01
CA VAL I 629 44.37 3.52 -105.22
C VAL I 629 45.09 2.98 -106.44
N ALA I 630 46.42 3.11 -106.49
CA ALA I 630 47.20 2.72 -107.66
C ALA I 630 47.34 1.21 -107.82
N ILE I 631 46.83 0.40 -106.90
CA ILE I 631 46.77 -1.04 -107.07
C ILE I 631 45.36 -1.50 -107.40
N ILE I 632 44.35 -0.89 -106.76
CA ILE I 632 42.96 -1.17 -107.08
C ILE I 632 42.64 -0.74 -108.52
N THR I 633 43.23 0.37 -108.95
CA THR I 633 43.09 0.80 -110.33
C THR I 633 43.84 -0.13 -111.28
N ALA I 634 45.08 -0.48 -110.95
CA ALA I 634 45.90 -1.30 -111.83
C ALA I 634 45.46 -2.76 -111.86
N ALA I 635 44.68 -3.21 -110.89
CA ALA I 635 44.11 -4.55 -110.98
C ALA I 635 42.98 -4.61 -111.98
N ASN I 636 42.34 -3.47 -112.27
CA ASN I 636 41.19 -3.44 -113.17
C ASN I 636 41.58 -3.14 -114.61
N ARG I 637 42.65 -2.38 -114.84
CA ARG I 637 43.10 -2.17 -116.21
C ARG I 637 43.73 -3.42 -116.79
N LEU I 638 44.36 -4.23 -115.95
CA LEU I 638 44.94 -5.49 -116.39
C LEU I 638 43.92 -6.62 -116.45
N ASN I 639 42.67 -6.35 -116.06
CA ASN I 639 41.54 -7.28 -116.08
C ASN I 639 41.84 -8.52 -115.23
N LEU I 640 41.97 -8.27 -113.93
CA LEU I 640 42.24 -9.31 -112.95
C LEU I 640 41.04 -9.46 -112.02
N TYR I 641 40.15 -10.38 -112.39
CA TYR I 641 39.18 -10.93 -111.46
C TYR I 641 39.88 -11.98 -110.59
N GLN I 642 39.10 -12.62 -109.70
CA GLN I 642 39.62 -13.48 -108.62
C GLN I 642 40.67 -12.76 -107.78
N LYS I 643 40.44 -11.47 -107.57
CA LYS I 643 41.35 -10.62 -106.80
C LYS I 643 40.49 -9.87 -105.80
N LYS I 644 40.60 -10.25 -104.53
CA LYS I 644 39.77 -9.67 -103.49
C LYS I 644 40.26 -8.26 -103.17
N MET I 645 39.39 -7.28 -103.34
CA MET I 645 39.69 -5.92 -102.93
C MET I 645 39.66 -5.74 -101.42
N LYS I 646 39.14 -6.72 -100.67
CA LYS I 646 39.15 -6.67 -99.22
C LYS I 646 40.53 -6.97 -98.64
N SER I 647 41.46 -7.49 -99.43
CA SER I 647 42.83 -7.68 -98.98
C SER I 647 43.68 -6.44 -99.19
N ILE I 648 43.24 -5.50 -100.02
CA ILE I 648 43.96 -4.25 -100.20
C ILE I 648 43.46 -3.17 -99.26
N VAL I 649 42.17 -3.17 -98.95
CA VAL I 649 41.62 -2.26 -97.96
C VAL I 649 42.12 -2.64 -96.57
N GLU I 650 42.27 -3.93 -96.29
CA GLU I 650 42.81 -4.36 -95.01
C GLU I 650 44.30 -4.12 -94.89
N ASP I 651 45.00 -3.92 -96.01
CA ASP I 651 46.40 -3.50 -95.94
C ASP I 651 46.52 -1.99 -95.82
N PHE I 652 45.56 -1.25 -96.38
CA PHE I 652 45.54 0.20 -96.22
C PHE I 652 45.20 0.60 -94.79
N LEU I 653 44.35 -0.17 -94.11
CA LEU I 653 44.04 0.13 -92.72
C LEU I 653 45.10 -0.36 -91.76
N LYS I 654 45.94 -1.31 -92.18
CA LYS I 654 46.93 -1.88 -91.27
C LYS I 654 48.18 -1.04 -91.20
N ARG I 655 48.59 -0.43 -92.30
CA ARG I 655 49.78 0.43 -92.27
C ARG I 655 49.50 1.75 -91.58
N LEU I 656 48.25 2.21 -91.62
CA LEU I 656 47.79 3.24 -90.69
C LEU I 656 47.83 2.61 -89.30
N GLN I 657 48.75 3.05 -88.46
CA GLN I 657 49.12 2.28 -87.28
C GLN I 657 48.13 2.35 -86.13
N ILE I 658 47.02 3.09 -86.27
CA ILE I 658 46.11 3.28 -85.15
C ILE I 658 44.90 2.34 -85.19
N PHE I 659 44.80 1.50 -86.21
CA PHE I 659 43.65 0.61 -86.37
C PHE I 659 44.07 -0.85 -86.17
N ASP I 660 43.07 -1.71 -85.98
CA ASP I 660 43.23 -3.13 -86.18
C ASP I 660 42.07 -3.64 -87.02
N ILE I 661 42.36 -4.62 -87.89
CA ILE I 661 41.35 -5.09 -88.84
C ILE I 661 40.39 -6.11 -88.24
N SER I 662 40.59 -6.52 -86.99
CA SER I 662 39.76 -7.56 -86.40
C SER I 662 38.43 -7.05 -85.88
N ARG I 663 38.25 -5.72 -85.77
CA ARG I 663 37.05 -5.16 -85.19
C ARG I 663 36.30 -4.20 -86.10
N VAL I 664 36.84 -3.86 -87.26
CA VAL I 664 36.13 -2.98 -88.19
C VAL I 664 34.96 -3.74 -88.80
N PRO I 665 33.74 -3.19 -88.79
CA PRO I 665 32.59 -3.93 -89.29
C PRO I 665 32.63 -4.10 -90.80
N ASP I 666 31.83 -5.04 -91.28
CA ASP I 666 31.72 -5.28 -92.72
C ASP I 666 30.84 -4.25 -93.42
N ASP I 667 30.17 -3.38 -92.68
CA ASP I 667 29.44 -2.29 -93.31
C ASP I 667 30.41 -1.25 -93.85
N GLN I 668 31.42 -0.88 -93.06
CA GLN I 668 32.30 0.22 -93.40
C GLN I 668 33.54 -0.20 -94.18
N MET I 669 33.88 -1.49 -94.22
CA MET I 669 34.96 -1.92 -95.08
C MET I 669 34.53 -1.98 -96.54
N TYR I 670 33.23 -2.06 -96.81
CA TYR I 670 32.74 -2.02 -98.18
C TYR I 670 32.41 -0.61 -98.65
N ARG I 671 32.46 0.38 -97.76
CA ARG I 671 32.45 1.77 -98.19
C ARG I 671 33.84 2.32 -98.42
N LEU I 672 34.83 1.83 -97.66
CA LEU I 672 36.22 2.19 -97.88
C LEU I 672 36.75 1.65 -99.18
N ARG I 673 36.14 0.62 -99.74
CA ARG I 673 36.48 0.12 -101.06
C ARG I 673 35.78 0.89 -102.16
N ASP I 674 34.64 1.50 -101.85
CA ASP I 674 33.85 2.20 -102.86
C ASP I 674 34.20 3.67 -102.97
N ARG I 675 34.86 4.24 -101.96
CA ARG I 675 35.36 5.60 -102.05
C ARG I 675 36.80 5.67 -102.54
N LEU I 676 37.53 4.55 -102.49
CA LEU I 676 38.89 4.48 -102.99
C LEU I 676 38.95 4.18 -104.48
N ARG I 677 37.81 3.96 -105.13
CA ARG I 677 37.78 3.68 -106.55
C ARG I 677 37.45 4.90 -107.39
N LEU I 678 36.66 5.84 -106.87
CA LEU I 678 36.32 7.05 -107.59
C LEU I 678 37.44 8.07 -107.63
N LEU I 679 38.48 7.90 -106.80
CA LEU I 679 39.60 8.82 -106.78
C LEU I 679 40.47 8.63 -108.02
N PRO I 680 41.21 9.66 -108.42
CA PRO I 680 42.24 9.48 -109.44
C PRO I 680 43.56 9.08 -108.82
N VAL I 681 44.37 8.36 -109.60
CA VAL I 681 45.67 7.91 -109.11
C VAL I 681 46.65 9.08 -109.14
N GLU I 682 47.75 8.91 -108.42
CA GLU I 682 48.80 9.92 -108.38
C GLU I 682 49.53 9.96 -109.71
N ILE I 683 50.21 11.07 -109.97
CA ILE I 683 50.77 11.31 -111.29
C ILE I 683 52.04 10.48 -111.53
N ARG I 684 52.88 10.31 -110.52
CA ARG I 684 54.10 9.54 -110.70
C ARG I 684 53.86 8.04 -110.64
N ARG I 685 52.73 7.61 -110.10
CA ARG I 685 52.36 6.20 -110.12
C ARG I 685 51.59 5.81 -111.37
N LEU I 686 51.18 6.78 -112.18
CA LEU I 686 50.47 6.48 -113.42
C LEU I 686 51.42 6.38 -114.62
N ASP I 687 52.47 7.19 -114.65
CA ASP I 687 53.42 7.13 -115.75
C ASP I 687 54.32 5.90 -115.66
N ILE I 688 54.47 5.31 -114.49
CA ILE I 688 55.16 4.03 -114.39
C ILE I 688 54.27 2.91 -114.94
N PHE I 689 52.99 2.92 -114.57
CA PHE I 689 52.07 1.88 -115.03
C PHE I 689 51.79 1.98 -116.52
N ASN I 690 51.74 3.19 -117.07
CA ASN I 690 51.58 3.36 -118.50
C ASN I 690 52.86 3.05 -119.27
N LEU I 691 53.98 2.88 -118.57
CA LEU I 691 55.24 2.45 -119.15
C LEU I 691 55.41 0.95 -119.08
N ILE I 692 54.57 0.27 -118.31
CA ILE I 692 54.53 -1.18 -118.25
C ILE I 692 53.47 -1.74 -119.18
N LEU I 693 52.28 -1.14 -119.18
CA LEU I 693 51.18 -1.55 -120.05
C LEU I 693 51.46 -1.30 -121.52
N MET I 694 52.34 -0.34 -121.84
CA MET I 694 52.72 -0.13 -123.22
C MET I 694 53.72 -1.17 -123.68
N ASN I 695 54.67 -1.53 -122.81
CA ASN I 695 55.70 -2.51 -123.13
C ASN I 695 55.36 -3.90 -122.61
N MET I 696 54.09 -4.17 -122.33
CA MET I 696 53.66 -5.46 -121.82
C MET I 696 53.70 -6.55 -122.88
N GLU I 697 53.78 -6.18 -124.15
CA GLU I 697 53.78 -7.17 -125.22
C GLU I 697 55.18 -7.57 -125.64
N GLN I 698 56.12 -6.62 -125.68
CA GLN I 698 57.47 -6.89 -126.14
C GLN I 698 58.26 -7.76 -125.17
N ILE I 699 57.84 -7.84 -123.91
CA ILE I 699 58.50 -8.72 -122.95
C ILE I 699 58.12 -10.17 -123.20
N GLU I 700 56.84 -10.44 -123.47
CA GLU I 700 56.36 -11.81 -123.65
C GLU I 700 56.82 -12.43 -124.96
N ARG I 701 57.05 -11.63 -126.01
CA ARG I 701 57.53 -12.19 -127.26
C ARG I 701 58.98 -12.67 -127.15
N ALA I 702 59.82 -11.91 -126.45
CA ALA I 702 61.23 -12.25 -126.34
C ALA I 702 61.50 -13.37 -125.33
N SER I 703 60.55 -13.67 -124.46
CA SER I 703 60.74 -14.72 -123.47
C SER I 703 60.66 -16.10 -124.11
N ASP I 704 61.59 -16.97 -123.73
CA ASP I 704 61.49 -18.38 -124.08
C ASP I 704 60.57 -19.08 -123.09
N LYS I 705 60.38 -20.38 -123.29
CA LYS I 705 59.58 -21.34 -122.52
C LYS I 705 58.08 -21.09 -122.62
N ILE I 706 57.64 -20.02 -123.29
CA ILE I 706 56.23 -19.68 -123.44
C ILE I 706 55.96 -19.46 -124.92
N ALA I 707 54.70 -19.66 -125.30
CA ALA I 707 54.31 -19.48 -126.70
C ALA I 707 52.89 -18.93 -126.72
N GLN I 708 52.65 -17.99 -127.63
CA GLN I 708 51.37 -17.27 -127.65
C GLN I 708 50.36 -17.93 -128.59
N GLY I 709 50.17 -19.23 -128.46
CA GLY I 709 49.09 -19.89 -129.16
C GLY I 709 49.59 -20.92 -130.16
N VAL I 710 48.75 -21.91 -130.42
CA VAL I 710 49.01 -22.94 -131.42
C VAL I 710 47.92 -22.84 -132.48
N ILE I 711 48.25 -23.27 -133.70
CA ILE I 711 47.33 -23.21 -134.84
C ILE I 711 47.30 -24.56 -135.55
N ILE I 712 46.13 -25.15 -135.64
CA ILE I 712 45.91 -26.47 -136.24
C ILE I 712 45.21 -26.24 -137.57
N ALA I 713 45.78 -26.77 -138.66
CA ALA I 713 45.22 -26.55 -139.97
C ALA I 713 44.72 -27.81 -140.65
N TYR I 714 45.12 -29.00 -140.18
CA TYR I 714 44.76 -30.31 -140.72
C TYR I 714 45.13 -30.45 -142.20
N ARG I 715 46.20 -29.78 -142.62
CA ARG I 715 46.67 -29.87 -143.99
C ARG I 715 48.18 -29.72 -143.98
N ASP I 716 48.80 -30.03 -145.10
CA ASP I 716 50.24 -29.97 -145.23
C ASP I 716 50.68 -28.56 -145.60
N MET I 717 51.50 -27.96 -144.76
CA MET I 717 52.11 -26.67 -145.05
C MET I 717 53.56 -26.71 -144.57
N GLN I 718 54.46 -26.21 -145.40
CA GLN I 718 55.87 -26.53 -145.27
C GLN I 718 56.51 -25.74 -144.13
N LEU I 719 57.70 -26.19 -143.74
CA LEU I 719 58.45 -25.56 -142.66
C LEU I 719 59.13 -24.29 -143.14
N GLU I 720 59.06 -23.26 -142.32
CA GLU I 720 59.64 -21.96 -142.69
C GLU I 720 61.13 -21.96 -142.41
N ARG I 721 61.92 -21.56 -143.42
CA ARG I 721 63.37 -21.47 -143.28
C ARG I 721 63.71 -20.24 -142.45
N ASP I 722 64.17 -20.46 -141.23
CA ASP I 722 64.41 -19.40 -140.27
C ASP I 722 65.90 -19.20 -140.06
N GLU I 723 66.25 -18.03 -139.52
CA GLU I 723 67.66 -17.67 -139.40
C GLU I 723 68.31 -18.23 -138.14
N MET I 724 67.55 -18.42 -137.07
CA MET I 724 68.11 -18.94 -135.83
C MET I 724 67.48 -20.23 -135.36
N TYR I 725 66.43 -20.72 -136.03
CA TYR I 725 65.86 -22.02 -135.72
C TYR I 725 66.15 -23.07 -136.78
N GLY I 726 66.70 -22.69 -137.93
CA GLY I 726 66.93 -23.64 -139.00
C GLY I 726 65.66 -23.95 -139.76
N TYR I 727 65.13 -25.14 -139.57
CA TYR I 727 63.79 -25.50 -140.00
C TYR I 727 62.88 -25.49 -138.78
N VAL I 728 61.68 -24.91 -138.93
CA VAL I 728 60.81 -24.66 -137.79
C VAL I 728 59.40 -24.48 -138.31
N ASN I 729 58.41 -24.76 -137.46
CA ASN I 729 57.01 -24.50 -137.76
C ASN I 729 56.55 -23.34 -136.88
N ILE I 730 56.77 -22.12 -137.35
CA ILE I 730 56.31 -20.93 -136.64
C ILE I 730 55.29 -20.22 -137.49
N ALA I 731 54.30 -19.62 -136.81
CA ALA I 731 53.28 -18.81 -137.45
C ALA I 731 53.45 -17.39 -136.93
N ARG I 732 53.79 -16.46 -137.81
CA ARG I 732 53.97 -15.07 -137.39
C ARG I 732 52.64 -14.42 -137.05
N ASN I 733 51.56 -14.83 -137.72
CA ASN I 733 50.25 -14.22 -137.51
C ASN I 733 49.17 -15.22 -137.89
N LEU I 734 47.98 -15.01 -137.33
CA LEU I 734 46.82 -15.84 -137.59
C LEU I 734 45.88 -15.11 -138.53
N ASP I 735 45.63 -15.71 -139.69
CA ASP I 735 44.76 -15.12 -140.70
C ASP I 735 43.96 -16.21 -141.40
N GLY I 736 42.65 -16.16 -141.26
CA GLY I 736 41.78 -17.18 -141.82
C GLY I 736 41.50 -18.34 -140.91
N PHE I 737 41.73 -18.19 -139.61
CA PHE I 737 41.61 -19.27 -138.64
C PHE I 737 40.77 -18.77 -137.47
N GLN I 738 39.75 -19.56 -137.10
CA GLN I 738 38.88 -19.17 -136.00
C GLN I 738 39.60 -19.32 -134.67
N GLN I 739 39.68 -18.23 -133.91
CA GLN I 739 40.42 -18.23 -132.66
C GLN I 739 39.50 -18.56 -131.49
N ILE I 740 39.99 -19.43 -130.61
CA ILE I 740 39.28 -19.80 -129.39
C ILE I 740 40.15 -19.41 -128.21
N ASN I 741 39.67 -18.46 -127.41
CA ASN I 741 40.42 -17.95 -126.27
C ASN I 741 40.48 -19.02 -125.18
N LEU I 742 41.68 -19.54 -124.91
CA LEU I 742 41.83 -20.64 -123.96
C LEU I 742 41.66 -20.20 -122.52
N GLU I 743 41.73 -18.90 -122.24
CA GLU I 743 41.45 -18.44 -120.88
C GLU I 743 39.96 -18.48 -120.58
N GLU I 744 39.12 -18.17 -121.58
CA GLU I 744 37.68 -18.27 -121.40
C GLU I 744 37.23 -19.72 -121.39
N LEU I 745 37.96 -20.61 -122.04
CA LEU I 745 37.62 -22.03 -122.03
C LEU I 745 37.92 -22.68 -120.69
N MET I 746 38.76 -22.05 -119.86
CA MET I 746 39.08 -22.59 -118.55
C MET I 746 38.14 -22.06 -117.46
N ARG I 747 37.58 -20.88 -117.65
CA ARG I 747 36.71 -20.30 -116.62
C ARG I 747 35.31 -20.89 -116.67
N THR I 748 34.74 -20.99 -117.87
CA THR I 748 33.36 -21.49 -117.99
C THR I 748 33.31 -23.00 -117.87
N GLY I 749 34.08 -23.71 -118.69
CA GLY I 749 34.02 -25.15 -118.72
C GLY I 749 33.15 -25.73 -119.79
N ASP I 750 32.74 -24.93 -120.79
CA ASP I 750 31.85 -25.38 -121.85
C ASP I 750 32.77 -25.77 -123.02
N TYR I 751 33.12 -27.05 -123.09
CA TYR I 751 34.01 -27.57 -124.11
C TYR I 751 33.24 -28.17 -125.28
N ALA I 752 32.01 -27.74 -125.51
CA ALA I 752 31.18 -28.33 -126.56
C ALA I 752 31.57 -27.88 -127.95
N GLN I 753 32.26 -26.75 -128.08
CA GLN I 753 32.73 -26.33 -129.40
C GLN I 753 34.08 -26.93 -129.76
N ILE I 754 35.03 -26.94 -128.84
CA ILE I 754 36.35 -27.48 -129.14
C ILE I 754 36.34 -29.01 -129.19
N THR I 755 35.30 -29.65 -128.64
CA THR I 755 35.11 -31.06 -128.92
C THR I 755 34.65 -31.27 -130.35
N ASN I 756 33.71 -30.42 -130.81
CA ASN I 756 33.15 -30.57 -132.15
C ASN I 756 34.15 -30.17 -133.23
N MET I 757 35.10 -29.29 -132.90
CA MET I 757 36.14 -28.94 -133.87
C MET I 757 37.26 -29.97 -133.91
N LEU I 758 37.33 -30.85 -132.92
CA LEU I 758 38.40 -31.85 -132.84
C LEU I 758 37.96 -33.24 -133.26
N LEU I 759 36.70 -33.61 -132.99
CA LEU I 759 36.21 -34.91 -133.45
C LEU I 759 36.08 -34.91 -134.97
N ASN I 760 35.69 -33.78 -135.54
CA ASN I 760 35.75 -33.59 -136.99
C ASN I 760 37.16 -33.11 -137.34
N ASN I 761 37.37 -32.68 -138.58
CA ASN I 761 38.65 -32.11 -138.99
C ASN I 761 38.37 -30.72 -139.54
N GLN I 762 38.30 -29.74 -138.64
CA GLN I 762 38.06 -28.36 -138.99
C GLN I 762 39.20 -27.49 -138.46
N PRO I 763 39.79 -26.64 -139.30
CA PRO I 763 40.98 -25.90 -138.87
C PRO I 763 40.62 -24.80 -137.88
N VAL I 764 41.43 -24.69 -136.83
CA VAL I 764 41.13 -23.82 -135.70
C VAL I 764 42.43 -23.44 -135.01
N ALA I 765 42.54 -22.18 -134.61
CA ALA I 765 43.66 -21.70 -133.80
C ALA I 765 43.25 -21.66 -132.34
N LEU I 766 44.25 -21.75 -131.45
CA LEU I 766 44.04 -21.81 -130.01
C LEU I 766 44.98 -20.82 -129.35
N VAL I 767 44.53 -19.58 -129.17
CA VAL I 767 45.39 -18.55 -128.60
C VAL I 767 45.53 -18.78 -127.10
N GLY I 768 46.53 -18.14 -126.52
CA GLY I 768 46.86 -18.31 -125.11
C GLY I 768 48.34 -18.57 -124.91
N ALA I 769 48.74 -18.50 -123.64
CA ALA I 769 50.14 -18.66 -123.26
C ALA I 769 50.39 -20.14 -122.97
N LEU I 770 50.93 -20.85 -123.96
CA LEU I 770 51.16 -22.27 -123.87
C LEU I 770 52.64 -22.59 -123.71
N PRO I 771 53.00 -23.44 -122.76
CA PRO I 771 54.41 -23.88 -122.66
C PRO I 771 54.67 -24.98 -123.69
N PHE I 772 55.66 -24.75 -124.55
CA PHE I 772 55.97 -25.67 -125.64
C PHE I 772 57.16 -26.54 -125.28
N ILE I 773 57.38 -27.57 -126.10
CA ILE I 773 58.54 -28.44 -125.98
C ILE I 773 59.19 -28.58 -127.35
N THR I 774 60.51 -28.69 -127.35
CA THR I 774 61.29 -28.77 -128.58
C THR I 774 61.62 -30.23 -128.88
N ASP I 775 61.24 -30.69 -130.07
CA ASP I 775 61.62 -32.01 -130.56
C ASP I 775 62.51 -31.81 -131.78
N SER I 776 63.78 -32.18 -131.65
CA SER I 776 64.80 -31.82 -132.61
C SER I 776 65.19 -32.97 -133.54
N SER I 777 64.37 -34.00 -133.63
CA SER I 777 64.65 -35.14 -134.51
C SER I 777 63.76 -35.07 -135.73
N VAL I 778 64.30 -35.50 -136.88
CA VAL I 778 63.52 -35.48 -138.11
C VAL I 778 62.65 -36.73 -138.24
N ILE I 779 62.95 -37.80 -137.50
CA ILE I 779 62.13 -39.00 -137.58
C ILE I 779 60.87 -38.88 -136.71
N SER I 780 60.81 -37.89 -135.84
CA SER I 780 59.56 -37.56 -135.16
C SER I 780 58.69 -36.61 -136.00
N LEU I 781 59.19 -36.17 -137.15
CA LEU I 781 58.38 -35.42 -138.10
C LEU I 781 57.72 -36.33 -139.12
N VAL I 782 58.45 -37.36 -139.57
CA VAL I 782 57.86 -38.34 -140.49
C VAL I 782 56.85 -39.20 -139.74
N ALA I 783 57.06 -39.43 -138.45
CA ALA I 783 56.10 -40.16 -137.62
C ALA I 783 54.88 -39.34 -137.26
N LYS I 784 54.89 -38.03 -137.54
CA LYS I 784 53.76 -37.11 -137.33
C LYS I 784 53.32 -37.08 -135.86
N LEU I 785 54.24 -36.63 -135.01
CA LEU I 785 53.98 -36.51 -133.58
C LEU I 785 53.33 -35.18 -133.22
N ASP I 786 53.35 -34.21 -134.12
CA ASP I 786 52.82 -32.88 -133.82
C ASP I 786 51.30 -32.83 -133.77
N ALA I 787 50.61 -33.85 -134.29
CA ALA I 787 49.16 -33.85 -134.37
C ALA I 787 48.51 -34.71 -133.30
N THR I 788 49.29 -35.43 -132.50
CA THR I 788 48.78 -36.37 -131.52
C THR I 788 48.80 -35.82 -130.09
N VAL I 789 48.74 -34.50 -129.93
CA VAL I 789 48.83 -33.91 -128.60
C VAL I 789 47.51 -33.31 -128.11
N PHE I 790 46.55 -33.07 -128.99
CA PHE I 790 45.32 -32.38 -128.62
C PHE I 790 44.19 -33.31 -128.21
N ALA I 791 44.45 -34.61 -128.10
CA ALA I 791 43.40 -35.57 -127.79
C ALA I 791 42.92 -35.49 -126.35
N GLN I 792 43.77 -35.01 -125.43
CA GLN I 792 43.41 -34.96 -124.03
C GLN I 792 42.42 -33.85 -123.69
N ILE I 793 42.14 -32.94 -124.62
CA ILE I 793 41.20 -31.85 -124.34
C ILE I 793 39.77 -32.36 -124.34
N VAL I 794 39.51 -33.49 -125.00
CA VAL I 794 38.17 -34.07 -124.99
C VAL I 794 38.06 -35.28 -124.07
N LYS I 795 39.17 -35.94 -123.74
CA LYS I 795 39.15 -37.04 -122.79
C LYS I 795 39.11 -36.51 -121.36
N LEU I 796 40.12 -35.73 -120.99
CA LEU I 796 40.03 -34.91 -119.79
C LEU I 796 39.31 -33.63 -120.13
N ARG I 797 38.67 -33.04 -119.13
CA ARG I 797 38.00 -31.77 -119.40
C ARG I 797 38.99 -30.62 -119.45
N LYS I 798 40.03 -30.66 -118.62
CA LYS I 798 40.89 -29.50 -118.43
C LYS I 798 41.85 -29.30 -119.59
N VAL I 799 42.27 -28.05 -119.77
CA VAL I 799 43.09 -27.61 -120.89
C VAL I 799 44.48 -27.19 -120.46
N ASP I 800 44.77 -27.22 -119.14
CA ASP I 800 46.03 -26.70 -118.61
C ASP I 800 47.21 -27.58 -119.02
N THR I 801 47.01 -28.89 -119.15
CA THR I 801 48.09 -29.80 -119.50
C THR I 801 48.26 -29.95 -121.02
N LEU I 802 48.39 -28.82 -121.71
CA LEU I 802 48.58 -28.79 -123.15
C LEU I 802 50.02 -28.38 -123.46
N LYS I 803 50.62 -29.05 -124.44
CA LYS I 803 52.01 -28.81 -124.81
C LYS I 803 52.22 -29.07 -126.30
N PRO I 804 52.35 -28.03 -127.12
CA PRO I 804 52.58 -28.23 -128.55
C PRO I 804 54.04 -28.52 -128.86
N ILE I 805 54.24 -29.11 -130.03
CA ILE I 805 55.57 -29.54 -130.48
C ILE I 805 56.15 -28.47 -131.41
N LEU I 806 57.36 -28.03 -131.11
CA LEU I 806 58.08 -27.06 -131.95
C LEU I 806 59.28 -27.76 -132.57
N TYR I 807 59.22 -28.02 -133.86
CA TYR I 807 60.31 -28.70 -134.54
C TYR I 807 61.47 -27.74 -134.74
N LYS I 808 62.69 -28.22 -134.47
CA LYS I 808 63.91 -27.43 -134.61
C LYS I 808 64.92 -28.33 -135.31
N ILE I 809 64.91 -28.32 -136.63
CA ILE I 809 65.76 -29.19 -137.43
C ILE I 809 66.97 -28.38 -137.89
N ASN I 810 68.14 -28.78 -137.43
CA ASN I 810 69.39 -28.08 -137.69
C ASN I 810 70.42 -29.06 -138.24
N SER I 811 71.67 -28.63 -138.28
CA SER I 811 72.77 -29.55 -138.56
C SER I 811 73.38 -30.15 -137.30
N ASP I 812 73.21 -29.50 -136.15
CA ASP I 812 73.71 -30.08 -134.91
C ASP I 812 72.81 -31.21 -134.40
N SER I 813 71.62 -31.35 -134.95
CA SER I 813 70.74 -32.44 -134.60
C SER I 813 71.24 -33.75 -135.20
N ASN I 814 70.75 -34.86 -134.66
CA ASN I 814 71.01 -36.13 -135.28
C ASN I 814 70.08 -36.32 -136.48
N ASP I 815 70.46 -37.27 -137.34
CA ASP I 815 69.64 -37.77 -138.46
C ASP I 815 69.35 -36.68 -139.49
N PHE I 816 70.24 -35.71 -139.65
CA PHE I 816 70.06 -34.72 -140.70
C PHE I 816 70.56 -35.22 -142.06
N TYR I 817 71.09 -36.44 -142.13
CA TYR I 817 71.41 -37.02 -143.43
C TYR I 817 70.16 -37.38 -144.23
N LEU I 818 69.02 -37.50 -143.57
CA LEU I 818 67.75 -37.81 -144.22
C LEU I 818 67.09 -36.60 -144.85
N VAL I 819 67.70 -35.41 -144.74
CA VAL I 819 67.15 -34.19 -145.30
C VAL I 819 67.97 -33.69 -146.49
N ALA I 820 69.29 -33.75 -146.38
CA ALA I 820 70.18 -33.21 -147.41
C ALA I 820 70.51 -34.22 -148.49
N ASN I 821 70.05 -35.46 -148.39
CA ASN I 821 70.28 -36.47 -149.41
C ASN I 821 69.04 -36.87 -150.18
N TYR I 822 67.94 -37.17 -149.50
CA TYR I 822 66.71 -37.50 -150.18
C TYR I 822 65.95 -36.23 -150.53
N ASP I 823 65.25 -36.25 -151.65
CA ASP I 823 64.44 -35.10 -152.07
C ASP I 823 63.06 -35.22 -151.44
N TRP I 824 62.82 -34.42 -150.41
CA TRP I 824 61.49 -34.32 -149.83
C TRP I 824 61.33 -32.95 -149.19
N VAL I 825 60.22 -32.31 -149.47
CA VAL I 825 59.89 -31.05 -148.80
C VAL I 825 59.43 -31.36 -147.38
N PRO I 826 59.94 -30.64 -146.38
CA PRO I 826 59.51 -30.91 -144.99
C PRO I 826 58.10 -30.40 -144.76
N THR I 827 57.18 -31.33 -144.52
CA THR I 827 55.77 -31.00 -144.29
C THR I 827 55.45 -31.02 -142.81
N SER I 828 54.42 -30.28 -142.44
CA SER I 828 53.99 -30.23 -141.04
C SER I 828 52.52 -29.85 -140.99
N THR I 829 51.83 -30.34 -139.97
CA THR I 829 50.41 -30.07 -139.81
C THR I 829 50.17 -28.82 -138.99
N THR I 830 50.70 -28.78 -137.78
CA THR I 830 50.49 -27.67 -136.86
C THR I 830 51.76 -26.86 -136.68
N LYS I 831 51.58 -25.56 -136.46
CA LYS I 831 52.67 -24.66 -136.11
C LYS I 831 52.27 -23.85 -134.89
N VAL I 832 53.21 -23.06 -134.38
CA VAL I 832 52.99 -22.29 -133.16
C VAL I 832 53.11 -20.81 -133.48
N TYR I 833 52.63 -19.98 -132.56
CA TYR I 833 52.67 -18.53 -132.68
C TYR I 833 53.88 -18.05 -131.88
N LYS I 834 54.99 -17.79 -132.58
CA LYS I 834 56.25 -17.44 -131.95
C LYS I 834 56.86 -16.24 -132.66
N GLN I 835 57.65 -15.47 -131.93
CA GLN I 835 58.27 -14.26 -132.45
C GLN I 835 59.78 -14.32 -132.24
N ILE I 836 60.52 -13.88 -133.24
CA ILE I 836 61.99 -13.88 -133.23
C ILE I 836 62.47 -12.80 -132.26
N PRO I 837 63.48 -13.08 -131.42
CA PRO I 837 64.03 -12.02 -130.55
C PRO I 837 64.73 -10.94 -131.35
N GLN I 838 64.73 -9.74 -130.78
CA GLN I 838 65.20 -8.56 -131.48
C GLN I 838 66.73 -8.54 -131.56
N GLN I 839 67.25 -8.19 -132.73
CA GLN I 839 68.69 -8.16 -132.93
C GLN I 839 69.32 -6.97 -132.22
N PHE I 840 70.64 -6.97 -132.15
CA PHE I 840 71.40 -5.97 -131.41
C PHE I 840 71.96 -4.94 -132.38
N ASP I 841 71.44 -3.71 -132.30
CA ASP I 841 71.91 -2.58 -133.09
C ASP I 841 72.61 -1.59 -132.16
N PHE I 842 73.85 -1.23 -132.51
CA PHE I 842 74.66 -0.44 -131.58
C PHE I 842 74.20 1.01 -131.54
N ARG I 843 73.77 1.56 -132.67
CA ARG I 843 73.42 2.98 -132.72
C ARG I 843 72.11 3.26 -131.99
N ALA I 844 71.18 2.33 -131.99
CA ALA I 844 69.91 2.54 -131.30
C ALA I 844 69.98 2.23 -129.81
N SER I 845 71.11 1.71 -129.32
CA SER I 845 71.25 1.37 -127.92
C SER I 845 72.05 2.38 -127.12
N MET I 846 72.97 3.11 -127.74
CA MET I 846 73.81 4.05 -127.02
C MET I 846 73.09 5.38 -126.83
N HIS I 847 73.17 5.92 -125.61
CA HIS I 847 72.75 7.27 -125.30
C HIS I 847 73.40 7.68 -123.98
N MET I 848 73.46 8.99 -123.75
CA MET I 848 74.12 9.54 -122.58
C MET I 848 73.09 9.93 -121.53
N LEU I 849 73.36 9.55 -120.29
CA LEU I 849 72.46 9.83 -119.16
C LEU I 849 73.01 11.00 -118.36
N THR I 850 72.15 11.99 -118.10
CA THR I 850 72.56 13.25 -117.48
C THR I 850 71.97 13.36 -116.08
N SER I 851 72.83 13.60 -115.09
CA SER I 851 72.40 13.81 -113.72
C SER I 851 73.24 14.91 -113.08
N ASN I 852 73.01 15.15 -111.79
CA ASN I 852 73.75 16.15 -111.04
C ASN I 852 74.97 15.52 -110.38
N LEU I 853 75.79 16.36 -109.73
CA LEU I 853 77.04 15.90 -109.15
C LEU I 853 76.91 15.54 -107.68
N THR I 854 76.49 16.48 -106.84
CA THR I 854 76.46 16.28 -105.40
C THR I 854 75.22 16.92 -104.81
N PHE I 855 74.49 16.15 -104.00
CA PHE I 855 73.37 16.65 -103.20
C PHE I 855 73.70 16.52 -101.73
N THR I 856 72.77 16.98 -100.89
CA THR I 856 72.78 16.71 -99.45
C THR I 856 71.34 16.84 -98.99
N VAL I 857 70.69 15.72 -98.68
CA VAL I 857 69.27 15.71 -98.36
C VAL I 857 69.10 15.71 -96.85
N TYR I 858 68.24 16.59 -96.34
CA TYR I 858 67.99 16.73 -94.92
C TYR I 858 66.60 16.22 -94.56
N SER I 859 66.50 15.56 -93.40
CA SER I 859 65.25 14.92 -92.99
C SER I 859 64.38 15.87 -92.17
N ASP I 860 64.87 16.34 -91.04
CA ASP I 860 64.11 17.23 -90.16
C ASP I 860 64.51 18.68 -90.41
N LEU I 861 63.52 19.51 -90.71
CA LEU I 861 63.77 20.92 -90.99
C LEU I 861 63.68 21.79 -89.74
N LEU I 862 62.95 21.35 -88.72
CA LEU I 862 62.81 22.12 -87.49
C LEU I 862 63.94 21.88 -86.50
N ALA I 863 65.01 21.18 -86.92
CA ALA I 863 66.23 21.11 -86.14
C ALA I 863 67.17 22.26 -86.44
N PHE I 864 66.95 22.99 -87.54
CA PHE I 864 67.77 24.14 -87.87
C PHE I 864 67.35 25.37 -87.07
N VAL I 865 66.07 25.50 -86.77
CA VAL I 865 65.57 26.65 -86.02
C VAL I 865 65.83 26.43 -84.54
N SER I 866 66.65 27.29 -83.94
CA SER I 866 66.92 27.24 -82.51
C SER I 866 65.94 28.18 -81.82
N ALA I 867 65.06 27.61 -81.02
CA ALA I 867 63.96 28.34 -80.43
C ALA I 867 64.13 28.44 -78.91
N ASP I 868 63.75 29.59 -78.36
CA ASP I 868 63.77 29.82 -76.93
C ASP I 868 62.51 30.57 -76.55
N THR I 869 62.14 30.46 -75.28
CA THR I 869 60.92 31.08 -74.77
C THR I 869 61.26 32.26 -73.88
N VAL I 870 60.23 33.05 -73.58
CA VAL I 870 60.36 34.20 -72.69
C VAL I 870 60.17 33.68 -71.28
N GLU I 871 60.53 34.48 -70.28
CA GLU I 871 60.31 34.13 -68.88
C GLU I 871 58.81 33.96 -68.62
N PRO I 872 58.40 33.02 -67.77
CA PRO I 872 56.98 32.66 -67.71
C PRO I 872 56.09 33.73 -67.09
N ILE I 873 56.64 34.62 -66.26
CA ILE I 873 55.83 35.68 -65.67
C ILE I 873 55.40 36.67 -66.74
N ASN I 874 56.28 36.99 -67.68
CA ASN I 874 56.01 37.99 -68.70
C ASN I 874 55.43 37.36 -69.97
N ALA I 875 54.40 36.54 -69.82
CA ALA I 875 53.75 35.90 -70.95
C ALA I 875 52.51 36.69 -71.33
N VAL I 876 52.41 37.09 -72.59
CA VAL I 876 51.33 37.95 -73.04
C VAL I 876 50.33 37.14 -73.85
N ALA I 877 49.09 37.62 -73.88
CA ALA I 877 47.98 36.97 -74.55
C ALA I 877 47.88 37.51 -75.98
N PHE I 878 46.72 37.30 -76.63
CA PHE I 878 46.50 37.86 -77.97
C PHE I 878 46.48 39.38 -77.95
N ASP I 879 46.02 39.99 -76.88
CA ASP I 879 46.26 41.41 -76.67
C ASP I 879 47.57 41.57 -75.92
N ASN I 880 47.99 42.82 -75.77
CA ASN I 880 49.30 43.07 -75.17
C ASN I 880 49.32 42.88 -73.67
N MET I 881 48.16 42.80 -73.01
CA MET I 881 48.13 42.52 -71.59
C MET I 881 48.49 41.05 -71.34
N ARG I 882 48.95 40.77 -70.13
CA ARG I 882 49.50 39.46 -69.83
C ARG I 882 48.44 38.52 -69.29
N ILE I 883 48.63 37.22 -69.55
CA ILE I 883 47.82 36.21 -68.90
C ILE I 883 48.27 36.08 -67.46
N MET I 884 47.32 35.66 -66.60
CA MET I 884 47.52 35.51 -65.16
C MET I 884 48.00 36.81 -64.51
N ASN I 885 47.18 37.85 -64.66
CA ASN I 885 47.51 39.18 -64.15
C ASN I 885 46.85 39.40 -62.79
N GLU I 886 47.28 38.61 -61.82
CA GLU I 886 46.84 38.77 -60.44
C GLU I 886 47.98 39.09 -59.49
N LEU I 887 49.18 38.57 -59.75
CA LEU I 887 50.35 38.84 -58.93
C LEU I 887 50.76 40.31 -58.96
N GLU J 61 22.42 6.74 -9.90
CA GLU J 61 22.19 7.99 -9.19
C GLU J 61 20.91 8.66 -9.66
N ILE J 62 20.68 9.89 -9.20
CA ILE J 62 19.46 10.63 -9.53
C ILE J 62 19.76 11.82 -10.44
N LYS J 63 20.99 12.32 -10.45
CA LYS J 63 21.43 13.51 -11.22
C LYS J 63 20.66 14.77 -10.84
N ILE J 64 20.23 14.85 -9.58
CA ILE J 64 19.79 16.11 -8.97
C ILE J 64 21.05 16.76 -8.38
N ALA J 65 20.95 18.03 -7.98
CA ALA J 65 22.10 18.78 -7.50
C ALA J 65 22.70 18.17 -6.24
N ASP J 66 24.01 18.31 -6.09
CA ASP J 66 24.77 17.59 -5.08
C ASP J 66 24.56 18.10 -3.66
N GLU J 67 23.97 19.28 -3.49
CA GLU J 67 23.67 19.75 -2.14
C GLU J 67 22.32 19.24 -1.64
N VAL J 68 21.55 18.57 -2.49
CA VAL J 68 20.34 17.91 -2.05
C VAL J 68 20.59 16.45 -1.69
N LYS J 69 21.53 15.81 -2.38
CA LYS J 69 21.79 14.39 -2.16
C LYS J 69 22.51 14.15 -0.84
N LYS J 70 23.61 14.85 -0.59
CA LYS J 70 24.38 14.65 0.63
C LYS J 70 23.79 15.38 1.83
N SER J 71 22.65 16.05 1.68
CA SER J 71 22.03 16.75 2.79
C SER J 71 21.30 15.78 3.70
N ASN J 72 21.26 16.14 4.99
CA ASN J 72 20.55 15.35 6.01
C ASN J 72 19.48 16.26 6.58
N LYS J 73 18.34 16.31 5.92
CA LYS J 73 17.14 17.00 6.38
C LYS J 73 15.97 16.06 6.20
N GLU J 74 14.77 16.54 6.53
CA GLU J 74 13.58 15.75 6.29
C GLU J 74 12.87 16.12 4.99
N GLU J 75 12.88 17.39 4.62
CA GLU J 75 12.26 17.79 3.36
C GLU J 75 13.12 17.46 2.15
N SER J 76 14.39 17.12 2.35
CA SER J 76 15.29 16.75 1.26
C SER J 76 15.57 15.26 1.19
N LYS J 77 15.21 14.50 2.23
CA LYS J 77 15.33 13.06 2.15
C LYS J 77 14.14 12.44 1.46
N GLN J 78 12.95 13.04 1.63
CA GLN J 78 11.76 12.55 0.96
C GLN J 78 11.82 12.83 -0.54
N LEU J 79 12.44 13.92 -0.95
CA LEU J 79 12.56 14.25 -2.36
C LEU J 79 13.44 13.26 -3.11
N LEU J 80 14.41 12.65 -2.43
CA LEU J 80 15.20 11.62 -3.07
C LEU J 80 14.45 10.29 -3.16
N GLU J 81 13.58 10.00 -2.20
CA GLU J 81 12.84 8.75 -2.24
C GLU J 81 11.68 8.82 -3.23
N VAL J 82 11.09 9.98 -3.42
CA VAL J 82 10.00 10.10 -4.39
C VAL J 82 10.54 10.01 -5.81
N LEU J 83 11.71 10.61 -6.06
CA LEU J 83 12.35 10.46 -7.37
C LEU J 83 13.00 9.10 -7.56
N LYS J 84 13.05 8.26 -6.52
CA LYS J 84 13.54 6.89 -6.68
C LYS J 84 12.42 5.91 -6.97
N THR J 85 11.20 6.18 -6.53
CA THR J 85 10.04 5.35 -6.86
C THR J 85 9.25 5.90 -8.03
N LYS J 86 9.76 6.92 -8.71
CA LYS J 86 9.26 7.25 -10.04
C LYS J 86 10.06 6.54 -11.11
N GLU J 87 11.33 6.26 -10.86
CA GLU J 87 12.13 5.48 -11.80
C GLU J 87 11.69 4.02 -11.81
N GLU J 88 11.39 3.46 -10.64
CA GLU J 88 10.93 2.08 -10.58
C GLU J 88 9.54 1.90 -11.17
N HIS J 89 8.75 2.97 -11.25
CA HIS J 89 7.47 2.89 -11.94
C HIS J 89 7.60 3.14 -13.43
N GLN J 90 8.55 3.99 -13.85
CA GLN J 90 8.76 4.21 -15.27
C GLN J 90 9.47 3.03 -15.92
N LYS J 91 10.29 2.29 -15.16
CA LYS J 91 10.86 1.06 -15.67
C LYS J 91 9.87 -0.10 -15.62
N GLU J 92 8.82 0.01 -14.81
CA GLU J 92 7.80 -1.02 -14.75
C GLU J 92 6.83 -0.92 -15.92
N VAL J 93 6.61 0.28 -16.45
CA VAL J 93 5.76 0.43 -17.62
C VAL J 93 6.50 0.00 -18.88
N GLN J 94 7.79 0.36 -18.99
CA GLN J 94 8.56 0.02 -20.17
C GLN J 94 8.84 -1.48 -20.26
N TYR J 95 8.87 -2.17 -19.13
CA TYR J 95 9.11 -3.61 -19.16
C TYR J 95 7.87 -4.39 -19.55
N GLU J 96 6.68 -3.90 -19.17
CA GLU J 96 5.45 -4.63 -19.49
C GLU J 96 5.10 -4.55 -20.97
N ILE J 97 5.55 -3.50 -21.65
CA ILE J 97 5.30 -3.39 -23.09
C ILE J 97 6.18 -4.37 -23.86
N LEU J 98 7.40 -4.60 -23.38
CA LEU J 98 8.35 -5.43 -24.08
C LEU J 98 8.01 -6.92 -24.02
N GLN J 99 7.15 -7.33 -23.10
CA GLN J 99 6.79 -8.74 -22.99
C GLN J 99 5.71 -9.12 -24.01
N LYS J 100 4.66 -8.31 -24.12
CA LYS J 100 3.47 -8.65 -24.89
C LYS J 100 3.48 -8.02 -26.28
N THR J 101 4.63 -7.98 -26.93
CA THR J 101 4.73 -7.44 -28.28
C THR J 101 4.05 -8.38 -29.29
N ILE J 102 3.80 -7.84 -30.48
CA ILE J 102 2.93 -8.46 -31.47
C ILE J 102 3.63 -9.60 -32.20
N PRO J 103 2.90 -10.55 -32.78
CA PRO J 103 3.51 -11.50 -33.72
C PRO J 103 3.75 -10.85 -35.07
N THR J 104 5.01 -10.75 -35.47
CA THR J 104 5.36 -10.13 -36.73
C THR J 104 5.18 -11.11 -37.89
N PHE J 105 5.50 -10.65 -39.09
CA PHE J 105 5.38 -11.47 -40.29
C PHE J 105 6.63 -12.33 -40.47
N GLU J 106 6.41 -13.59 -40.84
CA GLU J 106 7.54 -14.36 -41.36
C GLU J 106 7.63 -14.18 -42.89
N PRO J 107 8.83 -14.03 -43.43
CA PRO J 107 8.95 -13.77 -44.87
C PRO J 107 8.83 -15.02 -45.70
N LYS J 108 8.48 -14.82 -46.97
CA LYS J 108 8.39 -15.88 -47.96
C LYS J 108 9.36 -15.58 -49.09
N GLU J 109 10.37 -16.44 -49.24
CA GLU J 109 11.39 -16.28 -50.27
C GLU J 109 11.30 -17.31 -51.38
N SER J 110 10.46 -18.34 -51.22
CA SER J 110 10.29 -19.31 -52.28
C SER J 110 9.44 -18.77 -53.42
N ILE J 111 8.62 -17.76 -53.16
CA ILE J 111 7.80 -17.15 -54.21
C ILE J 111 8.52 -15.98 -54.87
N LEU J 112 9.34 -15.24 -54.11
CA LEU J 112 10.10 -14.14 -54.69
C LEU J 112 11.21 -14.64 -55.59
N LYS J 113 11.70 -15.87 -55.38
CA LYS J 113 12.74 -16.42 -56.22
C LYS J 113 12.23 -16.73 -57.62
N LYS J 114 10.97 -17.14 -57.74
CA LYS J 114 10.44 -17.52 -59.05
C LYS J 114 10.21 -16.33 -59.98
N LEU J 115 10.09 -15.12 -59.44
CA LEU J 115 9.90 -13.95 -60.29
C LEU J 115 11.22 -13.50 -60.90
N GLU J 116 12.24 -13.32 -60.06
CA GLU J 116 13.53 -12.83 -60.52
C GLU J 116 14.31 -13.86 -61.32
N ASP J 117 13.93 -15.13 -61.27
CA ASP J 117 14.54 -16.16 -62.09
C ASP J 117 13.85 -16.32 -63.44
N ILE J 118 12.87 -15.49 -63.75
CA ILE J 118 12.30 -15.48 -65.10
C ILE J 118 13.21 -14.64 -65.99
N LYS J 119 13.77 -15.27 -66.99
CA LYS J 119 14.63 -14.62 -67.96
C LYS J 119 13.80 -14.15 -69.15
N PRO J 120 14.30 -13.19 -69.93
CA PRO J 120 13.62 -12.84 -71.18
C PRO J 120 13.74 -13.97 -72.21
N GLU J 121 13.02 -13.77 -73.32
CA GLU J 121 12.88 -14.82 -74.33
C GLU J 121 14.21 -15.12 -75.01
N GLN J 122 14.47 -16.40 -75.25
CA GLN J 122 15.71 -16.85 -75.85
C GLN J 122 15.74 -16.45 -77.31
N VAL J 123 16.66 -15.55 -77.67
CA VAL J 123 16.74 -15.03 -79.03
C VAL J 123 17.36 -16.08 -79.94
N LYS J 124 16.61 -16.53 -80.93
CA LYS J 124 17.04 -17.57 -81.84
C LYS J 124 17.51 -16.95 -83.15
N LYS J 125 18.67 -17.39 -83.62
CA LYS J 125 19.11 -17.13 -84.99
C LYS J 125 19.59 -18.45 -85.57
N GLN J 126 19.26 -18.69 -86.83
CA GLN J 126 19.61 -19.97 -87.43
C GLN J 126 20.94 -19.88 -88.15
N THR J 127 21.66 -21.00 -88.17
CA THR J 127 22.96 -21.09 -88.83
C THR J 127 22.93 -21.99 -90.05
N LYS J 128 21.75 -22.39 -90.51
CA LYS J 128 21.60 -23.14 -91.74
C LYS J 128 20.19 -22.92 -92.27
N LEU J 129 20.02 -23.18 -93.57
CA LEU J 129 18.71 -23.00 -94.18
C LEU J 129 17.79 -24.16 -93.82
N PHE J 130 16.50 -23.96 -94.06
CA PHE J 130 15.49 -24.97 -93.81
C PHE J 130 15.37 -25.84 -95.06
N ARG J 131 15.74 -27.11 -94.94
CA ARG J 131 15.79 -28.02 -96.08
C ARG J 131 15.02 -29.30 -95.77
N ILE J 132 14.01 -29.59 -96.58
CA ILE J 132 13.33 -30.88 -96.53
C ILE J 132 13.45 -31.66 -97.83
N PHE J 133 13.90 -31.04 -98.92
CA PHE J 133 14.08 -31.71 -100.20
C PHE J 133 15.54 -31.61 -100.62
N GLU J 134 16.05 -32.66 -101.27
CA GLU J 134 17.41 -32.68 -101.78
C GLU J 134 17.43 -33.45 -103.09
N PRO J 135 18.36 -33.14 -103.98
CA PRO J 135 18.46 -33.89 -105.23
C PRO J 135 19.07 -35.27 -105.01
N ARG J 136 18.87 -36.14 -105.99
CA ARG J 136 19.39 -37.50 -105.93
C ARG J 136 19.50 -38.03 -107.35
N GLN J 137 20.64 -38.60 -107.68
CA GLN J 137 20.88 -39.13 -109.02
C GLN J 137 20.14 -40.45 -109.20
N LEU J 138 19.38 -40.56 -110.27
CA LEU J 138 18.63 -41.75 -110.62
C LEU J 138 18.94 -42.16 -112.04
N PRO J 139 18.90 -43.45 -112.36
CA PRO J 139 19.04 -43.88 -113.76
C PRO J 139 17.80 -43.53 -114.55
N VAL J 140 17.91 -43.59 -115.87
CA VAL J 140 16.82 -43.23 -116.75
C VAL J 140 16.73 -44.27 -117.85
N TYR J 141 15.51 -44.57 -118.29
CA TYR J 141 15.23 -45.58 -119.29
C TYR J 141 14.42 -44.96 -120.42
N ARG J 142 14.56 -45.52 -121.62
CA ARG J 142 13.80 -45.01 -122.76
C ARG J 142 12.44 -45.71 -122.80
N ALA J 143 11.71 -45.53 -123.91
CA ALA J 143 10.36 -46.07 -124.00
C ALA J 143 10.35 -47.58 -124.20
N ASN J 144 11.41 -48.14 -124.77
CA ASN J 144 11.49 -49.58 -124.95
C ASN J 144 11.69 -50.29 -123.62
N GLY J 145 12.39 -49.65 -122.69
CA GLY J 145 12.73 -50.24 -121.41
C GLY J 145 14.21 -50.40 -121.19
N GLU J 146 15.03 -50.20 -122.22
CA GLU J 146 16.47 -50.40 -122.08
C GLU J 146 17.09 -49.26 -121.28
N LYS J 147 18.33 -49.48 -120.85
CA LYS J 147 19.06 -48.47 -120.09
C LYS J 147 19.66 -47.45 -121.04
N GLU J 148 19.49 -46.17 -120.71
CA GLU J 148 20.15 -45.11 -121.44
C GLU J 148 21.52 -44.82 -120.82
N LEU J 149 22.38 -44.16 -121.59
CA LEU J 149 23.72 -43.82 -121.11
C LEU J 149 23.74 -42.44 -120.46
N ARG J 150 22.81 -42.21 -119.54
CA ARG J 150 22.66 -40.92 -118.87
C ARG J 150 21.95 -41.16 -117.56
N ASN J 151 22.22 -40.31 -116.60
CA ASN J 151 21.56 -40.35 -115.30
C ASN J 151 20.91 -38.99 -115.05
N ARG J 152 19.64 -39.01 -114.67
CA ARG J 152 18.90 -37.78 -114.43
C ARG J 152 18.93 -37.45 -112.94
N TRP J 153 18.62 -36.19 -112.64
CA TRP J 153 18.54 -35.70 -111.28
C TRP J 153 17.09 -35.48 -110.90
N TYR J 154 16.70 -35.89 -109.69
CA TYR J 154 15.32 -35.78 -109.25
C TYR J 154 15.29 -35.29 -107.81
N TRP J 155 14.20 -34.60 -107.47
CA TRP J 155 14.02 -34.12 -106.10
C TRP J 155 13.43 -35.24 -105.25
N LYS J 156 14.16 -35.66 -104.23
CA LYS J 156 13.69 -36.69 -103.31
C LYS J 156 13.67 -36.13 -101.91
N LEU J 157 12.90 -36.77 -101.03
CA LEU J 157 12.82 -36.32 -99.65
C LEU J 157 14.10 -36.63 -98.89
N LYS J 158 14.48 -35.70 -98.03
CA LYS J 158 15.55 -35.88 -97.07
C LYS J 158 14.90 -36.27 -95.75
N ARG J 159 15.43 -37.34 -95.15
CA ARG J 159 14.85 -38.05 -93.98
C ARG J 159 13.35 -38.34 -94.16
N ASP J 160 13.03 -39.16 -95.16
CA ASP J 160 11.64 -39.56 -95.41
C ASP J 160 11.26 -40.64 -94.41
N THR J 161 10.56 -40.24 -93.35
CA THR J 161 10.02 -41.17 -92.35
C THR J 161 8.53 -40.88 -92.26
N LEU J 162 7.75 -41.48 -93.14
CA LEU J 162 6.32 -41.27 -93.19
C LEU J 162 5.62 -42.50 -92.62
N PRO J 163 4.79 -42.35 -91.60
CA PRO J 163 4.09 -43.51 -91.04
C PRO J 163 2.92 -43.93 -91.93
N ASP J 164 2.34 -45.07 -91.57
CA ASP J 164 1.25 -45.66 -92.33
C ASP J 164 -0.08 -45.37 -91.67
N GLY J 165 -1.14 -45.40 -92.47
CA GLY J 165 -2.45 -45.02 -91.98
C GLY J 165 -2.68 -43.53 -92.16
N ASP J 166 -3.86 -43.16 -92.65
CA ASP J 166 -4.11 -41.77 -92.99
C ASP J 166 -4.34 -40.88 -91.79
N TYR J 167 -4.44 -41.44 -90.58
CA TYR J 167 -4.46 -40.63 -89.38
C TYR J 167 -3.06 -40.35 -88.87
N ASP J 168 -2.11 -41.25 -89.11
CA ASP J 168 -0.75 -41.02 -88.66
C ASP J 168 0.01 -40.05 -89.54
N VAL J 169 -0.41 -39.88 -90.79
CA VAL J 169 0.19 -38.85 -91.64
C VAL J 169 -0.26 -37.47 -91.19
N ARG J 170 -1.52 -37.34 -90.77
CA ARG J 170 -2.00 -36.07 -90.23
C ARG J 170 -1.35 -35.74 -88.89
N GLU J 171 -1.00 -36.75 -88.10
CA GLU J 171 -0.27 -36.52 -86.86
C GLU J 171 1.20 -36.21 -87.10
N TYR J 172 1.71 -36.51 -88.29
CA TYR J 172 3.09 -36.18 -88.61
C TYR J 172 3.24 -34.70 -88.97
N PHE J 173 2.26 -34.14 -89.68
CA PHE J 173 2.34 -32.74 -90.09
C PHE J 173 1.96 -31.77 -88.98
N LEU J 174 1.46 -32.26 -87.85
CA LEU J 174 1.42 -31.42 -86.66
C LEU J 174 2.78 -31.39 -85.99
N ASN J 175 3.52 -32.51 -86.04
CA ASN J 175 4.85 -32.55 -85.47
C ASN J 175 5.84 -31.76 -86.32
N LEU J 176 5.65 -31.73 -87.64
CA LEU J 176 6.48 -30.88 -88.50
C LEU J 176 6.20 -29.40 -88.24
N TYR J 177 4.97 -29.06 -87.89
CA TYR J 177 4.64 -27.67 -87.60
C TYR J 177 5.26 -27.21 -86.28
N ASP J 178 5.43 -28.11 -85.32
CA ASP J 178 6.18 -27.78 -84.11
C ASP J 178 7.68 -27.81 -84.32
N GLN J 179 8.14 -28.33 -85.45
CA GLN J 179 9.57 -28.36 -85.78
C GLN J 179 10.02 -27.08 -86.46
N VAL J 180 9.17 -26.49 -87.30
CA VAL J 180 9.51 -25.22 -87.94
C VAL J 180 9.15 -24.03 -87.05
N LEU J 181 8.35 -24.22 -86.01
CA LEU J 181 8.09 -23.13 -85.07
C LEU J 181 9.26 -22.92 -84.13
N THR J 182 10.03 -23.97 -83.85
CA THR J 182 11.22 -23.83 -83.00
C THR J 182 12.38 -23.25 -83.80
N GLU J 183 12.48 -23.61 -85.08
CA GLU J 183 13.65 -23.28 -85.86
C GLU J 183 13.63 -21.83 -86.37
N MET J 184 12.46 -21.19 -86.44
CA MET J 184 12.34 -19.90 -87.11
C MET J 184 13.06 -18.80 -86.34
N PRO J 185 13.96 -18.06 -86.98
CA PRO J 185 14.82 -17.13 -86.26
C PRO J 185 14.19 -15.75 -86.08
N ASP J 186 14.72 -15.02 -85.10
CA ASP J 186 14.30 -13.65 -84.87
C ASP J 186 15.06 -12.66 -85.75
N TYR J 187 16.34 -12.91 -86.00
CA TYR J 187 17.09 -12.13 -86.97
C TYR J 187 18.04 -13.05 -87.70
N LEU J 188 18.19 -12.82 -89.00
CA LEU J 188 18.97 -13.69 -89.86
C LEU J 188 19.93 -12.86 -90.70
N LEU J 189 21.23 -13.09 -90.48
CA LEU J 189 22.29 -12.45 -91.25
C LEU J 189 22.91 -13.48 -92.16
N LEU J 190 22.93 -13.20 -93.46
CA LEU J 190 23.39 -14.20 -94.42
C LEU J 190 24.90 -14.26 -94.53
N LYS J 191 25.63 -13.27 -94.01
CA LYS J 191 27.09 -13.32 -94.09
C LYS J 191 27.70 -14.31 -93.11
N ASP J 192 26.93 -14.83 -92.16
CA ASP J 192 27.40 -15.87 -91.26
C ASP J 192 27.25 -17.28 -91.82
N MET J 193 26.42 -17.45 -92.86
CA MET J 193 26.32 -18.69 -93.62
C MET J 193 26.81 -18.40 -95.04
N ALA J 194 28.09 -18.61 -95.27
CA ALA J 194 28.66 -18.33 -96.59
C ALA J 194 29.90 -19.21 -96.76
N VAL J 195 29.82 -20.17 -97.66
CA VAL J 195 30.99 -20.90 -98.10
C VAL J 195 31.34 -20.41 -99.49
N GLU J 196 32.63 -20.45 -99.81
CA GLU J 196 33.09 -19.92 -101.08
C GLU J 196 32.94 -20.97 -102.17
N ASN J 197 32.56 -20.52 -103.36
CA ASN J 197 32.41 -21.41 -104.51
C ASN J 197 33.78 -21.82 -105.02
N LYS J 198 33.97 -23.12 -105.22
CA LYS J 198 35.28 -23.64 -105.60
C LYS J 198 35.61 -23.33 -107.05
N ASN J 199 34.60 -23.30 -107.92
CA ASN J 199 34.79 -23.19 -109.37
C ASN J 199 33.84 -22.16 -109.96
N SER J 200 34.28 -20.91 -110.00
CA SER J 200 33.51 -19.81 -110.56
C SER J 200 34.45 -18.94 -111.37
N ARG J 201 33.89 -17.90 -112.00
CA ARG J 201 34.73 -16.95 -112.73
C ARG J 201 35.51 -16.07 -111.78
N ASP J 202 34.83 -15.52 -110.77
CA ASP J 202 35.49 -14.91 -109.62
C ASP J 202 34.99 -15.64 -108.38
N ALA J 203 35.84 -15.68 -107.35
CA ALA J 203 35.54 -16.50 -106.19
C ALA J 203 34.43 -15.89 -105.33
N GLY J 204 33.18 -16.18 -105.71
CA GLY J 204 32.03 -15.69 -104.98
C GLY J 204 31.61 -16.66 -103.88
N LYS J 205 30.55 -16.29 -103.18
CA LYS J 205 30.08 -17.04 -102.03
C LYS J 205 28.62 -17.40 -102.19
N VAL J 206 28.31 -18.69 -102.05
CA VAL J 206 26.95 -19.19 -101.97
C VAL J 206 26.51 -19.18 -100.52
N VAL J 207 25.22 -19.38 -100.26
CA VAL J 207 24.63 -19.04 -98.97
C VAL J 207 24.56 -20.21 -97.99
N ASP J 208 24.79 -21.44 -98.44
CA ASP J 208 24.77 -22.56 -97.51
C ASP J 208 25.84 -23.57 -97.89
N SER J 209 26.21 -24.39 -96.91
CA SER J 209 27.18 -25.45 -97.16
C SER J 209 26.60 -26.56 -98.02
N GLU J 210 25.30 -26.84 -97.87
CA GLU J 210 24.64 -27.82 -98.72
C GLU J 210 24.37 -27.29 -100.12
N THR J 211 24.42 -25.98 -100.31
CA THR J 211 24.33 -25.40 -101.65
C THR J 211 25.57 -25.71 -102.46
N ALA J 212 26.75 -25.47 -101.90
CA ALA J 212 28.00 -25.75 -102.59
C ALA J 212 28.30 -27.23 -102.71
N ALA J 213 27.60 -28.09 -101.96
CA ALA J 213 27.78 -29.52 -102.12
C ALA J 213 27.09 -30.04 -103.37
N ILE J 214 25.97 -29.44 -103.76
CA ILE J 214 25.27 -29.83 -104.98
C ILE J 214 25.53 -28.88 -106.13
N CYS J 215 26.47 -27.95 -105.96
CA CYS J 215 27.05 -27.24 -107.10
C CYS J 215 28.38 -27.85 -107.54
N ASP J 216 28.98 -28.69 -106.70
CA ASP J 216 30.22 -29.36 -107.05
C ASP J 216 29.99 -30.73 -107.66
N ALA J 217 28.91 -31.40 -107.29
CA ALA J 217 28.62 -32.72 -107.82
C ALA J 217 28.10 -32.66 -109.25
N ILE J 218 27.53 -31.53 -109.67
CA ILE J 218 27.10 -31.36 -111.05
C ILE J 218 28.24 -30.89 -111.94
N PHE J 219 29.18 -30.11 -111.39
CA PHE J 219 30.30 -29.63 -112.18
C PHE J 219 31.26 -30.76 -112.53
N GLN J 220 31.47 -31.70 -111.61
CA GLN J 220 32.38 -32.81 -111.84
C GLN J 220 31.73 -33.95 -112.63
N ASP J 221 30.45 -33.86 -112.90
CA ASP J 221 29.73 -34.94 -113.58
C ASP J 221 29.98 -34.87 -115.07
N GLU J 222 30.19 -36.04 -115.68
CA GLU J 222 30.60 -36.08 -117.08
C GLU J 222 29.44 -35.77 -118.02
N GLU J 223 28.24 -36.24 -117.70
CA GLU J 223 27.09 -36.03 -118.57
C GLU J 223 26.38 -34.71 -118.30
N THR J 224 26.96 -33.82 -117.50
CA THR J 224 26.40 -32.48 -117.34
C THR J 224 26.62 -31.68 -118.62
N GLU J 225 25.55 -31.08 -119.13
CA GLU J 225 25.63 -30.33 -120.38
C GLU J 225 26.43 -29.05 -120.20
N GLY J 226 26.83 -28.46 -121.34
CA GLY J 226 27.60 -27.24 -121.32
C GLY J 226 26.83 -26.03 -120.86
N VAL J 227 25.50 -26.06 -120.95
CA VAL J 227 24.68 -24.94 -120.52
C VAL J 227 24.63 -24.87 -118.99
N VAL J 228 24.60 -26.03 -118.33
CA VAL J 228 24.57 -26.05 -116.88
C VAL J 228 25.92 -25.65 -116.31
N ARG J 229 27.00 -26.18 -116.89
CA ARG J 229 28.35 -25.92 -116.38
C ARG J 229 28.79 -24.49 -116.64
N ARG J 230 28.21 -23.82 -117.64
CA ARG J 230 28.48 -22.39 -117.83
C ARG J 230 27.68 -21.54 -116.88
N PHE J 231 26.53 -22.03 -116.42
CA PHE J 231 25.69 -21.31 -115.48
C PHE J 231 26.27 -21.31 -114.08
N ILE J 232 27.09 -22.30 -113.74
CA ILE J 232 27.66 -22.38 -112.41
C ILE J 232 28.77 -21.34 -112.23
N ALA J 233 29.51 -21.05 -113.30
CA ALA J 233 30.61 -20.09 -113.20
C ALA J 233 30.12 -18.66 -113.03
N GLU J 234 28.92 -18.35 -113.50
CA GLU J 234 28.33 -17.03 -113.32
C GLU J 234 27.38 -17.05 -112.13
N MET J 235 27.96 -17.23 -110.95
CA MET J 235 27.16 -17.37 -109.73
C MET J 235 27.98 -16.77 -108.59
N ARG J 236 27.70 -15.51 -108.27
CA ARG J 236 28.44 -14.77 -107.26
C ARG J 236 27.45 -13.95 -106.42
N GLN J 237 28.00 -13.15 -105.51
CA GLN J 237 27.19 -12.23 -104.71
C GLN J 237 27.29 -10.81 -105.26
N ARG J 238 26.43 -9.95 -104.75
CA ARG J 238 26.47 -8.52 -105.09
C ARG J 238 26.30 -7.73 -103.79
N VAL J 239 27.39 -7.16 -103.30
CA VAL J 239 27.37 -6.41 -102.06
C VAL J 239 27.13 -4.94 -102.38
N GLN J 240 26.10 -4.36 -101.79
CA GLN J 240 25.82 -2.94 -101.94
C GLN J 240 26.22 -2.21 -100.66
N ALA J 241 26.78 -1.01 -100.82
CA ALA J 241 27.49 -0.35 -99.74
C ALA J 241 26.70 0.78 -99.09
N ASP J 242 26.04 1.64 -99.89
CA ASP J 242 25.37 2.80 -99.33
C ASP J 242 24.14 2.41 -98.52
N ARG J 243 23.31 1.53 -99.07
CA ARG J 243 22.36 0.76 -98.28
C ARG J 243 22.95 -0.63 -98.08
N ASN J 244 22.79 -1.18 -96.88
CA ASN J 244 23.47 -2.42 -96.53
C ASN J 244 22.57 -3.61 -96.85
N VAL J 245 22.58 -3.99 -98.12
CA VAL J 245 21.95 -5.22 -98.57
C VAL J 245 22.97 -6.05 -99.34
N VAL J 246 22.78 -7.36 -99.33
CA VAL J 246 23.56 -8.29 -100.13
C VAL J 246 22.58 -9.23 -100.84
N ASN J 247 23.10 -9.97 -101.82
CA ASN J 247 22.31 -10.96 -102.53
C ASN J 247 23.16 -12.21 -102.69
N TYR J 248 22.84 -13.24 -101.93
CA TYR J 248 23.61 -14.47 -102.05
C TYR J 248 22.82 -15.49 -102.84
N PRO J 249 23.43 -16.17 -103.82
CA PRO J 249 22.69 -17.17 -104.59
C PRO J 249 22.45 -18.43 -103.77
N SER J 250 21.47 -19.21 -104.23
CA SER J 250 20.99 -20.37 -103.48
C SER J 250 20.75 -21.50 -104.45
N ILE J 251 20.29 -22.64 -103.91
CA ILE J 251 19.58 -23.65 -104.68
C ILE J 251 18.60 -24.35 -103.76
N LEU J 252 17.31 -24.25 -104.07
CA LEU J 252 16.28 -24.69 -103.15
C LEU J 252 15.10 -25.24 -103.93
N HIS J 253 14.38 -26.18 -103.31
CA HIS J 253 13.08 -26.58 -103.81
C HIS J 253 12.09 -25.43 -103.63
N PRO J 254 11.10 -25.32 -104.52
CA PRO J 254 10.10 -24.25 -104.35
C PRO J 254 9.24 -24.37 -103.09
N ILE J 255 9.15 -25.55 -102.46
CA ILE J 255 8.55 -25.63 -101.13
C ILE J 255 9.56 -25.17 -100.08
N ASP J 256 10.83 -25.51 -100.28
CA ASP J 256 11.90 -25.05 -99.40
C ASP J 256 12.12 -23.55 -99.50
N HIS J 257 11.93 -22.99 -100.69
CA HIS J 257 12.15 -21.56 -100.89
C HIS J 257 11.05 -20.74 -100.24
N ALA J 258 9.85 -21.28 -100.10
CA ALA J 258 8.76 -20.56 -99.48
C ALA J 258 8.96 -20.40 -97.99
N PHE J 259 9.65 -21.35 -97.35
CA PHE J 259 9.90 -21.23 -95.92
C PHE J 259 11.06 -20.30 -95.62
N ASN J 260 12.06 -20.23 -96.50
CA ASN J 260 13.23 -19.40 -96.25
C ASN J 260 13.04 -17.97 -96.72
N GLU J 261 12.19 -17.73 -97.72
CA GLU J 261 11.83 -16.38 -98.07
C GLU J 261 10.68 -15.84 -97.22
N TYR J 262 10.19 -16.63 -96.26
CA TYR J 262 9.32 -16.10 -95.24
C TYR J 262 10.08 -15.67 -94.00
N PHE J 263 11.18 -16.34 -93.68
CA PHE J 263 11.98 -15.97 -92.51
C PHE J 263 12.80 -14.72 -92.73
N LEU J 264 12.96 -14.27 -93.98
CA LEU J 264 13.78 -13.12 -94.29
C LEU J 264 13.00 -11.81 -94.31
N GLN J 265 11.73 -11.85 -94.70
CA GLN J 265 10.94 -10.63 -94.71
C GLN J 265 10.34 -10.33 -93.34
N HIS J 266 10.13 -11.34 -92.51
CA HIS J 266 9.41 -11.19 -91.25
C HIS J 266 10.38 -11.46 -90.11
N GLN J 267 11.10 -10.43 -89.68
CA GLN J 267 12.05 -10.52 -88.59
C GLN J 267 11.63 -9.59 -87.46
N LEU J 268 11.98 -9.97 -86.23
CA LEU J 268 11.61 -9.20 -85.05
C LEU J 268 12.73 -8.28 -84.60
N VAL J 269 13.17 -7.39 -85.49
CA VAL J 269 14.17 -6.38 -85.16
C VAL J 269 13.70 -5.03 -85.67
N GLU J 270 13.84 -4.01 -84.82
CA GLU J 270 13.55 -2.62 -85.16
C GLU J 270 14.79 -1.79 -84.87
N PRO J 271 15.00 -0.69 -85.58
CA PRO J 271 16.19 0.14 -85.33
C PRO J 271 16.14 0.83 -83.98
N LEU J 272 17.33 1.20 -83.49
CA LEU J 272 17.51 1.66 -82.13
C LEU J 272 18.34 2.94 -82.13
N ASN J 273 17.80 4.00 -81.50
CA ASN J 273 18.50 5.26 -81.34
C ASN J 273 18.52 5.66 -79.87
N ASN J 274 18.91 6.89 -79.58
CA ASN J 274 18.78 7.41 -78.22
C ASN J 274 17.34 7.79 -77.88
N ASP J 275 16.51 8.04 -78.89
CA ASP J 275 15.12 8.41 -78.64
C ASP J 275 14.31 7.19 -78.21
N ILE J 276 14.64 6.01 -78.75
CA ILE J 276 13.88 4.81 -78.44
C ILE J 276 14.21 4.32 -77.02
N ILE J 277 15.42 4.60 -76.53
CA ILE J 277 15.77 4.21 -75.16
C ILE J 277 15.01 5.07 -74.16
N PHE J 278 14.91 6.38 -74.42
CA PHE J 278 14.22 7.26 -73.48
C PHE J 278 12.71 7.10 -73.54
N ASN J 279 12.17 6.51 -74.60
CA ASN J 279 10.76 6.19 -74.65
C ASN J 279 10.44 4.82 -74.06
N TYR J 280 11.46 4.08 -73.65
CA TYR J 280 11.24 2.81 -72.95
C TYR J 280 10.93 3.03 -71.48
N ILE J 281 11.51 4.07 -70.90
CA ILE J 281 11.24 4.48 -69.52
C ILE J 281 9.77 4.92 -69.43
N PRO J 282 9.05 4.61 -68.34
CA PRO J 282 7.65 5.00 -68.25
C PRO J 282 7.45 6.51 -68.23
N GLU J 283 6.22 6.93 -68.54
CA GLU J 283 5.94 8.34 -68.74
C GLU J 283 5.91 9.11 -67.43
N ARG J 284 5.42 8.49 -66.35
CA ARG J 284 5.32 9.18 -65.07
C ARG J 284 6.64 9.27 -64.32
N ILE J 285 7.75 8.79 -64.89
CA ILE J 285 9.06 8.88 -64.26
C ILE J 285 9.99 9.80 -65.03
N ARG J 286 9.98 9.74 -66.36
CA ARG J 286 10.81 10.65 -67.14
C ARG J 286 10.22 12.05 -67.23
N ASN J 287 8.95 12.24 -66.87
CA ASN J 287 8.37 13.56 -66.73
C ASN J 287 8.27 14.01 -65.28
N ASP J 288 8.93 13.31 -64.37
CA ASP J 288 8.93 13.67 -62.97
C ASP J 288 10.02 14.70 -62.68
N VAL J 289 9.87 15.38 -61.56
CA VAL J 289 10.80 16.43 -61.19
C VAL J 289 11.95 15.90 -60.35
N ASN J 290 11.68 14.90 -59.49
CA ASN J 290 12.66 14.44 -58.52
C ASN J 290 13.78 13.62 -59.14
N TYR J 291 13.63 13.14 -60.36
CA TYR J 291 14.62 12.25 -60.97
C TYR J 291 15.34 12.94 -62.11
N ILE J 292 16.66 12.78 -62.17
CA ILE J 292 17.49 13.29 -63.25
C ILE J 292 18.01 12.10 -64.04
N LEU J 293 17.76 12.10 -65.35
CA LEU J 293 18.08 10.98 -66.21
C LEU J 293 19.22 11.35 -67.13
N ASN J 294 20.27 10.53 -67.13
CA ASN J 294 21.51 10.81 -67.84
C ASN J 294 21.85 9.67 -68.78
N MET J 295 22.60 9.99 -69.82
CA MET J 295 23.07 8.99 -70.77
C MET J 295 24.53 9.25 -71.09
N ASP J 296 25.23 8.20 -71.50
CA ASP J 296 26.67 8.28 -71.70
C ASP J 296 27.09 8.05 -73.14
N ARG J 297 26.66 6.96 -73.75
CA ARG J 297 27.04 6.62 -75.11
C ARG J 297 25.84 6.71 -76.03
N ASN J 298 26.10 7.05 -77.29
CA ASN J 298 25.06 7.11 -78.31
C ASN J 298 25.30 6.05 -79.38
N LEU J 299 24.24 5.35 -79.75
CA LEU J 299 24.30 4.17 -80.60
C LEU J 299 24.27 4.55 -82.07
N PRO J 300 24.86 3.71 -82.95
CA PRO J 300 24.83 4.03 -84.38
C PRO J 300 23.46 3.79 -85.02
N SER J 301 23.40 3.96 -86.34
CA SER J 301 22.20 3.61 -87.09
C SER J 301 22.08 2.12 -87.36
N THR J 302 23.17 1.38 -87.15
CA THR J 302 23.19 -0.05 -87.38
C THR J 302 22.44 -0.81 -86.29
N ALA J 303 22.47 -0.30 -85.05
CA ALA J 303 22.03 -1.03 -83.88
C ALA J 303 20.53 -1.30 -83.89
N ARG J 304 20.15 -2.54 -83.62
CA ARG J 304 18.76 -2.99 -83.60
C ARG J 304 18.42 -3.57 -82.23
N TYR J 305 17.13 -3.80 -82.00
CA TYR J 305 16.66 -4.38 -80.76
C TYR J 305 15.34 -5.09 -81.01
N ILE J 306 15.01 -6.02 -80.12
CA ILE J 306 13.78 -6.81 -80.21
C ILE J 306 12.78 -6.26 -79.21
N ARG J 307 11.57 -5.98 -79.68
CA ARG J 307 10.60 -5.37 -78.78
C ARG J 307 9.67 -6.41 -78.20
N PRO J 308 9.49 -6.47 -76.89
CA PRO J 308 8.52 -7.41 -76.32
C PRO J 308 7.10 -6.90 -76.49
N ASN J 309 6.17 -7.82 -76.70
CA ASN J 309 4.77 -7.46 -76.90
C ASN J 309 4.09 -7.39 -75.54
N LEU J 310 3.57 -6.22 -75.20
CA LEU J 310 2.88 -6.00 -73.94
C LEU J 310 1.43 -5.65 -74.29
N LEU J 311 0.62 -6.67 -74.54
CA LEU J 311 -0.81 -6.50 -74.66
C LEU J 311 -1.47 -7.24 -73.50
N GLN J 312 -2.66 -6.79 -73.13
CA GLN J 312 -3.26 -7.23 -71.87
C GLN J 312 -3.75 -8.68 -71.98
N ASP J 313 -4.12 -9.24 -70.83
CA ASP J 313 -4.48 -10.65 -70.74
C ASP J 313 -5.78 -10.93 -71.47
N ARG J 314 -5.69 -11.78 -72.50
CA ARG J 314 -6.86 -12.14 -73.29
C ARG J 314 -7.62 -13.32 -72.71
N LEU J 315 -7.16 -13.88 -71.59
CA LEU J 315 -7.85 -14.99 -70.96
C LEU J 315 -8.85 -14.55 -69.91
N ASN J 316 -8.68 -13.35 -69.35
CA ASN J 316 -9.49 -12.79 -68.25
C ASN J 316 -9.48 -13.73 -67.05
N LEU J 317 -8.30 -13.86 -66.46
CA LEU J 317 -8.09 -14.77 -65.34
C LEU J 317 -8.74 -14.33 -64.04
N HIS J 318 -9.26 -13.11 -63.96
CA HIS J 318 -9.97 -12.67 -62.78
C HIS J 318 -11.46 -13.00 -62.84
N ASP J 319 -11.94 -13.56 -63.93
CA ASP J 319 -13.34 -13.93 -64.11
C ASP J 319 -13.46 -15.44 -63.99
N ASN J 320 -14.01 -15.89 -62.85
CA ASN J 320 -14.34 -17.28 -62.55
C ASN J 320 -13.13 -18.21 -62.54
N PHE J 321 -11.93 -17.67 -62.31
CA PHE J 321 -10.73 -18.47 -62.07
C PHE J 321 -10.21 -18.02 -60.72
N GLU J 322 -10.71 -18.64 -59.65
CA GLU J 322 -10.47 -18.11 -58.32
C GLU J 322 -9.26 -18.73 -57.63
N SER J 323 -8.82 -19.91 -58.06
CA SER J 323 -7.59 -20.48 -57.52
C SER J 323 -6.36 -20.09 -58.33
N LEU J 324 -6.54 -19.61 -59.56
CA LEU J 324 -5.42 -19.16 -60.37
C LEU J 324 -5.17 -17.66 -60.24
N TRP J 325 -6.20 -16.89 -59.91
CA TRP J 325 -5.97 -15.47 -59.65
C TRP J 325 -5.35 -15.26 -58.28
N ASP J 326 -5.58 -16.17 -57.35
CA ASP J 326 -5.07 -16.00 -55.99
C ASP J 326 -3.57 -16.25 -55.92
N THR J 327 -3.05 -17.15 -56.75
CA THR J 327 -1.62 -17.42 -56.79
C THR J 327 -0.89 -16.62 -57.84
N ILE J 328 -1.61 -15.77 -58.59
CA ILE J 328 -0.97 -14.81 -59.48
C ILE J 328 -0.91 -13.43 -58.84
N THR J 329 -1.62 -13.21 -57.73
CA THR J 329 -1.56 -11.95 -57.01
C THR J 329 -0.86 -12.06 -55.66
N THR J 330 -0.53 -13.27 -55.20
CA THR J 330 0.52 -13.41 -54.19
C THR J 330 1.88 -13.36 -54.85
N SER J 331 1.93 -13.71 -56.14
CA SER J 331 3.16 -13.61 -56.91
C SER J 331 3.59 -12.15 -57.06
N ASN J 332 2.63 -11.24 -57.22
CA ASN J 332 2.91 -9.81 -57.34
C ASN J 332 2.95 -9.10 -56.00
N TYR J 333 2.48 -9.73 -54.93
CA TYR J 333 2.42 -9.05 -53.64
C TYR J 333 3.79 -9.04 -52.96
N ILE J 334 4.49 -10.18 -52.95
CA ILE J 334 5.79 -10.23 -52.32
C ILE J 334 6.85 -9.55 -53.18
N LEU J 335 6.59 -9.38 -54.47
CA LEU J 335 7.51 -8.60 -55.30
C LEU J 335 7.39 -7.12 -54.99
N ALA J 336 6.17 -6.60 -54.90
CA ALA J 336 5.95 -5.21 -54.57
C ALA J 336 6.15 -4.91 -53.09
N ARG J 337 6.34 -5.94 -52.26
CA ARG J 337 6.72 -5.75 -50.87
C ARG J 337 8.21 -5.48 -50.74
N SER J 338 9.03 -6.09 -51.58
CA SER J 338 10.48 -5.93 -51.53
C SER J 338 10.99 -4.80 -52.41
N VAL J 339 10.11 -3.88 -52.80
CA VAL J 339 10.47 -2.75 -53.64
C VAL J 339 10.19 -1.43 -52.95
N VAL J 340 9.05 -1.33 -52.25
CA VAL J 340 8.67 -0.12 -51.51
C VAL J 340 9.69 0.16 -50.40
N PRO J 341 10.22 1.37 -50.31
CA PRO J 341 11.37 1.61 -49.43
C PRO J 341 10.97 1.70 -47.96
N ASP J 342 11.97 1.48 -47.11
CA ASP J 342 11.76 1.53 -45.67
C ASP J 342 12.05 2.92 -45.13
N LEU J 343 11.45 3.22 -43.99
CA LEU J 343 11.53 4.53 -43.38
C LEU J 343 12.91 4.75 -42.77
N LYS J 344 13.28 6.02 -42.62
CA LYS J 344 14.53 6.37 -41.98
C LYS J 344 14.31 7.60 -41.12
N GLU J 345 15.19 7.74 -40.11
CA GLU J 345 15.19 8.81 -39.12
C GLU J 345 13.86 8.90 -38.38
N LEU J 346 13.47 7.77 -37.79
CA LEU J 346 12.27 7.69 -36.98
C LEU J 346 12.49 8.35 -35.62
N VAL J 347 11.39 8.69 -34.96
CA VAL J 347 11.43 9.03 -33.54
C VAL J 347 11.77 7.77 -32.76
N SER J 348 12.56 7.92 -31.69
CA SER J 348 13.01 6.78 -30.91
C SER J 348 11.85 6.11 -30.20
N THR J 349 11.88 4.77 -30.14
CA THR J 349 10.80 4.02 -29.52
C THR J 349 10.79 4.10 -28.00
N GLU J 350 11.88 4.55 -27.38
CA GLU J 350 11.92 4.76 -25.95
C GLU J 350 11.65 6.20 -25.56
N ALA J 351 12.06 7.16 -26.40
CA ALA J 351 11.76 8.56 -26.13
C ALA J 351 10.36 8.96 -26.55
N GLN J 352 9.62 8.06 -27.19
CA GLN J 352 8.21 8.28 -27.48
C GLN J 352 7.30 7.66 -26.43
N ILE J 353 7.71 6.55 -25.83
CA ILE J 353 6.95 5.98 -24.72
C ILE J 353 7.08 6.87 -23.48
N GLN J 354 8.26 7.43 -23.24
CA GLN J 354 8.46 8.34 -22.12
C GLN J 354 7.76 9.67 -22.32
N LYS J 355 7.32 9.99 -23.53
CA LYS J 355 6.45 11.13 -23.78
C LYS J 355 4.98 10.71 -23.74
N MET J 356 4.67 9.52 -24.23
CA MET J 356 3.30 9.04 -24.20
C MET J 356 2.86 8.61 -22.81
N SER J 357 3.79 8.31 -21.91
CA SER J 357 3.43 7.96 -20.55
C SER J 357 3.41 9.17 -19.61
N GLN J 358 3.44 10.38 -20.16
CA GLN J 358 3.25 11.59 -19.37
C GLN J 358 2.05 12.40 -19.81
N ASP J 359 1.63 12.30 -21.07
CA ASP J 359 0.38 12.91 -21.49
C ASP J 359 -0.81 12.11 -20.98
N LEU J 360 -0.63 10.80 -20.78
CA LEU J 360 -1.71 9.95 -20.31
C LEU J 360 -1.84 9.94 -18.79
N GLN J 361 -0.82 10.41 -18.07
CA GLN J 361 -0.75 10.41 -16.60
C GLN J 361 -0.96 9.01 -16.05
N LEU J 362 -0.04 8.11 -16.41
CA LEU J 362 -0.16 6.71 -16.02
C LEU J 362 0.03 6.56 -14.51
N GLU J 363 -0.88 5.82 -13.88
CA GLU J 363 -0.95 5.70 -12.44
C GLU J 363 -0.66 4.26 -12.03
N ALA J 364 0.13 4.09 -10.98
CA ALA J 364 0.28 2.79 -10.37
C ALA J 364 -0.81 2.60 -9.32
N LEU J 365 -1.07 1.33 -8.99
CA LEU J 365 -2.12 0.90 -8.05
C LEU J 365 -3.50 1.40 -8.47
N THR J 366 -3.76 1.39 -9.78
CA THR J 366 -5.08 1.70 -10.34
C THR J 366 -5.13 1.10 -11.74
N ILE J 367 -6.01 0.13 -11.95
CA ILE J 367 -6.15 -0.48 -13.27
C ILE J 367 -6.89 0.49 -14.17
N GLN J 368 -6.21 0.97 -15.21
CA GLN J 368 -6.73 1.98 -16.11
C GLN J 368 -6.87 1.40 -17.51
N SER J 369 -7.68 2.06 -18.32
CA SER J 369 -7.78 1.73 -19.74
C SER J 369 -6.81 2.53 -20.59
N GLU J 370 -5.93 3.31 -19.97
CA GLU J 370 -4.92 4.08 -20.68
C GLU J 370 -3.54 3.44 -20.62
N THR J 371 -3.39 2.32 -19.93
CA THR J 371 -2.15 1.56 -20.02
C THR J 371 -2.08 0.76 -21.30
N GLN J 372 -3.23 0.45 -21.89
CA GLN J 372 -3.29 -0.32 -23.12
C GLN J 372 -2.96 0.50 -24.37
N PHE J 373 -2.78 1.81 -24.23
CA PHE J 373 -2.50 2.64 -25.40
C PHE J 373 -1.08 2.47 -25.92
N LEU J 374 -0.21 1.80 -25.17
CA LEU J 374 1.20 1.71 -25.50
C LEU J 374 1.61 0.34 -26.05
N THR J 375 0.68 -0.59 -26.20
CA THR J 375 1.03 -1.95 -26.59
C THR J 375 1.38 -2.01 -28.06
N GLY J 376 2.56 -2.55 -28.37
CA GLY J 376 2.95 -2.75 -29.75
C GLY J 376 3.43 -1.51 -30.46
N ILE J 377 4.20 -0.65 -29.80
CA ILE J 377 4.83 0.49 -30.43
C ILE J 377 6.32 0.16 -30.55
N ASN J 378 6.72 -0.33 -31.72
CA ASN J 378 8.12 -0.58 -32.02
C ASN J 378 8.48 0.15 -33.31
N SER J 379 9.77 0.14 -33.63
CA SER J 379 10.23 0.64 -34.91
C SER J 379 10.19 -0.41 -36.01
N GLN J 380 9.95 -1.67 -35.65
CA GLN J 380 9.78 -2.75 -36.62
C GLN J 380 8.33 -2.88 -37.08
N ALA J 381 7.39 -2.61 -36.19
CA ALA J 381 5.97 -2.63 -36.56
C ALA J 381 5.55 -1.38 -37.33
N ALA J 382 6.39 -0.35 -37.39
CA ALA J 382 6.07 0.80 -38.24
C ALA J 382 6.49 0.55 -39.68
N ASN J 383 7.64 -0.09 -39.88
CA ASN J 383 8.08 -0.45 -41.22
C ASN J 383 7.23 -1.56 -41.82
N ASP J 384 6.61 -2.39 -41.00
CA ASP J 384 5.79 -3.49 -41.48
C ASP J 384 4.33 -3.12 -41.64
N CYS J 385 3.97 -1.85 -41.40
CA CYS J 385 2.67 -1.31 -41.75
C CYS J 385 2.71 -0.39 -42.94
N PHE J 386 3.80 0.35 -43.10
CA PHE J 386 4.02 1.16 -44.30
C PHE J 386 4.24 0.30 -45.53
N LYS J 387 4.81 -0.89 -45.36
CA LYS J 387 5.03 -1.76 -46.51
C LYS J 387 3.76 -2.47 -46.93
N THR J 388 3.05 -3.07 -45.98
CA THR J 388 1.86 -3.85 -46.31
C THR J 388 0.64 -3.00 -46.64
N LEU J 389 0.76 -1.67 -46.61
CA LEU J 389 -0.30 -0.80 -47.13
C LEU J 389 -0.05 -0.41 -48.58
N ILE J 390 1.20 -0.10 -48.94
CA ILE J 390 1.51 0.22 -50.33
C ILE J 390 1.54 -1.04 -51.17
N ALA J 391 2.08 -2.14 -50.63
CA ALA J 391 2.25 -3.34 -51.43
C ALA J 391 0.97 -4.12 -51.61
N ALA J 392 -0.05 -3.87 -50.80
CA ALA J 392 -1.33 -4.49 -51.03
C ALA J 392 -2.18 -3.71 -52.02
N MET J 393 -1.96 -2.40 -52.14
CA MET J 393 -2.71 -1.61 -53.11
C MET J 393 -2.25 -1.85 -54.53
N LEU J 394 -0.94 -2.01 -54.73
CA LEU J 394 -0.39 -2.29 -56.06
C LEU J 394 -0.66 -3.71 -56.51
N SER J 395 -1.06 -4.60 -55.61
CA SER J 395 -1.31 -5.99 -55.95
C SER J 395 -2.76 -6.38 -55.82
N GLN J 396 -3.59 -5.50 -55.24
CA GLN J 396 -5.02 -5.70 -55.01
C GLN J 396 -5.31 -6.93 -54.15
N ARG J 397 -4.43 -7.22 -53.20
CA ARG J 397 -4.75 -8.16 -52.13
C ARG J 397 -5.74 -7.51 -51.18
N THR J 398 -6.83 -8.20 -50.90
CA THR J 398 -7.79 -7.70 -49.92
C THR J 398 -7.24 -7.94 -48.53
N MET J 399 -7.18 -6.88 -47.72
CA MET J 399 -6.59 -6.96 -46.40
C MET J 399 -7.58 -7.54 -45.40
N SER J 400 -7.22 -7.49 -44.13
CA SER J 400 -8.08 -7.94 -43.04
C SER J 400 -7.61 -7.23 -41.77
N LEU J 401 -8.55 -6.84 -40.92
CA LEU J 401 -8.24 -6.09 -39.72
C LEU J 401 -8.23 -7.01 -38.52
N ASP J 402 -7.13 -6.98 -37.77
CA ASP J 402 -6.95 -7.81 -36.58
C ASP J 402 -6.68 -6.86 -35.43
N PHE J 403 -7.68 -6.68 -34.57
CA PHE J 403 -7.59 -5.71 -33.49
C PHE J 403 -8.23 -6.27 -32.23
N VAL J 404 -8.04 -5.56 -31.13
CA VAL J 404 -8.59 -5.92 -29.82
C VAL J 404 -9.47 -4.78 -29.36
N THR J 405 -10.68 -5.11 -28.88
CA THR J 405 -11.64 -4.08 -28.53
C THR J 405 -11.37 -3.41 -27.18
N THR J 406 -10.41 -3.92 -26.40
CA THR J 406 -10.05 -3.32 -25.12
C THR J 406 -8.99 -2.24 -25.27
N ASN J 407 -8.67 -1.85 -26.49
CA ASN J 407 -7.58 -0.93 -26.80
C ASN J 407 -8.20 0.25 -27.53
N TYR J 408 -8.48 1.33 -26.81
CA TYR J 408 -9.18 2.47 -27.39
C TYR J 408 -8.30 3.31 -28.30
N MET J 409 -7.00 3.03 -28.39
CA MET J 409 -6.13 3.77 -29.30
C MET J 409 -6.06 3.12 -30.67
N SER J 410 -6.20 1.80 -30.76
CA SER J 410 -6.27 1.16 -32.06
C SER J 410 -7.60 1.40 -32.75
N LEU J 411 -8.62 1.87 -32.03
CA LEU J 411 -9.87 2.28 -32.63
C LEU J 411 -9.82 3.72 -33.14
N ILE J 412 -9.10 4.60 -32.46
CA ILE J 412 -8.91 5.96 -32.97
C ILE J 412 -7.93 5.96 -34.13
N SER J 413 -6.91 5.09 -34.08
CA SER J 413 -6.02 4.91 -35.22
C SER J 413 -6.69 4.19 -36.37
N GLY J 414 -7.77 3.47 -36.11
CA GLY J 414 -8.56 2.90 -37.18
C GLY J 414 -9.44 3.90 -37.90
N MET J 415 -9.58 5.11 -37.37
CA MET J 415 -10.26 6.18 -38.08
C MET J 415 -9.38 6.82 -39.14
N TRP J 416 -8.09 6.51 -39.15
CA TRP J 416 -7.18 7.04 -40.15
C TRP J 416 -7.00 6.11 -41.33
N LEU J 417 -7.17 4.80 -41.16
CA LEU J 417 -7.17 3.91 -42.31
C LEU J 417 -8.40 4.10 -43.18
N LEU J 418 -9.57 4.14 -42.57
CA LEU J 418 -10.81 4.20 -43.33
C LEU J 418 -11.02 5.54 -44.02
N THR J 419 -10.31 6.59 -43.60
CA THR J 419 -10.38 7.87 -44.26
C THR J 419 -9.31 8.05 -45.33
N VAL J 420 -8.38 7.11 -45.47
CA VAL J 420 -7.33 7.18 -46.45
C VAL J 420 -7.43 6.05 -47.47
N VAL J 421 -7.47 4.81 -47.00
CA VAL J 421 -7.58 3.63 -47.86
C VAL J 421 -9.04 3.45 -48.25
N PRO J 422 -9.35 3.11 -49.49
CA PRO J 422 -10.75 2.88 -49.88
C PRO J 422 -11.34 1.65 -49.21
N ASN J 423 -12.60 1.78 -48.79
CA ASN J 423 -13.31 0.75 -48.03
C ASN J 423 -13.71 -0.46 -48.86
N ASP J 424 -13.60 -0.40 -50.18
CA ASP J 424 -13.90 -1.55 -51.02
C ASP J 424 -12.75 -2.54 -51.10
N MET J 425 -11.71 -2.35 -50.28
CA MET J 425 -10.51 -3.16 -50.30
C MET J 425 -10.39 -4.08 -49.10
N PHE J 426 -10.79 -3.63 -47.92
CA PHE J 426 -10.87 -4.52 -46.77
C PHE J 426 -12.00 -5.54 -46.97
N ILE J 427 -11.82 -6.73 -46.40
CA ILE J 427 -12.87 -7.74 -46.48
C ILE J 427 -14.03 -7.31 -45.59
N ARG J 428 -15.23 -7.77 -45.93
CA ARG J 428 -16.43 -7.19 -45.33
C ARG J 428 -16.64 -7.64 -43.89
N GLU J 429 -16.25 -8.87 -43.55
CA GLU J 429 -16.43 -9.34 -42.18
C GLU J 429 -15.44 -8.72 -41.21
N SER J 430 -14.39 -8.06 -41.70
CA SER J 430 -13.46 -7.32 -40.86
C SER J 430 -13.59 -5.81 -41.01
N LEU J 431 -14.28 -5.34 -42.04
CA LEU J 431 -14.59 -3.93 -42.15
C LEU J 431 -15.76 -3.55 -41.27
N VAL J 432 -16.75 -4.44 -41.16
CA VAL J 432 -17.96 -4.15 -40.40
C VAL J 432 -17.67 -4.23 -38.90
N ALA J 433 -16.96 -5.27 -38.46
CA ALA J 433 -16.68 -5.44 -37.04
C ALA J 433 -15.69 -4.43 -36.48
N CYS J 434 -14.99 -3.69 -37.34
CA CYS J 434 -14.18 -2.55 -36.91
C CYS J 434 -14.93 -1.24 -37.02
N GLN J 435 -15.81 -1.10 -38.01
CA GLN J 435 -16.65 0.10 -38.08
C GLN J 435 -17.70 0.11 -36.98
N LEU J 436 -18.17 -1.06 -36.56
CA LEU J 436 -19.13 -1.12 -35.46
C LEU J 436 -18.46 -0.85 -34.12
N ALA J 437 -17.18 -1.18 -33.99
CA ALA J 437 -16.49 -0.94 -32.73
C ALA J 437 -16.20 0.54 -32.52
N ILE J 438 -16.02 1.30 -33.60
CA ILE J 438 -15.87 2.75 -33.47
C ILE J 438 -17.21 3.38 -33.13
N ILE J 439 -18.30 2.81 -33.64
CA ILE J 439 -19.62 3.42 -33.46
C ILE J 439 -20.08 3.30 -32.02
N ASN J 440 -19.97 2.11 -31.43
CA ASN J 440 -20.48 1.89 -30.10
C ASN J 440 -19.59 2.43 -28.99
N THR J 441 -18.40 2.91 -29.31
CA THR J 441 -17.44 3.30 -28.28
C THR J 441 -17.08 4.78 -28.33
N ILE J 442 -16.70 5.30 -29.50
CA ILE J 442 -16.14 6.64 -29.57
C ILE J 442 -17.20 7.70 -29.88
N ILE J 443 -18.15 7.41 -30.76
CA ILE J 443 -18.94 8.45 -31.40
C ILE J 443 -20.40 8.44 -30.96
N TYR J 444 -21.01 7.27 -30.77
CA TYR J 444 -22.35 7.29 -30.17
C TYR J 444 -22.40 7.58 -28.66
N PRO J 445 -21.43 7.17 -27.83
CA PRO J 445 -21.43 7.71 -26.46
C PRO J 445 -21.10 9.19 -26.38
N ALA J 446 -20.45 9.77 -27.39
CA ALA J 446 -20.10 11.18 -27.32
C ALA J 446 -21.30 12.08 -27.49
N PHE J 447 -22.33 11.62 -28.20
CA PHE J 447 -23.53 12.40 -28.39
C PHE J 447 -24.68 11.94 -27.51
N GLY J 448 -24.45 10.92 -26.68
CA GLY J 448 -25.46 10.47 -25.74
C GLY J 448 -26.58 9.65 -26.33
N MET J 449 -26.43 9.16 -27.56
CA MET J 449 -27.48 8.37 -28.17
C MET J 449 -27.44 6.93 -27.67
N GLN J 450 -28.52 6.20 -27.97
CA GLN J 450 -28.58 4.78 -27.65
C GLN J 450 -27.62 4.02 -28.56
N ARG J 451 -26.94 3.02 -28.00
CA ARG J 451 -25.95 2.25 -28.74
C ARG J 451 -26.61 1.44 -29.86
N MET J 452 -25.79 1.07 -30.83
CA MET J 452 -26.27 0.56 -32.09
C MET J 452 -26.45 -0.95 -32.05
N HIS J 453 -27.63 -1.42 -32.47
CA HIS J 453 -27.90 -2.84 -32.62
C HIS J 453 -27.74 -3.19 -34.09
N TYR J 454 -26.75 -4.02 -34.39
CA TYR J 454 -26.41 -4.37 -35.76
C TYR J 454 -26.40 -5.89 -35.88
N ARG J 455 -27.35 -6.44 -36.62
CA ARG J 455 -27.36 -7.86 -36.94
C ARG J 455 -26.55 -8.09 -38.20
N ASN J 456 -25.75 -9.16 -38.20
CA ASN J 456 -24.89 -9.43 -39.34
C ASN J 456 -25.69 -9.94 -40.52
N GLY J 457 -25.30 -9.47 -41.72
CA GLY J 457 -26.06 -9.73 -42.93
C GLY J 457 -26.82 -8.53 -43.45
N ASP J 458 -26.77 -7.39 -42.76
CA ASP J 458 -27.43 -6.20 -43.26
C ASP J 458 -26.68 -5.64 -44.47
N PRO J 459 -27.38 -5.08 -45.45
CA PRO J 459 -26.69 -4.55 -46.64
C PRO J 459 -25.94 -3.25 -46.39
N GLN J 460 -26.14 -2.61 -45.25
CA GLN J 460 -25.52 -1.32 -44.95
C GLN J 460 -24.47 -1.48 -43.87
N THR J 461 -23.31 -0.88 -44.09
CA THR J 461 -22.27 -0.84 -43.08
C THR J 461 -22.70 0.11 -41.95
N PRO J 462 -22.15 -0.06 -40.74
CA PRO J 462 -22.56 0.81 -39.63
C PRO J 462 -22.18 2.27 -39.78
N PHE J 463 -21.20 2.62 -40.61
CA PHE J 463 -21.05 4.03 -40.96
C PHE J 463 -22.12 4.50 -41.94
N GLN J 464 -22.71 3.60 -42.70
CA GLN J 464 -23.71 3.98 -43.67
C GLN J 464 -25.09 4.14 -43.06
N ILE J 465 -25.30 3.64 -41.85
CA ILE J 465 -26.52 3.90 -41.10
C ILE J 465 -26.34 5.13 -40.21
N ALA J 466 -25.21 5.24 -39.52
CA ALA J 466 -25.00 6.28 -38.51
C ALA J 466 -24.70 7.65 -39.09
N GLU J 467 -24.83 7.86 -40.40
CA GLU J 467 -24.91 9.23 -40.90
C GLU J 467 -26.36 9.68 -41.07
N GLN J 468 -27.30 8.75 -40.99
CA GLN J 468 -28.72 9.13 -40.98
C GLN J 468 -29.19 9.53 -39.60
N GLN J 469 -28.51 9.05 -38.55
CA GLN J 469 -28.94 9.31 -37.18
C GLN J 469 -28.13 10.40 -36.48
N ILE J 470 -26.93 10.70 -36.96
CA ILE J 470 -26.11 11.74 -36.35
C ILE J 470 -26.47 13.07 -36.99
N GLN J 471 -26.88 14.03 -36.18
CA GLN J 471 -27.34 15.32 -36.67
C GLN J 471 -26.31 16.42 -36.49
N ASN J 472 -25.07 16.06 -36.14
CA ASN J 472 -23.98 17.03 -36.19
C ASN J 472 -23.59 17.28 -37.64
N PHE J 473 -22.76 18.28 -37.87
CA PHE J 473 -22.30 18.56 -39.22
C PHE J 473 -20.85 18.17 -39.47
N GLN J 474 -19.94 18.48 -38.55
CA GLN J 474 -18.53 18.22 -38.82
C GLN J 474 -18.19 16.74 -38.72
N VAL J 475 -18.96 15.98 -37.94
CA VAL J 475 -18.69 14.55 -37.79
C VAL J 475 -19.60 13.71 -38.67
N ALA J 476 -20.62 14.30 -39.29
CA ALA J 476 -21.39 13.65 -40.33
C ALA J 476 -20.95 14.05 -41.72
N ASN J 477 -19.91 14.88 -41.83
CA ASN J 477 -19.27 15.19 -43.10
C ASN J 477 -18.04 14.33 -43.35
N TRP J 478 -17.26 14.04 -42.31
CA TRP J 478 -16.22 13.03 -42.45
C TRP J 478 -16.83 11.66 -42.64
N LEU J 479 -17.96 11.39 -41.99
CA LEU J 479 -18.64 10.11 -42.08
C LEU J 479 -19.27 9.90 -43.45
N HIS J 480 -19.43 10.96 -44.23
CA HIS J 480 -19.84 10.83 -45.63
C HIS J 480 -18.67 10.60 -46.56
N PHE J 481 -17.46 10.99 -46.17
CA PHE J 481 -16.31 10.71 -47.02
C PHE J 481 -15.91 9.25 -46.97
N VAL J 482 -16.10 8.58 -45.84
CA VAL J 482 -15.71 7.19 -45.70
C VAL J 482 -16.63 6.30 -46.53
N ASN J 483 -17.92 6.63 -46.59
CA ASN J 483 -18.87 5.81 -47.34
C ASN J 483 -18.72 5.98 -48.85
N ASN J 484 -18.13 7.07 -49.31
CA ASN J 484 -17.99 7.35 -50.74
C ASN J 484 -16.52 7.47 -51.12
N ASN J 485 -15.68 6.63 -50.53
CA ASN J 485 -14.27 6.59 -50.84
C ASN J 485 -14.00 5.41 -51.77
N GLN J 486 -13.48 5.68 -52.95
CA GLN J 486 -13.30 4.64 -53.95
C GLN J 486 -12.08 4.94 -54.80
N PHE J 487 -11.50 3.88 -55.36
CA PHE J 487 -10.52 4.04 -56.41
C PHE J 487 -11.21 4.52 -57.68
N ARG J 488 -10.49 5.27 -58.49
CA ARG J 488 -11.02 5.79 -59.74
C ARG J 488 -10.30 5.11 -60.90
N GLN J 489 -11.00 4.23 -61.61
CA GLN J 489 -10.40 3.46 -62.69
C GLN J 489 -10.16 4.35 -63.90
N VAL J 490 -8.90 4.59 -64.23
CA VAL J 490 -8.53 5.42 -65.36
C VAL J 490 -7.50 4.67 -66.19
N VAL J 491 -7.63 4.77 -67.51
CA VAL J 491 -6.73 4.09 -68.44
C VAL J 491 -5.61 5.06 -68.81
N ILE J 492 -4.41 4.80 -68.29
CA ILE J 492 -3.24 5.64 -68.53
C ILE J 492 -2.17 4.81 -69.21
N ASP J 493 -1.80 5.21 -70.44
CA ASP J 493 -0.75 4.58 -71.24
C ASP J 493 -1.05 3.10 -71.49
N GLY J 494 -2.30 2.82 -71.88
CA GLY J 494 -2.72 1.47 -72.19
C GLY J 494 -3.03 0.58 -71.02
N VAL J 495 -2.64 0.96 -69.80
CA VAL J 495 -2.83 0.14 -68.61
C VAL J 495 -3.92 0.78 -67.77
N LEU J 496 -5.02 0.06 -67.55
CA LEU J 496 -6.04 0.52 -66.62
C LEU J 496 -5.52 0.33 -65.21
N ASN J 497 -5.23 1.43 -64.52
CA ASN J 497 -4.79 1.37 -63.14
C ASN J 497 -5.62 2.35 -62.32
N GLN J 498 -5.64 2.13 -61.02
CA GLN J 498 -6.61 2.74 -60.12
C GLN J 498 -5.92 3.81 -59.27
N VAL J 499 -6.29 5.05 -59.49
CA VAL J 499 -5.70 6.18 -58.79
C VAL J 499 -6.59 6.56 -57.60
N LEU J 500 -5.99 7.25 -56.63
CA LEU J 500 -6.72 7.68 -55.45
C LEU J 500 -7.47 8.97 -55.75
N ASN J 501 -8.22 9.46 -54.76
CA ASN J 501 -8.91 10.72 -54.91
C ASN J 501 -7.91 11.88 -54.86
N ASP J 502 -8.38 13.07 -55.23
CA ASP J 502 -7.49 14.21 -55.28
C ASP J 502 -7.34 14.90 -53.93
N ASN J 503 -8.11 14.49 -52.91
CA ASN J 503 -7.92 14.99 -51.57
C ASN J 503 -7.02 14.11 -50.73
N ILE J 504 -6.93 12.82 -51.08
CA ILE J 504 -6.03 11.93 -50.35
C ILE J 504 -4.60 12.13 -50.81
N ARG J 505 -4.39 12.61 -52.03
CA ARG J 505 -3.05 12.92 -52.50
C ARG J 505 -2.56 14.28 -52.02
N ASN J 506 -3.46 15.14 -51.54
CA ASN J 506 -3.09 16.42 -50.96
C ASN J 506 -2.81 16.33 -49.47
N GLY J 507 -3.47 15.40 -48.78
CA GLY J 507 -3.50 15.41 -47.34
C GLY J 507 -4.58 16.27 -46.76
N HIS J 508 -5.49 16.80 -47.58
CA HIS J 508 -6.58 17.64 -47.09
C HIS J 508 -7.62 16.85 -46.32
N VAL J 509 -7.64 15.53 -46.47
CA VAL J 509 -8.64 14.73 -45.77
C VAL J 509 -8.31 14.58 -44.28
N VAL J 510 -7.05 14.80 -43.89
CA VAL J 510 -6.71 14.79 -42.48
C VAL J 510 -7.30 16.01 -41.78
N ASN J 511 -7.42 17.13 -42.50
CA ASN J 511 -8.11 18.31 -41.97
C ASN J 511 -9.62 18.10 -41.84
N GLN J 512 -10.18 17.11 -42.52
CA GLN J 512 -11.57 16.74 -42.26
C GLN J 512 -11.69 15.81 -41.07
N LEU J 513 -10.68 14.97 -40.85
CA LEU J 513 -10.71 14.06 -39.71
C LEU J 513 -10.38 14.79 -38.41
N MET J 514 -9.38 15.65 -38.43
CA MET J 514 -8.98 16.39 -37.24
C MET J 514 -9.91 17.56 -36.93
N GLU J 515 -10.93 17.78 -37.75
CA GLU J 515 -12.06 18.63 -37.40
C GLU J 515 -13.23 17.82 -36.88
N ALA J 516 -13.36 16.57 -37.33
CA ALA J 516 -14.45 15.71 -36.89
C ALA J 516 -14.21 15.20 -35.48
N LEU J 517 -12.98 14.79 -35.16
CA LEU J 517 -12.69 14.32 -33.81
C LEU J 517 -12.29 15.44 -32.86
N MET J 518 -12.10 16.65 -33.36
CA MET J 518 -11.89 17.79 -32.46
C MET J 518 -13.19 18.16 -31.77
N GLN J 519 -14.30 18.13 -32.51
CA GLN J 519 -15.60 18.38 -31.90
C GLN J 519 -16.05 17.20 -31.07
N LEU J 520 -15.58 15.99 -31.39
CA LEU J 520 -15.93 14.81 -30.64
C LEU J 520 -15.28 14.79 -29.26
N SER J 521 -14.22 15.58 -29.06
CA SER J 521 -13.59 15.74 -27.76
C SER J 521 -14.17 16.90 -26.96
N ARG J 522 -14.82 17.86 -27.62
CA ARG J 522 -15.50 18.94 -26.92
C ARG J 522 -16.90 18.57 -26.45
N GLN J 523 -17.43 17.44 -26.89
CA GLN J 523 -18.70 16.97 -26.40
C GLN J 523 -18.57 16.44 -24.98
N GLN J 524 -19.70 16.38 -24.29
CA GLN J 524 -19.77 15.75 -22.98
C GLN J 524 -20.49 14.41 -23.11
N PHE J 525 -20.15 13.49 -22.21
CA PHE J 525 -20.64 12.12 -22.29
C PHE J 525 -21.68 11.95 -21.18
N PRO J 526 -22.98 12.04 -21.48
CA PRO J 526 -23.96 12.08 -20.39
C PRO J 526 -24.21 10.73 -19.72
N THR J 527 -24.36 9.65 -20.48
CA THR J 527 -24.61 8.36 -19.87
C THR J 527 -23.34 7.75 -19.26
N MET J 528 -22.19 8.03 -19.85
CA MET J 528 -20.93 7.46 -19.43
C MET J 528 -20.41 8.14 -18.17
N PRO J 529 -19.59 7.43 -17.36
CA PRO J 529 -18.99 8.07 -16.18
C PRO J 529 -17.94 9.12 -16.50
N VAL J 530 -17.39 9.77 -15.47
CA VAL J 530 -16.35 10.77 -15.70
C VAL J 530 -15.05 10.09 -16.07
N ASP J 531 -14.79 8.91 -15.52
CA ASP J 531 -13.56 8.16 -15.80
C ASP J 531 -13.52 7.58 -17.20
N TYR J 532 -14.63 7.58 -17.92
CA TYR J 532 -14.67 7.09 -19.30
C TYR J 532 -14.50 8.20 -20.30
N LYS J 533 -14.89 9.42 -19.96
CA LYS J 533 -14.65 10.56 -20.84
C LYS J 533 -13.17 10.91 -20.87
N ARG J 534 -12.49 10.76 -19.72
CA ARG J 534 -11.10 11.16 -19.62
C ARG J 534 -10.16 10.22 -20.37
N SER J 535 -10.51 8.93 -20.45
CA SER J 535 -9.65 7.98 -21.14
C SER J 535 -9.78 8.05 -22.65
N ILE J 536 -10.87 8.62 -23.16
CA ILE J 536 -11.01 8.84 -24.60
C ILE J 536 -10.45 10.18 -25.01
N GLN J 537 -10.69 11.22 -24.18
CA GLN J 537 -10.17 12.56 -24.45
C GLN J 537 -8.64 12.62 -24.40
N ARG J 538 -8.00 11.68 -23.70
CA ARG J 538 -6.55 11.61 -23.75
C ARG J 538 -6.07 10.88 -25.00
N GLY J 539 -6.80 9.85 -25.42
CA GLY J 539 -6.39 9.09 -26.59
C GLY J 539 -6.72 9.77 -27.90
N ILE J 540 -7.76 10.62 -27.90
CA ILE J 540 -8.13 11.35 -29.11
C ILE J 540 -7.29 12.61 -29.27
N LEU J 541 -6.46 12.92 -28.27
CA LEU J 541 -5.57 14.07 -28.30
C LEU J 541 -4.11 13.69 -28.52
N LEU J 542 -3.75 12.43 -28.32
CA LEU J 542 -2.44 11.96 -28.75
C LEU J 542 -2.32 11.95 -30.26
N LEU J 543 -3.44 11.82 -30.96
CA LEU J 543 -3.48 11.92 -32.41
C LEU J 543 -3.68 13.36 -32.88
N SER J 544 -4.33 14.19 -32.06
CA SER J 544 -4.53 15.59 -32.41
C SER J 544 -3.30 16.44 -32.18
N ASN J 545 -2.32 15.95 -31.42
CA ASN J 545 -1.02 16.61 -31.33
C ASN J 545 -0.11 16.21 -32.48
N ARG J 546 -0.44 15.13 -33.19
CA ARG J 546 0.29 14.69 -34.37
C ARG J 546 -0.43 15.10 -35.64
N LEU J 547 -1.07 16.27 -35.67
CA LEU J 547 -1.76 16.71 -36.87
C LEU J 547 -0.78 17.09 -37.97
N GLY J 548 0.30 17.78 -37.63
CA GLY J 548 1.27 18.17 -38.64
C GLY J 548 2.06 17.00 -39.18
N GLN J 549 2.28 15.97 -38.37
CA GLN J 549 3.00 14.78 -38.80
C GLN J 549 2.11 13.73 -39.41
N LEU J 550 0.82 14.00 -39.57
CA LEU J 550 -0.11 13.08 -40.23
C LEU J 550 -0.50 13.53 -41.63
N VAL J 551 -0.47 14.82 -41.91
CA VAL J 551 -0.67 15.27 -43.29
C VAL J 551 0.54 14.90 -44.13
N ASP J 552 1.73 14.87 -43.53
CA ASP J 552 2.91 14.42 -44.26
C ASP J 552 2.92 12.91 -44.43
N LEU J 553 2.24 12.17 -43.57
CA LEU J 553 2.16 10.73 -43.74
C LEU J 553 1.22 10.35 -44.88
N THR J 554 0.10 11.07 -45.02
CA THR J 554 -0.82 10.80 -46.11
C THR J 554 -0.25 11.26 -47.45
N ARG J 555 0.57 12.31 -47.45
CA ARG J 555 1.24 12.73 -48.67
C ARG J 555 2.40 11.82 -49.06
N LEU J 556 2.86 10.97 -48.13
CA LEU J 556 3.97 10.07 -48.42
C LEU J 556 3.49 8.69 -48.87
N LEU J 557 2.39 8.18 -48.31
CA LEU J 557 1.80 6.95 -48.84
C LEU J 557 1.24 7.16 -50.24
N ALA J 558 0.65 8.31 -50.49
CA ALA J 558 0.07 8.58 -51.80
C ALA J 558 1.10 9.01 -52.83
N TYR J 559 2.37 9.09 -52.48
CA TYR J 559 3.44 9.36 -53.44
C TYR J 559 4.28 8.13 -53.72
N ASN J 560 4.54 7.28 -52.73
CA ASN J 560 5.22 6.02 -52.99
C ASN J 560 4.30 4.98 -53.60
N TYR J 561 3.00 5.24 -53.64
CA TYR J 561 2.06 4.44 -54.40
C TYR J 561 1.82 5.01 -55.78
N GLU J 562 1.91 6.33 -55.93
CA GLU J 562 1.75 6.95 -57.24
C GLU J 562 2.98 6.71 -58.13
N THR J 563 4.17 6.69 -57.53
CA THR J 563 5.39 6.48 -58.29
C THR J 563 5.56 5.01 -58.68
N LEU J 564 5.39 4.10 -57.73
CA LEU J 564 5.57 2.68 -57.99
C LEU J 564 4.46 2.10 -58.87
N MET J 565 3.33 2.80 -59.03
CA MET J 565 2.31 2.34 -59.96
C MET J 565 2.75 2.51 -61.41
N ALA J 566 3.68 3.43 -61.67
CA ALA J 566 4.14 3.68 -63.02
C ALA J 566 5.03 2.58 -63.58
N CYS J 567 5.48 1.65 -62.76
CA CYS J 567 6.39 0.61 -63.20
C CYS J 567 5.72 -0.72 -63.47
N ILE J 568 4.42 -0.82 -63.30
CA ILE J 568 3.73 -2.06 -63.62
C ILE J 568 3.22 -1.97 -65.05
N THR J 569 3.05 -3.12 -65.69
CA THR J 569 2.59 -3.18 -67.06
C THR J 569 1.29 -3.96 -67.23
N MET J 570 1.03 -4.96 -66.40
CA MET J 570 -0.18 -5.73 -66.56
C MET J 570 -1.37 -4.98 -65.99
N ASN J 571 -2.55 -5.37 -66.46
CA ASN J 571 -3.80 -4.71 -66.11
C ASN J 571 -4.17 -5.03 -64.67
N MET J 572 -4.04 -4.06 -63.77
CA MET J 572 -4.44 -4.30 -62.39
C MET J 572 -5.96 -4.20 -62.27
N GLN J 573 -6.57 -5.22 -61.69
CA GLN J 573 -8.02 -5.35 -61.64
C GLN J 573 -8.46 -5.46 -60.19
N HIS J 574 -9.69 -5.03 -59.93
CA HIS J 574 -10.24 -4.96 -58.58
C HIS J 574 -11.25 -6.09 -58.40
N VAL J 575 -10.77 -7.23 -57.90
CA VAL J 575 -11.61 -8.39 -57.63
C VAL J 575 -11.18 -8.93 -56.27
N GLN J 576 -12.16 -9.25 -55.41
CA GLN J 576 -11.88 -9.85 -54.12
C GLN J 576 -11.22 -11.22 -54.28
N THR J 577 -10.14 -11.44 -53.54
CA THR J 577 -9.36 -12.66 -53.62
C THR J 577 -9.80 -13.64 -52.53
N LEU J 578 -9.26 -14.86 -52.60
CA LEU J 578 -9.58 -15.87 -51.60
C LEU J 578 -8.87 -15.60 -50.28
N THR J 579 -7.55 -15.64 -50.31
CA THR J 579 -6.76 -15.49 -49.10
C THR J 579 -6.45 -14.01 -48.87
N THR J 580 -6.58 -13.58 -47.63
CA THR J 580 -6.39 -12.20 -47.23
C THR J 580 -5.06 -12.05 -46.51
N GLU J 581 -4.35 -10.96 -46.79
CA GLU J 581 -3.08 -10.68 -46.14
C GLU J 581 -3.33 -9.75 -44.97
N LYS J 582 -3.06 -10.23 -43.77
CA LYS J 582 -3.57 -9.62 -42.54
C LYS J 582 -2.74 -8.42 -42.12
N LEU J 583 -3.44 -7.31 -41.85
CA LEU J 583 -2.83 -6.10 -41.29
C LEU J 583 -3.31 -5.95 -39.85
N GLN J 584 -2.38 -5.89 -38.91
CA GLN J 584 -2.73 -5.71 -37.52
C GLN J 584 -2.91 -4.23 -37.24
N LEU J 585 -4.05 -3.89 -36.62
CA LEU J 585 -4.42 -2.49 -36.43
C LEU J 585 -3.61 -1.83 -35.32
N THR J 586 -2.91 -2.62 -34.50
CA THR J 586 -1.95 -2.07 -33.56
C THR J 586 -0.78 -1.42 -34.29
N SER J 587 -0.29 -2.05 -35.36
CA SER J 587 0.85 -1.52 -36.10
C SER J 587 0.52 -0.28 -36.92
N VAL J 588 -0.75 0.08 -37.08
CA VAL J 588 -1.06 1.37 -37.67
C VAL J 588 -0.81 2.50 -36.66
N THR J 589 -1.08 2.22 -35.38
CA THR J 589 -0.70 3.17 -34.32
C THR J 589 0.81 3.29 -34.20
N SER J 590 1.55 2.23 -34.53
CA SER J 590 3.00 2.29 -34.48
C SER J 590 3.57 3.15 -35.59
N LEU J 591 2.80 3.45 -36.62
CA LEU J 591 3.22 4.33 -37.71
C LEU J 591 2.71 5.75 -37.52
N CYS J 592 1.50 5.91 -36.97
CA CYS J 592 0.88 7.23 -36.87
C CYS J 592 1.59 8.13 -35.88
N MET J 593 2.29 7.57 -34.90
CA MET J 593 2.98 8.39 -33.90
C MET J 593 4.39 7.90 -33.66
N LEU J 594 5.12 7.55 -34.71
CA LEU J 594 6.54 7.31 -34.58
C LEU J 594 7.36 7.88 -35.72
N ILE J 595 6.73 8.48 -36.72
CA ILE J 595 7.41 9.01 -37.90
C ILE J 595 7.59 10.52 -37.71
N GLY J 596 8.74 11.04 -38.13
CA GLY J 596 8.87 12.48 -38.19
C GLY J 596 9.98 13.02 -39.09
N ASN J 597 9.60 13.91 -40.01
CA ASN J 597 10.49 14.87 -40.67
C ASN J 597 11.63 14.22 -41.45
N ALA J 598 11.29 13.22 -42.27
CA ALA J 598 12.29 12.57 -43.10
C ALA J 598 11.60 11.96 -44.31
N THR J 599 11.84 12.54 -45.49
CA THR J 599 11.24 12.04 -46.71
C THR J 599 12.01 10.86 -47.24
N VAL J 600 11.29 9.82 -47.64
CA VAL J 600 11.88 8.65 -48.28
C VAL J 600 11.28 8.51 -49.67
N ILE J 601 12.16 8.33 -50.66
CA ILE J 601 11.77 8.27 -52.07
C ILE J 601 12.36 6.96 -52.60
N PRO J 602 11.63 6.18 -53.39
CA PRO J 602 12.22 4.95 -53.95
C PRO J 602 13.28 5.27 -54.98
N SER J 603 14.44 4.67 -54.81
CA SER J 603 15.62 5.01 -55.60
C SER J 603 15.45 4.53 -57.04
N PRO J 604 16.01 5.24 -58.03
CA PRO J 604 15.75 4.89 -59.43
C PRO J 604 16.46 3.64 -59.91
N GLN J 605 17.35 3.05 -59.12
CA GLN J 605 17.89 1.75 -59.46
C GLN J 605 17.03 0.61 -58.95
N THR J 606 15.97 0.92 -58.19
CA THR J 606 14.93 -0.02 -57.81
C THR J 606 13.75 0.05 -58.77
N LEU J 607 13.38 1.26 -59.20
CA LEU J 607 12.34 1.44 -60.20
C LEU J 607 12.72 0.83 -61.54
N PHE J 608 14.00 0.83 -61.89
CA PHE J 608 14.43 0.20 -63.13
C PHE J 608 14.55 -1.31 -63.01
N HIS J 609 14.50 -1.84 -61.80
CA HIS J 609 14.46 -3.28 -61.58
C HIS J 609 13.05 -3.79 -61.37
N TYR J 610 12.19 -3.01 -60.73
CA TYR J 610 10.77 -3.38 -60.62
C TYR J 610 10.07 -3.28 -61.96
N TYR J 611 10.55 -2.42 -62.85
CA TYR J 611 9.99 -2.36 -64.19
C TYR J 611 10.49 -3.51 -65.05
N ASN J 612 11.66 -4.05 -64.75
CA ASN J 612 12.26 -5.08 -65.61
C ASN J 612 11.88 -6.49 -65.20
N VAL J 613 11.24 -6.70 -64.05
CA VAL J 613 10.68 -8.00 -63.71
C VAL J 613 9.19 -8.05 -63.92
N ASN J 614 8.55 -6.93 -64.26
CA ASN J 614 7.16 -6.92 -64.68
C ASN J 614 7.00 -7.00 -66.19
N VAL J 615 8.02 -6.60 -66.95
CA VAL J 615 7.99 -6.78 -68.39
C VAL J 615 8.43 -8.20 -68.75
N ASN J 616 9.39 -8.75 -68.00
CA ASN J 616 9.84 -10.12 -68.25
C ASN J 616 8.77 -11.14 -67.91
N PHE J 617 7.87 -10.84 -66.98
CA PHE J 617 6.77 -11.75 -66.72
C PHE J 617 5.60 -11.52 -67.67
N HIS J 618 5.36 -10.28 -68.07
CA HIS J 618 4.24 -10.00 -68.96
C HIS J 618 4.55 -10.43 -70.39
N SER J 619 5.83 -10.43 -70.77
CA SER J 619 6.19 -10.94 -72.09
C SER J 619 6.36 -12.44 -72.09
N ASN J 620 6.61 -13.07 -70.94
CA ASN J 620 6.59 -14.53 -70.88
C ASN J 620 5.18 -15.05 -70.77
N TYR J 621 4.25 -14.25 -70.26
CA TYR J 621 2.86 -14.67 -70.20
C TYR J 621 2.23 -14.62 -71.58
N ASN J 622 2.56 -13.61 -72.38
CA ASN J 622 1.96 -13.45 -73.70
C ASN J 622 2.62 -14.32 -74.76
N GLU J 623 3.78 -14.91 -74.48
CA GLU J 623 4.42 -15.80 -75.43
C GLU J 623 4.18 -17.26 -75.11
N ARG J 624 3.55 -17.57 -73.98
CA ARG J 624 3.06 -18.92 -73.72
C ARG J 624 1.60 -19.08 -74.06
N ILE J 625 0.87 -17.97 -74.26
CA ILE J 625 -0.44 -18.04 -74.88
C ILE J 625 -0.30 -18.42 -76.36
N ASN J 626 0.55 -17.70 -77.10
CA ASN J 626 0.64 -17.86 -78.54
C ASN J 626 1.26 -19.18 -78.95
N ASP J 627 2.05 -19.80 -78.09
CA ASP J 627 2.58 -21.14 -78.38
C ASP J 627 1.60 -22.24 -78.00
N ALA J 628 0.50 -21.92 -77.32
CA ALA J 628 -0.53 -22.89 -77.02
C ALA J 628 -1.84 -22.63 -77.73
N VAL J 629 -2.05 -21.43 -78.25
CA VAL J 629 -3.19 -21.19 -79.13
C VAL J 629 -2.90 -21.77 -80.51
N ALA J 630 -1.65 -21.71 -80.96
CA ALA J 630 -1.28 -22.16 -82.29
C ALA J 630 -1.18 -23.68 -82.41
N ILE J 631 -1.40 -24.43 -81.35
CA ILE J 631 -1.46 -25.89 -81.41
C ILE J 631 -2.87 -26.40 -81.21
N ILE J 632 -3.65 -25.73 -80.35
CA ILE J 632 -5.08 -26.06 -80.19
C ILE J 632 -5.82 -25.80 -81.49
N THR J 633 -5.48 -24.72 -82.18
CA THR J 633 -6.08 -24.44 -83.48
C THR J 633 -5.55 -25.39 -84.55
N ALA J 634 -4.26 -25.72 -84.50
CA ALA J 634 -3.68 -26.59 -85.52
C ALA J 634 -4.07 -28.05 -85.34
N ALA J 635 -4.48 -28.47 -84.14
CA ALA J 635 -4.95 -29.83 -83.96
C ALA J 635 -6.44 -29.98 -84.21
N ASN J 636 -7.14 -28.88 -84.50
CA ASN J 636 -8.55 -28.93 -84.85
C ASN J 636 -8.78 -28.67 -86.34
N ARG J 637 -7.74 -28.22 -87.06
CA ARG J 637 -7.81 -28.04 -88.50
C ARG J 637 -7.39 -29.31 -89.23
N LEU J 638 -6.43 -30.04 -88.67
CA LEU J 638 -5.97 -31.30 -89.24
C LEU J 638 -6.87 -32.47 -88.90
N ASN J 639 -8.00 -32.22 -88.21
CA ASN J 639 -9.01 -33.21 -87.85
C ASN J 639 -8.42 -34.35 -87.02
N LEU J 640 -7.95 -33.99 -85.83
CA LEU J 640 -7.38 -34.96 -84.89
C LEU J 640 -8.43 -35.22 -83.81
N TYR J 641 -9.33 -36.15 -84.10
CA TYR J 641 -10.45 -36.44 -83.22
C TYR J 641 -10.09 -37.39 -82.08
N GLN J 642 -8.85 -37.88 -82.03
CA GLN J 642 -8.43 -38.83 -81.03
C GLN J 642 -7.46 -38.23 -80.03
N LYS J 643 -6.99 -37.00 -80.26
CA LYS J 643 -6.04 -36.34 -79.38
C LYS J 643 -6.78 -35.58 -78.29
N LYS J 644 -6.20 -35.57 -77.09
CA LYS J 644 -6.75 -34.83 -75.96
C LYS J 644 -5.77 -33.78 -75.48
N MET J 645 -6.28 -32.58 -75.20
CA MET J 645 -5.45 -31.42 -74.90
C MET J 645 -5.21 -31.22 -73.41
N LYS J 646 -5.14 -32.29 -72.63
CA LYS J 646 -4.73 -32.15 -71.24
C LYS J 646 -3.22 -31.91 -71.15
N SER J 647 -2.46 -32.34 -72.15
CA SER J 647 -1.01 -32.19 -72.08
C SER J 647 -0.57 -30.77 -72.40
N ILE J 648 -1.07 -30.20 -73.51
CA ILE J 648 -0.56 -28.90 -73.98
C ILE J 648 -1.14 -27.71 -73.23
N VAL J 649 -2.04 -27.93 -72.27
CA VAL J 649 -2.43 -26.88 -71.34
C VAL J 649 -1.65 -27.10 -70.06
N GLU J 650 -1.23 -28.33 -69.82
CA GLU J 650 -0.35 -28.59 -68.68
C GLU J 650 1.05 -28.06 -68.91
N ASP J 651 1.48 -27.98 -70.17
CA ASP J 651 2.76 -27.36 -70.47
C ASP J 651 2.70 -25.85 -70.40
N PHE J 652 1.55 -25.26 -70.71
CA PHE J 652 1.41 -23.82 -70.64
C PHE J 652 1.38 -23.33 -69.19
N LEU J 653 0.90 -24.14 -68.26
CA LEU J 653 0.95 -23.78 -66.85
C LEU J 653 2.32 -24.00 -66.22
N LYS J 654 3.21 -24.74 -66.88
CA LYS J 654 4.53 -24.99 -66.32
C LYS J 654 5.52 -23.90 -66.67
N ARG J 655 5.44 -23.35 -67.88
CA ARG J 655 6.41 -22.35 -68.32
C ARG J 655 6.20 -21.02 -67.61
N LEU J 656 4.95 -20.66 -67.31
CA LEU J 656 4.71 -19.65 -66.30
C LEU J 656 5.15 -20.22 -64.96
N GLN J 657 6.27 -19.74 -64.44
CA GLN J 657 6.97 -20.46 -63.38
C GLN J 657 6.24 -20.42 -62.04
N ILE J 658 5.31 -19.48 -61.86
CA ILE J 658 4.77 -19.23 -60.52
C ILE J 658 3.70 -20.22 -60.08
N PHE J 659 3.20 -21.05 -60.98
CA PHE J 659 2.15 -22.00 -60.63
C PHE J 659 2.75 -23.35 -60.22
N ASP J 660 1.87 -24.23 -59.73
CA ASP J 660 2.20 -25.61 -59.48
C ASP J 660 1.15 -26.50 -60.12
N ILE J 661 1.60 -27.60 -60.71
CA ILE J 661 0.68 -28.45 -61.47
C ILE J 661 -0.15 -29.31 -60.54
N SER J 662 0.44 -29.82 -59.46
CA SER J 662 -0.21 -30.78 -58.58
C SER J 662 -1.21 -30.15 -57.61
N ARG J 663 -1.62 -28.91 -57.85
CA ARG J 663 -2.74 -28.30 -57.15
C ARG J 663 -3.96 -28.10 -58.02
N VAL J 664 -3.77 -27.81 -59.30
CA VAL J 664 -4.90 -27.60 -60.21
C VAL J 664 -5.40 -28.96 -60.70
N PRO J 665 -6.71 -29.14 -60.83
CA PRO J 665 -7.24 -30.45 -61.24
C PRO J 665 -7.25 -30.64 -62.74
N ASP J 666 -7.87 -31.75 -63.18
CA ASP J 666 -8.14 -31.96 -64.59
C ASP J 666 -9.24 -31.01 -65.07
N ASP J 667 -10.14 -30.61 -64.16
CA ASP J 667 -11.29 -29.79 -64.52
C ASP J 667 -10.88 -28.38 -64.94
N GLN J 668 -9.98 -27.76 -64.18
CA GLN J 668 -9.59 -26.38 -64.44
C GLN J 668 -8.60 -26.25 -65.59
N MET J 669 -8.26 -27.36 -66.24
CA MET J 669 -7.33 -27.40 -67.35
C MET J 669 -8.03 -27.58 -68.69
N TYR J 670 -9.14 -28.33 -68.71
CA TYR J 670 -9.99 -28.39 -69.88
C TYR J 670 -10.93 -27.21 -69.99
N ARG J 671 -11.22 -26.55 -68.87
CA ARG J 671 -12.05 -25.36 -68.89
C ARG J 671 -11.24 -24.12 -69.27
N LEU J 672 -9.94 -24.14 -68.97
CA LEU J 672 -9.04 -23.11 -69.48
C LEU J 672 -8.82 -23.28 -70.98
N ARG J 673 -8.96 -24.50 -71.50
CA ARG J 673 -8.78 -24.75 -72.91
C ARG J 673 -9.93 -24.20 -73.75
N ASP J 674 -11.10 -23.98 -73.15
CA ASP J 674 -12.23 -23.39 -73.86
C ASP J 674 -12.07 -21.89 -74.06
N ARG J 675 -11.10 -21.26 -73.39
CA ARG J 675 -10.78 -19.86 -73.62
C ARG J 675 -9.59 -19.67 -74.53
N LEU J 676 -8.66 -20.63 -74.58
CA LEU J 676 -7.52 -20.54 -75.49
C LEU J 676 -7.93 -20.78 -76.93
N ARG J 677 -9.07 -21.42 -77.16
CA ARG J 677 -9.48 -21.76 -78.51
C ARG J 677 -10.12 -20.56 -79.22
N LEU J 678 -10.88 -19.74 -78.50
CA LEU J 678 -11.58 -18.61 -79.10
C LEU J 678 -10.67 -17.46 -79.50
N LEU J 679 -9.41 -17.47 -79.09
CA LEU J 679 -8.44 -16.44 -79.40
C LEU J 679 -7.94 -16.60 -80.84
N PRO J 680 -7.54 -15.50 -81.49
CA PRO J 680 -6.88 -15.62 -82.78
C PRO J 680 -5.39 -15.90 -82.62
N VAL J 681 -4.83 -16.51 -83.65
CA VAL J 681 -3.42 -16.88 -83.66
C VAL J 681 -2.61 -15.74 -84.25
N GLU J 682 -1.38 -15.57 -83.75
CA GLU J 682 -0.49 -14.49 -84.18
C GLU J 682 -0.17 -14.63 -85.67
N ILE J 683 0.08 -13.49 -86.32
CA ILE J 683 0.25 -13.43 -87.77
C ILE J 683 1.53 -14.16 -88.20
N ARG J 684 2.55 -14.20 -87.35
CA ARG J 684 3.76 -14.94 -87.70
C ARG J 684 3.59 -16.45 -87.58
N ARG J 685 2.58 -16.91 -86.84
CA ARG J 685 2.30 -18.34 -86.71
C ARG J 685 1.13 -18.80 -87.56
N LEU J 686 0.35 -17.88 -88.13
CA LEU J 686 -0.75 -18.25 -89.01
C LEU J 686 -0.26 -18.42 -90.44
N ASP J 687 0.70 -17.60 -90.85
CA ASP J 687 1.25 -17.72 -92.20
C ASP J 687 2.25 -18.85 -92.34
N ILE J 688 2.79 -19.35 -91.22
CA ILE J 688 3.67 -20.51 -91.27
C ILE J 688 2.90 -21.81 -91.11
N PHE J 689 1.63 -21.75 -90.73
CA PHE J 689 0.78 -22.93 -90.77
C PHE J 689 0.02 -23.05 -92.08
N ASN J 690 -0.43 -21.93 -92.64
CA ASN J 690 -1.06 -21.95 -93.95
C ASN J 690 -0.06 -22.22 -95.07
N LEU J 691 1.23 -22.14 -94.80
CA LEU J 691 2.26 -22.55 -95.74
C LEU J 691 2.62 -24.02 -95.59
N ILE J 692 2.11 -24.68 -94.55
CA ILE J 692 2.22 -26.12 -94.42
C ILE J 692 0.97 -26.80 -94.95
N LEU J 693 -0.21 -26.26 -94.61
CA LEU J 693 -1.48 -26.83 -95.04
C LEU J 693 -1.70 -26.69 -96.54
N MET J 694 -1.02 -25.76 -97.20
CA MET J 694 -1.23 -25.56 -98.63
C MET J 694 -0.58 -26.67 -99.45
N ASN J 695 0.56 -27.17 -98.99
CA ASN J 695 1.29 -28.22 -99.71
C ASN J 695 1.73 -29.32 -98.76
N MET J 696 0.80 -29.79 -97.93
CA MET J 696 1.00 -31.00 -97.16
C MET J 696 0.68 -32.26 -97.95
N GLU J 697 0.12 -32.12 -99.14
CA GLU J 697 -0.11 -33.25 -100.03
C GLU J 697 0.97 -33.40 -101.08
N GLN J 698 1.82 -32.40 -101.26
CA GLN J 698 3.00 -32.53 -102.12
C GLN J 698 4.20 -33.07 -101.37
N ILE J 699 4.25 -32.89 -100.04
CA ILE J 699 5.31 -33.46 -99.23
C ILE J 699 5.12 -34.96 -99.07
N GLU J 700 3.88 -35.38 -98.85
CA GLU J 700 3.56 -36.80 -98.63
C GLU J 700 3.77 -37.63 -99.90
N ARG J 701 3.32 -37.12 -101.05
CA ARG J 701 3.32 -37.91 -102.27
C ARG J 701 4.71 -38.13 -102.85
N ALA J 702 5.69 -37.32 -102.46
CA ALA J 702 7.05 -37.48 -102.96
C ALA J 702 7.88 -38.35 -102.03
N SER J 703 7.35 -39.50 -101.67
CA SER J 703 8.00 -40.40 -100.72
C SER J 703 7.92 -41.83 -101.23
N ASP J 704 9.03 -42.56 -101.11
CA ASP J 704 9.10 -43.93 -101.60
C ASP J 704 8.66 -44.96 -100.58
N LYS J 705 8.34 -44.54 -99.35
CA LYS J 705 7.97 -45.47 -98.29
C LYS J 705 6.48 -45.75 -98.23
N ILE J 706 5.67 -45.13 -99.09
CA ILE J 706 4.23 -45.09 -98.89
C ILE J 706 3.55 -45.05 -100.25
N ALA J 707 2.26 -45.38 -100.27
CA ALA J 707 1.45 -45.30 -101.47
C ALA J 707 0.02 -45.01 -101.06
N GLN J 708 -0.66 -44.14 -101.78
CA GLN J 708 -1.97 -43.66 -101.33
C GLN J 708 -3.12 -44.47 -101.91
N GLY J 709 -3.06 -45.79 -101.78
CA GLY J 709 -4.18 -46.62 -102.17
C GLY J 709 -3.88 -47.48 -103.38
N VAL J 710 -4.67 -48.52 -103.54
CA VAL J 710 -4.51 -49.50 -104.61
C VAL J 710 -5.85 -49.60 -105.34
N ILE J 711 -5.79 -49.81 -106.66
CA ILE J 711 -6.97 -49.90 -107.50
C ILE J 711 -7.09 -51.32 -108.02
N ILE J 712 -8.20 -51.98 -107.74
CA ILE J 712 -8.46 -53.34 -108.19
C ILE J 712 -9.46 -53.24 -109.34
N ALA J 713 -9.04 -53.56 -110.55
CA ALA J 713 -9.83 -53.32 -111.73
C ALA J 713 -10.48 -54.57 -112.34
N TYR J 714 -9.91 -55.75 -112.09
CA TYR J 714 -10.42 -57.05 -112.56
C TYR J 714 -10.55 -57.11 -114.08
N ARG J 715 -9.64 -56.46 -114.80
CA ARG J 715 -9.52 -56.60 -116.24
C ARG J 715 -8.10 -56.25 -116.63
N ASP J 716 -7.68 -56.74 -117.79
CA ASP J 716 -6.33 -56.47 -118.25
C ASP J 716 -6.24 -55.05 -118.81
N MET J 717 -5.15 -54.37 -118.46
CA MET J 717 -4.95 -52.99 -118.88
C MET J 717 -3.45 -52.74 -118.99
N GLN J 718 -3.08 -51.88 -119.93
CA GLN J 718 -1.68 -51.53 -120.13
C GLN J 718 -1.14 -50.82 -118.90
N LEU J 719 0.14 -51.03 -118.63
CA LEU J 719 0.82 -50.33 -117.56
C LEU J 719 1.81 -49.34 -118.17
N GLU J 720 1.78 -48.10 -117.70
CA GLU J 720 2.34 -46.98 -118.41
C GLU J 720 3.86 -46.98 -118.35
N ARG J 721 4.47 -46.15 -119.19
CA ARG J 721 5.92 -46.08 -119.28
C ARG J 721 6.42 -44.75 -118.70
N ASP J 722 7.27 -44.85 -117.69
CA ASP J 722 7.95 -43.70 -117.11
C ASP J 722 9.43 -43.79 -117.40
N GLU J 723 10.09 -42.64 -117.43
CA GLU J 723 11.51 -42.63 -117.75
C GLU J 723 12.37 -43.09 -116.58
N MET J 724 11.89 -42.97 -115.34
CA MET J 724 12.68 -43.39 -114.20
C MET J 724 12.37 -44.81 -113.76
N TYR J 725 11.20 -45.35 -114.14
CA TYR J 725 10.78 -46.68 -113.76
C TYR J 725 10.79 -47.67 -114.90
N GLY J 726 10.93 -47.22 -116.14
CA GLY J 726 10.80 -48.13 -117.27
C GLY J 726 9.35 -48.42 -117.56
N TYR J 727 8.90 -49.61 -117.22
CA TYR J 727 7.49 -49.99 -117.26
C TYR J 727 7.01 -50.12 -115.82
N VAL J 728 5.87 -49.49 -115.49
CA VAL J 728 5.36 -49.52 -114.13
C VAL J 728 3.84 -49.40 -114.18
N ASN J 729 3.16 -50.05 -113.23
CA ASN J 729 1.72 -49.92 -113.09
C ASN J 729 1.45 -48.87 -112.02
N ILE J 730 1.38 -47.62 -112.45
CA ILE J 730 1.07 -46.49 -111.59
C ILE J 730 -0.15 -45.80 -112.16
N ALA J 731 -1.16 -45.61 -111.33
CA ALA J 731 -2.36 -44.86 -111.70
C ALA J 731 -2.31 -43.52 -110.98
N ARG J 732 -2.10 -42.45 -111.75
CA ARG J 732 -1.89 -41.14 -111.13
C ARG J 732 -3.18 -40.54 -110.62
N ASN J 733 -4.27 -40.67 -111.38
CA ASN J 733 -5.58 -40.20 -110.97
C ASN J 733 -6.49 -41.38 -110.71
N LEU J 734 -7.44 -41.20 -109.80
CA LEU J 734 -8.37 -42.25 -109.41
C LEU J 734 -9.76 -41.77 -109.85
N ASP J 735 -10.12 -42.09 -111.10
CA ASP J 735 -11.36 -41.62 -111.69
C ASP J 735 -12.03 -42.78 -112.42
N GLY J 736 -13.20 -43.17 -111.95
CA GLY J 736 -13.94 -44.27 -112.50
C GLY J 736 -14.07 -45.50 -111.63
N PHE J 737 -13.88 -45.37 -110.31
CA PHE J 737 -13.98 -46.49 -109.40
C PHE J 737 -14.63 -46.03 -108.10
N GLN J 738 -15.26 -46.96 -107.41
CA GLN J 738 -15.75 -46.68 -106.06
C GLN J 738 -14.57 -46.51 -105.10
N GLN J 739 -14.83 -45.83 -103.99
CA GLN J 739 -13.79 -45.58 -103.01
C GLN J 739 -14.22 -46.09 -101.65
N ILE J 740 -13.26 -46.66 -100.92
CA ILE J 740 -13.47 -47.11 -99.55
C ILE J 740 -12.35 -46.52 -98.70
N ASN J 741 -12.70 -45.62 -97.79
CA ASN J 741 -11.71 -45.00 -96.93
C ASN J 741 -11.24 -45.99 -95.88
N LEU J 742 -9.94 -46.25 -95.83
CA LEU J 742 -9.41 -47.23 -94.88
C LEU J 742 -9.34 -46.69 -93.47
N GLU J 743 -9.32 -45.37 -93.28
CA GLU J 743 -9.40 -44.83 -91.94
C GLU J 743 -10.79 -45.02 -91.35
N GLU J 744 -11.83 -44.81 -92.17
CA GLU J 744 -13.20 -45.04 -91.74
C GLU J 744 -13.50 -46.52 -91.57
N LEU J 745 -12.80 -47.39 -92.30
CA LEU J 745 -12.94 -48.82 -92.14
C LEU J 745 -12.17 -49.36 -90.95
N MET J 746 -11.25 -48.58 -90.38
CA MET J 746 -10.47 -49.01 -89.23
C MET J 746 -10.99 -48.47 -87.90
N ARG J 747 -11.62 -47.30 -87.90
CA ARG J 747 -12.18 -46.76 -86.67
C ARG J 747 -13.57 -47.29 -86.37
N THR J 748 -14.29 -47.81 -87.37
CA THR J 748 -15.59 -48.41 -87.16
C THR J 748 -15.54 -49.94 -87.12
N GLY J 749 -14.65 -50.53 -87.91
CA GLY J 749 -14.47 -51.96 -87.90
C GLY J 749 -15.54 -52.77 -88.59
N ASP J 750 -16.42 -52.13 -89.34
CA ASP J 750 -17.51 -52.84 -90.03
C ASP J 750 -17.00 -53.30 -91.39
N TYR J 751 -16.60 -54.57 -91.48
CA TYR J 751 -16.08 -55.14 -92.71
C TYR J 751 -17.15 -55.82 -93.54
N ALA J 752 -18.40 -55.40 -93.41
CA ALA J 752 -19.48 -56.06 -94.13
C ALA J 752 -19.58 -55.63 -95.59
N GLN J 753 -18.92 -54.54 -95.98
CA GLN J 753 -18.95 -54.10 -97.37
C GLN J 753 -17.78 -54.64 -98.17
N ILE J 754 -16.57 -54.53 -97.63
CA ILE J 754 -15.38 -54.95 -98.38
C ILE J 754 -15.21 -56.46 -98.40
N THR J 755 -15.89 -57.20 -97.51
CA THR J 755 -15.88 -58.65 -97.62
C THR J 755 -16.82 -59.12 -98.71
N ASN J 756 -17.98 -58.47 -98.84
CA ASN J 756 -18.93 -58.80 -99.88
C ASN J 756 -18.44 -58.36 -101.25
N MET J 757 -17.56 -57.36 -101.31
CA MET J 757 -17.08 -56.84 -102.58
C MET J 757 -15.84 -57.55 -103.09
N LEU J 758 -15.06 -58.18 -102.20
CA LEU J 758 -13.91 -58.98 -102.64
C LEU J 758 -14.29 -60.35 -103.14
N LEU J 759 -15.50 -60.82 -102.83
CA LEU J 759 -15.95 -62.13 -103.28
C LEU J 759 -16.76 -62.07 -104.56
N ASN J 760 -17.53 -61.00 -104.76
CA ASN J 760 -18.34 -60.85 -105.96
C ASN J 760 -17.55 -60.33 -107.16
N ASN J 761 -16.27 -59.99 -106.95
CA ASN J 761 -15.36 -59.47 -107.98
C ASN J 761 -15.91 -58.20 -108.63
N GLN J 762 -16.04 -57.17 -107.81
CA GLN J 762 -16.41 -55.84 -108.27
C GLN J 762 -15.21 -54.91 -108.19
N PRO J 763 -15.07 -53.96 -109.12
CA PRO J 763 -13.94 -53.03 -109.07
C PRO J 763 -14.05 -52.06 -107.91
N VAL J 764 -13.03 -52.07 -107.04
CA VAL J 764 -12.94 -51.16 -105.90
C VAL J 764 -11.64 -50.38 -106.06
N ALA J 765 -11.57 -49.21 -105.45
CA ALA J 765 -10.32 -48.46 -105.32
C ALA J 765 -10.16 -48.08 -103.86
N LEU J 766 -9.34 -48.84 -103.14
CA LEU J 766 -9.06 -48.55 -101.75
C LEU J 766 -8.22 -47.28 -101.66
N VAL J 767 -8.46 -46.48 -100.62
CA VAL J 767 -7.81 -45.18 -100.48
C VAL J 767 -7.30 -45.05 -99.05
N GLY J 768 -6.02 -44.78 -98.90
CA GLY J 768 -5.42 -44.59 -97.60
C GLY J 768 -3.90 -44.67 -97.70
N ALA J 769 -3.25 -44.20 -96.65
CA ALA J 769 -1.79 -44.26 -96.58
C ALA J 769 -1.36 -45.70 -96.38
N LEU J 770 -0.81 -46.30 -97.44
CA LEU J 770 -0.61 -47.74 -97.52
C LEU J 770 0.85 -48.02 -97.84
N PRO J 771 1.50 -48.97 -97.17
CA PRO J 771 2.84 -49.38 -97.58
C PRO J 771 2.77 -50.23 -98.84
N PHE J 772 3.94 -50.47 -99.43
CA PHE J 772 4.00 -51.29 -100.64
C PHE J 772 5.38 -51.90 -100.76
N ILE J 773 5.45 -53.01 -101.49
CA ILE J 773 6.72 -53.63 -101.83
C ILE J 773 6.94 -53.47 -103.32
N THR J 774 8.19 -53.61 -103.74
CA THR J 774 8.59 -53.41 -105.13
C THR J 774 9.16 -54.72 -105.67
N ASP J 775 8.45 -55.33 -106.60
CA ASP J 775 8.87 -56.59 -107.21
C ASP J 775 9.24 -56.31 -108.66
N SER J 776 10.50 -56.57 -109.01
CA SER J 776 11.05 -56.15 -110.29
C SER J 776 11.06 -57.25 -111.33
N SER J 777 10.66 -58.46 -110.99
CA SER J 777 10.72 -59.56 -111.95
C SER J 777 9.58 -59.46 -112.96
N VAL J 778 9.73 -60.22 -114.06
CA VAL J 778 8.74 -60.23 -115.12
C VAL J 778 7.88 -61.48 -115.09
N ILE J 779 8.39 -62.61 -114.60
CA ILE J 779 7.57 -63.82 -114.44
C ILE J 779 6.58 -63.62 -113.31
N SER J 780 6.90 -62.79 -112.32
CA SER J 780 5.93 -62.41 -111.30
C SER J 780 4.82 -61.51 -111.83
N LEU J 781 4.94 -60.99 -113.05
CA LEU J 781 3.87 -60.23 -113.69
C LEU J 781 2.98 -61.12 -114.55
N VAL J 782 3.56 -62.04 -115.30
CA VAL J 782 2.75 -62.89 -116.19
C VAL J 782 2.05 -63.98 -115.39
N ALA J 783 2.51 -64.28 -114.18
CA ALA J 783 1.86 -65.25 -113.32
C ALA J 783 0.87 -64.60 -112.37
N LYS J 784 0.69 -63.28 -112.45
CA LYS J 784 -0.34 -62.51 -111.74
C LYS J 784 -0.20 -62.65 -110.22
N LEU J 785 0.93 -62.17 -109.71
CA LEU J 785 1.19 -62.13 -108.27
C LEU J 785 0.70 -60.87 -107.61
N ASP J 786 -0.05 -60.03 -108.33
CA ASP J 786 -0.59 -58.81 -107.73
C ASP J 786 -1.98 -58.99 -107.15
N ALA J 787 -2.76 -59.95 -107.68
CA ALA J 787 -4.10 -60.22 -107.17
C ALA J 787 -4.11 -61.18 -105.99
N THR J 788 -2.96 -61.75 -105.64
CA THR J 788 -2.89 -62.73 -104.56
C THR J 788 -2.99 -62.08 -103.19
N VAL J 789 -2.49 -60.86 -103.03
CA VAL J 789 -2.33 -60.25 -101.71
C VAL J 789 -3.62 -59.71 -101.12
N PHE J 790 -4.77 -59.89 -101.77
CA PHE J 790 -6.02 -59.31 -101.32
C PHE J 790 -6.95 -60.30 -100.62
N ALA J 791 -6.59 -61.58 -100.55
CA ALA J 791 -7.45 -62.54 -99.86
C ALA J 791 -7.35 -62.45 -98.35
N GLN J 792 -6.42 -61.68 -97.82
CA GLN J 792 -6.25 -61.61 -96.37
C GLN J 792 -7.31 -60.76 -95.68
N ILE J 793 -7.96 -59.84 -96.40
CA ILE J 793 -9.02 -59.04 -95.80
C ILE J 793 -10.32 -59.83 -95.67
N VAL J 794 -10.43 -60.95 -96.38
CA VAL J 794 -11.66 -61.75 -96.33
C VAL J 794 -11.66 -62.67 -95.11
N LYS J 795 -10.59 -63.45 -94.91
CA LYS J 795 -10.56 -64.40 -93.81
C LYS J 795 -10.28 -63.69 -92.48
N LEU J 796 -9.19 -62.95 -92.41
CA LEU J 796 -8.90 -62.10 -91.27
C LEU J 796 -9.53 -60.74 -91.49
N ARG J 797 -9.99 -60.11 -90.41
CA ARG J 797 -10.56 -58.78 -90.52
C ARG J 797 -9.55 -57.69 -90.19
N LYS J 798 -8.28 -57.91 -90.49
CA LYS J 798 -7.24 -56.90 -90.32
C LYS J 798 -6.82 -56.37 -91.68
N VAL J 799 -6.88 -55.05 -91.84
CA VAL J 799 -6.43 -54.38 -93.05
C VAL J 799 -5.08 -53.68 -92.84
N ASP J 800 -4.48 -53.85 -91.65
CA ASP J 800 -3.18 -53.24 -91.36
C ASP J 800 -2.06 -53.87 -92.18
N THR J 801 -2.14 -55.18 -92.41
CA THR J 801 -1.10 -55.91 -93.14
C THR J 801 -1.40 -56.01 -94.63
N LEU J 802 -1.71 -54.88 -95.26
CA LEU J 802 -1.98 -54.84 -96.69
C LEU J 802 -0.76 -54.27 -97.41
N LYS J 803 -0.18 -55.07 -98.31
CA LYS J 803 1.01 -54.68 -99.07
C LYS J 803 0.76 -54.96 -100.55
N PRO J 804 0.31 -53.96 -101.30
CA PRO J 804 0.19 -54.14 -102.75
C PRO J 804 1.56 -54.18 -103.43
N ILE J 805 1.55 -54.71 -104.65
CA ILE J 805 2.77 -54.91 -105.42
C ILE J 805 2.87 -53.84 -106.48
N LEU J 806 4.03 -53.19 -106.57
CA LEU J 806 4.32 -52.21 -107.61
C LEU J 806 5.38 -52.81 -108.52
N TYR J 807 4.96 -53.27 -109.69
CA TYR J 807 5.89 -53.88 -110.63
C TYR J 807 6.81 -52.83 -111.24
N LYS J 808 7.93 -53.30 -111.77
CA LYS J 808 8.91 -52.40 -112.39
C LYS J 808 9.75 -53.24 -113.33
N ILE J 809 9.66 -52.95 -114.63
CA ILE J 809 10.32 -53.75 -115.66
C ILE J 809 11.36 -52.87 -116.34
N ASN J 810 12.64 -53.23 -116.20
CA ASN J 810 13.71 -52.51 -116.85
C ASN J 810 14.58 -53.46 -117.66
N SER J 811 15.70 -52.97 -118.16
CA SER J 811 16.75 -53.85 -118.65
C SER J 811 17.56 -54.43 -117.50
N ASP J 812 17.52 -53.80 -116.32
CA ASP J 812 18.13 -54.38 -115.13
C ASP J 812 17.36 -55.57 -114.60
N SER J 813 16.07 -55.67 -114.93
CA SER J 813 15.27 -56.81 -114.53
C SER J 813 15.69 -58.06 -115.29
N ASN J 814 15.64 -59.20 -114.61
CA ASN J 814 16.01 -60.44 -115.26
C ASN J 814 14.90 -60.92 -116.17
N ASP J 815 15.28 -61.75 -117.15
CA ASP J 815 14.40 -62.29 -118.20
C ASP J 815 13.72 -61.18 -118.99
N PHE J 816 14.48 -60.15 -119.35
CA PHE J 816 13.94 -59.05 -120.15
C PHE J 816 13.70 -59.44 -121.60
N TYR J 817 14.24 -60.56 -122.07
CA TYR J 817 14.05 -60.99 -123.45
C TYR J 817 12.62 -61.36 -123.78
N LEU J 818 11.75 -61.53 -122.78
CA LEU J 818 10.33 -61.71 -123.05
C LEU J 818 9.71 -60.45 -123.63
N VAL J 819 10.12 -59.28 -123.13
CA VAL J 819 9.58 -58.03 -123.63
C VAL J 819 10.24 -57.64 -124.95
N ALA J 820 11.52 -57.94 -125.13
CA ALA J 820 12.25 -57.49 -126.31
C ALA J 820 11.89 -58.30 -127.55
N ASN J 821 11.88 -59.63 -127.44
CA ASN J 821 11.68 -60.47 -128.61
C ASN J 821 10.22 -60.50 -129.05
N TYR J 822 9.34 -60.99 -128.19
CA TYR J 822 7.92 -61.00 -128.50
C TYR J 822 7.36 -59.60 -128.32
N ASP J 823 6.71 -59.08 -129.35
CA ASP J 823 6.19 -57.71 -129.32
C ASP J 823 4.93 -57.68 -128.48
N TRP J 824 5.05 -57.13 -127.27
CA TRP J 824 3.91 -56.98 -126.36
C TRP J 824 4.25 -55.92 -125.32
N VAL J 825 3.21 -55.24 -124.84
CA VAL J 825 3.35 -54.37 -123.67
C VAL J 825 2.80 -55.13 -122.47
N PRO J 826 3.37 -54.96 -121.28
CA PRO J 826 2.89 -55.75 -120.14
C PRO J 826 1.55 -55.24 -119.63
N THR J 827 0.67 -56.19 -119.31
CA THR J 827 -0.67 -55.87 -118.82
C THR J 827 -0.83 -56.42 -117.41
N SER J 828 -1.30 -55.59 -116.50
CA SER J 828 -1.50 -55.96 -115.11
C SER J 828 -2.98 -55.81 -114.75
N THR J 829 -3.36 -56.44 -113.64
CA THR J 829 -4.74 -56.38 -113.17
C THR J 829 -4.95 -55.22 -112.21
N THR J 830 -4.05 -55.02 -111.26
CA THR J 830 -4.18 -53.96 -110.27
C THR J 830 -3.18 -52.85 -110.54
N LYS J 831 -3.52 -51.64 -110.08
CA LYS J 831 -2.64 -50.48 -110.19
C LYS J 831 -2.49 -49.85 -108.82
N VAL J 832 -1.44 -49.06 -108.65
CA VAL J 832 -1.12 -48.41 -107.39
C VAL J 832 -1.25 -46.91 -107.58
N TYR J 833 -1.97 -46.26 -106.67
CA TYR J 833 -2.19 -44.81 -106.71
C TYR J 833 -0.95 -44.12 -106.16
N LYS J 834 0.00 -43.85 -107.07
CA LYS J 834 1.31 -43.32 -106.71
C LYS J 834 1.62 -42.13 -107.60
N GLN J 835 2.49 -41.24 -107.11
CA GLN J 835 2.87 -40.05 -107.86
C GLN J 835 4.33 -40.14 -108.28
N ILE J 836 4.68 -39.33 -109.26
CA ILE J 836 5.97 -39.38 -109.93
C ILE J 836 6.83 -38.22 -109.42
N PRO J 837 8.09 -38.46 -109.05
CA PRO J 837 8.92 -37.37 -108.52
C PRO J 837 9.31 -36.39 -109.62
N GLN J 838 9.24 -35.10 -109.28
CA GLN J 838 9.50 -34.06 -110.26
C GLN J 838 10.98 -33.96 -110.57
N GLN J 839 11.27 -33.49 -111.78
CA GLN J 839 12.65 -33.39 -112.25
C GLN J 839 13.38 -32.25 -111.55
N PHE J 840 14.69 -32.25 -111.71
CA PHE J 840 15.57 -31.24 -111.11
C PHE J 840 16.09 -30.37 -112.23
N ASP J 841 15.56 -29.14 -112.32
CA ASP J 841 16.03 -28.15 -113.27
C ASP J 841 16.95 -27.19 -112.53
N PHE J 842 18.22 -27.16 -112.92
CA PHE J 842 19.21 -26.37 -112.19
C PHE J 842 19.00 -24.88 -112.44
N ARG J 843 18.67 -24.51 -113.67
CA ARG J 843 18.50 -23.10 -114.01
C ARG J 843 17.20 -22.51 -113.52
N ALA J 844 16.28 -23.33 -113.02
CA ALA J 844 14.99 -22.87 -112.54
C ALA J 844 14.84 -22.97 -111.04
N SER J 845 15.85 -23.46 -110.33
CA SER J 845 15.75 -23.70 -108.89
C SER J 845 16.61 -22.77 -108.06
N MET J 846 17.51 -22.01 -108.65
CA MET J 846 18.32 -21.09 -107.86
C MET J 846 17.52 -19.83 -107.54
N HIS J 847 17.94 -19.14 -106.47
CA HIS J 847 17.26 -17.95 -105.99
C HIS J 847 18.31 -17.00 -105.45
N MET J 848 17.92 -15.74 -105.29
CA MET J 848 18.81 -14.71 -104.75
C MET J 848 18.23 -14.25 -103.42
N LEU J 849 18.82 -14.75 -102.33
CA LEU J 849 18.36 -14.43 -100.99
C LEU J 849 18.99 -13.13 -100.52
N THR J 850 18.16 -12.22 -100.01
CA THR J 850 18.56 -10.84 -99.72
C THR J 850 18.37 -10.56 -98.23
N SER J 851 19.42 -10.09 -97.57
CA SER J 851 19.36 -9.69 -96.16
C SER J 851 20.24 -8.47 -95.98
N ASN J 852 20.54 -8.15 -94.72
CA ASN J 852 21.44 -7.06 -94.40
C ASN J 852 22.87 -7.56 -94.25
N LEU J 853 23.80 -6.64 -94.03
CA LEU J 853 25.19 -7.01 -93.78
C LEU J 853 25.49 -7.15 -92.29
N THR J 854 25.34 -6.06 -91.53
CA THR J 854 25.72 -6.04 -90.13
C THR J 854 24.59 -5.51 -89.26
N PHE J 855 24.34 -6.19 -88.16
CA PHE J 855 23.47 -5.74 -87.08
C PHE J 855 24.31 -5.55 -85.83
N THR J 856 23.67 -5.07 -84.77
CA THR J 856 24.22 -5.12 -83.42
C THR J 856 23.01 -5.18 -82.49
N VAL J 857 22.63 -6.39 -82.09
CA VAL J 857 21.40 -6.60 -81.33
C VAL J 857 21.69 -6.41 -79.84
N TYR J 858 20.89 -5.56 -79.18
CA TYR J 858 21.06 -5.25 -77.77
C TYR J 858 19.90 -5.83 -76.97
N SER J 859 20.23 -6.56 -75.90
CA SER J 859 19.23 -7.29 -75.14
C SER J 859 18.53 -6.39 -74.12
N ASP J 860 19.31 -5.65 -73.34
CA ASP J 860 18.77 -4.80 -72.28
C ASP J 860 18.91 -3.34 -72.70
N LEU J 861 17.85 -2.57 -72.48
CA LEU J 861 17.85 -1.17 -72.87
C LEU J 861 18.09 -0.22 -71.72
N LEU J 862 17.82 -0.63 -70.48
CA LEU J 862 18.01 0.23 -69.32
C LEU J 862 19.38 0.07 -68.69
N ALA J 863 20.37 -0.34 -69.47
CA ALA J 863 21.76 -0.31 -69.04
C ALA J 863 22.48 0.95 -69.49
N PHE J 864 21.96 1.64 -70.50
CA PHE J 864 22.55 2.89 -70.95
C PHE J 864 22.11 4.08 -70.10
N VAL J 865 20.87 4.07 -69.63
CA VAL J 865 20.35 5.13 -68.78
C VAL J 865 20.92 4.97 -67.37
N SER J 866 21.47 6.05 -66.83
CA SER J 866 22.04 6.06 -65.48
C SER J 866 21.30 7.14 -64.68
N ALA J 867 20.22 6.75 -64.04
CA ALA J 867 19.34 7.68 -63.36
C ALA J 867 19.79 7.91 -61.92
N ASP J 868 19.45 9.09 -61.40
CA ASP J 868 19.84 9.51 -60.06
C ASP J 868 18.77 10.45 -59.53
N THR J 869 18.64 10.50 -58.21
CA THR J 869 17.54 11.22 -57.57
C THR J 869 18.02 12.53 -56.94
N VAL J 870 17.09 13.46 -56.77
CA VAL J 870 17.35 14.76 -56.17
C VAL J 870 17.44 14.57 -54.66
N GLU J 871 17.88 15.62 -53.94
CA GLU J 871 17.86 15.61 -52.49
C GLU J 871 16.44 15.38 -51.97
N PRO J 872 16.23 14.43 -51.05
CA PRO J 872 14.86 14.10 -50.63
C PRO J 872 14.20 15.17 -49.77
N ILE J 873 14.97 16.09 -49.18
CA ILE J 873 14.36 17.20 -48.46
C ILE J 873 13.62 18.12 -49.43
N ASN J 874 14.18 18.35 -50.61
CA ASN J 874 13.53 19.16 -51.63
C ASN J 874 12.82 18.27 -52.66
N ALA J 875 11.88 17.45 -52.17
CA ALA J 875 11.07 16.65 -53.07
C ALA J 875 9.90 17.48 -53.58
N VAL J 876 9.16 16.92 -54.52
CA VAL J 876 7.99 17.59 -55.11
C VAL J 876 6.89 16.56 -55.28
N ALA J 877 5.71 16.83 -54.73
CA ALA J 877 4.54 15.95 -54.85
C ALA J 877 3.85 16.11 -56.19
N PHE J 878 2.60 15.61 -56.30
CA PHE J 878 1.83 15.80 -57.51
C PHE J 878 1.47 17.27 -57.72
N ASP J 879 1.44 18.05 -56.64
CA ASP J 879 1.29 19.49 -56.69
C ASP J 879 2.65 20.11 -57.00
N ASN J 880 2.81 21.39 -56.73
CA ASN J 880 4.12 22.00 -56.81
C ASN J 880 4.71 22.33 -55.45
N MET J 881 4.02 21.97 -54.37
CA MET J 881 4.58 22.06 -53.03
C MET J 881 5.37 20.78 -52.74
N ARG J 882 6.02 20.74 -51.58
CA ARG J 882 6.84 19.60 -51.24
C ARG J 882 6.15 18.72 -50.21
N ILE J 883 6.51 17.44 -50.21
CA ILE J 883 6.07 16.52 -49.18
C ILE J 883 6.98 16.68 -47.97
N MET J 884 6.42 16.42 -46.79
CA MET J 884 7.10 16.50 -45.49
C MET J 884 7.68 17.91 -45.25
N ASN J 885 6.79 18.89 -45.24
CA ASN J 885 7.19 20.28 -45.07
C ASN J 885 6.94 20.82 -43.68
N GLU J 886 6.57 19.97 -42.73
CA GLU J 886 6.29 20.44 -41.37
C GLU J 886 7.59 20.60 -40.60
N LEU J 887 7.62 21.61 -39.73
CA LEU J 887 8.81 21.92 -38.95
C LEU J 887 8.96 20.95 -37.78
N LEU K 83 -24.67 -41.69 -26.22
CA LEU K 83 -26.00 -42.18 -26.52
C LEU K 83 -25.98 -42.91 -27.87
N LYS K 84 -24.97 -43.74 -28.06
CA LYS K 84 -24.80 -44.49 -29.31
C LYS K 84 -24.88 -45.99 -29.13
N THR K 85 -24.32 -46.54 -28.05
CA THR K 85 -24.38 -47.97 -27.82
C THR K 85 -25.74 -48.45 -27.32
N LYS K 86 -26.60 -47.54 -26.85
CA LYS K 86 -27.96 -47.90 -26.51
C LYS K 86 -28.92 -47.67 -27.67
N GLU K 87 -28.59 -46.75 -28.57
CA GLU K 87 -29.38 -46.55 -29.77
C GLU K 87 -29.16 -47.68 -30.78
N GLU K 88 -27.93 -48.21 -30.85
CA GLU K 88 -27.65 -49.32 -31.74
C GLU K 88 -28.29 -50.61 -31.23
N HIS K 89 -28.31 -50.80 -29.91
CA HIS K 89 -28.94 -51.99 -29.33
C HIS K 89 -30.46 -51.89 -29.31
N GLN K 90 -31.03 -50.72 -29.60
CA GLN K 90 -32.46 -50.61 -29.81
C GLN K 90 -32.85 -50.60 -31.27
N LYS K 91 -31.95 -50.19 -32.16
CA LYS K 91 -32.21 -50.24 -33.58
C LYS K 91 -32.06 -51.66 -34.12
N GLU K 92 -31.03 -52.39 -33.70
CA GLU K 92 -30.72 -53.68 -34.29
C GLU K 92 -31.65 -54.79 -33.82
N VAL K 93 -32.54 -54.54 -32.87
CA VAL K 93 -33.60 -55.48 -32.56
C VAL K 93 -34.83 -55.22 -33.40
N GLN K 94 -35.24 -53.96 -33.52
CA GLN K 94 -36.45 -53.64 -34.29
C GLN K 94 -36.23 -53.78 -35.79
N TYR K 95 -34.99 -53.64 -36.25
CA TYR K 95 -34.69 -53.91 -37.65
C TYR K 95 -34.54 -55.39 -37.94
N GLU K 96 -34.49 -56.24 -36.90
CA GLU K 96 -34.27 -57.67 -37.07
C GLU K 96 -35.57 -58.46 -37.06
N ILE K 97 -36.62 -57.98 -36.39
CA ILE K 97 -37.93 -58.62 -36.47
C ILE K 97 -38.50 -58.46 -37.88
N LEU K 98 -38.14 -57.38 -38.57
CA LEU K 98 -38.55 -57.24 -39.96
C LEU K 98 -37.75 -58.18 -40.86
N GLN K 99 -36.46 -58.34 -40.58
CA GLN K 99 -35.58 -59.16 -41.41
C GLN K 99 -35.80 -60.66 -41.22
N LYS K 100 -36.52 -61.08 -40.19
CA LYS K 100 -36.84 -62.49 -40.03
C LYS K 100 -38.06 -62.91 -40.84
N THR K 101 -38.66 -62.00 -41.61
CA THR K 101 -39.76 -62.33 -42.51
C THR K 101 -39.38 -62.17 -43.97
N ILE K 102 -38.09 -62.03 -44.27
CA ILE K 102 -37.59 -61.88 -45.62
C ILE K 102 -36.72 -63.08 -45.95
N PRO K 103 -36.95 -63.78 -47.06
CA PRO K 103 -36.10 -64.94 -47.38
C PRO K 103 -34.76 -64.60 -48.03
N THR K 104 -34.30 -63.37 -47.92
CA THR K 104 -32.97 -63.01 -48.38
C THR K 104 -31.92 -63.69 -47.50
N PHE K 105 -30.89 -64.26 -48.12
CA PHE K 105 -29.84 -64.96 -47.41
C PHE K 105 -29.03 -64.00 -46.54
N GLU K 106 -28.39 -64.56 -45.51
CA GLU K 106 -27.80 -63.77 -44.43
C GLU K 106 -26.53 -63.02 -44.85
N PRO K 107 -25.64 -63.57 -45.68
CA PRO K 107 -24.74 -62.65 -46.40
C PRO K 107 -25.27 -62.36 -47.79
N LYS K 108 -25.10 -61.10 -48.21
CA LYS K 108 -25.66 -60.69 -49.49
C LYS K 108 -24.81 -61.16 -50.67
N GLU K 109 -23.48 -61.20 -50.50
CA GLU K 109 -22.62 -61.60 -51.62
C GLU K 109 -22.64 -63.09 -51.89
N SER K 110 -23.32 -63.89 -51.07
CA SER K 110 -23.43 -65.32 -51.29
C SER K 110 -24.51 -65.68 -52.30
N ILE K 111 -25.29 -64.72 -52.77
CA ILE K 111 -26.37 -65.03 -53.70
C ILE K 111 -25.84 -65.19 -55.12
N LEU K 112 -24.76 -64.49 -55.47
CA LEU K 112 -24.27 -64.43 -56.84
C LEU K 112 -23.75 -65.78 -57.33
N LYS K 113 -23.23 -66.61 -56.42
CA LYS K 113 -22.84 -67.96 -56.80
C LYS K 113 -24.06 -68.80 -57.15
N LYS K 114 -25.18 -68.58 -56.47
CA LYS K 114 -26.36 -69.41 -56.68
C LYS K 114 -27.12 -69.07 -57.96
N LEU K 115 -26.92 -67.88 -58.52
CA LEU K 115 -27.55 -67.56 -59.81
C LEU K 115 -26.74 -68.12 -60.97
N GLU K 116 -25.41 -68.03 -60.90
CA GLU K 116 -24.56 -68.57 -61.94
C GLU K 116 -24.45 -70.09 -61.90
N ASP K 117 -24.90 -70.72 -60.82
CA ASP K 117 -24.88 -72.17 -60.71
C ASP K 117 -25.98 -72.83 -61.52
N ILE K 118 -27.04 -72.09 -61.84
CA ILE K 118 -28.24 -72.66 -62.47
C ILE K 118 -27.91 -73.09 -63.89
N LYS K 119 -27.88 -74.40 -64.12
CA LYS K 119 -27.69 -74.93 -65.45
C LYS K 119 -28.96 -74.71 -66.27
N PRO K 120 -28.83 -74.62 -67.63
CA PRO K 120 -30.01 -74.36 -68.46
C PRO K 120 -31.09 -75.44 -68.39
N GLU K 121 -30.73 -76.66 -68.74
CA GLU K 121 -31.61 -77.83 -68.67
C GLU K 121 -30.75 -79.07 -68.84
N GLN K 122 -31.25 -80.18 -68.35
CA GLN K 122 -30.61 -81.47 -68.52
C GLN K 122 -31.39 -82.23 -69.59
N VAL K 123 -30.79 -82.36 -70.78
CA VAL K 123 -31.42 -83.14 -71.83
C VAL K 123 -31.36 -84.63 -71.47
N LYS K 124 -32.30 -85.37 -72.04
CA LYS K 124 -32.46 -86.77 -71.68
C LYS K 124 -32.74 -87.59 -72.91
N LYS K 125 -32.06 -88.74 -73.01
CA LYS K 125 -32.39 -89.77 -73.99
C LYS K 125 -32.44 -91.10 -73.23
N GLN K 126 -32.95 -92.12 -73.89
CA GLN K 126 -32.96 -93.45 -73.28
C GLN K 126 -32.35 -94.47 -74.22
N THR K 127 -31.55 -95.36 -73.64
CA THR K 127 -30.94 -96.47 -74.37
C THR K 127 -31.81 -97.71 -74.36
N LYS K 128 -32.99 -97.66 -73.76
CA LYS K 128 -33.91 -98.78 -73.77
C LYS K 128 -35.33 -98.27 -73.94
N LEU K 129 -36.22 -99.17 -74.32
CA LEU K 129 -37.62 -98.86 -74.57
C LEU K 129 -38.41 -98.99 -73.28
N PHE K 130 -39.45 -98.16 -73.15
CA PHE K 130 -40.28 -98.18 -71.96
C PHE K 130 -41.16 -99.43 -71.96
N ARG K 131 -41.07 -100.22 -70.90
CA ARG K 131 -41.79 -101.48 -70.80
C ARG K 131 -42.40 -101.64 -69.42
N ILE K 132 -43.64 -102.13 -69.39
CA ILE K 132 -44.32 -102.49 -68.15
C ILE K 132 -44.69 -103.97 -68.14
N PHE K 133 -45.37 -104.43 -69.19
CA PHE K 133 -45.82 -105.81 -69.28
C PHE K 133 -44.81 -106.64 -70.05
N GLU K 134 -44.73 -107.93 -69.69
CA GLU K 134 -43.89 -108.91 -70.36
C GLU K 134 -44.70 -110.17 -70.58
N PRO K 135 -44.35 -110.98 -71.57
CA PRO K 135 -45.01 -112.28 -71.72
C PRO K 135 -44.38 -113.33 -70.83
N ARG K 136 -45.21 -114.30 -70.44
CA ARG K 136 -44.78 -115.41 -69.60
C ARG K 136 -45.54 -116.66 -70.03
N GLN K 137 -45.06 -117.82 -69.56
CA GLN K 137 -45.72 -119.09 -69.83
C GLN K 137 -46.38 -119.59 -68.55
N LEU K 138 -47.69 -119.81 -68.62
CA LEU K 138 -48.46 -120.32 -67.50
C LEU K 138 -49.13 -121.63 -67.90
N PRO K 139 -49.29 -122.56 -66.97
CA PRO K 139 -49.98 -123.81 -67.30
C PRO K 139 -51.48 -123.60 -67.43
N VAL K 140 -52.11 -124.42 -68.27
CA VAL K 140 -53.54 -124.34 -68.48
C VAL K 140 -54.16 -125.67 -68.10
N TYR K 141 -55.44 -125.63 -67.71
CA TYR K 141 -56.15 -126.80 -67.23
C TYR K 141 -57.41 -127.04 -68.06
N ARG K 142 -57.88 -128.28 -68.03
CA ARG K 142 -59.04 -128.69 -68.80
C ARG K 142 -60.33 -128.28 -68.09
N ALA K 143 -61.46 -128.87 -68.51
CA ALA K 143 -62.72 -128.66 -67.81
C ALA K 143 -62.65 -129.22 -66.40
N ASN K 144 -62.50 -130.54 -66.27
CA ASN K 144 -62.09 -131.09 -64.99
C ASN K 144 -60.61 -130.79 -64.80
N GLY K 145 -60.25 -130.36 -63.59
CA GLY K 145 -58.94 -129.78 -63.35
C GLY K 145 -57.79 -130.78 -63.49
N GLU K 146 -57.10 -130.69 -64.61
CA GLU K 146 -56.00 -131.59 -64.94
C GLU K 146 -54.92 -130.79 -65.65
N LYS K 147 -53.66 -131.11 -65.39
CA LYS K 147 -52.57 -130.45 -66.08
C LYS K 147 -52.56 -130.84 -67.55
N GLU K 148 -52.37 -129.85 -68.41
CA GLU K 148 -52.39 -130.05 -69.85
C GLU K 148 -50.97 -129.92 -70.39
N LEU K 149 -50.66 -130.75 -71.39
CA LEU K 149 -49.33 -130.75 -71.99
C LEU K 149 -49.06 -129.45 -72.74
N ARG K 150 -50.08 -128.91 -73.40
CA ARG K 150 -49.95 -127.64 -74.09
C ARG K 150 -49.84 -126.49 -73.09
N ASN K 151 -49.05 -125.49 -73.43
CA ASN K 151 -48.91 -124.29 -72.62
C ASN K 151 -49.34 -123.08 -73.43
N ARG K 152 -49.62 -121.98 -72.74
CA ARG K 152 -50.07 -120.77 -73.38
C ARG K 152 -49.27 -119.58 -72.86
N TRP K 153 -49.21 -118.54 -73.68
CA TRP K 153 -48.49 -117.32 -73.35
C TRP K 153 -49.47 -116.30 -72.78
N TYR K 154 -49.10 -115.66 -71.68
CA TYR K 154 -49.94 -114.66 -71.04
C TYR K 154 -49.12 -113.41 -70.75
N TRP K 155 -49.82 -112.29 -70.55
CA TRP K 155 -49.21 -110.96 -70.50
C TRP K 155 -49.01 -110.48 -69.06
N LYS K 156 -48.60 -111.35 -68.15
CA LYS K 156 -48.45 -110.96 -66.74
C LYS K 156 -47.28 -109.99 -66.57
N LEU K 157 -47.54 -108.88 -65.88
CA LEU K 157 -46.59 -107.79 -65.80
C LEU K 157 -45.43 -108.12 -64.86
N LYS K 158 -44.33 -107.41 -65.06
CA LYS K 158 -43.13 -107.54 -64.25
C LYS K 158 -43.01 -106.32 -63.35
N ARG K 159 -42.30 -106.50 -62.23
CA ARG K 159 -42.01 -105.46 -61.23
C ARG K 159 -43.32 -104.88 -60.68
N ASP K 160 -44.04 -105.73 -59.97
CA ASP K 160 -45.36 -105.40 -59.42
C ASP K 160 -45.24 -105.22 -57.91
N THR K 161 -45.35 -103.98 -57.46
CA THR K 161 -45.42 -103.66 -56.04
C THR K 161 -46.70 -102.87 -55.81
N LEU K 162 -47.82 -103.58 -55.67
CA LEU K 162 -49.10 -102.93 -55.44
C LEU K 162 -49.50 -103.09 -53.98
N PRO K 163 -49.56 -102.02 -53.21
CA PRO K 163 -49.85 -102.16 -51.78
C PRO K 163 -51.32 -102.45 -51.52
N ASP K 164 -51.59 -102.90 -50.30
CA ASP K 164 -52.95 -103.13 -49.85
C ASP K 164 -53.67 -101.79 -49.64
N GLY K 165 -55.00 -101.86 -49.62
CA GLY K 165 -55.79 -100.66 -49.39
C GLY K 165 -56.00 -99.86 -50.65
N ASP K 166 -57.20 -99.28 -50.80
CA ASP K 166 -57.52 -98.55 -52.03
C ASP K 166 -56.83 -97.19 -52.07
N TYR K 167 -56.50 -96.62 -50.91
CA TYR K 167 -55.81 -95.33 -50.92
C TYR K 167 -54.35 -95.48 -51.31
N ASP K 168 -53.70 -96.58 -50.93
CA ASP K 168 -52.30 -96.77 -51.27
C ASP K 168 -52.12 -97.14 -52.73
N VAL K 169 -53.15 -97.70 -53.38
CA VAL K 169 -53.06 -98.02 -54.80
C VAL K 169 -53.07 -96.75 -55.62
N ARG K 170 -53.97 -95.81 -55.30
CA ARG K 170 -54.03 -94.55 -56.03
C ARG K 170 -52.88 -93.61 -55.69
N GLU K 171 -52.19 -93.83 -54.58
CA GLU K 171 -50.96 -93.11 -54.32
C GLU K 171 -49.76 -93.75 -54.99
N TYR K 172 -49.88 -95.01 -55.40
CA TYR K 172 -48.81 -95.63 -56.17
C TYR K 172 -48.78 -95.12 -57.59
N PHE K 173 -49.95 -94.82 -58.17
CA PHE K 173 -50.00 -94.32 -59.53
C PHE K 173 -49.59 -92.86 -59.63
N LEU K 174 -49.66 -92.09 -58.55
CA LEU K 174 -49.02 -90.79 -58.54
C LEU K 174 -47.51 -90.93 -58.50
N ASN K 175 -47.00 -91.95 -57.80
CA ASN K 175 -45.57 -92.20 -57.75
C ASN K 175 -45.05 -92.71 -59.09
N LEU K 176 -45.87 -93.42 -59.86
CA LEU K 176 -45.51 -93.76 -61.23
C LEU K 176 -45.52 -92.51 -62.10
N TYR K 177 -46.48 -91.61 -61.88
CA TYR K 177 -46.57 -90.39 -62.66
C TYR K 177 -45.44 -89.42 -62.34
N ASP K 178 -44.91 -89.46 -61.12
CA ASP K 178 -43.74 -88.66 -60.79
C ASP K 178 -42.45 -89.32 -61.25
N GLN K 179 -42.51 -90.53 -61.78
CA GLN K 179 -41.36 -91.21 -62.33
C GLN K 179 -41.20 -90.95 -63.83
N VAL K 180 -42.30 -90.99 -64.58
CA VAL K 180 -42.25 -90.75 -66.02
C VAL K 180 -41.91 -89.29 -66.32
N LEU K 181 -42.27 -88.37 -65.44
CA LEU K 181 -41.96 -86.96 -65.65
C LEU K 181 -40.47 -86.65 -65.51
N THR K 182 -39.71 -87.49 -64.79
CA THR K 182 -38.27 -87.37 -64.71
C THR K 182 -37.55 -88.37 -65.59
N GLU K 183 -38.27 -88.99 -66.53
CA GLU K 183 -37.73 -90.02 -67.39
C GLU K 183 -38.05 -89.78 -68.86
N MET K 184 -38.90 -88.80 -69.16
CA MET K 184 -39.31 -88.48 -70.52
C MET K 184 -38.12 -88.02 -71.35
N PRO K 185 -37.75 -88.74 -72.41
CA PRO K 185 -36.62 -88.32 -73.24
C PRO K 185 -36.98 -87.14 -74.12
N ASP K 186 -36.01 -86.25 -74.31
CA ASP K 186 -36.22 -85.12 -75.20
C ASP K 186 -36.13 -85.54 -76.66
N TYR K 187 -35.08 -86.29 -77.01
CA TYR K 187 -34.95 -86.85 -78.34
C TYR K 187 -34.62 -88.33 -78.22
N LEU K 188 -35.30 -89.16 -79.00
CA LEU K 188 -35.11 -90.60 -78.97
C LEU K 188 -34.61 -91.04 -80.34
N LEU K 189 -33.31 -91.31 -80.42
CA LEU K 189 -32.74 -91.92 -81.62
C LEU K 189 -32.93 -93.43 -81.55
N LEU K 190 -33.30 -94.02 -82.68
CA LEU K 190 -33.74 -95.41 -82.67
C LEU K 190 -32.66 -96.38 -83.13
N LYS K 191 -31.59 -95.90 -83.77
CA LYS K 191 -30.61 -96.81 -84.34
C LYS K 191 -29.63 -97.34 -83.29
N ASP K 192 -29.37 -96.58 -82.22
CA ASP K 192 -28.37 -97.01 -81.25
C ASP K 192 -28.85 -98.19 -80.41
N MET K 193 -30.15 -98.29 -80.19
CA MET K 193 -30.77 -99.45 -79.57
C MET K 193 -31.33 -100.31 -80.69
N ALA K 194 -30.51 -101.21 -81.22
CA ALA K 194 -30.93 -102.10 -82.29
C ALA K 194 -30.05 -103.33 -82.26
N VAL K 195 -30.63 -104.48 -81.92
CA VAL K 195 -29.92 -105.75 -81.91
C VAL K 195 -30.40 -106.56 -83.12
N GLU K 196 -29.49 -107.30 -83.73
CA GLU K 196 -29.84 -108.05 -84.93
C GLU K 196 -30.73 -109.24 -84.60
N ASN K 197 -31.58 -109.59 -85.55
CA ASN K 197 -32.46 -110.73 -85.40
C ASN K 197 -31.65 -112.01 -85.55
N LYS K 198 -31.73 -112.89 -84.55
CA LYS K 198 -30.89 -114.08 -84.52
C LYS K 198 -31.31 -115.15 -85.52
N ASN K 199 -32.55 -115.09 -86.02
CA ASN K 199 -33.06 -116.12 -86.92
C ASN K 199 -33.72 -115.53 -88.15
N SER K 200 -33.21 -114.40 -88.63
CA SER K 200 -33.73 -113.78 -89.84
C SER K 200 -32.98 -114.32 -91.06
N ARG K 201 -33.72 -114.51 -92.16
CA ARG K 201 -33.13 -115.05 -93.38
C ARG K 201 -32.19 -114.04 -94.03
N ASP K 202 -32.60 -112.77 -94.08
CA ASP K 202 -31.76 -111.69 -94.55
C ASP K 202 -31.31 -110.85 -93.36
N ALA K 203 -30.50 -109.83 -93.63
CA ALA K 203 -29.96 -109.02 -92.54
C ALA K 203 -31.03 -108.10 -91.98
N GLY K 204 -31.72 -108.56 -90.92
CA GLY K 204 -32.77 -107.80 -90.29
C GLY K 204 -32.39 -107.43 -88.87
N LYS K 205 -33.15 -106.49 -88.31
CA LYS K 205 -32.94 -106.05 -86.94
C LYS K 205 -34.30 -105.89 -86.25
N VAL K 206 -34.24 -105.68 -84.93
CA VAL K 206 -35.42 -105.35 -84.14
C VAL K 206 -35.06 -104.13 -83.30
N VAL K 207 -35.94 -103.70 -82.41
CA VAL K 207 -35.77 -102.42 -81.74
C VAL K 207 -35.15 -102.54 -80.35
N ASP K 208 -35.14 -103.72 -79.75
CA ASP K 208 -34.58 -103.85 -78.41
C ASP K 208 -34.18 -105.29 -78.16
N SER K 209 -33.34 -105.48 -77.15
CA SER K 209 -32.95 -106.83 -76.73
C SER K 209 -34.10 -107.57 -76.09
N GLU K 210 -35.09 -106.86 -75.54
CA GLU K 210 -36.30 -107.51 -75.06
C GLU K 210 -37.16 -108.02 -76.21
N THR K 211 -37.10 -107.36 -77.37
CA THR K 211 -37.84 -107.83 -78.53
C THR K 211 -37.21 -109.09 -79.11
N ALA K 212 -35.88 -109.16 -79.12
CA ALA K 212 -35.21 -110.34 -79.64
C ALA K 212 -35.35 -111.55 -78.71
N ALA K 213 -35.61 -111.32 -77.42
CA ALA K 213 -35.80 -112.43 -76.50
C ALA K 213 -37.15 -113.10 -76.73
N ILE K 214 -38.19 -112.31 -77.04
CA ILE K 214 -39.50 -112.87 -77.33
C ILE K 214 -39.52 -113.52 -78.70
N CYS K 215 -38.84 -112.91 -79.67
CA CYS K 215 -38.86 -113.40 -81.05
C CYS K 215 -38.18 -114.76 -81.19
N ASP K 216 -37.17 -115.04 -80.36
CA ASP K 216 -36.55 -116.35 -80.35
C ASP K 216 -37.39 -117.38 -79.60
N ALA K 217 -38.40 -116.96 -78.84
CA ALA K 217 -39.27 -117.88 -78.12
C ALA K 217 -40.51 -118.26 -78.91
N ILE K 218 -41.05 -117.32 -79.69
CA ILE K 218 -42.20 -117.64 -80.55
C ILE K 218 -41.75 -118.51 -81.71
N PHE K 219 -40.51 -118.37 -82.16
CA PHE K 219 -40.02 -119.17 -83.27
C PHE K 219 -39.77 -120.62 -82.83
N GLN K 220 -39.11 -120.80 -81.69
CA GLN K 220 -38.73 -122.14 -81.26
C GLN K 220 -39.89 -122.91 -80.64
N ASP K 221 -41.02 -122.26 -80.36
CA ASP K 221 -42.16 -122.94 -79.77
C ASP K 221 -42.83 -123.84 -80.81
N GLU K 222 -43.41 -124.93 -80.34
CA GLU K 222 -44.04 -125.91 -81.21
C GLU K 222 -45.53 -125.67 -81.40
N GLU K 223 -46.08 -124.63 -80.79
CA GLU K 223 -47.51 -124.37 -80.89
C GLU K 223 -47.87 -123.32 -81.93
N THR K 224 -46.94 -122.47 -82.34
CA THR K 224 -47.25 -121.39 -83.26
C THR K 224 -47.45 -121.91 -84.68
N GLU K 225 -48.34 -121.26 -85.41
CA GLU K 225 -48.75 -121.74 -86.72
C GLU K 225 -47.74 -121.34 -87.79
N GLY K 226 -47.97 -121.85 -89.00
CA GLY K 226 -47.00 -121.74 -90.08
C GLY K 226 -46.88 -120.36 -90.68
N VAL K 227 -47.86 -119.49 -90.46
CA VAL K 227 -47.78 -118.14 -91.01
C VAL K 227 -46.99 -117.21 -90.09
N VAL K 228 -47.02 -117.43 -88.77
CA VAL K 228 -46.21 -116.64 -87.86
C VAL K 228 -44.75 -117.09 -87.86
N ARG K 229 -44.48 -118.33 -88.28
CA ARG K 229 -43.10 -118.80 -88.35
C ARG K 229 -42.33 -118.11 -89.47
N ARG K 230 -42.95 -117.96 -90.65
CA ARG K 230 -42.24 -117.40 -91.79
C ARG K 230 -42.05 -115.89 -91.65
N PHE K 231 -42.96 -115.22 -90.95
CA PHE K 231 -42.98 -113.76 -90.98
C PHE K 231 -41.85 -113.15 -90.15
N ILE K 232 -41.57 -113.69 -88.97
CA ILE K 232 -40.52 -113.14 -88.13
C ILE K 232 -39.13 -113.48 -88.63
N ALA K 233 -39.02 -114.40 -89.58
CA ALA K 233 -37.80 -114.58 -90.35
C ALA K 233 -37.77 -113.71 -91.59
N GLU K 234 -38.85 -113.00 -91.89
CA GLU K 234 -38.94 -112.16 -93.08
C GLU K 234 -39.21 -110.69 -92.79
N MET K 235 -39.44 -110.30 -91.53
CA MET K 235 -39.59 -108.89 -91.24
C MET K 235 -38.23 -108.19 -91.32
N ARG K 236 -38.23 -107.01 -91.91
CA ARG K 236 -36.99 -106.36 -92.31
C ARG K 236 -37.13 -104.86 -92.13
N GLN K 237 -36.12 -104.25 -91.52
CA GLN K 237 -36.10 -102.81 -91.32
C GLN K 237 -35.89 -102.08 -92.63
N ARG K 238 -36.22 -100.78 -92.63
CA ARG K 238 -36.03 -99.93 -93.80
C ARG K 238 -35.32 -98.66 -93.37
N VAL K 239 -34.03 -98.57 -93.68
CA VAL K 239 -33.22 -97.40 -93.38
C VAL K 239 -33.16 -96.54 -94.63
N GLN K 240 -33.84 -95.40 -94.58
CA GLN K 240 -33.78 -94.40 -95.65
C GLN K 240 -32.90 -93.26 -95.15
N ALA K 241 -31.71 -93.13 -95.73
CA ALA K 241 -30.75 -92.17 -95.22
C ALA K 241 -30.97 -90.76 -95.76
N ASP K 242 -31.59 -90.63 -96.93
CA ASP K 242 -31.83 -89.30 -97.47
C ASP K 242 -33.09 -88.65 -96.90
N ARG K 243 -34.13 -89.43 -96.64
CA ARG K 243 -35.27 -88.92 -95.88
C ARG K 243 -34.99 -88.87 -94.38
N ASN K 244 -33.85 -89.42 -93.94
CA ASN K 244 -33.38 -89.38 -92.55
C ASN K 244 -34.33 -90.10 -91.58
N VAL K 245 -35.08 -91.09 -92.06
CA VAL K 245 -36.00 -91.83 -91.20
C VAL K 245 -35.66 -93.32 -91.26
N VAL K 246 -36.02 -94.03 -90.19
CA VAL K 246 -35.80 -95.47 -90.07
C VAL K 246 -37.08 -96.12 -89.55
N ASN K 247 -37.29 -97.38 -89.93
CA ASN K 247 -38.42 -98.16 -89.46
C ASN K 247 -37.90 -99.46 -88.87
N TYR K 248 -38.25 -99.74 -87.61
CA TYR K 248 -37.77 -100.92 -86.91
C TYR K 248 -38.95 -101.71 -86.35
N PRO K 249 -38.96 -103.04 -86.48
CA PRO K 249 -40.05 -103.83 -85.88
C PRO K 249 -39.99 -103.84 -84.36
N SER K 250 -41.12 -104.19 -83.76
CA SER K 250 -41.23 -104.18 -82.30
C SER K 250 -42.17 -105.28 -81.85
N ILE K 251 -42.07 -105.63 -80.57
CA ILE K 251 -43.08 -106.42 -79.88
C ILE K 251 -43.38 -105.68 -78.58
N LEU K 252 -44.58 -105.15 -78.45
CA LEU K 252 -44.93 -104.31 -77.32
C LEU K 252 -46.36 -104.57 -76.89
N HIS K 253 -46.61 -104.42 -75.59
CA HIS K 253 -47.97 -104.42 -75.10
C HIS K 253 -48.70 -103.17 -75.62
N PRO K 254 -50.01 -103.25 -75.87
CA PRO K 254 -50.75 -102.06 -76.31
C PRO K 254 -50.82 -100.93 -75.28
N ILE K 255 -50.52 -101.19 -74.01
CA ILE K 255 -50.28 -100.09 -73.07
C ILE K 255 -48.91 -99.49 -73.29
N ASP K 256 -47.89 -100.36 -73.48
CA ASP K 256 -46.53 -99.89 -73.71
C ASP K 256 -46.35 -99.26 -75.09
N HIS K 257 -47.27 -99.53 -76.03
CA HIS K 257 -47.22 -98.84 -77.31
C HIS K 257 -47.57 -97.37 -77.15
N ALA K 258 -48.63 -97.08 -76.39
CA ALA K 258 -49.06 -95.70 -76.22
C ALA K 258 -48.08 -94.88 -75.40
N PHE K 259 -47.33 -95.54 -74.51
CA PHE K 259 -46.30 -94.83 -73.75
C PHE K 259 -45.08 -94.53 -74.60
N ASN K 260 -44.77 -95.37 -75.59
CA ASN K 260 -43.60 -95.18 -76.43
C ASN K 260 -43.87 -94.37 -77.67
N GLU K 261 -45.07 -94.48 -78.24
CA GLU K 261 -45.43 -93.69 -79.40
C GLU K 261 -45.50 -92.20 -79.05
N TYR K 262 -45.89 -91.88 -77.81
CA TYR K 262 -45.93 -90.49 -77.38
C TYR K 262 -44.51 -89.93 -77.20
N PHE K 263 -43.54 -90.77 -76.90
CA PHE K 263 -42.17 -90.27 -76.80
C PHE K 263 -41.52 -90.10 -78.17
N LEU K 264 -42.07 -90.75 -79.20
CA LEU K 264 -41.53 -90.72 -80.55
C LEU K 264 -42.07 -89.54 -81.36
N GLN K 265 -43.38 -89.29 -81.26
CA GLN K 265 -44.00 -88.23 -82.05
C GLN K 265 -43.69 -86.85 -81.48
N HIS K 266 -43.92 -86.66 -80.18
CA HIS K 266 -43.82 -85.34 -79.57
C HIS K 266 -42.42 -85.15 -79.01
N GLN K 267 -41.49 -84.81 -79.89
CA GLN K 267 -40.14 -84.47 -79.47
C GLN K 267 -40.10 -83.06 -78.89
N LEU K 268 -38.94 -82.68 -78.38
CA LEU K 268 -38.70 -81.31 -77.96
C LEU K 268 -37.71 -80.58 -78.86
N VAL K 269 -37.05 -81.27 -79.77
CA VAL K 269 -36.03 -80.68 -80.62
C VAL K 269 -36.68 -79.87 -81.74
N GLU K 270 -35.95 -78.88 -82.22
CA GLU K 270 -36.35 -78.03 -83.34
C GLU K 270 -35.13 -77.80 -84.21
N PRO K 271 -35.29 -77.68 -85.52
CA PRO K 271 -34.13 -77.48 -86.40
C PRO K 271 -33.47 -76.13 -86.18
N LEU K 272 -32.17 -76.08 -86.49
CA LEU K 272 -31.33 -74.94 -86.18
C LEU K 272 -30.69 -74.41 -87.45
N ASN K 273 -30.83 -73.12 -87.68
CA ASN K 273 -30.28 -72.42 -88.83
C ASN K 273 -29.31 -71.35 -88.36
N ASN K 274 -28.82 -70.55 -89.29
CA ASN K 274 -28.07 -69.35 -88.93
C ASN K 274 -28.98 -68.16 -88.66
N ASP K 275 -30.26 -68.26 -89.00
CA ASP K 275 -31.18 -67.16 -88.73
C ASP K 275 -31.67 -67.18 -87.28
N ILE K 276 -31.73 -68.36 -86.67
CA ILE K 276 -32.23 -68.46 -85.30
C ILE K 276 -31.16 -68.04 -84.30
N ILE K 277 -29.88 -68.28 -84.62
CA ILE K 277 -28.81 -67.74 -83.78
C ILE K 277 -28.71 -66.23 -83.93
N PHE K 278 -29.04 -65.71 -85.11
CA PHE K 278 -29.00 -64.27 -85.32
C PHE K 278 -30.20 -63.57 -84.70
N ASN K 279 -31.33 -64.25 -84.58
CA ASN K 279 -32.49 -63.70 -83.89
C ASN K 279 -32.44 -63.90 -82.39
N TYR K 280 -31.54 -64.76 -81.89
CA TYR K 280 -31.43 -64.98 -80.46
C TYR K 280 -30.71 -63.84 -79.78
N ILE K 281 -29.85 -63.13 -80.49
CA ILE K 281 -29.21 -61.91 -79.96
C ILE K 281 -30.28 -60.85 -79.77
N PRO K 282 -30.26 -60.07 -78.69
CA PRO K 282 -31.25 -59.00 -78.51
C PRO K 282 -31.09 -57.91 -79.55
N GLU K 283 -32.16 -57.12 -79.70
CA GLU K 283 -32.27 -56.21 -80.83
C GLU K 283 -31.40 -54.97 -80.66
N ARG K 284 -31.37 -54.40 -79.47
CA ARG K 284 -30.62 -53.16 -79.27
C ARG K 284 -29.11 -53.38 -79.28
N ILE K 285 -28.66 -54.61 -79.02
CA ILE K 285 -27.24 -54.93 -79.14
C ILE K 285 -26.90 -55.36 -80.55
N ARG K 286 -27.88 -55.87 -81.30
CA ARG K 286 -27.64 -56.22 -82.69
C ARG K 286 -27.55 -54.98 -83.57
N ASN K 287 -28.41 -54.00 -83.33
CA ASN K 287 -28.43 -52.76 -84.10
C ASN K 287 -27.61 -51.66 -83.47
N ASP K 288 -26.55 -52.01 -82.73
CA ASP K 288 -25.63 -51.03 -82.16
C ASP K 288 -24.40 -50.89 -83.04
N VAL K 289 -23.72 -49.77 -82.88
CA VAL K 289 -22.58 -49.43 -83.75
C VAL K 289 -21.30 -49.79 -83.01
N ASN K 290 -21.33 -49.74 -81.68
CA ASN K 290 -20.12 -50.02 -80.91
C ASN K 290 -19.77 -51.50 -80.91
N TYR K 291 -20.75 -52.38 -81.05
CA TYR K 291 -20.52 -53.82 -81.07
C TYR K 291 -20.74 -54.35 -82.48
N ILE K 292 -19.76 -55.05 -83.02
CA ILE K 292 -19.92 -55.73 -84.31
C ILE K 292 -20.03 -57.22 -84.05
N LEU K 293 -20.83 -57.89 -84.88
CA LEU K 293 -21.16 -59.29 -84.68
C LEU K 293 -20.97 -60.03 -86.00
N ASN K 294 -20.13 -61.05 -85.99
CA ASN K 294 -19.91 -61.89 -87.16
C ASN K 294 -20.08 -63.34 -86.75
N MET K 295 -20.68 -64.12 -87.64
CA MET K 295 -20.90 -65.55 -87.43
C MET K 295 -19.88 -66.32 -88.25
N ASP K 296 -18.94 -66.96 -87.57
CA ASP K 296 -17.80 -67.58 -88.23
C ASP K 296 -17.94 -69.08 -88.45
N ARG K 297 -18.90 -69.73 -87.82
CA ARG K 297 -18.99 -71.18 -87.83
C ARG K 297 -20.19 -71.64 -88.63
N ASN K 298 -20.03 -72.77 -89.33
CA ASN K 298 -21.06 -73.32 -90.20
C ASN K 298 -21.94 -74.31 -89.43
N LEU K 299 -23.24 -74.27 -89.71
CA LEU K 299 -24.18 -75.20 -89.10
C LEU K 299 -24.58 -76.26 -90.09
N PRO K 300 -24.52 -77.54 -89.74
CA PRO K 300 -25.02 -78.57 -90.65
C PRO K 300 -26.54 -78.55 -90.75
N SER K 301 -27.06 -79.30 -91.72
CA SER K 301 -28.50 -79.35 -91.91
C SER K 301 -29.22 -80.16 -90.85
N THR K 302 -28.51 -81.07 -90.18
CA THR K 302 -29.08 -81.95 -89.16
C THR K 302 -28.68 -81.52 -87.75
N ALA K 303 -28.66 -80.21 -87.51
CA ALA K 303 -28.37 -79.68 -86.18
C ALA K 303 -29.67 -79.26 -85.52
N ARG K 304 -29.85 -79.66 -84.27
CA ARG K 304 -31.07 -79.37 -83.53
C ARG K 304 -30.75 -78.60 -82.26
N TYR K 305 -31.78 -77.99 -81.69
CA TYR K 305 -31.65 -77.28 -80.42
C TYR K 305 -32.99 -77.35 -79.70
N ILE K 306 -32.96 -77.09 -78.40
CA ILE K 306 -34.14 -77.15 -77.56
C ILE K 306 -34.49 -75.74 -77.13
N ARG K 307 -35.70 -75.30 -77.48
CA ARG K 307 -36.12 -73.93 -77.24
C ARG K 307 -36.39 -73.71 -75.75
N PRO K 308 -35.97 -72.58 -75.19
CA PRO K 308 -36.30 -72.29 -73.78
C PRO K 308 -37.76 -71.93 -73.62
N ASN K 309 -38.22 -71.99 -72.36
CA ASN K 309 -39.59 -71.68 -72.02
C ASN K 309 -39.65 -70.24 -71.50
N LEU K 310 -39.59 -69.30 -72.43
CA LEU K 310 -39.53 -67.88 -72.11
C LEU K 310 -40.92 -67.27 -72.29
N LEU K 311 -41.67 -67.19 -71.20
CA LEU K 311 -42.93 -66.45 -71.19
C LEU K 311 -43.13 -65.91 -69.79
N GLN K 312 -43.89 -64.81 -69.70
CA GLN K 312 -43.93 -64.01 -68.48
C GLN K 312 -44.64 -64.74 -67.35
N ASP K 313 -44.49 -64.19 -66.15
CA ASP K 313 -44.84 -64.90 -64.92
C ASP K 313 -46.35 -65.05 -64.75
N ARG K 314 -46.81 -66.30 -64.65
CA ARG K 314 -48.21 -66.58 -64.41
C ARG K 314 -48.61 -66.19 -63.00
N LEU K 315 -47.81 -66.59 -62.02
CA LEU K 315 -47.98 -66.10 -60.65
C LEU K 315 -47.57 -64.65 -60.60
N ASN K 316 -48.52 -63.76 -60.34
CA ASN K 316 -48.19 -62.34 -60.20
C ASN K 316 -47.48 -62.18 -58.87
N LEU K 317 -46.16 -62.29 -58.90
CA LEU K 317 -45.34 -62.25 -57.69
C LEU K 317 -44.98 -60.84 -57.27
N HIS K 318 -45.69 -59.83 -57.79
CA HIS K 318 -45.39 -58.45 -57.42
C HIS K 318 -46.58 -57.67 -56.91
N ASP K 319 -47.80 -58.21 -56.96
CA ASP K 319 -48.95 -57.41 -56.56
C ASP K 319 -49.31 -57.58 -55.09
N ASN K 320 -49.25 -58.80 -54.57
CA ASN K 320 -49.58 -59.04 -53.17
C ASN K 320 -48.46 -59.68 -52.37
N PHE K 321 -47.60 -60.48 -53.00
CA PHE K 321 -46.44 -61.04 -52.32
C PHE K 321 -45.44 -59.92 -52.05
N GLU K 322 -45.36 -59.50 -50.80
CA GLU K 322 -44.56 -58.34 -50.42
C GLU K 322 -43.21 -58.70 -49.81
N SER K 323 -43.08 -59.91 -49.28
CA SER K 323 -41.79 -60.40 -48.80
C SER K 323 -41.15 -61.42 -49.71
N LEU K 324 -41.94 -62.06 -50.57
CA LEU K 324 -41.42 -62.99 -51.56
C LEU K 324 -40.94 -62.26 -52.81
N TRP K 325 -41.26 -60.99 -52.96
CA TRP K 325 -40.77 -60.16 -54.06
C TRP K 325 -39.50 -59.42 -53.68
N ASP K 326 -39.29 -59.17 -52.39
CA ASP K 326 -38.08 -58.50 -51.94
C ASP K 326 -36.84 -59.37 -52.10
N THR K 327 -37.00 -60.69 -52.21
CA THR K 327 -35.86 -61.54 -52.48
C THR K 327 -35.53 -61.59 -53.97
N ILE K 328 -36.55 -61.55 -54.84
CA ILE K 328 -36.30 -61.55 -56.27
C ILE K 328 -35.69 -60.23 -56.72
N THR K 329 -35.96 -59.14 -56.00
CA THR K 329 -35.38 -57.87 -56.36
C THR K 329 -33.94 -57.75 -55.84
N THR K 330 -33.63 -58.35 -54.69
CA THR K 330 -32.25 -58.37 -54.22
C THR K 330 -31.42 -59.35 -55.04
N SER K 331 -32.03 -60.45 -55.49
CA SER K 331 -31.33 -61.41 -56.33
C SER K 331 -30.98 -60.87 -57.71
N ASN K 332 -31.70 -59.86 -58.19
CA ASN K 332 -31.38 -59.23 -59.46
C ASN K 332 -30.56 -57.97 -59.28
N TYR K 333 -30.32 -57.54 -58.05
CA TYR K 333 -29.50 -56.36 -57.78
C TYR K 333 -28.05 -56.72 -57.57
N ILE K 334 -27.77 -57.90 -57.00
CA ILE K 334 -26.39 -58.35 -56.84
C ILE K 334 -25.87 -59.00 -58.11
N LEU K 335 -26.75 -59.50 -58.96
CA LEU K 335 -26.30 -59.99 -60.26
C LEU K 335 -25.94 -58.84 -61.18
N ALA K 336 -26.75 -57.79 -61.20
CA ALA K 336 -26.52 -56.64 -62.06
C ALA K 336 -25.47 -55.68 -61.52
N ARG K 337 -24.96 -55.91 -60.32
CA ARG K 337 -23.88 -55.09 -59.77
C ARG K 337 -22.51 -55.57 -60.21
N SER K 338 -22.38 -56.86 -60.50
CA SER K 338 -21.11 -57.43 -60.95
C SER K 338 -21.00 -57.49 -62.46
N VAL K 339 -21.83 -56.73 -63.18
CA VAL K 339 -21.82 -56.71 -64.63
C VAL K 339 -21.51 -55.32 -65.17
N VAL K 340 -22.07 -54.28 -64.55
CA VAL K 340 -21.79 -52.88 -64.91
C VAL K 340 -20.32 -52.55 -64.67
N PRO K 341 -19.62 -51.97 -65.63
CA PRO K 341 -18.16 -51.83 -65.51
C PRO K 341 -17.76 -50.69 -64.59
N ASP K 342 -16.51 -50.78 -64.12
CA ASP K 342 -15.95 -49.80 -63.20
C ASP K 342 -15.14 -48.77 -63.97
N LEU K 343 -15.03 -47.58 -63.38
CA LEU K 343 -14.44 -46.44 -64.05
C LEU K 343 -12.93 -46.59 -64.19
N LYS K 344 -12.34 -45.71 -65.01
CA LYS K 344 -10.90 -45.71 -65.21
C LYS K 344 -10.47 -44.29 -65.55
N GLU K 345 -9.20 -43.99 -65.23
CA GLU K 345 -8.55 -42.70 -65.47
C GLU K 345 -9.31 -41.55 -64.80
N LEU K 346 -9.50 -41.69 -63.49
CA LEU K 346 -10.17 -40.69 -62.69
C LEU K 346 -9.21 -39.53 -62.40
N VAL K 347 -9.78 -38.43 -61.92
CA VAL K 347 -8.99 -37.31 -61.42
C VAL K 347 -8.27 -37.77 -60.16
N SER K 348 -7.02 -37.33 -60.00
CA SER K 348 -6.26 -37.65 -58.80
C SER K 348 -6.89 -37.01 -57.58
N THR K 349 -7.18 -37.83 -56.56
CA THR K 349 -7.91 -37.37 -55.39
C THR K 349 -7.08 -36.51 -54.45
N GLU K 350 -5.79 -36.32 -54.70
CA GLU K 350 -4.99 -35.40 -53.92
C GLU K 350 -4.94 -34.01 -54.52
N ALA K 351 -5.23 -33.89 -55.81
CA ALA K 351 -5.28 -32.58 -56.47
C ALA K 351 -6.66 -31.97 -56.43
N GLN K 352 -7.71 -32.78 -56.39
CA GLN K 352 -9.07 -32.24 -56.35
C GLN K 352 -9.43 -31.79 -54.94
N ILE K 353 -9.11 -32.60 -53.93
CA ILE K 353 -9.46 -32.28 -52.55
C ILE K 353 -8.69 -31.06 -52.06
N GLN K 354 -7.44 -30.93 -52.48
CA GLN K 354 -6.63 -29.77 -52.09
C GLN K 354 -7.08 -28.50 -52.79
N LYS K 355 -7.72 -28.61 -53.96
CA LYS K 355 -8.33 -27.44 -54.58
C LYS K 355 -9.71 -27.17 -54.00
N MET K 356 -10.41 -28.22 -53.58
CA MET K 356 -11.76 -28.08 -53.05
C MET K 356 -11.75 -27.50 -51.64
N SER K 357 -10.76 -27.86 -50.84
CA SER K 357 -10.67 -27.36 -49.47
C SER K 357 -10.18 -25.92 -49.40
N GLN K 358 -9.67 -25.37 -50.49
CA GLN K 358 -9.27 -23.97 -50.51
C GLN K 358 -10.42 -23.05 -50.87
N ASP K 359 -11.38 -23.52 -51.67
CA ASP K 359 -12.49 -22.67 -52.07
C ASP K 359 -13.52 -22.50 -50.98
N LEU K 360 -13.65 -23.49 -50.09
CA LEU K 360 -14.66 -23.40 -49.04
C LEU K 360 -14.18 -22.58 -47.85
N GLN K 361 -12.88 -22.63 -47.55
CA GLN K 361 -12.24 -21.97 -46.40
C GLN K 361 -12.91 -22.38 -45.08
N LEU K 362 -12.81 -23.68 -44.77
CA LEU K 362 -13.52 -24.24 -43.64
C LEU K 362 -12.89 -23.91 -42.29
N GLU K 363 -11.65 -23.43 -42.28
CA GLU K 363 -10.99 -23.13 -41.02
C GLU K 363 -11.48 -21.82 -40.41
N ALA K 364 -11.82 -20.83 -41.25
CA ALA K 364 -12.28 -19.54 -40.77
C ALA K 364 -13.73 -19.55 -40.31
N LEU K 365 -14.45 -20.66 -40.51
CA LEU K 365 -15.87 -20.72 -40.19
C LEU K 365 -16.09 -21.31 -38.80
N THR K 366 -17.25 -20.98 -38.22
CA THR K 366 -17.65 -21.50 -36.92
C THR K 366 -18.54 -22.74 -37.07
N ILE K 367 -18.00 -23.73 -37.78
CA ILE K 367 -18.73 -24.95 -38.12
C ILE K 367 -18.39 -26.02 -37.10
N GLN K 368 -19.42 -26.68 -36.56
CA GLN K 368 -19.26 -27.76 -35.60
C GLN K 368 -18.72 -29.05 -36.22
N SER K 369 -18.68 -29.15 -37.54
CA SER K 369 -18.16 -30.32 -38.25
C SER K 369 -17.12 -29.84 -39.26
N GLU K 370 -15.86 -29.72 -38.82
CA GLU K 370 -14.79 -29.26 -39.70
C GLU K 370 -14.07 -30.43 -40.35
N THR K 371 -13.87 -31.53 -39.61
CA THR K 371 -13.26 -32.74 -40.13
C THR K 371 -14.29 -33.73 -40.68
N GLN K 372 -15.42 -33.24 -41.17
CA GLN K 372 -16.50 -34.08 -41.63
C GLN K 372 -16.95 -33.75 -43.05
N PHE K 373 -16.50 -32.63 -43.63
CA PHE K 373 -16.92 -32.26 -44.98
C PHE K 373 -16.34 -33.19 -46.02
N LEU K 374 -15.02 -33.30 -46.08
CA LEU K 374 -14.33 -34.07 -47.10
C LEU K 374 -13.91 -35.44 -46.59
N THR K 375 -14.75 -36.06 -45.76
CA THR K 375 -14.42 -37.32 -45.11
C THR K 375 -14.80 -38.55 -45.93
N GLY K 376 -15.49 -38.38 -47.04
CA GLY K 376 -15.93 -39.53 -47.81
C GLY K 376 -15.53 -39.46 -49.26
N ILE K 377 -14.91 -38.35 -49.65
CA ILE K 377 -14.48 -38.16 -51.04
C ILE K 377 -13.27 -39.06 -51.29
N ASN K 378 -13.44 -40.03 -52.16
CA ASN K 378 -12.48 -41.10 -52.32
C ASN K 378 -12.41 -41.48 -53.79
N SER K 379 -11.45 -42.34 -54.12
CA SER K 379 -11.39 -42.88 -55.47
C SER K 379 -12.10 -44.21 -55.61
N GLN K 380 -12.34 -44.90 -54.49
CA GLN K 380 -13.08 -46.15 -54.48
C GLN K 380 -14.53 -45.98 -54.10
N ALA K 381 -14.97 -44.76 -53.81
CA ALA K 381 -16.38 -44.46 -53.63
C ALA K 381 -17.03 -43.92 -54.89
N ALA K 382 -16.24 -43.36 -55.81
CA ALA K 382 -16.78 -43.02 -57.13
C ALA K 382 -17.10 -44.26 -57.93
N ASN K 383 -16.33 -45.32 -57.75
CA ASN K 383 -16.62 -46.61 -58.39
C ASN K 383 -17.81 -47.32 -57.76
N ASP K 384 -18.30 -46.84 -56.62
CA ASP K 384 -19.41 -47.45 -55.91
C ASP K 384 -20.75 -46.81 -56.20
N CYS K 385 -20.80 -45.50 -56.38
CA CYS K 385 -22.04 -44.84 -56.81
C CYS K 385 -22.25 -44.91 -58.31
N PHE K 386 -21.34 -45.51 -59.05
CA PHE K 386 -21.61 -45.82 -60.45
C PHE K 386 -22.28 -47.17 -60.60
N LYS K 387 -21.99 -48.11 -59.71
CA LYS K 387 -22.59 -49.43 -59.76
C LYS K 387 -23.87 -49.52 -58.95
N THR K 388 -23.99 -48.75 -57.87
CA THR K 388 -25.23 -48.71 -57.11
C THR K 388 -26.33 -48.03 -57.90
N LEU K 389 -25.99 -46.94 -58.58
CA LEU K 389 -26.99 -46.15 -59.27
C LEU K 389 -27.45 -46.79 -60.57
N ILE K 390 -26.68 -47.73 -61.11
CA ILE K 390 -27.08 -48.45 -62.32
C ILE K 390 -27.84 -49.73 -61.97
N ALA K 391 -27.31 -50.54 -61.06
CA ALA K 391 -27.88 -51.85 -60.80
C ALA K 391 -29.17 -51.78 -59.99
N ALA K 392 -29.34 -50.77 -59.16
CA ALA K 392 -30.63 -50.56 -58.50
C ALA K 392 -31.61 -49.81 -59.37
N MET K 393 -31.23 -49.47 -60.60
CA MET K 393 -32.15 -48.95 -61.60
C MET K 393 -32.53 -49.99 -62.63
N LEU K 394 -31.72 -51.06 -62.76
CA LEU K 394 -32.06 -52.19 -63.63
C LEU K 394 -32.99 -53.15 -62.91
N SER K 395 -32.58 -53.63 -61.74
CA SER K 395 -33.49 -54.30 -60.83
C SER K 395 -34.16 -53.25 -59.98
N GLN K 396 -35.49 -53.22 -59.98
CA GLN K 396 -36.25 -52.10 -59.42
C GLN K 396 -36.24 -52.17 -57.90
N ARG K 397 -35.08 -51.87 -57.33
CA ARG K 397 -34.87 -51.84 -55.89
C ARG K 397 -34.97 -50.40 -55.44
N THR K 398 -35.89 -50.12 -54.52
CA THR K 398 -36.06 -48.76 -54.03
C THR K 398 -34.87 -48.35 -53.17
N MET K 399 -34.40 -47.13 -53.38
CA MET K 399 -33.09 -46.69 -52.94
C MET K 399 -33.26 -45.58 -51.91
N SER K 400 -32.86 -45.82 -50.67
CA SER K 400 -32.96 -44.76 -49.71
C SER K 400 -31.75 -43.84 -49.80
N LEU K 401 -31.85 -42.69 -49.12
CA LEU K 401 -30.77 -41.73 -49.08
C LEU K 401 -30.24 -41.60 -47.65
N ASP K 402 -28.98 -41.22 -47.53
CA ASP K 402 -28.33 -41.03 -46.25
C ASP K 402 -27.40 -39.83 -46.39
N PHE K 403 -27.60 -38.81 -45.56
CA PHE K 403 -26.89 -37.56 -45.71
C PHE K 403 -26.95 -36.80 -44.39
N VAL K 404 -26.14 -35.76 -44.30
CA VAL K 404 -26.12 -34.86 -43.16
C VAL K 404 -26.54 -33.48 -43.64
N THR K 405 -27.53 -32.88 -42.97
CA THR K 405 -28.00 -31.56 -43.37
C THR K 405 -27.02 -30.45 -42.98
N THR K 406 -26.08 -30.74 -42.10
CA THR K 406 -25.03 -29.77 -41.79
C THR K 406 -24.11 -29.57 -42.98
N ASN K 407 -23.67 -30.66 -43.60
CA ASN K 407 -22.74 -30.63 -44.72
C ASN K 407 -23.48 -30.15 -45.97
N TYR K 408 -23.33 -28.88 -46.32
CA TYR K 408 -24.03 -28.32 -47.46
C TYR K 408 -23.40 -28.67 -48.80
N MET K 409 -22.25 -29.34 -48.80
CA MET K 409 -21.61 -29.70 -50.05
C MET K 409 -22.16 -30.99 -50.63
N SER K 410 -22.48 -31.96 -49.77
CA SER K 410 -23.18 -33.15 -50.23
C SER K 410 -24.64 -32.88 -50.54
N LEU K 411 -25.16 -31.73 -50.11
CA LEU K 411 -26.52 -31.31 -50.41
C LEU K 411 -26.61 -30.58 -51.74
N ILE K 412 -25.54 -29.89 -52.13
CA ILE K 412 -25.49 -29.27 -53.46
C ILE K 412 -25.36 -30.33 -54.53
N SER K 413 -24.51 -31.34 -54.29
CA SER K 413 -24.36 -32.44 -55.24
C SER K 413 -25.52 -33.41 -55.22
N GLY K 414 -26.48 -33.25 -54.30
CA GLY K 414 -27.73 -33.95 -54.39
C GLY K 414 -28.71 -33.35 -55.38
N MET K 415 -28.42 -32.17 -55.92
CA MET K 415 -29.25 -31.61 -56.98
C MET K 415 -29.03 -32.35 -58.28
N TRP K 416 -27.83 -32.85 -58.51
CA TRP K 416 -27.58 -33.67 -59.70
C TRP K 416 -28.18 -35.06 -59.55
N LEU K 417 -28.34 -35.54 -58.32
CA LEU K 417 -28.89 -36.88 -58.13
C LEU K 417 -30.38 -36.92 -58.44
N LEU K 418 -31.11 -35.88 -58.05
CA LEU K 418 -32.56 -35.87 -58.29
C LEU K 418 -32.90 -35.56 -59.73
N THR K 419 -32.05 -34.81 -60.42
CA THR K 419 -32.34 -34.40 -61.79
C THR K 419 -32.05 -35.50 -62.82
N VAL K 420 -31.41 -36.60 -62.44
CA VAL K 420 -31.06 -37.65 -63.39
C VAL K 420 -31.81 -38.93 -63.02
N VAL K 421 -31.64 -39.38 -61.78
CA VAL K 421 -32.35 -40.57 -61.31
C VAL K 421 -33.82 -40.22 -61.11
N PRO K 422 -34.75 -41.01 -61.65
CA PRO K 422 -36.17 -40.68 -61.53
C PRO K 422 -36.70 -40.75 -60.10
N ASN K 423 -37.79 -40.03 -59.87
CA ASN K 423 -38.24 -39.73 -58.52
C ASN K 423 -38.96 -40.88 -57.84
N ASP K 424 -39.51 -41.83 -58.59
CA ASP K 424 -40.14 -42.98 -57.96
C ASP K 424 -39.15 -44.05 -57.57
N MET K 425 -37.86 -43.84 -57.82
CA MET K 425 -36.83 -44.79 -57.43
C MET K 425 -36.54 -44.72 -55.94
N PHE K 426 -36.64 -43.54 -55.33
CA PHE K 426 -36.36 -43.39 -53.91
C PHE K 426 -37.61 -43.66 -53.10
N ILE K 427 -37.40 -44.11 -51.85
CA ILE K 427 -38.48 -44.22 -50.89
C ILE K 427 -38.97 -42.81 -50.56
N ARG K 428 -40.30 -42.66 -50.46
CA ARG K 428 -40.91 -41.33 -50.44
C ARG K 428 -40.59 -40.58 -49.16
N GLU K 429 -40.49 -41.27 -48.03
CA GLU K 429 -40.16 -40.61 -46.77
C GLU K 429 -38.72 -40.13 -46.70
N SER K 430 -37.85 -40.60 -47.60
CA SER K 430 -36.49 -40.08 -47.70
C SER K 430 -36.27 -39.17 -48.89
N LEU K 431 -37.13 -39.26 -49.91
CA LEU K 431 -37.09 -38.30 -51.00
C LEU K 431 -37.52 -36.92 -50.52
N VAL K 432 -38.61 -36.88 -49.75
CA VAL K 432 -39.13 -35.62 -49.20
C VAL K 432 -38.16 -35.02 -48.20
N ALA K 433 -37.53 -35.87 -47.38
CA ALA K 433 -36.55 -35.38 -46.40
C ALA K 433 -35.26 -34.90 -47.04
N CYS K 434 -35.00 -35.26 -48.29
CA CYS K 434 -33.86 -34.72 -49.02
C CYS K 434 -34.24 -33.48 -49.83
N GLN K 435 -35.45 -33.46 -50.39
CA GLN K 435 -35.91 -32.29 -51.12
C GLN K 435 -36.27 -31.14 -50.20
N LEU K 436 -36.58 -31.42 -48.93
CA LEU K 436 -36.85 -30.34 -48.00
C LEU K 436 -35.56 -29.70 -47.50
N ALA K 437 -34.48 -30.48 -47.39
CA ALA K 437 -33.23 -29.92 -46.89
C ALA K 437 -32.55 -29.01 -47.89
N ILE K 438 -32.81 -29.17 -49.18
CA ILE K 438 -32.22 -28.28 -50.17
C ILE K 438 -32.94 -26.94 -50.19
N ILE K 439 -34.27 -26.97 -50.07
CA ILE K 439 -35.06 -25.74 -50.08
C ILE K 439 -34.81 -24.93 -48.81
N ASN K 440 -34.82 -25.60 -47.68
CA ASN K 440 -34.84 -24.93 -46.38
C ASN K 440 -33.45 -24.47 -45.96
N THR K 441 -32.42 -24.69 -46.77
CA THR K 441 -31.05 -24.29 -46.49
C THR K 441 -30.42 -23.47 -47.61
N ILE K 442 -30.67 -23.84 -48.87
CA ILE K 442 -29.97 -23.26 -50.01
C ILE K 442 -30.87 -22.36 -50.84
N ILE K 443 -32.05 -22.84 -51.22
CA ILE K 443 -32.85 -22.12 -52.22
C ILE K 443 -33.65 -20.98 -51.58
N TYR K 444 -34.47 -21.28 -50.58
CA TYR K 444 -35.23 -20.22 -49.92
C TYR K 444 -34.42 -19.19 -49.12
N PRO K 445 -33.29 -19.53 -48.46
CA PRO K 445 -32.44 -18.45 -47.95
C PRO K 445 -31.73 -17.64 -49.03
N ALA K 446 -31.70 -18.10 -50.28
CA ALA K 446 -31.09 -17.30 -51.33
C ALA K 446 -32.03 -16.20 -51.79
N PHE K 447 -33.29 -16.54 -52.06
CA PHE K 447 -34.23 -15.59 -52.61
C PHE K 447 -34.90 -14.73 -51.55
N GLY K 448 -34.55 -14.90 -50.29
CA GLY K 448 -35.09 -14.07 -49.24
C GLY K 448 -36.44 -14.48 -48.70
N MET K 449 -37.04 -15.53 -49.24
CA MET K 449 -38.33 -15.99 -48.75
C MET K 449 -38.17 -16.66 -47.40
N GLN K 450 -39.30 -16.82 -46.71
CA GLN K 450 -39.24 -17.42 -45.40
C GLN K 450 -39.13 -18.93 -45.51
N ARG K 451 -38.80 -19.58 -44.39
CA ARG K 451 -38.61 -21.01 -44.37
C ARG K 451 -39.95 -21.72 -44.56
N MET K 452 -39.87 -22.97 -44.99
CA MET K 452 -41.03 -23.72 -45.47
C MET K 452 -41.59 -24.55 -44.34
N HIS K 453 -42.75 -24.16 -43.82
CA HIS K 453 -43.50 -24.97 -42.86
C HIS K 453 -44.21 -26.07 -43.64
N TYR K 454 -43.78 -27.32 -43.43
CA TYR K 454 -44.25 -28.44 -44.24
C TYR K 454 -44.85 -29.51 -43.35
N ARG K 455 -46.15 -29.74 -43.50
CA ARG K 455 -46.80 -30.88 -42.86
C ARG K 455 -46.38 -32.16 -43.58
N ASN K 456 -46.04 -33.19 -42.81
CA ASN K 456 -45.51 -34.41 -43.40
C ASN K 456 -46.57 -35.24 -44.12
N GLY K 457 -47.84 -35.08 -43.76
CA GLY K 457 -48.89 -35.83 -44.42
C GLY K 457 -49.53 -35.08 -45.57
N ASP K 458 -48.70 -34.45 -46.39
CA ASP K 458 -49.15 -33.62 -47.51
C ASP K 458 -48.89 -34.37 -48.81
N PRO K 459 -49.89 -34.52 -49.68
CA PRO K 459 -49.66 -35.23 -50.95
C PRO K 459 -48.80 -34.48 -51.95
N GLN K 460 -48.39 -33.25 -51.67
CA GLN K 460 -47.53 -32.48 -52.56
C GLN K 460 -46.10 -32.52 -52.04
N THR K 461 -45.20 -33.04 -52.86
CA THR K 461 -43.78 -33.06 -52.56
C THR K 461 -43.25 -31.63 -52.55
N PRO K 462 -42.30 -31.29 -51.65
CA PRO K 462 -41.87 -29.88 -51.51
C PRO K 462 -41.26 -29.22 -52.74
N PHE K 463 -40.86 -29.96 -53.78
CA PHE K 463 -40.56 -29.27 -55.03
C PHE K 463 -41.82 -28.97 -55.84
N GLN K 464 -42.94 -29.62 -55.54
CA GLN K 464 -44.18 -29.27 -56.22
C GLN K 464 -44.85 -28.06 -55.61
N ILE K 465 -44.43 -27.64 -54.42
CA ILE K 465 -44.94 -26.42 -53.80
C ILE K 465 -44.08 -25.22 -54.16
N ALA K 466 -42.76 -25.36 -54.05
CA ALA K 466 -41.85 -24.26 -54.38
C ALA K 466 -41.67 -24.06 -55.87
N GLU K 467 -42.30 -24.87 -56.72
CA GLU K 467 -42.37 -24.53 -58.14
C GLU K 467 -43.34 -23.38 -58.36
N GLN K 468 -44.46 -23.38 -57.63
CA GLN K 468 -45.47 -22.33 -57.78
C GLN K 468 -45.07 -21.06 -57.04
N GLN K 469 -44.43 -21.20 -55.88
CA GLN K 469 -44.19 -20.05 -55.00
C GLN K 469 -42.91 -19.30 -55.31
N ILE K 470 -41.93 -19.94 -55.95
CA ILE K 470 -40.74 -19.20 -56.35
C ILE K 470 -41.06 -18.41 -57.63
N GLN K 471 -40.30 -17.33 -57.85
CA GLN K 471 -40.62 -16.40 -58.92
C GLN K 471 -39.55 -16.24 -59.97
N ASN K 472 -38.34 -16.77 -59.76
CA ASN K 472 -37.34 -16.77 -60.81
C ASN K 472 -37.72 -17.77 -61.89
N PHE K 473 -37.25 -17.54 -63.12
CA PHE K 473 -37.58 -18.45 -64.21
C PHE K 473 -36.57 -19.57 -64.37
N GLN K 474 -35.30 -19.33 -64.07
CA GLN K 474 -34.30 -20.37 -64.23
C GLN K 474 -34.42 -21.43 -63.14
N VAL K 475 -34.90 -21.06 -61.96
CA VAL K 475 -35.07 -22.02 -60.87
C VAL K 475 -36.41 -22.74 -60.96
N ALA K 476 -37.48 -22.04 -61.34
CA ALA K 476 -38.79 -22.69 -61.46
C ALA K 476 -38.91 -23.56 -62.68
N ASN K 477 -37.97 -23.49 -63.62
CA ASN K 477 -37.98 -24.40 -64.75
C ASN K 477 -37.10 -25.63 -64.52
N TRP K 478 -36.20 -25.57 -63.55
CA TRP K 478 -35.51 -26.78 -63.13
C TRP K 478 -36.37 -27.60 -62.19
N LEU K 479 -37.10 -26.94 -61.29
CA LEU K 479 -38.01 -27.63 -60.39
C LEU K 479 -39.22 -28.22 -61.10
N HIS K 480 -39.50 -27.79 -62.33
CA HIS K 480 -40.56 -28.43 -63.09
C HIS K 480 -40.09 -29.72 -63.75
N PHE K 481 -38.80 -29.82 -64.09
CA PHE K 481 -38.32 -31.06 -64.68
C PHE K 481 -38.16 -32.15 -63.62
N VAL K 482 -37.58 -31.80 -62.47
CA VAL K 482 -37.35 -32.79 -61.42
C VAL K 482 -38.63 -33.24 -60.76
N ASN K 483 -39.73 -32.49 -60.93
CA ASN K 483 -41.03 -32.95 -60.49
C ASN K 483 -41.68 -33.90 -61.49
N ASN K 484 -41.26 -33.85 -62.76
CA ASN K 484 -41.96 -34.56 -63.82
C ASN K 484 -41.04 -35.47 -64.62
N ASN K 485 -40.06 -36.08 -63.98
CA ASN K 485 -39.31 -37.17 -64.59
C ASN K 485 -39.64 -38.46 -63.85
N GLN K 486 -40.15 -39.44 -64.58
CA GLN K 486 -40.36 -40.78 -64.05
C GLN K 486 -39.93 -41.76 -65.13
N PHE K 487 -40.31 -43.01 -64.94
CA PHE K 487 -40.03 -44.05 -65.91
C PHE K 487 -41.24 -44.20 -66.82
N ARG K 488 -41.04 -44.01 -68.11
CA ARG K 488 -42.08 -44.21 -69.11
C ARG K 488 -42.13 -45.68 -69.45
N GLN K 489 -43.22 -46.36 -69.09
CA GLN K 489 -43.33 -47.78 -69.38
C GLN K 489 -43.55 -48.01 -70.87
N VAL K 490 -42.81 -48.95 -71.44
CA VAL K 490 -42.91 -49.28 -72.85
C VAL K 490 -42.65 -50.77 -73.01
N VAL K 491 -43.25 -51.37 -74.03
CA VAL K 491 -43.20 -52.81 -74.25
C VAL K 491 -42.37 -53.06 -75.50
N ILE K 492 -41.15 -53.56 -75.33
CA ILE K 492 -40.22 -53.80 -76.42
C ILE K 492 -39.91 -55.29 -76.47
N ASP K 493 -40.28 -55.93 -77.58
CA ASP K 493 -40.00 -57.35 -77.86
C ASP K 493 -40.58 -58.28 -76.80
N GLY K 494 -41.75 -57.93 -76.28
CA GLY K 494 -42.43 -58.77 -75.32
C GLY K 494 -42.30 -58.31 -73.87
N VAL K 495 -41.13 -57.82 -73.49
CA VAL K 495 -40.87 -57.48 -72.10
C VAL K 495 -41.27 -56.03 -71.87
N LEU K 496 -41.60 -55.71 -70.62
CA LEU K 496 -41.94 -54.35 -70.21
C LEU K 496 -40.74 -53.79 -69.47
N ASN K 497 -40.09 -52.79 -70.04
CA ASN K 497 -38.89 -52.23 -69.44
C ASN K 497 -39.04 -50.73 -69.22
N GLN K 498 -38.78 -50.30 -67.99
CA GLN K 498 -38.84 -48.91 -67.60
C GLN K 498 -37.70 -48.15 -68.27
N VAL K 499 -38.01 -47.13 -69.06
CA VAL K 499 -36.99 -46.42 -69.81
C VAL K 499 -37.03 -44.93 -69.45
N LEU K 500 -35.84 -44.33 -69.33
CA LEU K 500 -35.69 -42.90 -69.07
C LEU K 500 -36.22 -42.08 -70.22
N ASN K 501 -36.54 -40.83 -69.94
CA ASN K 501 -37.02 -39.95 -70.99
C ASN K 501 -35.86 -39.50 -71.88
N ASP K 502 -36.21 -38.90 -73.02
CA ASP K 502 -35.26 -38.65 -74.08
C ASP K 502 -34.39 -37.41 -73.83
N ASN K 503 -34.54 -36.76 -72.67
CA ASN K 503 -33.75 -35.57 -72.38
C ASN K 503 -32.61 -35.84 -71.40
N ILE K 504 -32.69 -36.93 -70.64
CA ILE K 504 -31.59 -37.31 -69.76
C ILE K 504 -30.54 -38.11 -70.53
N ARG K 505 -30.99 -38.97 -71.45
CA ARG K 505 -30.09 -39.75 -72.29
C ARG K 505 -29.27 -38.87 -73.22
N ASN K 506 -29.79 -37.69 -73.57
CA ASN K 506 -29.04 -36.72 -74.35
C ASN K 506 -28.04 -35.97 -73.50
N GLY K 507 -28.31 -35.83 -72.21
CA GLY K 507 -27.49 -35.03 -71.33
C GLY K 507 -27.83 -33.56 -71.29
N HIS K 508 -28.94 -33.16 -71.92
CA HIS K 508 -29.28 -31.75 -72.06
C HIS K 508 -29.95 -31.17 -70.82
N VAL K 509 -30.25 -31.97 -69.81
CA VAL K 509 -30.83 -31.41 -68.59
C VAL K 509 -29.80 -30.63 -67.81
N VAL K 510 -28.53 -31.04 -67.87
CA VAL K 510 -27.48 -30.43 -67.06
C VAL K 510 -27.20 -29.01 -67.54
N ASN K 511 -27.49 -28.70 -68.80
CA ASN K 511 -27.43 -27.31 -69.26
C ASN K 511 -28.54 -26.46 -68.66
N GLN K 512 -29.64 -27.08 -68.22
CA GLN K 512 -30.68 -26.34 -67.50
C GLN K 512 -30.38 -26.24 -66.02
N LEU K 513 -29.71 -27.26 -65.44
CA LEU K 513 -29.32 -27.16 -64.04
C LEU K 513 -28.21 -26.13 -63.84
N MET K 514 -27.36 -25.91 -64.86
CA MET K 514 -26.32 -24.90 -64.74
C MET K 514 -26.92 -23.51 -64.65
N GLU K 515 -27.95 -23.21 -65.45
CA GLU K 515 -28.62 -21.93 -65.36
C GLU K 515 -29.40 -21.76 -64.07
N ALA K 516 -29.80 -22.86 -63.44
CA ALA K 516 -30.46 -22.80 -62.14
C ALA K 516 -29.47 -22.76 -60.99
N LEU K 517 -28.20 -23.08 -61.25
CA LEU K 517 -27.19 -23.10 -60.21
C LEU K 517 -26.22 -21.93 -60.32
N MET K 518 -25.95 -21.45 -61.53
CA MET K 518 -25.13 -20.25 -61.67
C MET K 518 -25.90 -19.01 -61.23
N GLN K 519 -27.19 -18.94 -61.55
CA GLN K 519 -28.01 -17.80 -61.15
C GLN K 519 -28.36 -17.83 -59.68
N LEU K 520 -28.26 -18.99 -59.04
CA LEU K 520 -28.42 -19.10 -57.60
C LEU K 520 -27.16 -18.68 -56.84
N SER K 521 -26.06 -18.46 -57.55
CA SER K 521 -24.79 -18.06 -56.97
C SER K 521 -24.53 -16.56 -57.04
N ARG K 522 -25.41 -15.80 -57.69
CA ARG K 522 -25.28 -14.35 -57.74
C ARG K 522 -26.14 -13.64 -56.71
N GLN K 523 -27.00 -14.36 -56.01
CA GLN K 523 -27.92 -13.75 -55.07
C GLN K 523 -27.18 -13.22 -53.85
N GLN K 524 -27.78 -12.23 -53.21
CA GLN K 524 -27.39 -11.85 -51.85
C GLN K 524 -28.31 -12.61 -50.89
N PHE K 525 -27.72 -13.48 -50.10
CA PHE K 525 -28.47 -14.22 -49.10
C PHE K 525 -28.73 -13.20 -48.00
N PRO K 526 -29.95 -12.67 -47.88
CA PRO K 526 -30.15 -11.35 -47.25
C PRO K 526 -30.13 -11.37 -45.73
N THR K 527 -29.97 -12.51 -45.08
CA THR K 527 -29.83 -12.55 -43.64
C THR K 527 -28.69 -13.47 -43.22
N MET K 528 -28.10 -14.20 -44.17
CA MET K 528 -26.98 -15.08 -43.86
C MET K 528 -25.75 -14.24 -43.51
N PRO K 529 -24.92 -14.70 -42.57
CA PRO K 529 -23.65 -14.02 -42.31
C PRO K 529 -22.74 -14.08 -43.52
N VAL K 530 -21.99 -13.00 -43.74
CA VAL K 530 -21.11 -12.90 -44.90
C VAL K 530 -19.94 -13.87 -44.80
N ASP K 531 -19.60 -14.32 -43.58
CA ASP K 531 -18.58 -15.34 -43.41
C ASP K 531 -19.08 -16.69 -43.94
N TYR K 532 -20.37 -16.98 -43.79
CA TYR K 532 -20.96 -18.25 -44.21
C TYR K 532 -21.58 -18.19 -45.59
N LYS K 533 -22.05 -17.01 -46.02
CA LYS K 533 -22.64 -16.89 -47.35
C LYS K 533 -21.59 -16.99 -48.44
N ARG K 534 -20.40 -16.46 -48.18
CA ARG K 534 -19.34 -16.43 -49.17
C ARG K 534 -18.72 -17.80 -49.40
N SER K 535 -18.96 -18.75 -48.49
CA SER K 535 -18.52 -20.13 -48.68
C SER K 535 -19.56 -21.00 -49.35
N ILE K 536 -20.84 -20.67 -49.23
CA ILE K 536 -21.89 -21.43 -49.91
C ILE K 536 -22.10 -20.95 -51.33
N GLN K 537 -21.51 -19.82 -51.70
CA GLN K 537 -21.49 -19.36 -53.07
C GLN K 537 -20.28 -19.85 -53.84
N ARG K 538 -19.27 -20.38 -53.14
CA ARG K 538 -18.14 -21.04 -53.78
C ARG K 538 -18.27 -22.55 -53.78
N GLY K 539 -19.08 -23.11 -52.89
CA GLY K 539 -19.42 -24.52 -52.98
C GLY K 539 -20.39 -24.84 -54.09
N ILE K 540 -21.05 -23.83 -54.65
CA ILE K 540 -21.90 -24.01 -55.81
C ILE K 540 -21.09 -23.92 -57.10
N LEU K 541 -20.14 -22.98 -57.16
CA LEU K 541 -19.30 -22.82 -58.34
C LEU K 541 -18.28 -23.94 -58.53
N LEU K 542 -18.17 -24.88 -57.58
CA LEU K 542 -17.43 -26.11 -57.82
C LEU K 542 -18.24 -27.14 -58.59
N LEU K 543 -19.53 -26.89 -58.79
CA LEU K 543 -20.38 -27.80 -59.55
C LEU K 543 -20.87 -27.20 -60.85
N SER K 544 -21.14 -25.90 -60.89
CA SER K 544 -21.55 -25.27 -62.15
C SER K 544 -20.39 -25.06 -63.11
N ASN K 545 -19.16 -25.11 -62.61
CA ASN K 545 -17.98 -25.03 -63.47
C ASN K 545 -17.57 -26.39 -64.02
N ARG K 546 -18.24 -27.45 -63.60
CA ARG K 546 -17.96 -28.80 -64.09
C ARG K 546 -18.99 -29.26 -65.10
N LEU K 547 -19.47 -28.35 -65.96
CA LEU K 547 -20.54 -28.71 -66.90
C LEU K 547 -20.05 -29.69 -67.95
N GLY K 548 -18.83 -29.50 -68.45
CA GLY K 548 -18.33 -30.38 -69.49
C GLY K 548 -18.07 -31.80 -69.02
N GLN K 549 -17.78 -31.97 -67.73
CA GLN K 549 -17.53 -33.28 -67.16
C GLN K 549 -18.76 -33.87 -66.48
N LEU K 550 -19.91 -33.23 -66.63
CA LEU K 550 -21.14 -33.70 -66.02
C LEU K 550 -22.26 -33.93 -67.02
N VAL K 551 -22.24 -33.22 -68.15
CA VAL K 551 -23.05 -33.64 -69.29
C VAL K 551 -22.53 -34.97 -69.83
N ASP K 552 -21.22 -35.14 -69.82
CA ASP K 552 -20.61 -36.38 -70.31
C ASP K 552 -20.62 -37.51 -69.29
N LEU K 553 -21.07 -37.26 -68.06
CA LEU K 553 -21.31 -38.35 -67.13
C LEU K 553 -22.72 -38.92 -67.29
N THR K 554 -23.73 -38.05 -67.39
CA THR K 554 -25.08 -38.52 -67.55
C THR K 554 -25.38 -39.03 -68.96
N ARG K 555 -24.50 -38.79 -69.91
CA ARG K 555 -24.59 -39.49 -71.18
C ARG K 555 -24.04 -40.91 -71.09
N LEU K 556 -23.18 -41.17 -70.11
CA LEU K 556 -22.60 -42.48 -69.86
C LEU K 556 -23.42 -43.28 -68.84
N LEU K 557 -23.96 -42.59 -67.83
CA LEU K 557 -24.83 -43.24 -66.87
C LEU K 557 -26.18 -43.62 -67.46
N ALA K 558 -26.59 -43.00 -68.57
CA ALA K 558 -27.82 -43.35 -69.24
C ALA K 558 -27.59 -44.17 -70.49
N TYR K 559 -26.34 -44.50 -70.81
CA TYR K 559 -26.04 -45.43 -71.90
C TYR K 559 -25.68 -46.82 -71.38
N ASN K 560 -25.02 -46.91 -70.23
CA ASN K 560 -24.76 -48.21 -69.64
C ASN K 560 -26.03 -48.83 -69.08
N TYR K 561 -26.99 -48.02 -68.68
CA TYR K 561 -28.28 -48.56 -68.30
C TYR K 561 -29.08 -48.97 -69.53
N GLU K 562 -28.90 -48.26 -70.64
CA GLU K 562 -29.69 -48.49 -71.83
C GLU K 562 -29.28 -49.75 -72.57
N THR K 563 -27.99 -50.11 -72.53
CA THR K 563 -27.53 -51.30 -73.22
C THR K 563 -27.42 -52.53 -72.33
N LEU K 564 -27.53 -52.38 -71.01
CA LEU K 564 -27.68 -53.53 -70.15
C LEU K 564 -29.13 -53.95 -70.02
N MET K 565 -30.06 -53.06 -70.36
CA MET K 565 -31.48 -53.37 -70.31
C MET K 565 -31.94 -54.20 -71.49
N ALA K 566 -31.14 -54.27 -72.56
CA ALA K 566 -31.54 -55.05 -73.73
C ALA K 566 -31.50 -56.55 -73.45
N CYS K 567 -30.63 -56.97 -72.54
CA CYS K 567 -30.57 -58.37 -72.11
C CYS K 567 -31.29 -58.56 -70.78
N ILE K 568 -32.60 -58.30 -70.80
CA ILE K 568 -33.49 -58.49 -69.66
C ILE K 568 -34.69 -59.28 -70.16
N THR K 569 -34.98 -60.40 -69.49
CA THR K 569 -36.04 -61.28 -69.95
C THR K 569 -37.32 -61.17 -69.12
N MET K 570 -37.24 -60.89 -67.83
CA MET K 570 -38.46 -60.74 -67.05
C MET K 570 -38.96 -59.30 -67.14
N ASN K 571 -40.24 -59.12 -66.81
CA ASN K 571 -40.84 -57.80 -66.83
C ASN K 571 -40.27 -56.92 -65.72
N MET K 572 -39.95 -55.69 -66.06
CA MET K 572 -39.40 -54.75 -65.09
C MET K 572 -40.54 -54.01 -64.38
N GLN K 573 -41.22 -54.74 -63.51
CA GLN K 573 -42.30 -54.17 -62.73
C GLN K 573 -41.73 -53.25 -61.66
N HIS K 574 -42.53 -52.26 -61.27
CA HIS K 574 -42.11 -51.23 -60.33
C HIS K 574 -43.01 -51.31 -59.10
N VAL K 575 -42.50 -51.89 -58.02
CA VAL K 575 -43.24 -52.07 -56.78
C VAL K 575 -42.31 -51.67 -55.63
N GLN K 576 -42.82 -50.87 -54.70
CA GLN K 576 -42.04 -50.42 -53.55
C GLN K 576 -41.72 -51.59 -52.63
N THR K 577 -40.43 -51.93 -52.53
CA THR K 577 -39.99 -53.06 -51.74
C THR K 577 -39.82 -52.64 -50.27
N LEU K 578 -39.70 -53.63 -49.39
CA LEU K 578 -39.60 -53.36 -47.97
C LEU K 578 -38.21 -52.84 -47.61
N THR K 579 -37.18 -53.64 -47.81
CA THR K 579 -35.82 -53.28 -47.46
C THR K 579 -35.18 -52.50 -48.60
N THR K 580 -34.56 -51.38 -48.28
CA THR K 580 -34.02 -50.46 -49.27
C THR K 580 -32.49 -50.55 -49.30
N GLU K 581 -31.92 -50.25 -50.47
CA GLU K 581 -30.48 -50.14 -50.62
C GLU K 581 -30.05 -48.72 -50.30
N LYS K 582 -29.17 -48.57 -49.32
CA LYS K 582 -28.77 -47.26 -48.85
C LYS K 582 -27.76 -46.63 -49.79
N LEU K 583 -28.05 -45.42 -50.23
CA LEU K 583 -27.14 -44.61 -51.04
C LEU K 583 -26.76 -43.38 -50.24
N GLN K 584 -25.46 -43.10 -50.16
CA GLN K 584 -24.96 -41.99 -49.36
C GLN K 584 -24.67 -40.81 -50.26
N LEU K 585 -25.24 -39.65 -49.93
CA LEU K 585 -25.00 -38.43 -50.73
C LEU K 585 -23.59 -37.89 -50.57
N THR K 586 -22.86 -38.33 -49.54
CA THR K 586 -21.44 -38.00 -49.46
C THR K 586 -20.67 -38.67 -50.59
N SER K 587 -21.06 -39.90 -50.94
CA SER K 587 -20.42 -40.62 -52.03
C SER K 587 -20.96 -40.26 -53.40
N VAL K 588 -22.03 -39.47 -53.48
CA VAL K 588 -22.45 -38.92 -54.77
C VAL K 588 -21.58 -37.72 -55.12
N THR K 589 -21.18 -36.94 -54.11
CA THR K 589 -20.19 -35.88 -54.30
C THR K 589 -18.86 -36.44 -54.74
N SER K 590 -18.52 -37.65 -54.31
CA SER K 590 -17.28 -38.27 -54.71
C SER K 590 -17.28 -38.75 -56.16
N LEU K 591 -18.42 -38.72 -56.84
CA LEU K 591 -18.50 -39.11 -58.25
C LEU K 591 -18.56 -37.91 -59.19
N CYS K 592 -19.24 -36.84 -58.79
CA CYS K 592 -19.45 -35.70 -59.67
C CYS K 592 -18.16 -34.93 -59.94
N MET K 593 -17.22 -34.94 -58.99
CA MET K 593 -15.98 -34.18 -59.16
C MET K 593 -14.74 -35.05 -59.03
N LEU K 594 -14.85 -36.34 -59.35
CA LEU K 594 -13.70 -37.21 -59.53
C LEU K 594 -13.70 -37.86 -60.91
N ILE K 595 -14.71 -37.61 -61.73
CA ILE K 595 -14.86 -38.25 -63.03
C ILE K 595 -13.87 -37.65 -64.03
N GLY K 596 -13.43 -38.47 -64.98
CA GLY K 596 -12.50 -38.03 -66.01
C GLY K 596 -13.12 -37.96 -67.38
N ASN K 597 -12.36 -38.34 -68.40
CA ASN K 597 -12.86 -38.33 -69.78
C ASN K 597 -12.58 -39.66 -70.47
N ALA K 598 -12.49 -40.74 -69.71
CA ALA K 598 -12.23 -42.08 -70.24
C ALA K 598 -13.50 -42.89 -70.13
N THR K 599 -14.20 -43.04 -71.25
CA THR K 599 -15.49 -43.71 -71.24
C THR K 599 -15.34 -45.23 -71.27
N VAL K 600 -16.24 -45.90 -70.56
CA VAL K 600 -16.24 -47.35 -70.45
C VAL K 600 -17.60 -47.88 -70.92
N ILE K 601 -17.55 -48.95 -71.69
CA ILE K 601 -18.76 -49.64 -72.15
C ILE K 601 -18.63 -51.10 -71.78
N PRO K 602 -19.74 -51.82 -71.62
CA PRO K 602 -19.65 -53.25 -71.29
C PRO K 602 -19.06 -54.05 -72.44
N SER K 603 -18.07 -54.87 -72.13
CA SER K 603 -17.44 -55.73 -73.11
C SER K 603 -18.43 -56.80 -73.59
N PRO K 604 -18.35 -57.22 -74.86
CA PRO K 604 -19.40 -58.11 -75.40
C PRO K 604 -19.35 -59.52 -74.87
N GLN K 605 -18.32 -59.92 -74.12
CA GLN K 605 -18.36 -61.18 -73.42
C GLN K 605 -19.03 -61.07 -72.06
N THR K 606 -19.03 -59.87 -71.48
CA THR K 606 -19.83 -59.61 -70.28
C THR K 606 -21.30 -59.49 -70.66
N LEU K 607 -21.59 -58.93 -71.83
CA LEU K 607 -22.96 -58.70 -72.25
C LEU K 607 -23.67 -59.99 -72.63
N PHE K 608 -22.92 -61.02 -73.05
CA PHE K 608 -23.50 -62.32 -73.31
C PHE K 608 -23.57 -63.20 -72.08
N HIS K 609 -22.90 -62.82 -71.00
CA HIS K 609 -22.99 -63.55 -69.75
C HIS K 609 -24.12 -63.04 -68.88
N TYR K 610 -24.47 -61.76 -69.01
CA TYR K 610 -25.66 -61.25 -68.34
C TYR K 610 -26.93 -61.68 -69.04
N TYR K 611 -26.84 -62.11 -70.29
CA TYR K 611 -28.01 -62.60 -71.01
C TYR K 611 -28.25 -64.09 -70.80
N ASN K 612 -27.19 -64.87 -70.63
CA ASN K 612 -27.36 -66.30 -70.40
C ASN K 612 -27.67 -66.63 -68.96
N VAL K 613 -27.55 -65.68 -68.04
CA VAL K 613 -28.00 -65.89 -66.67
C VAL K 613 -29.46 -65.48 -66.52
N ASN K 614 -29.85 -64.37 -67.16
CA ASN K 614 -31.24 -63.92 -67.10
C ASN K 614 -32.17 -64.84 -67.86
N VAL K 615 -31.68 -65.53 -68.89
CA VAL K 615 -32.51 -66.51 -69.57
C VAL K 615 -32.62 -67.78 -68.74
N ASN K 616 -31.51 -68.25 -68.17
CA ASN K 616 -31.50 -69.49 -67.43
C ASN K 616 -32.24 -69.40 -66.09
N PHE K 617 -32.39 -68.20 -65.53
CA PHE K 617 -33.24 -68.07 -64.36
C PHE K 617 -34.71 -67.97 -64.74
N HIS K 618 -35.01 -67.36 -65.89
CA HIS K 618 -36.39 -67.26 -66.33
C HIS K 618 -36.91 -68.59 -66.86
N SER K 619 -36.07 -69.38 -67.51
CA SER K 619 -36.48 -70.68 -67.99
C SER K 619 -36.50 -71.73 -66.88
N ASN K 620 -35.88 -71.45 -65.75
CA ASN K 620 -36.00 -72.31 -64.57
C ASN K 620 -37.20 -71.93 -63.72
N TYR K 621 -37.56 -70.65 -63.69
CA TYR K 621 -38.73 -70.22 -62.94
C TYR K 621 -40.02 -70.69 -63.60
N ASN K 622 -40.00 -70.95 -64.91
CA ASN K 622 -41.17 -71.45 -65.61
C ASN K 622 -41.24 -72.97 -65.64
N GLU K 623 -40.11 -73.65 -65.59
CA GLU K 623 -40.12 -75.11 -65.60
C GLU K 623 -40.24 -75.70 -64.21
N ARG K 624 -40.32 -74.87 -63.16
CA ARG K 624 -40.67 -75.35 -61.83
C ARG K 624 -42.09 -74.98 -61.44
N ILE K 625 -42.70 -74.01 -62.13
CA ILE K 625 -44.14 -73.80 -61.97
C ILE K 625 -44.90 -74.94 -62.64
N ASN K 626 -44.48 -75.33 -63.85
CA ASN K 626 -45.17 -76.36 -64.60
C ASN K 626 -45.01 -77.75 -63.98
N ASP K 627 -44.00 -77.96 -63.15
CA ASP K 627 -43.93 -79.19 -62.38
C ASP K 627 -44.80 -79.12 -61.14
N ALA K 628 -44.83 -77.97 -60.46
CA ALA K 628 -45.61 -77.85 -59.23
C ALA K 628 -47.10 -77.72 -59.50
N VAL K 629 -47.51 -77.44 -60.73
CA VAL K 629 -48.92 -77.41 -61.07
C VAL K 629 -49.41 -78.80 -61.48
N ALA K 630 -48.58 -79.56 -62.20
CA ALA K 630 -48.97 -80.88 -62.65
C ALA K 630 -48.97 -81.92 -61.53
N ILE K 631 -48.47 -81.60 -60.34
CA ILE K 631 -48.59 -82.48 -59.19
C ILE K 631 -49.73 -82.04 -58.27
N ILE K 632 -49.93 -80.73 -58.14
CA ILE K 632 -51.07 -80.20 -57.38
C ILE K 632 -52.38 -80.60 -58.04
N THR K 633 -52.43 -80.56 -59.38
CA THR K 633 -53.62 -80.99 -60.09
C THR K 633 -53.81 -82.50 -60.00
N ALA K 634 -52.74 -83.28 -60.20
CA ALA K 634 -52.85 -84.73 -60.17
C ALA K 634 -53.04 -85.29 -58.77
N ALA K 635 -52.86 -84.50 -57.73
CA ALA K 635 -53.21 -84.91 -56.37
C ALA K 635 -54.67 -84.63 -56.04
N ASN K 636 -55.42 -84.04 -56.96
CA ASN K 636 -56.85 -83.80 -56.78
C ASN K 636 -57.71 -84.54 -57.78
N ARG K 637 -57.22 -84.77 -59.00
CA ARG K 637 -57.95 -85.60 -59.94
C ARG K 637 -57.92 -87.06 -59.53
N LEU K 638 -56.90 -87.47 -58.80
CA LEU K 638 -56.77 -88.83 -58.32
C LEU K 638 -57.48 -89.06 -57.00
N ASN K 639 -58.16 -88.03 -56.46
CA ASN K 639 -58.86 -88.05 -55.17
C ASN K 639 -57.92 -88.45 -54.03
N LEU K 640 -56.91 -87.60 -53.83
CA LEU K 640 -55.92 -87.82 -52.78
C LEU K 640 -56.01 -86.70 -51.76
N TYR K 641 -56.70 -86.97 -50.66
CA TYR K 641 -56.53 -86.17 -49.46
C TYR K 641 -55.28 -86.67 -48.72
N GLN K 642 -54.99 -86.06 -47.57
CA GLN K 642 -53.82 -86.32 -46.73
C GLN K 642 -52.49 -86.08 -47.46
N LYS K 643 -52.50 -85.34 -48.57
CA LYS K 643 -51.29 -84.94 -49.28
C LYS K 643 -51.18 -83.44 -49.11
N LYS K 644 -50.25 -83.01 -48.26
CA LYS K 644 -50.18 -81.61 -47.85
C LYS K 644 -49.66 -80.76 -48.99
N MET K 645 -50.45 -79.75 -49.38
CA MET K 645 -50.02 -78.84 -50.42
C MET K 645 -48.95 -77.86 -49.96
N LYS K 646 -48.71 -77.77 -48.65
CA LYS K 646 -47.64 -76.92 -48.14
C LYS K 646 -46.27 -77.56 -48.24
N SER K 647 -46.18 -78.79 -48.74
CA SER K 647 -44.89 -79.41 -49.04
C SER K 647 -44.49 -79.27 -50.50
N ILE K 648 -45.46 -79.17 -51.40
CA ILE K 648 -45.17 -78.98 -52.82
C ILE K 648 -44.67 -77.55 -53.06
N VAL K 649 -45.32 -76.57 -52.44
CA VAL K 649 -44.84 -75.19 -52.48
C VAL K 649 -43.54 -75.05 -51.71
N GLU K 650 -43.32 -75.91 -50.71
CA GLU K 650 -42.02 -75.96 -50.04
C GLU K 650 -40.94 -76.51 -50.96
N ASP K 651 -41.31 -77.34 -51.93
CA ASP K 651 -40.37 -77.87 -52.91
C ASP K 651 -40.23 -76.96 -54.12
N PHE K 652 -41.29 -76.23 -54.47
CA PHE K 652 -41.20 -75.28 -55.57
C PHE K 652 -40.34 -74.08 -55.20
N LEU K 653 -40.39 -73.65 -53.94
CA LEU K 653 -39.55 -72.55 -53.48
C LEU K 653 -38.11 -72.96 -53.25
N LYS K 654 -37.81 -74.25 -53.26
CA LYS K 654 -36.46 -74.75 -53.01
C LYS K 654 -35.66 -74.87 -54.29
N ARG K 655 -36.31 -75.30 -55.39
CA ARG K 655 -35.61 -75.44 -56.66
C ARG K 655 -35.21 -74.09 -57.23
N LEU K 656 -36.03 -73.06 -57.01
CA LEU K 656 -35.61 -71.69 -57.21
C LEU K 656 -34.50 -71.38 -56.21
N GLN K 657 -33.30 -71.11 -56.71
CA GLN K 657 -32.11 -71.18 -55.89
C GLN K 657 -31.89 -69.97 -54.99
N ILE K 658 -32.82 -69.01 -54.96
CA ILE K 658 -32.56 -67.75 -54.25
C ILE K 658 -33.35 -67.63 -52.95
N PHE K 659 -34.25 -68.55 -52.66
CA PHE K 659 -35.07 -68.51 -51.45
C PHE K 659 -34.58 -69.52 -50.43
N ASP K 660 -34.90 -69.26 -49.16
CA ASP K 660 -34.90 -70.29 -48.13
C ASP K 660 -36.26 -70.27 -47.44
N ILE K 661 -36.75 -71.45 -47.09
CA ILE K 661 -38.12 -71.57 -46.62
C ILE K 661 -38.21 -71.31 -45.12
N SER K 662 -37.08 -71.20 -44.42
CA SER K 662 -37.12 -70.99 -42.99
C SER K 662 -37.54 -69.58 -42.60
N ARG K 663 -37.55 -68.64 -43.54
CA ARG K 663 -37.88 -67.26 -43.22
C ARG K 663 -39.11 -66.74 -43.96
N VAL K 664 -39.73 -67.54 -44.82
CA VAL K 664 -40.91 -67.05 -45.56
C VAL K 664 -42.11 -67.02 -44.62
N PRO K 665 -42.93 -65.97 -44.63
CA PRO K 665 -44.07 -65.91 -43.72
C PRO K 665 -45.13 -66.94 -44.07
N ASP K 666 -45.92 -67.30 -43.06
CA ASP K 666 -46.97 -68.29 -43.24
C ASP K 666 -48.17 -67.74 -44.02
N ASP K 667 -48.26 -66.43 -44.19
CA ASP K 667 -49.37 -65.84 -44.91
C ASP K 667 -49.23 -66.10 -46.41
N GLN K 668 -48.00 -66.02 -46.93
CA GLN K 668 -47.76 -66.10 -48.36
C GLN K 668 -47.54 -67.53 -48.84
N MET K 669 -47.18 -68.47 -47.97
CA MET K 669 -47.12 -69.86 -48.40
C MET K 669 -48.50 -70.48 -48.53
N TYR K 670 -49.53 -69.87 -47.94
CA TYR K 670 -50.91 -70.29 -48.12
C TYR K 670 -51.61 -69.50 -49.21
N ARG K 671 -51.01 -68.42 -49.70
CA ARG K 671 -51.51 -67.72 -50.88
C ARG K 671 -50.87 -68.22 -52.16
N LEU K 672 -49.62 -68.71 -52.06
CA LEU K 672 -48.93 -69.22 -53.24
C LEU K 672 -49.54 -70.53 -53.72
N ARG K 673 -50.15 -71.30 -52.83
CA ARG K 673 -50.88 -72.49 -53.24
C ARG K 673 -52.30 -72.19 -53.66
N ASP K 674 -52.76 -70.95 -53.47
CA ASP K 674 -54.05 -70.52 -53.99
C ASP K 674 -53.95 -69.99 -55.42
N ARG K 675 -52.77 -69.53 -55.83
CA ARG K 675 -52.53 -69.10 -57.20
C ARG K 675 -51.91 -70.17 -58.06
N LEU K 676 -51.40 -71.25 -57.46
CA LEU K 676 -50.83 -72.37 -58.21
C LEU K 676 -51.86 -73.38 -58.65
N ARG K 677 -53.10 -73.29 -58.13
CA ARG K 677 -54.16 -74.18 -58.57
C ARG K 677 -54.91 -73.64 -59.77
N LEU K 678 -55.04 -72.32 -59.88
CA LEU K 678 -55.83 -71.69 -60.92
C LEU K 678 -55.16 -71.71 -62.29
N LEU K 679 -53.89 -72.06 -62.36
CA LEU K 679 -53.19 -72.08 -63.64
C LEU K 679 -53.57 -73.33 -64.43
N PRO K 680 -53.58 -73.25 -65.76
CA PRO K 680 -53.77 -74.45 -66.56
C PRO K 680 -52.49 -75.25 -66.70
N VAL K 681 -52.64 -76.56 -66.76
CA VAL K 681 -51.50 -77.47 -66.82
C VAL K 681 -50.93 -77.48 -68.24
N GLU K 682 -49.62 -77.63 -68.34
CA GLU K 682 -48.92 -77.68 -69.63
C GLU K 682 -49.37 -78.91 -70.42
N ILE K 683 -49.38 -78.77 -71.76
CA ILE K 683 -49.96 -79.79 -72.63
C ILE K 683 -49.14 -81.08 -72.64
N ARG K 684 -47.81 -80.98 -72.45
CA ARG K 684 -47.01 -82.20 -72.52
C ARG K 684 -46.92 -82.92 -71.20
N ARG K 685 -47.32 -82.29 -70.10
CA ARG K 685 -47.46 -82.99 -68.82
C ARG K 685 -48.87 -83.50 -68.61
N LEU K 686 -49.86 -82.86 -69.24
CA LEU K 686 -51.25 -83.29 -69.06
C LEU K 686 -51.52 -84.57 -69.84
N ASP K 687 -50.99 -84.68 -71.05
CA ASP K 687 -51.29 -85.83 -71.88
C ASP K 687 -50.58 -87.09 -71.43
N ILE K 688 -49.51 -86.97 -70.64
CA ILE K 688 -48.91 -88.14 -70.01
C ILE K 688 -49.65 -88.52 -68.74
N PHE K 689 -50.50 -87.63 -68.21
CA PHE K 689 -51.34 -87.94 -67.08
C PHE K 689 -52.68 -88.53 -67.50
N ASN K 690 -53.21 -88.10 -68.64
CA ASN K 690 -54.42 -88.71 -69.18
C ASN K 690 -54.17 -90.08 -69.79
N LEU K 691 -52.91 -90.47 -69.97
CA LEU K 691 -52.57 -91.80 -70.42
C LEU K 691 -52.37 -92.77 -69.26
N ILE K 692 -52.06 -92.26 -68.08
CA ILE K 692 -51.98 -93.11 -66.90
C ILE K 692 -53.36 -93.35 -66.32
N LEU K 693 -54.18 -92.31 -66.24
CA LEU K 693 -55.50 -92.42 -65.63
C LEU K 693 -56.47 -93.21 -66.50
N MET K 694 -56.22 -93.25 -67.81
CA MET K 694 -57.06 -94.07 -68.68
C MET K 694 -56.74 -95.55 -68.51
N ASN K 695 -55.46 -95.89 -68.49
CA ASN K 695 -55.01 -97.26 -68.27
C ASN K 695 -54.72 -97.58 -66.82
N MET K 696 -55.35 -96.86 -65.89
CA MET K 696 -55.12 -97.07 -64.47
C MET K 696 -55.80 -98.33 -63.96
N GLU K 697 -56.86 -98.78 -64.63
CA GLU K 697 -57.58 -99.94 -64.14
C GLU K 697 -56.94 -101.23 -64.62
N GLN K 698 -56.49 -101.27 -65.87
CA GLN K 698 -55.93 -102.49 -66.45
C GLN K 698 -54.60 -102.89 -65.81
N ILE K 699 -53.88 -101.94 -65.22
CA ILE K 699 -52.67 -102.27 -64.49
C ILE K 699 -53.01 -102.94 -63.16
N GLU K 700 -54.03 -102.45 -62.46
CA GLU K 700 -54.42 -103.02 -61.18
C GLU K 700 -55.11 -104.37 -61.34
N ARG K 701 -56.03 -104.49 -62.32
CA ARG K 701 -56.78 -105.71 -62.51
C ARG K 701 -55.91 -106.88 -62.94
N ALA K 702 -54.84 -106.61 -63.69
CA ALA K 702 -53.95 -107.67 -64.15
C ALA K 702 -52.84 -107.99 -63.17
N SER K 703 -52.70 -107.21 -62.10
CA SER K 703 -51.67 -107.48 -61.11
C SER K 703 -52.09 -108.59 -60.17
N ASP K 704 -51.16 -109.44 -59.81
CA ASP K 704 -51.41 -110.49 -58.84
C ASP K 704 -51.22 -109.92 -57.44
N LYS K 705 -51.24 -110.80 -56.42
CA LYS K 705 -51.10 -110.50 -54.99
C LYS K 705 -52.08 -109.44 -54.47
N ILE K 706 -53.18 -109.20 -55.18
CA ILE K 706 -54.20 -108.25 -54.76
C ILE K 706 -55.53 -108.68 -55.37
N ALA K 707 -56.62 -108.28 -54.74
CA ALA K 707 -57.96 -108.61 -55.21
C ALA K 707 -58.88 -107.44 -54.94
N GLN K 708 -59.87 -107.26 -55.81
CA GLN K 708 -60.77 -106.11 -55.74
C GLN K 708 -62.04 -106.43 -54.97
N GLY K 709 -61.89 -106.98 -53.78
CA GLY K 709 -63.04 -107.19 -52.92
C GLY K 709 -63.61 -108.59 -53.04
N VAL K 710 -64.23 -109.05 -51.95
CA VAL K 710 -64.80 -110.38 -51.87
C VAL K 710 -66.29 -110.24 -51.54
N ILE K 711 -67.12 -111.10 -52.12
CA ILE K 711 -68.56 -111.02 -51.92
C ILE K 711 -68.99 -112.16 -51.01
N ILE K 712 -70.04 -111.92 -50.24
CA ILE K 712 -70.56 -112.88 -49.27
C ILE K 712 -72.02 -113.13 -49.62
N ALA K 713 -72.43 -114.41 -49.66
CA ALA K 713 -73.78 -114.74 -50.07
C ALA K 713 -74.54 -115.62 -49.10
N TYR K 714 -73.86 -116.37 -48.22
CA TYR K 714 -74.47 -117.27 -47.23
C TYR K 714 -75.40 -118.30 -47.88
N ARG K 715 -74.99 -118.79 -49.06
CA ARG K 715 -75.72 -119.85 -49.73
C ARG K 715 -74.73 -120.65 -50.57
N ASP K 716 -75.13 -121.87 -50.91
CA ASP K 716 -74.24 -122.80 -51.61
C ASP K 716 -74.33 -122.57 -53.11
N MET K 717 -73.34 -121.88 -53.66
CA MET K 717 -73.22 -121.71 -55.10
C MET K 717 -71.95 -122.36 -55.59
N GLN K 718 -72.00 -122.93 -56.80
CA GLN K 718 -70.96 -123.82 -57.28
C GLN K 718 -69.74 -123.03 -57.75
N LEU K 719 -68.62 -123.74 -57.86
CA LEU K 719 -67.38 -123.16 -58.36
C LEU K 719 -67.43 -123.08 -59.87
N GLU K 720 -66.80 -122.05 -60.42
CA GLU K 720 -66.78 -121.83 -61.86
C GLU K 720 -65.50 -122.43 -62.43
N ARG K 721 -65.65 -123.34 -63.39
CA ARG K 721 -64.51 -123.99 -64.01
C ARG K 721 -63.79 -123.01 -64.93
N ASP K 722 -62.53 -122.73 -64.63
CA ASP K 722 -61.76 -121.75 -65.37
C ASP K 722 -60.58 -122.46 -66.04
N GLU K 723 -60.01 -121.81 -67.05
CA GLU K 723 -58.98 -122.46 -67.85
C GLU K 723 -57.63 -122.47 -67.16
N MET K 724 -57.24 -121.36 -66.53
CA MET K 724 -55.92 -121.25 -65.92
C MET K 724 -55.96 -121.37 -64.40
N TYR K 725 -57.05 -121.86 -63.83
CA TYR K 725 -57.12 -122.07 -62.39
C TYR K 725 -57.60 -123.48 -62.06
N GLY K 726 -58.39 -124.07 -62.94
CA GLY K 726 -59.06 -125.34 -62.65
C GLY K 726 -60.47 -125.12 -62.09
N TYR K 727 -60.65 -125.40 -60.81
CA TYR K 727 -61.85 -125.02 -60.07
C TYR K 727 -61.50 -123.83 -59.18
N VAL K 728 -62.31 -122.78 -59.25
CA VAL K 728 -61.98 -121.53 -58.56
C VAL K 728 -63.27 -120.77 -58.30
N ASN K 729 -63.32 -120.07 -57.17
CA ASN K 729 -64.45 -119.20 -56.85
C ASN K 729 -64.09 -117.75 -57.16
N ILE K 730 -64.08 -117.43 -58.44
CA ILE K 730 -63.89 -116.06 -58.89
C ILE K 730 -65.25 -115.48 -59.23
N ALA K 731 -65.44 -114.20 -58.91
CA ALA K 731 -66.60 -113.45 -59.35
C ALA K 731 -66.19 -112.56 -60.51
N ARG K 732 -67.05 -112.49 -61.53
CA ARG K 732 -66.73 -111.68 -62.69
C ARG K 732 -67.31 -110.27 -62.59
N ASN K 733 -68.41 -110.09 -61.87
CA ASN K 733 -69.02 -108.79 -61.70
C ASN K 733 -69.67 -108.71 -60.33
N LEU K 734 -69.73 -107.50 -59.79
CA LEU K 734 -70.32 -107.24 -58.48
C LEU K 734 -71.81 -106.93 -58.59
N ASP K 735 -72.56 -107.82 -59.24
CA ASP K 735 -73.96 -107.58 -59.53
C ASP K 735 -74.85 -108.44 -58.65
N GLY K 736 -75.97 -107.86 -58.21
CA GLY K 736 -76.93 -108.55 -57.37
C GLY K 736 -76.71 -108.41 -55.90
N PHE K 737 -75.61 -107.79 -55.47
CA PHE K 737 -75.27 -107.66 -54.06
C PHE K 737 -75.02 -106.20 -53.74
N GLN K 738 -75.27 -105.84 -52.48
CA GLN K 738 -75.06 -104.47 -52.03
C GLN K 738 -73.60 -104.26 -51.68
N GLN K 739 -72.99 -103.23 -52.27
CA GLN K 739 -71.57 -102.99 -52.10
C GLN K 739 -71.30 -102.07 -50.92
N ILE K 740 -70.21 -102.34 -50.21
CA ILE K 740 -69.76 -101.55 -49.08
C ILE K 740 -68.34 -101.11 -49.35
N ASN K 741 -68.11 -99.81 -49.43
CA ASN K 741 -66.78 -99.28 -49.69
C ASN K 741 -65.90 -99.47 -48.47
N LEU K 742 -64.70 -100.03 -48.68
CA LEU K 742 -63.79 -100.27 -47.57
C LEU K 742 -62.84 -99.12 -47.30
N GLU K 743 -62.67 -98.20 -48.25
CA GLU K 743 -61.84 -97.03 -47.98
C GLU K 743 -62.59 -96.03 -47.10
N GLU K 744 -63.88 -95.86 -47.34
CA GLU K 744 -64.69 -94.97 -46.50
C GLU K 744 -64.96 -95.58 -45.13
N LEU K 745 -64.99 -96.92 -45.05
CA LEU K 745 -65.20 -97.58 -43.77
C LEU K 745 -63.98 -97.49 -42.86
N MET K 746 -62.80 -97.28 -43.43
CA MET K 746 -61.60 -97.13 -42.63
C MET K 746 -61.37 -95.70 -42.19
N ARG K 747 -61.76 -94.71 -43.01
CA ARG K 747 -61.56 -93.31 -42.64
C ARG K 747 -62.53 -92.89 -41.55
N THR K 748 -63.82 -93.22 -41.74
CA THR K 748 -64.84 -92.74 -40.82
C THR K 748 -64.86 -93.51 -39.51
N GLY K 749 -64.71 -94.83 -39.57
CA GLY K 749 -64.74 -95.64 -38.37
C GLY K 749 -66.12 -96.02 -37.89
N ASP K 750 -67.16 -95.77 -38.68
CA ASP K 750 -68.52 -96.12 -38.28
C ASP K 750 -68.78 -97.56 -38.73
N TYR K 751 -68.45 -98.51 -37.86
CA TYR K 751 -68.67 -99.93 -38.13
C TYR K 751 -70.01 -100.42 -37.62
N ALA K 752 -71.03 -99.55 -37.56
CA ALA K 752 -72.34 -99.95 -37.11
C ALA K 752 -73.17 -100.57 -38.23
N GLN K 753 -72.78 -100.37 -39.48
CA GLN K 753 -73.51 -100.97 -40.60
C GLN K 753 -73.01 -102.38 -40.89
N ILE K 754 -71.69 -102.56 -40.95
CA ILE K 754 -71.12 -103.85 -41.30
C ILE K 754 -71.23 -104.84 -40.15
N THR K 755 -71.32 -104.36 -38.90
CA THR K 755 -71.52 -105.28 -37.78
C THR K 755 -72.92 -105.88 -37.80
N ASN K 756 -73.92 -105.09 -38.17
CA ASN K 756 -75.27 -105.60 -38.26
C ASN K 756 -75.48 -106.48 -39.49
N MET K 757 -74.60 -106.39 -40.49
CA MET K 757 -74.69 -107.27 -41.65
C MET K 757 -74.00 -108.61 -41.41
N LEU K 758 -73.07 -108.67 -40.47
CA LEU K 758 -72.37 -109.91 -40.16
C LEU K 758 -72.95 -110.64 -38.96
N LEU K 759 -73.57 -109.91 -38.02
CA LEU K 759 -74.22 -110.57 -36.90
C LEU K 759 -75.49 -111.29 -37.36
N ASN K 760 -76.29 -110.63 -38.20
CA ASN K 760 -77.30 -111.34 -38.97
C ASN K 760 -76.64 -111.93 -40.20
N ASN K 761 -77.41 -112.65 -41.00
CA ASN K 761 -76.87 -113.28 -42.20
C ASN K 761 -77.56 -112.64 -43.41
N GLN K 762 -77.01 -111.51 -43.86
CA GLN K 762 -77.49 -110.82 -45.04
C GLN K 762 -76.37 -110.68 -46.05
N PRO K 763 -76.63 -110.96 -47.32
CA PRO K 763 -75.54 -110.98 -48.31
C PRO K 763 -75.06 -109.57 -48.65
N VAL K 764 -73.77 -109.35 -48.48
CA VAL K 764 -73.13 -108.08 -48.83
C VAL K 764 -72.03 -108.34 -49.83
N ALA K 765 -71.30 -107.29 -50.22
CA ALA K 765 -70.17 -107.45 -51.13
C ALA K 765 -69.16 -106.35 -50.80
N LEU K 766 -68.19 -106.70 -49.96
CA LEU K 766 -67.16 -105.75 -49.55
C LEU K 766 -66.24 -105.45 -50.73
N VAL K 767 -65.96 -104.18 -50.97
CA VAL K 767 -65.23 -103.73 -52.15
C VAL K 767 -64.01 -102.95 -51.72
N GLY K 768 -62.84 -103.37 -52.18
CA GLY K 768 -61.61 -102.65 -51.91
C GLY K 768 -60.42 -103.45 -52.39
N ALA K 769 -59.28 -102.78 -52.42
CA ALA K 769 -58.02 -103.42 -52.79
C ALA K 769 -57.48 -104.14 -51.57
N LEU K 770 -57.61 -105.46 -51.55
CA LEU K 770 -57.21 -106.27 -50.41
C LEU K 770 -56.47 -107.53 -50.87
N PRO K 771 -55.45 -107.95 -50.13
CA PRO K 771 -54.69 -109.15 -50.53
C PRO K 771 -55.41 -110.42 -50.12
N PHE K 772 -55.15 -111.48 -50.88
CA PHE K 772 -55.83 -112.75 -50.69
C PHE K 772 -54.83 -113.85 -50.39
N ILE K 773 -55.34 -114.97 -49.88
CA ILE K 773 -54.56 -116.17 -49.60
C ILE K 773 -55.03 -117.25 -50.55
N THR K 774 -54.14 -117.73 -51.40
CA THR K 774 -54.47 -118.83 -52.30
C THR K 774 -54.32 -120.16 -51.56
N ASP K 775 -55.32 -121.02 -51.69
CA ASP K 775 -55.37 -122.27 -50.96
C ASP K 775 -55.60 -123.39 -51.97
N SER K 776 -54.66 -124.32 -52.04
CA SER K 776 -54.71 -125.38 -53.03
C SER K 776 -55.34 -126.66 -52.49
N SER K 777 -55.70 -126.70 -51.21
CA SER K 777 -56.27 -127.90 -50.65
C SER K 777 -57.74 -128.02 -51.01
N VAL K 778 -58.24 -129.26 -51.02
CA VAL K 778 -59.65 -129.52 -51.27
C VAL K 778 -60.39 -129.81 -49.96
N ILE K 779 -59.68 -130.23 -48.90
CA ILE K 779 -60.34 -130.48 -47.62
C ILE K 779 -60.65 -129.18 -46.89
N SER K 780 -60.08 -128.06 -47.32
CA SER K 780 -60.48 -126.76 -46.83
C SER K 780 -61.75 -126.24 -47.50
N LEU K 781 -62.27 -126.97 -48.49
CA LEU K 781 -63.55 -126.64 -49.10
C LEU K 781 -64.69 -127.37 -48.42
N VAL K 782 -64.44 -128.57 -47.88
CA VAL K 782 -65.45 -129.28 -47.13
C VAL K 782 -65.50 -128.77 -45.70
N ALA K 783 -64.35 -128.45 -45.12
CA ALA K 783 -64.31 -127.87 -43.78
C ALA K 783 -64.77 -126.43 -43.74
N LYS K 784 -64.91 -125.77 -44.90
CA LYS K 784 -65.46 -124.42 -45.06
C LYS K 784 -64.66 -123.38 -44.27
N LEU K 785 -63.39 -123.25 -44.66
CA LEU K 785 -62.52 -122.21 -44.11
C LEU K 785 -62.66 -120.88 -44.80
N ASP K 786 -63.62 -120.75 -45.73
CA ASP K 786 -63.81 -119.51 -46.46
C ASP K 786 -64.66 -118.50 -45.71
N ALA K 787 -65.46 -118.94 -44.73
CA ALA K 787 -66.37 -118.07 -44.02
C ALA K 787 -65.89 -117.67 -42.64
N THR K 788 -64.77 -118.20 -42.18
CA THR K 788 -64.26 -117.91 -40.85
C THR K 788 -63.27 -116.75 -40.81
N VAL K 789 -63.15 -115.99 -41.90
CA VAL K 789 -62.16 -114.93 -41.97
C VAL K 789 -62.75 -113.54 -41.77
N PHE K 790 -64.08 -113.41 -41.66
CA PHE K 790 -64.72 -112.12 -41.52
C PHE K 790 -64.99 -111.73 -40.07
N ALA K 791 -64.80 -112.64 -39.13
CA ALA K 791 -65.17 -112.38 -37.74
C ALA K 791 -64.23 -111.40 -37.05
N GLN K 792 -63.05 -111.13 -37.62
CA GLN K 792 -62.12 -110.20 -37.00
C GLN K 792 -62.60 -108.76 -37.08
N ILE K 793 -63.47 -108.45 -38.03
CA ILE K 793 -64.00 -107.10 -38.19
C ILE K 793 -64.93 -106.74 -37.04
N VAL K 794 -65.59 -107.72 -36.43
CA VAL K 794 -66.49 -107.45 -35.32
C VAL K 794 -65.69 -107.16 -34.06
N LYS K 795 -64.76 -108.04 -33.71
CA LYS K 795 -64.03 -107.92 -32.44
C LYS K 795 -62.99 -106.81 -32.50
N LEU K 796 -62.18 -106.75 -33.55
CA LEU K 796 -61.24 -105.65 -33.75
C LEU K 796 -61.84 -104.69 -34.76
N ARG K 797 -61.70 -103.38 -34.48
CA ARG K 797 -62.31 -102.38 -35.35
C ARG K 797 -61.66 -102.34 -36.72
N LYS K 798 -60.35 -102.59 -36.79
CA LYS K 798 -59.58 -102.33 -38.02
C LYS K 798 -59.96 -103.30 -39.14
N VAL K 799 -59.92 -102.77 -40.37
CA VAL K 799 -60.21 -103.56 -41.56
C VAL K 799 -58.95 -103.87 -42.37
N ASP K 800 -57.78 -103.41 -41.89
CA ASP K 800 -56.52 -103.67 -42.57
C ASP K 800 -56.14 -105.16 -42.52
N THR K 801 -56.45 -105.82 -41.41
CA THR K 801 -56.16 -107.24 -41.26
C THR K 801 -57.32 -108.04 -41.84
N LEU K 802 -57.32 -108.15 -43.17
CA LEU K 802 -58.35 -108.90 -43.88
C LEU K 802 -57.70 -109.63 -45.03
N LYS K 803 -57.96 -110.93 -45.13
CA LYS K 803 -57.37 -111.77 -46.17
C LYS K 803 -58.37 -112.86 -46.50
N PRO K 804 -59.18 -112.69 -47.53
CA PRO K 804 -60.10 -113.74 -47.93
C PRO K 804 -59.38 -114.87 -48.63
N ILE K 805 -59.92 -116.07 -48.50
CA ILE K 805 -59.27 -117.23 -49.07
C ILE K 805 -59.70 -117.38 -50.53
N LEU K 806 -58.87 -118.06 -51.31
CA LEU K 806 -59.15 -118.28 -52.72
C LEU K 806 -58.83 -119.73 -53.05
N TYR K 807 -59.85 -120.48 -53.45
CA TYR K 807 -59.64 -121.90 -53.73
C TYR K 807 -59.00 -122.08 -55.09
N LYS K 808 -58.27 -123.19 -55.24
CA LYS K 808 -57.63 -123.53 -56.50
C LYS K 808 -57.41 -125.04 -56.47
N ILE K 809 -58.29 -125.78 -57.15
CA ILE K 809 -58.28 -127.24 -57.10
C ILE K 809 -57.84 -127.75 -58.47
N ASN K 810 -56.66 -128.36 -58.52
CA ASN K 810 -56.07 -128.85 -59.75
C ASN K 810 -55.71 -130.32 -59.63
N SER K 811 -54.97 -130.85 -60.59
CA SER K 811 -54.45 -132.20 -60.48
C SER K 811 -53.12 -132.27 -59.75
N ASP K 812 -52.35 -131.19 -59.73
CA ASP K 812 -51.08 -131.20 -59.01
C ASP K 812 -51.26 -131.11 -57.51
N SER K 813 -52.40 -130.60 -57.05
CA SER K 813 -52.69 -130.57 -55.62
C SER K 813 -53.04 -131.96 -55.13
N ASN K 814 -52.62 -132.28 -53.92
CA ASN K 814 -52.94 -133.57 -53.32
C ASN K 814 -54.42 -133.62 -52.91
N ASP K 815 -54.87 -134.83 -52.58
CA ASP K 815 -56.22 -135.16 -52.10
C ASP K 815 -57.29 -134.89 -53.17
N PHE K 816 -56.89 -134.78 -54.44
CA PHE K 816 -57.80 -134.51 -55.55
C PHE K 816 -58.73 -135.69 -55.86
N TYR K 817 -58.47 -136.86 -55.29
CA TYR K 817 -59.34 -138.02 -55.48
C TYR K 817 -60.74 -137.84 -54.90
N LEU K 818 -60.93 -136.86 -54.00
CA LEU K 818 -62.24 -136.61 -53.44
C LEU K 818 -63.21 -136.01 -54.44
N VAL K 819 -62.70 -135.36 -55.48
CA VAL K 819 -63.56 -134.75 -56.50
C VAL K 819 -63.87 -135.72 -57.63
N ALA K 820 -62.86 -136.49 -58.06
CA ALA K 820 -63.02 -137.34 -59.23
C ALA K 820 -63.85 -138.59 -58.94
N ASN K 821 -63.86 -139.06 -57.70
CA ASN K 821 -64.47 -140.36 -57.39
C ASN K 821 -65.95 -140.23 -57.01
N TYR K 822 -66.24 -139.50 -55.94
CA TYR K 822 -67.61 -139.40 -55.45
C TYR K 822 -68.39 -138.33 -56.22
N ASP K 823 -69.71 -138.51 -56.27
CA ASP K 823 -70.58 -137.68 -57.08
C ASP K 823 -71.04 -136.48 -56.25
N TRP K 824 -70.38 -135.34 -56.46
CA TRP K 824 -70.71 -134.10 -55.78
C TRP K 824 -70.18 -132.94 -56.59
N VAL K 825 -70.86 -131.81 -56.52
CA VAL K 825 -70.42 -130.57 -57.15
C VAL K 825 -69.78 -129.68 -56.08
N PRO K 826 -68.56 -129.20 -56.29
CA PRO K 826 -67.89 -128.40 -55.25
C PRO K 826 -68.52 -127.02 -55.13
N THR K 827 -69.04 -126.72 -53.95
CA THR K 827 -69.75 -125.48 -53.68
C THR K 827 -69.06 -124.72 -52.58
N SER K 828 -68.95 -123.40 -52.76
CA SER K 828 -68.39 -122.51 -51.76
C SER K 828 -69.38 -121.42 -51.43
N THR K 829 -69.33 -120.94 -50.18
CA THR K 829 -70.25 -119.91 -49.74
C THR K 829 -69.89 -118.56 -50.35
N THR K 830 -68.63 -118.15 -50.22
CA THR K 830 -68.18 -116.86 -50.72
C THR K 830 -67.31 -117.04 -51.96
N LYS K 831 -67.06 -115.92 -52.63
CA LYS K 831 -66.17 -115.90 -53.78
C LYS K 831 -65.55 -114.52 -53.94
N VAL K 832 -64.32 -114.49 -54.45
CA VAL K 832 -63.56 -113.26 -54.56
C VAL K 832 -63.77 -112.70 -55.96
N TYR K 833 -63.53 -111.40 -56.12
CA TYR K 833 -63.70 -110.70 -57.39
C TYR K 833 -62.31 -110.43 -57.96
N LYS K 834 -61.96 -111.15 -59.03
CA LYS K 834 -60.60 -111.18 -59.54
C LYS K 834 -60.66 -111.32 -61.06
N GLN K 835 -59.73 -110.65 -61.75
CA GLN K 835 -59.72 -110.64 -63.20
C GLN K 835 -58.66 -111.57 -63.77
N ILE K 836 -58.97 -112.16 -64.92
CA ILE K 836 -58.10 -113.09 -65.65
C ILE K 836 -57.14 -112.28 -66.50
N PRO K 837 -55.84 -112.61 -66.52
CA PRO K 837 -54.90 -111.85 -67.35
C PRO K 837 -55.10 -112.09 -68.83
N GLN K 838 -54.59 -111.15 -69.62
CA GLN K 838 -54.82 -111.13 -71.06
C GLN K 838 -53.96 -112.16 -71.77
N GLN K 839 -54.52 -112.80 -72.78
CA GLN K 839 -53.75 -113.72 -73.60
C GLN K 839 -52.81 -112.95 -74.53
N PHE K 840 -51.96 -113.70 -75.24
CA PHE K 840 -50.94 -113.15 -76.11
C PHE K 840 -51.36 -113.38 -77.56
N ASP K 841 -51.80 -112.32 -78.22
CA ASP K 841 -52.10 -112.35 -79.64
C ASP K 841 -50.96 -111.65 -80.38
N PHE K 842 -50.37 -112.35 -81.36
CA PHE K 842 -49.17 -111.83 -82.00
C PHE K 842 -49.47 -110.66 -82.92
N ARG K 843 -50.59 -110.73 -83.65
CA ARG K 843 -50.90 -109.71 -84.64
C ARG K 843 -51.27 -108.39 -83.98
N ALA K 844 -51.84 -108.43 -82.77
CA ALA K 844 -52.23 -107.22 -82.06
C ALA K 844 -51.10 -106.62 -81.25
N SER K 845 -49.94 -107.28 -81.18
CA SER K 845 -48.85 -106.82 -80.34
C SER K 845 -47.71 -106.17 -81.11
N MET K 846 -47.47 -106.54 -82.36
CA MET K 846 -46.36 -105.97 -83.10
C MET K 846 -46.78 -104.78 -83.93
N HIS K 847 -45.83 -103.85 -84.14
CA HIS K 847 -45.99 -102.61 -84.87
C HIS K 847 -44.62 -101.99 -85.07
N MET K 848 -44.37 -101.42 -86.25
CA MET K 848 -43.09 -100.80 -86.52
C MET K 848 -43.00 -99.41 -85.90
N LEU K 849 -41.78 -98.97 -85.64
CA LEU K 849 -41.50 -97.68 -85.01
C LEU K 849 -40.66 -96.81 -85.94
N THR K 850 -41.01 -95.51 -86.00
CA THR K 850 -40.38 -94.58 -86.92
C THR K 850 -39.75 -93.44 -86.14
N SER K 851 -38.47 -93.17 -86.41
CA SER K 851 -37.75 -92.07 -85.79
C SER K 851 -36.74 -91.52 -86.79
N ASN K 852 -35.89 -90.60 -86.32
CA ASN K 852 -34.86 -90.01 -87.16
C ASN K 852 -33.54 -90.76 -86.99
N LEU K 853 -32.64 -90.52 -87.94
CA LEU K 853 -31.38 -91.27 -87.94
C LEU K 853 -30.35 -90.66 -86.99
N THR K 854 -29.88 -89.44 -87.30
CA THR K 854 -28.85 -88.78 -86.51
C THR K 854 -29.21 -87.32 -86.28
N PHE K 855 -28.87 -86.81 -85.10
CA PHE K 855 -28.99 -85.41 -84.73
C PHE K 855 -27.62 -84.90 -84.28
N THR K 856 -27.59 -83.64 -83.86
CA THR K 856 -26.49 -83.08 -83.06
C THR K 856 -27.09 -81.93 -82.27
N VAL K 857 -27.39 -82.17 -81.00
CA VAL K 857 -28.13 -81.20 -80.19
C VAL K 857 -27.14 -80.23 -79.56
N TYR K 858 -27.31 -78.94 -79.84
CA TYR K 858 -26.42 -77.90 -79.35
C TYR K 858 -27.08 -77.17 -78.18
N SER K 859 -26.33 -76.98 -77.10
CA SER K 859 -26.92 -76.48 -75.87
C SER K 859 -27.06 -74.96 -75.87
N ASP K 860 -25.94 -74.25 -75.94
CA ASP K 860 -25.95 -72.79 -75.90
C ASP K 860 -25.75 -72.23 -77.31
N LEU K 861 -26.25 -71.01 -77.51
CA LEU K 861 -26.26 -70.43 -78.84
C LEU K 861 -25.35 -69.21 -78.99
N LEU K 862 -24.96 -68.56 -77.90
CA LEU K 862 -24.08 -67.41 -77.99
C LEU K 862 -22.61 -67.79 -78.17
N ALA K 863 -22.29 -69.08 -78.14
CA ALA K 863 -20.94 -69.53 -78.49
C ALA K 863 -20.74 -69.67 -79.98
N PHE K 864 -21.78 -69.42 -80.78
CA PHE K 864 -21.69 -69.51 -82.23
C PHE K 864 -21.45 -68.17 -82.90
N VAL K 865 -21.63 -67.06 -82.19
CA VAL K 865 -21.33 -65.75 -82.73
C VAL K 865 -20.01 -65.29 -82.15
N SER K 866 -19.38 -64.34 -82.82
CA SER K 866 -18.09 -63.79 -82.41
C SER K 866 -18.20 -62.28 -82.37
N ALA K 867 -17.98 -61.71 -81.20
CA ALA K 867 -18.20 -60.28 -80.99
C ALA K 867 -16.95 -59.63 -80.43
N ASP K 868 -16.65 -58.43 -80.93
CA ASP K 868 -15.56 -57.62 -80.41
C ASP K 868 -15.93 -56.16 -80.55
N THR K 869 -15.69 -55.39 -79.51
CA THR K 869 -16.18 -54.02 -79.45
C THR K 869 -15.32 -53.09 -80.31
N VAL K 870 -15.79 -51.85 -80.43
CA VAL K 870 -15.06 -50.80 -81.14
C VAL K 870 -14.08 -50.21 -80.14
N GLU K 871 -13.13 -49.40 -80.62
CA GLU K 871 -12.24 -48.67 -79.73
C GLU K 871 -13.06 -47.74 -78.85
N PRO K 872 -12.77 -47.66 -77.55
CA PRO K 872 -13.67 -46.94 -76.63
C PRO K 872 -13.71 -45.43 -76.84
N ILE K 873 -12.71 -44.84 -77.49
CA ILE K 873 -12.77 -43.41 -77.77
C ILE K 873 -13.84 -43.11 -78.81
N ASN K 874 -14.02 -44.01 -79.77
CA ASN K 874 -15.03 -43.85 -80.82
C ASN K 874 -16.32 -44.57 -80.47
N ALA K 875 -16.88 -44.29 -79.30
CA ALA K 875 -18.12 -44.91 -78.86
C ALA K 875 -19.25 -43.88 -78.97
N VAL K 876 -20.35 -44.28 -79.60
CA VAL K 876 -21.42 -43.35 -79.93
C VAL K 876 -22.66 -43.66 -79.09
N ALA K 877 -23.52 -42.65 -78.93
CA ALA K 877 -24.74 -42.72 -78.16
C ALA K 877 -25.90 -43.14 -79.06
N PHE K 878 -27.14 -42.92 -78.60
CA PHE K 878 -28.30 -43.15 -79.46
C PHE K 878 -28.36 -42.17 -80.62
N ASP K 879 -27.91 -40.93 -80.41
CA ASP K 879 -27.62 -40.08 -81.56
C ASP K 879 -26.22 -40.41 -82.07
N ASN K 880 -25.90 -39.89 -83.25
CA ASN K 880 -24.65 -40.29 -83.88
C ASN K 880 -23.43 -39.66 -83.22
N MET K 881 -23.61 -38.64 -82.38
CA MET K 881 -22.49 -38.05 -81.68
C MET K 881 -21.99 -38.98 -80.58
N ARG K 882 -20.77 -38.75 -80.13
CA ARG K 882 -20.11 -39.68 -79.23
C ARG K 882 -20.37 -39.35 -77.78
N ILE K 883 -20.44 -40.40 -76.95
CA ILE K 883 -20.47 -40.22 -75.51
C ILE K 883 -19.11 -39.75 -75.04
N MET K 884 -19.10 -39.08 -73.89
CA MET K 884 -17.92 -38.49 -73.26
C MET K 884 -17.22 -37.53 -74.23
N ASN K 885 -17.99 -36.55 -74.70
CA ASN K 885 -17.56 -35.68 -75.78
C ASN K 885 -16.80 -34.46 -75.27
N GLU K 886 -15.80 -34.69 -74.43
CA GLU K 886 -14.91 -33.61 -74.04
C GLU K 886 -13.72 -33.57 -74.98
N LEU K 887 -12.92 -34.63 -74.98
CA LEU K 887 -11.82 -34.76 -75.94
C LEU K 887 -11.77 -36.18 -76.48
PA GTG L 1 28.78 -37.77 33.20
O1A GTG L 1 29.63 -37.42 34.37
O2A GTG L 1 28.09 -39.09 33.19
O3A GTG L 1 29.66 -37.63 31.86
PB GTG L 1 29.34 -37.80 30.30
O1B GTG L 1 30.33 -37.00 29.52
O2B GTG L 1 27.89 -37.62 30.07
O3B GTG L 1 29.72 -39.34 30.05
N9A GTG L 1 24.39 -36.28 30.55
C8A GTG L 1 23.25 -36.12 29.93
N7A GTG L 1 22.43 -37.15 30.13
C7X GTG L 1 21.05 -37.21 29.65
C5A GTG L 1 23.13 -38.12 30.85
C6A GTG L 1 22.80 -39.39 31.28
O6A GTG L 1 21.74 -40.01 31.14
N1A GTG L 1 23.84 -39.98 31.97
C2A GTG L 1 25.05 -39.38 32.21
N2A GTG L 1 25.94 -40.12 32.90
N3A GTG L 1 25.36 -38.18 31.79
C4A GTG L 1 24.36 -37.57 31.12
O5D GTG L 1 27.70 -36.61 32.96
C5D GTG L 1 28.17 -35.26 32.73
C4D GTG L 1 27.07 -34.43 32.12
O4D GTG L 1 26.45 -35.21 31.05
C3D GTG L 1 25.91 -34.01 33.04
O3D GTG L 1 25.50 -32.70 32.71
C2D GTG L 1 24.86 -35.03 32.71
O2D GTG L 1 23.53 -34.61 33.00
C1D GTG L 1 25.07 -35.15 31.21
PG GTG L 1 29.35 -40.74 30.72
O1G GTG L 1 30.10 -40.83 32.02
O2G GTG L 1 27.87 -40.91 30.73
O5E GTG L 1 30.00 -41.76 29.65
C5E GTG L 1 29.74 -43.17 29.69
C4E GTG L 1 30.59 -43.83 30.75
O4E GTG L 1 29.97 -43.69 32.04
C3E GTG L 1 30.87 -45.33 30.59
O3E GTG L 1 32.26 -45.53 30.30
C2E GTG L 1 30.48 -45.92 31.95
O2E GTG L 1 31.28 -47.00 32.38
C1E GTG L 1 30.53 -44.70 32.85
N9B GTG L 1 29.75 -44.82 34.09
C8B GTG L 1 29.44 -45.99 34.73
N7B GTG L 1 28.75 -45.78 35.83
C5B GTG L 1 28.62 -44.40 35.92
C6B GTG L 1 27.98 -43.61 36.90
O6B GTG L 1 27.38 -43.99 37.91
N1B GTG L 1 28.09 -42.25 36.61
C2B GTG L 1 28.73 -41.73 35.51
N2B GTG L 1 28.74 -40.39 35.40
N3B GTG L 1 29.35 -42.47 34.59
C4B GTG L 1 29.25 -43.80 34.85
#